data_2KG7
#
_entry.id   2KG7
#
loop_
_entity.id
_entity.type
_entity.pdbx_description
1 polymer 'Uncharacterized protein esxG (PE family protein)'
2 polymer 'ESAT-6-like protein esxH'
#
loop_
_entity_poly.entity_id
_entity_poly.type
_entity_poly.pdbx_seq_one_letter_code
_entity_poly.pdbx_strand_id
1 'polypeptide(L)'
;MSLLDAHIPQLVASQSAFAAKAGLMRHTIGQAEQAAMSAQAFHQGESSAAFQAAHARFVAAAAKVNTLLDVAQANLGEAA
GTYVAADAAAASTYTGF
;
A
2 'polypeptide(L)'
;SMSQIMYNYPAMLGHAGDMAGYAGTLQSLGAEIAVEQAALQSAWQGDTGITYQAWQAQWNQAMEDLVRAYHAMSSTHEAN
TMAMMARDTAEAAKWGG
;
B
#
# COMPACT_ATOMS: atom_id res chain seq x y z
N MET A 1 34.29 -9.62 -38.32
CA MET A 1 34.09 -8.48 -37.44
C MET A 1 32.91 -8.71 -36.51
N SER A 2 32.79 -9.95 -36.02
CA SER A 2 31.69 -10.30 -35.11
C SER A 2 32.06 -9.97 -33.67
N LEU A 3 31.17 -9.22 -33.01
CA LEU A 3 31.40 -8.83 -31.62
C LEU A 3 30.70 -9.80 -30.66
N LEU A 4 31.50 -10.68 -30.07
CA LEU A 4 30.97 -11.66 -29.12
C LEU A 4 31.16 -11.20 -27.68
N ASP A 5 30.06 -10.82 -27.04
CA ASP A 5 30.10 -10.35 -25.67
C ASP A 5 30.93 -9.08 -25.54
N ALA A 6 30.29 -7.93 -25.81
CA ALA A 6 30.96 -6.65 -25.73
C ALA A 6 30.16 -5.65 -24.90
N HIS A 7 28.91 -5.43 -25.32
CA HIS A 7 28.03 -4.50 -24.62
C HIS A 7 26.66 -5.12 -24.38
N ILE A 8 26.62 -6.44 -24.26
CA ILE A 8 25.37 -7.15 -24.04
C ILE A 8 25.18 -7.48 -22.56
N PRO A 9 23.92 -7.60 -22.14
CA PRO A 9 23.57 -7.92 -20.76
C PRO A 9 23.93 -9.36 -20.38
N GLN A 10 23.39 -9.83 -19.26
CA GLN A 10 23.65 -11.18 -18.80
C GLN A 10 22.91 -11.47 -17.50
N LEU A 11 22.07 -12.49 -17.51
CA LEU A 11 21.31 -12.87 -16.33
C LEU A 11 20.47 -11.70 -15.82
N VAL A 12 20.15 -10.78 -16.72
CA VAL A 12 19.35 -9.60 -16.37
C VAL A 12 17.86 -9.88 -16.53
N ALA A 13 17.53 -10.77 -17.47
CA ALA A 13 16.14 -11.12 -17.72
C ALA A 13 15.81 -12.50 -17.17
N SER A 14 16.71 -13.46 -17.38
CA SER A 14 16.51 -14.81 -16.90
C SER A 14 16.25 -14.82 -15.39
N GLN A 15 16.88 -13.90 -14.68
CA GLN A 15 16.72 -13.79 -13.24
C GLN A 15 15.34 -13.24 -12.88
N SER A 16 14.76 -12.47 -13.80
CA SER A 16 13.45 -11.87 -13.58
C SER A 16 13.50 -10.89 -12.41
N ALA A 17 13.74 -9.63 -12.71
CA ALA A 17 13.79 -8.59 -11.69
C ALA A 17 12.40 -8.22 -11.21
N PHE A 18 11.41 -8.39 -12.07
CA PHE A 18 10.02 -8.06 -11.74
C PHE A 18 9.61 -8.75 -10.43
N ALA A 19 9.83 -10.05 -10.36
CA ALA A 19 9.49 -10.82 -9.16
C ALA A 19 10.16 -10.23 -7.93
N ALA A 20 11.46 -10.00 -8.02
CA ALA A 20 12.21 -9.45 -6.90
C ALA A 20 11.60 -8.14 -6.42
N LYS A 21 11.00 -7.39 -7.34
CA LYS A 21 10.37 -6.12 -7.02
C LYS A 21 9.05 -6.34 -6.30
N ALA A 22 8.24 -7.25 -6.82
CA ALA A 22 6.94 -7.56 -6.23
C ALA A 22 7.09 -7.92 -4.75
N GLY A 23 8.07 -8.76 -4.45
CA GLY A 23 8.29 -9.17 -3.08
C GLY A 23 8.83 -8.05 -2.22
N LEU A 24 9.53 -7.11 -2.85
CA LEU A 24 10.11 -5.98 -2.14
C LEU A 24 9.03 -5.04 -1.62
N MET A 25 7.87 -5.05 -2.30
CA MET A 25 6.75 -4.20 -1.91
C MET A 25 6.21 -4.61 -0.55
N ARG A 26 5.80 -5.87 -0.43
CA ARG A 26 5.25 -6.38 0.82
C ARG A 26 6.24 -6.18 1.97
N HIS A 27 7.53 -6.11 1.64
CA HIS A 27 8.56 -5.91 2.64
C HIS A 27 8.43 -4.54 3.30
N THR A 28 8.08 -3.54 2.50
CA THR A 28 7.91 -2.19 2.99
C THR A 28 6.76 -2.10 3.98
N ILE A 29 5.66 -2.76 3.66
CA ILE A 29 4.48 -2.76 4.52
C ILE A 29 4.71 -3.61 5.76
N GLY A 30 5.21 -4.83 5.56
CA GLY A 30 5.47 -5.72 6.67
C GLY A 30 6.34 -5.08 7.74
N GLN A 31 7.42 -4.44 7.31
CA GLN A 31 8.34 -3.79 8.24
C GLN A 31 7.72 -2.51 8.80
N ALA A 32 7.03 -1.77 7.94
CA ALA A 32 6.39 -0.53 8.35
C ALA A 32 5.37 -0.77 9.46
N GLU A 33 4.53 -1.78 9.27
CA GLU A 33 3.51 -2.12 10.25
C GLU A 33 4.13 -2.40 11.61
N GLN A 34 5.32 -2.99 11.60
CA GLN A 34 6.03 -3.31 12.84
C GLN A 34 6.32 -2.04 13.64
N ALA A 35 6.68 -0.98 12.94
CA ALA A 35 6.98 0.29 13.58
C ALA A 35 5.79 0.80 14.39
N ALA A 36 4.61 0.78 13.77
CA ALA A 36 3.40 1.25 14.43
C ALA A 36 3.17 0.49 15.74
N MET A 37 3.68 -0.74 15.81
CA MET A 37 3.52 -1.56 17.00
C MET A 37 4.39 -1.04 18.15
N SER A 38 5.67 -0.85 17.87
CA SER A 38 6.61 -0.36 18.88
C SER A 38 6.08 0.92 19.51
N ALA A 39 5.50 1.78 18.70
CA ALA A 39 4.95 3.05 19.19
C ALA A 39 3.66 2.82 19.96
N GLN A 40 2.95 1.75 19.62
CA GLN A 40 1.69 1.44 20.29
C GLN A 40 1.93 1.01 21.73
N ALA A 41 3.21 0.89 22.12
CA ALA A 41 3.57 0.50 23.47
C ALA A 41 3.10 1.53 24.48
N PHE A 42 2.65 2.68 23.98
CA PHE A 42 2.18 3.75 24.85
C PHE A 42 1.70 3.21 26.19
N HIS A 43 0.56 2.53 26.18
CA HIS A 43 -0.01 1.95 27.39
C HIS A 43 -0.08 0.43 27.29
N GLN A 44 -0.20 -0.06 26.07
CA GLN A 44 -0.28 -1.50 25.83
C GLN A 44 -1.53 -2.08 26.48
N GLY A 45 -2.59 -2.23 25.69
CA GLY A 45 -3.83 -2.79 26.21
C GLY A 45 -4.61 -3.55 25.16
N GLU A 46 -5.63 -2.92 24.60
CA GLU A 46 -6.47 -3.55 23.58
C GLU A 46 -7.38 -2.52 22.91
N SER A 47 -8.03 -1.71 23.73
CA SER A 47 -8.94 -0.69 23.22
C SER A 47 -8.22 0.26 22.27
N SER A 48 -8.78 0.45 21.08
CA SER A 48 -8.19 1.33 20.08
C SER A 48 -9.06 1.39 18.82
N ALA A 49 -10.05 2.28 18.85
CA ALA A 49 -10.95 2.44 17.71
C ALA A 49 -10.33 3.35 16.65
N ALA A 50 -9.85 4.51 17.08
CA ALA A 50 -9.24 5.46 16.15
C ALA A 50 -8.13 4.81 15.34
N PHE A 51 -7.35 3.95 16.00
CA PHE A 51 -6.24 3.27 15.33
C PHE A 51 -6.77 2.13 14.45
N GLN A 52 -7.84 1.49 14.90
CA GLN A 52 -8.43 0.39 14.17
C GLN A 52 -8.79 0.81 12.75
N ALA A 53 -9.55 1.89 12.63
CA ALA A 53 -9.97 2.39 11.33
C ALA A 53 -8.76 2.59 10.41
N ALA A 54 -7.73 3.23 10.93
CA ALA A 54 -6.52 3.48 10.16
C ALA A 54 -5.84 2.17 9.77
N HIS A 55 -5.86 1.20 10.68
CA HIS A 55 -5.25 -0.11 10.43
C HIS A 55 -6.03 -0.88 9.36
N ALA A 56 -7.34 -0.77 9.40
CA ALA A 56 -8.20 -1.45 8.44
C ALA A 56 -8.11 -0.80 7.07
N ARG A 57 -7.87 0.51 7.05
CA ARG A 57 -7.76 1.25 5.80
C ARG A 57 -6.55 0.79 5.00
N PHE A 58 -5.45 0.51 5.70
CA PHE A 58 -4.23 0.06 5.04
C PHE A 58 -4.44 -1.32 4.39
N VAL A 59 -4.89 -2.28 5.19
CA VAL A 59 -5.13 -3.63 4.70
C VAL A 59 -6.14 -3.62 3.56
N ALA A 60 -7.09 -2.71 3.62
CA ALA A 60 -8.13 -2.60 2.61
C ALA A 60 -7.52 -2.21 1.26
N ALA A 61 -6.52 -1.33 1.29
CA ALA A 61 -5.86 -0.88 0.08
C ALA A 61 -4.85 -1.91 -0.41
N ALA A 62 -4.21 -2.59 0.53
CA ALA A 62 -3.22 -3.61 0.19
C ALA A 62 -3.78 -4.61 -0.82
N ALA A 63 -5.08 -4.90 -0.69
CA ALA A 63 -5.74 -5.84 -1.58
C ALA A 63 -5.60 -5.42 -3.03
N LYS A 64 -5.55 -4.10 -3.25
CA LYS A 64 -5.41 -3.56 -4.60
C LYS A 64 -3.99 -3.74 -5.13
N VAL A 65 -3.01 -3.53 -4.26
CA VAL A 65 -1.62 -3.68 -4.64
C VAL A 65 -1.25 -5.15 -4.84
N ASN A 66 -1.71 -6.00 -3.93
CA ASN A 66 -1.43 -7.42 -4.00
C ASN A 66 -2.08 -8.04 -5.24
N THR A 67 -3.37 -7.75 -5.42
CA THR A 67 -4.11 -8.28 -6.56
C THR A 67 -3.50 -7.82 -7.88
N LEU A 68 -2.95 -6.61 -7.88
CA LEU A 68 -2.33 -6.05 -9.07
C LEU A 68 -0.96 -6.68 -9.32
N LEU A 69 -0.33 -7.15 -8.25
CA LEU A 69 0.98 -7.77 -8.35
C LEU A 69 0.88 -9.16 -8.97
N ASP A 70 -0.25 -9.82 -8.76
CA ASP A 70 -0.48 -11.15 -9.30
C ASP A 70 -0.82 -11.07 -10.78
N VAL A 71 -1.74 -10.19 -11.14
CA VAL A 71 -2.15 -10.02 -12.52
C VAL A 71 -0.99 -9.56 -13.40
N ALA A 72 -0.11 -8.74 -12.82
CA ALA A 72 1.05 -8.24 -13.54
C ALA A 72 1.98 -9.37 -13.96
N GLN A 73 2.28 -10.26 -13.02
CA GLN A 73 3.16 -11.39 -13.30
C GLN A 73 2.46 -12.42 -14.18
N ALA A 74 1.15 -12.56 -13.99
CA ALA A 74 0.37 -13.50 -14.77
C ALA A 74 0.21 -13.04 -16.21
N ASN A 75 0.09 -11.73 -16.39
CA ASN A 75 -0.06 -11.15 -17.73
C ASN A 75 1.29 -11.03 -18.43
N LEU A 76 2.31 -10.66 -17.67
CA LEU A 76 3.66 -10.51 -18.22
C LEU A 76 4.31 -11.87 -18.44
N GLY A 77 3.93 -12.85 -17.62
CA GLY A 77 4.48 -14.18 -17.75
C GLY A 77 5.92 -14.26 -17.25
N GLU A 78 6.85 -13.75 -18.03
CA GLU A 78 8.25 -13.77 -17.65
C GLU A 78 8.46 -13.19 -16.26
N ALA A 79 7.60 -12.25 -15.88
CA ALA A 79 7.68 -11.62 -14.57
C ALA A 79 7.65 -12.67 -13.46
N ALA A 80 6.63 -13.52 -13.48
CA ALA A 80 6.49 -14.56 -12.48
C ALA A 80 5.30 -15.46 -12.79
N GLY A 81 5.27 -16.64 -12.17
CA GLY A 81 4.18 -17.57 -12.39
C GLY A 81 3.57 -18.08 -11.09
N THR A 82 2.61 -17.33 -10.57
CA THR A 82 1.95 -17.71 -9.33
C THR A 82 0.49 -17.28 -9.32
N TYR A 83 -0.25 -17.72 -8.31
CA TYR A 83 -1.67 -17.39 -8.20
C TYR A 83 -2.12 -17.40 -6.74
N VAL A 84 -3.28 -16.82 -6.48
CA VAL A 84 -3.82 -16.77 -5.13
C VAL A 84 -5.34 -16.92 -5.14
N ALA A 85 -5.82 -18.15 -5.29
CA ALA A 85 -7.24 -18.43 -5.32
C ALA A 85 -7.84 -18.35 -3.92
N ALA A 86 -7.88 -17.14 -3.37
CA ALA A 86 -8.43 -16.93 -2.03
C ALA A 86 -9.74 -16.14 -2.10
N ASP A 87 -9.83 -15.24 -3.06
CA ASP A 87 -11.02 -14.41 -3.24
C ASP A 87 -11.25 -13.52 -2.02
N ALA A 88 -12.14 -12.55 -2.15
CA ALA A 88 -12.44 -11.62 -1.07
C ALA A 88 -13.58 -10.69 -1.45
N ALA A 89 -14.02 -9.88 -0.49
CA ALA A 89 -15.10 -8.93 -0.72
C ALA A 89 -14.57 -7.63 -1.33
N ALA A 90 -13.32 -7.30 -1.02
CA ALA A 90 -12.70 -6.09 -1.54
C ALA A 90 -12.51 -6.17 -3.05
N ALA A 91 -12.41 -7.39 -3.57
CA ALA A 91 -12.23 -7.60 -5.00
C ALA A 91 -13.44 -7.09 -5.79
N SER A 92 -14.60 -7.08 -5.12
CA SER A 92 -15.83 -6.62 -5.76
C SER A 92 -15.97 -5.11 -5.64
N THR A 93 -15.92 -4.61 -4.40
CA THR A 93 -16.05 -3.18 -4.14
C THR A 93 -17.42 -2.66 -4.58
N TYR A 94 -17.64 -1.37 -4.40
CA TYR A 94 -18.90 -0.75 -4.77
C TYR A 94 -18.78 0.77 -4.81
N THR A 95 -19.63 1.41 -5.60
CA THR A 95 -19.62 2.86 -5.73
C THR A 95 -21.04 3.43 -5.75
N GLY A 96 -21.24 4.50 -5.00
CA GLY A 96 -22.56 5.12 -4.95
C GLY A 96 -22.59 6.47 -5.62
N PHE A 97 -23.30 7.41 -5.02
CA PHE A 97 -23.41 8.76 -5.58
C PHE A 97 -22.95 9.80 -4.56
N SER B 1 -15.59 19.53 22.70
CA SER B 1 -14.35 20.08 23.24
C SER B 1 -13.90 19.30 24.47
N MET B 2 -12.67 18.79 24.42
CA MET B 2 -12.12 18.02 25.54
C MET B 2 -10.65 18.37 25.76
N SER B 3 -10.41 19.56 26.32
CA SER B 3 -9.06 20.01 26.57
C SER B 3 -8.83 20.19 28.07
N GLN B 4 -9.91 20.42 28.81
CA GLN B 4 -9.82 20.60 30.25
C GLN B 4 -9.96 19.28 30.98
N ILE B 5 -9.88 18.18 30.23
CA ILE B 5 -10.00 16.85 30.81
C ILE B 5 -8.69 16.42 31.45
N MET B 6 -7.67 16.18 30.62
CA MET B 6 -6.36 15.77 31.11
C MET B 6 -5.28 15.99 30.05
N TYR B 7 -5.27 17.19 29.48
CA TYR B 7 -4.30 17.53 28.44
C TYR B 7 -3.47 18.75 28.85
N ASN B 8 -2.61 18.57 29.84
CA ASN B 8 -1.76 19.66 30.32
C ASN B 8 -0.82 20.14 29.22
N TYR B 9 0.03 19.24 28.74
CA TYR B 9 0.98 19.58 27.68
C TYR B 9 0.93 18.56 26.55
N PRO B 10 1.44 18.95 25.38
CA PRO B 10 1.46 18.08 24.19
C PRO B 10 2.44 16.92 24.34
N ALA B 11 2.04 15.90 25.08
CA ALA B 11 2.88 14.73 25.30
C ALA B 11 2.83 13.78 24.11
N MET B 12 1.63 13.25 23.84
CA MET B 12 1.45 12.33 22.73
C MET B 12 1.05 13.07 21.46
N LEU B 13 0.15 14.04 21.61
CA LEU B 13 -0.31 14.83 20.48
C LEU B 13 0.86 15.48 19.74
N GLY B 14 0.84 15.42 18.42
CA GLY B 14 1.89 16.01 17.63
C GLY B 14 2.73 14.96 16.91
N HIS B 15 4.01 15.26 16.71
CA HIS B 15 4.91 14.34 16.03
C HIS B 15 5.82 13.64 17.03
N ALA B 16 6.59 12.66 16.54
CA ALA B 16 7.50 11.92 17.40
C ALA B 16 8.36 10.96 16.56
N GLY B 17 8.99 11.50 15.53
CA GLY B 17 9.84 10.68 14.68
C GLY B 17 9.68 11.02 13.21
N ASP B 18 9.65 9.99 12.37
CA ASP B 18 9.50 10.18 10.93
C ASP B 18 8.52 9.16 10.35
N MET B 19 7.24 9.37 10.64
CA MET B 19 6.20 8.47 10.14
C MET B 19 5.83 8.81 8.70
N ALA B 20 5.78 10.11 8.39
CA ALA B 20 5.45 10.57 7.06
C ALA B 20 6.31 9.88 6.01
N GLY B 21 7.54 9.55 6.38
CA GLY B 21 8.45 8.90 5.46
C GLY B 21 8.06 7.46 5.19
N TYR B 22 7.72 6.73 6.25
CA TYR B 22 7.34 5.34 6.13
C TYR B 22 6.24 5.16 5.10
N ALA B 23 5.24 6.03 5.16
CA ALA B 23 4.11 5.98 4.22
C ALA B 23 4.56 6.31 2.80
N GLY B 24 5.20 7.48 2.65
CA GLY B 24 5.67 7.88 1.34
C GLY B 24 6.58 6.86 0.70
N THR B 25 7.21 6.02 1.52
CA THR B 25 8.12 5.01 1.03
C THR B 25 7.39 4.03 0.11
N LEU B 26 6.12 3.76 0.41
CA LEU B 26 5.32 2.86 -0.39
C LEU B 26 5.10 3.41 -1.79
N GLN B 27 4.76 4.70 -1.88
CA GLN B 27 4.53 5.35 -3.15
C GLN B 27 5.72 5.16 -4.08
N SER B 28 6.90 5.50 -3.60
CA SER B 28 8.12 5.37 -4.40
C SER B 28 8.38 3.91 -4.74
N LEU B 29 8.03 3.02 -3.83
CA LEU B 29 8.23 1.59 -4.03
C LEU B 29 7.41 1.09 -5.21
N GLY B 30 6.13 1.46 -5.24
CA GLY B 30 5.25 1.05 -6.31
C GLY B 30 5.68 1.60 -7.66
N ALA B 31 6.20 2.82 -7.66
CA ALA B 31 6.65 3.46 -8.89
C ALA B 31 7.63 2.58 -9.64
N GLU B 32 8.41 1.80 -8.90
CA GLU B 32 9.38 0.90 -9.50
C GLU B 32 8.70 -0.20 -10.30
N ILE B 33 7.60 -0.73 -9.76
CA ILE B 33 6.85 -1.79 -10.42
C ILE B 33 6.07 -1.24 -11.61
N ALA B 34 5.61 0.00 -11.50
CA ALA B 34 4.86 0.64 -12.57
C ALA B 34 5.74 0.91 -13.78
N VAL B 35 6.97 1.33 -13.53
CA VAL B 35 7.92 1.61 -14.61
C VAL B 35 8.50 0.33 -15.19
N GLU B 36 8.62 -0.70 -14.35
CA GLU B 36 9.16 -1.98 -14.78
C GLU B 36 8.21 -2.66 -15.77
N GLN B 37 6.95 -2.80 -15.36
CA GLN B 37 5.94 -3.44 -16.20
C GLN B 37 5.77 -2.68 -17.51
N ALA B 38 6.01 -1.38 -17.47
CA ALA B 38 5.89 -0.54 -18.67
C ALA B 38 6.88 -0.98 -19.75
N ALA B 39 7.96 -1.61 -19.32
CA ALA B 39 8.99 -2.08 -20.25
C ALA B 39 8.59 -3.41 -20.88
N LEU B 40 7.73 -4.15 -20.20
CA LEU B 40 7.26 -5.44 -20.69
C LEU B 40 5.81 -5.37 -21.13
N GLN B 41 5.39 -4.19 -21.59
CA GLN B 41 4.02 -3.99 -22.04
C GLN B 41 3.70 -4.91 -23.22
N SER B 42 4.61 -4.97 -24.18
CA SER B 42 4.42 -5.80 -25.36
C SER B 42 4.14 -7.26 -24.96
N ALA B 43 4.64 -7.65 -23.79
CA ALA B 43 4.45 -8.99 -23.29
C ALA B 43 3.06 -9.17 -22.70
N TRP B 44 2.48 -8.08 -22.21
CA TRP B 44 1.15 -8.11 -21.62
C TRP B 44 0.14 -8.72 -22.59
N GLN B 45 -0.84 -9.43 -22.04
CA GLN B 45 -1.87 -10.06 -22.86
C GLN B 45 -3.09 -9.15 -23.00
N GLY B 46 -3.82 -8.98 -21.89
CA GLY B 46 -5.00 -8.13 -21.92
C GLY B 46 -6.29 -8.93 -21.97
N ASP B 47 -6.18 -10.18 -22.40
CA ASP B 47 -7.35 -11.06 -22.51
C ASP B 47 -7.44 -11.98 -21.29
N THR B 48 -6.89 -11.53 -20.18
CA THR B 48 -6.91 -12.32 -18.94
C THR B 48 -7.65 -11.58 -17.84
N GLY B 49 -7.61 -10.25 -17.89
CA GLY B 49 -8.29 -9.45 -16.88
C GLY B 49 -7.95 -7.97 -16.99
N ILE B 50 -6.92 -7.55 -16.26
CA ILE B 50 -6.50 -6.15 -16.28
C ILE B 50 -5.63 -5.86 -17.49
N THR B 51 -5.78 -4.67 -18.06
CA THR B 51 -5.01 -4.26 -19.22
C THR B 51 -3.82 -3.40 -18.82
N TYR B 52 -2.96 -3.09 -19.78
CA TYR B 52 -1.79 -2.27 -19.54
C TYR B 52 -2.18 -0.86 -19.11
N GLN B 53 -3.22 -0.32 -19.74
CA GLN B 53 -3.71 1.01 -19.43
C GLN B 53 -4.45 1.03 -18.10
N ALA B 54 -5.28 0.01 -17.88
CA ALA B 54 -6.04 -0.09 -16.64
C ALA B 54 -5.12 -0.34 -15.45
N TRP B 55 -4.14 -1.21 -15.64
CA TRP B 55 -3.20 -1.54 -14.58
C TRP B 55 -2.40 -0.32 -14.15
N GLN B 56 -1.98 0.47 -15.14
CA GLN B 56 -1.21 1.68 -14.86
C GLN B 56 -1.99 2.65 -13.96
N ALA B 57 -3.19 3.01 -14.41
CA ALA B 57 -4.03 3.92 -13.64
C ALA B 57 -4.45 3.30 -12.32
N GLN B 58 -4.90 2.06 -12.37
CA GLN B 58 -5.33 1.35 -11.16
C GLN B 58 -4.21 1.32 -10.12
N TRP B 59 -3.03 0.91 -10.55
CA TRP B 59 -1.88 0.83 -9.66
C TRP B 59 -1.67 2.15 -8.92
N ASN B 60 -1.46 3.22 -9.68
CA ASN B 60 -1.26 4.53 -9.10
C ASN B 60 -2.38 4.88 -8.12
N GLN B 61 -3.61 4.68 -8.55
CA GLN B 61 -4.77 4.97 -7.72
C GLN B 61 -4.76 4.11 -6.45
N ALA B 62 -4.14 2.94 -6.54
CA ALA B 62 -4.07 2.03 -5.41
C ALA B 62 -3.00 2.47 -4.42
N MET B 63 -1.77 2.66 -4.92
CA MET B 63 -0.66 3.09 -4.07
C MET B 63 -0.99 4.41 -3.37
N GLU B 64 -1.64 5.31 -4.09
CA GLU B 64 -2.01 6.61 -3.54
C GLU B 64 -2.83 6.44 -2.26
N ASP B 65 -3.93 5.71 -2.35
CA ASP B 65 -4.79 5.47 -1.21
C ASP B 65 -4.12 4.55 -0.21
N LEU B 66 -3.24 3.68 -0.70
CA LEU B 66 -2.53 2.73 0.15
C LEU B 66 -1.61 3.46 1.13
N VAL B 67 -1.00 4.54 0.66
CA VAL B 67 -0.10 5.34 1.48
C VAL B 67 -0.88 6.16 2.51
N ARG B 68 -1.88 6.90 2.03
CA ARG B 68 -2.69 7.73 2.90
C ARG B 68 -3.25 6.91 4.07
N ALA B 69 -3.53 5.64 3.82
CA ALA B 69 -4.06 4.76 4.84
C ALA B 69 -3.14 4.72 6.06
N TYR B 70 -1.86 4.93 5.83
CA TYR B 70 -0.88 4.91 6.91
C TYR B 70 -0.79 6.28 7.58
N HIS B 71 -0.92 7.34 6.79
CA HIS B 71 -0.85 8.70 7.31
C HIS B 71 -2.10 9.04 8.11
N ALA B 72 -3.17 8.27 7.88
CA ALA B 72 -4.43 8.48 8.57
C ALA B 72 -4.22 8.53 10.08
N MET B 73 -3.49 7.55 10.61
CA MET B 73 -3.22 7.48 12.03
C MET B 73 -2.32 8.63 12.48
N SER B 74 -1.43 9.07 11.59
CA SER B 74 -0.51 10.15 11.89
C SER B 74 -1.19 11.50 11.68
N SER B 75 -2.46 11.47 11.28
CA SER B 75 -3.22 12.69 11.04
C SER B 75 -3.24 13.58 12.27
N THR B 76 -3.06 12.96 13.44
CA THR B 76 -3.04 13.69 14.69
C THR B 76 -1.81 14.58 14.81
N HIS B 77 -0.85 14.37 13.91
CA HIS B 77 0.38 15.15 13.90
C HIS B 77 0.07 16.64 13.92
N GLU B 78 -0.85 17.07 13.07
CA GLU B 78 -1.23 18.48 13.00
C GLU B 78 -2.25 18.82 14.08
N ALA B 79 -2.87 17.80 14.66
CA ALA B 79 -3.86 18.00 15.70
C ALA B 79 -3.25 18.74 16.89
N ASN B 80 -1.94 18.72 16.99
CA ASN B 80 -1.24 19.39 18.08
C ASN B 80 -1.59 20.87 18.12
N THR B 81 -1.16 21.61 17.10
CA THR B 81 -1.44 23.05 17.02
C THR B 81 -2.94 23.32 17.07
N MET B 82 -3.72 22.33 16.70
CA MET B 82 -5.18 22.46 16.71
C MET B 82 -5.66 23.01 18.05
N ALA B 83 -4.95 22.66 19.11
CA ALA B 83 -5.31 23.13 20.45
C ALA B 83 -5.49 24.64 20.49
N MET B 84 -4.73 25.34 19.65
CA MET B 84 -4.79 26.79 19.58
C MET B 84 -6.07 27.24 18.90
N MET B 85 -6.58 28.40 19.32
CA MET B 85 -7.82 28.93 18.75
C MET B 85 -7.51 29.92 17.61
N ALA B 86 -6.32 30.51 17.67
CA ALA B 86 -5.90 31.46 16.64
C ALA B 86 -6.07 30.88 15.25
N ARG B 87 -5.62 29.63 15.08
CA ARG B 87 -5.71 28.95 13.80
C ARG B 87 -7.14 28.49 13.52
N ASP B 88 -7.55 27.43 14.22
CA ASP B 88 -8.89 26.89 14.05
C ASP B 88 -9.14 26.49 12.61
N THR B 89 -8.81 25.24 12.27
CA THR B 89 -8.99 24.74 10.91
C THR B 89 -10.02 23.61 10.89
N ALA B 90 -9.85 22.64 11.78
CA ALA B 90 -10.77 21.51 11.85
C ALA B 90 -11.89 21.77 12.85
N GLU B 91 -11.65 22.69 13.78
CA GLU B 91 -12.64 23.04 14.78
C GLU B 91 -13.75 23.90 14.18
N ALA B 92 -13.37 25.06 13.66
CA ALA B 92 -14.33 25.98 13.05
C ALA B 92 -14.99 25.34 11.83
N ALA B 93 -14.30 24.38 11.21
CA ALA B 93 -14.81 23.70 10.03
C ALA B 93 -15.73 22.54 10.43
N LYS B 94 -15.50 21.99 11.63
CA LYS B 94 -16.30 20.88 12.12
C LYS B 94 -17.78 21.28 12.22
N TRP B 95 -18.64 20.28 12.35
CA TRP B 95 -20.08 20.52 12.46
C TRP B 95 -20.77 19.37 13.17
N GLY B 96 -20.02 18.67 14.03
CA GLY B 96 -20.58 17.56 14.77
C GLY B 96 -20.99 17.94 16.18
N GLY B 97 -21.03 16.95 17.07
CA GLY B 97 -21.41 17.20 18.45
C GLY B 97 -22.78 16.66 18.78
N MET A 1 14.56 -15.07 19.57
CA MET A 1 15.60 -15.81 18.85
C MET A 1 15.21 -16.05 17.40
N SER A 2 15.94 -15.44 16.49
CA SER A 2 15.66 -15.58 15.05
C SER A 2 16.81 -15.05 14.22
N LEU A 3 17.08 -15.71 13.10
CA LEU A 3 18.17 -15.30 12.21
C LEU A 3 17.64 -15.05 10.80
N LEU A 4 17.69 -13.80 10.37
CA LEU A 4 17.23 -13.43 9.03
C LEU A 4 18.40 -13.19 8.09
N ASP A 5 18.12 -13.14 6.80
CA ASP A 5 19.16 -12.91 5.80
C ASP A 5 20.24 -13.98 5.88
N ALA A 6 19.83 -15.21 6.14
CA ALA A 6 20.76 -16.32 6.25
C ALA A 6 20.55 -17.33 5.13
N HIS A 7 19.29 -17.66 4.87
CA HIS A 7 18.94 -18.61 3.82
C HIS A 7 17.57 -18.32 3.23
N ILE A 8 17.33 -17.04 2.92
CA ILE A 8 16.06 -16.62 2.35
C ILE A 8 16.12 -16.54 0.84
N PRO A 9 14.97 -16.73 0.17
CA PRO A 9 14.87 -16.68 -1.28
C PRO A 9 15.06 -15.27 -1.83
N GLN A 10 16.32 -14.85 -1.96
CA GLN A 10 16.63 -13.52 -2.47
C GLN A 10 17.21 -13.60 -3.88
N LEU A 11 18.11 -14.56 -4.10
CA LEU A 11 18.73 -14.74 -5.40
C LEU A 11 18.10 -15.90 -6.16
N VAL A 12 16.90 -16.29 -5.73
CA VAL A 12 16.18 -17.38 -6.37
C VAL A 12 15.65 -16.97 -7.74
N ALA A 13 15.41 -15.68 -7.91
CA ALA A 13 14.90 -15.15 -9.17
C ALA A 13 15.57 -13.83 -9.52
N SER A 14 16.85 -13.89 -9.85
CA SER A 14 17.61 -12.70 -10.21
C SER A 14 17.25 -12.22 -11.61
N GLN A 15 16.94 -13.18 -12.49
CA GLN A 15 16.58 -12.85 -13.86
C GLN A 15 15.26 -12.09 -13.92
N SER A 16 14.35 -12.41 -13.00
CA SER A 16 13.05 -11.77 -12.95
C SER A 16 12.91 -10.93 -11.67
N ALA A 17 13.33 -9.67 -11.75
CA ALA A 17 13.26 -8.78 -10.60
C ALA A 17 11.81 -8.44 -10.26
N PHE A 18 10.93 -8.52 -11.26
CA PHE A 18 9.53 -8.23 -11.07
C PHE A 18 8.94 -9.09 -9.96
N ALA A 19 9.20 -10.40 -10.03
CA ALA A 19 8.69 -11.33 -9.02
C ALA A 19 9.20 -10.97 -7.64
N ALA A 20 10.51 -10.71 -7.54
CA ALA A 20 11.12 -10.36 -6.26
C ALA A 20 10.41 -9.17 -5.63
N LYS A 21 10.25 -8.11 -6.40
CA LYS A 21 9.59 -6.90 -5.92
C LYS A 21 8.19 -7.22 -5.37
N ALA A 22 7.49 -8.10 -6.05
CA ALA A 22 6.15 -8.50 -5.64
C ALA A 22 6.17 -9.10 -4.24
N GLY A 23 7.06 -10.07 -4.02
CA GLY A 23 7.17 -10.72 -2.73
C GLY A 23 7.76 -9.80 -1.67
N LEU A 24 8.55 -8.83 -2.11
CA LEU A 24 9.18 -7.89 -1.20
C LEU A 24 8.19 -6.83 -0.73
N MET A 25 7.26 -6.47 -1.61
CA MET A 25 6.25 -5.47 -1.29
C MET A 25 5.47 -5.86 -0.03
N ARG A 26 4.85 -7.03 -0.06
CA ARG A 26 4.08 -7.52 1.07
C ARG A 26 4.94 -7.55 2.33
N HIS A 27 6.24 -7.77 2.16
CA HIS A 27 7.17 -7.84 3.27
C HIS A 27 7.46 -6.44 3.81
N THR A 28 7.39 -5.44 2.93
CA THR A 28 7.65 -4.07 3.31
C THR A 28 6.49 -3.49 4.12
N ILE A 29 5.28 -3.93 3.81
CA ILE A 29 4.10 -3.46 4.51
C ILE A 29 4.17 -3.80 6.00
N GLY A 30 4.34 -5.08 6.30
CA GLY A 30 4.43 -5.51 7.68
C GLY A 30 5.59 -4.88 8.42
N GLN A 31 6.72 -4.74 7.73
CA GLN A 31 7.91 -4.15 8.33
C GLN A 31 7.62 -2.73 8.82
N ALA A 32 6.81 -2.00 8.06
CA ALA A 32 6.46 -0.64 8.42
C ALA A 32 5.52 -0.61 9.61
N GLU A 33 4.49 -1.46 9.58
CA GLU A 33 3.52 -1.52 10.66
C GLU A 33 4.21 -1.73 12.01
N GLN A 34 5.24 -2.59 12.01
CA GLN A 34 5.98 -2.87 13.23
C GLN A 34 6.45 -1.59 13.90
N ALA A 35 6.79 -0.59 13.08
CA ALA A 35 7.25 0.69 13.60
C ALA A 35 6.17 1.37 14.43
N ALA A 36 4.95 1.38 13.92
CA ALA A 36 3.83 2.00 14.61
C ALA A 36 3.67 1.42 16.01
N MET A 37 3.88 0.12 16.13
CA MET A 37 3.76 -0.57 17.42
C MET A 37 4.82 -0.06 18.40
N SER A 38 5.97 0.34 17.88
CA SER A 38 7.06 0.83 18.71
C SER A 38 6.68 2.18 19.35
N ALA A 39 6.35 3.15 18.51
CA ALA A 39 5.98 4.48 19.00
C ALA A 39 4.66 4.42 19.77
N GLN A 40 3.84 3.42 19.46
CA GLN A 40 2.54 3.26 20.13
C GLN A 40 2.71 2.48 21.43
N ALA A 41 3.91 1.97 21.66
CA ALA A 41 4.18 1.19 22.87
C ALA A 41 4.06 2.07 24.11
N PHE A 42 4.21 3.38 23.92
CA PHE A 42 4.12 4.32 25.04
C PHE A 42 2.84 4.10 25.83
N HIS A 43 2.97 4.13 27.15
CA HIS A 43 1.82 3.93 28.03
C HIS A 43 1.06 2.66 27.66
N GLN A 44 1.76 1.54 27.64
CA GLN A 44 1.16 0.26 27.29
C GLN A 44 0.10 -0.14 28.32
N GLY A 45 -1.14 -0.22 27.88
CA GLY A 45 -2.23 -0.58 28.77
C GLY A 45 -3.59 -0.30 28.17
N GLU A 46 -3.68 0.75 27.35
CA GLU A 46 -4.93 1.12 26.72
C GLU A 46 -4.92 0.77 25.23
N SER A 47 -5.98 1.15 24.53
CA SER A 47 -6.09 0.88 23.10
C SER A 47 -6.73 2.06 22.37
N SER A 48 -6.44 2.16 21.08
CA SER A 48 -6.99 3.25 20.26
C SER A 48 -7.97 2.70 19.23
N ALA A 49 -9.17 3.27 19.20
CA ALA A 49 -10.19 2.84 18.25
C ALA A 49 -9.92 3.40 16.86
N ALA A 50 -9.62 4.69 16.79
CA ALA A 50 -9.35 5.34 15.52
C ALA A 50 -8.22 4.64 14.78
N PHE A 51 -7.35 3.97 15.53
CA PHE A 51 -6.22 3.25 14.95
C PHE A 51 -6.71 2.07 14.11
N GLN A 52 -7.79 1.45 14.55
CA GLN A 52 -8.36 0.30 13.85
C GLN A 52 -8.90 0.71 12.48
N ALA A 53 -9.78 1.72 12.47
CA ALA A 53 -10.36 2.21 11.24
C ALA A 53 -9.29 2.52 10.21
N ALA A 54 -8.24 3.21 10.64
CA ALA A 54 -7.14 3.57 9.75
C ALA A 54 -6.31 2.34 9.38
N HIS A 55 -6.10 1.46 10.35
CA HIS A 55 -5.33 0.24 10.12
C HIS A 55 -6.01 -0.66 9.10
N ALA A 56 -7.34 -0.66 9.11
CA ALA A 56 -8.11 -1.48 8.18
C ALA A 56 -8.03 -0.91 6.77
N ARG A 57 -7.91 0.41 6.67
CA ARG A 57 -7.84 1.08 5.38
C ARG A 57 -6.59 0.64 4.62
N PHE A 58 -5.47 0.55 5.33
CA PHE A 58 -4.21 0.15 4.72
C PHE A 58 -4.29 -1.27 4.16
N VAL A 59 -4.69 -2.22 5.01
CA VAL A 59 -4.82 -3.61 4.60
C VAL A 59 -5.84 -3.76 3.49
N ALA A 60 -6.87 -2.91 3.51
CA ALA A 60 -7.91 -2.96 2.49
C ALA A 60 -7.36 -2.59 1.12
N ALA A 61 -6.40 -1.67 1.09
CA ALA A 61 -5.79 -1.23 -0.16
C ALA A 61 -4.74 -2.23 -0.63
N ALA A 62 -4.03 -2.83 0.32
CA ALA A 62 -2.99 -3.81 0.00
C ALA A 62 -3.53 -4.90 -0.93
N ALA A 63 -4.79 -5.28 -0.71
CA ALA A 63 -5.42 -6.31 -1.53
C ALA A 63 -5.38 -5.93 -3.01
N LYS A 64 -5.42 -4.63 -3.28
CA LYS A 64 -5.40 -4.15 -4.65
C LYS A 64 -4.02 -4.35 -5.27
N VAL A 65 -2.98 -3.94 -4.54
CA VAL A 65 -1.61 -4.07 -5.02
C VAL A 65 -1.22 -5.54 -5.18
N ASN A 66 -1.77 -6.39 -4.30
CA ASN A 66 -1.48 -7.81 -4.35
C ASN A 66 -2.08 -8.46 -5.60
N THR A 67 -3.34 -8.12 -5.87
CA THR A 67 -4.03 -8.67 -7.04
C THR A 67 -3.40 -8.18 -8.33
N LEU A 68 -2.86 -6.96 -8.31
CA LEU A 68 -2.22 -6.37 -9.47
C LEU A 68 -0.86 -7.01 -9.73
N LEU A 69 -0.24 -7.54 -8.67
CA LEU A 69 1.06 -8.18 -8.79
C LEU A 69 0.95 -9.51 -9.52
N ASP A 70 -0.21 -10.16 -9.38
CA ASP A 70 -0.45 -11.44 -10.03
C ASP A 70 -0.76 -11.25 -11.51
N VAL A 71 -1.74 -10.40 -11.80
CA VAL A 71 -2.13 -10.13 -13.19
C VAL A 71 -0.98 -9.51 -13.98
N ALA A 72 -0.15 -8.73 -13.29
CA ALA A 72 0.99 -8.08 -13.92
C ALA A 72 2.00 -9.12 -14.42
N GLN A 73 2.36 -10.05 -13.56
CA GLN A 73 3.31 -11.09 -13.92
C GLN A 73 2.69 -12.09 -14.89
N ALA A 74 1.39 -12.34 -14.74
CA ALA A 74 0.68 -13.27 -15.60
C ALA A 74 0.50 -12.68 -17.00
N ASN A 75 0.31 -11.37 -17.07
CA ASN A 75 0.12 -10.69 -18.34
C ASN A 75 1.46 -10.43 -19.03
N LEU A 76 2.46 -10.07 -18.23
CA LEU A 76 3.79 -9.80 -18.75
C LEU A 76 4.53 -11.09 -19.08
N GLY A 77 4.23 -12.15 -18.33
CA GLY A 77 4.87 -13.43 -18.55
C GLY A 77 6.29 -13.47 -18.03
N GLU A 78 7.18 -12.72 -18.69
CA GLU A 78 8.58 -12.67 -18.29
C GLU A 78 8.72 -12.35 -16.81
N ALA A 79 7.83 -11.48 -16.32
CA ALA A 79 7.86 -11.09 -14.92
C ALA A 79 7.79 -12.31 -14.00
N ALA A 80 6.77 -13.14 -14.21
CA ALA A 80 6.60 -14.34 -13.41
C ALA A 80 5.39 -15.14 -13.86
N GLY A 81 5.46 -16.46 -13.73
CA GLY A 81 4.37 -17.31 -14.14
C GLY A 81 3.55 -17.82 -12.96
N THR A 82 2.48 -17.09 -12.64
CA THR A 82 1.61 -17.45 -11.54
C THR A 82 0.18 -17.01 -11.78
N TYR A 83 -0.77 -17.91 -11.55
CA TYR A 83 -2.18 -17.60 -11.76
C TYR A 83 -3.03 -18.16 -10.61
N VAL A 84 -4.29 -17.75 -10.57
CA VAL A 84 -5.21 -18.21 -9.53
C VAL A 84 -5.45 -19.71 -9.64
N ALA A 85 -4.64 -20.49 -8.93
CA ALA A 85 -4.77 -21.94 -8.94
C ALA A 85 -5.47 -22.43 -7.69
N ALA A 86 -6.29 -21.57 -7.09
CA ALA A 86 -7.03 -21.92 -5.89
C ALA A 86 -8.45 -22.36 -6.23
N ASP A 87 -8.96 -21.89 -7.36
CA ASP A 87 -10.30 -22.23 -7.80
C ASP A 87 -11.34 -21.71 -6.81
N ALA A 88 -12.61 -21.82 -7.19
CA ALA A 88 -13.71 -21.35 -6.35
C ALA A 88 -15.05 -21.87 -6.84
N ALA A 89 -16.12 -21.53 -6.13
CA ALA A 89 -17.46 -21.97 -6.50
C ALA A 89 -18.03 -21.09 -7.61
N ALA A 90 -17.54 -19.85 -7.68
CA ALA A 90 -18.01 -18.91 -8.71
C ALA A 90 -17.48 -19.30 -10.09
N ALA A 91 -16.36 -20.00 -10.10
CA ALA A 91 -15.76 -20.44 -11.36
C ALA A 91 -16.73 -21.28 -12.18
N SER A 92 -17.57 -22.05 -11.49
CA SER A 92 -18.55 -22.90 -12.15
C SER A 92 -19.83 -22.99 -11.32
N THR A 93 -20.79 -22.11 -11.61
CA THR A 93 -22.05 -22.09 -10.89
C THR A 93 -23.23 -22.30 -11.85
N TYR A 94 -24.42 -22.38 -11.29
CA TYR A 94 -25.62 -22.57 -12.09
C TYR A 94 -26.56 -21.37 -11.99
N THR A 95 -26.50 -20.69 -10.85
CA THR A 95 -27.33 -19.52 -10.63
C THR A 95 -28.81 -19.84 -10.85
N GLY A 96 -29.45 -20.39 -9.83
CA GLY A 96 -30.85 -20.74 -9.93
C GLY A 96 -31.49 -21.04 -8.59
N PHE A 97 -31.71 -20.00 -7.80
CA PHE A 97 -32.30 -20.16 -6.48
C PHE A 97 -33.66 -20.83 -6.58
N SER B 1 -18.03 4.10 12.86
CA SER B 1 -16.86 4.90 12.55
C SER B 1 -17.27 6.33 12.18
N MET B 2 -16.36 7.28 12.39
CA MET B 2 -16.63 8.67 12.08
C MET B 2 -15.74 9.14 10.93
N SER B 3 -16.06 8.70 9.72
CA SER B 3 -15.29 9.08 8.54
C SER B 3 -16.15 9.89 7.57
N GLN B 4 -17.46 9.69 7.64
CA GLN B 4 -18.40 10.40 6.77
C GLN B 4 -18.84 11.71 7.40
N ILE B 5 -18.16 12.10 8.48
CA ILE B 5 -18.50 13.34 9.18
C ILE B 5 -17.92 14.55 8.44
N MET B 6 -16.59 14.67 8.46
CA MET B 6 -15.92 15.79 7.80
C MET B 6 -14.45 15.47 7.58
N TYR B 7 -14.17 14.30 7.02
CA TYR B 7 -12.80 13.87 6.76
C TYR B 7 -12.60 13.56 5.29
N ASN B 8 -12.10 14.54 4.53
CA ASN B 8 -11.87 14.37 3.11
C ASN B 8 -10.41 13.99 2.84
N TYR B 9 -9.50 14.88 3.21
CA TYR B 9 -8.07 14.65 3.01
C TYR B 9 -7.31 14.75 4.33
N PRO B 10 -6.10 14.18 4.37
CA PRO B 10 -5.25 14.19 5.56
C PRO B 10 -4.70 15.58 5.85
N ALA B 11 -4.32 16.30 4.81
CA ALA B 11 -3.78 17.65 4.95
C ALA B 11 -4.74 18.54 5.75
N MET B 12 -6.02 18.26 5.63
CA MET B 12 -7.04 19.04 6.34
C MET B 12 -7.12 18.61 7.81
N LEU B 13 -7.12 17.30 8.03
CA LEU B 13 -7.20 16.76 9.38
C LEU B 13 -5.95 17.12 10.19
N GLY B 14 -4.83 16.47 9.87
CA GLY B 14 -3.60 16.73 10.57
C GLY B 14 -2.38 16.29 9.79
N HIS B 15 -1.19 16.51 10.35
CA HIS B 15 0.05 16.14 9.70
C HIS B 15 1.00 15.47 10.68
N ALA B 16 2.04 14.84 10.15
CA ALA B 16 3.03 14.16 10.98
C ALA B 16 4.33 14.96 11.05
N GLY B 17 5.10 14.89 9.97
CA GLY B 17 6.37 15.61 9.93
C GLY B 17 7.51 14.81 10.53
N ASP B 18 7.43 13.49 10.41
CA ASP B 18 8.46 12.62 10.96
C ASP B 18 8.18 11.16 10.60
N MET B 19 7.18 10.59 11.27
CA MET B 19 6.81 9.20 11.02
C MET B 19 6.30 9.01 9.59
N ALA B 20 5.77 10.09 9.02
CA ALA B 20 5.25 10.04 7.65
C ALA B 20 6.29 9.47 6.68
N GLY B 21 7.56 9.70 6.99
CA GLY B 21 8.62 9.21 6.14
C GLY B 21 8.51 7.72 5.88
N TYR B 22 7.99 6.99 6.85
CA TYR B 22 7.83 5.54 6.73
C TYR B 22 7.01 5.19 5.49
N ALA B 23 5.81 5.74 5.40
CA ALA B 23 4.93 5.49 4.27
C ALA B 23 5.63 5.80 2.95
N GLY B 24 6.47 6.83 2.96
CA GLY B 24 7.19 7.21 1.76
C GLY B 24 7.95 6.06 1.15
N THR B 25 8.32 5.08 2.00
CA THR B 25 9.06 3.92 1.53
C THR B 25 8.24 3.08 0.56
N LEU B 26 6.95 2.93 0.86
CA LEU B 26 6.06 2.15 0.01
C LEU B 26 5.86 2.84 -1.34
N GLN B 27 5.79 4.17 -1.33
CA GLN B 27 5.61 4.93 -2.55
C GLN B 27 6.66 4.55 -3.59
N SER B 28 7.91 4.47 -3.16
CA SER B 28 9.00 4.12 -4.06
C SER B 28 9.01 2.62 -4.36
N LEU B 29 8.77 1.83 -3.32
CA LEU B 29 8.75 0.37 -3.46
C LEU B 29 7.77 -0.05 -4.55
N GLY B 30 6.54 0.43 -4.45
CA GLY B 30 5.53 0.08 -5.42
C GLY B 30 5.81 0.68 -6.78
N ALA B 31 6.38 1.89 -6.79
CA ALA B 31 6.71 2.57 -8.04
C ALA B 31 7.64 1.73 -8.90
N GLU B 32 8.52 0.97 -8.23
CA GLU B 32 9.47 0.11 -8.94
C GLU B 32 8.74 -0.90 -9.82
N ILE B 33 7.64 -1.43 -9.31
CA ILE B 33 6.85 -2.41 -10.06
C ILE B 33 6.08 -1.76 -11.19
N ALA B 34 5.60 -0.54 -10.94
CA ALA B 34 4.86 0.21 -11.95
C ALA B 34 5.71 0.50 -13.17
N VAL B 35 6.87 1.10 -12.95
CA VAL B 35 7.79 1.44 -14.03
C VAL B 35 8.15 0.21 -14.85
N GLU B 36 8.24 -0.94 -14.17
CA GLU B 36 8.58 -2.19 -14.84
C GLU B 36 7.50 -2.60 -15.83
N GLN B 37 6.25 -2.33 -15.47
CA GLN B 37 5.12 -2.67 -16.33
C GLN B 37 5.14 -1.83 -17.60
N ALA B 38 5.43 -0.54 -17.45
CA ALA B 38 5.48 0.38 -18.58
C ALA B 38 6.59 -0.01 -19.55
N ALA B 39 7.64 -0.63 -19.03
CA ALA B 39 8.77 -1.05 -19.85
C ALA B 39 8.42 -2.32 -20.64
N LEU B 40 7.47 -3.08 -20.13
CA LEU B 40 7.04 -4.31 -20.79
C LEU B 40 5.60 -4.21 -21.27
N GLN B 41 5.24 -3.03 -21.79
CA GLN B 41 3.89 -2.80 -22.29
C GLN B 41 3.60 -3.70 -23.48
N SER B 42 4.48 -3.67 -24.48
CA SER B 42 4.31 -4.49 -25.68
C SER B 42 4.16 -5.96 -25.32
N ALA B 43 4.73 -6.34 -24.17
CA ALA B 43 4.65 -7.72 -23.71
C ALA B 43 3.26 -8.06 -23.19
N TRP B 44 2.59 -7.06 -22.63
CA TRP B 44 1.25 -7.25 -22.09
C TRP B 44 0.33 -7.89 -23.13
N GLN B 45 -0.57 -8.75 -22.66
CA GLN B 45 -1.50 -9.43 -23.55
C GLN B 45 -2.79 -8.63 -23.71
N GLY B 46 -3.56 -8.55 -22.63
CA GLY B 46 -4.81 -7.81 -22.67
C GLY B 46 -6.03 -8.71 -22.75
N ASP B 47 -5.83 -9.91 -23.30
CA ASP B 47 -6.91 -10.87 -23.44
C ASP B 47 -6.90 -11.87 -22.28
N THR B 48 -6.36 -11.45 -21.15
CA THR B 48 -6.28 -12.31 -19.97
C THR B 48 -7.04 -11.70 -18.80
N GLY B 49 -7.08 -10.37 -18.75
CA GLY B 49 -7.78 -9.69 -17.67
C GLY B 49 -7.54 -8.20 -17.69
N ILE B 50 -6.79 -7.71 -16.70
CA ILE B 50 -6.50 -6.28 -16.61
C ILE B 50 -5.68 -5.81 -17.80
N THR B 51 -5.95 -4.58 -18.25
CA THR B 51 -5.23 -4.01 -19.39
C THR B 51 -4.09 -3.11 -18.92
N TYR B 52 -3.26 -2.69 -19.87
CA TYR B 52 -2.13 -1.82 -19.55
C TYR B 52 -2.60 -0.48 -19.02
N GLN B 53 -3.68 0.04 -19.59
CA GLN B 53 -4.23 1.32 -19.17
C GLN B 53 -4.95 1.19 -17.84
N ALA B 54 -5.71 0.12 -17.68
CA ALA B 54 -6.44 -0.12 -16.44
C ALA B 54 -5.48 -0.41 -15.28
N TRP B 55 -4.53 -1.30 -15.52
CA TRP B 55 -3.56 -1.67 -14.49
C TRP B 55 -2.85 -0.42 -13.95
N GLN B 56 -2.36 0.42 -14.86
CA GLN B 56 -1.67 1.64 -14.47
C GLN B 56 -2.50 2.44 -13.48
N ALA B 57 -3.79 2.58 -13.77
CA ALA B 57 -4.69 3.32 -12.90
C ALA B 57 -4.93 2.58 -11.58
N GLN B 58 -5.20 1.28 -11.68
CA GLN B 58 -5.44 0.47 -10.50
C GLN B 58 -4.27 0.55 -9.53
N TRP B 59 -3.07 0.30 -10.04
CA TRP B 59 -1.87 0.34 -9.21
C TRP B 59 -1.71 1.71 -8.56
N ASN B 60 -1.70 2.76 -9.38
CA ASN B 60 -1.55 4.12 -8.89
C ASN B 60 -2.55 4.41 -7.78
N GLN B 61 -3.82 4.15 -8.05
CA GLN B 61 -4.88 4.39 -7.07
C GLN B 61 -4.57 3.66 -5.77
N ALA B 62 -4.20 2.38 -5.88
CA ALA B 62 -3.89 1.57 -4.70
C ALA B 62 -2.72 2.17 -3.92
N MET B 63 -1.63 2.46 -4.64
CA MET B 63 -0.43 3.03 -4.01
C MET B 63 -0.80 4.27 -3.18
N GLU B 64 -1.51 5.20 -3.81
CA GLU B 64 -1.90 6.42 -3.13
C GLU B 64 -2.74 6.11 -1.89
N ASP B 65 -3.52 5.03 -1.97
CA ASP B 65 -4.37 4.62 -0.85
C ASP B 65 -3.53 4.08 0.30
N LEU B 66 -2.44 3.40 -0.04
CA LEU B 66 -1.55 2.82 0.96
C LEU B 66 -0.77 3.91 1.69
N VAL B 67 -0.07 4.74 0.93
CA VAL B 67 0.72 5.84 1.51
C VAL B 67 -0.14 6.69 2.43
N ARG B 68 -1.35 7.02 1.97
CA ARG B 68 -2.26 7.85 2.76
C ARG B 68 -2.81 7.07 3.95
N ALA B 69 -2.96 5.75 3.77
CA ALA B 69 -3.47 4.90 4.84
C ALA B 69 -2.56 4.94 6.06
N TYR B 70 -1.28 5.20 5.83
CA TYR B 70 -0.30 5.26 6.90
C TYR B 70 -0.27 6.64 7.54
N HIS B 71 -0.27 7.67 6.68
CA HIS B 71 -0.24 9.06 7.16
C HIS B 71 -1.55 9.41 7.86
N ALA B 72 -2.62 8.72 7.49
CA ALA B 72 -3.92 8.97 8.09
C ALA B 72 -3.97 8.51 9.54
N MET B 73 -3.52 7.28 9.78
CA MET B 73 -3.51 6.72 11.12
C MET B 73 -2.78 7.65 12.10
N SER B 74 -1.70 8.25 11.62
CA SER B 74 -0.91 9.17 12.45
C SER B 74 -1.53 10.57 12.44
N SER B 75 -2.13 10.94 11.32
CA SER B 75 -2.77 12.25 11.19
C SER B 75 -3.94 12.39 12.16
N THR B 76 -4.66 11.30 12.37
CA THR B 76 -5.81 11.30 13.27
C THR B 76 -5.36 11.45 14.72
N HIS B 77 -4.07 11.23 14.97
CA HIS B 77 -3.53 11.34 16.31
C HIS B 77 -3.87 12.69 16.94
N GLU B 78 -4.05 13.70 16.09
CA GLU B 78 -4.38 15.04 16.56
C GLU B 78 -5.70 15.03 17.35
N ALA B 79 -6.50 14.00 17.13
CA ALA B 79 -7.78 13.87 17.81
C ALA B 79 -7.61 14.01 19.32
N ASN B 80 -6.44 13.61 19.82
CA ASN B 80 -6.15 13.69 21.24
C ASN B 80 -6.43 15.09 21.78
N THR B 81 -5.68 16.07 21.28
CA THR B 81 -5.85 17.45 21.71
C THR B 81 -7.12 18.06 21.13
N MET B 82 -7.49 17.59 19.94
CA MET B 82 -8.69 18.10 19.28
C MET B 82 -9.92 17.94 20.16
N ALA B 83 -9.91 16.91 20.99
CA ALA B 83 -11.02 16.65 21.90
C ALA B 83 -11.31 17.86 22.78
N MET B 84 -10.39 18.17 23.68
CA MET B 84 -10.54 19.30 24.59
C MET B 84 -11.82 19.18 25.39
N MET B 85 -11.73 18.55 26.56
CA MET B 85 -12.89 18.37 27.43
C MET B 85 -13.58 19.70 27.68
N ALA B 86 -12.79 20.76 27.83
CA ALA B 86 -13.34 22.09 28.08
C ALA B 86 -14.35 22.47 27.00
N ARG B 87 -13.93 22.39 25.75
CA ARG B 87 -14.78 22.73 24.62
C ARG B 87 -15.95 21.76 24.51
N ASP B 88 -15.75 20.54 25.00
CA ASP B 88 -16.79 19.52 24.96
C ASP B 88 -17.85 19.78 26.03
N THR B 89 -18.66 20.81 25.82
CA THR B 89 -19.71 21.16 26.77
C THR B 89 -21.09 21.02 26.13
N ALA B 90 -21.16 21.24 24.82
CA ALA B 90 -22.42 21.13 24.09
C ALA B 90 -22.62 19.73 23.55
N GLU B 91 -21.52 18.99 23.39
CA GLU B 91 -21.59 17.62 22.87
C GLU B 91 -22.12 16.67 23.94
N ALA B 92 -21.40 16.57 25.06
CA ALA B 92 -21.80 15.69 26.14
C ALA B 92 -23.14 16.12 26.73
N ALA B 93 -23.47 17.40 26.58
CA ALA B 93 -24.73 17.93 27.09
C ALA B 93 -25.87 17.72 26.09
N LYS B 94 -25.51 17.61 24.81
CA LYS B 94 -26.50 17.40 23.75
C LYS B 94 -27.40 16.22 24.08
N TRP B 95 -28.59 16.20 23.48
CA TRP B 95 -29.54 15.12 23.71
C TRP B 95 -29.27 13.95 22.77
N GLY B 96 -28.77 12.85 23.34
CA GLY B 96 -28.48 11.67 22.55
C GLY B 96 -27.00 11.57 22.21
N GLY B 97 -26.68 11.73 20.93
CA GLY B 97 -25.30 11.65 20.49
C GLY B 97 -24.94 10.27 19.97
N MET A 1 15.87 -22.14 6.30
CA MET A 1 16.43 -21.53 5.10
C MET A 1 17.73 -20.80 5.41
N SER A 2 18.68 -21.53 6.00
CA SER A 2 19.97 -20.96 6.35
C SER A 2 21.11 -21.89 5.95
N LEU A 3 21.48 -21.83 4.67
CA LEU A 3 22.56 -22.67 4.16
C LEU A 3 23.63 -21.82 3.47
N LEU A 4 24.62 -22.49 2.88
CA LEU A 4 25.70 -21.81 2.19
C LEU A 4 25.21 -21.20 0.88
N ASP A 5 25.86 -20.13 0.43
CA ASP A 5 25.49 -19.47 -0.81
C ASP A 5 24.05 -18.98 -0.75
N ALA A 6 23.60 -18.63 0.44
CA ALA A 6 22.23 -18.14 0.63
C ALA A 6 22.18 -16.62 0.64
N HIS A 7 23.24 -16.00 1.18
CA HIS A 7 23.33 -14.54 1.24
C HIS A 7 23.60 -13.95 -0.14
N ILE A 8 24.39 -14.66 -0.93
CA ILE A 8 24.73 -14.20 -2.27
C ILE A 8 23.49 -14.15 -3.17
N PRO A 9 23.53 -13.25 -4.17
CA PRO A 9 22.41 -13.09 -5.11
C PRO A 9 22.26 -14.28 -6.04
N GLN A 10 21.67 -15.35 -5.54
CA GLN A 10 21.46 -16.55 -6.34
C GLN A 10 20.00 -16.69 -6.76
N LEU A 11 19.10 -16.53 -5.80
CA LEU A 11 17.66 -16.63 -6.07
C LEU A 11 16.95 -15.34 -5.69
N VAL A 12 17.68 -14.25 -5.69
CA VAL A 12 17.11 -12.94 -5.35
C VAL A 12 16.45 -12.31 -6.56
N ALA A 13 16.89 -12.69 -7.75
CA ALA A 13 16.34 -12.15 -8.98
C ALA A 13 16.70 -13.03 -10.18
N SER A 14 16.66 -14.35 -9.97
CA SER A 14 16.99 -15.30 -11.03
C SER A 14 15.77 -15.57 -11.90
N GLN A 15 14.68 -16.00 -11.28
CA GLN A 15 13.46 -16.31 -12.00
C GLN A 15 12.98 -15.09 -12.79
N SER A 16 12.92 -13.94 -12.12
CA SER A 16 12.47 -12.71 -12.76
C SER A 16 12.68 -11.52 -11.83
N ALA A 17 13.34 -10.48 -12.34
CA ALA A 17 13.60 -9.28 -11.56
C ALA A 17 12.29 -8.70 -11.02
N PHE A 18 11.23 -8.82 -11.79
CA PHE A 18 9.92 -8.29 -11.39
C PHE A 18 9.45 -8.96 -10.11
N ALA A 19 9.48 -10.29 -10.08
CA ALA A 19 9.05 -11.04 -8.91
C ALA A 19 9.79 -10.58 -7.66
N ALA A 20 11.07 -10.27 -7.81
CA ALA A 20 11.88 -9.81 -6.70
C ALA A 20 11.28 -8.57 -6.04
N LYS A 21 10.75 -7.68 -6.87
CA LYS A 21 10.13 -6.45 -6.37
C LYS A 21 8.84 -6.75 -5.63
N ALA A 22 8.06 -7.69 -6.15
CA ALA A 22 6.80 -8.08 -5.53
C ALA A 22 7.01 -8.51 -4.09
N GLY A 23 7.97 -9.42 -3.88
CA GLY A 23 8.25 -9.90 -2.53
C GLY A 23 8.88 -8.85 -1.66
N LEU A 24 9.58 -7.90 -2.28
CA LEU A 24 10.24 -6.82 -1.54
C LEU A 24 9.22 -5.80 -1.06
N MET A 25 8.17 -5.59 -1.86
CA MET A 25 7.13 -4.63 -1.50
C MET A 25 6.45 -5.02 -0.19
N ARG A 26 5.88 -6.23 -0.16
CA ARG A 26 5.20 -6.71 1.03
C ARG A 26 6.10 -6.59 2.25
N HIS A 27 7.39 -6.83 2.07
CA HIS A 27 8.36 -6.74 3.16
C HIS A 27 8.38 -5.34 3.76
N THR A 28 8.39 -4.32 2.90
CA THR A 28 8.42 -2.94 3.35
C THR A 28 7.13 -2.58 4.10
N ILE A 29 6.04 -3.25 3.73
CA ILE A 29 4.75 -3.00 4.38
C ILE A 29 4.77 -3.46 5.83
N GLY A 30 5.25 -4.68 6.06
CA GLY A 30 5.31 -5.22 7.40
C GLY A 30 6.28 -4.47 8.28
N GLN A 31 7.35 -3.96 7.67
CA GLN A 31 8.38 -3.22 8.41
C GLN A 31 7.85 -1.85 8.81
N ALA A 32 7.11 -1.20 7.92
CA ALA A 32 6.55 0.11 8.18
C ALA A 32 5.34 0.02 9.10
N GLU A 33 4.50 -0.99 8.87
CA GLU A 33 3.29 -1.18 9.66
C GLU A 33 3.64 -1.37 11.13
N GLN A 34 4.55 -2.29 11.41
CA GLN A 34 4.97 -2.56 12.79
C GLN A 34 5.55 -1.30 13.43
N ALA A 35 6.22 -0.49 12.62
CA ALA A 35 6.83 0.75 13.12
C ALA A 35 5.79 1.63 13.82
N ALA A 36 4.59 1.68 13.24
CA ALA A 36 3.50 2.48 13.81
C ALA A 36 3.25 2.11 15.26
N MET A 37 2.79 0.88 15.47
CA MET A 37 2.50 0.39 16.82
C MET A 37 3.75 0.39 17.68
N SER A 38 4.91 0.26 17.03
CA SER A 38 6.18 0.24 17.75
C SER A 38 6.42 1.56 18.47
N ALA A 39 6.50 2.65 17.71
CA ALA A 39 6.72 3.97 18.29
C ALA A 39 5.50 4.45 19.05
N GLN A 40 4.31 4.18 18.50
CA GLN A 40 3.07 4.58 19.14
C GLN A 40 2.99 4.02 20.57
N ALA A 41 3.69 2.93 20.82
CA ALA A 41 3.70 2.30 22.14
C ALA A 41 4.15 3.29 23.21
N PHE A 42 5.34 3.84 23.03
CA PHE A 42 5.89 4.80 23.98
C PHE A 42 5.80 4.26 25.40
N HIS A 43 6.45 3.13 25.64
CA HIS A 43 6.44 2.51 26.97
C HIS A 43 5.03 2.08 27.36
N GLN A 44 4.34 1.42 26.44
CA GLN A 44 2.99 0.94 26.68
C GLN A 44 2.77 -0.44 26.09
N GLY A 45 2.74 -0.51 24.76
CA GLY A 45 2.53 -1.78 24.10
C GLY A 45 1.67 -1.66 22.86
N GLU A 46 0.36 -1.74 23.04
CA GLU A 46 -0.57 -1.63 21.91
C GLU A 46 -2.01 -1.68 22.40
N SER A 47 -2.77 -0.64 22.08
CA SER A 47 -4.17 -0.56 22.49
C SER A 47 -4.82 0.72 21.97
N SER A 48 -5.76 0.57 21.04
CA SER A 48 -6.45 1.72 20.46
C SER A 48 -7.57 1.25 19.53
N ALA A 49 -8.74 1.86 19.69
CA ALA A 49 -9.90 1.51 18.86
C ALA A 49 -9.86 2.26 17.53
N ALA A 50 -9.81 3.58 17.59
CA ALA A 50 -9.76 4.41 16.39
C ALA A 50 -8.64 3.95 15.46
N PHE A 51 -7.58 3.42 16.04
CA PHE A 51 -6.44 2.95 15.26
C PHE A 51 -6.85 1.80 14.33
N GLN A 52 -7.78 0.98 14.80
CA GLN A 52 -8.25 -0.15 14.03
C GLN A 52 -8.80 0.31 12.67
N ALA A 53 -9.73 1.25 12.70
CA ALA A 53 -10.33 1.77 11.48
C ALA A 53 -9.25 2.21 10.49
N ALA A 54 -8.21 2.85 11.00
CA ALA A 54 -7.12 3.32 10.17
C ALA A 54 -6.23 2.16 9.71
N HIS A 55 -6.16 1.12 10.54
CA HIS A 55 -5.35 -0.05 10.22
C HIS A 55 -6.03 -0.91 9.16
N ALA A 56 -7.35 -0.93 9.18
CA ALA A 56 -8.12 -1.71 8.22
C ALA A 56 -8.02 -1.11 6.81
N ARG A 57 -7.87 0.21 6.76
CA ARG A 57 -7.76 0.92 5.48
C ARG A 57 -6.50 0.48 4.73
N PHE A 58 -5.40 0.38 5.45
CA PHE A 58 -4.13 -0.04 4.85
C PHE A 58 -4.24 -1.43 4.26
N VAL A 59 -4.66 -2.39 5.08
CA VAL A 59 -4.80 -3.78 4.64
C VAL A 59 -5.82 -3.88 3.51
N ALA A 60 -6.83 -3.02 3.54
CA ALA A 60 -7.87 -3.03 2.52
C ALA A 60 -7.32 -2.55 1.18
N ALA A 61 -6.38 -1.62 1.23
CA ALA A 61 -5.78 -1.07 0.02
C ALA A 61 -4.71 -2.02 -0.53
N ALA A 62 -3.99 -2.68 0.36
CA ALA A 62 -2.94 -3.61 -0.03
C ALA A 62 -3.48 -4.65 -1.00
N ALA A 63 -4.76 -4.99 -0.84
CA ALA A 63 -5.38 -5.98 -1.71
C ALA A 63 -5.38 -5.52 -3.17
N LYS A 64 -5.41 -4.20 -3.36
CA LYS A 64 -5.42 -3.63 -4.71
C LYS A 64 -4.03 -3.73 -5.34
N VAL A 65 -3.02 -3.25 -4.62
CA VAL A 65 -1.66 -3.28 -5.12
C VAL A 65 -1.14 -4.71 -5.22
N ASN A 66 -1.62 -5.57 -4.33
CA ASN A 66 -1.22 -6.97 -4.32
C ASN A 66 -1.80 -7.72 -5.53
N THR A 67 -3.11 -7.62 -5.70
CA THR A 67 -3.78 -8.29 -6.81
C THR A 67 -3.19 -7.87 -8.15
N LEU A 68 -2.88 -6.57 -8.27
CA LEU A 68 -2.30 -6.04 -9.49
C LEU A 68 -0.93 -6.65 -9.76
N LEU A 69 -0.18 -6.90 -8.70
CA LEU A 69 1.15 -7.48 -8.81
C LEU A 69 1.07 -8.87 -9.45
N ASP A 70 0.15 -9.69 -8.97
CA ASP A 70 -0.02 -11.04 -9.51
C ASP A 70 -0.50 -11.00 -10.96
N VAL A 71 -1.38 -10.06 -11.26
CA VAL A 71 -1.91 -9.91 -12.61
C VAL A 71 -0.82 -9.48 -13.59
N ALA A 72 0.12 -8.69 -13.09
CA ALA A 72 1.22 -8.21 -13.92
C ALA A 72 2.10 -9.36 -14.38
N GLN A 73 2.45 -10.24 -13.46
CA GLN A 73 3.30 -11.40 -13.78
C GLN A 73 2.53 -12.42 -14.60
N ALA A 74 1.23 -12.54 -14.32
CA ALA A 74 0.38 -13.49 -15.03
C ALA A 74 0.10 -13.01 -16.45
N ASN A 75 0.01 -11.70 -16.61
CA ASN A 75 -0.27 -11.11 -17.92
C ASN A 75 0.97 -11.14 -18.80
N LEU A 76 2.14 -10.89 -18.19
CA LEU A 76 3.40 -10.89 -18.91
C LEU A 76 3.84 -12.31 -19.24
N GLY A 77 3.52 -13.25 -18.35
CA GLY A 77 3.89 -14.63 -18.56
C GLY A 77 5.32 -14.92 -18.14
N GLU A 78 6.26 -14.17 -18.70
CA GLU A 78 7.68 -14.34 -18.38
C GLU A 78 7.89 -14.32 -16.87
N ALA A 79 7.36 -13.29 -16.22
CA ALA A 79 7.50 -13.15 -14.77
C ALA A 79 7.01 -14.40 -14.05
N ALA A 80 5.69 -14.60 -14.07
CA ALA A 80 5.10 -15.76 -13.41
C ALA A 80 4.30 -16.59 -14.40
N GLY A 81 4.18 -17.89 -14.12
CA GLY A 81 3.44 -18.78 -15.00
C GLY A 81 2.63 -19.80 -14.23
N THR A 82 1.44 -19.42 -13.80
CA THR A 82 0.56 -20.32 -13.06
C THR A 82 -0.90 -19.93 -13.22
N TYR A 83 -1.79 -20.78 -12.73
CA TYR A 83 -3.23 -20.52 -12.82
C TYR A 83 -3.91 -20.81 -11.50
N VAL A 84 -5.15 -20.35 -11.37
CA VAL A 84 -5.92 -20.56 -10.14
C VAL A 84 -7.40 -20.78 -10.46
N ALA A 85 -7.74 -21.99 -10.89
CA ALA A 85 -9.11 -22.33 -11.23
C ALA A 85 -9.95 -22.53 -9.97
N ALA A 86 -10.19 -21.44 -9.25
CA ALA A 86 -10.97 -21.48 -8.02
C ALA A 86 -12.35 -20.86 -8.23
N ASP A 87 -12.42 -19.86 -9.10
CA ASP A 87 -13.68 -19.19 -9.40
C ASP A 87 -14.25 -18.54 -8.15
N ALA A 88 -15.34 -17.79 -8.32
CA ALA A 88 -15.98 -17.11 -7.20
C ALA A 88 -17.46 -17.50 -7.10
N ALA A 89 -18.10 -17.08 -6.00
CA ALA A 89 -19.51 -17.39 -5.79
C ALA A 89 -20.40 -16.31 -6.40
N ALA A 90 -19.99 -15.06 -6.24
CA ALA A 90 -20.76 -13.93 -6.78
C ALA A 90 -20.94 -14.07 -8.29
N ALA A 91 -20.00 -14.75 -8.94
CA ALA A 91 -20.06 -14.95 -10.38
C ALA A 91 -21.25 -15.83 -10.76
N SER A 92 -21.48 -16.87 -9.97
CA SER A 92 -22.59 -17.79 -10.24
C SER A 92 -23.89 -17.24 -9.68
N THR A 93 -24.69 -16.62 -10.55
CA THR A 93 -25.97 -16.04 -10.15
C THR A 93 -26.97 -16.09 -11.30
N TYR A 94 -28.23 -15.82 -10.99
CA TYR A 94 -29.29 -15.82 -11.99
C TYR A 94 -30.08 -14.52 -11.95
N THR A 95 -30.45 -14.02 -13.13
CA THR A 95 -31.22 -12.78 -13.23
C THR A 95 -32.63 -13.05 -13.75
N GLY A 96 -33.54 -12.12 -13.49
CA GLY A 96 -34.91 -12.27 -13.93
C GLY A 96 -35.92 -11.92 -12.84
N PHE A 97 -36.42 -10.69 -12.89
CA PHE A 97 -37.38 -10.23 -11.90
C PHE A 97 -37.96 -8.87 -12.29
N SER B 1 -20.68 9.86 22.28
CA SER B 1 -19.29 10.28 22.16
C SER B 1 -18.43 9.63 23.24
N MET B 2 -17.36 8.97 22.82
CA MET B 2 -16.45 8.31 23.77
C MET B 2 -15.44 9.30 24.32
N SER B 3 -15.91 10.19 25.19
CA SER B 3 -15.04 11.21 25.79
C SER B 3 -14.94 11.00 27.30
N GLN B 4 -15.96 10.36 27.87
CA GLN B 4 -15.99 10.11 29.31
C GLN B 4 -15.34 8.77 29.64
N ILE B 5 -14.67 8.18 28.65
CA ILE B 5 -13.99 6.91 28.83
C ILE B 5 -12.67 7.08 29.56
N MET B 6 -11.71 7.69 28.88
CA MET B 6 -10.38 7.92 29.47
C MET B 6 -9.64 9.01 28.70
N TYR B 7 -10.29 10.13 28.47
CA TYR B 7 -9.69 11.24 27.74
C TYR B 7 -9.70 12.51 28.58
N ASN B 8 -9.00 12.48 29.71
CA ASN B 8 -8.94 13.64 30.60
C ASN B 8 -8.42 14.86 29.86
N TYR B 9 -7.39 14.66 29.04
CA TYR B 9 -6.80 15.75 28.27
C TYR B 9 -6.66 15.38 26.80
N PRO B 10 -6.51 16.40 25.94
CA PRO B 10 -6.37 16.20 24.50
C PRO B 10 -5.02 15.57 24.13
N ALA B 11 -4.06 15.65 25.05
CA ALA B 11 -2.75 15.09 24.82
C ALA B 11 -2.82 13.61 24.48
N MET B 12 -3.80 12.92 25.07
CA MET B 12 -4.00 11.50 24.82
C MET B 12 -4.54 11.26 23.42
N LEU B 13 -5.58 11.99 23.07
CA LEU B 13 -6.20 11.86 21.74
C LEU B 13 -5.28 12.40 20.66
N GLY B 14 -4.70 11.49 19.89
CA GLY B 14 -3.81 11.88 18.81
C GLY B 14 -2.34 11.73 19.19
N HIS B 15 -1.46 11.80 18.19
CA HIS B 15 -0.03 11.66 18.43
C HIS B 15 0.76 12.18 17.23
N ALA B 16 2.09 12.13 17.34
CA ALA B 16 2.96 12.59 16.26
C ALA B 16 4.33 11.94 16.36
N GLY B 17 5.16 12.17 15.33
CA GLY B 17 6.49 11.58 15.32
C GLY B 17 7.11 11.61 13.95
N ASP B 18 8.07 10.71 13.72
CA ASP B 18 8.75 10.63 12.43
C ASP B 18 8.47 9.30 11.75
N MET B 19 7.29 8.74 12.01
CA MET B 19 6.91 7.46 11.42
C MET B 19 6.41 7.64 9.99
N ALA B 20 5.87 8.83 9.70
CA ALA B 20 5.36 9.13 8.38
C ALA B 20 6.46 9.03 7.33
N GLY B 21 7.68 9.35 7.74
CA GLY B 21 8.81 9.29 6.83
C GLY B 21 8.97 7.93 6.18
N TYR B 22 8.85 6.88 6.98
CA TYR B 22 8.98 5.52 6.48
C TYR B 22 7.92 5.21 5.43
N ALA B 23 6.71 5.74 5.64
CA ALA B 23 5.61 5.53 4.71
C ALA B 23 5.95 6.08 3.33
N GLY B 24 6.72 7.17 3.31
CA GLY B 24 7.09 7.78 2.04
C GLY B 24 7.79 6.80 1.11
N THR B 25 8.59 5.91 1.69
CA THR B 25 9.32 4.93 0.90
C THR B 25 8.37 4.09 0.04
N LEU B 26 7.26 3.66 0.64
CA LEU B 26 6.28 2.86 -0.07
C LEU B 26 5.86 3.54 -1.38
N GLN B 27 5.70 4.86 -1.32
CA GLN B 27 5.32 5.62 -2.50
C GLN B 27 6.22 5.33 -3.67
N SER B 28 7.53 5.42 -3.44
CA SER B 28 8.51 5.16 -4.50
C SER B 28 8.66 3.66 -4.74
N LEU B 29 8.45 2.87 -3.70
CA LEU B 29 8.56 1.42 -3.80
C LEU B 29 7.67 0.89 -4.92
N GLY B 30 6.39 1.26 -4.88
CA GLY B 30 5.46 0.81 -5.90
C GLY B 30 5.81 1.33 -7.28
N ALA B 31 6.29 2.57 -7.34
CA ALA B 31 6.67 3.19 -8.61
C ALA B 31 7.65 2.31 -9.37
N GLU B 32 8.55 1.65 -8.64
CA GLU B 32 9.54 0.78 -9.25
C GLU B 32 8.86 -0.35 -10.03
N ILE B 33 7.73 -0.82 -9.52
CA ILE B 33 6.99 -1.89 -10.17
C ILE B 33 6.30 -1.41 -11.43
N ALA B 34 5.76 -0.18 -11.37
CA ALA B 34 5.07 0.40 -12.50
C ALA B 34 6.05 0.74 -13.62
N VAL B 35 7.29 1.06 -13.25
CA VAL B 35 8.32 1.40 -14.23
C VAL B 35 8.83 0.17 -14.95
N GLU B 36 8.82 -0.97 -14.25
CA GLU B 36 9.29 -2.22 -14.83
C GLU B 36 8.28 -2.76 -15.83
N GLN B 37 7.02 -2.87 -15.41
CA GLN B 37 5.96 -3.37 -16.29
C GLN B 37 5.80 -2.48 -17.51
N ALA B 38 6.11 -1.20 -17.35
CA ALA B 38 6.00 -0.24 -18.45
C ALA B 38 6.99 -0.57 -19.56
N ALA B 39 8.09 -1.22 -19.19
CA ALA B 39 9.12 -1.59 -20.16
C ALA B 39 8.72 -2.83 -20.95
N LEU B 40 7.86 -3.65 -20.35
CA LEU B 40 7.39 -4.87 -20.99
C LEU B 40 5.95 -4.71 -21.49
N GLN B 41 5.57 -3.47 -21.79
CA GLN B 41 4.23 -3.19 -22.28
C GLN B 41 3.89 -4.06 -23.48
N SER B 42 4.84 -4.19 -24.39
CA SER B 42 4.64 -4.99 -25.59
C SER B 42 4.38 -6.45 -25.23
N ALA B 43 4.89 -6.88 -24.08
CA ALA B 43 4.71 -8.24 -23.62
C ALA B 43 3.31 -8.46 -23.07
N TRP B 44 2.75 -7.42 -22.48
CA TRP B 44 1.40 -7.50 -21.91
C TRP B 44 0.41 -8.03 -22.94
N GLN B 45 -0.45 -8.94 -22.50
CA GLN B 45 -1.45 -9.53 -23.39
C GLN B 45 -2.68 -8.64 -23.48
N GLY B 46 -3.44 -8.56 -22.39
CA GLY B 46 -4.63 -7.74 -22.37
C GLY B 46 -5.90 -8.56 -22.52
N ASP B 47 -5.76 -9.76 -23.05
CA ASP B 47 -6.91 -10.65 -23.25
C ASP B 47 -7.04 -11.63 -22.09
N THR B 48 -6.55 -11.23 -20.92
CA THR B 48 -6.61 -12.07 -19.73
C THR B 48 -7.40 -11.39 -18.62
N GLY B 49 -7.34 -10.07 -18.59
CA GLY B 49 -8.05 -9.32 -17.56
C GLY B 49 -7.73 -7.84 -17.61
N ILE B 50 -6.82 -7.40 -16.73
CA ILE B 50 -6.42 -6.01 -16.67
C ILE B 50 -5.55 -5.63 -17.86
N THR B 51 -5.71 -4.40 -18.34
CA THR B 51 -4.94 -3.91 -19.48
C THR B 51 -3.81 -3.00 -19.02
N TYR B 52 -2.99 -2.57 -19.98
CA TYR B 52 -1.87 -1.69 -19.67
C TYR B 52 -2.35 -0.32 -19.19
N GLN B 53 -3.42 0.17 -19.81
CA GLN B 53 -3.99 1.46 -19.46
C GLN B 53 -4.72 1.38 -18.12
N ALA B 54 -5.44 0.29 -17.90
CA ALA B 54 -6.19 0.09 -16.67
C ALA B 54 -5.25 -0.18 -15.50
N TRP B 55 -4.26 -1.04 -15.73
CA TRP B 55 -3.30 -1.39 -14.70
C TRP B 55 -2.55 -0.16 -14.20
N GLN B 56 -2.16 0.71 -15.14
CA GLN B 56 -1.44 1.93 -14.80
C GLN B 56 -2.25 2.79 -13.85
N ALA B 57 -3.47 3.13 -14.26
CA ALA B 57 -4.34 3.96 -13.44
C ALA B 57 -4.69 3.27 -12.13
N GLN B 58 -5.08 2.00 -12.22
CA GLN B 58 -5.44 1.22 -11.04
C GLN B 58 -4.29 1.20 -10.04
N TRP B 59 -3.11 0.83 -10.50
CA TRP B 59 -1.93 0.77 -9.63
C TRP B 59 -1.75 2.08 -8.88
N ASN B 60 -1.72 3.18 -9.63
CA ASN B 60 -1.54 4.51 -9.03
C ASN B 60 -2.55 4.73 -7.90
N GLN B 61 -3.82 4.51 -8.20
CA GLN B 61 -4.87 4.68 -7.21
C GLN B 61 -4.57 3.88 -5.95
N ALA B 62 -4.19 2.62 -6.13
CA ALA B 62 -3.88 1.74 -5.01
C ALA B 62 -2.78 2.35 -4.13
N MET B 63 -1.66 2.69 -4.74
CA MET B 63 -0.54 3.29 -4.02
C MET B 63 -0.99 4.49 -3.21
N GLU B 64 -1.63 5.44 -3.87
CA GLU B 64 -2.12 6.64 -3.21
C GLU B 64 -2.97 6.29 -2.00
N ASP B 65 -3.69 5.18 -2.08
CA ASP B 65 -4.54 4.72 -0.99
C ASP B 65 -3.70 4.22 0.18
N LEU B 66 -2.71 3.39 -0.12
CA LEU B 66 -1.84 2.82 0.90
C LEU B 66 -1.13 3.94 1.67
N VAL B 67 -0.65 4.94 0.95
CA VAL B 67 0.04 6.06 1.56
C VAL B 67 -0.88 6.82 2.51
N ARG B 68 -2.11 7.06 2.08
CA ARG B 68 -3.08 7.78 2.90
C ARG B 68 -3.54 6.93 4.08
N ALA B 69 -3.62 5.62 3.86
CA ALA B 69 -4.04 4.70 4.90
C ALA B 69 -3.14 4.82 6.14
N TYR B 70 -1.85 5.06 5.90
CA TYR B 70 -0.90 5.19 6.98
C TYR B 70 -1.09 6.51 7.73
N HIS B 71 -1.01 7.61 7.00
CA HIS B 71 -1.17 8.94 7.59
C HIS B 71 -2.56 9.08 8.20
N ALA B 72 -3.47 8.21 7.79
CA ALA B 72 -4.85 8.25 8.29
C ALA B 72 -4.87 8.25 9.82
N MET B 73 -4.11 7.34 10.41
CA MET B 73 -4.04 7.23 11.87
C MET B 73 -3.64 8.56 12.49
N SER B 74 -2.84 9.34 11.77
CA SER B 74 -2.39 10.64 12.26
C SER B 74 -3.50 11.67 12.14
N SER B 75 -4.43 11.43 11.22
CA SER B 75 -5.54 12.34 11.00
C SER B 75 -6.32 12.57 12.29
N THR B 76 -6.24 11.61 13.20
CA THR B 76 -6.94 11.70 14.48
C THR B 76 -6.45 12.90 15.29
N HIS B 77 -5.29 13.42 14.92
CA HIS B 77 -4.72 14.57 15.61
C HIS B 77 -5.70 15.74 15.64
N GLU B 78 -6.60 15.77 14.67
CA GLU B 78 -7.60 16.84 14.57
C GLU B 78 -8.34 16.99 15.89
N ALA B 79 -8.47 15.89 16.63
CA ALA B 79 -9.16 15.91 17.91
C ALA B 79 -8.62 17.00 18.81
N ASN B 80 -7.33 17.32 18.65
CA ASN B 80 -6.68 18.34 19.45
C ASN B 80 -7.42 19.68 19.32
N THR B 81 -7.58 20.14 18.08
CA THR B 81 -8.27 21.40 17.82
C THR B 81 -9.78 21.26 18.02
N MET B 82 -10.28 20.05 17.81
CA MET B 82 -11.71 19.78 17.97
C MET B 82 -12.21 20.27 19.33
N ALA B 83 -11.33 20.26 20.31
CA ALA B 83 -11.68 20.69 21.67
C ALA B 83 -12.22 22.12 21.64
N MET B 84 -11.42 23.05 21.13
CA MET B 84 -11.82 24.44 21.06
C MET B 84 -13.17 24.59 20.36
N MET B 85 -14.17 25.06 21.10
CA MET B 85 -15.51 25.24 20.55
C MET B 85 -15.55 26.46 19.63
N ALA B 86 -14.72 27.46 19.93
CA ALA B 86 -14.67 28.66 19.12
C ALA B 86 -14.33 28.35 17.67
N ARG B 87 -13.43 27.40 17.47
CA ARG B 87 -13.01 27.00 16.13
C ARG B 87 -14.06 26.10 15.48
N ASP B 88 -14.78 25.34 16.30
CA ASP B 88 -15.81 24.44 15.81
C ASP B 88 -17.15 25.16 15.71
N THR B 89 -17.62 25.37 14.48
CA THR B 89 -18.88 26.05 14.25
C THR B 89 -19.76 25.26 13.29
N ALA B 90 -19.40 25.26 12.01
CA ALA B 90 -20.16 24.53 11.00
C ALA B 90 -20.21 23.05 11.31
N GLU B 91 -19.22 22.56 12.06
CA GLU B 91 -19.15 21.16 12.43
C GLU B 91 -20.18 20.83 13.53
N ALA B 92 -20.03 21.50 14.68
CA ALA B 92 -20.95 21.28 15.79
C ALA B 92 -22.36 21.71 15.44
N ALA B 93 -22.47 22.64 14.48
CA ALA B 93 -23.77 23.13 14.05
C ALA B 93 -24.37 22.25 12.98
N LYS B 94 -23.51 21.53 12.26
CA LYS B 94 -23.97 20.65 11.19
C LYS B 94 -24.90 19.58 11.74
N TRP B 95 -25.39 18.71 10.85
CA TRP B 95 -26.30 17.64 11.25
C TRP B 95 -25.53 16.36 11.55
N GLY B 96 -26.24 15.37 12.10
CA GLY B 96 -25.61 14.12 12.43
C GLY B 96 -26.62 12.99 12.63
N GLY B 97 -27.15 12.89 13.84
CA GLY B 97 -28.12 11.86 14.13
C GLY B 97 -29.55 12.36 14.08
N MET A 1 27.13 14.30 -17.10
CA MET A 1 27.24 12.85 -17.25
C MET A 1 26.05 12.14 -16.59
N SER A 2 25.90 10.86 -16.89
CA SER A 2 24.81 10.07 -16.33
C SER A 2 24.90 8.62 -16.77
N LEU A 3 25.20 7.74 -15.83
CA LEU A 3 25.33 6.31 -16.13
C LEU A 3 24.18 5.52 -15.51
N LEU A 4 23.07 5.44 -16.22
CA LEU A 4 21.89 4.72 -15.75
C LEU A 4 21.86 3.30 -16.32
N ASP A 5 22.18 3.18 -17.60
CA ASP A 5 22.18 1.88 -18.27
C ASP A 5 23.50 1.66 -19.02
N ALA A 6 24.60 2.10 -18.41
CA ALA A 6 25.91 1.95 -19.03
C ALA A 6 26.79 1.01 -18.20
N HIS A 7 26.69 1.12 -16.88
CA HIS A 7 27.48 0.28 -15.97
C HIS A 7 26.58 -0.39 -14.94
N ILE A 8 25.71 -1.27 -15.41
CA ILE A 8 24.80 -1.98 -14.52
C ILE A 8 25.00 -3.49 -14.63
N PRO A 9 24.69 -4.21 -13.53
CA PRO A 9 24.83 -5.66 -13.48
C PRO A 9 23.80 -6.38 -14.35
N GLN A 10 24.04 -6.38 -15.66
CA GLN A 10 23.14 -7.02 -16.60
C GLN A 10 23.31 -8.54 -16.57
N LEU A 11 22.40 -9.25 -17.22
CA LEU A 11 22.45 -10.70 -17.27
C LEU A 11 22.31 -11.29 -15.86
N VAL A 12 21.80 -10.48 -14.94
CA VAL A 12 21.61 -10.93 -13.56
C VAL A 12 20.13 -11.01 -13.20
N ALA A 13 19.41 -9.93 -13.43
CA ALA A 13 17.98 -9.88 -13.15
C ALA A 13 17.16 -10.06 -14.41
N SER A 14 17.73 -10.75 -15.40
CA SER A 14 17.05 -10.98 -16.67
C SER A 14 16.01 -12.08 -16.53
N GLN A 15 16.32 -13.09 -15.72
CA GLN A 15 15.41 -14.20 -15.50
C GLN A 15 14.08 -13.71 -14.93
N SER A 16 14.15 -12.83 -13.95
CA SER A 16 12.94 -12.29 -13.32
C SER A 16 13.29 -11.09 -12.44
N ALA A 17 13.00 -9.89 -12.94
CA ALA A 17 13.27 -8.66 -12.20
C ALA A 17 12.01 -8.15 -11.51
N PHE A 18 10.85 -8.49 -12.07
CA PHE A 18 9.58 -8.06 -11.51
C PHE A 18 9.36 -8.67 -10.13
N ALA A 19 9.49 -9.99 -10.05
CA ALA A 19 9.31 -10.70 -8.79
C ALA A 19 10.16 -10.09 -7.69
N ALA A 20 11.38 -9.67 -8.05
CA ALA A 20 12.29 -9.07 -7.07
C ALA A 20 11.68 -7.80 -6.47
N LYS A 21 11.03 -7.01 -7.31
CA LYS A 21 10.40 -5.77 -6.86
C LYS A 21 9.13 -6.05 -6.08
N ALA A 22 8.31 -6.97 -6.60
CA ALA A 22 7.07 -7.34 -5.94
C ALA A 22 7.31 -7.87 -4.54
N GLY A 23 8.31 -8.74 -4.39
CA GLY A 23 8.63 -9.29 -3.10
C GLY A 23 9.06 -8.24 -2.10
N LEU A 24 9.64 -7.15 -2.60
CA LEU A 24 10.10 -6.07 -1.75
C LEU A 24 8.93 -5.19 -1.30
N MET A 25 7.88 -5.17 -2.10
CA MET A 25 6.70 -4.38 -1.78
C MET A 25 6.09 -4.81 -0.45
N ARG A 26 5.72 -6.09 -0.36
CA ARG A 26 5.12 -6.63 0.86
C ARG A 26 6.06 -6.42 2.06
N HIS A 27 7.36 -6.32 1.78
CA HIS A 27 8.34 -6.12 2.82
C HIS A 27 8.24 -4.71 3.41
N THR A 28 7.84 -3.76 2.59
CA THR A 28 7.69 -2.38 3.02
C THR A 28 6.55 -2.23 4.01
N ILE A 29 5.42 -2.89 3.70
CA ILE A 29 4.25 -2.82 4.56
C ILE A 29 4.46 -3.64 5.84
N GLY A 30 4.92 -4.88 5.68
CA GLY A 30 5.15 -5.73 6.82
C GLY A 30 6.05 -5.09 7.86
N GLN A 31 7.16 -4.52 7.39
CA GLN A 31 8.12 -3.85 8.28
C GLN A 31 7.56 -2.53 8.80
N ALA A 32 6.78 -1.85 7.96
CA ALA A 32 6.18 -0.58 8.35
C ALA A 32 5.18 -0.76 9.48
N GLU A 33 4.29 -1.74 9.34
CA GLU A 33 3.28 -2.01 10.35
C GLU A 33 3.93 -2.38 11.67
N GLN A 34 4.92 -3.26 11.62
CA GLN A 34 5.62 -3.69 12.82
C GLN A 34 6.11 -2.50 13.63
N ALA A 35 6.49 -1.43 12.93
CA ALA A 35 6.97 -0.22 13.58
C ALA A 35 5.88 0.44 14.40
N ALA A 36 4.67 0.45 13.85
CA ALA A 36 3.52 1.05 14.54
C ALA A 36 3.29 0.41 15.89
N MET A 37 2.95 -0.87 15.88
CA MET A 37 2.70 -1.61 17.12
C MET A 37 3.92 -1.58 18.03
N SER A 38 5.10 -1.46 17.42
CA SER A 38 6.35 -1.43 18.17
C SER A 38 6.41 -0.19 19.06
N ALA A 39 6.41 0.98 18.43
CA ALA A 39 6.47 2.24 19.17
C ALA A 39 5.18 2.49 19.94
N GLN A 40 4.09 1.89 19.47
CA GLN A 40 2.79 2.04 20.12
C GLN A 40 2.63 1.04 21.25
N ALA A 41 3.59 0.12 21.37
CA ALA A 41 3.55 -0.89 22.42
C ALA A 41 3.67 -0.26 23.80
N PHE A 42 4.25 0.94 23.85
CA PHE A 42 4.43 1.66 25.11
C PHE A 42 3.11 1.74 25.88
N HIS A 43 3.18 1.49 27.18
CA HIS A 43 1.99 1.54 28.03
C HIS A 43 0.87 0.67 27.45
N GLN A 44 1.20 -0.58 27.16
CA GLN A 44 0.22 -1.51 26.59
C GLN A 44 -0.89 -1.80 27.59
N GLY A 45 -2.13 -1.61 27.15
CA GLY A 45 -3.27 -1.85 28.02
C GLY A 45 -4.41 -0.89 27.76
N GLU A 46 -4.68 -0.60 26.49
CA GLU A 46 -5.74 0.31 26.11
C GLU A 46 -5.96 0.29 24.60
N SER A 47 -7.19 0.00 24.19
CA SER A 47 -7.54 -0.06 22.78
C SER A 47 -7.69 1.34 22.20
N SER A 48 -7.98 1.41 20.91
CA SER A 48 -8.15 2.70 20.23
C SER A 48 -9.03 2.56 19.00
N ALA A 49 -10.03 3.42 18.88
CA ALA A 49 -10.95 3.38 17.75
C ALA A 49 -10.36 4.11 16.54
N ALA A 50 -9.71 5.24 16.80
CA ALA A 50 -9.11 6.03 15.73
C ALA A 50 -8.05 5.21 14.99
N PHE A 51 -7.14 4.59 15.74
CA PHE A 51 -6.08 3.78 15.15
C PHE A 51 -6.66 2.64 14.32
N GLN A 52 -7.80 2.11 14.77
CA GLN A 52 -8.46 1.02 14.07
C GLN A 52 -8.90 1.45 12.68
N ALA A 53 -9.67 2.53 12.63
CA ALA A 53 -10.17 3.05 11.36
C ALA A 53 -9.03 3.23 10.35
N ALA A 54 -7.97 3.88 10.79
CA ALA A 54 -6.82 4.11 9.92
C ALA A 54 -6.11 2.81 9.59
N HIS A 55 -6.02 1.92 10.58
CA HIS A 55 -5.36 0.63 10.39
C HIS A 55 -6.11 -0.22 9.34
N ALA A 56 -7.44 -0.10 9.35
CA ALA A 56 -8.27 -0.85 8.41
C ALA A 56 -8.14 -0.29 7.00
N ARG A 57 -7.90 1.02 6.90
CA ARG A 57 -7.76 1.68 5.61
C ARG A 57 -6.54 1.15 4.87
N PHE A 58 -5.45 0.94 5.60
CA PHE A 58 -4.22 0.44 4.99
C PHE A 58 -4.41 -0.97 4.44
N VAL A 59 -4.89 -1.88 5.29
CA VAL A 59 -5.13 -3.26 4.88
C VAL A 59 -6.12 -3.32 3.74
N ALA A 60 -7.08 -2.40 3.73
CA ALA A 60 -8.10 -2.36 2.68
C ALA A 60 -7.48 -2.01 1.33
N ALA A 61 -6.49 -1.13 1.34
CA ALA A 61 -5.82 -0.72 0.11
C ALA A 61 -4.80 -1.77 -0.33
N ALA A 62 -4.12 -2.37 0.64
CA ALA A 62 -3.12 -3.39 0.35
C ALA A 62 -3.70 -4.50 -0.52
N ALA A 63 -4.97 -4.82 -0.29
CA ALA A 63 -5.64 -5.86 -1.05
C ALA A 63 -5.59 -5.58 -2.54
N LYS A 64 -5.67 -4.30 -2.90
CA LYS A 64 -5.64 -3.88 -4.29
C LYS A 64 -4.22 -3.99 -4.85
N VAL A 65 -3.25 -3.45 -4.11
CA VAL A 65 -1.86 -3.48 -4.53
C VAL A 65 -1.40 -4.92 -4.78
N ASN A 66 -1.88 -5.83 -3.95
CA ASN A 66 -1.50 -7.24 -4.08
C ASN A 66 -2.17 -7.87 -5.30
N THR A 67 -3.45 -7.56 -5.49
CA THR A 67 -4.19 -8.10 -6.63
C THR A 67 -3.57 -7.67 -7.95
N LEU A 68 -3.02 -6.46 -7.98
CA LEU A 68 -2.38 -5.94 -9.18
C LEU A 68 -1.00 -6.56 -9.39
N LEU A 69 -0.39 -6.99 -8.29
CA LEU A 69 0.93 -7.61 -8.35
C LEU A 69 0.84 -9.01 -8.95
N ASP A 70 -0.29 -9.67 -8.76
CA ASP A 70 -0.50 -11.01 -9.29
C ASP A 70 -0.82 -10.96 -10.78
N VAL A 71 -1.77 -10.11 -11.15
CA VAL A 71 -2.17 -9.96 -12.53
C VAL A 71 -1.01 -9.50 -13.40
N ALA A 72 -0.14 -8.68 -12.82
CA ALA A 72 1.02 -8.17 -13.54
C ALA A 72 1.97 -9.29 -13.94
N GLN A 73 2.32 -10.14 -12.96
CA GLN A 73 3.22 -11.25 -13.21
C GLN A 73 2.54 -12.33 -14.05
N ALA A 74 1.24 -12.49 -13.84
CA ALA A 74 0.46 -13.49 -14.58
C ALA A 74 0.28 -13.08 -16.04
N ASN A 75 0.10 -11.78 -16.26
CA ASN A 75 -0.08 -11.25 -17.61
C ASN A 75 1.25 -11.08 -18.32
N LEU A 76 2.27 -10.66 -17.56
CA LEU A 76 3.60 -10.45 -18.12
C LEU A 76 4.31 -11.79 -18.32
N GLY A 77 3.97 -12.76 -17.48
CA GLY A 77 4.60 -14.07 -17.59
C GLY A 77 6.02 -14.08 -17.07
N GLU A 78 6.94 -13.51 -17.85
CA GLU A 78 8.34 -13.46 -17.47
C GLU A 78 8.50 -12.88 -16.07
N ALA A 79 7.64 -11.92 -15.73
CA ALA A 79 7.69 -11.28 -14.41
C ALA A 79 7.63 -12.31 -13.30
N ALA A 80 7.00 -13.46 -13.58
CA ALA A 80 6.88 -14.52 -12.61
C ALA A 80 7.80 -15.69 -12.95
N GLY A 81 7.53 -16.34 -14.08
CA GLY A 81 8.34 -17.47 -14.51
C GLY A 81 7.55 -18.49 -15.29
N THR A 82 8.20 -19.14 -16.25
CA THR A 82 7.54 -20.14 -17.08
C THR A 82 6.44 -19.52 -17.93
N TYR A 83 6.69 -19.42 -19.22
CA TYR A 83 5.71 -18.85 -20.14
C TYR A 83 4.69 -19.90 -20.58
N VAL A 84 3.59 -19.44 -21.19
CA VAL A 84 2.55 -20.33 -21.66
C VAL A 84 2.99 -21.09 -22.90
N ALA A 85 3.65 -22.24 -22.68
CA ALA A 85 4.13 -23.06 -23.78
C ALA A 85 3.06 -24.06 -24.23
N ALA A 86 2.01 -23.54 -24.86
CA ALA A 86 0.92 -24.39 -25.34
C ALA A 86 0.86 -24.41 -26.86
N ASP A 87 1.21 -23.28 -27.47
CA ASP A 87 1.21 -23.17 -28.92
C ASP A 87 2.57 -22.74 -29.45
N ALA A 88 2.80 -22.95 -30.74
CA ALA A 88 4.07 -22.59 -31.36
C ALA A 88 4.04 -22.84 -32.86
N ALA A 89 3.35 -23.90 -33.26
CA ALA A 89 3.24 -24.25 -34.68
C ALA A 89 2.49 -23.17 -35.45
N ALA A 90 1.62 -22.45 -34.76
CA ALA A 90 0.85 -21.38 -35.39
C ALA A 90 1.65 -20.09 -35.48
N ALA A 91 2.56 -19.90 -34.53
CA ALA A 91 3.40 -18.71 -34.51
C ALA A 91 4.57 -18.85 -35.48
N SER A 92 4.96 -20.09 -35.77
CA SER A 92 6.06 -20.36 -36.67
C SER A 92 5.87 -19.64 -38.00
N THR A 93 6.91 -19.62 -38.82
CA THR A 93 6.85 -18.97 -40.13
C THR A 93 7.14 -19.95 -41.26
N TYR A 94 6.76 -19.57 -42.47
CA TYR A 94 6.98 -20.42 -43.63
C TYR A 94 8.25 -20.03 -44.37
N THR A 95 9.03 -21.03 -44.77
CA THR A 95 10.28 -20.80 -45.48
C THR A 95 10.45 -21.78 -46.64
N GLY A 96 11.51 -21.60 -47.41
CA GLY A 96 11.77 -22.47 -48.54
C GLY A 96 13.00 -22.05 -49.33
N PHE A 97 13.20 -20.75 -49.46
CA PHE A 97 14.34 -20.22 -50.20
C PHE A 97 14.79 -18.88 -49.62
N SER B 1 11.40 12.46 25.79
CA SER B 1 10.06 12.73 25.28
C SER B 1 9.66 14.18 25.54
N MET B 2 8.56 14.59 24.89
CA MET B 2 8.07 15.96 25.05
C MET B 2 6.64 15.95 25.57
N SER B 3 6.47 15.61 26.85
CA SER B 3 5.15 15.57 27.46
C SER B 3 5.04 16.60 28.58
N GLN B 4 6.18 16.98 29.14
CA GLN B 4 6.21 17.95 30.22
C GLN B 4 6.35 19.37 29.68
N ILE B 5 6.19 19.51 28.36
CA ILE B 5 6.29 20.81 27.71
C ILE B 5 5.02 21.62 27.90
N MET B 6 3.94 21.18 27.25
CA MET B 6 2.66 21.86 27.36
C MET B 6 1.52 20.95 26.92
N TYR B 7 1.50 19.75 27.46
CA TYR B 7 0.46 18.78 27.12
C TYR B 7 -0.28 18.31 28.38
N ASN B 8 -1.43 17.68 28.17
CA ASN B 8 -2.23 17.18 29.27
C ASN B 8 -2.30 15.65 29.27
N TYR B 9 -2.93 15.10 28.24
CA TYR B 9 -3.08 13.65 28.12
C TYR B 9 -2.61 13.18 26.74
N PRO B 10 -1.33 12.79 26.65
CA PRO B 10 -0.75 12.30 25.39
C PRO B 10 -1.30 10.94 24.97
N ALA B 11 -1.90 10.23 25.93
CA ALA B 11 -2.47 8.93 25.66
C ALA B 11 -3.48 9.00 24.52
N MET B 12 -4.22 10.09 24.45
CA MET B 12 -5.22 10.28 23.41
C MET B 12 -4.60 10.94 22.18
N LEU B 13 -3.56 11.73 22.40
CA LEU B 13 -2.88 12.42 21.31
C LEU B 13 -1.43 11.96 21.18
N GLY B 14 -1.17 11.11 20.19
CA GLY B 14 0.19 10.61 19.99
C GLY B 14 0.20 9.15 19.60
N HIS B 15 0.18 8.88 18.30
CA HIS B 15 0.19 7.51 17.80
C HIS B 15 1.53 7.19 17.14
N ALA B 16 2.06 8.15 16.39
CA ALA B 16 3.33 7.97 15.70
C ALA B 16 4.24 9.17 15.91
N GLY B 17 3.94 10.26 15.23
CA GLY B 17 4.76 11.46 15.35
C GLY B 17 5.59 11.73 14.12
N ASP B 18 6.38 10.74 13.72
CA ASP B 18 7.24 10.87 12.54
C ASP B 18 7.39 9.54 11.82
N MET B 19 6.39 8.67 11.98
CA MET B 19 6.42 7.36 11.35
C MET B 19 5.95 7.45 9.90
N ALA B 20 5.14 8.45 9.60
CA ALA B 20 4.63 8.66 8.25
C ALA B 20 5.76 8.67 7.23
N GLY B 21 6.92 9.13 7.65
CA GLY B 21 8.07 9.19 6.76
C GLY B 21 8.36 7.86 6.10
N TYR B 22 8.11 6.77 6.83
CA TYR B 22 8.35 5.43 6.32
C TYR B 22 7.32 5.06 5.25
N ALA B 23 6.07 5.43 5.51
CA ALA B 23 4.99 5.13 4.58
C ALA B 23 5.34 5.60 3.17
N GLY B 24 6.08 6.71 3.09
CA GLY B 24 6.47 7.25 1.79
C GLY B 24 7.18 6.23 0.92
N THR B 25 7.79 5.23 1.57
CA THR B 25 8.51 4.19 0.85
C THR B 25 7.61 3.50 -0.17
N LEU B 26 6.36 3.28 0.22
CA LEU B 26 5.39 2.62 -0.67
C LEU B 26 5.18 3.43 -1.94
N GLN B 27 5.21 4.75 -1.81
CA GLN B 27 5.02 5.65 -2.95
C GLN B 27 6.19 5.54 -3.92
N SER B 28 7.41 5.69 -3.39
CA SER B 28 8.61 5.61 -4.22
C SER B 28 8.77 4.21 -4.81
N LEU B 29 8.74 3.20 -3.94
CA LEU B 29 8.88 1.82 -4.37
C LEU B 29 7.77 1.43 -5.34
N GLY B 30 6.57 1.93 -5.08
CA GLY B 30 5.44 1.62 -5.94
C GLY B 30 5.72 1.92 -7.40
N ALA B 31 6.28 3.09 -7.67
CA ALA B 31 6.61 3.49 -9.04
C ALA B 31 7.55 2.48 -9.69
N GLU B 32 8.44 1.89 -8.89
CA GLU B 32 9.38 0.91 -9.40
C GLU B 32 8.66 -0.24 -10.10
N ILE B 33 7.56 -0.69 -9.50
CA ILE B 33 6.78 -1.78 -10.07
C ILE B 33 6.00 -1.32 -11.29
N ALA B 34 5.58 -0.05 -11.28
CA ALA B 34 4.83 0.52 -12.39
C ALA B 34 5.67 0.61 -13.64
N VAL B 35 6.84 1.23 -13.52
CA VAL B 35 7.75 1.39 -14.65
C VAL B 35 8.11 0.04 -15.25
N GLU B 36 8.14 -1.00 -14.42
CA GLU B 36 8.45 -2.34 -14.88
C GLU B 36 7.39 -2.85 -15.86
N GLN B 37 6.13 -2.64 -15.50
CA GLN B 37 5.02 -3.09 -16.34
C GLN B 37 5.08 -2.42 -17.71
N ALA B 38 5.43 -1.14 -17.73
CA ALA B 38 5.52 -0.38 -18.97
C ALA B 38 6.67 -0.89 -19.83
N ALA B 39 7.67 -1.49 -19.19
CA ALA B 39 8.83 -2.02 -19.90
C ALA B 39 8.51 -3.36 -20.55
N LEU B 40 7.49 -4.03 -20.05
CA LEU B 40 7.08 -5.32 -20.58
C LEU B 40 5.66 -5.26 -21.14
N GLN B 41 5.31 -4.12 -21.72
CA GLN B 41 3.98 -3.93 -22.29
C GLN B 41 3.66 -5.04 -23.29
N SER B 42 4.55 -5.24 -24.25
CA SER B 42 4.36 -6.25 -25.28
C SER B 42 4.15 -7.62 -24.64
N ALA B 43 4.67 -7.80 -23.43
CA ALA B 43 4.53 -9.06 -22.72
C ALA B 43 3.11 -9.28 -22.24
N TRP B 44 2.40 -8.18 -21.98
CA TRP B 44 1.02 -8.25 -21.52
C TRP B 44 0.13 -8.89 -22.57
N GLN B 45 -0.80 -9.72 -22.11
CA GLN B 45 -1.72 -10.41 -23.02
C GLN B 45 -3.00 -9.60 -23.21
N GLY B 46 -3.80 -9.50 -22.16
CA GLY B 46 -5.04 -8.75 -22.23
C GLY B 46 -6.26 -9.66 -22.18
N ASP B 47 -6.06 -10.93 -22.49
CA ASP B 47 -7.16 -11.90 -22.47
C ASP B 47 -7.17 -12.67 -21.16
N THR B 48 -6.65 -12.06 -20.10
CA THR B 48 -6.60 -12.70 -18.79
C THR B 48 -7.36 -11.88 -17.76
N GLY B 49 -7.39 -10.57 -17.94
CA GLY B 49 -8.08 -9.70 -17.01
C GLY B 49 -7.72 -8.23 -17.20
N ILE B 50 -7.08 -7.65 -16.19
CA ILE B 50 -6.68 -6.25 -16.25
C ILE B 50 -5.84 -5.98 -17.49
N THR B 51 -6.02 -4.80 -18.08
CA THR B 51 -5.28 -4.41 -19.26
C THR B 51 -4.07 -3.55 -18.90
N TYR B 52 -3.22 -3.29 -19.88
CA TYR B 52 -2.03 -2.48 -19.67
C TYR B 52 -2.40 -1.06 -19.27
N GLN B 53 -3.43 -0.52 -19.91
CA GLN B 53 -3.89 0.83 -19.63
C GLN B 53 -4.62 0.89 -18.29
N ALA B 54 -5.44 -0.12 -18.02
CA ALA B 54 -6.19 -0.18 -16.76
C ALA B 54 -5.26 -0.40 -15.59
N TRP B 55 -4.31 -1.31 -15.74
CA TRP B 55 -3.36 -1.62 -14.68
C TRP B 55 -2.54 -0.40 -14.30
N GLN B 56 -2.19 0.40 -15.31
CA GLN B 56 -1.40 1.61 -15.08
C GLN B 56 -2.11 2.53 -14.08
N ALA B 57 -3.35 2.89 -14.38
CA ALA B 57 -4.13 3.77 -13.52
C ALA B 57 -4.49 3.06 -12.22
N GLN B 58 -4.90 1.80 -12.33
CA GLN B 58 -5.29 1.01 -11.16
C GLN B 58 -4.16 0.97 -10.14
N TRP B 59 -2.96 0.64 -10.60
CA TRP B 59 -1.80 0.57 -9.73
C TRP B 59 -1.53 1.91 -9.05
N ASN B 60 -1.31 2.94 -9.86
CA ASN B 60 -1.05 4.28 -9.33
C ASN B 60 -2.13 4.70 -8.33
N GLN B 61 -3.39 4.53 -8.73
CA GLN B 61 -4.51 4.89 -7.87
C GLN B 61 -4.49 4.08 -6.58
N ALA B 62 -4.03 2.84 -6.67
CA ALA B 62 -3.95 1.97 -5.51
C ALA B 62 -2.92 2.46 -4.51
N MET B 63 -1.70 2.66 -4.99
CA MET B 63 -0.61 3.15 -4.13
C MET B 63 -0.99 4.47 -3.48
N GLU B 64 -1.57 5.37 -4.27
CA GLU B 64 -1.98 6.68 -3.76
C GLU B 64 -2.83 6.53 -2.51
N ASP B 65 -3.92 5.78 -2.62
CA ASP B 65 -4.82 5.58 -1.50
C ASP B 65 -4.16 4.70 -0.43
N LEU B 66 -3.24 3.84 -0.86
CA LEU B 66 -2.54 2.94 0.06
C LEU B 66 -1.64 3.73 1.01
N VAL B 67 -1.03 4.79 0.48
CA VAL B 67 -0.14 5.64 1.28
C VAL B 67 -0.93 6.47 2.27
N ARG B 68 -1.95 7.17 1.77
CA ARG B 68 -2.79 8.02 2.62
C ARG B 68 -3.32 7.23 3.81
N ALA B 69 -3.60 5.95 3.59
CA ALA B 69 -4.11 5.08 4.65
C ALA B 69 -3.19 5.08 5.86
N TYR B 70 -1.90 5.30 5.61
CA TYR B 70 -0.91 5.31 6.69
C TYR B 70 -0.82 6.70 7.31
N HIS B 71 -0.63 7.72 6.47
CA HIS B 71 -0.52 9.09 6.93
C HIS B 71 -1.75 9.48 7.77
N ALA B 72 -2.87 8.82 7.50
CA ALA B 72 -4.10 9.09 8.22
C ALA B 72 -3.89 8.99 9.73
N MET B 73 -3.27 7.90 10.17
CA MET B 73 -3.01 7.69 11.59
C MET B 73 -1.94 8.65 12.09
N SER B 74 -1.00 9.00 11.22
CA SER B 74 0.07 9.92 11.58
C SER B 74 -0.39 11.37 11.48
N SER B 75 -1.64 11.56 11.10
CA SER B 75 -2.21 12.90 10.95
C SER B 75 -2.11 13.66 12.27
N THR B 76 -2.00 12.93 13.37
CA THR B 76 -1.91 13.54 14.69
C THR B 76 -0.68 14.43 14.80
N HIS B 77 0.28 14.21 13.91
CA HIS B 77 1.52 14.98 13.90
C HIS B 77 1.21 16.48 13.90
N GLU B 78 0.09 16.85 13.31
CA GLU B 78 -0.31 18.26 13.23
C GLU B 78 -0.32 18.88 14.62
N ALA B 79 -0.56 18.06 15.64
CA ALA B 79 -0.60 18.53 17.02
C ALA B 79 0.66 19.33 17.35
N ASN B 80 1.77 19.00 16.70
CA ASN B 80 3.03 19.68 16.94
C ASN B 80 2.94 21.14 16.53
N THR B 81 2.54 21.37 15.28
CA THR B 81 2.41 22.73 14.76
C THR B 81 1.19 23.43 15.33
N MET B 82 0.20 22.64 15.75
CA MET B 82 -1.02 23.18 16.32
C MET B 82 -0.71 24.16 17.45
N ALA B 83 0.41 23.92 18.15
CA ALA B 83 0.82 24.78 19.24
C ALA B 83 0.83 26.25 18.82
N MET B 84 1.10 26.49 17.54
CA MET B 84 1.14 27.85 17.01
C MET B 84 -0.19 28.56 17.22
N MET B 85 -0.12 29.75 17.81
CA MET B 85 -1.33 30.53 18.07
C MET B 85 -1.90 31.10 16.78
N ALA B 86 -1.03 31.29 15.79
CA ALA B 86 -1.45 31.84 14.50
C ALA B 86 -2.62 31.04 13.93
N ARG B 87 -2.37 29.77 13.62
CA ARG B 87 -3.39 28.91 13.06
C ARG B 87 -4.61 28.84 13.97
N ASP B 88 -4.38 29.02 15.27
CA ASP B 88 -5.46 28.99 16.25
C ASP B 88 -5.83 30.39 16.70
N THR B 89 -6.43 31.16 15.79
CA THR B 89 -6.83 32.53 16.09
C THR B 89 -8.32 32.61 16.38
N ALA B 90 -9.10 31.75 15.73
CA ALA B 90 -10.54 31.73 15.92
C ALA B 90 -10.94 30.75 17.01
N GLU B 91 -10.06 29.77 17.26
CA GLU B 91 -10.32 28.77 18.29
C GLU B 91 -10.13 29.34 19.68
N ALA B 92 -8.92 29.81 19.97
CA ALA B 92 -8.60 30.39 21.27
C ALA B 92 -9.44 31.65 21.52
N ALA B 93 -9.88 32.29 20.44
CA ALA B 93 -10.69 33.49 20.55
C ALA B 93 -12.17 33.15 20.67
N LYS B 94 -12.55 31.99 20.16
CA LYS B 94 -13.94 31.55 20.23
C LYS B 94 -14.43 31.49 21.67
N TRP B 95 -15.67 31.92 21.89
CA TRP B 95 -16.25 31.91 23.21
C TRP B 95 -15.45 32.79 24.17
N GLY B 96 -15.86 34.04 24.30
CA GLY B 96 -15.17 34.95 25.19
C GLY B 96 -15.23 36.39 24.71
N GLY B 97 -14.70 37.31 25.51
CA GLY B 97 -14.71 38.71 25.14
C GLY B 97 -15.68 39.52 25.99
N MET A 1 7.43 -15.37 9.90
CA MET A 1 7.23 -15.79 11.28
C MET A 1 8.55 -15.76 12.05
N SER A 2 9.62 -16.23 11.42
CA SER A 2 10.93 -16.26 12.05
C SER A 2 12.04 -16.18 11.00
N LEU A 3 12.75 -15.06 10.99
CA LEU A 3 13.83 -14.86 10.03
C LEU A 3 15.00 -14.11 10.67
N LEU A 4 16.20 -14.66 10.53
CA LEU A 4 17.39 -14.04 11.10
C LEU A 4 18.55 -14.07 10.10
N ASP A 5 18.22 -13.94 8.82
CA ASP A 5 19.24 -13.95 7.77
C ASP A 5 20.08 -15.22 7.85
N ALA A 6 19.47 -16.31 8.30
CA ALA A 6 20.16 -17.58 8.42
C ALA A 6 19.75 -18.54 7.30
N HIS A 7 18.46 -18.86 7.25
CA HIS A 7 17.93 -19.76 6.23
C HIS A 7 16.68 -19.18 5.59
N ILE A 8 16.78 -17.94 5.12
CA ILE A 8 15.65 -17.28 4.48
C ILE A 8 15.71 -17.44 2.97
N PRO A 9 14.53 -17.40 2.32
CA PRO A 9 14.41 -17.54 0.87
C PRO A 9 14.97 -16.33 0.13
N GLN A 10 16.28 -16.31 -0.06
CA GLN A 10 16.93 -15.21 -0.76
C GLN A 10 17.47 -15.67 -2.12
N LEU A 11 17.59 -14.72 -3.05
CA LEU A 11 18.09 -15.02 -4.38
C LEU A 11 17.23 -16.09 -5.05
N VAL A 12 15.92 -15.88 -5.07
CA VAL A 12 15.00 -16.82 -5.67
C VAL A 12 14.36 -16.23 -6.93
N ALA A 13 14.21 -14.91 -6.95
CA ALA A 13 13.62 -14.22 -8.09
C ALA A 13 14.65 -13.37 -8.82
N SER A 14 15.87 -13.89 -8.92
CA SER A 14 16.95 -13.16 -9.59
C SER A 14 16.75 -13.16 -11.10
N GLN A 15 16.20 -14.25 -11.62
CA GLN A 15 15.95 -14.37 -13.06
C GLN A 15 14.97 -13.31 -13.52
N SER A 16 13.91 -13.10 -12.74
CA SER A 16 12.89 -12.12 -13.08
C SER A 16 13.04 -10.85 -12.24
N ALA A 17 13.51 -9.79 -12.86
CA ALA A 17 13.70 -8.52 -12.17
C ALA A 17 12.39 -8.00 -11.58
N PHE A 18 11.28 -8.31 -12.26
CA PHE A 18 9.96 -7.89 -11.80
C PHE A 18 9.57 -8.60 -10.52
N ALA A 19 9.66 -9.94 -10.55
CA ALA A 19 9.31 -10.75 -9.39
C ALA A 19 10.13 -10.34 -8.17
N ALA A 20 11.38 -9.97 -8.40
CA ALA A 20 12.27 -9.55 -7.32
C ALA A 20 11.69 -8.36 -6.56
N LYS A 21 11.02 -7.48 -7.28
CA LYS A 21 10.41 -6.29 -6.67
C LYS A 21 9.13 -6.66 -5.94
N ALA A 22 8.37 -7.60 -6.49
CA ALA A 22 7.13 -8.04 -5.88
C ALA A 22 7.34 -8.48 -4.44
N GLY A 23 8.35 -9.30 -4.22
CA GLY A 23 8.65 -9.78 -2.88
C GLY A 23 9.22 -8.69 -1.99
N LEU A 24 10.07 -7.84 -2.57
CA LEU A 24 10.69 -6.76 -1.83
C LEU A 24 9.65 -5.75 -1.36
N MET A 25 8.53 -5.67 -2.09
CA MET A 25 7.45 -4.75 -1.75
C MET A 25 6.80 -5.15 -0.44
N ARG A 26 6.26 -6.37 -0.39
CA ARG A 26 5.60 -6.87 0.81
C ARG A 26 6.50 -6.74 2.03
N HIS A 27 7.82 -6.79 1.79
CA HIS A 27 8.79 -6.66 2.88
C HIS A 27 8.71 -5.29 3.53
N THR A 28 8.41 -4.28 2.72
CA THR A 28 8.31 -2.91 3.21
C THR A 28 7.10 -2.74 4.13
N ILE A 29 6.00 -3.36 3.75
CA ILE A 29 4.77 -3.28 4.54
C ILE A 29 4.88 -4.11 5.81
N GLY A 30 5.28 -5.37 5.66
CA GLY A 30 5.43 -6.24 6.81
C GLY A 30 6.31 -5.65 7.88
N GLN A 31 7.45 -5.10 7.49
CA GLN A 31 8.38 -4.50 8.43
C GLN A 31 7.84 -3.17 8.95
N ALA A 32 7.13 -2.45 8.09
CA ALA A 32 6.56 -1.16 8.46
C ALA A 32 5.49 -1.32 9.55
N GLU A 33 4.58 -2.26 9.33
CA GLU A 33 3.50 -2.51 10.28
C GLU A 33 4.06 -2.93 11.63
N GLN A 34 4.94 -3.93 11.63
CA GLN A 34 5.55 -4.41 12.86
C GLN A 34 6.17 -3.26 13.65
N ALA A 35 6.78 -2.33 12.94
CA ALA A 35 7.41 -1.18 13.58
C ALA A 35 6.37 -0.16 14.03
N ALA A 36 5.28 -0.06 13.27
CA ALA A 36 4.20 0.87 13.59
C ALA A 36 3.50 0.47 14.89
N MET A 37 3.01 -0.76 14.94
CA MET A 37 2.31 -1.26 16.11
C MET A 37 3.25 -1.32 17.31
N SER A 38 4.49 -1.70 17.07
CA SER A 38 5.49 -1.81 18.12
C SER A 38 5.84 -0.43 18.68
N ALA A 39 6.20 0.49 17.77
CA ALA A 39 6.55 1.84 18.17
C ALA A 39 5.36 2.58 18.77
N GLN A 40 4.16 2.28 18.26
CA GLN A 40 2.95 2.90 18.76
C GLN A 40 2.40 2.17 19.98
N ALA A 41 3.02 1.03 20.30
CA ALA A 41 2.60 0.25 21.45
C ALA A 41 2.73 1.03 22.74
N PHE A 42 3.68 1.96 22.77
CA PHE A 42 3.90 2.80 23.95
C PHE A 42 2.60 3.44 24.41
N HIS A 43 2.37 3.43 25.72
CA HIS A 43 1.17 4.02 26.30
C HIS A 43 -0.08 3.48 25.59
N GLN A 44 0.00 2.24 25.12
CA GLN A 44 -1.12 1.62 24.43
C GLN A 44 -1.20 0.13 24.76
N GLY A 45 -0.30 -0.65 24.17
CA GLY A 45 -0.28 -2.07 24.43
C GLY A 45 -1.25 -2.83 23.53
N GLU A 46 -1.20 -2.54 22.23
CA GLU A 46 -2.08 -3.19 21.27
C GLU A 46 -3.55 -2.96 21.63
N SER A 47 -3.99 -1.72 21.52
CA SER A 47 -5.37 -1.37 21.84
C SER A 47 -5.63 0.13 21.61
N SER A 48 -6.24 0.45 20.48
CA SER A 48 -6.54 1.83 20.14
C SER A 48 -7.64 1.91 19.10
N ALA A 49 -8.50 2.92 19.22
CA ALA A 49 -9.60 3.11 18.28
C ALA A 49 -9.13 3.85 17.04
N ALA A 50 -8.38 4.92 17.24
CA ALA A 50 -7.87 5.72 16.13
C ALA A 50 -6.96 4.89 15.23
N PHE A 51 -5.98 4.22 15.84
CA PHE A 51 -5.04 3.39 15.11
C PHE A 51 -5.77 2.33 14.29
N GLN A 52 -6.87 1.83 14.84
CA GLN A 52 -7.67 0.80 14.16
C GLN A 52 -8.22 1.33 12.85
N ALA A 53 -8.92 2.46 12.91
CA ALA A 53 -9.51 3.07 11.72
C ALA A 53 -8.47 3.22 10.62
N ALA A 54 -7.34 3.84 10.95
CA ALA A 54 -6.27 4.05 10.00
C ALA A 54 -5.67 2.72 9.53
N HIS A 55 -5.54 1.78 10.46
CA HIS A 55 -4.99 0.46 10.16
C HIS A 55 -5.89 -0.28 9.17
N ALA A 56 -7.20 -0.10 9.31
CA ALA A 56 -8.15 -0.76 8.43
C ALA A 56 -8.14 -0.14 7.04
N ARG A 57 -7.84 1.15 6.97
CA ARG A 57 -7.78 1.86 5.70
C ARG A 57 -6.64 1.36 4.84
N PHE A 58 -5.54 0.98 5.47
CA PHE A 58 -4.36 0.47 4.77
C PHE A 58 -4.65 -0.90 4.17
N VAL A 59 -5.07 -1.83 5.02
CA VAL A 59 -5.38 -3.18 4.58
C VAL A 59 -6.40 -3.18 3.45
N ALA A 60 -7.33 -2.23 3.51
CA ALA A 60 -8.36 -2.12 2.48
C ALA A 60 -7.75 -1.84 1.12
N ALA A 61 -6.77 -0.94 1.07
CA ALA A 61 -6.10 -0.59 -0.17
C ALA A 61 -5.06 -1.64 -0.56
N ALA A 62 -4.40 -2.19 0.45
CA ALA A 62 -3.39 -3.21 0.21
C ALA A 62 -3.93 -4.35 -0.64
N ALA A 63 -5.23 -4.62 -0.51
CA ALA A 63 -5.87 -5.68 -1.28
C ALA A 63 -5.86 -5.37 -2.77
N LYS A 64 -5.93 -4.07 -3.10
CA LYS A 64 -5.92 -3.64 -4.49
C LYS A 64 -4.52 -3.76 -5.09
N VAL A 65 -3.54 -3.17 -4.42
CA VAL A 65 -2.16 -3.21 -4.88
C VAL A 65 -1.63 -4.64 -4.90
N ASN A 66 -2.12 -5.47 -3.98
CA ASN A 66 -1.69 -6.85 -3.90
C ASN A 66 -2.22 -7.66 -5.08
N THR A 67 -3.53 -7.59 -5.29
CA THR A 67 -4.16 -8.32 -6.39
C THR A 67 -3.53 -7.95 -7.74
N LEU A 68 -3.34 -6.65 -7.96
CA LEU A 68 -2.74 -6.16 -9.19
C LEU A 68 -1.35 -6.75 -9.39
N LEU A 69 -0.63 -6.95 -8.29
CA LEU A 69 0.72 -7.51 -8.35
C LEU A 69 0.70 -8.90 -8.96
N ASP A 70 -0.24 -9.72 -8.51
CA ASP A 70 -0.37 -11.08 -9.02
C ASP A 70 -0.77 -11.08 -10.50
N VAL A 71 -1.61 -10.13 -10.87
CA VAL A 71 -2.08 -10.01 -12.25
C VAL A 71 -0.96 -9.55 -13.17
N ALA A 72 -0.07 -8.72 -12.63
CA ALA A 72 1.05 -8.19 -13.41
C ALA A 72 1.98 -9.32 -13.85
N GLN A 73 2.35 -10.18 -12.90
CA GLN A 73 3.25 -11.30 -13.19
C GLN A 73 2.53 -12.35 -14.04
N ALA A 74 1.24 -12.53 -13.79
CA ALA A 74 0.44 -13.50 -14.53
C ALA A 74 0.24 -13.06 -15.97
N ASN A 75 0.11 -11.76 -16.18
CA ASN A 75 -0.08 -11.21 -17.51
C ASN A 75 1.22 -11.18 -18.29
N LEU A 76 2.31 -10.82 -17.61
CA LEU A 76 3.62 -10.76 -18.25
C LEU A 76 4.17 -12.16 -18.49
N GLY A 77 3.83 -13.09 -17.60
CA GLY A 77 4.29 -14.46 -17.73
C GLY A 77 5.73 -14.63 -17.30
N GLU A 78 6.66 -13.98 -18.01
CA GLU A 78 8.07 -14.07 -17.69
C GLU A 78 8.33 -13.61 -16.26
N ALA A 79 7.61 -12.57 -15.84
CA ALA A 79 7.76 -12.03 -14.49
C ALA A 79 7.60 -13.11 -13.45
N ALA A 80 6.46 -13.80 -13.48
CA ALA A 80 6.18 -14.87 -12.53
C ALA A 80 7.14 -16.05 -12.73
N GLY A 81 7.17 -16.58 -13.95
CA GLY A 81 8.04 -17.70 -14.24
C GLY A 81 7.27 -18.98 -14.50
N THR A 82 6.83 -19.17 -15.74
CA THR A 82 6.08 -20.37 -16.10
C THR A 82 6.56 -20.93 -17.44
N TYR A 83 6.25 -22.20 -17.68
CA TYR A 83 6.64 -22.86 -18.92
C TYR A 83 5.88 -24.16 -19.12
N VAL A 84 5.94 -24.70 -20.32
CA VAL A 84 5.25 -25.95 -20.65
C VAL A 84 6.08 -26.79 -21.61
N ALA A 85 7.08 -27.48 -21.08
CA ALA A 85 7.95 -28.33 -21.89
C ALA A 85 7.24 -29.63 -22.26
N ALA A 86 6.21 -29.51 -23.11
CA ALA A 86 5.45 -30.67 -23.54
C ALA A 86 5.76 -31.02 -25.00
N ASP A 87 6.16 -30.01 -25.77
CA ASP A 87 6.47 -30.21 -27.17
C ASP A 87 7.38 -29.09 -27.68
N ALA A 88 8.16 -29.39 -28.72
CA ALA A 88 9.07 -28.41 -29.30
C ALA A 88 8.85 -28.27 -30.80
N ALA A 89 9.30 -27.15 -31.36
CA ALA A 89 9.15 -26.90 -32.78
C ALA A 89 9.72 -28.03 -33.62
N ALA A 90 10.74 -28.69 -33.08
CA ALA A 90 11.38 -29.82 -33.77
C ALA A 90 10.35 -30.87 -34.17
N ALA A 91 9.65 -31.41 -33.18
CA ALA A 91 8.64 -32.42 -33.42
C ALA A 91 7.42 -31.83 -34.15
N SER A 92 7.17 -30.55 -33.90
CA SER A 92 6.04 -29.87 -34.52
C SER A 92 4.73 -30.55 -34.16
N THR A 93 3.64 -30.13 -34.81
CA THR A 93 2.33 -30.70 -34.56
C THR A 93 2.07 -31.91 -35.45
N TYR A 94 0.85 -32.42 -35.41
CA TYR A 94 0.47 -33.57 -36.22
C TYR A 94 -0.51 -33.17 -37.32
N THR A 95 -1.29 -32.14 -37.06
CA THR A 95 -2.27 -31.65 -38.03
C THR A 95 -3.23 -32.76 -38.43
N GLY A 96 -4.12 -32.45 -39.38
CA GLY A 96 -5.07 -33.43 -39.85
C GLY A 96 -6.26 -33.58 -38.91
N PHE A 97 -7.23 -34.40 -39.31
CA PHE A 97 -8.42 -34.62 -38.49
C PHE A 97 -8.64 -36.10 -38.25
N SER B 1 6.01 23.94 20.78
CA SER B 1 5.65 22.60 20.32
C SER B 1 4.15 22.36 20.47
N MET B 2 3.37 23.42 20.39
CA MET B 2 1.93 23.34 20.51
C MET B 2 1.53 22.79 21.88
N SER B 3 2.31 23.13 22.90
CA SER B 3 2.04 22.68 24.26
C SER B 3 1.46 23.80 25.11
N GLN B 4 1.49 25.01 24.58
CA GLN B 4 0.97 26.18 25.29
C GLN B 4 -0.49 26.43 24.90
N ILE B 5 -1.03 25.56 24.07
CA ILE B 5 -2.42 25.69 23.63
C ILE B 5 -3.38 25.38 24.77
N MET B 6 -3.47 24.10 25.11
CA MET B 6 -4.37 23.67 26.19
C MET B 6 -4.15 22.19 26.51
N TYR B 7 -2.92 21.72 26.31
CA TYR B 7 -2.58 20.32 26.57
C TYR B 7 -1.08 20.16 26.75
N ASN B 8 -0.69 19.26 27.65
CA ASN B 8 0.72 18.99 27.92
C ASN B 8 1.44 18.55 26.65
N TYR B 9 1.08 17.37 26.16
CA TYR B 9 1.69 16.82 24.96
C TYR B 9 0.63 16.40 23.94
N PRO B 10 1.04 16.26 22.67
CA PRO B 10 0.14 15.86 21.59
C PRO B 10 -0.29 14.41 21.70
N ALA B 11 0.47 13.63 22.45
CA ALA B 11 0.16 12.22 22.64
C ALA B 11 -1.26 12.03 23.16
N MET B 12 -1.76 13.03 23.87
CA MET B 12 -3.12 12.97 24.42
C MET B 12 -4.16 13.03 23.31
N LEU B 13 -3.90 13.85 22.29
CA LEU B 13 -4.81 13.98 21.17
C LEU B 13 -4.53 12.92 20.11
N GLY B 14 -3.37 13.01 19.49
CA GLY B 14 -3.00 12.06 18.46
C GLY B 14 -1.96 11.06 18.94
N HIS B 15 -1.18 10.52 18.00
CA HIS B 15 -0.15 9.56 18.34
C HIS B 15 1.00 9.61 17.33
N ALA B 16 2.07 8.88 17.63
CA ALA B 16 3.23 8.86 16.75
C ALA B 16 3.86 10.24 16.61
N GLY B 17 4.86 10.35 15.75
CA GLY B 17 5.52 11.63 15.54
C GLY B 17 6.14 11.74 14.17
N ASP B 18 7.18 10.96 13.92
CA ASP B 18 7.86 10.96 12.63
C ASP B 18 7.75 9.61 11.94
N MET B 19 6.63 8.93 12.17
CA MET B 19 6.39 7.63 11.56
C MET B 19 5.92 7.78 10.11
N ALA B 20 5.31 8.92 9.81
CA ALA B 20 4.81 9.19 8.46
C ALA B 20 5.91 8.98 7.43
N GLY B 21 7.15 9.23 7.84
CA GLY B 21 8.28 9.06 6.93
C GLY B 21 8.32 7.68 6.30
N TYR B 22 7.91 6.68 7.08
CA TYR B 22 7.91 5.30 6.60
C TYR B 22 7.02 5.13 5.38
N ALA B 23 5.81 5.70 5.46
CA ALA B 23 4.85 5.62 4.37
C ALA B 23 5.49 6.08 3.06
N GLY B 24 6.39 7.05 3.15
CA GLY B 24 7.06 7.56 1.96
C GLY B 24 7.75 6.46 1.17
N THR B 25 8.10 5.37 1.85
CA THR B 25 8.77 4.26 1.20
C THR B 25 7.85 3.56 0.21
N LEU B 26 6.67 3.19 0.68
CA LEU B 26 5.69 2.51 -0.18
C LEU B 26 5.36 3.35 -1.40
N GLN B 27 5.32 4.66 -1.22
CA GLN B 27 5.02 5.58 -2.32
C GLN B 27 5.93 5.32 -3.51
N SER B 28 7.24 5.29 -3.25
CA SER B 28 8.22 5.06 -4.30
C SER B 28 8.26 3.59 -4.69
N LEU B 29 7.97 2.72 -3.72
CA LEU B 29 7.97 1.28 -3.96
C LEU B 29 6.99 0.91 -5.08
N GLY B 30 5.76 1.39 -4.95
CA GLY B 30 4.75 1.10 -5.95
C GLY B 30 5.12 1.66 -7.32
N ALA B 31 5.56 2.91 -7.35
CA ALA B 31 5.94 3.56 -8.61
C ALA B 31 7.02 2.76 -9.33
N GLU B 32 7.95 2.20 -8.55
CA GLU B 32 9.05 1.42 -9.12
C GLU B 32 8.50 0.27 -9.97
N ILE B 33 7.44 -0.35 -9.50
CA ILE B 33 6.83 -1.46 -10.22
C ILE B 33 6.07 -0.97 -11.45
N ALA B 34 5.26 0.07 -11.25
CA ALA B 34 4.49 0.64 -12.35
C ALA B 34 5.38 1.03 -13.52
N VAL B 35 6.60 1.45 -13.21
CA VAL B 35 7.56 1.85 -14.22
C VAL B 35 8.18 0.64 -14.91
N GLU B 36 8.32 -0.45 -14.17
CA GLU B 36 8.89 -1.68 -14.70
C GLU B 36 7.93 -2.34 -15.67
N GLN B 37 6.70 -2.57 -15.22
CA GLN B 37 5.69 -3.21 -16.06
C GLN B 37 5.49 -2.44 -17.36
N ALA B 38 5.71 -1.13 -17.30
CA ALA B 38 5.55 -0.28 -18.48
C ALA B 38 6.61 -0.61 -19.53
N ALA B 39 7.74 -1.15 -19.09
CA ALA B 39 8.82 -1.50 -20.00
C ALA B 39 8.56 -2.85 -20.66
N LEU B 40 7.80 -3.70 -19.98
CA LEU B 40 7.48 -5.03 -20.50
C LEU B 40 6.08 -5.04 -21.11
N GLN B 41 5.62 -3.88 -21.56
CA GLN B 41 4.30 -3.76 -22.17
C GLN B 41 4.12 -4.79 -23.27
N SER B 42 5.13 -4.92 -24.13
CA SER B 42 5.07 -5.87 -25.24
C SER B 42 4.79 -7.27 -24.74
N ALA B 43 5.18 -7.54 -23.49
CA ALA B 43 4.97 -8.85 -22.88
C ALA B 43 3.53 -9.01 -22.41
N TRP B 44 2.96 -7.93 -21.91
CA TRP B 44 1.59 -7.95 -21.42
C TRP B 44 0.64 -8.51 -22.47
N GLN B 45 -0.42 -9.19 -22.01
CA GLN B 45 -1.40 -9.78 -22.93
C GLN B 45 -2.60 -8.85 -23.09
N GLY B 46 -3.40 -8.75 -22.03
CA GLY B 46 -4.58 -7.90 -22.09
C GLY B 46 -5.86 -8.71 -22.20
N ASP B 47 -5.77 -9.91 -22.76
CA ASP B 47 -6.93 -10.77 -22.93
C ASP B 47 -7.00 -11.80 -21.82
N THR B 48 -6.46 -11.46 -20.66
CA THR B 48 -6.45 -12.36 -19.52
C THR B 48 -7.25 -11.78 -18.35
N GLY B 49 -7.36 -10.45 -18.32
CA GLY B 49 -8.10 -9.80 -17.26
C GLY B 49 -7.90 -8.30 -17.25
N ILE B 50 -6.76 -7.85 -16.75
CA ILE B 50 -6.45 -6.43 -16.68
C ILE B 50 -5.57 -6.01 -17.86
N THR B 51 -5.82 -4.80 -18.37
CA THR B 51 -5.05 -4.29 -19.50
C THR B 51 -4.00 -3.29 -19.03
N TYR B 52 -3.17 -2.84 -19.96
CA TYR B 52 -2.11 -1.89 -19.63
C TYR B 52 -2.69 -0.54 -19.21
N GLN B 53 -3.78 -0.14 -19.85
CA GLN B 53 -4.44 1.12 -19.54
C GLN B 53 -5.20 1.02 -18.21
N ALA B 54 -5.86 -0.11 -18.01
CA ALA B 54 -6.62 -0.33 -16.78
C ALA B 54 -5.70 -0.49 -15.58
N TRP B 55 -4.69 -1.36 -15.73
CA TRP B 55 -3.74 -1.61 -14.66
C TRP B 55 -3.11 -0.31 -14.17
N GLN B 56 -2.54 0.44 -15.10
CA GLN B 56 -1.90 1.71 -14.77
C GLN B 56 -2.85 2.61 -13.99
N ALA B 57 -4.15 2.44 -14.22
CA ALA B 57 -5.16 3.24 -13.54
C ALA B 57 -5.45 2.68 -12.15
N GLN B 58 -5.80 1.41 -12.08
CA GLN B 58 -6.10 0.76 -10.81
C GLN B 58 -4.92 0.90 -9.85
N TRP B 59 -3.74 0.53 -10.31
CA TRP B 59 -2.53 0.60 -9.49
C TRP B 59 -2.39 1.99 -8.87
N ASN B 60 -2.46 3.02 -9.71
CA ASN B 60 -2.34 4.40 -9.24
C ASN B 60 -3.29 4.66 -8.08
N GLN B 61 -4.56 4.32 -8.27
CA GLN B 61 -5.57 4.51 -7.24
C GLN B 61 -5.20 3.78 -5.96
N ALA B 62 -4.70 2.55 -6.12
CA ALA B 62 -4.31 1.73 -4.97
C ALA B 62 -3.17 2.39 -4.20
N MET B 63 -2.09 2.71 -4.91
CA MET B 63 -0.93 3.34 -4.29
C MET B 63 -1.34 4.60 -3.52
N GLU B 64 -2.00 5.52 -4.23
CA GLU B 64 -2.43 6.77 -3.62
C GLU B 64 -3.25 6.50 -2.36
N ASP B 65 -4.01 5.41 -2.36
CA ASP B 65 -4.83 5.05 -1.23
C ASP B 65 -3.96 4.58 -0.06
N LEU B 66 -2.93 3.80 -0.37
CA LEU B 66 -2.03 3.28 0.66
C LEU B 66 -1.29 4.42 1.35
N VAL B 67 -0.78 5.35 0.55
CA VAL B 67 -0.04 6.49 1.09
C VAL B 67 -0.88 7.24 2.12
N ARG B 68 -2.11 7.59 1.74
CA ARG B 68 -3.02 8.31 2.63
C ARG B 68 -3.49 7.42 3.77
N ALA B 69 -3.61 6.13 3.49
CA ALA B 69 -4.05 5.16 4.49
C ALA B 69 -3.14 5.21 5.73
N TYR B 70 -1.85 5.10 5.50
CA TYR B 70 -0.88 5.11 6.59
C TYR B 70 -0.80 6.50 7.23
N HIS B 71 -0.77 7.53 6.39
CA HIS B 71 -0.70 8.91 6.87
C HIS B 71 -1.93 9.25 7.72
N ALA B 72 -3.00 8.50 7.50
CA ALA B 72 -4.24 8.73 8.24
C ALA B 72 -3.99 8.73 9.74
N MET B 73 -3.10 7.84 10.20
CA MET B 73 -2.77 7.74 11.61
C MET B 73 -2.15 9.04 12.12
N SER B 74 -1.19 9.56 11.37
CA SER B 74 -0.51 10.80 11.74
C SER B 74 -1.31 12.01 11.31
N SER B 75 -2.47 11.77 10.70
CA SER B 75 -3.33 12.84 10.23
C SER B 75 -3.74 13.74 11.38
N THR B 76 -3.69 13.21 12.61
CA THR B 76 -4.06 13.98 13.79
C THR B 76 -2.95 14.95 14.18
N HIS B 77 -1.83 14.87 13.47
CA HIS B 77 -0.70 15.75 13.73
C HIS B 77 -1.13 17.21 13.73
N GLU B 78 -1.78 17.63 12.65
CA GLU B 78 -2.24 19.00 12.52
C GLU B 78 -3.57 19.20 13.25
N ALA B 79 -4.25 18.10 13.54
CA ALA B 79 -5.53 18.15 14.24
C ALA B 79 -5.42 18.95 15.54
N ASN B 80 -4.22 18.97 16.11
CA ASN B 80 -3.98 19.70 17.35
C ASN B 80 -4.08 21.21 17.12
N THR B 81 -3.54 21.67 15.99
CA THR B 81 -3.56 23.08 15.66
C THR B 81 -4.99 23.61 15.59
N MET B 82 -5.93 22.70 15.35
CA MET B 82 -7.34 23.08 15.25
C MET B 82 -7.77 23.88 16.47
N ALA B 83 -7.19 23.57 17.62
CA ALA B 83 -7.50 24.27 18.86
C ALA B 83 -7.34 25.78 18.69
N MET B 84 -6.43 26.18 17.82
CA MET B 84 -6.17 27.60 17.57
C MET B 84 -7.43 28.29 17.06
N MET B 85 -7.49 29.61 17.24
CA MET B 85 -8.64 30.39 16.78
C MET B 85 -8.63 30.54 15.27
N ALA B 86 -7.45 30.50 14.67
CA ALA B 86 -7.31 30.63 13.22
C ALA B 86 -8.22 29.65 12.50
N ARG B 87 -8.34 28.44 13.05
CA ARG B 87 -9.19 27.41 12.45
C ARG B 87 -10.66 27.63 12.81
N ASP B 88 -10.94 27.67 14.10
CA ASP B 88 -12.30 27.87 14.57
C ASP B 88 -13.24 26.80 14.03
N THR B 89 -12.98 25.55 14.39
CA THR B 89 -13.79 24.43 13.93
C THR B 89 -14.49 23.75 15.09
N ALA B 90 -13.83 23.72 16.24
CA ALA B 90 -14.39 23.10 17.44
C ALA B 90 -15.17 24.12 18.27
N GLU B 91 -14.85 25.40 18.09
CA GLU B 91 -15.51 26.47 18.82
C GLU B 91 -16.92 26.70 18.29
N ALA B 92 -17.01 27.07 17.01
CA ALA B 92 -18.30 27.32 16.38
C ALA B 92 -19.15 26.06 16.35
N ALA B 93 -18.49 24.91 16.39
CA ALA B 93 -19.19 23.63 16.36
C ALA B 93 -19.61 23.20 17.77
N LYS B 94 -18.88 23.69 18.77
CA LYS B 94 -19.18 23.36 20.16
C LYS B 94 -20.63 23.67 20.50
N TRP B 95 -21.10 24.85 20.06
CA TRP B 95 -22.47 25.26 20.32
C TRP B 95 -23.46 24.35 19.61
N GLY B 96 -24.60 24.10 20.24
CA GLY B 96 -25.61 23.24 19.65
C GLY B 96 -25.51 21.81 20.13
N GLY B 97 -26.41 21.42 21.02
CA GLY B 97 -26.40 20.06 21.55
C GLY B 97 -27.80 19.55 21.82
N MET A 1 -13.79 -22.36 3.14
CA MET A 1 -12.77 -23.06 3.91
C MET A 1 -11.38 -22.56 3.56
N SER A 2 -10.82 -21.73 4.44
CA SER A 2 -9.49 -21.18 4.21
C SER A 2 -9.45 -20.36 2.93
N LEU A 3 -9.65 -19.05 3.07
CA LEU A 3 -9.64 -18.15 1.91
C LEU A 3 -8.21 -17.80 1.52
N LEU A 4 -7.79 -18.26 0.36
CA LEU A 4 -6.45 -17.98 -0.15
C LEU A 4 -5.39 -18.58 0.78
N ASP A 5 -4.13 -18.27 0.50
CA ASP A 5 -3.03 -18.78 1.32
C ASP A 5 -2.97 -20.30 1.28
N ALA A 6 -3.37 -20.87 0.15
CA ALA A 6 -3.37 -22.32 -0.03
C ALA A 6 -2.38 -22.74 -1.11
N HIS A 7 -2.59 -22.24 -2.32
CA HIS A 7 -1.72 -22.57 -3.45
C HIS A 7 -1.00 -21.33 -3.96
N ILE A 8 -0.68 -20.42 -3.04
CA ILE A 8 0.00 -19.18 -3.41
C ILE A 8 1.48 -19.44 -3.69
N PRO A 9 2.07 -18.59 -4.55
CA PRO A 9 3.48 -18.71 -4.93
C PRO A 9 4.42 -18.36 -3.77
N GLN A 10 5.69 -18.13 -4.11
CA GLN A 10 6.69 -17.80 -3.10
C GLN A 10 8.06 -17.58 -3.74
N LEU A 11 8.43 -18.49 -4.64
CA LEU A 11 9.71 -18.40 -5.32
C LEU A 11 9.56 -18.71 -6.81
N VAL A 12 8.37 -18.46 -7.34
CA VAL A 12 8.09 -18.71 -8.75
C VAL A 12 8.81 -17.72 -9.64
N ALA A 13 9.57 -18.23 -10.61
CA ALA A 13 10.31 -17.38 -11.53
C ALA A 13 11.20 -16.39 -10.78
N SER A 14 12.13 -16.91 -9.99
CA SER A 14 13.03 -16.08 -9.21
C SER A 14 13.94 -15.26 -10.12
N GLN A 15 14.25 -15.81 -11.29
CA GLN A 15 15.11 -15.13 -12.25
C GLN A 15 14.50 -13.80 -12.68
N SER A 16 13.17 -13.73 -12.65
CA SER A 16 12.46 -12.53 -13.04
C SER A 16 12.57 -11.46 -11.95
N ALA A 17 13.13 -10.31 -12.31
CA ALA A 17 13.30 -9.21 -11.37
C ALA A 17 11.94 -8.74 -10.85
N PHE A 18 10.91 -8.88 -11.67
CA PHE A 18 9.56 -8.45 -11.29
C PHE A 18 9.14 -9.12 -9.98
N ALA A 19 9.27 -10.43 -9.92
CA ALA A 19 8.90 -11.19 -8.73
C ALA A 19 9.68 -10.68 -7.51
N ALA A 20 10.96 -10.44 -7.69
CA ALA A 20 11.81 -9.96 -6.61
C ALA A 20 11.24 -8.70 -5.97
N LYS A 21 10.66 -7.84 -6.82
CA LYS A 21 10.07 -6.59 -6.34
C LYS A 21 8.79 -6.85 -5.56
N ALA A 22 7.99 -7.80 -6.05
CA ALA A 22 6.74 -8.15 -5.38
C ALA A 22 6.97 -8.50 -3.93
N GLY A 23 7.94 -9.38 -3.67
CA GLY A 23 8.24 -9.79 -2.32
C GLY A 23 8.72 -8.63 -1.45
N LEU A 24 9.47 -7.72 -2.06
CA LEU A 24 9.99 -6.55 -1.34
C LEU A 24 8.86 -5.67 -0.86
N MET A 25 7.82 -5.53 -1.68
CA MET A 25 6.67 -4.70 -1.33
C MET A 25 6.05 -5.16 -0.02
N ARG A 26 5.61 -6.41 0.01
CA ARG A 26 5.00 -6.98 1.21
C ARG A 26 5.93 -6.85 2.41
N HIS A 27 7.23 -6.79 2.15
CA HIS A 27 8.22 -6.66 3.21
C HIS A 27 8.24 -5.25 3.77
N THR A 28 7.89 -4.28 2.94
CA THR A 28 7.87 -2.89 3.35
C THR A 28 6.74 -2.62 4.34
N ILE A 29 5.55 -3.13 4.03
CA ILE A 29 4.39 -2.96 4.89
C ILE A 29 4.50 -3.82 6.15
N GLY A 30 4.84 -5.09 5.96
CA GLY A 30 4.97 -6.00 7.08
C GLY A 30 5.92 -5.47 8.15
N GLN A 31 7.09 -5.00 7.72
CA GLN A 31 8.08 -4.47 8.63
C GLN A 31 7.66 -3.10 9.17
N ALA A 32 6.98 -2.33 8.33
CA ALA A 32 6.51 -1.01 8.72
C ALA A 32 5.44 -1.10 9.81
N GLU A 33 4.58 -2.11 9.70
CA GLU A 33 3.52 -2.30 10.67
C GLU A 33 4.08 -2.44 12.08
N GLN A 34 5.11 -3.27 12.22
CA GLN A 34 5.74 -3.48 13.52
C GLN A 34 6.20 -2.17 14.13
N ALA A 35 6.62 -1.24 13.27
CA ALA A 35 7.09 0.06 13.73
C ALA A 35 5.99 0.81 14.47
N ALA A 36 4.74 0.53 14.11
CA ALA A 36 3.60 1.18 14.75
C ALA A 36 3.68 1.05 16.26
N MET A 37 3.96 -0.16 16.73
CA MET A 37 4.06 -0.41 18.17
C MET A 37 5.07 0.52 18.81
N SER A 38 6.30 0.49 18.32
CA SER A 38 7.36 1.33 18.85
C SER A 38 6.92 2.79 18.91
N ALA A 39 6.40 3.29 17.80
CA ALA A 39 5.94 4.67 17.72
C ALA A 39 4.79 4.92 18.70
N GLN A 40 4.10 3.85 19.07
CA GLN A 40 2.98 3.96 20.00
C GLN A 40 3.47 4.06 21.45
N ALA A 41 4.78 3.89 21.62
CA ALA A 41 5.39 3.96 22.95
C ALA A 41 5.19 5.35 23.56
N PHE A 42 4.87 6.32 22.72
CA PHE A 42 4.66 7.69 23.18
C PHE A 42 3.64 7.73 24.32
N HIS A 43 2.68 6.81 24.28
CA HIS A 43 1.64 6.74 25.29
C HIS A 43 1.64 5.37 25.98
N GLN A 44 1.95 4.33 25.21
CA GLN A 44 1.99 2.97 25.74
C GLN A 44 0.61 2.54 26.21
N GLY A 45 0.56 1.40 26.90
CA GLY A 45 -0.71 0.90 27.39
C GLY A 45 -1.48 0.13 26.33
N GLU A 46 -2.81 0.25 26.37
CA GLU A 46 -3.67 -0.44 25.41
C GLU A 46 -3.83 0.39 24.14
N SER A 47 -4.34 -0.24 23.09
CA SER A 47 -4.56 0.45 21.82
C SER A 47 -5.95 1.08 21.75
N SER A 48 -6.09 2.11 20.93
CA SER A 48 -7.36 2.81 20.79
C SER A 48 -8.21 2.16 19.69
N ALA A 49 -9.46 2.59 19.58
CA ALA A 49 -10.37 2.06 18.58
C ALA A 49 -10.12 2.71 17.22
N ALA A 50 -9.80 4.01 17.23
CA ALA A 50 -9.55 4.75 16.01
C ALA A 50 -8.46 4.07 15.18
N PHE A 51 -7.58 3.34 15.85
CA PHE A 51 -6.49 2.64 15.18
C PHE A 51 -7.03 1.52 14.29
N GLN A 52 -8.12 0.88 14.74
CA GLN A 52 -8.72 -0.21 13.98
C GLN A 52 -9.15 0.27 12.59
N ALA A 53 -9.95 1.33 12.55
CA ALA A 53 -10.42 1.88 11.29
C ALA A 53 -9.26 2.12 10.32
N ALA A 54 -8.21 2.75 10.81
CA ALA A 54 -7.04 3.04 10.00
C ALA A 54 -6.35 1.75 9.56
N HIS A 55 -6.26 0.78 10.47
CA HIS A 55 -5.63 -0.49 10.17
C HIS A 55 -6.38 -1.24 9.08
N ALA A 56 -7.71 -1.15 9.13
CA ALA A 56 -8.55 -1.82 8.14
C ALA A 56 -8.47 -1.12 6.78
N ARG A 57 -8.25 0.18 6.81
CA ARG A 57 -8.15 0.97 5.59
C ARG A 57 -6.93 0.55 4.77
N PHE A 58 -5.83 0.27 5.46
CA PHE A 58 -4.60 -0.14 4.80
C PHE A 58 -4.79 -1.49 4.10
N VAL A 59 -5.22 -2.48 4.87
CA VAL A 59 -5.43 -3.83 4.33
C VAL A 59 -6.45 -3.81 3.19
N ALA A 60 -7.41 -2.89 3.28
CA ALA A 60 -8.44 -2.76 2.25
C ALA A 60 -7.84 -2.33 0.93
N ALA A 61 -6.84 -1.45 0.99
CA ALA A 61 -6.18 -0.95 -0.21
C ALA A 61 -5.17 -1.97 -0.74
N ALA A 62 -4.43 -2.58 0.18
CA ALA A 62 -3.43 -3.58 -0.19
C ALA A 62 -4.02 -4.64 -1.12
N ALA A 63 -5.30 -4.93 -0.94
CA ALA A 63 -5.98 -5.92 -1.76
C ALA A 63 -5.87 -5.58 -3.24
N LYS A 64 -5.79 -4.29 -3.55
CA LYS A 64 -5.68 -3.83 -4.92
C LYS A 64 -4.28 -4.09 -5.47
N VAL A 65 -3.27 -3.70 -4.70
CA VAL A 65 -1.88 -3.90 -5.10
C VAL A 65 -1.54 -5.38 -5.23
N ASN A 66 -2.13 -6.19 -4.35
CA ASN A 66 -1.90 -7.63 -4.36
C ASN A 66 -2.47 -8.27 -5.62
N THR A 67 -3.68 -7.87 -5.99
CA THR A 67 -4.35 -8.39 -7.18
C THR A 67 -3.66 -7.91 -8.44
N LEU A 68 -3.19 -6.66 -8.41
CA LEU A 68 -2.52 -6.07 -9.57
C LEU A 68 -1.13 -6.70 -9.76
N LEU A 69 -0.56 -7.18 -8.67
CA LEU A 69 0.77 -7.81 -8.73
C LEU A 69 0.71 -9.14 -9.45
N ASP A 70 -0.43 -9.82 -9.36
CA ASP A 70 -0.62 -11.10 -10.01
C ASP A 70 -0.87 -10.93 -11.51
N VAL A 71 -1.88 -10.14 -11.84
CA VAL A 71 -2.23 -9.89 -13.23
C VAL A 71 -1.04 -9.32 -14.01
N ALA A 72 -0.22 -8.54 -13.31
CA ALA A 72 0.96 -7.94 -13.93
C ALA A 72 1.95 -9.02 -14.39
N GLN A 73 2.24 -9.96 -13.50
CA GLN A 73 3.17 -11.03 -13.80
C GLN A 73 2.56 -12.02 -14.79
N ALA A 74 1.25 -12.22 -14.68
CA ALA A 74 0.55 -13.13 -15.57
C ALA A 74 0.48 -12.58 -16.99
N ASN A 75 0.00 -11.35 -17.11
CA ASN A 75 -0.12 -10.70 -18.42
C ASN A 75 1.24 -10.61 -19.11
N LEU A 76 2.28 -10.43 -18.32
CA LEU A 76 3.64 -10.33 -18.85
C LEU A 76 4.23 -11.71 -19.11
N GLY A 77 3.78 -12.70 -18.32
CA GLY A 77 4.28 -14.06 -18.48
C GLY A 77 5.66 -14.24 -17.90
N GLU A 78 6.65 -13.57 -18.49
CA GLU A 78 8.03 -13.67 -18.04
C GLU A 78 8.12 -13.39 -16.54
N ALA A 79 7.49 -12.30 -16.10
CA ALA A 79 7.51 -11.93 -14.70
C ALA A 79 7.02 -13.08 -13.82
N ALA A 80 6.16 -13.93 -14.37
CA ALA A 80 5.62 -15.06 -13.64
C ALA A 80 6.23 -16.37 -14.15
N GLY A 81 5.80 -17.48 -13.54
CA GLY A 81 6.32 -18.77 -13.94
C GLY A 81 5.22 -19.77 -14.24
N THR A 82 4.44 -19.49 -15.28
CA THR A 82 3.34 -20.38 -15.67
C THR A 82 3.39 -20.69 -17.15
N TYR A 83 3.07 -21.93 -17.50
CA TYR A 83 3.08 -22.36 -18.90
C TYR A 83 2.08 -21.55 -19.72
N VAL A 84 2.21 -21.63 -21.04
CA VAL A 84 1.32 -20.92 -21.95
C VAL A 84 1.02 -21.74 -23.20
N ALA A 85 0.12 -22.70 -23.06
CA ALA A 85 -0.25 -23.56 -24.18
C ALA A 85 -1.16 -22.82 -25.16
N ALA A 86 -0.59 -21.83 -25.85
CA ALA A 86 -1.35 -21.05 -26.82
C ALA A 86 -0.93 -21.38 -28.24
N ASP A 87 0.30 -21.84 -28.40
CA ASP A 87 0.82 -22.21 -29.71
C ASP A 87 0.82 -21.01 -30.66
N ALA A 88 1.94 -20.29 -30.69
CA ALA A 88 2.06 -19.11 -31.54
C ALA A 88 3.46 -18.50 -31.44
N ALA A 89 3.71 -17.47 -32.23
CA ALA A 89 5.00 -16.80 -32.23
C ALA A 89 5.26 -16.13 -30.89
N ALA A 90 4.25 -15.44 -30.37
CA ALA A 90 4.37 -14.75 -29.09
C ALA A 90 4.50 -15.74 -27.94
N ALA A 91 3.96 -16.95 -28.14
CA ALA A 91 4.02 -17.98 -27.12
C ALA A 91 5.36 -18.72 -27.16
N SER A 92 5.99 -18.73 -28.32
CA SER A 92 7.26 -19.41 -28.50
C SER A 92 8.32 -18.84 -27.54
N THR A 93 9.05 -19.73 -26.88
CA THR A 93 10.08 -19.32 -25.94
C THR A 93 11.35 -20.14 -26.13
N TYR A 94 12.46 -19.45 -26.33
CA TYR A 94 13.75 -20.11 -26.53
C TYR A 94 14.08 -21.03 -25.36
N THR A 95 14.48 -22.26 -25.67
CA THR A 95 14.82 -23.24 -24.65
C THR A 95 13.70 -23.38 -23.63
N GLY A 96 12.58 -23.97 -24.06
CA GLY A 96 11.44 -24.15 -23.17
C GLY A 96 10.27 -24.81 -23.87
N PHE A 97 10.50 -26.02 -24.41
CA PHE A 97 9.45 -26.74 -25.10
C PHE A 97 9.93 -28.13 -25.52
N SER B 1 -14.45 3.00 20.35
CA SER B 1 -14.36 3.63 21.66
C SER B 1 -14.19 5.14 21.53
N MET B 2 -14.95 5.88 22.33
CA MET B 2 -14.89 7.34 22.30
C MET B 2 -15.18 7.87 20.90
N SER B 3 -16.44 7.79 20.49
CA SER B 3 -16.84 8.26 19.17
C SER B 3 -17.82 9.42 19.28
N GLN B 4 -18.52 9.50 20.40
CA GLN B 4 -19.49 10.56 20.64
C GLN B 4 -18.82 11.77 21.31
N ILE B 5 -17.49 11.75 21.35
CA ILE B 5 -16.73 12.84 21.96
C ILE B 5 -16.64 14.04 21.02
N MET B 6 -15.88 13.87 19.94
CA MET B 6 -15.72 14.93 18.96
C MET B 6 -15.20 14.37 17.63
N TYR B 7 -15.85 13.33 17.14
CA TYR B 7 -15.46 12.69 15.89
C TYR B 7 -16.61 12.68 14.90
N ASN B 8 -16.36 13.20 13.70
CA ASN B 8 -17.38 13.24 12.65
C ASN B 8 -16.83 12.78 11.32
N TYR B 9 -15.98 13.61 10.71
CA TYR B 9 -15.38 13.29 9.43
C TYR B 9 -13.85 13.23 9.54
N PRO B 10 -13.21 12.56 8.57
CA PRO B 10 -11.76 12.41 8.54
C PRO B 10 -11.06 13.73 8.22
N ALA B 11 -11.81 14.69 7.70
CA ALA B 11 -11.26 15.99 7.36
C ALA B 11 -10.58 16.64 8.56
N MET B 12 -11.25 16.58 9.71
CA MET B 12 -10.72 17.17 10.94
C MET B 12 -9.37 16.54 11.28
N LEU B 13 -9.16 15.30 10.86
CA LEU B 13 -7.92 14.59 11.11
C LEU B 13 -6.90 14.83 10.00
N GLY B 14 -5.70 15.23 10.38
CA GLY B 14 -4.65 15.48 9.40
C GLY B 14 -3.52 16.31 9.97
N HIS B 15 -2.31 15.76 9.89
CA HIS B 15 -1.12 16.45 10.41
C HIS B 15 0.16 15.75 9.93
N ALA B 16 1.13 16.55 9.52
CA ALA B 16 2.40 16.02 9.05
C ALA B 16 3.34 15.72 10.21
N GLY B 17 4.09 14.63 10.10
CA GLY B 17 5.01 14.25 11.15
C GLY B 17 6.14 13.37 10.64
N ASP B 18 6.99 12.92 11.55
CA ASP B 18 8.12 12.06 11.19
C ASP B 18 7.63 10.72 10.66
N MET B 19 6.55 10.22 11.25
CA MET B 19 5.98 8.93 10.84
C MET B 19 5.72 8.91 9.33
N ALA B 20 5.41 10.08 8.78
CA ALA B 20 5.13 10.19 7.35
C ALA B 20 6.26 9.59 6.52
N GLY B 21 7.48 9.65 7.06
CA GLY B 21 8.62 9.11 6.35
C GLY B 21 8.42 7.67 5.93
N TYR B 22 7.96 6.84 6.87
CA TYR B 22 7.72 5.43 6.60
C TYR B 22 6.79 5.25 5.40
N ALA B 23 5.61 5.85 5.49
CA ALA B 23 4.62 5.77 4.43
C ALA B 23 5.24 6.16 3.08
N GLY B 24 6.06 7.20 3.09
CA GLY B 24 6.70 7.65 1.87
C GLY B 24 7.50 6.55 1.19
N THR B 25 7.94 5.57 1.98
CA THR B 25 8.71 4.47 1.44
C THR B 25 7.88 3.60 0.51
N LEU B 26 6.62 3.39 0.87
CA LEU B 26 5.71 2.58 0.06
C LEU B 26 5.46 3.24 -1.30
N GLN B 27 5.22 4.55 -1.27
CA GLN B 27 4.97 5.30 -2.50
C GLN B 27 6.07 5.05 -3.53
N SER B 28 7.31 5.03 -3.06
CA SER B 28 8.46 4.82 -3.94
C SER B 28 8.58 3.34 -4.32
N LEU B 29 8.15 2.47 -3.41
CA LEU B 29 8.21 1.03 -3.65
C LEU B 29 7.25 0.63 -4.77
N GLY B 30 6.00 1.03 -4.64
CA GLY B 30 5.00 0.69 -5.65
C GLY B 30 5.42 1.14 -7.04
N ALA B 31 6.13 2.27 -7.11
CA ALA B 31 6.59 2.80 -8.38
C ALA B 31 7.55 1.83 -9.07
N GLU B 32 8.34 1.13 -8.26
CA GLU B 32 9.30 0.16 -8.80
C GLU B 32 8.61 -0.87 -9.69
N ILE B 33 7.47 -1.37 -9.22
CA ILE B 33 6.71 -2.37 -9.96
C ILE B 33 6.02 -1.73 -11.17
N ALA B 34 5.60 -0.49 -11.02
CA ALA B 34 4.93 0.23 -12.10
C ALA B 34 5.87 0.42 -13.30
N VAL B 35 7.06 0.96 -13.03
CA VAL B 35 8.04 1.19 -14.07
C VAL B 35 8.35 -0.10 -14.83
N GLU B 36 8.69 -1.15 -14.10
CA GLU B 36 9.01 -2.44 -14.69
C GLU B 36 7.89 -2.89 -15.64
N GLN B 37 6.65 -2.62 -15.26
CA GLN B 37 5.50 -2.99 -16.06
C GLN B 37 5.38 -2.10 -17.29
N ALA B 38 5.79 -0.84 -17.14
CA ALA B 38 5.73 0.12 -18.24
C ALA B 38 6.82 -0.16 -19.27
N ALA B 39 7.89 -0.80 -18.83
CA ALA B 39 9.01 -1.12 -19.72
C ALA B 39 8.72 -2.39 -20.52
N LEU B 40 7.85 -3.24 -19.98
CA LEU B 40 7.49 -4.48 -20.65
C LEU B 40 6.07 -4.41 -21.20
N GLN B 41 5.62 -3.21 -21.53
CA GLN B 41 4.28 -3.01 -22.06
C GLN B 41 4.05 -3.88 -23.29
N SER B 42 5.08 -4.01 -24.12
CA SER B 42 4.98 -4.82 -25.33
C SER B 42 4.71 -6.29 -24.99
N ALA B 43 5.15 -6.69 -23.79
CA ALA B 43 4.96 -8.07 -23.34
C ALA B 43 3.51 -8.31 -22.92
N TRP B 44 2.87 -7.27 -22.41
CA TRP B 44 1.48 -7.37 -21.97
C TRP B 44 0.60 -7.97 -23.05
N GLN B 45 -0.44 -8.68 -22.65
CA GLN B 45 -1.36 -9.31 -23.59
C GLN B 45 -2.56 -8.41 -23.87
N GLY B 46 -3.34 -8.14 -22.83
CA GLY B 46 -4.51 -7.29 -22.98
C GLY B 46 -5.77 -8.09 -23.30
N ASP B 47 -5.75 -9.37 -22.97
CA ASP B 47 -6.90 -10.24 -23.23
C ASP B 47 -7.06 -11.27 -22.12
N THR B 48 -6.58 -10.92 -20.93
CA THR B 48 -6.67 -11.83 -19.79
C THR B 48 -7.51 -11.21 -18.66
N GLY B 49 -7.48 -9.88 -18.58
CA GLY B 49 -8.23 -9.18 -17.55
C GLY B 49 -7.97 -7.69 -17.55
N ILE B 50 -6.85 -7.30 -16.96
CA ILE B 50 -6.49 -5.89 -16.89
C ILE B 50 -5.60 -5.48 -18.06
N THR B 51 -5.78 -4.27 -18.54
CA THR B 51 -5.00 -3.76 -19.66
C THR B 51 -3.85 -2.89 -19.17
N TYR B 52 -2.97 -2.51 -20.09
CA TYR B 52 -1.82 -1.68 -19.76
C TYR B 52 -2.27 -0.30 -19.28
N GLN B 53 -3.31 0.22 -19.93
CA GLN B 53 -3.84 1.54 -19.58
C GLN B 53 -4.60 1.48 -18.26
N ALA B 54 -5.41 0.43 -18.09
CA ALA B 54 -6.19 0.26 -16.88
C ALA B 54 -5.29 -0.02 -15.68
N TRP B 55 -4.36 -0.96 -15.83
CA TRP B 55 -3.44 -1.32 -14.76
C TRP B 55 -2.70 -0.08 -14.25
N GLN B 56 -2.08 0.65 -15.16
CA GLN B 56 -1.33 1.85 -14.79
C GLN B 56 -2.20 2.79 -13.97
N ALA B 57 -3.50 2.76 -14.21
CA ALA B 57 -4.43 3.61 -13.49
C ALA B 57 -4.78 3.02 -12.13
N GLN B 58 -5.20 1.77 -12.11
CA GLN B 58 -5.56 1.09 -10.87
C GLN B 58 -4.39 1.10 -9.89
N TRP B 59 -3.22 0.70 -10.36
CA TRP B 59 -2.03 0.66 -9.53
C TRP B 59 -1.81 2.01 -8.84
N ASN B 60 -1.82 3.07 -9.64
CA ASN B 60 -1.62 4.41 -9.11
C ASN B 60 -2.56 4.69 -7.94
N GLN B 61 -3.86 4.60 -8.20
CA GLN B 61 -4.87 4.83 -7.16
C GLN B 61 -4.59 3.97 -5.93
N ALA B 62 -4.30 2.70 -6.16
CA ALA B 62 -4.02 1.76 -5.08
C ALA B 62 -2.85 2.25 -4.23
N MET B 63 -1.72 2.51 -4.89
CA MET B 63 -0.52 2.98 -4.21
C MET B 63 -0.83 4.18 -3.32
N GLU B 64 -1.50 5.17 -3.91
CA GLU B 64 -1.86 6.38 -3.18
C GLU B 64 -2.64 6.05 -1.92
N ASP B 65 -3.52 5.05 -2.02
CA ASP B 65 -4.34 4.63 -0.89
C ASP B 65 -3.47 4.02 0.21
N LEU B 66 -2.54 3.15 -0.19
CA LEU B 66 -1.65 2.50 0.77
C LEU B 66 -0.83 3.53 1.53
N VAL B 67 -0.31 4.52 0.81
CA VAL B 67 0.50 5.57 1.41
C VAL B 67 -0.30 6.34 2.46
N ARG B 68 -1.49 6.80 2.07
CA ARG B 68 -2.34 7.56 2.98
C ARG B 68 -2.82 6.69 4.12
N ALA B 69 -2.99 5.39 3.85
CA ALA B 69 -3.44 4.45 4.86
C ALA B 69 -2.53 4.47 6.08
N TYR B 70 -1.24 4.70 5.84
CA TYR B 70 -0.26 4.75 6.92
C TYR B 70 -0.25 6.12 7.59
N HIS B 71 -0.22 7.17 6.77
CA HIS B 71 -0.20 8.54 7.27
C HIS B 71 -1.46 8.83 8.07
N ALA B 72 -2.54 8.12 7.76
CA ALA B 72 -3.80 8.31 8.45
C ALA B 72 -3.74 7.79 9.88
N MET B 73 -3.26 6.56 10.04
CA MET B 73 -3.14 5.95 11.36
C MET B 73 -2.21 6.76 12.25
N SER B 74 -1.17 7.32 11.66
CA SER B 74 -0.20 8.12 12.40
C SER B 74 -0.71 9.54 12.60
N SER B 75 -1.57 9.99 11.69
CA SER B 75 -2.13 11.34 11.76
C SER B 75 -2.88 11.54 13.07
N THR B 76 -3.44 10.46 13.60
CA THR B 76 -4.19 10.52 14.86
C THR B 76 -3.27 10.82 16.03
N HIS B 77 -1.96 10.71 15.80
CA HIS B 77 -0.97 10.97 16.84
C HIS B 77 -1.22 12.32 17.51
N GLU B 78 -1.50 13.33 16.69
CA GLU B 78 -1.74 14.68 17.18
C GLU B 78 -3.19 14.82 17.66
N ALA B 79 -4.05 13.89 17.22
CA ALA B 79 -5.45 13.91 17.60
C ALA B 79 -5.62 13.88 19.12
N ASN B 80 -4.59 13.40 19.82
CA ASN B 80 -4.62 13.33 21.26
C ASN B 80 -4.89 14.70 21.88
N THR B 81 -3.90 15.58 21.78
CA THR B 81 -4.03 16.93 22.32
C THR B 81 -5.25 17.63 21.77
N MET B 82 -5.57 17.37 20.51
CA MET B 82 -6.72 17.97 19.86
C MET B 82 -7.98 17.79 20.70
N ALA B 83 -8.03 16.68 21.43
CA ALA B 83 -9.18 16.38 22.28
C ALA B 83 -9.48 17.54 23.22
N MET B 84 -8.44 18.22 23.68
CA MET B 84 -8.60 19.35 24.57
C MET B 84 -9.19 20.55 23.84
N MET B 85 -10.49 20.75 24.01
CA MET B 85 -11.18 21.86 23.36
C MET B 85 -10.68 23.20 23.89
N ALA B 86 -10.30 23.22 25.17
CA ALA B 86 -9.79 24.43 25.80
C ALA B 86 -8.66 25.04 24.98
N ARG B 87 -7.56 24.30 24.85
CA ARG B 87 -6.41 24.77 24.10
C ARG B 87 -6.74 24.90 22.62
N ASP B 88 -7.66 24.07 22.14
CA ASP B 88 -8.07 24.10 20.75
C ASP B 88 -9.12 25.18 20.51
N THR B 89 -8.65 26.39 20.21
CA THR B 89 -9.55 27.51 19.96
C THR B 89 -9.46 27.99 18.51
N ALA B 90 -8.26 27.92 17.96
CA ALA B 90 -8.04 28.33 16.57
C ALA B 90 -8.31 27.19 15.61
N GLU B 91 -8.13 25.96 16.08
CA GLU B 91 -8.36 24.78 15.26
C GLU B 91 -9.86 24.49 15.13
N ALA B 92 -10.50 24.23 16.27
CA ALA B 92 -11.93 23.94 16.28
C ALA B 92 -12.72 25.02 15.55
N ALA B 93 -12.19 26.23 15.54
CA ALA B 93 -12.84 27.36 14.87
C ALA B 93 -12.32 27.52 13.45
N LYS B 94 -11.12 27.01 13.20
CA LYS B 94 -10.51 27.11 11.88
C LYS B 94 -11.47 26.61 10.80
N TRP B 95 -11.59 27.38 9.73
CA TRP B 95 -12.48 27.02 8.62
C TRP B 95 -11.68 26.71 7.36
N GLY B 96 -11.41 25.43 7.15
CA GLY B 96 -10.65 25.01 5.98
C GLY B 96 -9.82 23.77 6.24
N GLY B 97 -9.36 23.13 5.16
CA GLY B 97 -8.55 21.94 5.29
C GLY B 97 -7.59 21.75 4.14
N MET A 1 24.42 -9.45 -42.26
CA MET A 1 23.50 -8.48 -41.68
C MET A 1 23.12 -8.86 -40.25
N SER A 2 23.65 -8.12 -39.29
CA SER A 2 23.37 -8.39 -37.88
C SER A 2 23.56 -7.13 -37.04
N LEU A 3 23.05 -7.17 -35.82
CA LEU A 3 23.16 -6.03 -34.91
C LEU A 3 24.01 -6.39 -33.69
N LEU A 4 24.31 -5.39 -32.87
CA LEU A 4 25.11 -5.59 -31.68
C LEU A 4 24.23 -5.56 -30.42
N ASP A 5 24.29 -6.63 -29.64
CA ASP A 5 23.50 -6.73 -28.41
C ASP A 5 24.37 -6.43 -27.19
N ALA A 6 25.37 -5.58 -27.37
CA ALA A 6 26.26 -5.21 -26.28
C ALA A 6 26.02 -3.77 -25.83
N HIS A 7 26.12 -2.83 -26.77
CA HIS A 7 25.91 -1.42 -26.46
C HIS A 7 24.58 -1.22 -25.74
N ILE A 8 23.59 -2.02 -26.10
CA ILE A 8 22.27 -1.92 -25.49
C ILE A 8 22.14 -2.88 -24.31
N PRO A 9 21.28 -2.53 -23.34
CA PRO A 9 21.04 -3.33 -22.15
C PRO A 9 20.30 -4.63 -22.47
N GLN A 10 21.05 -5.65 -22.88
CA GLN A 10 20.45 -6.94 -23.21
C GLN A 10 20.86 -8.00 -22.19
N LEU A 11 20.00 -9.00 -22.03
CA LEU A 11 20.26 -10.08 -21.08
C LEU A 11 20.37 -9.54 -19.65
N VAL A 12 19.81 -8.36 -19.43
CA VAL A 12 19.83 -7.74 -18.11
C VAL A 12 18.49 -7.91 -17.41
N ALA A 13 18.55 -8.10 -16.08
CA ALA A 13 17.34 -8.28 -15.29
C ALA A 13 16.51 -9.45 -15.80
N SER A 14 17.17 -10.39 -16.48
CA SER A 14 16.49 -11.56 -17.02
C SER A 14 16.25 -12.59 -15.93
N GLN A 15 17.16 -12.67 -14.97
CA GLN A 15 17.05 -13.61 -13.87
C GLN A 15 15.75 -13.39 -13.10
N SER A 16 15.61 -12.22 -12.50
CA SER A 16 14.42 -11.89 -11.73
C SER A 16 14.52 -10.47 -11.15
N ALA A 17 13.86 -9.54 -11.80
CA ALA A 17 13.86 -8.14 -11.36
C ALA A 17 12.48 -7.71 -10.89
N PHE A 18 11.45 -8.16 -11.59
CA PHE A 18 10.08 -7.82 -11.25
C PHE A 18 9.59 -8.64 -10.07
N ALA A 19 9.80 -9.95 -10.15
CA ALA A 19 9.38 -10.86 -9.08
C ALA A 19 9.91 -10.40 -7.73
N ALA A 20 11.06 -9.75 -7.74
CA ALA A 20 11.68 -9.25 -6.52
C ALA A 20 10.85 -8.13 -5.91
N LYS A 21 10.55 -7.12 -6.72
CA LYS A 21 9.76 -5.98 -6.26
C LYS A 21 8.38 -6.43 -5.78
N ALA A 22 7.81 -7.42 -6.46
CA ALA A 22 6.50 -7.95 -6.11
C ALA A 22 6.51 -8.54 -4.70
N GLY A 23 7.48 -9.42 -4.44
CA GLY A 23 7.57 -10.05 -3.14
C GLY A 23 8.06 -9.09 -2.07
N LEU A 24 8.79 -8.06 -2.48
CA LEU A 24 9.32 -7.07 -1.55
C LEU A 24 8.24 -6.06 -1.17
N MET A 25 7.37 -5.75 -2.12
CA MET A 25 6.29 -4.80 -1.89
C MET A 25 5.45 -5.21 -0.69
N ARG A 26 4.87 -6.40 -0.75
CA ARG A 26 4.04 -6.90 0.34
C ARG A 26 4.83 -6.95 1.65
N HIS A 27 6.15 -7.01 1.53
CA HIS A 27 7.02 -7.06 2.71
C HIS A 27 7.22 -5.67 3.29
N THR A 28 7.36 -4.68 2.41
CA THR A 28 7.56 -3.30 2.84
C THR A 28 6.49 -2.87 3.83
N ILE A 29 5.24 -3.23 3.54
CA ILE A 29 4.12 -2.89 4.42
C ILE A 29 4.15 -3.73 5.69
N GLY A 30 4.35 -5.03 5.54
CA GLY A 30 4.39 -5.92 6.67
C GLY A 30 5.38 -5.46 7.73
N GLN A 31 6.57 -5.08 7.29
CA GLN A 31 7.61 -4.62 8.21
C GLN A 31 7.29 -3.24 8.75
N ALA A 32 6.77 -2.37 7.89
CA ALA A 32 6.41 -1.01 8.29
C ALA A 32 5.29 -1.02 9.32
N GLU A 33 4.45 -2.06 9.28
CA GLU A 33 3.34 -2.19 10.21
C GLU A 33 3.83 -2.60 11.59
N GLN A 34 4.88 -3.41 11.62
CA GLN A 34 5.44 -3.89 12.88
C GLN A 34 6.07 -2.73 13.66
N ALA A 35 6.64 -1.78 12.93
CA ALA A 35 7.27 -0.62 13.56
C ALA A 35 6.27 0.16 14.41
N ALA A 36 5.07 0.36 13.87
CA ALA A 36 4.03 1.09 14.58
C ALA A 36 3.64 0.36 15.87
N MET A 37 3.50 -0.96 15.78
CA MET A 37 3.13 -1.76 16.94
C MET A 37 4.04 -1.47 18.12
N SER A 38 5.34 -1.49 17.89
CA SER A 38 6.32 -1.23 18.94
C SER A 38 6.10 0.16 19.56
N ALA A 39 5.91 1.15 18.69
CA ALA A 39 5.69 2.52 19.14
C ALA A 39 4.41 2.63 19.97
N GLN A 40 3.49 1.70 19.73
CA GLN A 40 2.22 1.70 20.44
C GLN A 40 2.35 0.95 21.78
N ALA A 41 3.50 0.34 21.99
CA ALA A 41 3.75 -0.40 23.22
C ALA A 41 3.60 0.50 24.44
N PHE A 42 3.74 1.81 24.24
CA PHE A 42 3.61 2.78 25.31
C PHE A 42 2.31 2.56 26.09
N HIS A 43 1.28 2.09 25.39
CA HIS A 43 -0.01 1.84 26.02
C HIS A 43 -0.58 0.49 25.57
N GLN A 44 0.21 -0.57 25.76
CA GLN A 44 -0.21 -1.91 25.37
C GLN A 44 -1.53 -2.28 26.05
N GLY A 45 -1.77 -1.68 27.21
CA GLY A 45 -3.00 -1.96 27.94
C GLY A 45 -4.23 -1.47 27.22
N GLU A 46 -4.20 -0.22 26.78
CA GLU A 46 -5.34 0.37 26.08
C GLU A 46 -4.87 1.13 24.84
N SER A 47 -5.47 0.83 23.70
CA SER A 47 -5.11 1.49 22.45
C SER A 47 -6.25 2.37 21.95
N SER A 48 -5.91 3.39 21.17
CA SER A 48 -6.91 4.32 20.64
C SER A 48 -7.51 3.77 19.34
N ALA A 49 -8.82 3.92 19.21
CA ALA A 49 -9.52 3.45 18.02
C ALA A 49 -8.96 4.09 16.76
N ALA A 50 -8.36 5.26 16.92
CA ALA A 50 -7.78 5.98 15.78
C ALA A 50 -6.82 5.09 15.00
N PHE A 51 -5.90 4.45 15.72
CA PHE A 51 -4.93 3.57 15.10
C PHE A 51 -5.61 2.48 14.28
N GLN A 52 -6.62 1.85 14.88
CA GLN A 52 -7.36 0.79 14.22
C GLN A 52 -8.08 1.31 12.97
N ALA A 53 -8.78 2.43 13.13
CA ALA A 53 -9.50 3.05 12.03
C ALA A 53 -8.62 3.15 10.79
N ALA A 54 -7.48 3.82 10.92
CA ALA A 54 -6.55 3.99 9.82
C ALA A 54 -5.86 2.68 9.47
N HIS A 55 -5.71 1.81 10.47
CA HIS A 55 -5.07 0.52 10.26
C HIS A 55 -5.87 -0.34 9.29
N ALA A 56 -7.15 -0.51 9.57
CA ALA A 56 -8.03 -1.30 8.71
C ALA A 56 -8.11 -0.71 7.31
N ARG A 57 -7.99 0.61 7.22
CA ARG A 57 -8.04 1.30 5.94
C ARG A 57 -6.83 0.97 5.09
N PHE A 58 -5.68 0.84 5.74
CA PHE A 58 -4.44 0.51 5.03
C PHE A 58 -4.45 -0.92 4.52
N VAL A 59 -4.70 -1.86 5.43
CA VAL A 59 -4.74 -3.28 5.07
C VAL A 59 -5.70 -3.51 3.89
N ALA A 60 -6.81 -2.78 3.88
CA ALA A 60 -7.80 -2.90 2.83
C ALA A 60 -7.21 -2.51 1.48
N ALA A 61 -6.26 -1.58 1.50
CA ALA A 61 -5.63 -1.10 0.27
C ALA A 61 -4.57 -2.08 -0.20
N ALA A 62 -3.76 -2.57 0.73
CA ALA A 62 -2.69 -3.52 0.39
C ALA A 62 -3.25 -4.70 -0.40
N ALA A 63 -4.49 -5.05 -0.14
CA ALA A 63 -5.14 -6.16 -0.82
C ALA A 63 -5.14 -5.94 -2.33
N LYS A 64 -5.44 -4.71 -2.75
CA LYS A 64 -5.47 -4.36 -4.17
C LYS A 64 -4.11 -4.61 -4.81
N VAL A 65 -3.06 -4.05 -4.22
CA VAL A 65 -1.71 -4.21 -4.75
C VAL A 65 -1.36 -5.69 -4.91
N ASN A 66 -1.54 -6.45 -3.84
CA ASN A 66 -1.24 -7.88 -3.87
C ASN A 66 -1.94 -8.57 -5.03
N THR A 67 -3.09 -8.03 -5.42
CA THR A 67 -3.86 -8.59 -6.53
C THR A 67 -3.29 -8.15 -7.87
N LEU A 68 -2.65 -6.98 -7.88
CA LEU A 68 -2.06 -6.44 -9.10
C LEU A 68 -0.78 -7.18 -9.46
N LEU A 69 0.02 -7.48 -8.44
CA LEU A 69 1.27 -8.19 -8.66
C LEU A 69 1.04 -9.51 -9.41
N ASP A 70 0.10 -10.30 -8.92
CA ASP A 70 -0.21 -11.58 -9.54
C ASP A 70 -0.67 -11.39 -10.98
N VAL A 71 -1.32 -10.25 -11.25
CA VAL A 71 -1.81 -9.95 -12.58
C VAL A 71 -0.66 -9.50 -13.49
N ALA A 72 0.28 -8.75 -12.92
CA ALA A 72 1.42 -8.26 -13.68
C ALA A 72 2.25 -9.42 -14.22
N GLN A 73 2.59 -10.35 -13.34
CA GLN A 73 3.39 -11.51 -13.73
C GLN A 73 2.58 -12.47 -14.60
N ALA A 74 1.28 -12.56 -14.32
CA ALA A 74 0.40 -13.43 -15.07
C ALA A 74 0.21 -12.94 -16.49
N ASN A 75 0.02 -11.62 -16.65
CA ASN A 75 -0.16 -11.03 -17.96
C ASN A 75 1.17 -10.97 -18.72
N LEU A 76 2.24 -10.67 -18.00
CA LEU A 76 3.56 -10.58 -18.61
C LEU A 76 4.11 -11.98 -18.93
N GLY A 77 3.64 -12.97 -18.19
CA GLY A 77 4.09 -14.34 -18.41
C GLY A 77 5.49 -14.58 -17.89
N GLU A 78 6.48 -14.03 -18.57
CA GLU A 78 7.88 -14.18 -18.16
C GLU A 78 8.05 -13.81 -16.69
N ALA A 79 7.48 -12.68 -16.30
CA ALA A 79 7.58 -12.22 -14.92
C ALA A 79 7.09 -13.28 -13.95
N ALA A 80 6.22 -14.15 -14.42
CA ALA A 80 5.67 -15.22 -13.59
C ALA A 80 6.43 -16.53 -13.81
N GLY A 81 6.06 -17.56 -13.05
CA GLY A 81 6.72 -18.84 -13.17
C GLY A 81 6.56 -19.70 -11.93
N THR A 82 5.31 -19.94 -11.54
CA THR A 82 5.02 -20.74 -10.36
C THR A 82 3.87 -21.70 -10.61
N TYR A 83 3.60 -22.57 -9.65
CA TYR A 83 2.51 -23.53 -9.77
C TYR A 83 1.92 -23.86 -8.40
N VAL A 84 0.81 -24.59 -8.41
CA VAL A 84 0.15 -24.97 -7.16
C VAL A 84 0.88 -26.12 -6.49
N ALA A 85 1.88 -25.78 -5.67
CA ALA A 85 2.65 -26.79 -4.97
C ALA A 85 1.96 -27.21 -3.67
N ALA A 86 0.84 -27.93 -3.81
CA ALA A 86 0.09 -28.40 -2.66
C ALA A 86 0.29 -29.89 -2.43
N ASP A 87 0.46 -30.63 -3.52
CA ASP A 87 0.67 -32.08 -3.44
C ASP A 87 -0.55 -32.77 -2.84
N ALA A 88 -0.60 -34.09 -2.97
CA ALA A 88 -1.70 -34.86 -2.43
C ALA A 88 -3.01 -34.52 -3.13
N ALA A 89 -3.98 -35.43 -3.07
CA ALA A 89 -5.27 -35.21 -3.70
C ALA A 89 -6.24 -34.54 -2.73
N ALA A 90 -6.07 -34.79 -1.45
CA ALA A 90 -6.93 -34.21 -0.43
C ALA A 90 -6.37 -32.89 0.08
N ALA A 91 -5.40 -32.34 -0.66
CA ALA A 91 -4.79 -31.07 -0.28
C ALA A 91 -5.83 -29.98 -0.11
N SER A 92 -6.95 -30.12 -0.80
CA SER A 92 -8.03 -29.14 -0.71
C SER A 92 -9.37 -29.77 -1.09
N THR A 93 -10.17 -30.08 -0.08
CA THR A 93 -11.48 -30.69 -0.31
C THR A 93 -12.45 -30.34 0.81
N TYR A 94 -13.34 -29.38 0.54
CA TYR A 94 -14.32 -28.95 1.53
C TYR A 94 -15.25 -27.90 0.93
N THR A 95 -16.51 -27.91 1.36
CA THR A 95 -17.50 -26.95 0.88
C THR A 95 -17.62 -27.01 -0.64
N GLY A 96 -18.22 -28.08 -1.15
CA GLY A 96 -18.39 -28.23 -2.58
C GLY A 96 -19.64 -29.01 -2.93
N PHE A 97 -20.67 -28.29 -3.39
CA PHE A 97 -21.93 -28.92 -3.76
C PHE A 97 -22.51 -29.71 -2.59
N SER B 1 -18.30 12.44 17.78
CA SER B 1 -18.54 12.90 19.15
C SER B 1 -17.75 12.05 20.15
N MET B 2 -16.61 11.54 19.71
CA MET B 2 -15.75 10.72 20.57
C MET B 2 -14.78 11.61 21.35
N SER B 3 -15.30 12.33 22.34
CA SER B 3 -14.48 13.20 23.16
C SER B 3 -14.47 12.74 24.61
N GLN B 4 -15.53 12.03 25.00
CA GLN B 4 -15.64 11.53 26.36
C GLN B 4 -15.00 10.15 26.50
N ILE B 5 -14.28 9.74 25.46
CA ILE B 5 -13.62 8.43 25.47
C ILE B 5 -12.34 8.47 26.28
N MET B 6 -11.33 9.19 25.79
CA MET B 6 -10.06 9.30 26.48
C MET B 6 -9.25 10.50 25.96
N TYR B 7 -9.91 11.65 25.90
CA TYR B 7 -9.26 12.87 25.42
C TYR B 7 -9.32 13.97 26.47
N ASN B 8 -8.70 13.72 27.61
CA ASN B 8 -8.68 14.68 28.70
C ASN B 8 -7.70 15.82 28.40
N TYR B 9 -6.47 15.45 28.07
CA TYR B 9 -5.45 16.45 27.76
C TYR B 9 -4.99 16.32 26.30
N PRO B 10 -4.38 17.39 25.78
CA PRO B 10 -3.88 17.44 24.41
C PRO B 10 -2.68 16.53 24.19
N ALA B 11 -2.01 16.18 25.28
CA ALA B 11 -0.84 15.31 25.21
C ALA B 11 -1.22 13.93 24.69
N MET B 12 -2.46 13.53 24.94
CA MET B 12 -2.96 12.23 24.51
C MET B 12 -3.33 12.25 23.03
N LEU B 13 -4.02 13.32 22.62
CA LEU B 13 -4.44 13.47 21.23
C LEU B 13 -3.24 13.61 20.30
N GLY B 14 -2.38 14.59 20.60
CA GLY B 14 -1.20 14.79 19.78
C GLY B 14 -0.18 13.69 19.94
N HIS B 15 0.52 13.36 18.86
CA HIS B 15 1.53 12.31 18.89
C HIS B 15 2.19 12.15 17.52
N ALA B 16 3.18 11.27 17.44
CA ALA B 16 3.89 11.02 16.20
C ALA B 16 4.57 12.28 15.69
N GLY B 17 5.21 12.18 14.53
CA GLY B 17 5.91 13.32 13.96
C GLY B 17 7.23 12.95 13.32
N ASP B 18 7.25 11.80 12.65
CA ASP B 18 8.47 11.32 12.00
C ASP B 18 8.22 10.00 11.29
N MET B 19 7.42 9.14 11.92
CA MET B 19 7.10 7.84 11.34
C MET B 19 6.45 7.99 9.96
N ALA B 20 5.82 9.14 9.73
CA ALA B 20 5.17 9.41 8.46
C ALA B 20 6.13 9.19 7.30
N GLY B 21 7.41 9.41 7.53
CA GLY B 21 8.41 9.22 6.49
C GLY B 21 8.38 7.82 5.91
N TYR B 22 8.03 6.85 6.75
CA TYR B 22 7.97 5.46 6.31
C TYR B 22 6.97 5.29 5.17
N ALA B 23 5.80 5.91 5.31
CA ALA B 23 4.77 5.83 4.30
C ALA B 23 5.31 6.20 2.92
N GLY B 24 6.04 7.30 2.85
CA GLY B 24 6.61 7.74 1.59
C GLY B 24 7.41 6.65 0.90
N THR B 25 7.95 5.72 1.70
CA THR B 25 8.74 4.63 1.15
C THR B 25 7.91 3.76 0.21
N LEU B 26 6.64 3.58 0.55
CA LEU B 26 5.74 2.78 -0.28
C LEU B 26 5.52 3.42 -1.63
N GLN B 27 5.26 4.73 -1.63
CA GLN B 27 5.03 5.47 -2.86
C GLN B 27 6.16 5.23 -3.86
N SER B 28 7.39 5.22 -3.35
CA SER B 28 8.56 5.01 -4.19
C SER B 28 8.70 3.55 -4.58
N LEU B 29 8.28 2.65 -3.68
CA LEU B 29 8.35 1.22 -3.93
C LEU B 29 7.38 0.81 -5.03
N GLY B 30 6.15 1.33 -4.95
CA GLY B 30 5.15 1.01 -5.94
C GLY B 30 5.48 1.56 -7.32
N ALA B 31 5.93 2.81 -7.36
CA ALA B 31 6.29 3.45 -8.62
C ALA B 31 7.30 2.60 -9.40
N GLU B 32 8.14 1.87 -8.68
CA GLU B 32 9.15 1.02 -9.30
C GLU B 32 8.49 -0.08 -10.11
N ILE B 33 7.44 -0.67 -9.57
CA ILE B 33 6.72 -1.74 -10.25
C ILE B 33 5.91 -1.20 -11.42
N ALA B 34 5.40 0.03 -11.27
CA ALA B 34 4.62 0.66 -12.32
C ALA B 34 5.47 0.97 -13.55
N VAL B 35 6.69 1.44 -13.31
CA VAL B 35 7.60 1.77 -14.40
C VAL B 35 8.23 0.51 -15.00
N GLU B 36 8.42 -0.50 -14.15
CA GLU B 36 9.01 -1.76 -14.60
C GLU B 36 8.12 -2.44 -15.64
N GLN B 37 6.85 -2.62 -15.30
CA GLN B 37 5.90 -3.25 -16.20
C GLN B 37 5.64 -2.37 -17.42
N ALA B 38 5.75 -1.07 -17.24
CA ALA B 38 5.53 -0.12 -18.34
C ALA B 38 6.50 -0.38 -19.49
N ALA B 39 7.65 -0.98 -19.17
CA ALA B 39 8.64 -1.28 -20.19
C ALA B 39 8.27 -2.55 -20.96
N LEU B 40 7.50 -3.43 -20.32
CA LEU B 40 7.08 -4.66 -20.95
C LEU B 40 5.64 -4.56 -21.46
N GLN B 41 5.22 -3.34 -21.74
CA GLN B 41 3.86 -3.09 -22.24
C GLN B 41 3.56 -3.99 -23.44
N SER B 42 4.45 -3.97 -24.43
CA SER B 42 4.28 -4.77 -25.64
C SER B 42 4.12 -6.24 -25.28
N ALA B 43 4.69 -6.64 -24.15
CA ALA B 43 4.62 -8.02 -23.70
C ALA B 43 3.27 -8.33 -23.06
N TRP B 44 2.68 -7.32 -22.42
CA TRP B 44 1.39 -7.48 -21.77
C TRP B 44 0.37 -8.08 -22.72
N GLN B 45 -0.57 -8.83 -22.17
CA GLN B 45 -1.62 -9.48 -22.98
C GLN B 45 -2.89 -8.65 -22.97
N GLY B 46 -3.49 -8.50 -21.79
CA GLY B 46 -4.71 -7.74 -21.65
C GLY B 46 -5.94 -8.54 -22.03
N ASP B 47 -5.79 -9.86 -22.08
CA ASP B 47 -6.90 -10.74 -22.43
C ASP B 47 -7.25 -11.65 -21.25
N THR B 48 -6.27 -11.93 -20.41
CA THR B 48 -6.48 -12.79 -19.25
C THR B 48 -7.19 -12.05 -18.13
N GLY B 49 -6.97 -10.74 -18.06
CA GLY B 49 -7.59 -9.93 -17.03
C GLY B 49 -7.34 -8.45 -17.22
N ILE B 50 -6.72 -7.83 -16.21
CA ILE B 50 -6.43 -6.41 -16.28
C ILE B 50 -5.63 -6.06 -17.53
N THR B 51 -5.91 -4.90 -18.10
CA THR B 51 -5.21 -4.46 -19.31
C THR B 51 -4.10 -3.47 -18.97
N TYR B 52 -3.32 -3.09 -19.98
CA TYR B 52 -2.21 -2.17 -19.79
C TYR B 52 -2.72 -0.81 -19.31
N GLN B 53 -3.83 -0.36 -19.88
CA GLN B 53 -4.42 0.92 -19.51
C GLN B 53 -5.12 0.83 -18.16
N ALA B 54 -5.85 -0.26 -17.95
CA ALA B 54 -6.57 -0.46 -16.69
C ALA B 54 -5.59 -0.65 -15.53
N TRP B 55 -4.47 -1.30 -15.80
CA TRP B 55 -3.46 -1.54 -14.79
C TRP B 55 -2.76 -0.24 -14.39
N GLN B 56 -2.22 0.47 -15.38
CA GLN B 56 -1.54 1.73 -15.12
C GLN B 56 -2.42 2.68 -14.33
N ALA B 57 -3.74 2.54 -14.49
CA ALA B 57 -4.68 3.39 -13.79
C ALA B 57 -5.11 2.76 -12.47
N GLN B 58 -5.05 1.44 -12.39
CA GLN B 58 -5.43 0.71 -11.18
C GLN B 58 -4.35 0.82 -10.12
N TRP B 59 -3.12 0.48 -10.50
CA TRP B 59 -2.00 0.54 -9.57
C TRP B 59 -1.84 1.94 -8.99
N ASN B 60 -2.00 2.95 -9.85
CA ASN B 60 -1.87 4.34 -9.42
C ASN B 60 -2.79 4.63 -8.23
N GLN B 61 -4.06 4.24 -8.37
CA GLN B 61 -5.04 4.46 -7.31
C GLN B 61 -4.67 3.67 -6.06
N ALA B 62 -4.32 2.40 -6.24
CA ALA B 62 -3.94 1.54 -5.13
C ALA B 62 -2.78 2.13 -4.35
N MET B 63 -1.69 2.43 -5.05
CA MET B 63 -0.51 3.00 -4.42
C MET B 63 -0.85 4.28 -3.68
N GLU B 64 -1.41 5.24 -4.40
CA GLU B 64 -1.79 6.53 -3.81
C GLU B 64 -2.65 6.32 -2.58
N ASP B 65 -3.48 5.28 -2.61
CA ASP B 65 -4.36 4.97 -1.50
C ASP B 65 -3.56 4.56 -0.26
N LEU B 66 -2.64 3.61 -0.45
CA LEU B 66 -1.81 3.12 0.65
C LEU B 66 -1.04 4.26 1.29
N VAL B 67 -0.40 5.09 0.47
CA VAL B 67 0.37 6.22 0.96
C VAL B 67 -0.46 7.09 1.89
N ARG B 68 -1.66 7.44 1.45
CA ARG B 68 -2.56 8.26 2.25
C ARG B 68 -3.09 7.49 3.45
N ALA B 69 -3.22 6.18 3.29
CA ALA B 69 -3.72 5.32 4.36
C ALA B 69 -2.87 5.48 5.62
N TYR B 70 -1.56 5.60 5.44
CA TYR B 70 -0.64 5.76 6.55
C TYR B 70 -0.79 7.12 7.21
N HIS B 71 -0.73 8.18 6.41
CA HIS B 71 -0.87 9.53 6.91
C HIS B 71 -2.21 9.72 7.62
N ALA B 72 -3.18 8.87 7.27
CA ALA B 72 -4.50 8.93 7.87
C ALA B 72 -4.42 8.91 9.39
N MET B 73 -3.52 8.08 9.92
CA MET B 73 -3.33 7.96 11.37
C MET B 73 -2.80 9.27 11.95
N SER B 74 -1.93 9.93 11.20
CA SER B 74 -1.34 11.19 11.66
C SER B 74 -2.29 12.36 11.38
N SER B 75 -3.45 12.06 10.81
CA SER B 75 -4.43 13.08 10.49
C SER B 75 -4.90 13.80 11.76
N THR B 76 -4.68 13.17 12.90
CA THR B 76 -5.08 13.75 14.18
C THR B 76 -4.12 14.85 14.61
N HIS B 77 -3.05 15.04 13.83
CA HIS B 77 -2.06 16.08 14.12
C HIS B 77 -2.72 17.44 14.22
N GLU B 78 -3.51 17.80 13.21
CA GLU B 78 -4.19 19.08 13.19
C GLU B 78 -5.48 19.03 14.03
N ALA B 79 -5.94 17.82 14.31
CA ALA B 79 -7.16 17.63 15.09
C ALA B 79 -7.10 18.42 16.39
N ASN B 80 -5.89 18.63 16.90
CA ASN B 80 -5.70 19.37 18.15
C ASN B 80 -6.06 20.84 17.96
N THR B 81 -5.68 21.39 16.81
CA THR B 81 -5.97 22.79 16.51
C THR B 81 -7.46 23.07 16.54
N MET B 82 -8.26 22.02 16.33
CA MET B 82 -9.71 22.16 16.34
C MET B 82 -10.19 22.86 17.60
N ALA B 83 -9.44 22.70 18.68
CA ALA B 83 -9.78 23.32 19.95
C ALA B 83 -10.03 24.82 19.78
N MET B 84 -9.34 25.42 18.81
CA MET B 84 -9.48 26.84 18.55
C MET B 84 -10.40 27.08 17.35
N MET B 85 -11.71 27.08 17.60
CA MET B 85 -12.68 27.30 16.53
C MET B 85 -12.41 28.62 15.81
N ALA B 86 -11.79 29.55 16.51
CA ALA B 86 -11.46 30.85 15.94
C ALA B 86 -10.62 30.70 14.67
N ARG B 87 -9.87 29.61 14.59
CA ARG B 87 -9.02 29.35 13.44
C ARG B 87 -9.86 28.98 12.22
N ASP B 88 -11.14 28.70 12.45
CA ASP B 88 -12.04 28.33 11.37
C ASP B 88 -11.98 29.35 10.23
N THR B 89 -11.86 28.86 9.00
CA THR B 89 -11.79 29.72 7.83
C THR B 89 -12.18 28.96 6.57
N ALA B 90 -11.51 27.85 6.32
CA ALA B 90 -11.78 27.04 5.14
C ALA B 90 -12.81 25.96 5.44
N GLU B 91 -12.93 25.61 6.73
CA GLU B 91 -13.88 24.59 7.15
C GLU B 91 -15.30 25.12 7.12
N ALA B 92 -15.57 26.17 7.90
CA ALA B 92 -16.88 26.77 7.97
C ALA B 92 -17.28 27.36 6.60
N ALA B 93 -16.29 27.70 5.80
CA ALA B 93 -16.52 28.26 4.48
C ALA B 93 -16.75 27.17 3.44
N LYS B 94 -16.21 25.99 3.72
CA LYS B 94 -16.36 24.86 2.81
C LYS B 94 -17.83 24.55 2.53
N TRP B 95 -18.07 23.61 1.64
CA TRP B 95 -19.44 23.23 1.30
C TRP B 95 -19.66 21.73 1.49
N GLY B 96 -19.07 20.93 0.61
CA GLY B 96 -19.20 19.49 0.70
C GLY B 96 -19.48 18.84 -0.64
N GLY B 97 -18.49 18.10 -1.14
CA GLY B 97 -18.64 17.43 -2.42
C GLY B 97 -18.87 18.41 -3.56
N MET A 1 40.73 -0.01 -16.51
CA MET A 1 39.41 -0.19 -17.10
C MET A 1 38.33 -0.24 -16.02
N SER A 2 37.07 -0.28 -16.46
CA SER A 2 35.94 -0.32 -15.53
C SER A 2 35.07 -1.54 -15.81
N LEU A 3 35.46 -2.69 -15.27
CA LEU A 3 34.72 -3.92 -15.45
C LEU A 3 35.29 -5.04 -14.57
N LEU A 4 34.45 -5.57 -13.69
CA LEU A 4 34.87 -6.65 -12.80
C LEU A 4 33.96 -7.87 -12.95
N ASP A 5 34.56 -9.04 -13.06
CA ASP A 5 33.81 -10.28 -13.20
C ASP A 5 34.48 -11.41 -12.42
N ALA A 6 34.55 -11.26 -11.11
CA ALA A 6 35.15 -12.27 -10.25
C ALA A 6 34.09 -13.10 -9.55
N HIS A 7 33.19 -12.43 -8.83
CA HIS A 7 32.12 -13.11 -8.10
C HIS A 7 30.88 -12.23 -8.02
N ILE A 8 30.40 -11.79 -9.18
CA ILE A 8 29.22 -10.95 -9.25
C ILE A 8 27.96 -11.77 -9.50
N PRO A 9 26.82 -11.27 -9.04
CA PRO A 9 25.53 -11.94 -9.21
C PRO A 9 25.06 -11.94 -10.65
N GLN A 10 25.59 -12.86 -11.45
CA GLN A 10 25.22 -12.95 -12.85
C GLN A 10 23.89 -13.70 -13.02
N LEU A 11 23.68 -14.71 -12.20
CA LEU A 11 22.45 -15.50 -12.25
C LEU A 11 21.86 -15.68 -10.86
N VAL A 12 21.19 -14.64 -10.37
CA VAL A 12 20.57 -14.68 -9.05
C VAL A 12 19.07 -14.44 -9.14
N ALA A 13 18.67 -13.56 -10.05
CA ALA A 13 17.26 -13.23 -10.25
C ALA A 13 16.98 -12.83 -11.69
N SER A 14 17.77 -13.37 -12.61
CA SER A 14 17.61 -13.06 -14.03
C SER A 14 16.30 -13.66 -14.57
N GLN A 15 16.01 -14.89 -14.16
CA GLN A 15 14.80 -15.57 -14.61
C GLN A 15 13.57 -14.70 -14.36
N SER A 16 13.63 -13.87 -13.33
CA SER A 16 12.51 -12.99 -12.99
C SER A 16 13.00 -11.81 -12.14
N ALA A 17 13.24 -10.68 -12.79
CA ALA A 17 13.70 -9.48 -12.11
C ALA A 17 12.52 -8.68 -11.56
N PHE A 18 11.39 -8.75 -12.25
CA PHE A 18 10.20 -8.03 -11.84
C PHE A 18 9.73 -8.48 -10.46
N ALA A 19 9.71 -9.79 -10.25
CA ALA A 19 9.29 -10.36 -8.98
C ALA A 19 10.04 -9.72 -7.82
N ALA A 20 11.31 -9.38 -8.06
CA ALA A 20 12.14 -8.77 -7.03
C ALA A 20 11.49 -7.50 -6.49
N LYS A 21 10.84 -6.75 -7.37
CA LYS A 21 10.18 -5.51 -6.99
C LYS A 21 8.86 -5.80 -6.27
N ALA A 22 8.04 -6.64 -6.88
CA ALA A 22 6.74 -7.01 -6.30
C ALA A 22 6.92 -7.62 -4.90
N GLY A 23 7.98 -8.41 -4.74
CA GLY A 23 8.23 -9.03 -3.47
C GLY A 23 8.72 -8.05 -2.41
N LEU A 24 9.34 -6.96 -2.87
CA LEU A 24 9.84 -5.93 -1.97
C LEU A 24 8.71 -5.05 -1.45
N MET A 25 7.68 -4.89 -2.27
CA MET A 25 6.53 -4.06 -1.88
C MET A 25 5.90 -4.58 -0.60
N ARG A 26 5.46 -5.84 -0.62
CA ARG A 26 4.84 -6.45 0.55
C ARG A 26 5.76 -6.37 1.76
N HIS A 27 7.06 -6.28 1.51
CA HIS A 27 8.04 -6.21 2.58
C HIS A 27 8.05 -4.82 3.21
N THR A 28 7.75 -3.80 2.41
CA THR A 28 7.72 -2.42 2.88
C THR A 28 6.56 -2.20 3.84
N ILE A 29 5.39 -2.69 3.46
CA ILE A 29 4.20 -2.54 4.29
C ILE A 29 4.27 -3.45 5.52
N GLY A 30 4.61 -4.71 5.29
CA GLY A 30 4.72 -5.67 6.38
C GLY A 30 5.63 -5.18 7.48
N GLN A 31 6.80 -4.68 7.11
CA GLN A 31 7.77 -4.18 8.09
C GLN A 31 7.32 -2.86 8.67
N ALA A 32 6.81 -1.97 7.81
CA ALA A 32 6.35 -0.66 8.25
C ALA A 32 5.18 -0.80 9.23
N GLU A 33 4.44 -1.89 9.11
CA GLU A 33 3.30 -2.13 9.99
C GLU A 33 3.76 -2.54 11.37
N GLN A 34 4.80 -3.36 11.43
CA GLN A 34 5.35 -3.82 12.70
C GLN A 34 5.89 -2.65 13.53
N ALA A 35 6.44 -1.66 12.84
CA ALA A 35 6.99 -0.49 13.50
C ALA A 35 5.95 0.19 14.39
N ALA A 36 4.75 0.39 13.84
CA ALA A 36 3.67 1.03 14.57
C ALA A 36 3.34 0.24 15.84
N MET A 37 3.63 -1.05 15.82
CA MET A 37 3.35 -1.91 16.97
C MET A 37 4.35 -1.63 18.10
N SER A 38 5.56 -1.25 17.73
CA SER A 38 6.60 -0.96 18.71
C SER A 38 6.11 0.08 19.73
N ALA A 39 5.53 1.17 19.22
CA ALA A 39 5.02 2.23 20.07
C ALA A 39 3.87 1.74 20.95
N GLN A 40 3.15 0.74 20.45
CA GLN A 40 2.03 0.17 21.18
C GLN A 40 2.49 -0.90 22.15
N ALA A 41 3.77 -1.24 22.08
CA ALA A 41 4.35 -2.26 22.97
C ALA A 41 4.16 -1.88 24.43
N PHE A 42 3.98 -0.59 24.68
CA PHE A 42 3.79 -0.09 26.04
C PHE A 42 2.69 -0.88 26.75
N HIS A 43 1.71 -1.35 25.99
CA HIS A 43 0.60 -2.11 26.55
C HIS A 43 0.41 -3.42 25.78
N GLN A 44 0.18 -3.31 24.48
CA GLN A 44 -0.03 -4.48 23.63
C GLN A 44 -1.27 -5.25 24.07
N GLY A 45 -2.36 -5.07 23.32
CA GLY A 45 -3.60 -5.75 23.64
C GLY A 45 -4.68 -4.80 24.10
N GLU A 46 -5.83 -4.84 23.44
CA GLU A 46 -6.95 -3.96 23.78
C GLU A 46 -6.56 -2.49 23.62
N SER A 47 -7.54 -1.61 23.75
CA SER A 47 -7.31 -0.18 23.62
C SER A 47 -6.80 0.16 22.23
N SER A 48 -7.73 0.38 21.30
CA SER A 48 -7.37 0.72 19.93
C SER A 48 -8.62 1.04 19.11
N ALA A 49 -9.33 2.08 19.53
CA ALA A 49 -10.54 2.51 18.85
C ALA A 49 -10.21 3.31 17.59
N ALA A 50 -9.41 4.36 17.76
CA ALA A 50 -9.02 5.20 16.63
C ALA A 50 -7.97 4.52 15.77
N PHE A 51 -7.00 3.86 16.42
CA PHE A 51 -5.95 3.15 15.72
C PHE A 51 -6.52 2.08 14.81
N GLN A 52 -7.60 1.44 15.25
CA GLN A 52 -8.25 0.39 14.48
C GLN A 52 -8.67 0.90 13.11
N ALA A 53 -9.42 1.99 13.09
CA ALA A 53 -9.89 2.58 11.84
C ALA A 53 -8.73 2.81 10.87
N ALA A 54 -7.65 3.39 11.38
CA ALA A 54 -6.47 3.66 10.57
C ALA A 54 -5.83 2.37 10.09
N HIS A 55 -5.82 1.36 10.95
CA HIS A 55 -5.23 0.07 10.60
C HIS A 55 -6.06 -0.63 9.52
N ALA A 56 -7.37 -0.53 9.63
CA ALA A 56 -8.27 -1.16 8.66
C ALA A 56 -8.25 -0.40 7.33
N ARG A 57 -8.01 0.90 7.40
CA ARG A 57 -7.96 1.73 6.20
C ARG A 57 -6.75 1.37 5.33
N PHE A 58 -5.66 0.97 5.99
CA PHE A 58 -4.44 0.59 5.29
C PHE A 58 -4.62 -0.74 4.56
N VAL A 59 -5.02 -1.77 5.31
CA VAL A 59 -5.21 -3.09 4.74
C VAL A 59 -6.17 -3.04 3.55
N ALA A 60 -7.12 -2.11 3.61
CA ALA A 60 -8.10 -1.96 2.53
C ALA A 60 -7.41 -1.62 1.22
N ALA A 61 -6.46 -0.69 1.27
CA ALA A 61 -5.73 -0.28 0.08
C ALA A 61 -4.64 -1.29 -0.28
N ALA A 62 -3.95 -1.78 0.75
CA ALA A 62 -2.88 -2.75 0.54
C ALA A 62 -3.35 -3.92 -0.30
N ALA A 63 -4.60 -4.34 -0.08
CA ALA A 63 -5.18 -5.45 -0.82
C ALA A 63 -5.13 -5.20 -2.33
N LYS A 64 -5.52 -3.99 -2.73
CA LYS A 64 -5.51 -3.62 -4.14
C LYS A 64 -4.11 -3.78 -4.74
N VAL A 65 -3.13 -3.17 -4.09
CA VAL A 65 -1.75 -3.25 -4.57
C VAL A 65 -1.27 -4.70 -4.65
N ASN A 66 -1.42 -5.42 -3.55
CA ASN A 66 -1.01 -6.82 -3.49
C ASN A 66 -1.63 -7.62 -4.63
N THR A 67 -2.86 -7.28 -4.98
CA THR A 67 -3.57 -7.96 -6.06
C THR A 67 -2.99 -7.59 -7.42
N LEU A 68 -2.39 -6.41 -7.51
CA LEU A 68 -1.79 -5.95 -8.75
C LEU A 68 -0.51 -6.71 -9.04
N LEU A 69 0.36 -6.82 -8.04
CA LEU A 69 1.62 -7.53 -8.19
C LEU A 69 1.40 -8.95 -8.69
N ASP A 70 0.28 -9.55 -8.27
CA ASP A 70 -0.05 -10.91 -8.67
C ASP A 70 -0.55 -10.94 -10.11
N VAL A 71 -1.22 -9.87 -10.52
CA VAL A 71 -1.76 -9.77 -11.88
C VAL A 71 -0.65 -9.46 -12.88
N ALA A 72 0.33 -8.66 -12.44
CA ALA A 72 1.44 -8.28 -13.30
C ALA A 72 2.24 -9.50 -13.74
N GLN A 73 2.60 -10.35 -12.78
CA GLN A 73 3.36 -11.55 -13.07
C GLN A 73 2.53 -12.54 -13.87
N ALA A 74 1.25 -12.68 -13.51
CA ALA A 74 0.36 -13.59 -14.19
C ALA A 74 0.14 -13.17 -15.64
N ASN A 75 -0.15 -11.89 -15.84
CA ASN A 75 -0.38 -11.37 -17.19
C ASN A 75 0.91 -11.39 -18.01
N LEU A 76 2.03 -11.09 -17.37
CA LEU A 76 3.32 -11.09 -18.04
C LEU A 76 3.78 -12.51 -18.34
N GLY A 77 3.33 -13.46 -17.52
CA GLY A 77 3.71 -14.85 -17.73
C GLY A 77 5.14 -15.14 -17.30
N GLU A 78 6.09 -14.64 -18.07
CA GLU A 78 7.51 -14.84 -17.76
C GLU A 78 7.81 -14.44 -16.33
N ALA A 79 7.28 -13.29 -15.92
CA ALA A 79 7.49 -12.79 -14.56
C ALA A 79 7.08 -13.82 -13.52
N ALA A 80 6.16 -14.70 -13.89
CA ALA A 80 5.68 -15.74 -12.99
C ALA A 80 5.94 -17.13 -13.56
N GLY A 81 5.36 -18.13 -12.92
CA GLY A 81 5.54 -19.50 -13.38
C GLY A 81 4.26 -20.09 -13.95
N THR A 82 3.12 -19.59 -13.48
CA THR A 82 1.82 -20.08 -13.94
C THR A 82 0.68 -19.29 -13.31
N TYR A 83 -0.53 -19.51 -13.81
CA TYR A 83 -1.70 -18.82 -13.30
C TYR A 83 -2.96 -19.65 -13.51
N VAL A 84 -4.03 -19.27 -12.82
CA VAL A 84 -5.30 -19.98 -12.93
C VAL A 84 -5.97 -19.71 -14.26
N ALA A 85 -5.59 -20.47 -15.29
CA ALA A 85 -6.15 -20.31 -16.61
C ALA A 85 -7.49 -21.02 -16.73
N ALA A 86 -8.45 -20.61 -15.91
CA ALA A 86 -9.78 -21.21 -15.92
C ALA A 86 -10.83 -20.22 -16.42
N ASP A 87 -10.60 -18.94 -16.16
CA ASP A 87 -11.52 -17.89 -16.58
C ASP A 87 -10.88 -16.51 -16.43
N ALA A 88 -11.61 -15.48 -16.84
CA ALA A 88 -11.11 -14.11 -16.75
C ALA A 88 -12.26 -13.13 -16.51
N ALA A 89 -11.94 -11.98 -15.93
CA ALA A 89 -12.94 -10.96 -15.66
C ALA A 89 -13.09 -10.00 -16.83
N ALA A 90 -12.01 -9.86 -17.61
CA ALA A 90 -12.03 -8.97 -18.77
C ALA A 90 -13.16 -9.34 -19.73
N ALA A 91 -13.46 -10.63 -19.80
CA ALA A 91 -14.53 -11.11 -20.68
C ALA A 91 -15.84 -10.39 -20.39
N SER A 92 -16.37 -10.59 -19.18
CA SER A 92 -17.63 -9.98 -18.79
C SER A 92 -18.72 -10.25 -19.82
N THR A 93 -18.75 -11.48 -20.33
CA THR A 93 -19.74 -11.86 -21.32
C THR A 93 -19.65 -10.99 -22.56
N TYR A 94 -20.54 -11.22 -23.53
CA TYR A 94 -20.56 -10.45 -24.76
C TYR A 94 -21.94 -9.86 -25.01
N THR A 95 -21.97 -8.58 -25.38
CA THR A 95 -23.23 -7.89 -25.65
C THR A 95 -23.10 -6.97 -26.86
N GLY A 96 -23.71 -7.37 -27.97
CA GLY A 96 -23.66 -6.56 -29.17
C GLY A 96 -24.83 -5.60 -29.29
N PHE A 97 -25.83 -5.98 -30.07
CA PHE A 97 -27.00 -5.14 -30.26
C PHE A 97 -27.68 -4.84 -28.93
N SER B 1 -12.35 6.44 17.17
CA SER B 1 -11.76 7.71 16.77
C SER B 1 -10.92 8.30 17.90
N MET B 2 -10.23 9.40 17.61
CA MET B 2 -9.40 10.07 18.60
C MET B 2 -9.66 11.57 18.59
N SER B 3 -10.81 11.97 18.07
CA SER B 3 -11.18 13.38 18.00
C SER B 3 -12.08 13.76 19.17
N GLN B 4 -12.61 12.76 19.86
CA GLN B 4 -13.49 13.00 21.00
C GLN B 4 -12.69 13.09 22.30
N ILE B 5 -11.37 13.18 22.16
CA ILE B 5 -10.50 13.28 23.32
C ILE B 5 -10.48 14.69 23.88
N MET B 6 -9.83 15.60 23.15
CA MET B 6 -9.75 17.00 23.57
C MET B 6 -8.95 17.82 22.56
N TYR B 7 -9.35 17.75 21.29
CA TYR B 7 -8.68 18.47 20.24
C TYR B 7 -9.68 19.23 19.37
N ASN B 8 -9.19 19.88 18.33
CA ASN B 8 -10.04 20.64 17.42
C ASN B 8 -10.63 19.73 16.33
N TYR B 9 -11.25 20.34 15.33
CA TYR B 9 -11.86 19.59 14.24
C TYR B 9 -10.80 18.81 13.46
N PRO B 10 -11.25 17.79 12.72
CA PRO B 10 -10.36 16.95 11.92
C PRO B 10 -9.77 17.69 10.72
N ALA B 11 -10.38 18.82 10.38
CA ALA B 11 -9.90 19.63 9.26
C ALA B 11 -8.43 20.00 9.42
N MET B 12 -8.09 20.52 10.59
CA MET B 12 -6.71 20.92 10.88
C MET B 12 -5.92 19.73 11.43
N LEU B 13 -6.61 18.84 12.12
CA LEU B 13 -5.96 17.67 12.71
C LEU B 13 -5.48 16.71 11.63
N GLY B 14 -4.25 16.93 11.16
CA GLY B 14 -3.69 16.08 10.13
C GLY B 14 -2.88 16.87 9.11
N HIS B 15 -1.69 17.29 9.50
CA HIS B 15 -0.82 18.06 8.61
C HIS B 15 0.63 17.61 8.76
N ALA B 16 1.15 17.67 9.99
CA ALA B 16 2.52 17.27 10.25
C ALA B 16 2.60 15.80 10.61
N GLY B 17 3.83 15.31 10.82
CA GLY B 17 4.01 13.91 11.16
C GLY B 17 5.28 13.33 10.56
N ASP B 18 6.21 12.93 11.43
CA ASP B 18 7.48 12.37 10.98
C ASP B 18 7.28 10.96 10.43
N MET B 19 6.25 10.28 10.92
CA MET B 19 5.94 8.93 10.46
C MET B 19 5.77 8.89 8.96
N ALA B 20 5.39 10.01 8.37
CA ALA B 20 5.19 10.10 6.93
C ALA B 20 6.41 9.58 6.17
N GLY B 21 7.58 9.76 6.77
CA GLY B 21 8.81 9.30 6.13
C GLY B 21 8.75 7.85 5.72
N TYR B 22 8.20 7.01 6.60
CA TYR B 22 8.08 5.58 6.32
C TYR B 22 7.20 5.34 5.11
N ALA B 23 5.97 5.83 5.17
CA ALA B 23 5.02 5.67 4.07
C ALA B 23 5.62 6.14 2.75
N GLY B 24 6.47 7.16 2.83
CA GLY B 24 7.10 7.69 1.63
C GLY B 24 7.77 6.61 0.80
N THR B 25 8.21 5.55 1.47
CA THR B 25 8.87 4.45 0.78
C THR B 25 7.94 3.75 -0.19
N LEU B 26 6.68 3.60 0.21
CA LEU B 26 5.67 2.95 -0.62
C LEU B 26 5.49 3.72 -1.94
N GLN B 27 5.50 5.05 -1.84
CA GLN B 27 5.32 5.89 -3.02
C GLN B 27 6.50 5.75 -3.97
N SER B 28 7.71 5.88 -3.43
CA SER B 28 8.92 5.76 -4.23
C SER B 28 9.06 4.36 -4.82
N LEU B 29 9.00 3.36 -3.95
CA LEU B 29 9.11 1.97 -4.37
C LEU B 29 7.98 1.59 -5.34
N GLY B 30 6.80 2.16 -5.11
CA GLY B 30 5.66 1.87 -5.95
C GLY B 30 5.94 2.19 -7.42
N ALA B 31 6.58 3.34 -7.65
CA ALA B 31 6.91 3.75 -9.02
C ALA B 31 7.79 2.72 -9.71
N GLU B 32 8.71 2.13 -8.95
CA GLU B 32 9.62 1.13 -9.50
C GLU B 32 8.84 -0.02 -10.15
N ILE B 33 7.78 -0.45 -9.48
CA ILE B 33 6.95 -1.53 -10.00
C ILE B 33 6.11 -1.08 -11.18
N ALA B 34 5.65 0.17 -11.12
CA ALA B 34 4.83 0.73 -12.19
C ALA B 34 5.64 0.91 -13.46
N VAL B 35 6.88 1.40 -13.32
CA VAL B 35 7.75 1.60 -14.46
C VAL B 35 8.35 0.29 -14.95
N GLU B 36 8.56 -0.64 -14.03
CA GLU B 36 9.12 -1.94 -14.37
C GLU B 36 8.25 -2.67 -15.36
N GLN B 37 6.95 -2.75 -15.08
CA GLN B 37 6.01 -3.43 -15.96
C GLN B 37 5.80 -2.63 -17.23
N ALA B 38 5.93 -1.32 -17.14
CA ALA B 38 5.75 -0.44 -18.30
C ALA B 38 6.73 -0.80 -19.41
N ALA B 39 7.85 -1.40 -19.03
CA ALA B 39 8.86 -1.80 -20.00
C ALA B 39 8.50 -3.14 -20.65
N LEU B 40 7.72 -3.94 -19.95
CA LEU B 40 7.30 -5.24 -20.47
C LEU B 40 5.87 -5.19 -20.98
N GLN B 41 5.43 -4.00 -21.38
CA GLN B 41 4.07 -3.82 -21.90
C GLN B 41 3.80 -4.77 -23.05
N SER B 42 4.72 -4.81 -24.02
CA SER B 42 4.58 -5.67 -25.18
C SER B 42 4.38 -7.13 -24.75
N ALA B 43 4.88 -7.47 -23.58
CA ALA B 43 4.76 -8.82 -23.05
C ALA B 43 3.38 -9.05 -22.45
N TRP B 44 2.78 -8.00 -21.92
CA TRP B 44 1.46 -8.09 -21.30
C TRP B 44 0.47 -8.74 -22.26
N GLN B 45 -0.52 -9.42 -21.70
CA GLN B 45 -1.54 -10.08 -22.50
C GLN B 45 -2.79 -9.20 -22.65
N GLY B 46 -3.46 -8.97 -21.52
CA GLY B 46 -4.66 -8.15 -21.55
C GLY B 46 -5.93 -8.97 -21.41
N ASP B 47 -5.87 -10.22 -21.88
CA ASP B 47 -7.03 -11.10 -21.82
C ASP B 47 -6.94 -12.01 -20.60
N THR B 48 -6.23 -11.56 -19.57
CA THR B 48 -6.07 -12.34 -18.35
C THR B 48 -6.46 -11.52 -17.12
N GLY B 49 -7.32 -10.52 -17.33
CA GLY B 49 -7.76 -9.68 -16.23
C GLY B 49 -7.53 -8.21 -16.50
N ILE B 50 -6.54 -7.64 -15.83
CA ILE B 50 -6.22 -6.23 -16.00
C ILE B 50 -5.44 -5.99 -17.28
N THR B 51 -5.70 -4.86 -17.94
CA THR B 51 -5.01 -4.52 -19.18
C THR B 51 -3.83 -3.59 -18.91
N TYR B 52 -3.02 -3.37 -19.94
CA TYR B 52 -1.85 -2.50 -19.83
C TYR B 52 -2.26 -1.08 -19.44
N GLN B 53 -3.34 -0.59 -20.05
CA GLN B 53 -3.83 0.75 -19.77
C GLN B 53 -4.55 0.80 -18.43
N ALA B 54 -5.35 -0.22 -18.16
CA ALA B 54 -6.10 -0.30 -16.91
C ALA B 54 -5.15 -0.43 -15.72
N TRP B 55 -4.06 -1.18 -15.91
CA TRP B 55 -3.09 -1.39 -14.85
C TRP B 55 -2.32 -0.10 -14.55
N GLN B 56 -1.73 0.48 -15.60
CA GLN B 56 -0.97 1.71 -15.45
C GLN B 56 -1.79 2.78 -14.76
N ALA B 57 -3.11 2.72 -14.94
CA ALA B 57 -4.01 3.69 -14.33
C ALA B 57 -4.52 3.20 -12.98
N GLN B 58 -4.50 1.88 -12.79
CA GLN B 58 -4.96 1.28 -11.55
C GLN B 58 -3.92 1.45 -10.44
N TRP B 59 -2.68 1.06 -10.74
CA TRP B 59 -1.60 1.18 -9.77
C TRP B 59 -1.51 2.59 -9.21
N ASN B 60 -1.52 3.58 -10.09
CA ASN B 60 -1.44 4.98 -9.68
C ASN B 60 -2.51 5.29 -8.62
N GLN B 61 -3.76 5.06 -8.98
CA GLN B 61 -4.86 5.32 -8.05
C GLN B 61 -4.69 4.55 -6.76
N ALA B 62 -4.40 3.25 -6.89
CA ALA B 62 -4.20 2.40 -5.72
C ALA B 62 -3.15 2.99 -4.78
N MET B 63 -1.97 3.26 -5.32
CA MET B 63 -0.88 3.83 -4.53
C MET B 63 -1.32 5.12 -3.84
N GLU B 64 -2.03 5.97 -4.58
CA GLU B 64 -2.51 7.24 -4.04
C GLU B 64 -3.30 7.01 -2.75
N ASP B 65 -4.33 6.19 -2.84
CA ASP B 65 -5.16 5.90 -1.68
C ASP B 65 -4.39 5.08 -0.64
N LEU B 66 -3.42 4.31 -1.11
CA LEU B 66 -2.60 3.48 -0.23
C LEU B 66 -1.71 4.35 0.65
N VAL B 67 -1.19 5.43 0.07
CA VAL B 67 -0.31 6.34 0.79
C VAL B 67 -1.07 7.06 1.91
N ARG B 68 -2.21 7.66 1.56
CA ARG B 68 -3.02 8.38 2.53
C ARG B 68 -3.46 7.46 3.66
N ALA B 69 -3.63 6.18 3.35
CA ALA B 69 -4.04 5.20 4.34
C ALA B 69 -3.10 5.18 5.54
N TYR B 70 -1.84 5.57 5.30
CA TYR B 70 -0.84 5.60 6.35
C TYR B 70 -0.89 6.92 7.11
N HIS B 71 -0.84 8.02 6.38
CA HIS B 71 -0.88 9.35 6.98
C HIS B 71 -2.14 9.51 7.85
N ALA B 72 -3.17 8.75 7.53
CA ALA B 72 -4.42 8.80 8.28
C ALA B 72 -4.18 8.62 9.77
N MET B 73 -3.37 7.62 10.11
CA MET B 73 -3.05 7.35 11.51
C MET B 73 -2.20 8.46 12.12
N SER B 74 -1.17 8.86 11.39
CA SER B 74 -0.28 9.93 11.86
C SER B 74 -1.04 11.23 12.02
N SER B 75 -2.17 11.35 11.33
CA SER B 75 -2.99 12.55 11.39
C SER B 75 -3.28 12.93 12.85
N THR B 76 -3.37 11.93 13.71
CA THR B 76 -3.64 12.14 15.12
C THR B 76 -2.37 12.03 15.96
N HIS B 77 -1.37 11.35 15.41
CA HIS B 77 -0.11 11.16 16.11
C HIS B 77 0.47 12.51 16.56
N GLU B 78 0.13 13.57 15.82
CA GLU B 78 0.62 14.90 16.15
C GLU B 78 0.19 15.31 17.55
N ALA B 79 -0.86 14.66 18.06
CA ALA B 79 -1.36 14.96 19.39
C ALA B 79 -0.25 14.90 20.43
N ASN B 80 0.75 14.07 20.17
CA ASN B 80 1.87 13.91 21.08
C ASN B 80 2.48 15.27 21.42
N THR B 81 2.74 16.07 20.39
CA THR B 81 3.32 17.39 20.59
C THR B 81 2.30 18.37 21.13
N MET B 82 1.04 18.17 20.76
CA MET B 82 -0.04 19.05 21.22
C MET B 82 -0.06 19.12 22.75
N ALA B 83 0.42 18.06 23.39
CA ALA B 83 0.46 18.00 24.84
C ALA B 83 1.12 19.24 25.43
N MET B 84 2.05 19.82 24.67
CA MET B 84 2.76 21.01 25.11
C MET B 84 3.60 20.72 26.36
N MET B 85 4.91 20.61 26.17
CA MET B 85 5.81 20.33 27.28
C MET B 85 5.64 21.36 28.40
N ALA B 86 5.19 22.56 28.03
CA ALA B 86 4.98 23.62 29.00
C ALA B 86 4.12 23.14 30.16
N ARG B 87 3.03 22.45 29.85
CA ARG B 87 2.13 21.94 30.87
C ARG B 87 2.84 20.94 31.77
N ASP B 88 3.87 20.29 31.23
CA ASP B 88 4.63 19.31 31.99
C ASP B 88 3.74 18.14 32.40
N THR B 89 3.48 17.24 31.46
CA THR B 89 2.65 16.08 31.72
C THR B 89 3.47 14.80 31.70
N ALA B 90 4.48 14.76 30.83
CA ALA B 90 5.33 13.59 30.71
C ALA B 90 6.55 13.72 31.63
N GLU B 91 6.90 14.94 31.99
CA GLU B 91 8.04 15.20 32.86
C GLU B 91 7.72 14.83 34.30
N ALA B 92 6.71 15.49 34.86
CA ALA B 92 6.30 15.22 36.24
C ALA B 92 5.81 13.79 36.40
N ALA B 93 5.33 13.21 35.30
CA ALA B 93 4.83 11.84 35.33
C ALA B 93 5.97 10.83 35.16
N LYS B 94 7.04 11.27 34.51
CA LYS B 94 8.20 10.41 34.30
C LYS B 94 8.73 9.86 35.61
N TRP B 95 9.12 10.77 36.51
CA TRP B 95 9.65 10.38 37.81
C TRP B 95 8.52 10.14 38.81
N GLY B 96 8.70 9.14 39.67
CA GLY B 96 7.70 8.82 40.65
C GLY B 96 6.75 7.73 40.19
N GLY B 97 6.41 6.81 41.09
CA GLY B 97 5.52 5.72 40.74
C GLY B 97 4.91 5.05 41.96
N MET A 1 20.04 -27.51 -41.19
CA MET A 1 19.78 -26.08 -41.05
C MET A 1 18.75 -25.80 -39.97
N SER A 2 19.20 -25.77 -38.72
CA SER A 2 18.31 -25.53 -37.60
C SER A 2 19.02 -24.73 -36.49
N LEU A 3 18.32 -23.75 -35.94
CA LEU A 3 18.89 -22.92 -34.89
C LEU A 3 18.24 -23.24 -33.54
N LEU A 4 18.98 -23.97 -32.71
CA LEU A 4 18.48 -24.35 -31.39
C LEU A 4 19.07 -23.45 -30.31
N ASP A 5 20.32 -23.05 -30.49
CA ASP A 5 21.00 -22.17 -29.53
C ASP A 5 22.35 -21.72 -30.08
N ALA A 6 22.34 -21.17 -31.29
CA ALA A 6 23.56 -20.69 -31.92
C ALA A 6 23.78 -19.21 -31.63
N HIS A 7 22.71 -18.43 -31.72
CA HIS A 7 22.79 -16.99 -31.47
C HIS A 7 21.40 -16.40 -31.28
N ILE A 8 20.67 -16.91 -30.30
CA ILE A 8 19.33 -16.44 -30.01
C ILE A 8 19.18 -16.05 -28.54
N PRO A 9 18.27 -15.10 -28.27
CA PRO A 9 18.00 -14.63 -26.90
C PRO A 9 17.32 -15.70 -26.04
N GLN A 10 18.12 -16.58 -25.45
CA GLN A 10 17.59 -17.64 -24.60
C GLN A 10 17.98 -17.41 -23.15
N LEU A 11 17.14 -17.91 -22.24
CA LEU A 11 17.39 -17.76 -20.82
C LEU A 11 17.59 -16.29 -20.44
N VAL A 12 16.98 -15.40 -21.22
CA VAL A 12 17.09 -13.96 -20.98
C VAL A 12 16.11 -13.53 -19.90
N ALA A 13 16.61 -12.75 -18.93
CA ALA A 13 15.78 -12.25 -17.85
C ALA A 13 15.17 -13.41 -17.05
N SER A 14 15.86 -14.54 -17.05
CA SER A 14 15.39 -15.72 -16.32
C SER A 14 15.22 -15.41 -14.84
N GLN A 15 16.02 -14.47 -14.33
CA GLN A 15 15.95 -14.09 -12.93
C GLN A 15 14.65 -13.37 -12.62
N SER A 16 14.06 -12.74 -13.64
CA SER A 16 12.81 -12.02 -13.47
C SER A 16 12.99 -10.85 -12.50
N ALA A 17 13.28 -9.68 -13.06
CA ALA A 17 13.48 -8.48 -12.25
C ALA A 17 12.17 -8.03 -11.61
N PHE A 18 11.05 -8.32 -12.27
CA PHE A 18 9.74 -7.94 -11.77
C PHE A 18 9.50 -8.53 -10.38
N ALA A 19 9.71 -9.84 -10.27
CA ALA A 19 9.52 -10.53 -8.99
C ALA A 19 10.37 -9.91 -7.89
N ALA A 20 11.60 -9.53 -8.25
CA ALA A 20 12.51 -8.92 -7.29
C ALA A 20 11.90 -7.67 -6.67
N LYS A 21 11.23 -6.87 -7.48
CA LYS A 21 10.59 -5.65 -7.00
C LYS A 21 9.30 -5.97 -6.24
N ALA A 22 8.52 -6.90 -6.77
CA ALA A 22 7.27 -7.30 -6.15
C ALA A 22 7.49 -7.75 -4.72
N GLY A 23 8.61 -8.43 -4.48
CA GLY A 23 8.93 -8.92 -3.14
C GLY A 23 9.32 -7.79 -2.20
N LEU A 24 9.84 -6.70 -2.77
CA LEU A 24 10.25 -5.55 -1.96
C LEU A 24 9.04 -4.77 -1.46
N MET A 25 7.94 -4.86 -2.20
CA MET A 25 6.71 -4.16 -1.83
C MET A 25 6.21 -4.63 -0.47
N ARG A 26 5.95 -5.92 -0.35
CA ARG A 26 5.46 -6.50 0.89
C ARG A 26 6.43 -6.22 2.04
N HIS A 27 7.69 -6.01 1.69
CA HIS A 27 8.72 -5.73 2.70
C HIS A 27 8.51 -4.35 3.32
N THR A 28 8.12 -3.39 2.48
CA THR A 28 7.90 -2.03 2.95
C THR A 28 6.75 -1.98 3.96
N ILE A 29 5.65 -2.66 3.64
CA ILE A 29 4.49 -2.69 4.52
C ILE A 29 4.76 -3.56 5.74
N GLY A 30 5.31 -4.74 5.51
CA GLY A 30 5.61 -5.65 6.61
C GLY A 30 6.50 -5.01 7.67
N GLN A 31 7.55 -4.34 7.22
CA GLN A 31 8.48 -3.69 8.14
C GLN A 31 7.85 -2.44 8.74
N ALA A 32 7.15 -1.67 7.92
CA ALA A 32 6.50 -0.45 8.37
C ALA A 32 5.41 -0.75 9.41
N GLU A 33 4.83 -1.94 9.30
CA GLU A 33 3.78 -2.35 10.23
C GLU A 33 4.36 -2.62 11.61
N GLN A 34 5.59 -3.11 11.65
CA GLN A 34 6.25 -3.43 12.91
C GLN A 34 6.33 -2.19 13.80
N ALA A 35 6.50 -1.02 13.17
CA ALA A 35 6.59 0.23 13.90
C ALA A 35 5.39 0.44 14.81
N ALA A 36 4.19 0.25 14.26
CA ALA A 36 2.96 0.40 15.02
C ALA A 36 2.97 -0.50 16.25
N MET A 37 2.95 -1.81 16.01
CA MET A 37 2.95 -2.78 17.11
C MET A 37 4.08 -2.49 18.09
N SER A 38 5.22 -2.07 17.56
CA SER A 38 6.39 -1.78 18.38
C SER A 38 6.05 -0.68 19.41
N ALA A 39 5.31 0.32 18.97
CA ALA A 39 4.93 1.42 19.85
C ALA A 39 3.91 0.96 20.89
N GLN A 40 3.05 0.02 20.50
CA GLN A 40 2.03 -0.50 21.40
C GLN A 40 2.59 -1.62 22.27
N ALA A 41 3.82 -2.04 21.98
CA ALA A 41 4.47 -3.10 22.73
C ALA A 41 4.56 -2.75 24.21
N PHE A 42 4.49 -1.46 24.52
CA PHE A 42 4.56 -1.00 25.90
C PHE A 42 3.54 -1.73 26.76
N HIS A 43 2.43 -2.13 26.16
CA HIS A 43 1.38 -2.85 26.88
C HIS A 43 1.08 -4.19 26.22
N GLN A 44 0.96 -4.17 24.89
CA GLN A 44 0.68 -5.38 24.13
C GLN A 44 -0.66 -5.98 24.54
N GLY A 45 -1.74 -5.32 24.15
CA GLY A 45 -3.08 -5.79 24.49
C GLY A 45 -4.15 -4.76 24.19
N GLU A 46 -5.39 -5.23 24.04
CA GLU A 46 -6.51 -4.34 23.75
C GLU A 46 -6.27 -3.57 22.46
N SER A 47 -7.17 -2.63 22.17
CA SER A 47 -7.06 -1.81 20.96
C SER A 47 -7.77 -0.48 21.13
N SER A 48 -7.90 0.26 20.04
CA SER A 48 -8.55 1.56 20.07
C SER A 48 -9.53 1.71 18.90
N ALA A 49 -10.34 2.77 18.95
CA ALA A 49 -11.31 3.03 17.90
C ALA A 49 -10.66 3.72 16.71
N ALA A 50 -10.05 4.86 16.96
CA ALA A 50 -9.38 5.62 15.90
C ALA A 50 -8.34 4.77 15.19
N PHE A 51 -7.63 3.96 15.96
CA PHE A 51 -6.59 3.10 15.41
C PHE A 51 -7.20 2.05 14.47
N GLN A 52 -8.40 1.60 14.80
CA GLN A 52 -9.08 0.60 13.98
C GLN A 52 -9.48 1.19 12.63
N ALA A 53 -10.19 2.30 12.66
CA ALA A 53 -10.63 2.96 11.43
C ALA A 53 -9.46 3.18 10.48
N ALA A 54 -8.38 3.77 10.99
CA ALA A 54 -7.20 4.03 10.18
C ALA A 54 -6.54 2.72 9.73
N HIS A 55 -6.53 1.74 10.63
CA HIS A 55 -5.92 0.45 10.34
C HIS A 55 -6.67 -0.26 9.21
N ALA A 56 -7.99 -0.09 9.19
CA ALA A 56 -8.83 -0.71 8.17
C ALA A 56 -8.64 -0.03 6.82
N ARG A 57 -8.35 1.26 6.86
CA ARG A 57 -8.15 2.04 5.64
C ARG A 57 -6.90 1.58 4.90
N PHE A 58 -5.88 1.19 5.65
CA PHE A 58 -4.64 0.72 5.07
C PHE A 58 -4.82 -0.62 4.37
N VAL A 59 -5.34 -1.60 5.13
CA VAL A 59 -5.57 -2.94 4.59
C VAL A 59 -6.46 -2.88 3.34
N ALA A 60 -7.38 -1.93 3.33
CA ALA A 60 -8.29 -1.76 2.20
C ALA A 60 -7.54 -1.40 0.93
N ALA A 61 -6.53 -0.53 1.07
CA ALA A 61 -5.74 -0.11 -0.07
C ALA A 61 -4.68 -1.16 -0.42
N ALA A 62 -4.05 -1.73 0.61
CA ALA A 62 -3.03 -2.74 0.41
C ALA A 62 -3.54 -3.86 -0.50
N ALA A 63 -4.84 -4.14 -0.42
CA ALA A 63 -5.43 -5.19 -1.23
C ALA A 63 -5.35 -4.85 -2.72
N LYS A 64 -5.59 -3.58 -3.05
CA LYS A 64 -5.54 -3.13 -4.42
C LYS A 64 -4.13 -3.29 -5.00
N VAL A 65 -3.13 -2.76 -4.29
CA VAL A 65 -1.75 -2.84 -4.73
C VAL A 65 -1.26 -4.29 -4.70
N ASN A 66 -1.79 -5.07 -3.76
CA ASN A 66 -1.40 -6.47 -3.63
C ASN A 66 -1.95 -7.30 -4.77
N THR A 67 -3.25 -7.17 -5.03
CA THR A 67 -3.89 -7.90 -6.11
C THR A 67 -3.27 -7.58 -7.46
N LEU A 68 -3.13 -6.29 -7.73
CA LEU A 68 -2.53 -5.84 -9.00
C LEU A 68 -1.16 -6.47 -9.20
N LEU A 69 -0.49 -6.78 -8.11
CA LEU A 69 0.84 -7.40 -8.18
C LEU A 69 0.75 -8.82 -8.73
N ASP A 70 -0.38 -9.48 -8.47
CA ASP A 70 -0.58 -10.85 -8.94
C ASP A 70 -0.88 -10.86 -10.43
N VAL A 71 -1.86 -10.06 -10.85
CA VAL A 71 -2.24 -9.98 -12.25
C VAL A 71 -1.07 -9.55 -13.12
N ALA A 72 -0.20 -8.71 -12.56
CA ALA A 72 0.96 -8.21 -13.28
C ALA A 72 1.90 -9.35 -13.65
N GLN A 73 2.23 -10.18 -12.67
CA GLN A 73 3.13 -11.32 -12.89
C GLN A 73 2.45 -12.38 -13.74
N ALA A 74 1.14 -12.53 -13.56
CA ALA A 74 0.37 -13.52 -14.31
C ALA A 74 0.23 -13.12 -15.77
N ASN A 75 0.09 -11.82 -16.01
CA ASN A 75 -0.06 -11.31 -17.37
C ASN A 75 1.30 -11.18 -18.05
N LEU A 76 2.30 -10.75 -17.28
CA LEU A 76 3.66 -10.59 -17.82
C LEU A 76 4.34 -11.94 -17.98
N GLY A 77 3.96 -12.90 -17.13
CA GLY A 77 4.55 -14.23 -17.21
C GLY A 77 5.96 -14.27 -16.67
N GLU A 78 6.91 -13.75 -17.46
CA GLU A 78 8.31 -13.73 -17.06
C GLU A 78 8.47 -13.10 -15.67
N ALA A 79 7.60 -12.15 -15.36
CA ALA A 79 7.65 -11.47 -14.07
C ALA A 79 7.60 -12.47 -12.93
N ALA A 80 6.54 -13.26 -12.87
CA ALA A 80 6.38 -14.26 -11.82
C ALA A 80 5.10 -15.06 -12.03
N GLY A 81 4.81 -15.96 -11.08
CA GLY A 81 3.63 -16.78 -11.18
C GLY A 81 3.92 -18.26 -11.02
N THR A 82 3.02 -18.97 -10.35
CA THR A 82 3.19 -20.41 -10.12
C THR A 82 1.86 -21.14 -10.24
N TYR A 83 1.92 -22.47 -10.24
CA TYR A 83 0.73 -23.29 -10.34
C TYR A 83 0.58 -24.20 -9.12
N VAL A 84 -0.61 -24.77 -8.96
CA VAL A 84 -0.89 -25.66 -7.84
C VAL A 84 -1.81 -26.79 -8.26
N ALA A 85 -1.25 -27.79 -8.92
CA ALA A 85 -2.02 -28.95 -9.37
C ALA A 85 -2.35 -29.88 -8.21
N ALA A 86 -3.20 -29.41 -7.30
CA ALA A 86 -3.60 -30.20 -6.14
C ALA A 86 -5.07 -30.59 -6.23
N ASP A 87 -5.87 -29.77 -6.90
CA ASP A 87 -7.28 -30.03 -7.05
C ASP A 87 -7.98 -30.10 -5.69
N ALA A 88 -9.28 -30.34 -5.72
CA ALA A 88 -10.06 -30.43 -4.49
C ALA A 88 -11.21 -31.42 -4.63
N ALA A 89 -11.67 -31.96 -3.50
CA ALA A 89 -12.76 -32.92 -3.51
C ALA A 89 -14.12 -32.21 -3.40
N ALA A 90 -14.14 -31.12 -2.63
CA ALA A 90 -15.38 -30.35 -2.45
C ALA A 90 -15.79 -29.66 -3.74
N ALA A 91 -14.80 -29.15 -4.47
CA ALA A 91 -15.06 -28.47 -5.74
C ALA A 91 -15.67 -29.41 -6.76
N SER A 92 -14.92 -30.43 -7.14
CA SER A 92 -15.38 -31.41 -8.13
C SER A 92 -16.61 -32.15 -7.61
N THR A 93 -17.40 -32.68 -8.54
CA THR A 93 -18.62 -33.41 -8.18
C THR A 93 -18.92 -34.51 -9.21
N TYR A 94 -20.03 -35.20 -9.01
CA TYR A 94 -20.44 -36.27 -9.91
C TYR A 94 -21.95 -36.30 -10.07
N THR A 95 -22.41 -36.68 -11.26
CA THR A 95 -23.84 -36.76 -11.54
C THR A 95 -24.48 -37.93 -10.81
N GLY A 96 -25.70 -37.72 -10.32
CA GLY A 96 -26.40 -38.77 -9.61
C GLY A 96 -27.88 -38.80 -9.94
N PHE A 97 -28.62 -39.68 -9.25
CA PHE A 97 -30.05 -39.81 -9.48
C PHE A 97 -30.83 -39.37 -8.25
N SER B 1 -18.88 6.62 14.05
CA SER B 1 -17.89 7.23 14.95
C SER B 1 -17.48 8.60 14.44
N MET B 2 -18.39 9.56 14.57
CA MET B 2 -18.11 10.93 14.12
C MET B 2 -17.68 10.96 12.67
N SER B 3 -18.55 10.49 11.78
CA SER B 3 -18.26 10.46 10.35
C SER B 3 -19.28 11.28 9.57
N GLN B 4 -20.42 11.55 10.20
CA GLN B 4 -21.47 12.33 9.56
C GLN B 4 -21.34 13.81 9.89
N ILE B 5 -20.22 14.18 10.49
CA ILE B 5 -19.97 15.56 10.85
C ILE B 5 -19.59 16.41 9.64
N MET B 6 -18.40 16.16 9.10
CA MET B 6 -17.93 16.89 7.93
C MET B 6 -16.67 16.25 7.36
N TYR B 7 -15.52 16.59 7.94
CA TYR B 7 -14.25 16.04 7.49
C TYR B 7 -14.11 16.17 5.97
N ASN B 8 -14.63 17.26 5.43
CA ASN B 8 -14.58 17.50 3.99
C ASN B 8 -13.14 17.74 3.55
N TYR B 9 -12.33 18.29 4.45
CA TYR B 9 -10.93 18.58 4.14
C TYR B 9 -10.01 17.89 5.14
N PRO B 10 -9.53 16.68 4.78
CA PRO B 10 -8.64 15.89 5.62
C PRO B 10 -7.25 16.50 5.72
N ALA B 11 -6.94 17.41 4.80
CA ALA B 11 -5.64 18.07 4.78
C ALA B 11 -5.34 18.71 6.13
N MET B 12 -6.33 19.40 6.70
CA MET B 12 -6.18 20.06 7.99
C MET B 12 -5.78 19.05 9.06
N LEU B 13 -6.26 17.82 8.92
CA LEU B 13 -5.97 16.77 9.89
C LEU B 13 -4.58 16.19 9.65
N GLY B 14 -3.76 16.16 10.70
CA GLY B 14 -2.42 15.64 10.60
C GLY B 14 -1.39 16.72 10.30
N HIS B 15 -0.26 16.65 10.98
CA HIS B 15 0.81 17.62 10.78
C HIS B 15 1.90 17.07 9.87
N ALA B 16 2.09 15.75 9.92
CA ALA B 16 3.10 15.10 9.09
C ALA B 16 4.49 15.59 9.45
N GLY B 17 5.14 14.89 10.38
CA GLY B 17 6.47 15.25 10.79
C GLY B 17 7.54 14.38 10.17
N ASP B 18 8.09 13.46 10.96
CA ASP B 18 9.13 12.57 10.47
C ASP B 18 8.52 11.25 10.00
N MET B 19 7.46 10.80 10.66
CA MET B 19 6.79 9.56 10.31
C MET B 19 6.43 9.55 8.83
N ALA B 20 6.17 10.72 8.27
CA ALA B 20 5.82 10.83 6.87
C ALA B 20 6.90 10.24 5.98
N GLY B 21 8.14 10.30 6.43
CA GLY B 21 9.25 9.76 5.68
C GLY B 21 9.08 8.29 5.37
N TYR B 22 8.75 7.51 6.39
CA TYR B 22 8.57 6.07 6.22
C TYR B 22 7.58 5.78 5.10
N ALA B 23 6.39 6.35 5.21
CA ALA B 23 5.35 6.15 4.20
C ALA B 23 5.89 6.45 2.80
N GLY B 24 6.72 7.48 2.69
CA GLY B 24 7.29 7.86 1.41
C GLY B 24 8.00 6.70 0.73
N THR B 25 8.45 5.73 1.53
CA THR B 25 9.16 4.57 1.00
C THR B 25 8.27 3.80 0.03
N LEU B 26 7.01 3.62 0.40
CA LEU B 26 6.06 2.89 -0.45
C LEU B 26 5.76 3.68 -1.72
N GLN B 27 5.49 4.97 -1.58
CA GLN B 27 5.19 5.82 -2.72
C GLN B 27 6.27 5.71 -3.78
N SER B 28 7.53 5.59 -3.34
CA SER B 28 8.66 5.50 -4.25
C SER B 28 8.74 4.09 -4.85
N LEU B 29 8.74 3.09 -3.98
CA LEU B 29 8.82 1.69 -4.43
C LEU B 29 7.71 1.38 -5.42
N GLY B 30 6.54 1.93 -5.19
CA GLY B 30 5.41 1.70 -6.07
C GLY B 30 5.74 2.00 -7.52
N ALA B 31 6.27 3.20 -7.77
CA ALA B 31 6.64 3.60 -9.13
C ALA B 31 7.56 2.57 -9.77
N GLU B 32 8.48 2.01 -8.97
CA GLU B 32 9.41 1.02 -9.48
C GLU B 32 8.68 -0.15 -10.12
N ILE B 33 7.61 -0.59 -9.48
CA ILE B 33 6.81 -1.70 -9.98
C ILE B 33 5.99 -1.28 -11.20
N ALA B 34 5.57 -0.02 -11.22
CA ALA B 34 4.77 0.50 -12.32
C ALA B 34 5.60 0.55 -13.60
N VAL B 35 6.76 1.19 -13.54
CA VAL B 35 7.64 1.31 -14.69
C VAL B 35 7.98 -0.06 -15.27
N GLU B 36 8.05 -1.06 -14.40
CA GLU B 36 8.36 -2.42 -14.82
C GLU B 36 7.29 -2.97 -15.75
N GLN B 37 6.03 -2.70 -15.42
CA GLN B 37 4.91 -3.17 -16.23
C GLN B 37 4.95 -2.56 -17.62
N ALA B 38 5.37 -1.29 -17.70
CA ALA B 38 5.45 -0.60 -18.97
C ALA B 38 6.63 -1.09 -19.79
N ALA B 39 7.62 -1.65 -19.11
CA ALA B 39 8.81 -2.17 -19.79
C ALA B 39 8.54 -3.54 -20.39
N LEU B 40 7.53 -4.23 -19.86
CA LEU B 40 7.17 -5.55 -20.34
C LEU B 40 5.76 -5.55 -20.93
N GLN B 41 5.39 -4.45 -21.59
CA GLN B 41 4.07 -4.32 -22.19
C GLN B 41 3.81 -5.46 -23.17
N SER B 42 4.77 -5.69 -24.06
CA SER B 42 4.65 -6.75 -25.06
C SER B 42 4.38 -8.09 -24.40
N ALA B 43 4.82 -8.23 -23.15
CA ALA B 43 4.63 -9.47 -22.41
C ALA B 43 3.18 -9.62 -21.96
N TRP B 44 2.53 -8.50 -21.68
CA TRP B 44 1.13 -8.50 -21.24
C TRP B 44 0.24 -9.17 -22.29
N GLN B 45 -0.77 -9.89 -21.82
CA GLN B 45 -1.70 -10.57 -22.72
C GLN B 45 -2.91 -9.69 -23.03
N GLY B 46 -3.74 -9.47 -22.01
CA GLY B 46 -4.91 -8.64 -22.19
C GLY B 46 -6.19 -9.45 -22.21
N ASP B 47 -6.06 -10.75 -22.51
CA ASP B 47 -7.22 -11.64 -22.56
C ASP B 47 -7.30 -12.49 -21.31
N THR B 48 -6.75 -11.97 -20.21
CA THR B 48 -6.77 -12.68 -18.94
C THR B 48 -7.50 -11.90 -17.87
N GLY B 49 -7.43 -10.57 -17.97
CA GLY B 49 -8.10 -9.71 -17.00
C GLY B 49 -7.74 -8.25 -17.19
N ILE B 50 -7.12 -7.67 -16.16
CA ILE B 50 -6.72 -6.26 -16.22
C ILE B 50 -5.87 -5.98 -17.45
N THR B 51 -6.06 -4.79 -18.03
CA THR B 51 -5.31 -4.39 -19.21
C THR B 51 -4.12 -3.53 -18.84
N TYR B 52 -3.26 -3.27 -19.82
CA TYR B 52 -2.06 -2.45 -19.58
C TYR B 52 -2.45 -1.02 -19.20
N GLN B 53 -3.49 -0.51 -19.84
CA GLN B 53 -3.97 0.85 -19.57
C GLN B 53 -4.69 0.91 -18.22
N ALA B 54 -5.51 -0.08 -17.96
CA ALA B 54 -6.26 -0.14 -16.70
C ALA B 54 -5.33 -0.36 -15.52
N TRP B 55 -4.39 -1.29 -15.67
CA TRP B 55 -3.44 -1.59 -14.60
C TRP B 55 -2.62 -0.35 -14.24
N GLN B 56 -2.20 0.39 -15.26
CA GLN B 56 -1.42 1.60 -15.04
C GLN B 56 -2.11 2.53 -14.04
N ALA B 57 -3.35 2.90 -14.34
CA ALA B 57 -4.11 3.78 -13.47
C ALA B 57 -4.49 3.08 -12.17
N GLN B 58 -4.84 1.80 -12.26
CA GLN B 58 -5.21 1.02 -11.10
C GLN B 58 -4.11 1.04 -10.05
N TRP B 59 -2.89 0.72 -10.48
CA TRP B 59 -1.74 0.71 -9.57
C TRP B 59 -1.51 2.09 -8.96
N ASN B 60 -1.33 3.09 -9.82
CA ASN B 60 -1.11 4.45 -9.37
C ASN B 60 -2.15 4.87 -8.34
N GLN B 61 -3.42 4.64 -8.67
CA GLN B 61 -4.52 5.00 -7.78
C GLN B 61 -4.44 4.20 -6.48
N ALA B 62 -3.99 2.96 -6.58
CA ALA B 62 -3.87 2.10 -5.41
C ALA B 62 -2.77 2.60 -4.47
N MET B 63 -1.57 2.77 -5.01
CA MET B 63 -0.44 3.24 -4.23
C MET B 63 -0.74 4.60 -3.61
N GLU B 64 -1.40 5.47 -4.37
CA GLU B 64 -1.74 6.80 -3.90
C GLU B 64 -2.54 6.72 -2.59
N ASP B 65 -3.65 5.98 -2.62
CA ASP B 65 -4.49 5.83 -1.44
C ASP B 65 -3.81 4.96 -0.39
N LEU B 66 -2.94 4.06 -0.85
CA LEU B 66 -2.23 3.17 0.05
C LEU B 66 -1.28 3.96 0.95
N VAL B 67 -0.65 4.99 0.39
CA VAL B 67 0.27 5.83 1.14
C VAL B 67 -0.44 6.61 2.22
N ARG B 68 -1.51 7.30 1.84
CA ARG B 68 -2.29 8.09 2.79
C ARG B 68 -2.97 7.20 3.82
N ALA B 69 -3.47 6.06 3.36
CA ALA B 69 -4.15 5.11 4.24
C ALA B 69 -3.26 4.70 5.41
N TYR B 70 -1.94 4.81 5.20
CA TYR B 70 -0.98 4.44 6.24
C TYR B 70 -0.73 5.62 7.18
N HIS B 71 -0.30 6.74 6.61
CA HIS B 71 -0.03 7.94 7.41
C HIS B 71 -1.28 8.39 8.15
N ALA B 72 -2.44 8.01 7.63
CA ALA B 72 -3.71 8.38 8.25
C ALA B 72 -3.73 8.02 9.73
N MET B 73 -3.13 6.87 10.06
CA MET B 73 -3.09 6.41 11.43
C MET B 73 -2.53 7.49 12.36
N SER B 74 -1.41 8.07 11.98
CA SER B 74 -0.78 9.12 12.77
C SER B 74 -1.42 10.47 12.48
N SER B 75 -2.01 10.60 11.31
CA SER B 75 -2.66 11.85 10.90
C SER B 75 -3.69 12.28 11.94
N THR B 76 -4.33 11.31 12.57
CA THR B 76 -5.34 11.60 13.59
C THR B 76 -4.71 11.71 14.97
N HIS B 77 -3.46 11.26 15.09
CA HIS B 77 -2.75 11.33 16.36
C HIS B 77 -2.80 12.74 16.95
N GLU B 78 -2.60 13.73 16.09
CA GLU B 78 -2.62 15.13 16.54
C GLU B 78 -4.05 15.64 16.63
N ALA B 79 -4.98 14.93 15.99
CA ALA B 79 -6.39 15.31 16.00
C ALA B 79 -6.91 15.43 17.43
N ASN B 80 -6.25 14.74 18.36
CA ASN B 80 -6.64 14.77 19.76
C ASN B 80 -6.69 16.21 20.28
N THR B 81 -5.52 16.82 20.44
CA THR B 81 -5.43 18.18 20.94
C THR B 81 -6.27 19.14 20.09
N MET B 82 -6.32 18.86 18.79
CA MET B 82 -7.09 19.69 17.87
C MET B 82 -8.52 19.87 18.36
N ALA B 83 -9.07 18.82 18.95
CA ALA B 83 -10.44 18.86 19.47
C ALA B 83 -10.58 19.92 20.55
N MET B 84 -9.52 20.10 21.33
CA MET B 84 -9.52 21.09 22.41
C MET B 84 -10.63 20.79 23.42
N MET B 85 -10.66 21.57 24.50
CA MET B 85 -11.67 21.38 25.54
C MET B 85 -12.88 22.28 25.29
N ALA B 86 -12.64 23.42 24.65
CA ALA B 86 -13.71 24.36 24.35
C ALA B 86 -14.85 23.68 23.61
N ARG B 87 -14.51 22.94 22.56
CA ARG B 87 -15.50 22.24 21.76
C ARG B 87 -16.11 21.07 22.55
N ASP B 88 -15.26 20.30 23.22
CA ASP B 88 -15.70 19.17 24.01
C ASP B 88 -16.44 19.63 25.26
N THR B 89 -17.77 19.57 25.22
CA THR B 89 -18.59 19.98 26.35
C THR B 89 -19.17 18.78 27.07
N ALA B 90 -19.79 17.88 26.30
CA ALA B 90 -20.39 16.68 26.87
C ALA B 90 -19.40 15.52 26.89
N GLU B 91 -18.39 15.59 26.03
CA GLU B 91 -17.38 14.55 25.95
C GLU B 91 -16.41 14.65 27.12
N ALA B 92 -15.72 15.78 27.22
CA ALA B 92 -14.76 16.00 28.29
C ALA B 92 -15.45 15.97 29.65
N ALA B 93 -16.74 16.27 29.66
CA ALA B 93 -17.51 16.29 30.90
C ALA B 93 -18.00 14.88 31.25
N LYS B 94 -18.13 14.03 30.24
CA LYS B 94 -18.58 12.66 30.45
C LYS B 94 -17.57 11.87 31.27
N TRP B 95 -17.90 10.61 31.55
CA TRP B 95 -17.03 9.75 32.33
C TRP B 95 -15.68 9.57 31.64
N GLY B 96 -15.71 9.03 30.42
CA GLY B 96 -14.48 8.83 29.68
C GLY B 96 -14.74 8.30 28.28
N GLY B 97 -14.35 7.04 28.04
CA GLY B 97 -14.56 6.44 26.74
C GLY B 97 -15.79 5.57 26.69
N MET A 1 16.22 10.42 -31.34
CA MET A 1 16.91 9.20 -31.74
C MET A 1 18.27 9.09 -31.05
N SER A 2 18.51 7.96 -30.40
CA SER A 2 19.77 7.73 -29.69
C SER A 2 20.08 6.24 -29.60
N LEU A 3 21.34 5.93 -29.38
CA LEU A 3 21.78 4.53 -29.28
C LEU A 3 21.67 4.04 -27.84
N LEU A 4 22.44 4.65 -26.95
CA LEU A 4 22.43 4.28 -25.54
C LEU A 4 22.75 2.80 -25.37
N ASP A 5 22.62 2.30 -24.15
CA ASP A 5 22.89 0.90 -23.84
C ASP A 5 24.36 0.56 -24.11
N ALA A 6 25.23 1.02 -23.22
CA ALA A 6 26.66 0.77 -23.36
C ALA A 6 27.21 0.04 -22.14
N HIS A 7 27.10 0.68 -20.97
CA HIS A 7 27.59 0.09 -19.73
C HIS A 7 26.53 0.20 -18.64
N ILE A 8 25.28 -0.07 -18.98
CA ILE A 8 24.18 0.01 -18.03
C ILE A 8 23.49 -1.35 -17.88
N PRO A 9 22.91 -1.59 -16.69
CA PRO A 9 22.21 -2.84 -16.40
C PRO A 9 20.90 -2.97 -17.19
N GLN A 10 21.02 -3.44 -18.43
CA GLN A 10 19.85 -3.62 -19.28
C GLN A 10 19.41 -5.08 -19.30
N LEU A 11 20.31 -5.96 -19.71
CA LEU A 11 20.01 -7.39 -19.77
C LEU A 11 20.81 -8.16 -18.72
N VAL A 12 21.21 -7.47 -17.65
CA VAL A 12 21.97 -8.08 -16.58
C VAL A 12 21.09 -8.96 -15.71
N ALA A 13 19.79 -8.63 -15.66
CA ALA A 13 18.85 -9.39 -14.86
C ALA A 13 17.55 -9.63 -15.63
N SER A 14 17.68 -10.18 -16.83
CA SER A 14 16.53 -10.47 -17.67
C SER A 14 15.80 -11.72 -17.20
N GLN A 15 16.54 -12.61 -16.54
CA GLN A 15 15.96 -13.85 -16.04
C GLN A 15 14.72 -13.57 -15.20
N SER A 16 14.85 -12.65 -14.26
CA SER A 16 13.73 -12.29 -13.38
C SER A 16 14.05 -11.01 -12.60
N ALA A 17 13.46 -9.91 -13.03
CA ALA A 17 13.67 -8.63 -12.37
C ALA A 17 12.40 -8.14 -11.69
N PHE A 18 11.26 -8.56 -12.21
CA PHE A 18 9.97 -8.17 -11.65
C PHE A 18 9.71 -8.88 -10.32
N ALA A 19 9.86 -10.20 -10.33
CA ALA A 19 9.64 -10.99 -9.13
C ALA A 19 10.46 -10.45 -7.96
N ALA A 20 11.62 -9.88 -8.27
CA ALA A 20 12.50 -9.32 -7.25
C ALA A 20 11.86 -8.10 -6.59
N LYS A 21 11.22 -7.26 -7.40
CA LYS A 21 10.57 -6.06 -6.88
C LYS A 21 9.26 -6.41 -6.17
N ALA A 22 8.54 -7.38 -6.73
CA ALA A 22 7.27 -7.80 -6.15
C ALA A 22 7.46 -8.29 -4.71
N GLY A 23 8.49 -9.09 -4.50
CA GLY A 23 8.77 -9.61 -3.17
C GLY A 23 9.24 -8.54 -2.21
N LEU A 24 9.97 -7.56 -2.73
CA LEU A 24 10.48 -6.47 -1.92
C LEU A 24 9.35 -5.57 -1.43
N MET A 25 8.27 -5.51 -2.21
CA MET A 25 7.11 -4.70 -1.86
C MET A 25 6.55 -5.10 -0.50
N ARG A 26 6.16 -6.37 -0.39
CA ARG A 26 5.60 -6.87 0.86
C ARG A 26 6.56 -6.64 2.03
N HIS A 27 7.85 -6.55 1.71
CA HIS A 27 8.86 -6.33 2.73
C HIS A 27 8.82 -4.89 3.24
N THR A 28 8.39 -3.98 2.38
CA THR A 28 8.31 -2.57 2.74
C THR A 28 7.15 -2.32 3.71
N ILE A 29 5.99 -2.91 3.40
CA ILE A 29 4.81 -2.75 4.23
C ILE A 29 4.95 -3.55 5.53
N GLY A 30 5.34 -4.81 5.39
CA GLY A 30 5.50 -5.67 6.55
C GLY A 30 6.41 -5.04 7.61
N GLN A 31 7.55 -4.52 7.18
CA GLN A 31 8.50 -3.90 8.09
C GLN A 31 7.99 -2.55 8.57
N ALA A 32 7.28 -1.85 7.70
CA ALA A 32 6.72 -0.54 8.04
C ALA A 32 5.61 -0.67 9.06
N GLU A 33 4.94 -1.82 9.06
CA GLU A 33 3.84 -2.05 10.00
C GLU A 33 4.36 -2.26 11.41
N GLN A 34 5.55 -2.83 11.52
CA GLN A 34 6.17 -3.08 12.82
C GLN A 34 6.19 -1.81 13.66
N ALA A 35 6.37 -0.67 13.00
CA ALA A 35 6.41 0.61 13.69
C ALA A 35 5.02 1.01 14.20
N ALA A 36 3.99 0.63 13.45
CA ALA A 36 2.63 0.95 13.81
C ALA A 36 2.13 0.03 14.92
N MET A 37 2.81 -1.11 15.10
CA MET A 37 2.44 -2.07 16.13
C MET A 37 2.32 -1.40 17.48
N SER A 38 3.09 -0.34 17.69
CA SER A 38 3.07 0.40 18.95
C SER A 38 1.66 0.79 19.32
N ALA A 39 0.90 1.28 18.34
CA ALA A 39 -0.48 1.70 18.56
C ALA A 39 -1.41 0.50 18.67
N GLN A 40 -1.03 -0.59 17.99
CA GLN A 40 -1.83 -1.81 18.01
C GLN A 40 -1.83 -2.44 19.39
N ALA A 41 -0.92 -1.99 20.24
CA ALA A 41 -0.81 -2.51 21.60
C ALA A 41 -2.14 -2.40 22.34
N PHE A 42 -2.81 -1.26 22.17
CA PHE A 42 -4.09 -1.03 22.82
C PHE A 42 -3.93 -1.01 24.34
N HIS A 43 -3.92 -2.19 24.95
CA HIS A 43 -3.76 -2.30 26.39
C HIS A 43 -2.42 -2.90 26.76
N GLN A 44 -1.44 -2.74 25.87
CA GLN A 44 -0.10 -3.26 26.10
C GLN A 44 0.92 -2.13 26.22
N GLY A 45 0.43 -0.96 26.63
CA GLY A 45 1.32 0.19 26.78
C GLY A 45 0.64 1.49 26.42
N GLU A 46 -0.07 1.50 25.29
CA GLU A 46 -0.77 2.69 24.84
C GLU A 46 -2.07 2.33 24.15
N SER A 47 -3.15 3.01 24.52
CA SER A 47 -4.46 2.76 23.95
C SER A 47 -4.82 3.83 22.91
N SER A 48 -5.53 3.40 21.87
CA SER A 48 -5.94 4.32 20.80
C SER A 48 -6.82 3.61 19.78
N ALA A 49 -8.12 3.56 20.07
CA ALA A 49 -9.07 2.92 19.17
C ALA A 49 -9.00 3.52 17.77
N ALA A 50 -8.56 4.77 17.69
CA ALA A 50 -8.45 5.44 16.41
C ALA A 50 -7.52 4.69 15.45
N PHE A 51 -6.60 3.93 16.02
CA PHE A 51 -5.66 3.14 15.23
C PHE A 51 -6.38 2.20 14.29
N GLN A 52 -7.53 1.68 14.74
CA GLN A 52 -8.32 0.77 13.94
C GLN A 52 -8.82 1.44 12.67
N ALA A 53 -9.38 2.64 12.83
CA ALA A 53 -9.91 3.40 11.70
C ALA A 53 -8.89 3.45 10.56
N ALA A 54 -7.70 3.95 10.86
CA ALA A 54 -6.64 4.06 9.86
C ALA A 54 -6.09 2.67 9.50
N HIS A 55 -6.17 1.75 10.44
CA HIS A 55 -5.67 0.39 10.22
C HIS A 55 -6.46 -0.30 9.12
N ALA A 56 -7.78 -0.30 9.25
CA ALA A 56 -8.65 -0.92 8.26
C ALA A 56 -8.46 -0.29 6.89
N ARG A 57 -8.12 0.99 6.87
CA ARG A 57 -7.91 1.71 5.63
C ARG A 57 -6.67 1.21 4.90
N PHE A 58 -5.63 0.90 5.68
CA PHE A 58 -4.38 0.40 5.11
C PHE A 58 -4.56 -0.99 4.54
N VAL A 59 -5.06 -1.91 5.37
CA VAL A 59 -5.28 -3.29 4.94
C VAL A 59 -6.12 -3.34 3.67
N ALA A 60 -7.09 -2.43 3.57
CA ALA A 60 -7.97 -2.38 2.40
C ALA A 60 -7.18 -2.01 1.15
N ALA A 61 -6.20 -1.12 1.31
CA ALA A 61 -5.38 -0.69 0.18
C ALA A 61 -4.31 -1.72 -0.14
N ALA A 62 -3.73 -2.32 0.89
CA ALA A 62 -2.70 -3.33 0.71
C ALA A 62 -3.17 -4.44 -0.23
N ALA A 63 -4.39 -4.90 -0.02
CA ALA A 63 -4.96 -5.96 -0.84
C ALA A 63 -4.96 -5.57 -2.32
N LYS A 64 -5.23 -4.29 -2.59
CA LYS A 64 -5.25 -3.80 -3.96
C LYS A 64 -3.86 -3.85 -4.58
N VAL A 65 -2.87 -3.36 -3.84
CA VAL A 65 -1.48 -3.35 -4.32
C VAL A 65 -0.99 -4.77 -4.59
N ASN A 66 -1.27 -5.67 -3.66
CA ASN A 66 -0.85 -7.06 -3.81
C ASN A 66 -1.51 -7.71 -5.03
N THR A 67 -2.82 -7.56 -5.12
CA THR A 67 -3.58 -8.13 -6.23
C THR A 67 -3.01 -7.67 -7.57
N LEU A 68 -2.74 -6.38 -7.68
CA LEU A 68 -2.20 -5.80 -8.90
C LEU A 68 -0.86 -6.43 -9.24
N LEU A 69 0.01 -6.57 -8.24
CA LEU A 69 1.33 -7.16 -8.43
C LEU A 69 1.22 -8.56 -9.02
N ASP A 70 0.41 -9.40 -8.37
CA ASP A 70 0.22 -10.78 -8.82
C ASP A 70 -0.29 -10.81 -10.25
N VAL A 71 -1.33 -10.02 -10.52
CA VAL A 71 -1.90 -9.95 -11.86
C VAL A 71 -0.86 -9.57 -12.90
N ALA A 72 0.09 -8.74 -12.49
CA ALA A 72 1.16 -8.29 -13.38
C ALA A 72 1.99 -9.47 -13.87
N GLN A 73 2.41 -10.32 -12.94
CA GLN A 73 3.22 -11.49 -13.28
C GLN A 73 2.39 -12.52 -14.04
N ALA A 74 1.12 -12.64 -13.68
CA ALA A 74 0.22 -13.58 -14.34
C ALA A 74 -0.10 -13.14 -15.76
N ASN A 75 -0.17 -11.83 -15.97
CA ASN A 75 -0.47 -11.28 -17.28
C ASN A 75 0.78 -11.29 -18.17
N LEU A 76 1.92 -10.94 -17.59
CA LEU A 76 3.17 -10.91 -18.32
C LEU A 76 3.69 -12.32 -18.60
N GLY A 77 3.39 -13.24 -17.69
CA GLY A 77 3.83 -14.61 -17.85
C GLY A 77 5.29 -14.80 -17.55
N GLU A 78 6.16 -14.25 -18.41
CA GLU A 78 7.59 -14.36 -18.22
C GLU A 78 8.01 -13.88 -16.84
N ALA A 79 7.28 -12.91 -16.31
CA ALA A 79 7.56 -12.36 -14.99
C ALA A 79 7.46 -13.43 -13.92
N ALA A 80 6.37 -14.20 -13.96
CA ALA A 80 6.15 -15.27 -12.99
C ALA A 80 6.91 -16.53 -13.38
N GLY A 81 6.62 -17.63 -12.68
CA GLY A 81 7.30 -18.87 -12.97
C GLY A 81 6.37 -20.07 -12.83
N THR A 82 5.58 -20.08 -11.77
CA THR A 82 4.65 -21.17 -11.51
C THR A 82 3.36 -20.65 -10.89
N TYR A 83 2.25 -20.93 -11.56
CA TYR A 83 0.94 -20.49 -11.06
C TYR A 83 0.34 -21.51 -10.10
N VAL A 84 -0.87 -21.24 -9.64
CA VAL A 84 -1.55 -22.14 -8.71
C VAL A 84 -2.21 -23.29 -9.46
N ALA A 85 -1.43 -24.33 -9.74
CA ALA A 85 -1.94 -25.50 -10.45
C ALA A 85 -2.73 -26.41 -9.50
N ALA A 86 -3.79 -25.86 -8.92
CA ALA A 86 -4.63 -26.62 -8.00
C ALA A 86 -6.03 -26.82 -8.57
N ASP A 87 -6.46 -25.89 -9.43
CA ASP A 87 -7.77 -25.96 -10.05
C ASP A 87 -8.88 -25.89 -9.00
N ALA A 88 -10.12 -25.95 -9.46
CA ALA A 88 -11.27 -25.88 -8.56
C ALA A 88 -11.55 -27.24 -7.93
N ALA A 89 -12.21 -27.23 -6.77
CA ALA A 89 -12.55 -28.47 -6.07
C ALA A 89 -13.88 -29.02 -6.56
N ALA A 90 -14.81 -28.13 -6.87
CA ALA A 90 -16.13 -28.54 -7.36
C ALA A 90 -16.16 -28.63 -8.87
N ALA A 91 -14.98 -28.64 -9.48
CA ALA A 91 -14.88 -28.72 -10.93
C ALA A 91 -15.38 -30.05 -11.45
N SER A 92 -14.75 -31.14 -11.00
CA SER A 92 -15.15 -32.48 -11.43
C SER A 92 -16.63 -32.71 -11.19
N THR A 93 -17.15 -33.82 -11.74
CA THR A 93 -18.55 -34.15 -11.59
C THR A 93 -18.78 -35.05 -10.38
N TYR A 94 -20.04 -35.21 -9.99
CA TYR A 94 -20.39 -36.04 -8.85
C TYR A 94 -20.03 -37.51 -9.11
N THR A 95 -20.39 -38.38 -8.17
CA THR A 95 -20.11 -39.80 -8.29
C THR A 95 -20.96 -40.61 -7.32
N GLY A 96 -20.66 -41.90 -7.22
CA GLY A 96 -21.40 -42.77 -6.32
C GLY A 96 -22.55 -43.48 -7.02
N PHE A 97 -22.37 -43.75 -8.32
CA PHE A 97 -23.39 -44.43 -9.10
C PHE A 97 -22.85 -44.87 -10.45
N SER B 1 -19.56 6.71 19.84
CA SER B 1 -19.56 7.38 18.54
C SER B 1 -19.14 8.83 18.67
N MET B 2 -17.83 9.06 18.76
CA MET B 2 -17.31 10.41 18.90
C MET B 2 -16.70 10.89 17.59
N SER B 3 -17.55 11.17 16.60
CA SER B 3 -17.10 11.63 15.30
C SER B 3 -17.58 13.06 15.02
N GLN B 4 -18.67 13.44 15.69
CA GLN B 4 -19.22 14.78 15.50
C GLN B 4 -18.62 15.76 16.51
N ILE B 5 -17.57 15.32 17.19
CA ILE B 5 -16.89 16.16 18.17
C ILE B 5 -15.98 17.18 17.49
N MET B 6 -14.90 16.69 16.90
CA MET B 6 -13.95 17.56 16.22
C MET B 6 -13.07 16.76 15.27
N TYR B 7 -13.70 15.93 14.44
CA TYR B 7 -12.98 15.11 13.49
C TYR B 7 -13.45 15.38 12.06
N ASN B 8 -13.41 16.65 11.67
CA ASN B 8 -13.84 17.05 10.32
C ASN B 8 -12.63 17.38 9.44
N TYR B 9 -11.55 17.82 10.08
CA TYR B 9 -10.34 18.18 9.36
C TYR B 9 -9.12 17.44 9.93
N PRO B 10 -8.81 16.29 9.32
CA PRO B 10 -7.67 15.46 9.75
C PRO B 10 -6.33 16.11 9.44
N ALA B 11 -6.35 17.09 8.54
CA ALA B 11 -5.13 17.79 8.16
C ALA B 11 -4.73 18.81 9.22
N MET B 12 -5.71 19.41 9.88
CA MET B 12 -5.45 20.39 10.91
C MET B 12 -5.21 19.71 12.26
N LEU B 13 -5.79 18.53 12.44
CA LEU B 13 -5.64 17.78 13.68
C LEU B 13 -4.17 17.46 13.94
N GLY B 14 -3.44 17.12 12.88
CA GLY B 14 -2.03 16.81 13.03
C GLY B 14 -1.18 17.40 11.92
N HIS B 15 0.00 17.87 12.27
CA HIS B 15 0.90 18.48 11.29
C HIS B 15 2.36 18.16 11.63
N ALA B 16 3.21 18.13 10.61
CA ALA B 16 4.62 17.84 10.79
C ALA B 16 4.82 16.44 11.38
N GLY B 17 4.85 15.44 10.50
CA GLY B 17 5.03 14.08 10.95
C GLY B 17 6.38 13.51 10.54
N ASP B 18 7.04 12.82 11.46
CA ASP B 18 8.34 12.21 11.18
C ASP B 18 8.18 10.81 10.62
N MET B 19 7.21 10.07 11.14
CA MET B 19 6.95 8.71 10.69
C MET B 19 6.48 8.69 9.24
N ALA B 20 5.88 9.79 8.81
CA ALA B 20 5.38 9.91 7.44
C ALA B 20 6.50 9.67 6.43
N GLY B 21 7.72 10.04 6.81
CA GLY B 21 8.86 9.85 5.93
C GLY B 21 8.99 8.42 5.44
N TYR B 22 8.58 7.47 6.27
CA TYR B 22 8.66 6.06 5.91
C TYR B 22 7.61 5.70 4.88
N ALA B 23 6.41 6.24 5.05
CA ALA B 23 5.31 5.98 4.12
C ALA B 23 5.73 6.28 2.69
N GLY B 24 6.39 7.42 2.49
CA GLY B 24 6.83 7.80 1.16
C GLY B 24 7.67 6.73 0.51
N THR B 25 8.32 5.90 1.32
CA THR B 25 9.17 4.82 0.81
C THR B 25 8.39 3.90 -0.12
N LEU B 26 7.11 3.69 0.20
CA LEU B 26 6.26 2.83 -0.61
C LEU B 26 5.99 3.45 -1.98
N GLN B 27 5.69 4.75 -1.99
CA GLN B 27 5.41 5.45 -3.22
C GLN B 27 6.62 5.40 -4.16
N SER B 28 7.81 5.47 -3.59
CA SER B 28 9.04 5.43 -4.37
C SER B 28 9.34 4.01 -4.84
N LEU B 29 9.37 3.07 -3.90
CA LEU B 29 9.64 1.68 -4.22
C LEU B 29 8.63 1.14 -5.24
N GLY B 30 7.35 1.31 -4.93
CA GLY B 30 6.31 0.85 -5.82
C GLY B 30 6.49 1.35 -7.24
N ALA B 31 6.96 2.58 -7.37
CA ALA B 31 7.18 3.19 -8.68
C ALA B 31 8.06 2.30 -9.56
N GLU B 32 8.97 1.57 -8.93
CA GLU B 32 9.88 0.68 -9.64
C GLU B 32 9.10 -0.44 -10.33
N ILE B 33 8.02 -0.88 -9.70
CA ILE B 33 7.19 -1.95 -10.24
C ILE B 33 6.36 -1.45 -11.42
N ALA B 34 5.87 -0.23 -11.31
CA ALA B 34 5.06 0.37 -12.38
C ALA B 34 5.91 0.66 -13.61
N VAL B 35 7.18 0.99 -13.39
CA VAL B 35 8.09 1.28 -14.48
C VAL B 35 8.54 0.02 -15.19
N GLU B 36 8.63 -1.07 -14.44
CA GLU B 36 9.05 -2.36 -14.99
C GLU B 36 7.99 -2.90 -15.95
N GLN B 37 6.75 -2.96 -15.49
CA GLN B 37 5.65 -3.46 -16.30
C GLN B 37 5.40 -2.55 -17.50
N ALA B 38 5.69 -1.27 -17.34
CA ALA B 38 5.51 -0.29 -18.41
C ALA B 38 6.39 -0.62 -19.61
N ALA B 39 7.48 -1.33 -19.36
CA ALA B 39 8.40 -1.72 -20.42
C ALA B 39 7.95 -3.01 -21.09
N LEU B 40 7.21 -3.82 -20.36
CA LEU B 40 6.72 -5.10 -20.87
C LEU B 40 5.25 -4.99 -21.29
N GLN B 41 4.84 -3.79 -21.67
CA GLN B 41 3.46 -3.55 -22.09
C GLN B 41 3.06 -4.48 -23.22
N SER B 42 3.90 -4.53 -24.26
CA SER B 42 3.63 -5.38 -25.41
C SER B 42 3.49 -6.83 -24.99
N ALA B 43 4.13 -7.20 -23.89
CA ALA B 43 4.07 -8.56 -23.38
C ALA B 43 2.74 -8.82 -22.69
N TRP B 44 2.16 -7.78 -22.10
CA TRP B 44 0.89 -7.91 -21.39
C TRP B 44 -0.15 -8.57 -22.28
N GLN B 45 -1.08 -9.28 -21.67
CA GLN B 45 -2.14 -9.96 -22.40
C GLN B 45 -3.41 -9.12 -22.46
N GLY B 46 -4.09 -9.02 -21.32
CA GLY B 46 -5.31 -8.23 -21.26
C GLY B 46 -6.55 -9.09 -21.27
N ASP B 47 -6.41 -10.33 -21.70
CA ASP B 47 -7.53 -11.27 -21.77
C ASP B 47 -7.58 -12.15 -20.52
N THR B 48 -7.02 -11.63 -19.42
CA THR B 48 -7.00 -12.38 -18.17
C THR B 48 -7.77 -11.65 -17.08
N GLY B 49 -7.82 -10.33 -17.19
CA GLY B 49 -8.53 -9.53 -16.20
C GLY B 49 -8.21 -8.05 -16.32
N ILE B 50 -7.08 -7.64 -15.77
CA ILE B 50 -6.67 -6.24 -15.82
C ILE B 50 -5.84 -5.95 -17.06
N THR B 51 -6.03 -4.77 -17.63
CA THR B 51 -5.29 -4.37 -18.82
C THR B 51 -4.11 -3.47 -18.48
N TYR B 52 -3.30 -3.15 -19.48
CA TYR B 52 -2.14 -2.30 -19.27
C TYR B 52 -2.55 -0.89 -18.86
N GLN B 53 -3.63 -0.39 -19.47
CA GLN B 53 -4.13 0.95 -19.18
C GLN B 53 -4.80 0.98 -17.81
N ALA B 54 -5.57 -0.07 -17.52
CA ALA B 54 -6.29 -0.15 -16.25
C ALA B 54 -5.32 -0.37 -15.09
N TRP B 55 -4.34 -1.26 -15.30
CA TRP B 55 -3.35 -1.57 -14.29
C TRP B 55 -2.53 -0.34 -13.93
N GLN B 56 -2.14 0.42 -14.94
CA GLN B 56 -1.36 1.64 -14.74
C GLN B 56 -2.05 2.57 -13.76
N ALA B 57 -3.29 2.94 -14.08
CA ALA B 57 -4.06 3.83 -13.23
C ALA B 57 -4.41 3.17 -11.90
N GLN B 58 -4.70 1.87 -11.95
CA GLN B 58 -5.05 1.12 -10.75
C GLN B 58 -3.92 1.17 -9.73
N TRP B 59 -2.72 0.82 -10.16
CA TRP B 59 -1.55 0.82 -9.29
C TRP B 59 -1.39 2.18 -8.61
N ASN B 60 -1.24 3.23 -9.41
CA ASN B 60 -1.08 4.57 -8.89
C ASN B 60 -2.24 4.95 -7.97
N GLN B 61 -3.46 4.83 -8.48
CA GLN B 61 -4.65 5.15 -7.70
C GLN B 61 -4.65 4.40 -6.37
N ALA B 62 -4.11 3.19 -6.37
CA ALA B 62 -4.04 2.38 -5.16
C ALA B 62 -2.98 2.91 -4.20
N MET B 63 -1.76 3.05 -4.71
CA MET B 63 -0.65 3.55 -3.89
C MET B 63 -1.04 4.85 -3.20
N GLU B 64 -1.77 5.70 -3.90
CA GLU B 64 -2.20 6.99 -3.36
C GLU B 64 -2.97 6.79 -2.04
N ASP B 65 -4.02 5.98 -2.10
CA ASP B 65 -4.82 5.70 -0.92
C ASP B 65 -4.06 4.83 0.08
N LEU B 66 -3.15 4.02 -0.44
CA LEU B 66 -2.35 3.14 0.41
C LEU B 66 -1.45 3.95 1.34
N VAL B 67 -0.92 5.06 0.83
CA VAL B 67 -0.05 5.91 1.62
C VAL B 67 -0.83 6.68 2.67
N ARG B 68 -1.94 7.29 2.25
CA ARG B 68 -2.78 8.05 3.15
C ARG B 68 -3.14 7.23 4.39
N ALA B 69 -3.25 5.93 4.21
CA ALA B 69 -3.59 5.03 5.31
C ALA B 69 -2.55 5.12 6.43
N TYR B 70 -1.29 5.33 6.05
CA TYR B 70 -0.21 5.43 7.03
C TYR B 70 -0.10 6.85 7.56
N HIS B 71 -0.03 7.82 6.66
CA HIS B 71 0.08 9.22 7.04
C HIS B 71 -1.05 9.62 7.99
N ALA B 72 -2.28 9.26 7.62
CA ALA B 72 -3.45 9.57 8.44
C ALA B 72 -3.32 8.96 9.83
N MET B 73 -2.92 7.69 9.88
CA MET B 73 -2.77 7.00 11.15
C MET B 73 -1.85 7.76 12.09
N SER B 74 -0.81 8.37 11.52
CA SER B 74 0.15 9.14 12.31
C SER B 74 -0.38 10.54 12.58
N SER B 75 -1.23 11.04 11.68
CA SER B 75 -1.80 12.38 11.83
C SER B 75 -2.70 12.44 13.06
N THR B 76 -3.30 11.31 13.42
CA THR B 76 -4.17 11.25 14.58
C THR B 76 -3.41 10.85 15.84
N HIS B 77 -2.10 10.77 15.71
CA HIS B 77 -1.24 10.39 16.84
C HIS B 77 -1.34 11.43 17.96
N GLU B 78 -1.66 12.66 17.60
CA GLU B 78 -1.79 13.74 18.57
C GLU B 78 -2.89 13.43 19.58
N ALA B 79 -3.86 12.63 19.16
CA ALA B 79 -4.97 12.25 20.03
C ALA B 79 -4.47 11.72 21.37
N ASN B 80 -3.30 11.09 21.34
CA ASN B 80 -2.70 10.53 22.55
C ASN B 80 -2.63 11.57 23.66
N THR B 81 -2.04 12.73 23.34
CA THR B 81 -1.90 13.80 24.31
C THR B 81 -3.25 14.45 24.61
N MET B 82 -4.13 14.46 23.61
CA MET B 82 -5.46 15.04 23.76
C MET B 82 -6.22 14.37 24.90
N ALA B 83 -5.98 13.06 25.07
CA ALA B 83 -6.64 12.30 26.12
C ALA B 83 -6.47 12.98 27.48
N MET B 84 -5.36 13.69 27.66
CA MET B 84 -5.10 14.38 28.91
C MET B 84 -6.27 15.28 29.30
N MET B 85 -6.62 15.25 30.59
CA MET B 85 -7.73 16.06 31.09
C MET B 85 -7.53 17.52 30.76
N ALA B 86 -6.26 17.92 30.61
CA ALA B 86 -5.93 19.31 30.30
C ALA B 86 -6.62 19.75 29.02
N ARG B 87 -6.62 18.89 28.01
CA ARG B 87 -7.24 19.20 26.73
C ARG B 87 -8.76 19.06 26.82
N ASP B 88 -9.21 18.14 27.65
CA ASP B 88 -10.66 17.91 27.83
C ASP B 88 -11.09 18.29 29.24
N THR B 89 -11.06 19.59 29.53
CA THR B 89 -11.46 20.08 30.84
C THR B 89 -12.96 20.32 30.91
N ALA B 90 -13.54 20.75 29.79
CA ALA B 90 -14.98 21.01 29.72
C ALA B 90 -15.74 19.77 29.28
N GLU B 91 -15.04 18.87 28.58
CA GLU B 91 -15.66 17.64 28.09
C GLU B 91 -15.88 16.65 29.23
N ALA B 92 -14.79 16.24 29.88
CA ALA B 92 -14.86 15.30 30.99
C ALA B 92 -15.66 15.88 32.14
N ALA B 93 -15.72 17.21 32.21
CA ALA B 93 -16.44 17.88 33.28
C ALA B 93 -17.92 18.02 32.93
N LYS B 94 -18.21 18.02 31.64
CA LYS B 94 -19.59 18.16 31.16
C LYS B 94 -20.44 16.98 31.63
N TRP B 95 -21.73 17.03 31.32
CA TRP B 95 -22.65 15.97 31.72
C TRP B 95 -23.95 16.06 30.94
N GLY B 96 -24.74 17.11 31.21
CA GLY B 96 -25.99 17.29 30.52
C GLY B 96 -27.16 16.67 31.27
N GLY B 97 -27.88 15.77 30.61
CA GLY B 97 -29.01 15.11 31.24
C GLY B 97 -30.33 15.60 30.69
N MET A 1 39.43 1.39 -13.69
CA MET A 1 39.89 1.26 -15.07
C MET A 1 40.01 -0.21 -15.46
N SER A 2 38.98 -1.00 -15.13
CA SER A 2 38.98 -2.41 -15.44
C SER A 2 37.57 -2.90 -15.77
N LEU A 3 36.62 -2.53 -14.92
CA LEU A 3 35.22 -2.93 -15.12
C LEU A 3 34.68 -2.38 -16.44
N LEU A 4 33.96 -3.21 -17.17
CA LEU A 4 33.39 -2.80 -18.45
C LEU A 4 32.09 -3.57 -18.74
N ASP A 5 31.13 -3.45 -17.83
CA ASP A 5 29.84 -4.12 -17.98
C ASP A 5 28.72 -3.32 -17.35
N ALA A 6 28.36 -2.21 -17.98
CA ALA A 6 27.30 -1.35 -17.47
C ALA A 6 26.11 -1.30 -18.44
N HIS A 7 26.38 -0.92 -19.68
CA HIS A 7 25.35 -0.83 -20.70
C HIS A 7 24.72 -2.20 -20.94
N ILE A 8 25.54 -3.24 -20.93
CA ILE A 8 25.07 -4.59 -21.15
C ILE A 8 24.14 -5.05 -20.02
N PRO A 9 23.22 -5.97 -20.34
CA PRO A 9 22.26 -6.50 -19.37
C PRO A 9 22.92 -7.39 -18.33
N GLN A 10 22.11 -8.17 -17.62
CA GLN A 10 22.63 -9.06 -16.58
C GLN A 10 21.49 -9.81 -15.90
N LEU A 11 21.36 -11.08 -16.21
CA LEU A 11 20.30 -11.91 -15.63
C LEU A 11 18.93 -11.33 -15.92
N VAL A 12 18.84 -10.51 -16.96
CA VAL A 12 17.58 -9.90 -17.35
C VAL A 12 16.62 -10.92 -17.94
N ALA A 13 15.34 -10.77 -17.65
CA ALA A 13 14.31 -11.67 -18.15
C ALA A 13 14.36 -13.02 -17.42
N SER A 14 15.49 -13.70 -17.53
CA SER A 14 15.66 -14.99 -16.88
C SER A 14 15.29 -14.92 -15.41
N GLN A 15 15.94 -14.01 -14.69
CA GLN A 15 15.67 -13.84 -13.26
C GLN A 15 14.42 -12.99 -13.05
N SER A 16 14.09 -12.16 -14.02
CA SER A 16 12.92 -11.30 -13.92
C SER A 16 13.02 -10.37 -12.72
N ALA A 17 13.53 -9.15 -12.96
CA ALA A 17 13.67 -8.17 -11.91
C ALA A 17 12.33 -7.85 -11.25
N PHE A 18 11.26 -8.03 -12.01
CA PHE A 18 9.91 -7.77 -11.51
C PHE A 18 9.65 -8.54 -10.22
N ALA A 19 9.91 -9.84 -10.26
CA ALA A 19 9.70 -10.70 -9.10
C ALA A 19 10.45 -10.17 -7.89
N ALA A 20 11.62 -9.57 -8.13
CA ALA A 20 12.43 -9.02 -7.07
C ALA A 20 11.70 -7.91 -6.32
N LYS A 21 10.98 -7.08 -7.06
CA LYS A 21 10.23 -5.98 -6.47
C LYS A 21 9.00 -6.49 -5.75
N ALA A 22 8.36 -7.50 -6.32
CA ALA A 22 7.16 -8.08 -5.72
C ALA A 22 7.46 -8.65 -4.34
N GLY A 23 8.61 -9.31 -4.21
CA GLY A 23 8.99 -9.89 -2.94
C GLY A 23 9.35 -8.84 -1.90
N LEU A 24 9.90 -7.73 -2.36
CA LEU A 24 10.29 -6.64 -1.47
C LEU A 24 9.08 -5.79 -1.08
N MET A 25 8.09 -5.75 -1.96
CA MET A 25 6.88 -4.98 -1.70
C MET A 25 6.25 -5.38 -0.37
N ARG A 26 5.92 -6.66 -0.23
CA ARG A 26 5.32 -7.16 1.00
C ARG A 26 6.23 -6.89 2.20
N HIS A 27 7.53 -6.80 1.93
CA HIS A 27 8.50 -6.55 2.99
C HIS A 27 8.43 -5.10 3.47
N THR A 28 7.99 -4.22 2.59
CA THR A 28 7.87 -2.80 2.93
C THR A 28 6.73 -2.56 3.90
N ILE A 29 5.58 -3.16 3.61
CA ILE A 29 4.40 -3.01 4.46
C ILE A 29 4.57 -3.79 5.76
N GLY A 30 4.98 -5.05 5.64
CA GLY A 30 5.17 -5.89 6.80
C GLY A 30 6.07 -5.25 7.84
N GLN A 31 7.21 -4.74 7.39
CA GLN A 31 8.17 -4.10 8.28
C GLN A 31 7.67 -2.75 8.74
N ALA A 32 6.94 -2.05 7.87
CA ALA A 32 6.38 -0.75 8.20
C ALA A 32 5.29 -0.86 9.25
N GLU A 33 4.61 -2.00 9.27
CA GLU A 33 3.54 -2.24 10.23
C GLU A 33 4.09 -2.43 11.63
N GLN A 34 5.28 -3.03 11.72
CA GLN A 34 5.91 -3.29 13.00
C GLN A 34 6.00 -2.01 13.83
N ALA A 35 6.18 -0.88 13.15
CA ALA A 35 6.28 0.41 13.83
C ALA A 35 5.05 0.66 14.71
N ALA A 36 3.87 0.47 14.12
CA ALA A 36 2.62 0.67 14.85
C ALA A 36 2.58 -0.17 16.12
N MET A 37 3.24 -1.33 16.09
CA MET A 37 3.28 -2.22 17.24
C MET A 37 4.14 -1.63 18.35
N SER A 38 5.39 -1.31 18.03
CA SER A 38 6.30 -0.74 19.01
C SER A 38 5.70 0.49 19.67
N ALA A 39 5.14 1.38 18.85
CA ALA A 39 4.52 2.60 19.35
C ALA A 39 3.30 2.28 20.22
N GLN A 40 2.67 1.15 19.96
CA GLN A 40 1.49 0.74 20.71
C GLN A 40 1.90 0.00 21.99
N ALA A 41 3.19 -0.27 22.12
CA ALA A 41 3.70 -0.97 23.30
C ALA A 41 3.35 -0.22 24.57
N PHE A 42 3.10 1.07 24.44
CA PHE A 42 2.76 1.90 25.60
C PHE A 42 1.62 1.28 26.40
N HIS A 43 0.74 0.56 25.70
CA HIS A 43 -0.40 -0.08 26.34
C HIS A 43 -1.07 -1.06 25.40
N GLN A 44 -0.76 -2.34 25.56
CA GLN A 44 -1.33 -3.38 24.71
C GLN A 44 -2.70 -3.80 25.22
N GLY A 45 -3.75 -3.30 24.58
CA GLY A 45 -5.10 -3.64 24.99
C GLY A 45 -6.14 -2.70 24.40
N GLU A 46 -6.45 -1.63 25.12
CA GLU A 46 -7.43 -0.66 24.67
C GLU A 46 -6.78 0.39 23.76
N SER A 47 -6.93 0.21 22.45
CA SER A 47 -6.36 1.13 21.48
C SER A 47 -7.36 2.22 21.11
N SER A 48 -6.91 3.19 20.32
CA SER A 48 -7.76 4.29 19.89
C SER A 48 -8.65 3.87 18.71
N ALA A 49 -9.91 4.27 18.77
CA ALA A 49 -10.85 3.93 17.70
C ALA A 49 -10.35 4.40 16.34
N ALA A 50 -9.98 5.68 16.27
CA ALA A 50 -9.48 6.26 15.02
C ALA A 50 -8.23 5.52 14.55
N PHE A 51 -7.50 4.93 15.50
CA PHE A 51 -6.29 4.20 15.17
C PHE A 51 -6.60 2.88 14.46
N GLN A 52 -7.72 2.27 14.84
CA GLN A 52 -8.14 1.01 14.25
C GLN A 52 -8.55 1.21 12.80
N ALA A 53 -9.47 2.13 12.56
CA ALA A 53 -9.94 2.42 11.21
C ALA A 53 -8.77 2.67 10.26
N ALA A 54 -7.82 3.49 10.71
CA ALA A 54 -6.65 3.81 9.89
C ALA A 54 -5.81 2.57 9.64
N HIS A 55 -5.70 1.71 10.64
CA HIS A 55 -4.91 0.48 10.53
C HIS A 55 -5.57 -0.49 9.55
N ALA A 56 -6.90 -0.55 9.60
CA ALA A 56 -7.66 -1.44 8.72
C ALA A 56 -7.64 -0.93 7.29
N ARG A 57 -7.59 0.39 7.13
CA ARG A 57 -7.58 1.00 5.81
C ARG A 57 -6.34 0.59 5.03
N PHE A 58 -5.19 0.57 5.71
CA PHE A 58 -3.93 0.19 5.07
C PHE A 58 -3.98 -1.25 4.58
N VAL A 59 -4.31 -2.17 5.48
CA VAL A 59 -4.40 -3.58 5.13
C VAL A 59 -5.45 -3.82 4.06
N ALA A 60 -6.51 -3.02 4.09
CA ALA A 60 -7.60 -3.14 3.12
C ALA A 60 -7.13 -2.74 1.73
N ALA A 61 -6.24 -1.76 1.67
CA ALA A 61 -5.71 -1.28 0.39
C ALA A 61 -4.63 -2.21 -0.13
N ALA A 62 -3.82 -2.75 0.78
CA ALA A 62 -2.74 -3.65 0.40
C ALA A 62 -3.25 -4.78 -0.49
N ALA A 63 -4.47 -5.23 -0.23
CA ALA A 63 -5.08 -6.30 -1.01
C ALA A 63 -5.12 -5.93 -2.50
N LYS A 64 -5.29 -4.65 -2.78
CA LYS A 64 -5.34 -4.17 -4.15
C LYS A 64 -3.98 -4.27 -4.82
N VAL A 65 -2.95 -3.75 -4.14
CA VAL A 65 -1.60 -3.78 -4.67
C VAL A 65 -1.15 -5.20 -4.96
N ASN A 66 -1.43 -6.12 -4.03
CA ASN A 66 -1.06 -7.52 -4.19
C ASN A 66 -1.79 -8.14 -5.38
N THR A 67 -3.10 -7.93 -5.43
CA THR A 67 -3.91 -8.48 -6.51
C THR A 67 -3.42 -8.01 -7.87
N LEU A 68 -2.96 -6.76 -7.92
CA LEU A 68 -2.45 -6.18 -9.16
C LEU A 68 -1.05 -6.70 -9.47
N LEU A 69 -0.27 -6.97 -8.43
CA LEU A 69 1.08 -7.49 -8.61
C LEU A 69 1.06 -8.85 -9.31
N ASP A 70 0.14 -9.70 -8.90
CA ASP A 70 0.01 -11.03 -9.49
C ASP A 70 -0.46 -10.94 -10.94
N VAL A 71 -1.50 -10.15 -11.17
CA VAL A 71 -2.05 -9.97 -12.51
C VAL A 71 -0.97 -9.52 -13.48
N ALA A 72 -0.02 -8.73 -12.98
CA ALA A 72 1.06 -8.24 -13.82
C ALA A 72 1.97 -9.37 -14.27
N GLN A 73 2.38 -10.21 -13.33
CA GLN A 73 3.26 -11.34 -13.64
C GLN A 73 2.53 -12.39 -14.46
N ALA A 74 1.24 -12.56 -14.18
CA ALA A 74 0.41 -13.53 -14.90
C ALA A 74 0.17 -13.08 -16.34
N ASN A 75 0.03 -11.78 -16.53
CA ASN A 75 -0.22 -11.22 -17.85
C ASN A 75 1.08 -11.13 -18.65
N LEU A 76 2.16 -10.75 -17.96
CA LEU A 76 3.46 -10.61 -18.60
C LEU A 76 4.06 -11.99 -18.91
N GLY A 77 3.76 -12.96 -18.06
CA GLY A 77 4.27 -14.31 -18.26
C GLY A 77 5.72 -14.43 -17.86
N GLU A 78 6.62 -13.82 -18.65
CA GLU A 78 8.04 -13.87 -18.37
C GLU A 78 8.34 -13.38 -16.96
N ALA A 79 7.52 -12.46 -16.48
CA ALA A 79 7.70 -11.89 -15.14
C ALA A 79 7.64 -12.99 -14.07
N ALA A 80 6.51 -13.69 -14.01
CA ALA A 80 6.34 -14.76 -13.04
C ALA A 80 5.01 -15.49 -13.27
N GLY A 81 4.89 -16.68 -12.70
CA GLY A 81 3.69 -17.47 -12.85
C GLY A 81 2.82 -17.46 -11.60
N THR A 82 1.94 -18.44 -11.50
CA THR A 82 1.05 -18.55 -10.34
C THR A 82 0.25 -19.85 -10.38
N TYR A 83 -0.48 -20.12 -9.30
CA TYR A 83 -1.29 -21.33 -9.21
C TYR A 83 -2.45 -21.27 -10.20
N VAL A 84 -3.31 -22.29 -10.14
CA VAL A 84 -4.47 -22.35 -11.02
C VAL A 84 -5.62 -21.50 -10.50
N ALA A 85 -5.58 -20.21 -10.80
CA ALA A 85 -6.61 -19.28 -10.37
C ALA A 85 -7.70 -19.12 -11.43
N ALA A 86 -8.28 -20.25 -11.84
CA ALA A 86 -9.33 -20.23 -12.84
C ALA A 86 -10.62 -19.61 -12.30
N ASP A 87 -10.79 -19.69 -10.98
CA ASP A 87 -11.97 -19.14 -10.33
C ASP A 87 -13.24 -19.76 -10.89
N ALA A 88 -14.39 -19.25 -10.46
CA ALA A 88 -15.68 -19.75 -10.92
C ALA A 88 -16.83 -18.94 -10.33
N ALA A 89 -16.65 -18.49 -9.10
CA ALA A 89 -17.69 -17.70 -8.43
C ALA A 89 -17.54 -16.22 -8.77
N ALA A 90 -16.32 -15.72 -8.74
CA ALA A 90 -16.06 -14.31 -9.05
C ALA A 90 -16.18 -14.06 -10.55
N ALA A 91 -15.91 -15.08 -11.35
CA ALA A 91 -16.00 -14.96 -12.80
C ALA A 91 -17.37 -14.47 -13.23
N SER A 92 -18.41 -15.15 -12.74
CA SER A 92 -19.78 -14.78 -13.08
C SER A 92 -20.78 -15.59 -12.26
N THR A 93 -21.69 -14.89 -11.60
CA THR A 93 -22.70 -15.54 -10.78
C THR A 93 -23.74 -16.26 -11.62
N TYR A 94 -24.31 -15.54 -12.58
CA TYR A 94 -25.31 -16.12 -13.48
C TYR A 94 -25.64 -15.17 -14.62
N THR A 95 -25.69 -13.88 -14.31
CA THR A 95 -25.99 -12.86 -15.32
C THR A 95 -27.33 -13.13 -15.99
N GLY A 96 -28.42 -12.81 -15.29
CA GLY A 96 -29.74 -13.03 -15.83
C GLY A 96 -30.65 -11.83 -15.64
N PHE A 97 -31.96 -12.09 -15.56
CA PHE A 97 -32.93 -11.02 -15.37
C PHE A 97 -33.96 -11.40 -14.31
N SER B 1 -17.77 11.81 7.35
CA SER B 1 -18.52 12.52 8.37
C SER B 1 -17.78 12.51 9.70
N MET B 2 -16.47 12.58 9.64
CA MET B 2 -15.64 12.58 10.83
C MET B 2 -15.51 13.99 11.41
N SER B 3 -16.63 14.54 11.85
CA SER B 3 -16.64 15.89 12.41
C SER B 3 -17.09 15.86 13.87
N GLN B 4 -17.81 14.81 14.24
CA GLN B 4 -18.30 14.65 15.60
C GLN B 4 -17.30 13.89 16.47
N ILE B 5 -16.10 13.69 15.93
CA ILE B 5 -15.05 12.98 16.65
C ILE B 5 -14.39 13.87 17.69
N MET B 6 -13.61 14.84 17.22
CA MET B 6 -12.91 15.76 18.12
C MET B 6 -12.25 16.89 17.33
N TYR B 7 -12.84 17.23 16.19
CA TYR B 7 -12.30 18.28 15.34
C TYR B 7 -13.38 18.85 14.43
N ASN B 8 -13.75 20.11 14.68
CA ASN B 8 -14.77 20.78 13.89
C ASN B 8 -14.36 20.86 12.42
N TYR B 9 -13.05 20.94 12.18
CA TYR B 9 -12.52 21.03 10.83
C TYR B 9 -11.67 19.80 10.50
N PRO B 10 -12.30 18.78 9.89
CA PRO B 10 -11.61 17.55 9.52
C PRO B 10 -10.64 17.76 8.37
N ALA B 11 -11.07 18.50 7.35
CA ALA B 11 -10.22 18.78 6.19
C ALA B 11 -8.91 19.42 6.62
N MET B 12 -8.98 20.38 7.53
CA MET B 12 -7.78 21.06 8.02
C MET B 12 -6.76 20.07 8.54
N LEU B 13 -7.24 18.93 9.02
CA LEU B 13 -6.35 17.89 9.55
C LEU B 13 -5.47 17.31 8.45
N GLY B 14 -4.27 17.87 8.30
CA GLY B 14 -3.35 17.40 7.28
C GLY B 14 -1.97 17.98 7.45
N HIS B 15 -1.03 17.15 7.91
CA HIS B 15 0.34 17.59 8.11
C HIS B 15 1.30 16.39 8.14
N ALA B 16 2.57 16.65 7.81
CA ALA B 16 3.57 15.59 7.80
C ALA B 16 4.24 15.46 9.17
N GLY B 17 5.22 14.56 9.25
CA GLY B 17 5.93 14.36 10.50
C GLY B 17 7.17 13.51 10.32
N ASP B 18 7.57 12.82 11.38
CA ASP B 18 8.76 11.97 11.35
C ASP B 18 8.42 10.58 10.79
N MET B 19 7.46 9.92 11.43
CA MET B 19 7.04 8.59 10.99
C MET B 19 6.59 8.61 9.54
N ALA B 20 6.12 9.76 9.08
CA ALA B 20 5.65 9.91 7.71
C ALA B 20 6.72 9.49 6.71
N GLY B 21 7.98 9.67 7.10
CA GLY B 21 9.08 9.29 6.23
C GLY B 21 8.97 7.86 5.75
N TYR B 22 8.50 6.97 6.63
CA TYR B 22 8.36 5.56 6.30
C TYR B 22 7.39 5.37 5.13
N ALA B 23 6.22 6.02 5.24
CA ALA B 23 5.21 5.92 4.20
C ALA B 23 5.80 6.23 2.82
N GLY B 24 6.65 7.26 2.76
CA GLY B 24 7.27 7.64 1.51
C GLY B 24 7.94 6.47 0.82
N THR B 25 8.53 5.58 1.60
CA THR B 25 9.22 4.41 1.06
C THR B 25 8.28 3.58 0.18
N LEU B 26 7.04 3.44 0.63
CA LEU B 26 6.05 2.67 -0.10
C LEU B 26 5.69 3.35 -1.42
N GLN B 27 5.22 4.60 -1.32
CA GLN B 27 4.85 5.37 -2.50
C GLN B 27 5.99 5.38 -3.52
N SER B 28 7.21 5.43 -3.03
CA SER B 28 8.39 5.46 -3.90
C SER B 28 8.66 4.09 -4.49
N LEU B 29 8.43 3.05 -3.68
CA LEU B 29 8.65 1.68 -4.13
C LEU B 29 7.63 1.28 -5.19
N GLY B 30 6.37 1.63 -4.95
CA GLY B 30 5.32 1.31 -5.91
C GLY B 30 5.65 1.75 -7.32
N ALA B 31 6.15 2.97 -7.45
CA ALA B 31 6.51 3.51 -8.77
C ALA B 31 7.46 2.57 -9.50
N GLU B 32 8.38 1.98 -8.76
CA GLU B 32 9.36 1.06 -9.34
C GLU B 32 8.66 -0.08 -10.08
N ILE B 33 7.62 -0.63 -9.46
CA ILE B 33 6.86 -1.72 -10.06
C ILE B 33 5.99 -1.21 -11.21
N ALA B 34 5.51 0.02 -11.09
CA ALA B 34 4.67 0.62 -12.11
C ALA B 34 5.47 0.91 -13.38
N VAL B 35 6.70 1.39 -13.20
CA VAL B 35 7.56 1.71 -14.34
C VAL B 35 8.17 0.43 -14.93
N GLU B 36 8.39 -0.56 -14.08
CA GLU B 36 8.96 -1.83 -14.54
C GLU B 36 8.07 -2.50 -15.58
N GLN B 37 6.79 -2.66 -15.23
CA GLN B 37 5.84 -3.28 -16.13
C GLN B 37 5.62 -2.43 -17.39
N ALA B 38 5.78 -1.12 -17.23
CA ALA B 38 5.62 -0.20 -18.34
C ALA B 38 6.60 -0.50 -19.46
N ALA B 39 7.72 -1.13 -19.11
CA ALA B 39 8.75 -1.47 -20.09
C ALA B 39 8.40 -2.77 -20.80
N LEU B 40 7.60 -3.62 -20.15
CA LEU B 40 7.20 -4.89 -20.72
C LEU B 40 5.75 -4.84 -21.18
N GLN B 41 5.29 -3.66 -21.57
CA GLN B 41 3.91 -3.49 -22.03
C GLN B 41 3.61 -4.43 -23.18
N SER B 42 4.50 -4.47 -24.16
CA SER B 42 4.31 -5.33 -25.33
C SER B 42 4.11 -6.78 -24.91
N ALA B 43 4.64 -7.14 -23.75
CA ALA B 43 4.51 -8.50 -23.23
C ALA B 43 3.10 -8.74 -22.70
N TRP B 44 2.47 -7.69 -22.20
CA TRP B 44 1.11 -7.80 -21.67
C TRP B 44 0.18 -8.44 -22.68
N GLN B 45 -0.84 -9.14 -22.18
CA GLN B 45 -1.81 -9.80 -23.06
C GLN B 45 -3.01 -8.91 -23.30
N GLY B 46 -3.82 -8.72 -22.26
CA GLY B 46 -5.01 -7.88 -22.38
C GLY B 46 -6.25 -8.69 -22.67
N ASP B 47 -6.31 -9.91 -22.14
CA ASP B 47 -7.45 -10.78 -22.35
C ASP B 47 -7.59 -11.78 -21.20
N THR B 48 -7.08 -11.40 -20.03
CA THR B 48 -7.16 -12.25 -18.86
C THR B 48 -7.94 -11.58 -17.73
N GLY B 49 -7.86 -10.25 -17.68
CA GLY B 49 -8.56 -9.50 -16.64
C GLY B 49 -8.25 -8.03 -16.69
N ILE B 50 -7.04 -7.66 -16.32
CA ILE B 50 -6.62 -6.26 -16.31
C ILE B 50 -5.74 -5.94 -17.52
N THR B 51 -5.90 -4.75 -18.08
CA THR B 51 -5.12 -4.33 -19.23
C THR B 51 -3.98 -3.42 -18.81
N TYR B 52 -3.13 -3.05 -19.78
CA TYR B 52 -1.99 -2.19 -19.51
C TYR B 52 -2.47 -0.79 -19.11
N GLN B 53 -3.52 -0.32 -19.75
CA GLN B 53 -4.07 1.00 -19.46
C GLN B 53 -4.80 1.01 -18.13
N ALA B 54 -5.57 -0.05 -17.88
CA ALA B 54 -6.32 -0.16 -16.64
C ALA B 54 -5.38 -0.39 -15.44
N TRP B 55 -4.43 -1.29 -15.62
CA TRP B 55 -3.47 -1.60 -14.54
C TRP B 55 -2.70 -0.35 -14.14
N GLN B 56 -2.18 0.37 -15.13
CA GLN B 56 -1.41 1.59 -14.87
C GLN B 56 -2.21 2.56 -14.02
N ALA B 57 -3.54 2.48 -14.12
CA ALA B 57 -4.41 3.36 -13.35
C ALA B 57 -4.81 2.71 -12.03
N GLN B 58 -4.82 1.38 -12.00
CA GLN B 58 -5.18 0.64 -10.80
C GLN B 58 -4.05 0.66 -9.78
N TRP B 59 -2.86 0.28 -10.23
CA TRP B 59 -1.69 0.25 -9.35
C TRP B 59 -1.51 1.59 -8.65
N ASN B 60 -1.36 2.65 -9.43
CA ASN B 60 -1.18 3.99 -8.88
C ASN B 60 -2.27 4.31 -7.85
N GLN B 61 -3.52 4.24 -8.29
CA GLN B 61 -4.64 4.52 -7.42
C GLN B 61 -4.57 3.69 -6.14
N ALA B 62 -3.99 2.50 -6.26
CA ALA B 62 -3.85 1.60 -5.11
C ALA B 62 -2.86 2.15 -4.10
N MET B 63 -1.64 2.45 -4.56
CA MET B 63 -0.60 2.99 -3.69
C MET B 63 -1.03 4.31 -3.09
N GLU B 64 -1.86 5.05 -3.82
CA GLU B 64 -2.35 6.35 -3.35
C GLU B 64 -3.13 6.19 -2.05
N ASP B 65 -4.17 5.36 -2.08
CA ASP B 65 -5.01 5.12 -0.91
C ASP B 65 -4.29 4.21 0.09
N LEU B 66 -3.41 3.36 -0.42
CA LEU B 66 -2.66 2.44 0.42
C LEU B 66 -1.67 3.18 1.31
N VAL B 67 -0.90 4.08 0.69
CA VAL B 67 0.09 4.87 1.41
C VAL B 67 -0.58 5.93 2.30
N ARG B 68 -1.75 6.40 1.86
CA ARG B 68 -2.49 7.41 2.60
C ARG B 68 -2.98 6.84 3.93
N ALA B 69 -3.25 5.54 3.95
CA ALA B 69 -3.72 4.89 5.16
C ALA B 69 -2.76 5.10 6.32
N TYR B 70 -1.49 5.31 6.00
CA TYR B 70 -0.47 5.53 7.02
C TYR B 70 -0.40 7.00 7.41
N HIS B 71 -0.17 7.87 6.43
CA HIS B 71 -0.10 9.30 6.67
C HIS B 71 -1.36 9.81 7.34
N ALA B 72 -2.48 9.12 7.09
CA ALA B 72 -3.76 9.51 7.66
C ALA B 72 -3.82 9.18 9.15
N MET B 73 -3.41 7.96 9.50
CA MET B 73 -3.42 7.52 10.89
C MET B 73 -2.69 8.51 11.78
N SER B 74 -1.61 9.09 11.25
CA SER B 74 -0.82 10.06 11.99
C SER B 74 -1.44 11.45 11.92
N SER B 75 -2.18 11.70 10.85
CA SER B 75 -2.83 12.99 10.65
C SER B 75 -3.77 13.31 11.81
N THR B 76 -4.34 12.27 12.39
CA THR B 76 -5.26 12.43 13.51
C THR B 76 -4.51 12.55 14.84
N HIS B 77 -3.24 12.18 14.81
CA HIS B 77 -2.40 12.24 16.01
C HIS B 77 -2.42 13.65 16.60
N GLU B 78 -2.65 14.64 15.76
CA GLU B 78 -2.70 16.03 16.20
C GLU B 78 -3.80 16.23 17.24
N ALA B 79 -4.76 15.32 17.26
CA ALA B 79 -5.87 15.40 18.21
C ALA B 79 -5.36 15.56 19.64
N ASN B 80 -4.16 15.02 19.90
CA ASN B 80 -3.57 15.11 21.23
C ASN B 80 -3.55 16.56 21.73
N THR B 81 -2.81 17.41 21.04
CA THR B 81 -2.72 18.81 21.41
C THR B 81 -3.99 19.56 21.05
N MET B 82 -4.72 19.05 20.06
CA MET B 82 -5.97 19.67 19.63
C MET B 82 -6.97 19.73 20.77
N ALA B 83 -6.89 18.76 21.68
CA ALA B 83 -7.79 18.70 22.83
C ALA B 83 -7.78 20.00 23.61
N MET B 84 -6.61 20.64 23.66
CA MET B 84 -6.46 21.90 24.39
C MET B 84 -6.76 21.71 25.88
N MET B 85 -6.79 22.81 26.61
CA MET B 85 -7.06 22.77 28.04
C MET B 85 -8.56 22.74 28.30
N ALA B 86 -9.35 23.28 27.37
CA ALA B 86 -10.79 23.31 27.51
C ALA B 86 -11.35 21.91 27.72
N ARG B 87 -11.24 21.08 26.69
CA ARG B 87 -11.73 19.70 26.76
C ARG B 87 -11.09 18.96 27.93
N ASP B 88 -9.83 19.26 28.20
CA ASP B 88 -9.11 18.61 29.28
C ASP B 88 -9.04 19.52 30.51
N THR B 89 -10.19 19.84 31.07
CA THR B 89 -10.27 20.70 32.24
C THR B 89 -10.05 19.90 33.52
N ALA B 90 -10.52 18.66 33.52
CA ALA B 90 -10.38 17.80 34.69
C ALA B 90 -9.10 16.98 34.60
N GLU B 91 -8.60 16.78 33.39
CA GLU B 91 -7.37 16.02 33.19
C GLU B 91 -6.15 16.83 33.60
N ALA B 92 -5.94 17.96 32.95
CA ALA B 92 -4.81 18.83 33.26
C ALA B 92 -4.88 19.34 34.69
N ALA B 93 -6.08 19.38 35.24
CA ALA B 93 -6.29 19.86 36.60
C ALA B 93 -6.11 18.72 37.61
N LYS B 94 -6.35 17.49 37.15
CA LYS B 94 -6.22 16.32 38.01
C LYS B 94 -4.80 16.19 38.54
N TRP B 95 -3.84 16.10 37.63
CA TRP B 95 -2.44 15.97 38.01
C TRP B 95 -1.52 16.44 36.88
N GLY B 96 -0.63 17.39 37.19
CA GLY B 96 0.28 17.90 36.19
C GLY B 96 1.60 18.35 36.79
N GLY B 97 1.54 19.23 37.77
CA GLY B 97 2.74 19.72 38.41
C GLY B 97 3.02 21.18 38.10
N MET A 1 10.57 -11.32 -47.30
CA MET A 1 11.85 -10.67 -47.04
C MET A 1 11.78 -9.82 -45.76
N SER A 2 11.32 -10.45 -44.68
CA SER A 2 11.20 -9.76 -43.40
C SER A 2 12.22 -10.29 -42.40
N LEU A 3 12.98 -9.38 -41.81
CA LEU A 3 14.00 -9.75 -40.83
C LEU A 3 13.41 -10.63 -39.74
N LEU A 4 14.09 -11.73 -39.44
CA LEU A 4 13.63 -12.66 -38.41
C LEU A 4 14.33 -12.38 -37.08
N ASP A 5 15.60 -12.71 -37.01
CA ASP A 5 16.38 -12.50 -35.80
C ASP A 5 17.56 -11.56 -36.06
N ALA A 6 17.28 -10.26 -36.07
CA ALA A 6 18.31 -9.26 -36.32
C ALA A 6 18.55 -8.40 -35.08
N HIS A 7 17.50 -8.18 -34.31
CA HIS A 7 17.59 -7.38 -33.09
C HIS A 7 16.31 -7.51 -32.25
N ILE A 8 15.74 -8.71 -32.24
CA ILE A 8 14.52 -8.96 -31.49
C ILE A 8 14.84 -9.34 -30.04
N PRO A 9 13.90 -9.04 -29.13
CA PRO A 9 14.06 -9.34 -27.70
C PRO A 9 14.00 -10.84 -27.43
N GLN A 10 15.15 -11.51 -27.54
CA GLN A 10 15.23 -12.94 -27.30
C GLN A 10 15.89 -13.22 -25.96
N LEU A 11 15.56 -14.37 -25.37
CA LEU A 11 16.12 -14.76 -24.09
C LEU A 11 15.85 -13.70 -23.03
N VAL A 12 14.80 -12.91 -23.23
CA VAL A 12 14.43 -11.87 -22.30
C VAL A 12 13.61 -12.42 -21.13
N ALA A 13 13.41 -11.60 -20.11
CA ALA A 13 12.65 -12.01 -18.94
C ALA A 13 13.25 -13.26 -18.30
N SER A 14 14.54 -13.48 -18.53
CA SER A 14 15.23 -14.64 -17.99
C SER A 14 15.71 -14.38 -16.56
N GLN A 15 16.16 -13.15 -16.32
CA GLN A 15 16.65 -12.76 -15.00
C GLN A 15 15.49 -12.36 -14.09
N SER A 16 14.41 -11.89 -14.69
CA SER A 16 13.23 -11.46 -13.93
C SER A 16 13.56 -10.29 -13.02
N ALA A 17 13.18 -9.09 -13.45
CA ALA A 17 13.45 -7.88 -12.68
C ALA A 17 12.17 -7.38 -12.01
N PHE A 18 11.03 -7.66 -12.64
CA PHE A 18 9.74 -7.22 -12.12
C PHE A 18 9.35 -8.05 -10.90
N ALA A 19 9.50 -9.36 -11.01
CA ALA A 19 9.15 -10.27 -9.92
C ALA A 19 10.14 -10.13 -8.75
N ALA A 20 11.37 -9.78 -9.08
CA ALA A 20 12.41 -9.60 -8.06
C ALA A 20 11.95 -8.62 -6.98
N LYS A 21 11.50 -7.45 -7.41
CA LYS A 21 11.04 -6.41 -6.49
C LYS A 21 9.66 -6.76 -5.94
N ALA A 22 8.91 -7.56 -6.70
CA ALA A 22 7.57 -7.96 -6.28
C ALA A 22 7.59 -8.58 -4.88
N GLY A 23 8.55 -9.47 -4.64
CA GLY A 23 8.65 -10.12 -3.34
C GLY A 23 9.11 -9.16 -2.26
N LEU A 24 9.95 -8.21 -2.64
CA LEU A 24 10.48 -7.23 -1.68
C LEU A 24 9.37 -6.27 -1.24
N MET A 25 8.36 -6.12 -2.08
CA MET A 25 7.24 -5.22 -1.77
C MET A 25 6.55 -5.64 -0.47
N ARG A 26 6.11 -6.90 -0.42
CA ARG A 26 5.44 -7.42 0.76
C ARG A 26 6.31 -7.25 2.01
N HIS A 27 7.63 -7.20 1.79
CA HIS A 27 8.57 -7.04 2.90
C HIS A 27 8.62 -5.59 3.38
N THR A 28 8.29 -4.66 2.47
CA THR A 28 8.29 -3.25 2.80
C THR A 28 7.13 -2.90 3.73
N ILE A 29 5.95 -3.40 3.41
CA ILE A 29 4.76 -3.14 4.21
C ILE A 29 4.81 -3.91 5.53
N GLY A 30 5.16 -5.19 5.45
CA GLY A 30 5.24 -6.00 6.64
C GLY A 30 6.13 -5.40 7.71
N GLN A 31 7.30 -4.93 7.29
CA GLN A 31 8.25 -4.33 8.22
C GLN A 31 7.78 -2.94 8.67
N ALA A 32 7.11 -2.23 7.76
CA ALA A 32 6.60 -0.90 8.06
C ALA A 32 5.52 -0.95 9.14
N GLU A 33 4.58 -1.86 8.97
CA GLU A 33 3.48 -2.01 9.93
C GLU A 33 4.03 -2.35 11.32
N GLN A 34 5.14 -3.07 11.36
CA GLN A 34 5.76 -3.44 12.62
C GLN A 34 6.05 -2.21 13.48
N ALA A 35 6.37 -1.10 12.82
CA ALA A 35 6.66 0.14 13.53
C ALA A 35 5.48 0.58 14.38
N ALA A 36 4.30 0.62 13.78
CA ALA A 36 3.09 1.02 14.47
C ALA A 36 2.85 0.15 15.70
N MET A 37 2.69 -1.15 15.49
CA MET A 37 2.46 -2.08 16.59
C MET A 37 3.59 -2.01 17.61
N SER A 38 4.80 -1.71 17.13
CA SER A 38 5.96 -1.61 18.00
C SER A 38 5.81 -0.46 19.00
N ALA A 39 5.63 0.74 18.47
CA ALA A 39 5.47 1.92 19.31
C ALA A 39 4.21 1.81 20.17
N GLN A 40 3.21 1.10 19.66
CA GLN A 40 1.96 0.92 20.37
C GLN A 40 2.04 -0.24 21.36
N ALA A 41 3.15 -0.97 21.30
CA ALA A 41 3.36 -2.11 22.18
C ALA A 41 3.28 -1.69 23.64
N PHE A 42 3.52 -0.40 23.90
CA PHE A 42 3.48 0.13 25.26
C PHE A 42 2.17 -0.26 25.95
N HIS A 43 1.11 -0.40 25.17
CA HIS A 43 -0.19 -0.77 25.71
C HIS A 43 -0.89 -1.79 24.80
N GLN A 44 -1.31 -1.33 23.63
CA GLN A 44 -1.99 -2.20 22.67
C GLN A 44 -3.16 -2.92 23.33
N GLY A 45 -4.25 -2.17 23.56
CA GLY A 45 -5.43 -2.76 24.17
C GLY A 45 -6.40 -1.70 24.68
N GLU A 46 -7.45 -1.46 23.91
CA GLU A 46 -8.45 -0.47 24.28
C GLU A 46 -7.82 0.91 24.46
N SER A 47 -7.58 1.59 23.36
CA SER A 47 -6.97 2.92 23.39
C SER A 47 -6.91 3.53 21.99
N SER A 48 -6.66 2.69 21.00
CA SER A 48 -6.56 3.15 19.62
C SER A 48 -7.94 3.20 18.97
N ALA A 49 -8.63 4.31 19.16
CA ALA A 49 -9.96 4.50 18.59
C ALA A 49 -9.88 4.95 17.14
N ALA A 50 -9.21 6.08 16.91
CA ALA A 50 -9.07 6.62 15.57
C ALA A 50 -7.99 5.87 14.79
N PHE A 51 -6.97 5.42 15.50
CA PHE A 51 -5.87 4.68 14.88
C PHE A 51 -6.39 3.46 14.12
N GLN A 52 -7.44 2.85 14.67
CA GLN A 52 -8.03 1.66 14.06
C GLN A 52 -8.50 1.96 12.64
N ALA A 53 -9.30 3.00 12.49
CA ALA A 53 -9.82 3.40 11.19
C ALA A 53 -8.70 3.55 10.17
N ALA A 54 -7.70 4.35 10.51
CA ALA A 54 -6.55 4.58 9.63
C ALA A 54 -5.79 3.28 9.38
N HIS A 55 -5.68 2.45 10.42
CA HIS A 55 -4.97 1.19 10.30
C HIS A 55 -5.70 0.24 9.34
N ALA A 56 -7.03 0.30 9.36
CA ALA A 56 -7.85 -0.55 8.50
C ALA A 56 -7.77 -0.08 7.05
N ARG A 57 -7.60 1.21 6.86
CA ARG A 57 -7.51 1.80 5.52
C ARG A 57 -6.27 1.26 4.78
N PHE A 58 -5.16 1.14 5.51
CA PHE A 58 -3.93 0.65 4.93
C PHE A 58 -4.07 -0.80 4.47
N VAL A 59 -4.48 -1.66 5.38
CA VAL A 59 -4.66 -3.08 5.08
C VAL A 59 -5.68 -3.27 3.96
N ALA A 60 -6.68 -2.39 3.91
CA ALA A 60 -7.71 -2.47 2.89
C ALA A 60 -7.15 -2.17 1.51
N ALA A 61 -6.18 -1.24 1.46
CA ALA A 61 -5.56 -0.88 0.19
C ALA A 61 -4.50 -1.90 -0.22
N ALA A 62 -3.78 -2.44 0.76
CA ALA A 62 -2.75 -3.43 0.50
C ALA A 62 -3.29 -4.57 -0.35
N ALA A 63 -4.56 -4.92 -0.14
CA ALA A 63 -5.19 -6.00 -0.89
C ALA A 63 -5.12 -5.73 -2.39
N LYS A 64 -5.15 -4.46 -2.76
CA LYS A 64 -5.10 -4.07 -4.16
C LYS A 64 -3.70 -4.26 -4.72
N VAL A 65 -2.70 -3.92 -3.92
CA VAL A 65 -1.30 -4.06 -4.33
C VAL A 65 -0.91 -5.52 -4.51
N ASN A 66 -1.30 -6.34 -3.53
CA ASN A 66 -0.99 -7.77 -3.57
C ASN A 66 -1.64 -8.42 -4.78
N THR A 67 -2.88 -8.06 -5.06
CA THR A 67 -3.62 -8.61 -6.19
C THR A 67 -3.06 -8.10 -7.51
N LEU A 68 -2.62 -6.85 -7.50
CA LEU A 68 -2.06 -6.22 -8.70
C LEU A 68 -0.65 -6.73 -8.97
N LEU A 69 0.04 -7.15 -7.92
CA LEU A 69 1.40 -7.66 -8.04
C LEU A 69 1.41 -9.04 -8.68
N ASP A 70 0.33 -9.80 -8.47
CA ASP A 70 0.21 -11.14 -9.04
C ASP A 70 -0.23 -11.08 -10.49
N VAL A 71 -1.33 -10.39 -10.75
CA VAL A 71 -1.86 -10.26 -12.10
C VAL A 71 -0.80 -9.67 -13.04
N ALA A 72 0.03 -8.78 -12.52
CA ALA A 72 1.08 -8.15 -13.31
C ALA A 72 1.99 -9.20 -13.95
N GLN A 73 2.36 -10.21 -13.16
CA GLN A 73 3.22 -11.28 -13.66
C GLN A 73 2.47 -12.18 -14.64
N ALA A 74 1.33 -12.70 -14.19
CA ALA A 74 0.52 -13.57 -15.02
C ALA A 74 0.21 -12.93 -16.38
N ASN A 75 -0.31 -11.71 -16.34
CA ASN A 75 -0.64 -10.99 -17.56
C ASN A 75 0.60 -10.80 -18.43
N LEU A 76 1.77 -10.88 -17.82
CA LEU A 76 3.02 -10.73 -18.54
C LEU A 76 3.54 -12.07 -19.05
N GLY A 77 2.98 -13.15 -18.51
CA GLY A 77 3.39 -14.48 -18.93
C GLY A 77 4.80 -14.81 -18.50
N GLU A 78 5.77 -14.43 -19.33
CA GLU A 78 7.17 -14.69 -19.03
C GLU A 78 7.53 -14.23 -17.62
N ALA A 79 6.89 -13.15 -17.19
CA ALA A 79 7.12 -12.60 -15.86
C ALA A 79 7.03 -13.68 -14.79
N ALA A 80 5.81 -14.15 -14.53
CA ALA A 80 5.58 -15.19 -13.54
C ALA A 80 4.11 -15.58 -13.47
N GLY A 81 3.86 -16.87 -13.28
CA GLY A 81 2.49 -17.35 -13.22
C GLY A 81 1.87 -17.13 -11.84
N THR A 82 0.62 -17.54 -11.69
CA THR A 82 -0.08 -17.39 -10.42
C THR A 82 -1.21 -18.41 -10.28
N TYR A 83 -1.83 -18.45 -9.11
CA TYR A 83 -2.92 -19.39 -8.85
C TYR A 83 -3.99 -19.28 -9.93
N VAL A 84 -4.90 -20.25 -9.95
CA VAL A 84 -5.99 -20.27 -10.92
C VAL A 84 -6.99 -19.16 -10.64
N ALA A 85 -6.75 -17.99 -11.22
CA ALA A 85 -7.64 -16.85 -11.03
C ALA A 85 -8.47 -16.59 -12.29
N ALA A 86 -9.09 -17.64 -12.80
CA ALA A 86 -9.91 -17.52 -14.00
C ALA A 86 -11.08 -16.57 -13.77
N ASP A 87 -11.77 -16.74 -12.65
CA ASP A 87 -12.91 -15.89 -12.31
C ASP A 87 -13.99 -15.98 -13.38
N ALA A 88 -14.99 -15.11 -13.28
CA ALA A 88 -16.08 -15.09 -14.25
C ALA A 88 -16.14 -13.75 -14.96
N ALA A 89 -16.82 -13.73 -16.11
CA ALA A 89 -16.95 -12.50 -16.89
C ALA A 89 -18.20 -11.72 -16.48
N ALA A 90 -19.34 -12.41 -16.46
CA ALA A 90 -20.60 -11.77 -16.08
C ALA A 90 -20.47 -11.06 -14.74
N ALA A 91 -19.59 -11.56 -13.88
CA ALA A 91 -19.37 -10.98 -12.57
C ALA A 91 -18.93 -9.52 -12.69
N SER A 92 -18.05 -9.25 -13.65
CA SER A 92 -17.55 -7.90 -13.86
C SER A 92 -18.48 -7.09 -14.75
N THR A 93 -18.86 -5.92 -14.29
CA THR A 93 -19.77 -5.04 -15.04
C THR A 93 -19.36 -3.58 -14.91
N TYR A 94 -18.31 -3.19 -15.63
CA TYR A 94 -17.82 -1.82 -15.59
C TYR A 94 -17.71 -1.24 -17.00
N THR A 95 -16.78 -1.77 -17.78
CA THR A 95 -16.56 -1.31 -19.15
C THR A 95 -16.41 0.21 -19.19
N GLY A 96 -16.40 0.76 -20.41
CA GLY A 96 -16.26 2.19 -20.56
C GLY A 96 -17.47 2.96 -20.08
N PHE A 97 -18.40 3.22 -20.98
CA PHE A 97 -19.61 3.96 -20.64
C PHE A 97 -19.29 5.36 -20.15
N SER B 1 -17.54 23.08 24.49
CA SER B 1 -16.41 23.63 25.24
C SER B 1 -15.73 22.55 26.07
N MET B 2 -15.06 21.61 25.39
CA MET B 2 -14.37 20.53 26.07
C MET B 2 -12.85 20.71 26.00
N SER B 3 -12.36 21.80 26.59
CA SER B 3 -10.94 22.09 26.59
C SER B 3 -10.40 22.18 28.01
N GLN B 4 -11.30 22.37 28.97
CA GLN B 4 -10.91 22.47 30.37
C GLN B 4 -10.98 21.11 31.06
N ILE B 5 -11.15 20.05 30.26
CA ILE B 5 -11.23 18.70 30.79
C ILE B 5 -9.85 18.19 31.20
N MET B 6 -9.00 17.92 30.20
CA MET B 6 -7.66 17.43 30.46
C MET B 6 -6.81 17.47 29.19
N TYR B 7 -6.94 16.43 28.36
CA TYR B 7 -6.20 16.35 27.11
C TYR B 7 -4.72 16.62 27.35
N ASN B 8 -4.10 15.77 28.16
CA ASN B 8 -2.67 15.91 28.47
C ASN B 8 -1.84 15.99 27.20
N TYR B 9 -1.78 14.88 26.47
CA TYR B 9 -1.02 14.81 25.23
C TYR B 9 -1.86 14.23 24.10
N PRO B 10 -1.44 14.49 22.85
CA PRO B 10 -2.14 13.99 21.67
C PRO B 10 -2.01 12.48 21.50
N ALA B 11 -1.10 11.88 22.27
CA ALA B 11 -0.88 10.45 22.21
C ALA B 11 -2.19 9.68 22.36
N MET B 12 -3.00 10.09 23.33
CA MET B 12 -4.28 9.44 23.59
C MET B 12 -5.25 9.68 22.43
N LEU B 13 -5.04 10.78 21.71
CA LEU B 13 -5.89 11.12 20.57
C LEU B 13 -5.07 11.22 19.30
N GLY B 14 -4.21 10.23 19.06
CA GLY B 14 -3.39 10.24 17.86
C GLY B 14 -1.98 9.74 18.14
N HIS B 15 -1.01 10.35 17.48
CA HIS B 15 0.40 9.97 17.65
C HIS B 15 1.33 11.03 17.06
N ALA B 16 1.32 11.14 15.74
CA ALA B 16 2.16 12.11 15.06
C ALA B 16 3.65 11.81 15.29
N GLY B 17 4.50 12.49 14.53
CA GLY B 17 5.93 12.29 14.67
C GLY B 17 6.62 12.07 13.34
N ASP B 18 7.76 11.38 13.36
CA ASP B 18 8.52 11.11 12.15
C ASP B 18 8.18 9.74 11.59
N MET B 19 6.93 9.32 11.78
CA MET B 19 6.48 8.02 11.30
C MET B 19 6.14 8.07 9.81
N ALA B 20 5.79 9.27 9.34
CA ALA B 20 5.45 9.45 7.94
C ALA B 20 6.54 8.92 7.03
N GLY B 21 7.78 8.99 7.50
CA GLY B 21 8.91 8.52 6.71
C GLY B 21 8.72 7.10 6.22
N TYR B 22 8.03 6.28 7.03
CA TYR B 22 7.77 4.90 6.67
C TYR B 22 6.78 4.80 5.51
N ALA B 23 5.82 5.71 5.50
CA ALA B 23 4.81 5.73 4.45
C ALA B 23 5.44 5.98 3.08
N GLY B 24 6.29 7.00 3.01
CA GLY B 24 6.95 7.32 1.76
C GLY B 24 7.68 6.13 1.15
N THR B 25 8.06 5.18 2.00
CA THR B 25 8.76 4.00 1.54
C THR B 25 7.96 3.26 0.47
N LEU B 26 6.67 3.10 0.71
CA LEU B 26 5.79 2.41 -0.22
C LEU B 26 5.61 3.23 -1.49
N GLN B 27 5.48 4.54 -1.33
CA GLN B 27 5.29 5.44 -2.46
C GLN B 27 6.39 5.24 -3.49
N SER B 28 7.62 5.08 -3.03
CA SER B 28 8.76 4.89 -3.92
C SER B 28 8.77 3.47 -4.48
N LEU B 29 8.35 2.51 -3.65
CA LEU B 29 8.31 1.11 -4.06
C LEU B 29 7.31 0.90 -5.19
N GLY B 30 6.08 1.35 -4.98
CA GLY B 30 5.04 1.20 -5.98
C GLY B 30 5.46 1.77 -7.33
N ALA B 31 5.93 3.01 -7.33
CA ALA B 31 6.37 3.67 -8.55
C ALA B 31 7.38 2.82 -9.29
N GLU B 32 8.33 2.25 -8.55
CA GLU B 32 9.37 1.41 -9.15
C GLU B 32 8.75 0.27 -9.96
N ILE B 33 7.72 -0.36 -9.41
CA ILE B 33 7.05 -1.46 -10.08
C ILE B 33 6.19 -0.95 -11.23
N ALA B 34 5.54 0.19 -11.01
CA ALA B 34 4.69 0.78 -12.04
C ALA B 34 5.50 1.23 -13.25
N VAL B 35 6.73 1.67 -13.00
CA VAL B 35 7.61 2.12 -14.07
C VAL B 35 8.22 0.93 -14.82
N GLU B 36 8.43 -0.17 -14.10
CA GLU B 36 9.00 -1.37 -14.70
C GLU B 36 8.04 -1.97 -15.73
N GLN B 37 6.80 -2.21 -15.31
CA GLN B 37 5.79 -2.79 -16.18
C GLN B 37 5.55 -1.90 -17.40
N ALA B 38 5.76 -0.60 -17.23
CA ALA B 38 5.57 0.35 -18.31
C ALA B 38 6.47 0.03 -19.49
N ALA B 39 7.62 -0.59 -19.21
CA ALA B 39 8.57 -0.96 -20.25
C ALA B 39 8.23 -2.32 -20.83
N LEU B 40 7.52 -3.14 -20.06
CA LEU B 40 7.14 -4.47 -20.51
C LEU B 40 5.72 -4.47 -21.07
N GLN B 41 5.28 -3.31 -21.56
CA GLN B 41 3.95 -3.18 -22.12
C GLN B 41 3.73 -4.20 -23.23
N SER B 42 4.80 -4.56 -23.92
CA SER B 42 4.72 -5.53 -25.01
C SER B 42 4.54 -6.95 -24.47
N ALA B 43 5.00 -7.17 -23.24
CA ALA B 43 4.88 -8.47 -22.61
C ALA B 43 3.45 -8.73 -22.12
N TRP B 44 2.73 -7.66 -21.87
CA TRP B 44 1.34 -7.76 -21.40
C TRP B 44 0.47 -8.41 -22.45
N GLN B 45 -0.16 -9.53 -22.09
CA GLN B 45 -1.03 -10.25 -23.00
C GLN B 45 -2.45 -9.70 -22.96
N GLY B 46 -2.81 -9.12 -21.82
CA GLY B 46 -4.14 -8.55 -21.66
C GLY B 46 -5.23 -9.55 -22.01
N ASP B 47 -4.93 -10.84 -21.85
CA ASP B 47 -5.89 -11.90 -22.16
C ASP B 47 -6.05 -12.84 -20.97
N THR B 48 -5.68 -12.37 -19.79
CA THR B 48 -5.77 -13.17 -18.58
C THR B 48 -6.69 -12.51 -17.55
N GLY B 49 -6.71 -11.19 -17.56
CA GLY B 49 -7.55 -10.46 -16.62
C GLY B 49 -7.40 -8.96 -16.77
N ILE B 50 -6.61 -8.35 -15.89
CA ILE B 50 -6.39 -6.91 -15.93
C ILE B 50 -5.66 -6.50 -17.20
N THR B 51 -6.01 -5.33 -17.72
CA THR B 51 -5.39 -4.82 -18.94
C THR B 51 -4.23 -3.89 -18.62
N TYR B 52 -3.40 -3.61 -19.61
CA TYR B 52 -2.24 -2.74 -19.43
C TYR B 52 -2.68 -1.34 -18.99
N GLN B 53 -3.77 -0.86 -19.59
CA GLN B 53 -4.29 0.47 -19.25
C GLN B 53 -4.99 0.45 -17.90
N ALA B 54 -5.75 -0.60 -17.64
CA ALA B 54 -6.47 -0.73 -16.38
C ALA B 54 -5.50 -0.85 -15.21
N TRP B 55 -4.54 -1.75 -15.33
CA TRP B 55 -3.54 -1.97 -14.28
C TRP B 55 -2.85 -0.66 -13.91
N GLN B 56 -2.32 0.03 -14.92
CA GLN B 56 -1.63 1.29 -14.71
C GLN B 56 -2.49 2.26 -13.89
N ALA B 57 -3.81 2.12 -14.03
CA ALA B 57 -4.74 2.98 -13.31
C ALA B 57 -4.98 2.45 -11.90
N GLN B 58 -5.31 1.17 -11.80
CA GLN B 58 -5.57 0.54 -10.51
C GLN B 58 -4.37 0.70 -9.57
N TRP B 59 -3.18 0.41 -10.09
CA TRP B 59 -1.96 0.52 -9.31
C TRP B 59 -1.85 1.89 -8.66
N ASN B 60 -1.85 2.93 -9.48
CA ASN B 60 -1.75 4.30 -8.97
C ASN B 60 -2.79 4.56 -7.88
N GLN B 61 -3.99 4.00 -8.07
CA GLN B 61 -5.06 4.17 -7.09
C GLN B 61 -4.74 3.43 -5.80
N ALA B 62 -4.10 2.28 -5.93
CA ALA B 62 -3.73 1.47 -4.77
C ALA B 62 -2.63 2.14 -3.96
N MET B 63 -1.53 2.47 -4.61
CA MET B 63 -0.40 3.12 -3.95
C MET B 63 -0.82 4.45 -3.36
N GLU B 64 -1.50 5.27 -4.15
CA GLU B 64 -1.96 6.58 -3.71
C GLU B 64 -2.81 6.44 -2.44
N ASP B 65 -3.54 5.34 -2.34
CA ASP B 65 -4.40 5.10 -1.18
C ASP B 65 -3.56 4.77 0.06
N LEU B 66 -2.64 3.82 -0.10
CA LEU B 66 -1.77 3.41 1.00
C LEU B 66 -1.01 4.59 1.56
N VAL B 67 -0.41 5.38 0.67
CA VAL B 67 0.36 6.55 1.07
C VAL B 67 -0.45 7.43 2.02
N ARG B 68 -1.67 7.77 1.61
CA ARG B 68 -2.54 8.61 2.41
C ARG B 68 -3.03 7.86 3.65
N ALA B 69 -3.18 6.55 3.52
CA ALA B 69 -3.64 5.72 4.63
C ALA B 69 -2.74 5.89 5.85
N TYR B 70 -1.43 5.85 5.63
CA TYR B 70 -0.47 5.99 6.71
C TYR B 70 -0.60 7.36 7.37
N HIS B 71 -0.47 8.42 6.57
CA HIS B 71 -0.57 9.78 7.08
C HIS B 71 -1.94 10.02 7.72
N ALA B 72 -2.91 9.20 7.35
CA ALA B 72 -4.26 9.33 7.89
C ALA B 72 -4.24 9.32 9.41
N MET B 73 -3.38 8.49 9.99
CA MET B 73 -3.26 8.39 11.44
C MET B 73 -2.93 9.75 12.04
N SER B 74 -2.18 10.56 11.30
CA SER B 74 -1.79 11.88 11.77
C SER B 74 -2.96 12.86 11.68
N SER B 75 -3.94 12.52 10.86
CA SER B 75 -5.11 13.37 10.66
C SER B 75 -5.80 13.64 11.99
N THR B 76 -5.60 12.75 12.96
CA THR B 76 -6.21 12.89 14.27
C THR B 76 -5.67 14.12 15.00
N HIS B 77 -4.57 14.67 14.49
CA HIS B 77 -3.96 15.85 15.09
C HIS B 77 -4.98 16.95 15.28
N GLU B 78 -5.83 17.15 14.27
CA GLU B 78 -6.87 18.18 14.33
C GLU B 78 -8.08 17.69 15.10
N ALA B 79 -8.18 16.38 15.29
CA ALA B 79 -9.28 15.78 16.02
C ALA B 79 -9.40 16.37 17.42
N ASN B 80 -8.29 16.92 17.92
CA ASN B 80 -8.26 17.51 19.25
C ASN B 80 -9.34 18.59 19.39
N THR B 81 -9.13 19.71 18.70
CA THR B 81 -10.08 20.81 18.75
C THR B 81 -11.48 20.36 18.38
N MET B 82 -11.57 19.42 17.43
CA MET B 82 -12.84 18.89 16.98
C MET B 82 -13.68 18.42 18.18
N ALA B 83 -13.00 17.97 19.22
CA ALA B 83 -13.68 17.50 20.42
C ALA B 83 -14.70 18.52 20.92
N MET B 84 -14.42 19.79 20.67
CA MET B 84 -15.31 20.87 21.10
C MET B 84 -16.74 20.61 20.63
N MET B 85 -17.71 20.99 21.45
CA MET B 85 -19.11 20.81 21.13
C MET B 85 -19.48 21.57 19.86
N ALA B 86 -18.74 22.64 19.57
CA ALA B 86 -19.00 23.46 18.40
C ALA B 86 -19.06 22.59 17.14
N ARG B 87 -18.32 21.49 17.15
CA ARG B 87 -18.29 20.58 16.01
C ARG B 87 -19.51 19.66 16.02
N ASP B 88 -19.88 19.18 17.20
CA ASP B 88 -21.03 18.29 17.35
C ASP B 88 -20.79 16.99 16.61
N THR B 89 -19.79 16.24 17.05
CA THR B 89 -19.45 14.95 16.42
C THR B 89 -19.59 13.81 17.42
N ALA B 90 -19.37 14.11 18.70
CA ALA B 90 -19.47 13.11 19.74
C ALA B 90 -20.88 13.06 20.33
N GLU B 91 -21.61 14.16 20.19
CA GLU B 91 -22.97 14.24 20.69
C GLU B 91 -23.94 13.45 19.82
N ALA B 92 -24.03 13.82 18.55
CA ALA B 92 -24.92 13.14 17.62
C ALA B 92 -24.50 11.69 17.43
N ALA B 93 -23.22 11.41 17.67
CA ALA B 93 -22.69 10.06 17.53
C ALA B 93 -22.86 9.26 18.82
N LYS B 94 -22.94 9.97 19.94
CA LYS B 94 -23.10 9.33 21.24
C LYS B 94 -24.32 8.40 21.24
N TRP B 95 -24.06 7.11 21.50
CA TRP B 95 -25.13 6.12 21.53
C TRP B 95 -24.93 5.14 22.69
N GLY B 96 -25.59 5.41 23.80
CA GLY B 96 -25.47 4.53 24.96
C GLY B 96 -24.13 4.66 25.65
N GLY B 97 -23.60 3.55 26.12
CA GLY B 97 -22.31 3.57 26.80
C GLY B 97 -22.32 2.73 28.06
N MET A 1 12.01 12.42 -29.05
CA MET A 1 12.67 13.68 -29.41
C MET A 1 13.72 14.06 -28.37
N SER A 2 14.45 13.07 -27.89
CA SER A 2 15.49 13.30 -26.88
C SER A 2 16.20 11.99 -26.52
N LEU A 3 17.50 12.07 -26.33
CA LEU A 3 18.30 10.90 -25.97
C LEU A 3 17.70 10.18 -24.77
N LEU A 4 18.12 8.94 -24.56
CA LEU A 4 17.62 8.14 -23.45
C LEU A 4 18.49 6.91 -23.23
N ASP A 5 18.92 6.29 -24.33
CA ASP A 5 19.76 5.10 -24.27
C ASP A 5 20.94 5.21 -25.24
N ALA A 6 22.10 5.57 -24.71
CA ALA A 6 23.29 5.71 -25.53
C ALA A 6 24.44 4.87 -24.98
N HIS A 7 24.86 5.18 -23.76
CA HIS A 7 25.95 4.45 -23.11
C HIS A 7 25.55 4.00 -21.72
N ILE A 8 24.45 3.27 -21.63
CA ILE A 8 23.96 2.78 -20.34
C ILE A 8 23.70 1.28 -20.39
N PRO A 9 23.81 0.62 -19.23
CA PRO A 9 23.59 -0.83 -19.11
C PRO A 9 22.13 -1.21 -19.30
N GLN A 10 21.73 -1.39 -20.56
CA GLN A 10 20.35 -1.76 -20.87
C GLN A 10 20.21 -3.27 -21.03
N LEU A 11 18.98 -3.74 -21.18
CA LEU A 11 18.71 -5.16 -21.33
C LEU A 11 19.26 -5.95 -20.15
N VAL A 12 19.41 -5.28 -19.01
CA VAL A 12 19.92 -5.92 -17.81
C VAL A 12 18.78 -6.52 -16.98
N ALA A 13 19.14 -7.38 -16.04
CA ALA A 13 18.16 -8.02 -15.18
C ALA A 13 17.04 -8.66 -16.00
N SER A 14 17.38 -9.08 -17.21
CA SER A 14 16.41 -9.71 -18.11
C SER A 14 15.95 -11.06 -17.54
N GLN A 15 16.80 -11.68 -16.74
CA GLN A 15 16.49 -12.97 -16.14
C GLN A 15 15.16 -12.90 -15.37
N SER A 16 15.13 -12.06 -14.34
CA SER A 16 13.94 -11.90 -13.51
C SER A 16 14.17 -10.88 -12.41
N ALA A 17 13.71 -9.65 -12.65
CA ALA A 17 13.86 -8.58 -11.68
C ALA A 17 12.51 -8.13 -11.14
N PHE A 18 11.50 -8.13 -12.00
CA PHE A 18 10.15 -7.72 -11.61
C PHE A 18 9.69 -8.49 -10.38
N ALA A 19 9.79 -9.82 -10.45
CA ALA A 19 9.38 -10.66 -9.33
C ALA A 19 10.34 -10.54 -8.16
N ALA A 20 11.62 -10.36 -8.47
CA ALA A 20 12.65 -10.22 -7.44
C ALA A 20 12.38 -9.00 -6.55
N LYS A 21 12.19 -7.85 -7.19
CA LYS A 21 11.92 -6.62 -6.46
C LYS A 21 10.48 -6.58 -5.97
N ALA A 22 9.62 -7.38 -6.59
CA ALA A 22 8.21 -7.44 -6.22
C ALA A 22 8.04 -7.90 -4.78
N GLY A 23 8.70 -9.01 -4.43
CA GLY A 23 8.60 -9.54 -3.08
C GLY A 23 8.98 -8.52 -2.03
N LEU A 24 9.81 -7.55 -2.42
CA LEU A 24 10.27 -6.50 -1.51
C LEU A 24 9.12 -5.57 -1.15
N MET A 25 8.11 -5.52 -2.01
CA MET A 25 6.95 -4.66 -1.78
C MET A 25 6.35 -4.92 -0.40
N ARG A 26 5.99 -6.18 -0.15
CA ARG A 26 5.39 -6.56 1.13
C ARG A 26 6.37 -6.30 2.28
N HIS A 27 7.66 -6.27 1.96
CA HIS A 27 8.69 -6.03 2.96
C HIS A 27 8.52 -4.65 3.59
N THR A 28 8.39 -3.63 2.74
CA THR A 28 8.22 -2.26 3.22
C THR A 28 7.06 -2.15 4.19
N ILE A 29 5.90 -2.68 3.78
CA ILE A 29 4.71 -2.63 4.62
C ILE A 29 4.90 -3.48 5.88
N GLY A 30 5.39 -4.70 5.71
CA GLY A 30 5.61 -5.58 6.84
C GLY A 30 6.53 -4.97 7.88
N GLN A 31 7.63 -4.39 7.42
CA GLN A 31 8.59 -3.77 8.33
C GLN A 31 8.05 -2.46 8.88
N ALA A 32 7.37 -1.69 8.02
CA ALA A 32 6.80 -0.42 8.43
C ALA A 32 5.80 -0.60 9.55
N GLU A 33 5.17 -1.77 9.60
CA GLU A 33 4.17 -2.07 10.63
C GLU A 33 4.79 -1.97 12.02
N GLN A 34 6.07 -2.32 12.12
CA GLN A 34 6.77 -2.28 13.39
C GLN A 34 6.59 -0.93 14.07
N ALA A 35 6.52 0.13 13.26
CA ALA A 35 6.35 1.48 13.78
C ALA A 35 4.94 1.68 14.35
N ALA A 36 3.97 1.03 13.74
CA ALA A 36 2.58 1.13 14.19
C ALA A 36 2.34 0.27 15.42
N MET A 37 3.36 -0.48 15.83
CA MET A 37 3.26 -1.35 16.99
C MET A 37 2.75 -0.58 18.20
N SER A 38 3.05 0.72 18.25
CA SER A 38 2.63 1.57 19.35
C SER A 38 1.12 1.49 19.55
N ALA A 39 0.38 1.40 18.44
CA ALA A 39 -1.07 1.32 18.49
C ALA A 39 -1.52 -0.01 19.09
N GLN A 40 -0.66 -1.01 19.00
CA GLN A 40 -0.97 -2.33 19.54
C GLN A 40 -0.89 -2.33 21.07
N ALA A 41 -0.43 -1.22 21.64
CA ALA A 41 -0.31 -1.09 23.08
C ALA A 41 -1.65 -1.37 23.76
N PHE A 42 -2.66 -0.60 23.39
CA PHE A 42 -3.99 -0.76 23.97
C PHE A 42 -3.94 -0.67 25.50
N HIS A 43 -2.89 -0.02 26.00
CA HIS A 43 -2.72 0.14 27.44
C HIS A 43 -1.42 0.87 27.75
N GLN A 44 -0.38 0.56 27.00
CA GLN A 44 0.93 1.19 27.19
C GLN A 44 0.81 2.71 27.15
N GLY A 45 0.06 3.21 26.19
CA GLY A 45 -0.13 4.65 26.05
C GLY A 45 -1.55 5.09 26.33
N GLU A 46 -2.38 5.08 25.29
CA GLU A 46 -3.77 5.48 25.43
C GLU A 46 -4.51 5.36 24.10
N SER A 47 -4.19 6.25 23.18
CA SER A 47 -4.82 6.27 21.86
C SER A 47 -4.73 4.87 21.21
N SER A 48 -5.79 4.48 20.52
CA SER A 48 -5.84 3.19 19.85
C SER A 48 -7.17 3.00 19.12
N ALA A 49 -8.23 3.52 19.71
CA ALA A 49 -9.56 3.41 19.11
C ALA A 49 -9.58 4.01 17.71
N ALA A 50 -9.23 5.28 17.61
CA ALA A 50 -9.20 5.97 16.32
C ALA A 50 -8.23 5.30 15.36
N PHE A 51 -7.15 4.73 15.90
CA PHE A 51 -6.15 4.06 15.10
C PHE A 51 -6.76 2.88 14.34
N GLN A 52 -7.72 2.22 14.97
CA GLN A 52 -8.38 1.07 14.36
C GLN A 52 -8.94 1.43 12.98
N ALA A 53 -9.73 2.49 12.94
CA ALA A 53 -10.33 2.95 11.68
C ALA A 53 -9.27 3.09 10.59
N ALA A 54 -8.22 3.86 10.90
CA ALA A 54 -7.14 4.09 9.95
C ALA A 54 -6.44 2.77 9.59
N HIS A 55 -6.34 1.88 10.57
CA HIS A 55 -5.70 0.59 10.36
C HIS A 55 -6.47 -0.24 9.34
N ALA A 56 -7.80 -0.13 9.37
CA ALA A 56 -8.64 -0.88 8.46
C ALA A 56 -8.53 -0.34 7.04
N ARG A 57 -8.26 0.96 6.92
CA ARG A 57 -8.12 1.59 5.62
C ARG A 57 -6.86 1.12 4.90
N PHE A 58 -5.83 0.82 5.68
CA PHE A 58 -4.56 0.35 5.13
C PHE A 58 -4.68 -1.09 4.64
N VAL A 59 -5.13 -1.97 5.52
CA VAL A 59 -5.30 -3.38 5.19
C VAL A 59 -6.14 -3.55 3.92
N ALA A 60 -7.08 -2.63 3.71
CA ALA A 60 -7.95 -2.68 2.55
C ALA A 60 -7.18 -2.29 1.29
N ALA A 61 -6.24 -1.36 1.44
CA ALA A 61 -5.44 -0.90 0.31
C ALA A 61 -4.33 -1.89 -0.03
N ALA A 62 -3.65 -2.39 1.00
CA ALA A 62 -2.57 -3.35 0.83
C ALA A 62 -3.02 -4.51 -0.04
N ALA A 63 -4.21 -5.04 0.24
CA ALA A 63 -4.75 -6.16 -0.52
C ALA A 63 -4.83 -5.83 -2.01
N LYS A 64 -5.23 -4.60 -2.32
CA LYS A 64 -5.34 -4.17 -3.71
C LYS A 64 -3.98 -4.17 -4.39
N VAL A 65 -2.97 -3.62 -3.71
CA VAL A 65 -1.62 -3.56 -4.26
C VAL A 65 -1.07 -4.96 -4.48
N ASN A 66 -1.24 -5.83 -3.50
CA ASN A 66 -0.76 -7.20 -3.59
C ASN A 66 -1.38 -7.92 -4.78
N THR A 67 -2.70 -7.83 -4.89
CA THR A 67 -3.42 -8.48 -5.98
C THR A 67 -2.87 -8.04 -7.33
N LEU A 68 -2.73 -6.73 -7.52
CA LEU A 68 -2.22 -6.18 -8.77
C LEU A 68 -0.80 -6.68 -9.03
N LEU A 69 -0.06 -6.96 -7.97
CA LEU A 69 1.31 -7.44 -8.08
C LEU A 69 1.35 -8.82 -8.75
N ASP A 70 0.44 -9.69 -8.34
CA ASP A 70 0.36 -11.04 -8.89
C ASP A 70 -0.24 -11.01 -10.29
N VAL A 71 -1.15 -10.08 -10.53
CA VAL A 71 -1.79 -9.94 -11.83
C VAL A 71 -0.81 -9.47 -12.89
N ALA A 72 0.13 -8.62 -12.48
CA ALA A 72 1.14 -8.09 -13.39
C ALA A 72 1.93 -9.23 -14.05
N GLN A 73 2.44 -10.14 -13.22
CA GLN A 73 3.21 -11.26 -13.71
C GLN A 73 2.38 -12.15 -14.63
N ALA A 74 1.09 -12.24 -14.34
CA ALA A 74 0.17 -13.04 -15.14
C ALA A 74 0.06 -12.50 -16.56
N ASN A 75 -0.19 -11.20 -16.67
CA ASN A 75 -0.32 -10.56 -17.98
C ASN A 75 1.02 -10.51 -18.69
N LEU A 76 2.09 -10.29 -17.92
CA LEU A 76 3.43 -10.22 -18.49
C LEU A 76 3.91 -11.58 -18.95
N GLY A 77 3.48 -12.63 -18.25
CA GLY A 77 3.86 -13.98 -18.62
C GLY A 77 5.28 -14.31 -18.18
N GLU A 78 6.24 -13.54 -18.68
CA GLU A 78 7.64 -13.76 -18.35
C GLU A 78 7.84 -13.83 -16.83
N ALA A 79 7.35 -12.82 -16.12
CA ALA A 79 7.46 -12.77 -14.67
C ALA A 79 6.95 -14.07 -14.03
N ALA A 80 5.72 -14.45 -14.40
CA ALA A 80 5.13 -15.66 -13.86
C ALA A 80 4.24 -16.34 -14.90
N GLY A 81 4.23 -17.67 -14.87
CA GLY A 81 3.42 -18.42 -15.83
C GLY A 81 2.05 -18.77 -15.28
N THR A 82 1.56 -17.95 -14.36
CA THR A 82 0.25 -18.18 -13.75
C THR A 82 -0.77 -17.16 -14.24
N TYR A 83 -2.04 -17.39 -13.91
CA TYR A 83 -3.11 -16.50 -14.32
C TYR A 83 -4.34 -16.68 -13.43
N VAL A 84 -5.27 -15.72 -13.50
CA VAL A 84 -6.48 -15.78 -12.71
C VAL A 84 -7.67 -15.22 -13.49
N ALA A 85 -8.20 -16.04 -14.39
CA ALA A 85 -9.35 -15.63 -15.21
C ALA A 85 -10.64 -15.65 -14.39
N ALA A 86 -10.74 -14.73 -13.43
CA ALA A 86 -11.91 -14.63 -12.58
C ALA A 86 -12.80 -13.46 -12.99
N ASP A 87 -12.19 -12.45 -13.59
CA ASP A 87 -12.92 -11.27 -14.04
C ASP A 87 -13.62 -10.58 -12.86
N ALA A 88 -14.28 -9.47 -13.14
CA ALA A 88 -15.00 -8.73 -12.11
C ALA A 88 -15.88 -7.65 -12.71
N ALA A 89 -16.57 -6.90 -11.87
CA ALA A 89 -17.46 -5.84 -12.32
C ALA A 89 -16.70 -4.52 -12.47
N ALA A 90 -15.63 -4.36 -11.69
CA ALA A 90 -14.83 -3.15 -11.72
C ALA A 90 -13.67 -3.29 -12.72
N ALA A 91 -13.76 -4.31 -13.58
CA ALA A 91 -12.72 -4.55 -14.57
C ALA A 91 -12.59 -3.38 -15.53
N SER A 92 -13.68 -3.08 -16.25
CA SER A 92 -13.68 -1.98 -17.20
C SER A 92 -15.04 -1.27 -17.21
N THR A 93 -15.16 -0.24 -16.38
CA THR A 93 -16.40 0.52 -16.28
C THR A 93 -16.20 1.95 -16.76
N TYR A 94 -15.01 2.49 -16.52
CA TYR A 94 -14.69 3.85 -16.93
C TYR A 94 -13.19 4.13 -16.81
N THR A 95 -12.69 5.00 -17.67
CA THR A 95 -11.27 5.34 -17.67
C THR A 95 -11.07 6.85 -17.54
N GLY A 96 -9.82 7.27 -17.42
CA GLY A 96 -9.52 8.68 -17.29
C GLY A 96 -8.05 8.94 -16.98
N PHE A 97 -7.75 10.16 -16.55
CA PHE A 97 -6.39 10.54 -16.21
C PHE A 97 -6.11 10.32 -14.72
N SER B 1 -17.71 21.95 14.89
CA SER B 1 -17.05 21.31 13.76
C SER B 1 -15.56 21.59 13.77
N MET B 2 -15.19 22.86 13.78
CA MET B 2 -13.78 23.27 13.79
C MET B 2 -13.05 22.69 12.58
N SER B 3 -13.34 23.26 11.41
CA SER B 3 -12.70 22.80 10.17
C SER B 3 -11.84 23.90 9.57
N GLN B 4 -12.18 25.15 9.90
CA GLN B 4 -11.43 26.30 9.38
C GLN B 4 -10.28 26.67 10.31
N ILE B 5 -10.00 25.79 11.27
CA ILE B 5 -8.92 26.02 12.22
C ILE B 5 -7.56 25.70 11.60
N MET B 6 -7.31 24.42 11.35
CA MET B 6 -6.06 23.99 10.75
C MET B 6 -6.19 22.58 10.16
N TYR B 7 -7.23 22.38 9.37
CA TYR B 7 -7.47 21.08 8.74
C TYR B 7 -7.54 21.21 7.22
N ASN B 8 -6.46 20.82 6.56
CA ASN B 8 -6.40 20.89 5.10
C ASN B 8 -5.69 19.67 4.52
N TYR B 9 -4.43 19.47 4.92
CA TYR B 9 -3.64 18.35 4.45
C TYR B 9 -3.28 17.41 5.60
N PRO B 10 -2.92 16.17 5.26
CA PRO B 10 -2.55 15.15 6.24
C PRO B 10 -1.21 15.47 6.91
N ALA B 11 -0.38 16.24 6.23
CA ALA B 11 0.93 16.61 6.76
C ALA B 11 0.79 17.49 7.99
N MET B 12 -0.33 18.20 8.09
CA MET B 12 -0.59 19.09 9.22
C MET B 12 -1.13 18.30 10.41
N LEU B 13 -2.06 17.40 10.14
CA LEU B 13 -2.66 16.58 11.19
C LEU B 13 -1.59 15.82 11.96
N GLY B 14 -1.76 15.75 13.28
CA GLY B 14 -0.80 15.04 14.12
C GLY B 14 0.25 15.97 14.70
N HIS B 15 1.49 15.48 14.77
CA HIS B 15 2.59 16.27 15.32
C HIS B 15 3.92 15.55 15.13
N ALA B 16 3.92 14.24 15.33
CA ALA B 16 5.12 13.44 15.18
C ALA B 16 5.67 13.55 13.76
N GLY B 17 6.93 13.97 13.66
CA GLY B 17 7.56 14.11 12.36
C GLY B 17 8.69 13.13 12.15
N ASP B 18 8.33 11.92 11.72
CA ASP B 18 9.32 10.87 11.48
C ASP B 18 8.71 9.71 10.70
N MET B 19 7.48 9.36 11.04
CA MET B 19 6.77 8.28 10.36
C MET B 19 6.48 8.63 8.92
N ALA B 20 6.30 9.92 8.66
CA ALA B 20 6.01 10.39 7.30
C ALA B 20 7.04 9.88 6.31
N GLY B 21 8.28 9.76 6.76
CA GLY B 21 9.34 9.28 5.89
C GLY B 21 9.10 7.86 5.42
N TYR B 22 8.58 7.03 6.29
CA TYR B 22 8.31 5.63 5.96
C TYR B 22 7.28 5.54 4.83
N ALA B 23 6.19 6.29 4.97
CA ALA B 23 5.13 6.29 3.97
C ALA B 23 5.69 6.55 2.58
N GLY B 24 6.62 7.50 2.49
CA GLY B 24 7.22 7.83 1.21
C GLY B 24 7.97 6.67 0.61
N THR B 25 8.46 5.77 1.46
CA THR B 25 9.21 4.60 1.00
C THR B 25 8.35 3.72 0.11
N LEU B 26 7.06 3.66 0.42
CA LEU B 26 6.13 2.85 -0.36
C LEU B 26 5.97 3.40 -1.77
N GLN B 27 5.75 4.71 -1.87
CA GLN B 27 5.58 5.36 -3.16
C GLN B 27 6.73 5.02 -4.10
N SER B 28 7.95 5.04 -3.57
CA SER B 28 9.14 4.75 -4.35
C SER B 28 9.20 3.26 -4.71
N LEU B 29 8.65 2.43 -3.84
CA LEU B 29 8.63 0.99 -4.05
C LEU B 29 7.64 0.62 -5.15
N GLY B 30 6.39 1.08 -4.99
CA GLY B 30 5.37 0.77 -5.97
C GLY B 30 5.63 1.44 -7.30
N ALA B 31 6.10 2.68 -7.27
CA ALA B 31 6.39 3.42 -8.49
C ALA B 31 7.38 2.66 -9.37
N GLU B 32 8.27 1.91 -8.74
CA GLU B 32 9.27 1.13 -9.47
C GLU B 32 8.61 0.02 -10.28
N ILE B 33 7.50 -0.50 -9.75
CA ILE B 33 6.77 -1.57 -10.42
C ILE B 33 6.02 -1.04 -11.64
N ALA B 34 5.40 0.12 -11.49
CA ALA B 34 4.66 0.74 -12.58
C ALA B 34 5.57 1.06 -13.75
N VAL B 35 6.76 1.56 -13.45
CA VAL B 35 7.73 1.92 -14.49
C VAL B 35 8.35 0.67 -15.11
N GLU B 36 8.47 -0.39 -14.31
CA GLU B 36 9.05 -1.64 -14.79
C GLU B 36 8.08 -2.35 -15.73
N GLN B 37 6.85 -2.56 -15.27
CA GLN B 37 5.84 -3.23 -16.07
C GLN B 37 5.55 -2.46 -17.35
N ALA B 38 5.71 -1.14 -17.29
CA ALA B 38 5.46 -0.28 -18.44
C ALA B 38 6.42 -0.62 -19.58
N ALA B 39 7.57 -1.18 -19.23
CA ALA B 39 8.57 -1.55 -20.23
C ALA B 39 8.23 -2.88 -20.88
N LEU B 40 7.48 -3.71 -20.16
CA LEU B 40 7.10 -5.02 -20.67
C LEU B 40 5.62 -5.03 -21.07
N GLN B 41 5.13 -3.89 -21.53
CA GLN B 41 3.74 -3.77 -21.96
C GLN B 41 3.46 -4.63 -23.18
N SER B 42 4.50 -4.87 -23.98
CA SER B 42 4.37 -5.67 -25.19
C SER B 42 3.94 -7.10 -24.85
N ALA B 43 4.51 -7.64 -23.78
CA ALA B 43 4.18 -9.00 -23.35
C ALA B 43 2.84 -9.03 -22.63
N TRP B 44 2.42 -7.89 -22.10
CA TRP B 44 1.16 -7.78 -21.38
C TRP B 44 0.00 -8.23 -22.25
N GLN B 45 -0.97 -8.92 -21.63
CA GLN B 45 -2.13 -9.41 -22.35
C GLN B 45 -3.40 -9.24 -21.52
N GLY B 46 -4.08 -8.11 -21.70
CA GLY B 46 -5.30 -7.85 -20.96
C GLY B 46 -6.44 -8.76 -21.37
N ASP B 47 -6.21 -9.55 -22.42
CA ASP B 47 -7.23 -10.47 -22.92
C ASP B 47 -7.50 -11.58 -21.91
N THR B 48 -6.61 -11.71 -20.92
CA THR B 48 -6.76 -12.73 -19.89
C THR B 48 -7.22 -12.12 -18.58
N GLY B 49 -6.83 -10.87 -18.34
CA GLY B 49 -7.22 -10.20 -17.11
C GLY B 49 -7.07 -8.69 -17.20
N ILE B 50 -6.49 -8.09 -16.17
CA ILE B 50 -6.29 -6.64 -16.15
C ILE B 50 -5.54 -6.17 -17.38
N THR B 51 -5.99 -5.05 -17.95
CA THR B 51 -5.36 -4.48 -19.13
C THR B 51 -4.19 -3.58 -18.77
N TYR B 52 -3.29 -3.36 -19.72
CA TYR B 52 -2.13 -2.51 -19.49
C TYR B 52 -2.55 -1.13 -19.02
N GLN B 53 -3.61 -0.60 -19.62
CA GLN B 53 -4.11 0.72 -19.27
C GLN B 53 -4.84 0.68 -17.93
N ALA B 54 -5.65 -0.35 -17.72
CA ALA B 54 -6.40 -0.51 -16.49
C ALA B 54 -5.46 -0.62 -15.30
N TRP B 55 -4.48 -1.51 -15.39
CA TRP B 55 -3.52 -1.71 -14.31
C TRP B 55 -2.86 -0.39 -13.92
N GLN B 56 -2.37 0.35 -14.92
CA GLN B 56 -1.71 1.63 -14.67
C GLN B 56 -2.59 2.53 -13.82
N ALA B 57 -3.90 2.36 -13.94
CA ALA B 57 -4.85 3.16 -13.17
C ALA B 57 -5.10 2.54 -11.80
N GLN B 58 -5.37 1.25 -11.77
CA GLN B 58 -5.64 0.55 -10.53
C GLN B 58 -4.46 0.68 -9.57
N TRP B 59 -3.26 0.38 -10.06
CA TRP B 59 -2.05 0.47 -9.26
C TRP B 59 -1.95 1.84 -8.57
N ASN B 60 -1.92 2.89 -9.39
CA ASN B 60 -1.82 4.24 -8.86
C ASN B 60 -2.95 4.54 -7.88
N GLN B 61 -4.18 4.29 -8.31
CA GLN B 61 -5.34 4.52 -7.47
C GLN B 61 -5.19 3.83 -6.12
N ALA B 62 -4.51 2.69 -6.11
CA ALA B 62 -4.28 1.93 -4.89
C ALA B 62 -3.18 2.55 -4.05
N MET B 63 -2.00 2.73 -4.67
CA MET B 63 -0.86 3.31 -3.97
C MET B 63 -1.25 4.63 -3.30
N GLU B 64 -2.20 5.34 -3.91
CA GLU B 64 -2.66 6.61 -3.37
C GLU B 64 -3.28 6.42 -1.98
N ASP B 65 -4.25 5.52 -1.90
CA ASP B 65 -4.93 5.25 -0.63
C ASP B 65 -4.04 4.42 0.30
N LEU B 66 -3.13 3.65 -0.29
CA LEU B 66 -2.22 2.82 0.47
C LEU B 66 -1.17 3.67 1.17
N VAL B 67 -0.41 4.42 0.40
CA VAL B 67 0.64 5.30 0.94
C VAL B 67 0.07 6.22 2.00
N ARG B 68 -1.12 6.77 1.74
CA ARG B 68 -1.75 7.68 2.68
C ARG B 68 -2.30 6.92 3.89
N ALA B 69 -2.69 5.68 3.67
CA ALA B 69 -3.22 4.85 4.74
C ALA B 69 -2.21 4.69 5.87
N TYR B 70 -0.93 4.83 5.54
CA TYR B 70 0.13 4.70 6.52
C TYR B 70 0.38 6.03 7.23
N HIS B 71 0.71 7.06 6.46
CA HIS B 71 0.97 8.38 7.00
C HIS B 71 -0.24 8.90 7.77
N ALA B 72 -1.40 8.94 7.10
CA ALA B 72 -2.62 9.41 7.73
C ALA B 72 -2.90 8.67 9.03
N MET B 73 -2.78 7.35 8.99
CA MET B 73 -3.02 6.53 10.17
C MET B 73 -2.15 6.98 11.33
N SER B 74 -0.96 7.49 11.02
CA SER B 74 -0.04 7.96 12.04
C SER B 74 -0.37 9.38 12.47
N SER B 75 -1.00 10.14 11.57
CA SER B 75 -1.38 11.51 11.85
C SER B 75 -2.63 11.57 12.72
N THR B 76 -3.64 10.79 12.34
CA THR B 76 -4.89 10.75 13.08
C THR B 76 -4.70 10.14 14.46
N HIS B 77 -3.54 9.49 14.65
CA HIS B 77 -3.23 8.86 15.93
C HIS B 77 -3.35 9.86 17.08
N GLU B 78 -3.08 11.13 16.77
CA GLU B 78 -3.16 12.18 17.78
C GLU B 78 -4.61 12.64 17.99
N ALA B 79 -5.43 12.43 16.98
CA ALA B 79 -6.84 12.82 17.05
C ALA B 79 -7.49 12.27 18.31
N ASN B 80 -7.01 11.13 18.78
CA ASN B 80 -7.54 10.50 19.98
C ASN B 80 -7.59 11.49 21.14
N THR B 81 -6.45 12.09 21.45
CA THR B 81 -6.35 13.06 22.54
C THR B 81 -6.99 14.38 22.14
N MET B 82 -6.94 14.70 20.85
CA MET B 82 -7.52 15.95 20.35
C MET B 82 -8.97 16.10 20.81
N ALA B 83 -9.73 15.02 20.68
CA ALA B 83 -11.14 15.03 21.08
C ALA B 83 -11.28 14.83 22.59
N MET B 84 -10.28 14.18 23.19
CA MET B 84 -10.30 13.92 24.63
C MET B 84 -11.46 13.02 25.00
N MET B 85 -11.55 12.67 26.28
CA MET B 85 -12.62 11.80 26.76
C MET B 85 -13.95 12.55 26.79
N ALA B 86 -13.89 13.87 26.92
CA ALA B 86 -15.08 14.69 26.95
C ALA B 86 -15.99 14.39 25.77
N ARG B 87 -15.58 14.83 24.58
CA ARG B 87 -16.35 14.61 23.37
C ARG B 87 -16.68 13.13 23.19
N ASP B 88 -15.78 12.28 23.67
CA ASP B 88 -15.96 10.84 23.56
C ASP B 88 -17.15 10.37 24.38
N THR B 89 -18.12 9.74 23.72
CA THR B 89 -19.32 9.25 24.39
C THR B 89 -19.72 7.88 23.86
N ALA B 90 -19.87 7.79 22.54
CA ALA B 90 -20.26 6.54 21.91
C ALA B 90 -19.03 5.72 21.52
N GLU B 91 -17.90 6.40 21.36
CA GLU B 91 -16.66 5.73 20.98
C GLU B 91 -16.07 4.96 22.16
N ALA B 92 -15.76 5.68 23.23
CA ALA B 92 -15.19 5.07 24.43
C ALA B 92 -16.17 4.08 25.06
N ALA B 93 -17.46 4.29 24.79
CA ALA B 93 -18.50 3.41 25.32
C ALA B 93 -18.69 2.18 24.44
N LYS B 94 -18.33 2.31 23.17
CA LYS B 94 -18.46 1.21 22.22
C LYS B 94 -17.70 -0.02 22.71
N TRP B 95 -16.53 0.21 23.30
CA TRP B 95 -15.71 -0.88 23.81
C TRP B 95 -16.16 -1.30 25.20
N GLY B 96 -15.91 -0.43 26.18
CA GLY B 96 -16.31 -0.73 27.55
C GLY B 96 -15.53 0.08 28.57
N GLY B 97 -14.22 -0.06 28.56
CA GLY B 97 -13.39 0.68 29.50
C GLY B 97 -13.74 0.39 30.94
N MET A 1 21.54 -21.43 9.21
CA MET A 1 21.51 -22.47 8.20
C MET A 1 21.39 -21.88 6.80
N SER A 2 20.41 -21.01 6.61
CA SER A 2 20.18 -20.37 5.32
C SER A 2 20.67 -18.93 5.34
N LEU A 3 21.99 -18.75 5.29
CA LEU A 3 22.59 -17.43 5.30
C LEU A 3 23.29 -17.13 3.98
N LEU A 4 24.30 -17.95 3.66
CA LEU A 4 25.05 -17.77 2.42
C LEU A 4 24.55 -18.75 1.35
N ASP A 5 24.52 -18.27 0.10
CA ASP A 5 24.09 -19.10 -1.01
C ASP A 5 22.63 -19.53 -0.83
N ALA A 6 21.83 -18.64 -0.25
CA ALA A 6 20.41 -18.92 -0.01
C ALA A 6 19.53 -18.03 -0.86
N HIS A 7 19.68 -16.72 -0.67
CA HIS A 7 18.89 -15.74 -1.42
C HIS A 7 19.75 -14.55 -1.85
N ILE A 8 21.00 -14.83 -2.18
CA ILE A 8 21.92 -13.79 -2.61
C ILE A 8 21.68 -13.40 -4.06
N PRO A 9 22.02 -12.14 -4.40
CA PRO A 9 21.84 -11.62 -5.76
C PRO A 9 22.81 -12.25 -6.76
N GLN A 10 22.42 -13.40 -7.30
CA GLN A 10 23.25 -14.10 -8.27
C GLN A 10 22.81 -13.80 -9.70
N LEU A 11 21.65 -14.34 -10.08
CA LEU A 11 21.11 -14.12 -11.42
C LEU A 11 19.89 -13.20 -11.38
N VAL A 12 19.78 -12.43 -10.30
CA VAL A 12 18.66 -11.51 -10.14
C VAL A 12 18.61 -10.50 -11.28
N ALA A 13 17.47 -9.83 -11.43
CA ALA A 13 17.30 -8.84 -12.48
C ALA A 13 17.17 -9.51 -13.85
N SER A 14 18.28 -10.07 -14.33
CA SER A 14 18.30 -10.73 -15.63
C SER A 14 17.18 -11.76 -15.73
N GLN A 15 16.83 -12.36 -14.59
CA GLN A 15 15.77 -13.37 -14.56
C GLN A 15 14.40 -12.71 -14.55
N SER A 16 14.16 -11.86 -13.55
CA SER A 16 12.88 -11.17 -13.43
C SER A 16 12.88 -10.24 -12.22
N ALA A 17 13.21 -8.98 -12.44
CA ALA A 17 13.24 -8.00 -11.37
C ALA A 17 11.83 -7.69 -10.85
N PHE A 18 10.84 -7.89 -11.72
CA PHE A 18 9.46 -7.65 -11.35
C PHE A 18 9.08 -8.41 -10.08
N ALA A 19 9.52 -9.67 -10.01
CA ALA A 19 9.23 -10.51 -8.86
C ALA A 19 10.01 -10.04 -7.63
N ALA A 20 11.20 -9.51 -7.86
CA ALA A 20 12.05 -9.03 -6.78
C ALA A 20 11.33 -7.96 -5.95
N LYS A 21 10.80 -6.95 -6.63
CA LYS A 21 10.08 -5.87 -5.96
C LYS A 21 8.84 -6.40 -5.25
N ALA A 22 8.16 -7.35 -5.87
CA ALA A 22 6.96 -7.95 -5.29
C ALA A 22 7.24 -8.48 -3.89
N GLY A 23 8.37 -9.17 -3.73
CA GLY A 23 8.73 -9.71 -2.43
C GLY A 23 9.16 -8.65 -1.45
N LEU A 24 9.70 -7.54 -1.98
CA LEU A 24 10.15 -6.44 -1.14
C LEU A 24 8.98 -5.59 -0.66
N MET A 25 7.96 -5.49 -1.50
CA MET A 25 6.77 -4.71 -1.16
C MET A 25 6.14 -5.20 0.13
N ARG A 26 5.78 -6.49 0.15
CA ARG A 26 5.16 -7.09 1.33
C ARG A 26 6.00 -6.81 2.57
N HIS A 27 7.31 -6.68 2.39
CA HIS A 27 8.22 -6.42 3.51
C HIS A 27 8.13 -4.96 3.94
N THR A 28 7.94 -4.07 2.97
CA THR A 28 7.84 -2.64 3.25
C THR A 28 6.61 -2.32 4.09
N ILE A 29 5.47 -2.85 3.67
CA ILE A 29 4.22 -2.64 4.39
C ILE A 29 4.24 -3.31 5.76
N GLY A 30 4.66 -4.57 5.79
CA GLY A 30 4.73 -5.29 7.04
C GLY A 30 5.53 -4.56 8.10
N GLN A 31 6.69 -4.05 7.71
CA GLN A 31 7.56 -3.32 8.64
C GLN A 31 6.98 -1.95 8.96
N ALA A 32 6.50 -1.26 7.93
CA ALA A 32 5.91 0.06 8.10
C ALA A 32 4.73 0.03 9.06
N GLU A 33 3.94 -1.04 8.96
CA GLU A 33 2.77 -1.19 9.81
C GLU A 33 3.18 -1.64 11.22
N GLN A 34 3.98 -2.69 11.29
CA GLN A 34 4.44 -3.22 12.56
C GLN A 34 5.07 -2.12 13.41
N ALA A 35 5.87 -1.26 12.77
CA ALA A 35 6.53 -0.17 13.46
C ALA A 35 5.52 0.69 14.22
N ALA A 36 4.31 0.79 13.67
CA ALA A 36 3.26 1.58 14.30
C ALA A 36 3.03 1.15 15.74
N MET A 37 3.08 -0.15 15.99
CA MET A 37 2.88 -0.70 17.33
C MET A 37 4.01 -0.26 18.26
N SER A 38 5.24 -0.37 17.78
CA SER A 38 6.41 0.00 18.57
C SER A 38 6.37 1.50 18.91
N ALA A 39 5.87 2.29 17.99
CA ALA A 39 5.77 3.73 18.19
C ALA A 39 4.67 4.08 19.18
N GLN A 40 3.68 3.20 19.29
CA GLN A 40 2.56 3.41 20.21
C GLN A 40 2.91 2.92 21.61
N ALA A 41 4.06 2.27 21.74
CA ALA A 41 4.50 1.75 23.02
C ALA A 41 4.60 2.87 24.06
N PHE A 42 4.75 4.10 23.59
CA PHE A 42 4.86 5.26 24.47
C PHE A 42 3.71 5.28 25.48
N HIS A 43 2.56 4.76 25.07
CA HIS A 43 1.39 4.72 25.94
C HIS A 43 0.35 3.73 25.41
N GLN A 44 0.33 2.54 25.99
CA GLN A 44 -0.62 1.50 25.56
C GLN A 44 -1.40 0.96 26.76
N GLY A 45 -2.72 0.92 26.62
CA GLY A 45 -3.56 0.42 27.70
C GLY A 45 -5.04 0.61 27.42
N GLU A 46 -5.60 -0.26 26.59
CA GLU A 46 -7.01 -0.17 26.24
C GLU A 46 -7.34 1.19 25.64
N SER A 47 -6.71 1.50 24.52
CA SER A 47 -6.93 2.78 23.85
C SER A 47 -6.40 2.75 22.42
N SER A 48 -7.22 2.25 21.50
CA SER A 48 -6.82 2.16 20.10
C SER A 48 -8.06 2.03 19.20
N ALA A 49 -8.98 2.99 19.34
CA ALA A 49 -10.20 2.98 18.53
C ALA A 49 -9.89 3.33 17.08
N ALA A 50 -9.29 4.49 16.87
CA ALA A 50 -8.96 4.94 15.52
C ALA A 50 -7.86 4.06 14.91
N PHE A 51 -7.03 3.48 15.77
CA PHE A 51 -5.95 2.62 15.32
C PHE A 51 -6.48 1.47 14.46
N GLN A 52 -7.67 0.99 14.80
CA GLN A 52 -8.29 -0.10 14.07
C GLN A 52 -8.76 0.36 12.69
N ALA A 53 -9.56 1.42 12.67
CA ALA A 53 -10.08 1.97 11.42
C ALA A 53 -8.95 2.24 10.43
N ALA A 54 -7.93 2.96 10.89
CA ALA A 54 -6.79 3.29 10.05
C ALA A 54 -6.06 2.02 9.59
N HIS A 55 -6.02 1.02 10.46
CA HIS A 55 -5.36 -0.25 10.13
C HIS A 55 -6.15 -1.02 9.09
N ALA A 56 -7.48 -0.96 9.19
CA ALA A 56 -8.35 -1.66 8.25
C ALA A 56 -8.34 -0.98 6.89
N ARG A 57 -8.14 0.34 6.88
CA ARG A 57 -8.10 1.10 5.64
C ARG A 57 -6.90 0.69 4.79
N PHE A 58 -5.79 0.42 5.44
CA PHE A 58 -4.57 0.02 4.74
C PHE A 58 -4.74 -1.35 4.09
N VAL A 59 -5.12 -2.34 4.89
CA VAL A 59 -5.32 -3.70 4.39
C VAL A 59 -6.34 -3.71 3.26
N ALA A 60 -7.34 -2.84 3.35
CA ALA A 60 -8.38 -2.76 2.33
C ALA A 60 -7.79 -2.43 0.96
N ALA A 61 -6.80 -1.54 0.95
CA ALA A 61 -6.15 -1.15 -0.30
C ALA A 61 -5.13 -2.19 -0.74
N ALA A 62 -4.49 -2.84 0.24
CA ALA A 62 -3.49 -3.86 -0.05
C ALA A 62 -4.04 -4.89 -1.02
N ALA A 63 -5.33 -5.21 -0.89
CA ALA A 63 -5.97 -6.19 -1.76
C ALA A 63 -5.82 -5.81 -3.23
N LYS A 64 -5.76 -4.51 -3.48
CA LYS A 64 -5.62 -4.01 -4.85
C LYS A 64 -4.21 -4.27 -5.38
N VAL A 65 -3.21 -4.03 -4.54
CA VAL A 65 -1.82 -4.25 -4.92
C VAL A 65 -1.55 -5.73 -5.20
N ASN A 66 -2.00 -6.58 -4.30
CA ASN A 66 -1.81 -8.03 -4.45
C ASN A 66 -2.49 -8.54 -5.71
N THR A 67 -3.77 -8.20 -5.87
CA THR A 67 -4.54 -8.62 -7.03
C THR A 67 -3.86 -8.21 -8.32
N LEU A 68 -3.26 -7.03 -8.32
CA LEU A 68 -2.56 -6.51 -9.50
C LEU A 68 -1.21 -7.19 -9.67
N LEU A 69 -0.54 -7.47 -8.56
CA LEU A 69 0.76 -8.12 -8.59
C LEU A 69 0.69 -9.45 -9.34
N ASP A 70 -0.44 -10.12 -9.21
CA ASP A 70 -0.63 -11.41 -9.89
C ASP A 70 -1.00 -11.20 -11.35
N VAL A 71 -1.90 -10.25 -11.61
CA VAL A 71 -2.34 -9.95 -12.96
C VAL A 71 -1.17 -9.46 -13.82
N ALA A 72 -0.30 -8.68 -13.21
CA ALA A 72 0.86 -8.14 -13.92
C ALA A 72 1.82 -9.25 -14.34
N GLN A 73 2.16 -10.13 -13.39
CA GLN A 73 3.07 -11.23 -13.68
C GLN A 73 2.40 -12.26 -14.59
N ALA A 74 1.09 -12.43 -14.42
CA ALA A 74 0.33 -13.38 -15.24
C ALA A 74 0.22 -12.89 -16.68
N ASN A 75 -0.23 -11.64 -16.85
CA ASN A 75 -0.39 -11.05 -18.17
C ASN A 75 0.93 -11.03 -18.92
N LEU A 76 2.02 -10.83 -18.18
CA LEU A 76 3.35 -10.78 -18.77
C LEU A 76 3.90 -12.19 -18.99
N GLY A 77 3.51 -13.12 -18.12
CA GLY A 77 3.98 -14.48 -18.24
C GLY A 77 5.40 -14.66 -17.74
N GLU A 78 6.34 -14.00 -18.40
CA GLU A 78 7.75 -14.09 -18.03
C GLU A 78 7.95 -13.66 -16.58
N ALA A 79 7.30 -12.57 -16.19
CA ALA A 79 7.40 -12.07 -14.83
C ALA A 79 7.05 -13.15 -13.81
N ALA A 80 6.03 -13.94 -14.12
CA ALA A 80 5.60 -15.01 -13.24
C ALA A 80 6.34 -16.30 -13.53
N GLY A 81 6.51 -17.14 -12.51
CA GLY A 81 7.21 -18.39 -12.68
C GLY A 81 7.40 -19.14 -11.37
N THR A 82 7.24 -20.46 -11.42
CA THR A 82 7.39 -21.29 -10.22
C THR A 82 7.33 -22.77 -10.58
N TYR A 83 7.64 -23.61 -9.60
CA TYR A 83 7.62 -25.06 -9.80
C TYR A 83 6.19 -25.58 -9.88
N VAL A 84 6.04 -26.81 -10.36
CA VAL A 84 4.73 -27.43 -10.48
C VAL A 84 4.80 -28.93 -10.19
N ALA A 85 4.85 -29.27 -8.91
CA ALA A 85 4.91 -30.66 -8.50
C ALA A 85 3.56 -31.34 -8.64
N ALA A 86 3.13 -31.52 -9.88
CA ALA A 86 1.84 -32.16 -10.17
C ALA A 86 2.04 -33.56 -10.74
N ASP A 87 3.17 -33.76 -11.42
CA ASP A 87 3.48 -35.06 -12.01
C ASP A 87 4.93 -35.45 -11.73
N ALA A 88 5.20 -36.75 -11.82
CA ALA A 88 6.54 -37.26 -11.58
C ALA A 88 6.62 -38.76 -11.80
N ALA A 89 5.53 -39.45 -11.45
CA ALA A 89 5.47 -40.90 -11.62
C ALA A 89 5.27 -41.29 -13.08
N ALA A 90 4.65 -40.39 -13.84
CA ALA A 90 4.39 -40.63 -15.26
C ALA A 90 5.69 -41.01 -15.99
N ALA A 91 6.78 -40.37 -15.60
CA ALA A 91 8.08 -40.64 -16.21
C ALA A 91 8.54 -42.07 -15.91
N SER A 92 8.77 -42.37 -14.64
CA SER A 92 9.22 -43.69 -14.24
C SER A 92 10.55 -44.04 -14.91
N THR A 93 11.09 -45.20 -14.54
CA THR A 93 12.37 -45.65 -15.09
C THR A 93 12.15 -46.68 -16.20
N TYR A 94 13.21 -47.00 -16.92
CA TYR A 94 13.14 -47.98 -18.00
C TYR A 94 13.81 -49.28 -17.61
N THR A 95 13.15 -50.39 -17.90
CA THR A 95 13.69 -51.71 -17.57
C THR A 95 13.88 -51.87 -16.07
N GLY A 96 14.15 -53.11 -15.65
CA GLY A 96 14.35 -53.37 -14.23
C GLY A 96 14.12 -54.83 -13.88
N PHE A 97 15.14 -55.65 -14.11
CA PHE A 97 15.04 -57.08 -13.81
C PHE A 97 15.82 -57.43 -12.55
N SER B 1 -14.35 13.31 11.40
CA SER B 1 -14.83 13.95 12.61
C SER B 1 -14.50 13.12 13.84
N MET B 2 -13.30 13.31 14.37
CA MET B 2 -12.84 12.57 15.55
C MET B 2 -12.88 13.46 16.79
N SER B 3 -14.02 14.08 17.04
CA SER B 3 -14.19 14.96 18.19
C SER B 3 -15.04 14.30 19.27
N GLN B 4 -15.68 13.19 18.90
CA GLN B 4 -16.52 12.47 19.84
C GLN B 4 -15.72 11.41 20.59
N ILE B 5 -14.40 11.48 20.47
CA ILE B 5 -13.51 10.53 21.13
C ILE B 5 -12.75 11.20 22.28
N MET B 6 -11.80 10.47 22.84
CA MET B 6 -11.00 11.00 23.95
C MET B 6 -10.16 12.19 23.49
N TYR B 7 -10.69 13.39 23.67
CA TYR B 7 -10.00 14.60 23.28
C TYR B 7 -10.12 15.68 24.36
N ASN B 8 -9.03 15.87 25.11
CA ASN B 8 -9.01 16.86 26.17
C ASN B 8 -8.19 18.09 25.76
N TYR B 9 -6.89 17.92 25.65
CA TYR B 9 -6.01 19.01 25.27
C TYR B 9 -5.20 18.65 24.02
N PRO B 10 -4.67 19.68 23.34
CA PRO B 10 -3.87 19.49 22.12
C PRO B 10 -2.51 18.86 22.42
N ALA B 11 -1.93 19.20 23.56
CA ALA B 11 -0.64 18.66 23.95
C ALA B 11 -0.65 17.14 23.94
N MET B 12 -1.60 16.55 24.67
CA MET B 12 -1.72 15.09 24.73
C MET B 12 -2.10 14.51 23.37
N LEU B 13 -2.81 15.31 22.58
CA LEU B 13 -3.24 14.87 21.25
C LEU B 13 -2.05 14.35 20.45
N GLY B 14 -1.06 15.22 20.23
CA GLY B 14 0.11 14.83 19.48
C GLY B 14 1.37 15.54 19.95
N HIS B 15 2.49 15.21 19.34
CA HIS B 15 3.78 15.81 19.71
C HIS B 15 4.69 15.91 18.50
N ALA B 16 5.12 14.75 17.99
CA ALA B 16 6.01 14.70 16.83
C ALA B 16 6.18 13.28 16.32
N GLY B 17 7.10 13.09 15.40
CA GLY B 17 7.34 11.77 14.84
C GLY B 17 7.67 11.81 13.36
N ASP B 18 8.65 11.01 12.96
CA ASP B 18 9.06 10.96 11.56
C ASP B 18 8.61 9.65 10.90
N MET B 19 7.34 9.32 11.08
CA MET B 19 6.79 8.10 10.51
C MET B 19 6.44 8.29 9.03
N ALA B 20 6.08 9.52 8.68
CA ALA B 20 5.72 9.84 7.30
C ALA B 20 6.96 9.88 6.40
N GLY B 21 8.10 10.25 7.00
CA GLY B 21 9.33 10.32 6.24
C GLY B 21 9.68 9.00 5.58
N TYR B 22 9.78 7.95 6.38
CA TYR B 22 10.11 6.62 5.87
C TYR B 22 8.94 6.03 5.10
N ALA B 23 7.72 6.35 5.53
CA ALA B 23 6.52 5.85 4.88
C ALA B 23 6.57 6.06 3.37
N GLY B 24 7.23 7.14 2.96
CA GLY B 24 7.35 7.44 1.54
C GLY B 24 7.87 6.26 0.75
N THR B 25 8.62 5.38 1.41
CA THR B 25 9.19 4.21 0.75
C THR B 25 8.11 3.37 0.09
N LEU B 26 6.95 3.31 0.72
CA LEU B 26 5.82 2.54 0.18
C LEU B 26 5.42 3.06 -1.19
N GLN B 27 5.27 4.38 -1.29
CA GLN B 27 4.88 5.00 -2.56
C GLN B 27 5.96 4.81 -3.61
N SER B 28 7.22 4.87 -3.19
CA SER B 28 8.35 4.71 -4.10
C SER B 28 8.47 3.26 -4.56
N LEU B 29 8.09 2.34 -3.67
CA LEU B 29 8.16 0.91 -3.98
C LEU B 29 7.21 0.55 -5.13
N GLY B 30 5.96 0.98 -5.00
CA GLY B 30 4.97 0.70 -6.01
C GLY B 30 5.44 1.10 -7.40
N ALA B 31 5.99 2.31 -7.52
CA ALA B 31 6.47 2.81 -8.80
C ALA B 31 7.45 1.82 -9.43
N GLU B 32 8.29 1.22 -8.60
CA GLU B 32 9.28 0.26 -9.08
C GLU B 32 8.61 -0.86 -9.86
N ILE B 33 7.50 -1.37 -9.33
CA ILE B 33 6.76 -2.45 -9.99
C ILE B 33 6.03 -1.94 -11.22
N ALA B 34 5.58 -0.69 -11.16
CA ALA B 34 4.87 -0.08 -12.27
C ALA B 34 5.77 0.12 -13.48
N VAL B 35 6.95 0.68 -13.23
CA VAL B 35 7.92 0.92 -14.30
C VAL B 35 8.26 -0.37 -15.04
N GLU B 36 8.61 -1.40 -14.28
CA GLU B 36 8.96 -2.69 -14.87
C GLU B 36 7.85 -3.19 -15.79
N GLN B 37 6.60 -2.94 -15.39
CA GLN B 37 5.45 -3.36 -16.17
C GLN B 37 5.29 -2.50 -17.42
N ALA B 38 5.67 -1.23 -17.29
CA ALA B 38 5.57 -0.28 -18.41
C ALA B 38 6.65 -0.56 -19.45
N ALA B 39 7.74 -1.18 -19.03
CA ALA B 39 8.84 -1.49 -19.92
C ALA B 39 8.54 -2.75 -20.73
N LEU B 40 7.68 -3.61 -20.19
CA LEU B 40 7.31 -4.85 -20.86
C LEU B 40 5.90 -4.78 -21.41
N GLN B 41 5.45 -3.56 -21.71
CA GLN B 41 4.11 -3.36 -22.26
C GLN B 41 3.87 -4.26 -23.46
N SER B 42 4.83 -4.29 -24.37
CA SER B 42 4.72 -5.12 -25.57
C SER B 42 4.44 -6.57 -25.21
N ALA B 43 4.87 -6.97 -24.02
CA ALA B 43 4.67 -8.34 -23.55
C ALA B 43 3.26 -8.53 -23.02
N TRP B 44 2.67 -7.47 -22.48
CA TRP B 44 1.32 -7.52 -21.94
C TRP B 44 0.34 -8.06 -22.98
N GLN B 45 -0.70 -8.75 -22.51
CA GLN B 45 -1.69 -9.33 -23.40
C GLN B 45 -2.92 -8.43 -23.48
N GLY B 46 -3.57 -8.20 -22.33
CA GLY B 46 -4.74 -7.35 -22.30
C GLY B 46 -6.03 -8.14 -22.45
N ASP B 47 -5.92 -9.34 -22.99
CA ASP B 47 -7.08 -10.20 -23.18
C ASP B 47 -7.31 -11.09 -21.97
N THR B 48 -6.24 -11.34 -21.21
CA THR B 48 -6.33 -12.18 -20.03
C THR B 48 -7.15 -11.50 -18.94
N GLY B 49 -7.15 -10.17 -18.94
CA GLY B 49 -7.91 -9.42 -17.95
C GLY B 49 -7.56 -7.94 -17.96
N ILE B 50 -6.98 -7.47 -16.86
CA ILE B 50 -6.60 -6.06 -16.75
C ILE B 50 -5.72 -5.63 -17.91
N THR B 51 -5.92 -4.40 -18.36
CA THR B 51 -5.15 -3.85 -19.47
C THR B 51 -4.02 -2.95 -18.99
N TYR B 52 -3.20 -2.48 -19.92
CA TYR B 52 -2.09 -1.60 -19.58
C TYR B 52 -2.58 -0.28 -19.01
N GLN B 53 -3.66 0.24 -19.59
CA GLN B 53 -4.24 1.51 -19.16
C GLN B 53 -4.97 1.34 -17.83
N ALA B 54 -5.69 0.23 -17.69
CA ALA B 54 -6.44 -0.05 -16.48
C ALA B 54 -5.50 -0.37 -15.32
N TRP B 55 -4.45 -1.13 -15.59
CA TRP B 55 -3.48 -1.50 -14.57
C TRP B 55 -2.71 -0.28 -14.10
N GLN B 56 -2.11 0.44 -15.03
CA GLN B 56 -1.33 1.64 -14.70
C GLN B 56 -2.15 2.60 -13.85
N ALA B 57 -3.47 2.56 -14.04
CA ALA B 57 -4.37 3.44 -13.30
C ALA B 57 -4.71 2.84 -11.94
N GLN B 58 -5.21 1.60 -11.95
CA GLN B 58 -5.58 0.92 -10.71
C GLN B 58 -4.40 0.87 -9.75
N TRP B 59 -3.25 0.41 -10.25
CA TRP B 59 -2.05 0.30 -9.43
C TRP B 59 -1.75 1.62 -8.73
N ASN B 60 -1.63 2.69 -9.51
CA ASN B 60 -1.34 4.01 -8.96
C ASN B 60 -2.32 4.36 -7.85
N GLN B 61 -3.61 4.14 -8.10
CA GLN B 61 -4.64 4.44 -7.13
C GLN B 61 -4.46 3.58 -5.87
N ALA B 62 -3.96 2.37 -6.06
CA ALA B 62 -3.73 1.45 -4.94
C ALA B 62 -2.61 1.96 -4.03
N MET B 63 -1.45 2.22 -4.62
CA MET B 63 -0.30 2.71 -3.86
C MET B 63 -0.64 4.02 -3.16
N GLU B 64 -1.16 4.98 -3.91
CA GLU B 64 -1.52 6.28 -3.36
C GLU B 64 -2.43 6.12 -2.15
N ASP B 65 -3.26 5.08 -2.17
CA ASP B 65 -4.18 4.82 -1.07
C ASP B 65 -3.43 4.29 0.15
N LEU B 66 -2.60 3.27 -0.05
CA LEU B 66 -1.83 2.69 1.04
C LEU B 66 -1.00 3.75 1.75
N VAL B 67 -0.31 4.58 0.98
CA VAL B 67 0.52 5.63 1.53
C VAL B 67 -0.27 6.49 2.53
N ARG B 68 -1.44 6.95 2.10
CA ARG B 68 -2.29 7.78 2.96
C ARG B 68 -2.89 6.94 4.08
N ALA B 69 -3.12 5.67 3.81
CA ALA B 69 -3.69 4.77 4.79
C ALA B 69 -2.87 4.76 6.09
N TYR B 70 -1.56 4.59 5.94
CA TYR B 70 -0.66 4.55 7.09
C TYR B 70 -0.69 5.88 7.83
N HIS B 71 -0.55 6.97 7.09
CA HIS B 71 -0.55 8.30 7.68
C HIS B 71 -1.91 8.61 8.32
N ALA B 72 -2.94 7.90 7.87
CA ALA B 72 -4.29 8.09 8.41
C ALA B 72 -4.29 7.98 9.92
N MET B 73 -3.51 7.06 10.45
CA MET B 73 -3.43 6.85 11.90
C MET B 73 -2.82 8.08 12.58
N SER B 74 -1.76 8.62 12.01
CA SER B 74 -1.10 9.78 12.57
C SER B 74 -1.80 11.07 12.14
N SER B 75 -2.88 10.92 11.37
CA SER B 75 -3.64 12.06 10.89
C SER B 75 -4.03 12.97 12.04
N THR B 76 -4.20 12.38 13.22
CA THR B 76 -4.58 13.15 14.40
C THR B 76 -3.64 14.33 14.62
N HIS B 77 -2.40 14.19 14.18
CA HIS B 77 -1.41 15.24 14.32
C HIS B 77 -1.90 16.54 13.67
N GLU B 78 -2.80 16.41 12.71
CA GLU B 78 -3.34 17.57 12.01
C GLU B 78 -4.03 18.51 12.99
N ALA B 79 -4.43 17.98 14.14
CA ALA B 79 -5.10 18.77 15.16
C ALA B 79 -4.32 20.04 15.47
N ASN B 80 -3.00 19.97 15.34
CA ASN B 80 -2.13 21.12 15.59
C ASN B 80 -2.47 22.27 14.66
N THR B 81 -2.42 22.01 13.35
CA THR B 81 -2.71 23.02 12.35
C THR B 81 -4.20 23.31 12.29
N MET B 82 -5.01 22.34 12.70
CA MET B 82 -6.45 22.49 12.68
C MET B 82 -6.88 23.77 13.38
N ALA B 83 -6.10 24.20 14.36
CA ALA B 83 -6.39 25.42 15.11
C ALA B 83 -6.62 26.59 14.16
N MET B 84 -5.87 26.62 13.07
CA MET B 84 -6.00 27.70 12.09
C MET B 84 -5.91 29.07 12.76
N MET B 85 -4.87 29.26 13.56
CA MET B 85 -4.67 30.53 14.26
C MET B 85 -3.76 31.45 13.46
N ALA B 86 -2.84 30.87 12.72
CA ALA B 86 -1.90 31.64 11.90
C ALA B 86 -2.47 31.89 10.51
N ARG B 87 -3.28 30.95 10.02
CA ARG B 87 -3.88 31.07 8.70
C ARG B 87 -4.95 32.16 8.69
N ASP B 88 -6.10 31.84 9.29
CA ASP B 88 -7.21 32.79 9.35
C ASP B 88 -7.63 33.23 7.96
N THR B 89 -8.42 32.40 7.30
CA THR B 89 -8.89 32.69 5.95
C THR B 89 -10.37 33.09 5.95
N ALA B 90 -11.13 32.50 6.88
CA ALA B 90 -12.55 32.79 6.99
C ALA B 90 -12.80 33.94 7.96
N GLU B 91 -11.85 34.16 8.86
CA GLU B 91 -11.97 35.24 9.86
C GLU B 91 -11.73 36.59 9.20
N ALA B 92 -10.54 36.78 8.66
CA ALA B 92 -10.19 38.04 8.00
C ALA B 92 -11.08 38.31 6.81
N ALA B 93 -11.64 37.25 6.24
CA ALA B 93 -12.52 37.37 5.08
C ALA B 93 -13.95 37.67 5.51
N LYS B 94 -14.29 37.27 6.73
CA LYS B 94 -15.63 37.49 7.26
C LYS B 94 -16.02 38.96 7.17
N TRP B 95 -17.31 39.23 7.13
CA TRP B 95 -17.81 40.59 7.05
C TRP B 95 -18.74 40.92 8.21
N GLY B 96 -18.43 41.98 8.94
CA GLY B 96 -19.25 42.38 10.07
C GLY B 96 -18.42 42.86 11.24
N GLY B 97 -18.70 44.07 11.71
CA GLY B 97 -17.96 44.62 12.84
C GLY B 97 -17.69 46.11 12.67
N MET A 1 45.37 -0.41 -11.24
CA MET A 1 45.00 0.40 -10.10
C MET A 1 43.48 0.57 -10.02
N SER A 2 42.90 0.07 -8.94
CA SER A 2 41.45 0.14 -8.74
C SER A 2 40.71 -0.55 -9.87
N LEU A 3 40.39 -1.83 -9.66
CA LEU A 3 39.68 -2.61 -10.66
C LEU A 3 38.17 -2.53 -10.44
N LEU A 4 37.47 -1.91 -11.37
CA LEU A 4 36.02 -1.76 -11.30
C LEU A 4 35.32 -2.72 -12.25
N ASP A 5 34.00 -2.72 -12.22
CA ASP A 5 33.21 -3.58 -13.08
C ASP A 5 33.61 -5.05 -12.91
N ALA A 6 33.88 -5.44 -11.67
CA ALA A 6 34.29 -6.81 -11.37
C ALA A 6 33.07 -7.70 -11.19
N HIS A 7 32.14 -7.28 -10.34
CA HIS A 7 30.93 -8.04 -10.07
C HIS A 7 29.81 -7.15 -9.57
N ILE A 8 29.15 -6.45 -10.49
CA ILE A 8 28.06 -5.54 -10.14
C ILE A 8 26.77 -5.94 -10.85
N PRO A 9 25.63 -5.61 -10.23
CA PRO A 9 24.31 -5.92 -10.77
C PRO A 9 23.99 -5.09 -12.02
N GLN A 10 24.43 -5.57 -13.17
CA GLN A 10 24.18 -4.87 -14.43
C GLN A 10 23.19 -5.62 -15.30
N LEU A 11 23.33 -6.94 -15.35
CA LEU A 11 22.45 -7.78 -16.14
C LEU A 11 21.87 -8.91 -15.30
N VAL A 12 21.77 -8.67 -13.99
CA VAL A 12 21.23 -9.66 -13.07
C VAL A 12 19.71 -9.52 -12.94
N ALA A 13 19.09 -10.52 -12.32
CA ALA A 13 17.64 -10.50 -12.14
C ALA A 13 16.91 -10.23 -13.46
N SER A 14 17.50 -10.70 -14.55
CA SER A 14 16.92 -10.51 -15.87
C SER A 14 15.84 -11.55 -16.14
N GLN A 15 16.05 -12.75 -15.61
CA GLN A 15 15.09 -13.83 -15.79
C GLN A 15 13.77 -13.52 -15.10
N SER A 16 13.85 -12.79 -14.00
CA SER A 16 12.66 -12.42 -13.24
C SER A 16 12.94 -11.25 -12.31
N ALA A 17 12.53 -10.07 -12.72
CA ALA A 17 12.74 -8.86 -11.92
C ALA A 17 11.45 -8.40 -11.27
N PHE A 18 10.32 -8.75 -11.89
CA PHE A 18 9.01 -8.37 -11.36
C PHE A 18 8.69 -9.14 -10.09
N ALA A 19 8.97 -10.44 -10.09
CA ALA A 19 8.72 -11.28 -8.94
C ALA A 19 9.52 -10.81 -7.72
N ALA A 20 10.77 -10.45 -7.95
CA ALA A 20 11.64 -9.97 -6.88
C ALA A 20 11.00 -8.79 -6.14
N LYS A 21 10.35 -7.92 -6.89
CA LYS A 21 9.70 -6.75 -6.32
C LYS A 21 8.39 -7.14 -5.64
N ALA A 22 7.76 -8.20 -6.13
CA ALA A 22 6.50 -8.68 -5.57
C ALA A 22 6.67 -9.09 -4.12
N GLY A 23 7.67 -9.92 -3.86
CA GLY A 23 7.91 -10.38 -2.51
C GLY A 23 8.49 -9.29 -1.61
N LEU A 24 9.16 -8.33 -2.23
CA LEU A 24 9.75 -7.22 -1.49
C LEU A 24 8.70 -6.19 -1.09
N MET A 25 7.65 -6.10 -1.90
CA MET A 25 6.57 -5.15 -1.63
C MET A 25 5.97 -5.40 -0.25
N ARG A 26 5.47 -6.61 -0.03
CA ARG A 26 4.86 -6.97 1.26
C ARG A 26 5.86 -6.79 2.39
N HIS A 27 7.10 -7.21 2.16
CA HIS A 27 8.15 -7.11 3.16
C HIS A 27 8.30 -5.66 3.64
N THR A 28 7.92 -4.72 2.78
CA THR A 28 8.02 -3.30 3.10
C THR A 28 6.87 -2.87 4.01
N ILE A 29 5.67 -3.38 3.73
CA ILE A 29 4.50 -3.05 4.53
C ILE A 29 4.64 -3.57 5.96
N GLY A 30 5.05 -4.83 6.08
CA GLY A 30 5.22 -5.42 7.39
C GLY A 30 6.33 -4.78 8.19
N GLN A 31 7.32 -4.24 7.49
CA GLN A 31 8.46 -3.59 8.15
C GLN A 31 8.03 -2.27 8.78
N ALA A 32 7.11 -1.58 8.11
CA ALA A 32 6.62 -0.30 8.60
C ALA A 32 5.68 -0.49 9.78
N GLU A 33 4.91 -1.57 9.75
CA GLU A 33 3.97 -1.87 10.82
C GLU A 33 4.70 -2.17 12.13
N GLN A 34 5.83 -2.85 12.02
CA GLN A 34 6.63 -3.20 13.19
C GLN A 34 6.93 -1.97 14.04
N ALA A 35 7.09 -0.83 13.37
CA ALA A 35 7.37 0.42 14.07
C ALA A 35 6.15 0.91 14.83
N ALA A 36 4.96 0.69 14.26
CA ALA A 36 3.73 1.12 14.88
C ALA A 36 3.56 0.49 16.27
N MET A 37 4.02 -0.75 16.41
CA MET A 37 3.93 -1.46 17.68
C MET A 37 4.65 -0.69 18.79
N SER A 38 5.85 -0.21 18.48
CA SER A 38 6.64 0.54 19.45
C SER A 38 5.87 1.76 19.95
N ALA A 39 5.21 2.46 19.03
CA ALA A 39 4.44 3.64 19.39
C ALA A 39 3.26 3.28 20.28
N GLN A 40 2.78 2.05 20.16
CA GLN A 40 1.66 1.58 20.96
C GLN A 40 2.14 1.05 22.31
N ALA A 41 3.45 0.96 22.47
CA ALA A 41 4.04 0.47 23.71
C ALA A 41 3.62 1.33 24.89
N PHE A 42 3.21 2.56 24.61
CA PHE A 42 2.79 3.50 25.65
C PHE A 42 1.75 2.85 26.56
N HIS A 43 0.95 1.95 25.99
CA HIS A 43 -0.09 1.26 26.76
C HIS A 43 -0.41 -0.09 26.13
N GLN A 44 -0.69 -0.10 24.84
CA GLN A 44 -1.01 -1.33 24.13
C GLN A 44 -2.30 -1.96 24.69
N GLY A 45 -3.19 -1.13 25.21
CA GLY A 45 -4.44 -1.61 25.75
C GLY A 45 -5.32 -0.50 26.26
N GLU A 46 -5.27 0.64 25.58
CA GLU A 46 -6.09 1.80 25.96
C GLU A 46 -7.39 1.84 25.16
N SER A 47 -7.27 2.08 23.86
CA SER A 47 -8.43 2.15 22.98
C SER A 47 -8.05 1.81 21.55
N SER A 48 -7.23 2.65 20.94
CA SER A 48 -6.78 2.44 19.57
C SER A 48 -7.97 2.49 18.60
N ALA A 49 -8.91 3.39 18.87
CA ALA A 49 -10.08 3.55 18.03
C ALA A 49 -9.72 4.16 16.68
N ALA A 50 -9.12 5.34 16.71
CA ALA A 50 -8.71 6.03 15.49
C ALA A 50 -7.59 5.28 14.78
N PHE A 51 -6.76 4.60 15.55
CA PHE A 51 -5.65 3.84 15.00
C PHE A 51 -6.15 2.62 14.23
N GLN A 52 -7.24 2.04 14.71
CA GLN A 52 -7.82 0.87 14.06
C GLN A 52 -8.28 1.20 12.64
N ALA A 53 -9.09 2.23 12.50
CA ALA A 53 -9.59 2.65 11.20
C ALA A 53 -8.45 2.84 10.21
N ALA A 54 -7.41 3.55 10.65
CA ALA A 54 -6.24 3.80 9.80
C ALA A 54 -5.54 2.51 9.44
N HIS A 55 -5.50 1.57 10.38
CA HIS A 55 -4.85 0.28 10.16
C HIS A 55 -5.66 -0.57 9.18
N ALA A 56 -6.98 -0.51 9.30
CA ALA A 56 -7.87 -1.27 8.43
C ALA A 56 -7.87 -0.69 7.01
N ARG A 57 -7.69 0.62 6.92
CA ARG A 57 -7.69 1.29 5.63
C ARG A 57 -6.51 0.83 4.77
N PHE A 58 -5.36 0.62 5.41
CA PHE A 58 -4.17 0.18 4.71
C PHE A 58 -4.35 -1.23 4.15
N VAL A 59 -4.73 -2.16 5.02
CA VAL A 59 -4.94 -3.54 4.61
C VAL A 59 -6.02 -3.63 3.54
N ALA A 60 -7.00 -2.74 3.62
CA ALA A 60 -8.09 -2.72 2.65
C ALA A 60 -7.59 -2.36 1.26
N ALA A 61 -6.63 -1.44 1.20
CA ALA A 61 -6.06 -1.01 -0.07
C ALA A 61 -5.04 -2.02 -0.60
N ALA A 62 -4.28 -2.61 0.33
CA ALA A 62 -3.27 -3.59 -0.03
C ALA A 62 -3.86 -4.69 -0.91
N ALA A 63 -5.14 -4.98 -0.70
CA ALA A 63 -5.82 -6.01 -1.48
C ALA A 63 -5.75 -5.72 -2.96
N LYS A 64 -5.79 -4.44 -3.32
CA LYS A 64 -5.72 -4.03 -4.72
C LYS A 64 -4.33 -4.24 -5.28
N VAL A 65 -3.32 -3.76 -4.56
CA VAL A 65 -1.94 -3.90 -5.00
C VAL A 65 -1.56 -5.37 -5.15
N ASN A 66 -1.95 -6.19 -4.17
CA ASN A 66 -1.66 -7.61 -4.22
C ASN A 66 -2.27 -8.27 -5.45
N THR A 67 -3.49 -7.88 -5.77
CA THR A 67 -4.19 -8.43 -6.93
C THR A 67 -3.59 -7.92 -8.23
N LEU A 68 -3.07 -6.70 -8.20
CA LEU A 68 -2.44 -6.11 -9.38
C LEU A 68 -1.05 -6.69 -9.62
N LEU A 69 -0.43 -7.15 -8.54
CA LEU A 69 0.91 -7.73 -8.63
C LEU A 69 0.85 -9.12 -9.25
N ASP A 70 -0.26 -9.81 -9.04
CA ASP A 70 -0.44 -11.15 -9.58
C ASP A 70 -0.84 -11.10 -11.05
N VAL A 71 -1.90 -10.34 -11.35
CA VAL A 71 -2.38 -10.21 -12.72
C VAL A 71 -1.26 -9.77 -13.65
N ALA A 72 -0.40 -8.87 -13.16
CA ALA A 72 0.71 -8.37 -13.95
C ALA A 72 1.62 -9.50 -14.41
N GLN A 73 2.07 -10.31 -13.45
CA GLN A 73 2.95 -11.43 -13.76
C GLN A 73 2.30 -12.37 -14.77
N ALA A 74 0.98 -12.50 -14.70
CA ALA A 74 0.24 -13.36 -15.60
C ALA A 74 0.13 -12.73 -16.99
N ASN A 75 0.16 -11.41 -17.03
CA ASN A 75 0.05 -10.69 -18.30
C ASN A 75 1.41 -10.62 -19.00
N LEU A 76 2.46 -10.34 -18.22
CA LEU A 76 3.80 -10.24 -18.77
C LEU A 76 4.44 -11.62 -18.88
N GLY A 77 3.93 -12.57 -18.10
CA GLY A 77 4.46 -13.92 -18.14
C GLY A 77 5.82 -14.02 -17.48
N GLU A 78 6.86 -13.60 -18.20
CA GLU A 78 8.22 -13.66 -17.69
C GLU A 78 8.31 -13.00 -16.32
N ALA A 79 7.45 -12.01 -16.08
CA ALA A 79 7.44 -11.30 -14.81
C ALA A 79 7.33 -12.27 -13.65
N ALA A 80 6.68 -13.41 -13.88
CA ALA A 80 6.52 -14.43 -12.85
C ALA A 80 7.73 -15.35 -12.78
N GLY A 81 7.91 -16.16 -13.81
CA GLY A 81 9.04 -17.08 -13.85
C GLY A 81 8.84 -18.21 -14.84
N THR A 82 7.59 -18.68 -14.94
CA THR A 82 7.27 -19.77 -15.85
C THR A 82 5.77 -20.05 -15.86
N TYR A 83 5.32 -20.85 -16.82
CA TYR A 83 3.91 -21.19 -16.94
C TYR A 83 3.73 -22.42 -17.84
N VAL A 84 2.61 -23.11 -17.65
CA VAL A 84 2.30 -24.30 -18.44
C VAL A 84 2.09 -23.95 -19.91
N ALA A 85 3.16 -23.96 -20.68
CA ALA A 85 3.09 -23.65 -22.10
C ALA A 85 2.60 -24.84 -22.91
N ALA A 86 1.30 -25.09 -22.85
CA ALA A 86 0.70 -26.21 -23.58
C ALA A 86 -0.23 -25.71 -24.67
N ASP A 87 -0.81 -24.53 -24.46
CA ASP A 87 -1.72 -23.95 -25.44
C ASP A 87 -2.95 -24.83 -25.63
N ALA A 88 -3.89 -24.37 -26.45
CA ALA A 88 -5.11 -25.11 -26.73
C ALA A 88 -5.98 -24.40 -27.75
N ALA A 89 -5.97 -23.06 -27.68
CA ALA A 89 -6.77 -22.26 -28.61
C ALA A 89 -6.40 -22.55 -30.06
N ALA A 90 -5.17 -23.02 -30.27
CA ALA A 90 -4.69 -23.34 -31.60
C ALA A 90 -5.63 -24.31 -32.31
N ALA A 91 -6.35 -25.12 -31.52
CA ALA A 91 -7.29 -26.08 -32.07
C ALA A 91 -8.30 -25.40 -32.98
N SER A 92 -8.71 -24.20 -32.61
CA SER A 92 -9.70 -23.45 -33.39
C SER A 92 -10.99 -24.23 -33.54
N THR A 93 -11.95 -23.96 -32.67
CA THR A 93 -13.23 -24.65 -32.71
C THR A 93 -14.38 -23.69 -32.38
N TYR A 94 -14.18 -22.41 -32.70
CA TYR A 94 -15.19 -21.39 -32.45
C TYR A 94 -14.76 -20.05 -33.03
N THR A 95 -15.64 -19.47 -33.86
CA THR A 95 -15.36 -18.19 -34.49
C THR A 95 -14.04 -18.22 -35.25
N GLY A 96 -13.65 -17.08 -35.81
CA GLY A 96 -12.41 -17.00 -36.57
C GLY A 96 -12.49 -17.73 -37.90
N PHE A 97 -12.21 -19.02 -37.87
CA PHE A 97 -12.25 -19.84 -39.08
C PHE A 97 -13.67 -19.99 -39.59
N SER B 1 2.23 19.46 24.54
CA SER B 1 2.06 20.89 24.75
C SER B 1 0.58 21.27 24.73
N MET B 2 0.23 22.27 25.54
CA MET B 2 -1.16 22.73 25.63
C MET B 2 -2.07 21.60 26.10
N SER B 3 -1.96 21.26 27.38
CA SER B 3 -2.79 20.20 27.95
C SER B 3 -3.71 20.74 29.02
N GLN B 4 -3.33 21.88 29.62
CA GLN B 4 -4.13 22.51 30.66
C GLN B 4 -5.12 23.49 30.06
N ILE B 5 -5.26 23.45 28.74
CA ILE B 5 -6.19 24.35 28.04
C ILE B 5 -7.62 23.85 28.16
N MET B 6 -7.91 22.73 27.50
CA MET B 6 -9.25 22.16 27.53
C MET B 6 -9.22 20.69 27.09
N TYR B 7 -8.32 19.92 27.68
CA TYR B 7 -8.18 18.51 27.34
C TYR B 7 -8.35 17.64 28.58
N ASN B 8 -8.15 16.34 28.42
CA ASN B 8 -8.27 15.40 29.53
C ASN B 8 -7.42 14.15 29.29
N TYR B 9 -7.87 13.29 28.38
CA TYR B 9 -7.15 12.07 28.05
C TYR B 9 -6.88 11.98 26.55
N PRO B 10 -5.70 12.44 26.12
CA PRO B 10 -5.31 12.42 24.72
C PRO B 10 -5.03 11.00 24.22
N ALA B 11 -6.09 10.32 23.81
CA ALA B 11 -5.97 8.95 23.30
C ALA B 11 -5.42 8.94 21.88
N MET B 12 -6.08 9.66 20.99
CA MET B 12 -5.66 9.74 19.60
C MET B 12 -4.61 10.83 19.40
N LEU B 13 -4.65 11.85 20.27
CA LEU B 13 -3.70 12.94 20.18
C LEU B 13 -2.30 12.49 20.58
N GLY B 14 -1.29 13.12 19.98
CA GLY B 14 0.09 12.76 20.28
C GLY B 14 0.98 13.98 20.46
N HIS B 15 2.23 13.86 20.06
CA HIS B 15 3.18 14.95 20.19
C HIS B 15 3.93 15.18 18.88
N ALA B 16 4.57 14.14 18.38
CA ALA B 16 5.33 14.22 17.13
C ALA B 16 5.77 12.84 16.66
N GLY B 17 6.44 12.80 15.52
CA GLY B 17 6.91 11.53 14.97
C GLY B 17 7.30 11.63 13.52
N ASP B 18 8.14 10.71 13.07
CA ASP B 18 8.59 10.71 11.68
C ASP B 18 7.84 9.66 10.87
N MET B 19 6.51 9.71 10.92
CA MET B 19 5.68 8.76 10.19
C MET B 19 5.58 9.14 8.71
N ALA B 20 5.71 10.43 8.43
CA ALA B 20 5.64 10.92 7.06
C ALA B 20 6.64 10.20 6.17
N GLY B 21 7.82 9.90 6.72
CA GLY B 21 8.84 9.23 5.96
C GLY B 21 8.46 7.81 5.59
N TYR B 22 7.87 7.09 6.55
CA TYR B 22 7.45 5.71 6.33
C TYR B 22 6.41 5.63 5.21
N ALA B 23 5.39 6.48 5.32
CA ALA B 23 4.32 6.50 4.32
C ALA B 23 4.88 6.65 2.91
N GLY B 24 5.96 7.43 2.79
CA GLY B 24 6.58 7.64 1.49
C GLY B 24 7.35 6.43 1.02
N THR B 25 7.79 5.60 1.96
CA THR B 25 8.55 4.40 1.63
C THR B 25 7.78 3.52 0.66
N LEU B 26 6.49 3.35 0.90
CA LEU B 26 5.65 2.53 0.03
C LEU B 26 5.47 3.19 -1.33
N GLN B 27 5.31 4.51 -1.33
CA GLN B 27 5.12 5.26 -2.57
C GLN B 27 6.23 4.94 -3.57
N SER B 28 7.46 4.92 -3.09
CA SER B 28 8.61 4.64 -3.95
C SER B 28 8.70 3.15 -4.24
N LEU B 29 8.44 2.33 -3.22
CA LEU B 29 8.48 0.87 -3.37
C LEU B 29 7.55 0.41 -4.49
N GLY B 30 6.29 0.83 -4.41
CA GLY B 30 5.32 0.44 -5.42
C GLY B 30 5.63 1.03 -6.78
N ALA B 31 6.17 2.24 -6.79
CA ALA B 31 6.52 2.91 -8.03
C ALA B 31 7.47 2.06 -8.87
N GLU B 32 8.32 1.31 -8.19
CA GLU B 32 9.29 0.44 -8.87
C GLU B 32 8.57 -0.62 -9.71
N ILE B 33 7.45 -1.10 -9.21
CA ILE B 33 6.66 -2.12 -9.91
C ILE B 33 5.94 -1.52 -11.11
N ALA B 34 5.38 -0.33 -10.92
CA ALA B 34 4.66 0.35 -12.00
C ALA B 34 5.57 0.62 -13.19
N VAL B 35 6.79 1.09 -12.91
CA VAL B 35 7.76 1.38 -13.96
C VAL B 35 8.26 0.11 -14.61
N GLU B 36 8.32 -0.97 -13.83
CA GLU B 36 8.80 -2.25 -14.33
C GLU B 36 7.89 -2.77 -15.44
N GLN B 37 6.59 -2.84 -15.15
CA GLN B 37 5.61 -3.32 -16.12
C GLN B 37 5.40 -2.29 -17.22
N ALA B 38 5.56 -1.01 -16.88
CA ALA B 38 5.39 0.07 -17.85
C ALA B 38 6.33 -0.10 -19.04
N ALA B 39 7.46 -0.77 -18.80
CA ALA B 39 8.44 -1.00 -19.86
C ALA B 39 8.10 -2.25 -20.66
N LEU B 40 7.36 -3.16 -20.04
CA LEU B 40 6.97 -4.41 -20.69
C LEU B 40 5.57 -4.29 -21.28
N GLN B 41 5.15 -3.07 -21.57
CA GLN B 41 3.83 -2.82 -22.14
C GLN B 41 3.60 -3.71 -23.36
N SER B 42 4.55 -3.71 -24.28
CA SER B 42 4.44 -4.50 -25.50
C SER B 42 4.34 -5.99 -25.17
N ALA B 43 4.86 -6.37 -24.01
CA ALA B 43 4.83 -7.75 -23.57
C ALA B 43 3.47 -8.11 -22.97
N TRP B 44 2.75 -7.09 -22.51
CA TRP B 44 1.43 -7.30 -21.91
C TRP B 44 0.54 -8.13 -22.83
N GLN B 45 -0.34 -8.92 -22.24
CA GLN B 45 -1.26 -9.77 -23.00
C GLN B 45 -2.67 -9.21 -22.97
N GLY B 46 -3.10 -8.75 -21.79
CA GLY B 46 -4.43 -8.19 -21.65
C GLY B 46 -5.51 -9.22 -21.89
N ASP B 47 -5.12 -10.48 -21.89
CA ASP B 47 -6.07 -11.57 -22.11
C ASP B 47 -6.26 -12.40 -20.84
N THR B 48 -5.99 -11.78 -19.69
CA THR B 48 -6.13 -12.45 -18.41
C THR B 48 -7.20 -11.79 -17.55
N GLY B 49 -7.42 -10.50 -17.77
CA GLY B 49 -8.42 -9.78 -17.02
C GLY B 49 -8.19 -8.28 -17.02
N ILE B 50 -6.95 -7.88 -16.75
CA ILE B 50 -6.60 -6.46 -16.73
C ILE B 50 -5.79 -6.07 -17.97
N THR B 51 -6.05 -4.89 -18.49
CA THR B 51 -5.36 -4.40 -19.67
C THR B 51 -4.18 -3.51 -19.29
N TYR B 52 -3.32 -3.22 -20.26
CA TYR B 52 -2.15 -2.38 -20.02
C TYR B 52 -2.56 -0.99 -19.54
N GLN B 53 -3.61 -0.45 -20.14
CA GLN B 53 -4.11 0.87 -19.77
C GLN B 53 -4.85 0.82 -18.44
N ALA B 54 -5.67 -0.22 -18.26
CA ALA B 54 -6.43 -0.37 -17.03
C ALA B 54 -5.51 -0.55 -15.83
N TRP B 55 -4.55 -1.47 -15.96
CA TRP B 55 -3.61 -1.74 -14.89
C TRP B 55 -2.91 -0.46 -14.44
N GLN B 56 -2.30 0.24 -15.39
CA GLN B 56 -1.59 1.48 -15.09
C GLN B 56 -2.50 2.45 -14.33
N ALA B 57 -3.80 2.34 -14.58
CA ALA B 57 -4.77 3.21 -13.92
C ALA B 57 -5.17 2.64 -12.56
N GLN B 58 -5.10 1.32 -12.42
CA GLN B 58 -5.46 0.66 -11.18
C GLN B 58 -4.36 0.83 -10.13
N TRP B 59 -3.14 0.48 -10.51
CA TRP B 59 -2.00 0.60 -9.61
C TRP B 59 -1.92 1.99 -9.00
N ASN B 60 -2.06 3.00 -9.86
CA ASN B 60 -2.00 4.39 -9.40
C ASN B 60 -2.95 4.62 -8.24
N GLN B 61 -4.22 4.27 -8.43
CA GLN B 61 -5.23 4.43 -7.40
C GLN B 61 -4.84 3.69 -6.13
N ALA B 62 -4.43 2.43 -6.28
CA ALA B 62 -4.03 1.61 -5.15
C ALA B 62 -2.90 2.28 -4.36
N MET B 63 -1.83 2.62 -5.06
CA MET B 63 -0.68 3.26 -4.44
C MET B 63 -1.10 4.50 -3.65
N GLU B 64 -1.75 5.43 -4.33
CA GLU B 64 -2.21 6.66 -3.69
C GLU B 64 -3.04 6.35 -2.45
N ASP B 65 -3.77 5.24 -2.49
CA ASP B 65 -4.59 4.82 -1.37
C ASP B 65 -3.75 4.41 -0.18
N LEU B 66 -2.73 3.60 -0.44
CA LEU B 66 -1.83 3.12 0.61
C LEU B 66 -1.10 4.29 1.27
N VAL B 67 -0.69 5.25 0.45
CA VAL B 67 0.02 6.43 0.96
C VAL B 67 -0.77 7.11 2.07
N ARG B 68 -2.04 7.42 1.78
CA ARG B 68 -2.89 8.08 2.76
C ARG B 68 -3.27 7.12 3.89
N ALA B 69 -3.35 5.84 3.55
CA ALA B 69 -3.70 4.81 4.54
C ALA B 69 -2.74 4.86 5.73
N TYR B 70 -1.46 5.02 5.45
CA TYR B 70 -0.44 5.06 6.50
C TYR B 70 -0.48 6.41 7.22
N HIS B 71 -0.43 7.49 6.45
CA HIS B 71 -0.45 8.83 7.01
C HIS B 71 -1.71 9.06 7.85
N ALA B 72 -2.75 8.26 7.56
CA ALA B 72 -4.00 8.37 8.29
C ALA B 72 -3.78 8.29 9.80
N MET B 73 -2.88 7.40 10.21
CA MET B 73 -2.57 7.23 11.63
C MET B 73 -1.93 8.48 12.20
N SER B 74 -1.00 9.07 11.44
CA SER B 74 -0.31 10.27 11.88
C SER B 74 -1.15 11.52 11.59
N SER B 75 -2.33 11.31 11.01
CA SER B 75 -3.23 12.41 10.68
C SER B 75 -3.54 13.25 11.91
N THR B 76 -3.48 12.62 13.09
CA THR B 76 -3.75 13.31 14.34
C THR B 76 -2.68 14.35 14.64
N HIS B 77 -1.57 14.28 13.91
CA HIS B 77 -0.47 15.22 14.11
C HIS B 77 -0.97 16.66 14.04
N GLU B 78 -1.82 16.95 13.05
CA GLU B 78 -2.36 18.29 12.87
C GLU B 78 -3.54 18.51 13.81
N ALA B 79 -4.10 17.43 14.33
CA ALA B 79 -5.25 17.52 15.24
C ALA B 79 -4.98 18.50 16.37
N ASN B 80 -3.70 18.63 16.73
CA ASN B 80 -3.31 19.55 17.80
C ASN B 80 -3.53 21.00 17.40
N THR B 81 -3.24 21.30 16.13
CA THR B 81 -3.40 22.65 15.62
C THR B 81 -4.85 23.11 15.72
N MET B 82 -5.77 22.15 15.77
CA MET B 82 -7.19 22.45 15.87
C MET B 82 -7.46 23.42 17.01
N ALA B 83 -6.63 23.34 18.05
CA ALA B 83 -6.79 24.22 19.21
C ALA B 83 -6.45 25.67 18.85
N MET B 84 -5.42 25.85 18.03
CA MET B 84 -5.01 27.18 17.61
C MET B 84 -6.14 27.90 16.90
N MET B 85 -6.01 29.22 16.76
CA MET B 85 -7.02 30.03 16.09
C MET B 85 -6.72 30.16 14.61
N ALA B 86 -5.45 30.04 14.26
CA ALA B 86 -5.03 30.14 12.86
C ALA B 86 -5.84 29.21 11.97
N ARG B 87 -5.95 27.96 12.38
CA ARG B 87 -6.70 26.96 11.62
C ARG B 87 -8.19 27.34 11.56
N ASP B 88 -8.87 27.21 12.68
CA ASP B 88 -10.29 27.53 12.76
C ASP B 88 -11.08 26.75 11.71
N THR B 89 -11.58 25.59 12.09
CA THR B 89 -12.36 24.74 11.19
C THR B 89 -13.81 24.62 11.66
N ALA B 90 -13.99 24.36 12.94
CA ALA B 90 -15.32 24.22 13.51
C ALA B 90 -15.86 25.57 13.99
N GLU B 91 -14.95 26.48 14.32
CA GLU B 91 -15.33 27.81 14.78
C GLU B 91 -15.75 28.70 13.62
N ALA B 92 -15.07 28.55 12.49
CA ALA B 92 -15.38 29.34 11.30
C ALA B 92 -16.87 29.30 10.99
N ALA B 93 -17.41 28.11 10.77
CA ALA B 93 -18.82 27.95 10.48
C ALA B 93 -19.61 27.57 11.72
N LYS B 94 -19.22 26.47 12.35
CA LYS B 94 -19.89 26.00 13.56
C LYS B 94 -21.35 25.67 13.28
N TRP B 95 -21.96 24.88 14.16
CA TRP B 95 -23.35 24.49 14.00
C TRP B 95 -23.58 23.77 12.68
N GLY B 96 -23.22 22.49 12.64
CA GLY B 96 -23.39 21.71 11.43
C GLY B 96 -22.19 20.82 11.14
N GLY B 97 -22.11 19.68 11.82
CA GLY B 97 -21.00 18.77 11.62
C GLY B 97 -19.68 19.35 12.08
N MET A 1 22.58 10.28 0.85
CA MET A 1 23.35 9.13 0.40
C MET A 1 23.17 8.90 -1.10
N SER A 2 24.10 8.17 -1.70
CA SER A 2 24.04 7.89 -3.14
C SER A 2 24.53 6.46 -3.42
N LEU A 3 24.22 5.98 -4.63
CA LEU A 3 24.63 4.63 -5.03
C LEU A 3 24.32 4.40 -6.50
N LEU A 4 25.28 3.81 -7.21
CA LEU A 4 25.11 3.53 -8.63
C LEU A 4 24.71 2.07 -8.85
N ASP A 5 24.12 1.79 -10.01
CA ASP A 5 23.70 0.44 -10.34
C ASP A 5 22.66 -0.07 -9.34
N ALA A 6 21.61 0.72 -9.14
CA ALA A 6 20.55 0.36 -8.21
C ALA A 6 19.72 -0.81 -8.75
N HIS A 7 19.12 -0.60 -9.92
CA HIS A 7 18.29 -1.64 -10.54
C HIS A 7 18.21 -1.42 -12.05
N ILE A 8 19.33 -1.03 -12.66
CA ILE A 8 19.38 -0.78 -14.09
C ILE A 8 19.12 -2.08 -14.88
N PRO A 9 18.59 -1.93 -16.09
CA PRO A 9 18.29 -3.06 -16.97
C PRO A 9 19.56 -3.73 -17.50
N GLN A 10 20.10 -4.67 -16.72
CA GLN A 10 21.31 -5.38 -17.11
C GLN A 10 20.99 -6.80 -17.54
N LEU A 11 19.93 -7.37 -16.96
CA LEU A 11 19.51 -8.72 -17.28
C LEU A 11 18.00 -8.88 -17.14
N VAL A 12 17.27 -7.85 -17.55
CA VAL A 12 15.80 -7.88 -17.47
C VAL A 12 15.23 -9.06 -18.24
N ALA A 13 14.02 -9.45 -17.88
CA ALA A 13 13.36 -10.57 -18.55
C ALA A 13 13.99 -11.90 -18.16
N SER A 14 15.21 -12.12 -18.63
CA SER A 14 15.93 -13.37 -18.33
C SER A 14 15.97 -13.62 -16.83
N GLN A 15 16.54 -12.68 -16.09
CA GLN A 15 16.64 -12.80 -14.64
C GLN A 15 15.31 -12.45 -13.97
N SER A 16 14.52 -11.63 -14.65
CA SER A 16 13.23 -11.22 -14.11
C SER A 16 13.39 -10.42 -12.82
N ALA A 17 13.34 -9.10 -12.94
CA ALA A 17 13.48 -8.23 -11.78
C ALA A 17 12.13 -7.88 -11.17
N PHE A 18 11.09 -7.94 -12.00
CA PHE A 18 9.74 -7.63 -11.55
C PHE A 18 9.38 -8.44 -10.30
N ALA A 19 9.62 -9.75 -10.37
CA ALA A 19 9.33 -10.63 -9.25
C ALA A 19 10.05 -10.18 -7.99
N ALA A 20 11.34 -9.90 -8.12
CA ALA A 20 12.15 -9.46 -6.99
C ALA A 20 11.53 -8.23 -6.32
N LYS A 21 11.11 -7.28 -7.15
CA LYS A 21 10.50 -6.05 -6.64
C LYS A 21 9.17 -6.34 -5.95
N ALA A 22 8.47 -7.38 -6.43
CA ALA A 22 7.20 -7.76 -5.86
C ALA A 22 7.36 -8.22 -4.41
N GLY A 23 8.30 -9.13 -4.18
CA GLY A 23 8.53 -9.64 -2.85
C GLY A 23 8.99 -8.56 -1.89
N LEU A 24 9.67 -7.55 -2.41
CA LEU A 24 10.15 -6.44 -1.60
C LEU A 24 9.01 -5.53 -1.18
N MET A 25 7.94 -5.51 -1.97
CA MET A 25 6.77 -4.69 -1.69
C MET A 25 6.27 -4.93 -0.27
N ARG A 26 5.92 -6.18 0.02
CA ARG A 26 5.41 -6.56 1.33
C ARG A 26 6.46 -6.29 2.41
N HIS A 27 7.72 -6.56 2.09
CA HIS A 27 8.81 -6.35 3.03
C HIS A 27 8.78 -4.93 3.58
N THR A 28 8.56 -3.96 2.70
CA THR A 28 8.51 -2.56 3.11
C THR A 28 7.34 -2.30 4.05
N ILE A 29 6.23 -3.00 3.83
CA ILE A 29 5.05 -2.84 4.67
C ILE A 29 5.26 -3.50 6.04
N GLY A 30 5.96 -4.63 6.05
CA GLY A 30 6.21 -5.33 7.29
C GLY A 30 7.11 -4.55 8.23
N GLN A 31 8.13 -3.90 7.66
CA GLN A 31 9.07 -3.11 8.44
C GLN A 31 8.38 -1.88 9.03
N ALA A 32 7.67 -1.14 8.20
CA ALA A 32 6.97 0.06 8.63
C ALA A 32 5.98 -0.26 9.75
N GLU A 33 5.49 -1.50 9.75
CA GLU A 33 4.53 -1.93 10.77
C GLU A 33 5.13 -1.79 12.17
N GLN A 34 6.45 -1.96 12.27
CA GLN A 34 7.13 -1.87 13.55
C GLN A 34 6.79 -0.54 14.24
N ALA A 35 6.58 0.51 13.44
CA ALA A 35 6.25 1.82 13.98
C ALA A 35 4.81 1.88 14.44
N ALA A 36 3.94 1.13 13.76
CA ALA A 36 2.52 1.09 14.10
C ALA A 36 2.30 0.49 15.48
N MET A 37 3.29 -0.30 15.93
CA MET A 37 3.20 -0.94 17.24
C MET A 37 2.87 0.08 18.33
N SER A 38 3.31 1.31 18.14
CA SER A 38 3.06 2.38 19.10
C SER A 38 1.57 2.52 19.38
N ALA A 39 0.76 2.39 18.33
CA ALA A 39 -0.69 2.51 18.47
C ALA A 39 -1.29 1.24 19.07
N GLN A 40 -0.58 0.13 18.90
CA GLN A 40 -1.04 -1.15 19.43
C GLN A 40 -1.02 -1.15 20.96
N ALA A 41 -0.35 -0.15 21.54
CA ALA A 41 -0.25 -0.04 22.99
C ALA A 41 -1.64 -0.01 23.63
N PHE A 42 -2.56 0.71 23.01
CA PHE A 42 -3.92 0.82 23.53
C PHE A 42 -3.93 1.49 24.89
N HIS A 43 -3.66 0.71 25.93
CA HIS A 43 -3.65 1.23 27.30
C HIS A 43 -2.24 1.64 27.71
N GLN A 44 -1.25 1.04 27.06
CA GLN A 44 0.15 1.33 27.36
C GLN A 44 0.51 2.76 26.93
N GLY A 45 -0.21 3.25 25.92
CA GLY A 45 0.05 4.60 25.42
C GLY A 45 -1.21 5.43 25.31
N GLU A 46 -1.70 5.60 24.08
CA GLU A 46 -2.90 6.38 23.84
C GLU A 46 -3.29 6.32 22.37
N SER A 47 -3.85 5.19 21.95
CA SER A 47 -4.27 5.01 20.57
C SER A 47 -4.88 3.63 20.36
N SER A 48 -6.03 3.60 19.68
CA SER A 48 -6.73 2.34 19.42
C SER A 48 -8.00 2.58 18.61
N ALA A 49 -8.87 3.42 19.15
CA ALA A 49 -10.14 3.73 18.49
C ALA A 49 -9.90 4.18 17.05
N ALA A 50 -9.10 5.24 16.89
CA ALA A 50 -8.79 5.77 15.56
C ALA A 50 -7.74 4.91 14.86
N PHE A 51 -6.93 4.20 15.65
CA PHE A 51 -5.89 3.34 15.10
C PHE A 51 -6.50 2.18 14.32
N GLN A 52 -7.62 1.68 14.80
CA GLN A 52 -8.30 0.57 14.13
C GLN A 52 -8.75 0.96 12.74
N ALA A 53 -9.50 2.05 12.64
CA ALA A 53 -9.99 2.55 11.37
C ALA A 53 -8.87 2.66 10.35
N ALA A 54 -7.83 3.41 10.72
CA ALA A 54 -6.68 3.61 9.84
C ALA A 54 -5.98 2.28 9.54
N HIS A 55 -5.87 1.44 10.56
CA HIS A 55 -5.22 0.14 10.41
C HIS A 55 -5.97 -0.72 9.39
N ALA A 56 -7.30 -0.64 9.43
CA ALA A 56 -8.13 -1.43 8.52
C ALA A 56 -8.05 -0.87 7.10
N ARG A 57 -7.83 0.43 6.99
CA ARG A 57 -7.74 1.09 5.69
C ARG A 57 -6.51 0.60 4.92
N PHE A 58 -5.42 0.39 5.64
CA PHE A 58 -4.18 -0.08 5.04
C PHE A 58 -4.33 -1.49 4.49
N VAL A 59 -4.76 -2.41 5.36
CA VAL A 59 -4.96 -3.80 4.97
C VAL A 59 -5.96 -3.91 3.82
N ALA A 60 -6.94 -3.02 3.81
CA ALA A 60 -7.96 -3.02 2.76
C ALA A 60 -7.35 -2.68 1.41
N ALA A 61 -6.39 -1.74 1.40
CA ALA A 61 -5.72 -1.32 0.18
C ALA A 61 -4.65 -2.33 -0.23
N ALA A 62 -3.98 -2.90 0.75
CA ALA A 62 -2.93 -3.89 0.50
C ALA A 62 -3.44 -5.00 -0.41
N ALA A 63 -4.72 -5.32 -0.30
CA ALA A 63 -5.32 -6.36 -1.11
C ALA A 63 -5.30 -5.99 -2.60
N LYS A 64 -5.39 -4.70 -2.87
CA LYS A 64 -5.39 -4.21 -4.25
C LYS A 64 -3.98 -4.28 -4.84
N VAL A 65 -3.02 -3.69 -4.13
CA VAL A 65 -1.63 -3.69 -4.59
C VAL A 65 -1.08 -5.11 -4.67
N ASN A 66 -1.56 -5.98 -3.78
CA ASN A 66 -1.10 -7.36 -3.75
C ASN A 66 -1.60 -8.12 -4.98
N THR A 67 -2.91 -8.04 -5.23
CA THR A 67 -3.51 -8.72 -6.36
C THR A 67 -2.88 -8.27 -7.67
N LEU A 68 -2.83 -6.96 -7.88
CA LEU A 68 -2.25 -6.41 -9.10
C LEU A 68 -0.84 -6.94 -9.32
N LEU A 69 -0.08 -7.07 -8.24
CA LEU A 69 1.29 -7.58 -8.32
C LEU A 69 1.32 -8.95 -9.00
N ASP A 70 0.36 -9.79 -8.66
CA ASP A 70 0.28 -11.13 -9.25
C ASP A 70 -0.36 -11.08 -10.64
N VAL A 71 -1.27 -10.14 -10.83
CA VAL A 71 -1.95 -9.98 -12.11
C VAL A 71 -0.95 -9.65 -13.22
N ALA A 72 -0.14 -8.63 -12.98
CA ALA A 72 0.85 -8.20 -13.95
C ALA A 72 1.71 -9.38 -14.42
N GLN A 73 2.13 -10.20 -13.47
CA GLN A 73 2.96 -11.37 -13.77
C GLN A 73 2.20 -12.35 -14.66
N ALA A 74 0.89 -12.43 -14.46
CA ALA A 74 0.04 -13.34 -15.24
C ALA A 74 0.02 -12.92 -16.71
N ASN A 75 -0.29 -11.65 -16.95
CA ASN A 75 -0.36 -11.12 -18.31
C ASN A 75 1.02 -11.12 -18.96
N LEU A 76 2.04 -10.77 -18.18
CA LEU A 76 3.41 -10.74 -18.68
C LEU A 76 3.93 -12.15 -18.95
N GLY A 77 3.44 -13.11 -18.18
CA GLY A 77 3.87 -14.49 -18.33
C GLY A 77 5.28 -14.72 -17.85
N GLU A 78 6.26 -14.35 -18.67
CA GLU A 78 7.66 -14.52 -18.31
C GLU A 78 7.96 -13.90 -16.95
N ALA A 79 7.20 -12.86 -16.60
CA ALA A 79 7.38 -12.18 -15.33
C ALA A 79 7.38 -13.16 -14.16
N ALA A 80 6.23 -13.80 -13.94
CA ALA A 80 6.10 -14.77 -12.87
C ALA A 80 4.90 -15.69 -13.10
N GLY A 81 4.68 -16.62 -12.17
CA GLY A 81 3.58 -17.54 -12.29
C GLY A 81 2.25 -16.83 -12.52
N THR A 82 1.27 -17.58 -13.01
CA THR A 82 -0.05 -17.02 -13.27
C THR A 82 -1.11 -17.61 -12.35
N TYR A 83 -1.61 -16.80 -11.43
CA TYR A 83 -2.62 -17.25 -10.49
C TYR A 83 -3.80 -17.89 -11.21
N VAL A 84 -4.71 -18.47 -10.44
CA VAL A 84 -5.90 -19.13 -11.01
C VAL A 84 -6.94 -18.10 -11.41
N ALA A 85 -6.75 -17.49 -12.59
CA ALA A 85 -7.68 -16.49 -13.09
C ALA A 85 -8.83 -17.15 -13.84
N ALA A 86 -9.64 -17.93 -13.12
CA ALA A 86 -10.78 -18.60 -13.72
C ALA A 86 -11.97 -17.65 -13.88
N ASP A 87 -12.10 -16.72 -12.94
CA ASP A 87 -13.19 -15.75 -12.98
C ASP A 87 -14.53 -16.44 -12.88
N ALA A 88 -15.58 -15.67 -12.58
CA ALA A 88 -16.92 -16.21 -12.45
C ALA A 88 -17.97 -15.11 -12.58
N ALA A 89 -19.24 -15.51 -12.62
CA ALA A 89 -20.33 -14.56 -12.74
C ALA A 89 -20.66 -13.92 -11.39
N ALA A 90 -20.53 -14.72 -10.33
CA ALA A 90 -20.82 -14.24 -8.99
C ALA A 90 -19.78 -13.21 -8.54
N ALA A 91 -18.56 -13.35 -9.04
CA ALA A 91 -17.49 -12.43 -8.70
C ALA A 91 -17.89 -10.98 -8.99
N SER A 92 -18.25 -10.70 -10.23
CA SER A 92 -18.65 -9.36 -10.63
C SER A 92 -20.08 -9.07 -10.18
N THR A 93 -20.41 -7.77 -10.07
CA THR A 93 -21.73 -7.36 -9.66
C THR A 93 -22.39 -6.47 -10.71
N TYR A 94 -23.70 -6.63 -10.88
CA TYR A 94 -24.44 -5.85 -11.85
C TYR A 94 -23.91 -6.09 -13.26
N THR A 95 -24.58 -5.49 -14.25
CA THR A 95 -24.18 -5.64 -15.65
C THR A 95 -24.30 -4.33 -16.40
N GLY A 96 -23.77 -4.30 -17.62
CA GLY A 96 -23.83 -3.09 -18.42
C GLY A 96 -25.23 -2.77 -18.90
N PHE A 97 -25.47 -1.52 -19.26
CA PHE A 97 -26.77 -1.10 -19.75
C PHE A 97 -26.64 -0.35 -21.08
N SER B 1 -13.43 21.02 19.53
CA SER B 1 -13.04 21.99 20.54
C SER B 1 -12.01 21.39 21.51
N MET B 2 -11.07 20.63 20.95
CA MET B 2 -10.03 20.01 21.76
C MET B 2 -8.92 21.00 22.07
N SER B 3 -7.82 20.49 22.64
CA SER B 3 -6.68 21.33 23.00
C SER B 3 -6.99 22.15 24.25
N GLN B 4 -8.04 22.97 24.17
CA GLN B 4 -8.42 23.81 25.31
C GLN B 4 -8.97 22.96 26.45
N ILE B 5 -9.16 21.67 26.18
CA ILE B 5 -9.66 20.75 27.20
C ILE B 5 -8.75 20.71 28.41
N MET B 6 -7.59 20.09 28.25
CA MET B 6 -6.62 19.99 29.33
C MET B 6 -5.32 19.37 28.84
N TYR B 7 -4.72 20.00 27.83
CA TYR B 7 -3.47 19.52 27.27
C TYR B 7 -2.29 20.35 27.77
N ASN B 8 -1.10 19.74 27.76
CA ASN B 8 0.11 20.42 28.22
C ASN B 8 1.02 20.74 27.05
N TYR B 9 1.65 19.70 26.49
CA TYR B 9 2.54 19.88 25.36
C TYR B 9 2.15 18.96 24.19
N PRO B 10 2.63 19.30 23.00
CA PRO B 10 2.34 18.52 21.79
C PRO B 10 3.04 17.16 21.79
N ALA B 11 4.03 17.02 22.65
CA ALA B 11 4.78 15.77 22.75
C ALA B 11 3.84 14.59 22.95
N MET B 12 2.89 14.73 23.87
CA MET B 12 1.93 13.67 24.14
C MET B 12 1.19 13.27 22.87
N LEU B 13 0.69 14.26 22.14
CA LEU B 13 -0.03 14.00 20.90
C LEU B 13 0.88 13.38 19.85
N GLY B 14 1.78 14.19 19.29
CA GLY B 14 2.70 13.72 18.29
C GLY B 14 4.13 13.66 18.78
N HIS B 15 4.90 12.71 18.26
CA HIS B 15 6.29 12.55 18.65
C HIS B 15 7.19 12.34 17.44
N ALA B 16 8.01 13.34 17.14
CA ALA B 16 8.91 13.27 15.99
C ALA B 16 8.15 13.14 14.69
N GLY B 17 8.85 13.22 13.57
CA GLY B 17 8.22 13.10 12.27
C GLY B 17 8.97 12.18 11.34
N ASP B 18 9.43 11.05 11.87
CA ASP B 18 10.18 10.07 11.08
C ASP B 18 9.25 8.98 10.55
N MET B 19 8.15 8.74 11.29
CA MET B 19 7.20 7.72 10.90
C MET B 19 6.75 7.91 9.45
N ALA B 20 6.47 9.16 9.08
CA ALA B 20 6.04 9.47 7.72
C ALA B 20 7.03 8.94 6.70
N GLY B 21 8.30 8.90 7.08
CA GLY B 21 9.33 8.42 6.18
C GLY B 21 9.00 7.06 5.61
N TYR B 22 8.58 6.14 6.47
CA TYR B 22 8.24 4.79 6.05
C TYR B 22 7.24 4.80 4.90
N ALA B 23 6.10 5.46 5.14
CA ALA B 23 5.06 5.56 4.12
C ALA B 23 5.62 6.07 2.80
N GLY B 24 6.55 7.01 2.89
CA GLY B 24 7.15 7.56 1.69
C GLY B 24 7.80 6.50 0.82
N THR B 25 8.18 5.39 1.43
CA THR B 25 8.81 4.29 0.70
C THR B 25 7.79 3.51 -0.11
N LEU B 26 6.56 3.46 0.38
CA LEU B 26 5.49 2.74 -0.31
C LEU B 26 5.21 3.36 -1.67
N GLN B 27 5.19 4.69 -1.72
CA GLN B 27 4.94 5.40 -2.97
C GLN B 27 6.09 5.21 -3.95
N SER B 28 7.31 5.50 -3.49
CA SER B 28 8.49 5.36 -4.32
C SER B 28 8.67 3.93 -4.80
N LEU B 29 8.65 2.99 -3.86
CA LEU B 29 8.81 1.58 -4.18
C LEU B 29 7.78 1.14 -5.22
N GLY B 30 6.51 1.42 -4.94
CA GLY B 30 5.45 1.05 -5.86
C GLY B 30 5.72 1.53 -7.27
N ALA B 31 6.14 2.79 -7.40
CA ALA B 31 6.43 3.37 -8.71
C ALA B 31 7.41 2.49 -9.49
N GLU B 32 8.40 1.95 -8.78
CA GLU B 32 9.40 1.10 -9.40
C GLU B 32 8.75 -0.09 -10.12
N ILE B 33 7.67 -0.59 -9.53
CA ILE B 33 6.96 -1.72 -10.11
C ILE B 33 6.17 -1.30 -11.36
N ALA B 34 5.59 -0.11 -11.31
CA ALA B 34 4.82 0.41 -12.43
C ALA B 34 5.73 0.75 -13.61
N VAL B 35 6.97 1.13 -13.31
CA VAL B 35 7.93 1.47 -14.34
C VAL B 35 8.47 0.22 -15.04
N GLU B 36 8.64 -0.84 -14.26
CA GLU B 36 9.15 -2.10 -14.80
C GLU B 36 8.15 -2.72 -15.77
N GLN B 37 6.90 -2.84 -15.33
CA GLN B 37 5.86 -3.42 -16.16
C GLN B 37 5.59 -2.55 -17.40
N ALA B 38 5.81 -1.25 -17.25
CA ALA B 38 5.60 -0.32 -18.35
C ALA B 38 6.55 -0.60 -19.50
N ALA B 39 7.68 -1.22 -19.19
CA ALA B 39 8.68 -1.55 -20.21
C ALA B 39 8.27 -2.80 -20.99
N LEU B 40 7.52 -3.67 -20.34
CA LEU B 40 7.06 -4.90 -20.97
C LEU B 40 5.62 -4.76 -21.45
N GLN B 41 5.19 -3.53 -21.70
CA GLN B 41 3.84 -3.26 -22.17
C GLN B 41 3.55 -4.04 -23.45
N SER B 42 4.51 -4.04 -24.36
CA SER B 42 4.35 -4.74 -25.64
C SER B 42 4.03 -6.22 -25.41
N ALA B 43 4.46 -6.74 -24.27
CA ALA B 43 4.22 -8.13 -23.94
C ALA B 43 2.90 -8.30 -23.18
N TRP B 44 2.49 -7.24 -22.50
CA TRP B 44 1.24 -7.27 -21.74
C TRP B 44 0.08 -7.76 -22.59
N GLN B 45 -0.85 -8.47 -21.98
CA GLN B 45 -2.01 -8.99 -22.69
C GLN B 45 -3.26 -8.91 -21.82
N GLY B 46 -4.02 -7.83 -21.98
CA GLY B 46 -5.24 -7.66 -21.21
C GLY B 46 -6.36 -8.56 -21.68
N ASP B 47 -6.10 -9.32 -22.74
CA ASP B 47 -7.09 -10.23 -23.29
C ASP B 47 -7.40 -11.36 -22.31
N THR B 48 -6.54 -11.52 -21.31
CA THR B 48 -6.72 -12.56 -20.31
C THR B 48 -7.24 -11.97 -19.00
N GLY B 49 -6.86 -10.74 -18.72
CA GLY B 49 -7.29 -10.08 -17.50
C GLY B 49 -7.14 -8.58 -17.56
N ILE B 50 -6.58 -7.99 -16.51
CA ILE B 50 -6.38 -6.54 -16.45
C ILE B 50 -5.62 -6.04 -17.67
N THR B 51 -6.08 -4.92 -18.22
CA THR B 51 -5.44 -4.33 -19.40
C THR B 51 -4.28 -3.42 -18.99
N TYR B 52 -3.39 -3.17 -19.94
CA TYR B 52 -2.23 -2.31 -19.69
C TYR B 52 -2.66 -0.94 -19.20
N GLN B 53 -3.72 -0.41 -19.79
CA GLN B 53 -4.24 0.90 -19.41
C GLN B 53 -4.96 0.83 -18.08
N ALA B 54 -5.76 -0.21 -17.90
CA ALA B 54 -6.51 -0.40 -16.66
C ALA B 54 -5.58 -0.54 -15.47
N TRP B 55 -4.60 -1.43 -15.60
CA TRP B 55 -3.63 -1.66 -14.53
C TRP B 55 -2.97 -0.35 -14.10
N GLN B 56 -2.45 0.39 -15.06
CA GLN B 56 -1.79 1.66 -14.78
C GLN B 56 -2.69 2.56 -13.93
N ALA B 57 -3.99 2.40 -14.09
CA ALA B 57 -4.95 3.20 -13.34
C ALA B 57 -5.32 2.53 -12.02
N GLN B 58 -5.21 1.20 -11.99
CA GLN B 58 -5.52 0.45 -10.79
C GLN B 58 -4.40 0.56 -9.75
N TRP B 59 -3.17 0.27 -10.19
CA TRP B 59 -2.02 0.33 -9.30
C TRP B 59 -1.94 1.70 -8.62
N ASN B 60 -1.98 2.76 -9.42
CA ASN B 60 -1.91 4.12 -8.89
C ASN B 60 -2.95 4.32 -7.78
N GLN B 61 -4.18 3.89 -8.04
CA GLN B 61 -5.25 4.02 -7.06
C GLN B 61 -4.92 3.27 -5.77
N ALA B 62 -4.38 2.07 -5.93
CA ALA B 62 -4.02 1.25 -4.78
C ALA B 62 -2.89 1.89 -3.97
N MET B 63 -1.79 2.20 -4.65
CA MET B 63 -0.65 2.83 -4.01
C MET B 63 -1.07 4.06 -3.21
N GLU B 64 -1.83 4.94 -3.86
CA GLU B 64 -2.29 6.17 -3.22
C GLU B 64 -3.02 5.84 -1.93
N ASP B 65 -3.71 4.71 -1.90
CA ASP B 65 -4.46 4.29 -0.72
C ASP B 65 -3.51 3.81 0.38
N LEU B 66 -2.51 3.03 -0.01
CA LEU B 66 -1.54 2.51 0.95
C LEU B 66 -0.81 3.65 1.67
N VAL B 67 -0.20 4.53 0.89
CA VAL B 67 0.53 5.66 1.45
C VAL B 67 -0.38 6.50 2.35
N ARG B 68 -1.63 6.65 1.95
CA ARG B 68 -2.59 7.43 2.73
C ARG B 68 -2.97 6.70 4.01
N ALA B 69 -3.05 5.38 3.93
CA ALA B 69 -3.40 4.55 5.08
C ALA B 69 -2.45 4.82 6.25
N TYR B 70 -1.15 4.72 5.99
CA TYR B 70 -0.15 4.95 7.02
C TYR B 70 -0.21 6.38 7.54
N HIS B 71 -0.28 7.34 6.62
CA HIS B 71 -0.35 8.75 6.99
C HIS B 71 -1.61 9.04 7.81
N ALA B 72 -2.65 8.23 7.59
CA ALA B 72 -3.90 8.40 8.31
C ALA B 72 -3.70 8.26 9.81
N MET B 73 -3.04 7.18 10.22
CA MET B 73 -2.78 6.93 11.62
C MET B 73 -1.82 7.96 12.19
N SER B 74 -0.86 8.38 11.38
CA SER B 74 0.13 9.37 11.81
C SER B 74 -0.42 10.78 11.66
N SER B 75 -1.66 10.88 11.21
CA SER B 75 -2.31 12.18 11.02
C SER B 75 -2.24 13.00 12.29
N THR B 76 -2.21 12.33 13.43
CA THR B 76 -2.14 13.00 14.73
C THR B 76 -0.97 13.97 14.78
N HIS B 77 0.07 13.67 13.99
CA HIS B 77 1.26 14.52 13.96
C HIS B 77 0.89 15.98 13.70
N GLU B 78 -0.21 16.18 12.97
CA GLU B 78 -0.67 17.53 12.66
C GLU B 78 -0.87 18.34 13.92
N ALA B 79 -1.13 17.66 15.04
CA ALA B 79 -1.35 18.33 16.31
C ALA B 79 -0.21 19.29 16.63
N ASN B 80 0.98 18.98 16.13
CA ASN B 80 2.15 19.83 16.36
C ASN B 80 1.92 21.23 15.80
N THR B 81 1.59 21.31 14.52
CA THR B 81 1.35 22.59 13.87
C THR B 81 0.01 23.18 14.29
N MET B 82 -0.91 22.30 14.70
CA MET B 82 -2.24 22.72 15.13
C MET B 82 -2.14 23.81 16.19
N ALA B 83 -1.08 23.77 16.99
CA ALA B 83 -0.86 24.75 18.04
C ALA B 83 -0.67 26.15 17.46
N MET B 84 0.26 26.28 16.53
CA MET B 84 0.54 27.56 15.89
C MET B 84 -0.13 27.65 14.53
N MET B 85 -1.38 27.20 14.45
CA MET B 85 -2.13 27.22 13.21
C MET B 85 -2.63 28.63 12.90
N ALA B 86 -2.89 29.41 13.96
CA ALA B 86 -3.37 30.77 13.81
C ALA B 86 -2.43 31.60 12.95
N ARG B 87 -1.15 31.57 13.29
CA ARG B 87 -0.14 32.32 12.56
C ARG B 87 -0.05 31.84 11.11
N ASP B 88 -0.21 30.53 10.92
CA ASP B 88 -0.16 29.94 9.59
C ASP B 88 -1.44 30.19 8.81
N THR B 89 -1.46 31.27 8.05
CA THR B 89 -2.63 31.62 7.26
C THR B 89 -2.40 31.37 5.78
N ALA B 90 -1.23 31.77 5.29
CA ALA B 90 -0.88 31.58 3.88
C ALA B 90 -0.15 30.25 3.67
N GLU B 91 0.45 29.73 4.74
CA GLU B 91 1.17 28.47 4.67
C GLU B 91 0.21 27.29 4.59
N ALA B 92 -0.62 27.15 5.63
CA ALA B 92 -1.59 26.06 5.67
C ALA B 92 -2.61 26.17 4.53
N ALA B 93 -2.79 27.40 4.04
CA ALA B 93 -3.73 27.63 2.94
C ALA B 93 -3.07 27.37 1.59
N LYS B 94 -1.76 27.58 1.53
CA LYS B 94 -1.01 27.36 0.29
C LYS B 94 -1.22 25.95 -0.24
N TRP B 95 -0.73 25.69 -1.44
CA TRP B 95 -0.86 24.37 -2.05
C TRP B 95 0.32 24.09 -2.98
N GLY B 96 1.47 23.77 -2.40
CA GLY B 96 2.65 23.49 -3.19
C GLY B 96 3.25 24.73 -3.81
N GLY B 97 4.25 24.54 -4.67
CA GLY B 97 4.90 25.67 -5.31
C GLY B 97 3.97 26.42 -6.25
N MET A 1 32.09 16.10 -21.66
CA MET A 1 32.81 15.93 -20.41
C MET A 1 31.85 15.51 -19.30
N SER A 2 31.28 14.32 -19.43
CA SER A 2 30.35 13.81 -18.43
C SER A 2 29.92 12.39 -18.77
N LEU A 3 30.56 11.41 -18.14
CA LEU A 3 30.24 10.01 -18.38
C LEU A 3 28.96 9.61 -17.66
N LEU A 4 28.35 8.51 -18.09
CA LEU A 4 27.12 8.02 -17.48
C LEU A 4 26.73 6.66 -18.07
N ASP A 5 26.95 6.49 -19.36
CA ASP A 5 26.62 5.25 -20.05
C ASP A 5 27.80 4.29 -20.03
N ALA A 6 28.12 3.77 -18.84
CA ALA A 6 29.23 2.84 -18.70
C ALA A 6 28.78 1.55 -18.03
N HIS A 7 28.30 1.65 -16.80
CA HIS A 7 27.82 0.49 -16.06
C HIS A 7 26.40 0.71 -15.55
N ILE A 8 25.49 1.00 -16.46
CA ILE A 8 24.10 1.24 -16.09
C ILE A 8 23.21 0.07 -16.54
N PRO A 9 22.10 -0.13 -15.81
CA PRO A 9 21.15 -1.21 -16.12
C PRO A 9 20.38 -0.96 -17.42
N GLN A 10 20.98 -1.36 -18.53
CA GLN A 10 20.35 -1.18 -19.84
C GLN A 10 19.51 -2.39 -20.20
N LEU A 11 20.17 -3.52 -20.44
CA LEU A 11 19.49 -4.75 -20.81
C LEU A 11 19.69 -5.82 -19.74
N VAL A 12 20.05 -5.39 -18.54
CA VAL A 12 20.28 -6.32 -17.43
C VAL A 12 18.96 -6.75 -16.80
N ALA A 13 19.02 -7.78 -15.97
CA ALA A 13 17.84 -8.29 -15.29
C ALA A 13 16.72 -8.57 -16.29
N SER A 14 17.09 -8.91 -17.52
CA SER A 14 16.12 -9.20 -18.57
C SER A 14 15.44 -10.55 -18.33
N GLN A 15 16.15 -11.44 -17.63
CA GLN A 15 15.61 -12.76 -17.34
C GLN A 15 14.47 -12.67 -16.33
N SER A 16 14.57 -11.72 -15.41
CA SER A 16 13.56 -11.54 -14.38
C SER A 16 13.91 -10.37 -13.47
N ALA A 17 13.26 -9.23 -13.70
CA ALA A 17 13.50 -8.04 -12.90
C ALA A 17 12.27 -7.66 -12.09
N PHE A 18 11.10 -7.84 -12.70
CA PHE A 18 9.84 -7.52 -12.02
C PHE A 18 9.77 -8.19 -10.65
N ALA A 19 9.99 -9.50 -10.63
CA ALA A 19 9.95 -10.25 -9.38
C ALA A 19 10.87 -9.63 -8.33
N ALA A 20 11.98 -9.05 -8.79
CA ALA A 20 12.93 -8.42 -7.89
C ALA A 20 12.29 -7.26 -7.12
N LYS A 21 11.52 -6.45 -7.83
CA LYS A 21 10.84 -5.31 -7.24
C LYS A 21 9.65 -5.75 -6.39
N ALA A 22 8.99 -6.82 -6.84
CA ALA A 22 7.84 -7.35 -6.12
C ALA A 22 8.18 -7.64 -4.67
N GLY A 23 9.29 -8.34 -4.45
CA GLY A 23 9.70 -8.67 -3.10
C GLY A 23 10.07 -7.45 -2.29
N LEU A 24 10.56 -6.42 -2.97
CA LEU A 24 10.95 -5.18 -2.30
C LEU A 24 9.73 -4.44 -1.77
N MET A 25 8.62 -4.58 -2.48
CA MET A 25 7.37 -3.92 -2.09
C MET A 25 6.87 -4.45 -0.75
N ARG A 26 6.63 -5.75 -0.70
CA ARG A 26 6.15 -6.39 0.53
C ARG A 26 7.05 -6.05 1.71
N HIS A 27 8.33 -5.80 1.43
CA HIS A 27 9.29 -5.47 2.47
C HIS A 27 8.95 -4.13 3.11
N THR A 28 8.47 -3.19 2.30
CA THR A 28 8.10 -1.86 2.79
C THR A 28 6.91 -1.94 3.75
N ILE A 29 5.94 -2.77 3.40
CA ILE A 29 4.75 -2.93 4.24
C ILE A 29 5.06 -3.74 5.49
N GLY A 30 5.76 -4.86 5.31
CA GLY A 30 6.12 -5.70 6.44
C GLY A 30 6.84 -4.93 7.53
N GLN A 31 7.84 -4.15 7.13
CA GLN A 31 8.61 -3.36 8.07
C GLN A 31 7.80 -2.18 8.61
N ALA A 32 6.97 -1.60 7.74
CA ALA A 32 6.14 -0.48 8.11
C ALA A 32 5.07 -0.89 9.13
N GLU A 33 4.67 -2.16 9.07
CA GLU A 33 3.66 -2.68 9.98
C GLU A 33 4.13 -2.57 11.43
N GLN A 34 5.43 -2.71 11.63
CA GLN A 34 6.01 -2.64 12.97
C GLN A 34 5.55 -1.37 13.69
N ALA A 35 5.37 -0.30 12.93
CA ALA A 35 4.93 0.97 13.49
C ALA A 35 3.48 0.90 13.96
N ALA A 36 2.67 0.15 13.21
CA ALA A 36 1.26 -0.01 13.55
C ALA A 36 1.07 -0.93 14.75
N MET A 37 2.12 -1.67 15.08
CA MET A 37 2.07 -2.60 16.21
C MET A 37 1.63 -1.87 17.48
N SER A 38 1.91 -0.58 17.54
CA SER A 38 1.55 0.23 18.70
C SER A 38 0.08 0.08 19.04
N ALA A 39 -0.75 0.04 18.00
CA ALA A 39 -2.19 -0.11 18.18
C ALA A 39 -2.56 -1.54 18.61
N GLN A 40 -1.69 -2.49 18.26
CA GLN A 40 -1.92 -3.88 18.62
C GLN A 40 -1.65 -4.12 20.10
N ALA A 41 -1.13 -3.10 20.77
CA ALA A 41 -0.81 -3.20 22.19
C ALA A 41 -2.05 -3.62 22.99
N PHE A 42 -3.11 -2.83 22.89
CA PHE A 42 -4.35 -3.11 23.60
C PHE A 42 -4.08 -3.33 25.09
N HIS A 43 -2.98 -2.75 25.57
CA HIS A 43 -2.61 -2.89 26.98
C HIS A 43 -1.29 -2.17 27.26
N GLN A 44 -0.37 -2.25 26.31
CA GLN A 44 0.93 -1.62 26.45
C GLN A 44 0.79 -0.12 26.69
N GLY A 45 1.92 0.57 26.81
CA GLY A 45 1.90 2.00 27.04
C GLY A 45 1.59 2.78 25.78
N GLU A 46 0.42 2.53 25.20
CA GLU A 46 0.01 3.22 23.98
C GLU A 46 -1.37 2.75 23.53
N SER A 47 -2.31 3.68 23.48
CA SER A 47 -3.68 3.36 23.07
C SER A 47 -4.27 4.49 22.23
N SER A 48 -5.21 4.15 21.36
CA SER A 48 -5.86 5.12 20.49
C SER A 48 -6.91 4.46 19.62
N ALA A 49 -8.18 4.73 19.92
CA ALA A 49 -9.29 4.16 19.16
C ALA A 49 -9.20 4.55 17.69
N ALA A 50 -9.08 5.84 17.44
CA ALA A 50 -8.99 6.35 16.07
C ALA A 50 -7.88 5.63 15.29
N PHE A 51 -6.86 5.17 16.01
CA PHE A 51 -5.74 4.48 15.39
C PHE A 51 -6.22 3.25 14.63
N GLN A 52 -7.23 2.57 15.19
CA GLN A 52 -7.79 1.38 14.55
C GLN A 52 -8.24 1.68 13.13
N ALA A 53 -9.10 2.70 12.99
CA ALA A 53 -9.62 3.09 11.69
C ALA A 53 -8.49 3.29 10.69
N ALA A 54 -7.33 3.73 11.19
CA ALA A 54 -6.17 3.96 10.32
C ALA A 54 -5.48 2.64 9.98
N HIS A 55 -5.45 1.71 10.93
CA HIS A 55 -4.81 0.42 10.72
C HIS A 55 -5.58 -0.39 9.68
N ALA A 56 -6.90 -0.26 9.68
CA ALA A 56 -7.74 -0.97 8.73
C ALA A 56 -7.60 -0.40 7.32
N ARG A 57 -7.33 0.89 7.24
CA ARG A 57 -7.17 1.56 5.95
C ARG A 57 -5.97 1.00 5.20
N PHE A 58 -4.88 0.78 5.92
CA PHE A 58 -3.66 0.24 5.33
C PHE A 58 -3.89 -1.15 4.75
N VAL A 59 -4.39 -2.04 5.59
CA VAL A 59 -4.67 -3.41 5.17
C VAL A 59 -5.70 -3.45 4.04
N ALA A 60 -6.63 -2.50 4.07
CA ALA A 60 -7.65 -2.42 3.04
C ALA A 60 -7.07 -2.01 1.70
N ALA A 61 -6.06 -1.15 1.74
CA ALA A 61 -5.41 -0.67 0.52
C ALA A 61 -4.42 -1.71 -0.01
N ALA A 62 -3.71 -2.37 0.90
CA ALA A 62 -2.73 -3.38 0.52
C ALA A 62 -3.36 -4.42 -0.42
N ALA A 63 -4.64 -4.70 -0.21
CA ALA A 63 -5.35 -5.66 -1.04
C ALA A 63 -5.27 -5.30 -2.51
N LYS A 64 -5.23 -4.00 -2.79
CA LYS A 64 -5.14 -3.52 -4.16
C LYS A 64 -3.74 -3.72 -4.73
N VAL A 65 -2.73 -3.49 -3.91
CA VAL A 65 -1.34 -3.66 -4.32
C VAL A 65 -1.00 -5.13 -4.51
N ASN A 66 -1.41 -5.95 -3.55
CA ASN A 66 -1.15 -7.38 -3.60
C ASN A 66 -1.87 -8.03 -4.79
N THR A 67 -3.16 -7.74 -4.92
CA THR A 67 -3.96 -8.29 -6.01
C THR A 67 -3.38 -7.89 -7.37
N LEU A 68 -2.85 -6.67 -7.43
CA LEU A 68 -2.27 -6.16 -8.67
C LEU A 68 -0.93 -6.84 -8.97
N LEU A 69 -0.11 -6.99 -7.94
CA LEU A 69 1.20 -7.62 -8.08
C LEU A 69 1.06 -9.02 -8.69
N ASP A 70 0.08 -9.78 -8.20
CA ASP A 70 -0.15 -11.13 -8.69
C ASP A 70 -0.60 -11.10 -10.15
N VAL A 71 -1.50 -10.18 -10.46
CA VAL A 71 -2.01 -10.05 -11.82
C VAL A 71 -0.91 -9.61 -12.79
N ALA A 72 0.01 -8.80 -12.28
CA ALA A 72 1.12 -8.31 -13.10
C ALA A 72 2.00 -9.47 -13.58
N GLN A 73 2.41 -10.32 -12.65
CA GLN A 73 3.25 -11.46 -12.98
C GLN A 73 2.47 -12.52 -13.75
N ALA A 74 1.20 -12.69 -13.38
CA ALA A 74 0.35 -13.66 -14.04
C ALA A 74 0.07 -13.28 -15.49
N ASN A 75 -0.12 -11.97 -15.73
CA ASN A 75 -0.39 -11.47 -17.06
C ASN A 75 0.88 -11.50 -17.92
N LEU A 76 1.99 -11.10 -17.32
CA LEU A 76 3.27 -11.08 -18.03
C LEU A 76 3.78 -12.49 -18.26
N GLY A 77 3.43 -13.40 -17.36
CA GLY A 77 3.86 -14.78 -17.49
C GLY A 77 5.33 -14.96 -17.15
N GLU A 78 6.21 -14.51 -18.03
CA GLU A 78 7.65 -14.64 -17.81
C GLU A 78 8.03 -14.08 -16.45
N ALA A 79 7.28 -13.09 -15.97
CA ALA A 79 7.54 -12.47 -14.68
C ALA A 79 7.53 -13.52 -13.57
N ALA A 80 6.60 -14.47 -13.65
CA ALA A 80 6.48 -15.52 -12.66
C ALA A 80 6.74 -16.89 -13.28
N GLY A 81 5.78 -17.37 -14.05
CA GLY A 81 5.93 -18.67 -14.70
C GLY A 81 4.62 -19.43 -14.76
N THR A 82 4.57 -20.45 -15.61
CA THR A 82 3.36 -21.26 -15.77
C THR A 82 2.93 -21.86 -14.43
N TYR A 83 1.69 -21.55 -14.03
CA TYR A 83 1.15 -22.06 -12.78
C TYR A 83 -0.02 -23.00 -13.03
N VAL A 84 -0.33 -23.82 -12.04
CA VAL A 84 -1.43 -24.78 -12.14
C VAL A 84 -2.33 -24.71 -10.91
N ALA A 85 -3.23 -23.73 -10.90
CA ALA A 85 -4.15 -23.56 -9.78
C ALA A 85 -5.28 -24.58 -9.85
N ALA A 86 -4.92 -25.87 -9.82
CA ALA A 86 -5.91 -26.94 -9.87
C ALA A 86 -6.76 -26.96 -8.61
N ASP A 87 -6.13 -26.68 -7.47
CA ASP A 87 -6.84 -26.66 -6.20
C ASP A 87 -7.37 -28.05 -5.86
N ALA A 88 -7.86 -28.21 -4.63
CA ALA A 88 -8.41 -29.48 -4.19
C ALA A 88 -9.77 -29.30 -3.54
N ALA A 89 -10.43 -30.42 -3.24
CA ALA A 89 -11.75 -30.37 -2.61
C ALA A 89 -11.65 -29.93 -1.15
N ALA A 90 -10.49 -30.19 -0.53
CA ALA A 90 -10.27 -29.81 0.85
C ALA A 90 -10.50 -28.32 1.06
N ALA A 91 -10.17 -27.52 0.06
CA ALA A 91 -10.34 -26.08 0.13
C ALA A 91 -11.82 -25.71 0.26
N SER A 92 -12.67 -26.46 -0.43
CA SER A 92 -14.11 -26.21 -0.39
C SER A 92 -14.89 -27.45 -0.79
N THR A 93 -15.76 -27.91 0.11
CA THR A 93 -16.57 -29.10 -0.14
C THR A 93 -18.05 -28.77 -0.10
N TYR A 94 -18.51 -28.24 1.03
CA TYR A 94 -19.91 -27.88 1.20
C TYR A 94 -20.13 -27.12 2.51
N THR A 95 -21.39 -26.86 2.83
CA THR A 95 -21.73 -26.14 4.05
C THR A 95 -22.66 -26.98 4.92
N GLY A 96 -22.13 -27.46 6.05
CA GLY A 96 -22.92 -28.27 6.96
C GLY A 96 -23.27 -27.52 8.24
N PHE A 97 -24.16 -28.10 9.02
CA PHE A 97 -24.59 -27.48 10.27
C PHE A 97 -24.30 -28.40 11.46
N SER B 1 -11.22 13.12 13.34
CA SER B 1 -11.45 14.23 14.25
C SER B 1 -12.14 13.76 15.53
N MET B 2 -11.35 13.40 16.52
CA MET B 2 -11.88 12.93 17.79
C MET B 2 -11.19 13.62 18.96
N SER B 3 -11.22 14.96 18.95
CA SER B 3 -10.61 15.75 20.01
C SER B 3 -11.66 16.45 20.84
N GLN B 4 -12.89 16.47 20.35
CA GLN B 4 -14.00 17.12 21.05
C GLN B 4 -14.69 16.13 21.99
N ILE B 5 -14.08 14.98 22.19
CA ILE B 5 -14.63 13.96 23.06
C ILE B 5 -13.84 13.84 24.36
N MET B 6 -14.19 12.85 25.18
CA MET B 6 -13.51 12.65 26.45
C MET B 6 -12.06 12.25 26.23
N TYR B 7 -11.14 13.20 26.46
CA TYR B 7 -9.72 12.95 26.29
C TYR B 7 -8.91 13.64 27.37
N ASN B 8 -8.80 14.97 27.29
CA ASN B 8 -8.06 15.74 28.26
C ASN B 8 -6.59 15.32 28.29
N TYR B 9 -6.11 14.79 27.16
CA TYR B 9 -4.73 14.35 27.06
C TYR B 9 -4.07 14.92 25.81
N PRO B 10 -3.39 16.07 25.97
CA PRO B 10 -2.71 16.73 24.85
C PRO B 10 -1.48 15.96 24.38
N ALA B 11 -0.74 15.39 25.33
CA ALA B 11 0.46 14.62 25.02
C ALA B 11 0.13 13.45 24.09
N MET B 12 -0.81 12.62 24.52
CA MET B 12 -1.22 11.46 23.73
C MET B 12 -1.83 11.89 22.41
N LEU B 13 -2.64 12.95 22.46
CA LEU B 13 -3.30 13.47 21.26
C LEU B 13 -2.29 14.14 20.33
N GLY B 14 -1.91 13.43 19.28
CA GLY B 14 -0.96 13.99 18.33
C GLY B 14 0.48 13.72 18.73
N HIS B 15 1.21 13.00 17.89
CA HIS B 15 2.60 12.67 18.16
C HIS B 15 3.24 11.94 16.98
N ALA B 16 4.08 12.65 16.24
CA ALA B 16 4.76 12.06 15.08
C ALA B 16 6.16 12.62 14.93
N GLY B 17 7.14 11.72 14.79
CA GLY B 17 8.51 12.15 14.63
C GLY B 17 9.00 12.05 13.20
N ASP B 18 9.41 10.84 12.80
CA ASP B 18 9.90 10.61 11.44
C ASP B 18 9.28 9.34 10.86
N MET B 19 8.04 9.05 11.25
CA MET B 19 7.35 7.87 10.76
C MET B 19 6.74 8.13 9.38
N ALA B 20 6.40 9.39 9.12
CA ALA B 20 5.82 9.76 7.84
C ALA B 20 6.68 9.27 6.67
N GLY B 21 7.99 9.25 6.88
CA GLY B 21 8.90 8.82 5.85
C GLY B 21 8.57 7.43 5.33
N TYR B 22 8.03 6.59 6.20
CA TYR B 22 7.65 5.23 5.83
C TYR B 22 6.59 5.23 4.74
N ALA B 23 5.61 6.12 4.88
CA ALA B 23 4.53 6.22 3.91
C ALA B 23 5.08 6.51 2.52
N GLY B 24 5.94 7.51 2.41
CA GLY B 24 6.52 7.86 1.13
C GLY B 24 7.38 6.75 0.56
N THR B 25 7.92 5.91 1.44
CA THR B 25 8.78 4.81 1.01
C THR B 25 8.06 3.90 0.03
N LEU B 26 6.80 3.59 0.33
CA LEU B 26 6.00 2.73 -0.52
C LEU B 26 5.69 3.42 -1.85
N GLN B 27 5.24 4.67 -1.76
CA GLN B 27 4.91 5.44 -2.96
C GLN B 27 6.06 5.44 -3.95
N SER B 28 7.24 5.80 -3.47
CA SER B 28 8.44 5.84 -4.31
C SER B 28 8.72 4.48 -4.91
N LEU B 29 8.42 3.43 -4.16
CA LEU B 29 8.64 2.05 -4.62
C LEU B 29 7.61 1.66 -5.67
N GLY B 30 6.39 2.18 -5.53
CA GLY B 30 5.34 1.87 -6.47
C GLY B 30 5.72 2.19 -7.90
N ALA B 31 6.23 3.40 -8.10
CA ALA B 31 6.64 3.84 -9.44
C ALA B 31 7.65 2.88 -10.05
N GLU B 32 8.54 2.35 -9.21
CA GLU B 32 9.56 1.42 -9.66
C GLU B 32 8.93 0.23 -10.36
N ILE B 33 7.87 -0.32 -9.77
CA ILE B 33 7.18 -1.47 -10.35
C ILE B 33 6.37 -1.06 -11.57
N ALA B 34 5.73 0.11 -11.50
CA ALA B 34 4.93 0.61 -12.61
C ALA B 34 5.79 0.81 -13.86
N VAL B 35 7.05 1.17 -13.66
CA VAL B 35 7.96 1.38 -14.77
C VAL B 35 8.45 0.06 -15.35
N GLU B 36 8.57 -0.95 -14.50
CA GLU B 36 9.03 -2.27 -14.94
C GLU B 36 8.01 -2.90 -15.88
N GLN B 37 6.75 -2.96 -15.44
CA GLN B 37 5.70 -3.55 -16.25
C GLN B 37 5.50 -2.76 -17.54
N ALA B 38 5.78 -1.47 -17.50
CA ALA B 38 5.64 -0.61 -18.66
C ALA B 38 6.61 -1.03 -19.77
N ALA B 39 7.70 -1.67 -19.39
CA ALA B 39 8.70 -2.13 -20.34
C ALA B 39 8.29 -3.45 -20.99
N LEU B 40 7.45 -4.21 -20.28
CA LEU B 40 6.98 -5.50 -20.79
C LEU B 40 5.52 -5.41 -21.20
N GLN B 41 5.08 -4.21 -21.57
CA GLN B 41 3.70 -3.99 -22.00
C GLN B 41 3.32 -4.98 -23.09
N SER B 42 4.14 -5.06 -24.14
CA SER B 42 3.88 -5.95 -25.26
C SER B 42 3.71 -7.39 -24.78
N ALA B 43 4.33 -7.69 -23.64
CA ALA B 43 4.25 -9.04 -23.06
C ALA B 43 2.90 -9.26 -22.40
N TRP B 44 2.32 -8.20 -21.86
CA TRP B 44 1.03 -8.28 -21.18
C TRP B 44 0.00 -8.97 -22.07
N GLN B 45 -0.94 -9.67 -21.45
CA GLN B 45 -1.98 -10.36 -22.19
C GLN B 45 -3.25 -9.51 -22.28
N GLY B 46 -3.95 -9.38 -21.16
CA GLY B 46 -5.16 -8.59 -21.14
C GLY B 46 -6.42 -9.45 -21.16
N ASP B 47 -6.26 -10.70 -21.57
CA ASP B 47 -7.39 -11.64 -21.63
C ASP B 47 -7.46 -12.48 -20.38
N THR B 48 -6.94 -11.95 -19.27
CA THR B 48 -6.96 -12.65 -18.00
C THR B 48 -7.75 -11.88 -16.95
N GLY B 49 -7.74 -10.55 -17.07
CA GLY B 49 -8.45 -9.72 -16.12
C GLY B 49 -8.13 -8.25 -16.29
N ILE B 50 -7.02 -7.82 -15.69
CA ILE B 50 -6.60 -6.42 -15.78
C ILE B 50 -5.75 -6.18 -17.01
N THR B 51 -5.91 -5.01 -17.63
CA THR B 51 -5.14 -4.66 -18.82
C THR B 51 -3.97 -3.75 -18.47
N TYR B 52 -3.15 -3.44 -19.47
CA TYR B 52 -2.00 -2.57 -19.27
C TYR B 52 -2.43 -1.15 -18.92
N GLN B 53 -3.49 -0.69 -19.57
CA GLN B 53 -4.00 0.65 -19.33
C GLN B 53 -4.72 0.73 -17.99
N ALA B 54 -5.48 -0.31 -17.67
CA ALA B 54 -6.22 -0.36 -16.42
C ALA B 54 -5.27 -0.55 -15.23
N TRP B 55 -4.28 -1.43 -15.40
CA TRP B 55 -3.32 -1.71 -14.35
C TRP B 55 -2.50 -0.45 -14.01
N GLN B 56 -2.13 0.29 -15.05
CA GLN B 56 -1.36 1.51 -14.86
C GLN B 56 -2.07 2.48 -13.93
N ALA B 57 -3.31 2.83 -14.30
CA ALA B 57 -4.10 3.75 -13.49
C ALA B 57 -4.47 3.13 -12.15
N GLN B 58 -4.88 1.87 -12.18
CA GLN B 58 -5.27 1.17 -10.96
C GLN B 58 -4.13 1.18 -9.94
N TRP B 59 -2.96 0.77 -10.37
CA TRP B 59 -1.79 0.74 -9.49
C TRP B 59 -1.59 2.09 -8.80
N ASN B 60 -1.42 3.13 -9.60
CA ASN B 60 -1.22 4.48 -9.06
C ASN B 60 -2.32 4.84 -8.06
N GLN B 61 -3.57 4.55 -8.44
CA GLN B 61 -4.71 4.84 -7.58
C GLN B 61 -4.63 4.03 -6.29
N ALA B 62 -4.01 2.87 -6.36
CA ALA B 62 -3.87 2.00 -5.20
C ALA B 62 -2.76 2.50 -4.27
N MET B 63 -1.57 2.68 -4.83
CA MET B 63 -0.43 3.15 -4.05
C MET B 63 -0.75 4.49 -3.38
N GLU B 64 -1.45 5.35 -4.11
CA GLU B 64 -1.82 6.67 -3.59
C GLU B 64 -2.56 6.54 -2.26
N ASP B 65 -3.65 5.79 -2.27
CA ASP B 65 -4.45 5.58 -1.07
C ASP B 65 -3.71 4.70 -0.07
N LEU B 66 -2.85 3.82 -0.58
CA LEU B 66 -2.08 2.92 0.27
C LEU B 66 -1.12 3.70 1.16
N VAL B 67 -0.55 4.78 0.62
CA VAL B 67 0.39 5.61 1.36
C VAL B 67 -0.34 6.44 2.43
N ARG B 68 -1.41 7.11 2.01
CA ARG B 68 -2.18 7.93 2.93
C ARG B 68 -2.75 7.10 4.08
N ALA B 69 -3.02 5.82 3.80
CA ALA B 69 -3.55 4.92 4.80
C ALA B 69 -2.64 4.87 6.04
N TYR B 70 -1.35 5.06 5.81
CA TYR B 70 -0.38 5.02 6.90
C TYR B 70 -0.27 6.39 7.57
N HIS B 71 -0.34 7.45 6.76
CA HIS B 71 -0.25 8.81 7.27
C HIS B 71 -1.52 9.19 8.02
N ALA B 72 -2.60 8.46 7.78
CA ALA B 72 -3.87 8.71 8.43
C ALA B 72 -3.72 8.77 9.94
N MET B 73 -3.07 7.76 10.51
CA MET B 73 -2.85 7.69 11.95
C MET B 73 -2.04 8.90 12.43
N SER B 74 -1.15 9.39 11.57
CA SER B 74 -0.31 10.53 11.91
C SER B 74 -1.09 11.84 11.72
N SER B 75 -2.15 11.78 10.93
CA SER B 75 -2.97 12.96 10.67
C SER B 75 -3.47 13.58 11.97
N THR B 76 -3.58 12.76 13.00
CA THR B 76 -4.04 13.22 14.30
C THR B 76 -3.05 14.18 14.93
N HIS B 77 -1.85 14.24 14.38
CA HIS B 77 -0.81 15.13 14.87
C HIS B 77 -1.33 16.57 14.98
N GLU B 78 -2.04 17.01 13.95
CA GLU B 78 -2.58 18.36 13.92
C GLU B 78 -3.89 18.43 14.70
N ALA B 79 -4.49 17.27 14.95
CA ALA B 79 -5.75 17.20 15.68
C ALA B 79 -5.67 17.97 16.99
N ASN B 80 -4.46 18.05 17.55
CA ASN B 80 -4.25 18.75 18.81
C ASN B 80 -4.45 20.26 18.62
N THR B 81 -3.99 20.78 17.49
CA THR B 81 -4.12 22.20 17.19
C THR B 81 -5.58 22.62 17.16
N MET B 82 -6.46 21.67 16.92
CA MET B 82 -7.89 21.95 16.87
C MET B 82 -8.34 22.71 18.11
N ALA B 83 -7.67 22.45 19.23
CA ALA B 83 -8.01 23.11 20.49
C ALA B 83 -8.06 24.63 20.31
N MET B 84 -7.25 25.14 19.38
CA MET B 84 -7.21 26.58 19.11
C MET B 84 -8.01 26.92 17.87
N MET B 85 -9.31 26.68 17.91
CA MET B 85 -10.19 26.97 16.78
C MET B 85 -10.35 28.48 16.58
N ALA B 86 -10.17 29.23 17.66
CA ALA B 86 -10.29 30.68 17.61
C ALA B 86 -9.43 31.26 16.48
N ARG B 87 -8.28 30.63 16.24
CA ARG B 87 -7.37 31.09 15.20
C ARG B 87 -8.05 31.05 13.83
N ASP B 88 -8.89 30.05 13.62
CA ASP B 88 -9.60 29.90 12.36
C ASP B 88 -8.62 29.85 11.19
N THR B 89 -8.14 28.65 10.86
CA THR B 89 -7.20 28.46 9.78
C THR B 89 -7.79 27.58 8.69
N ALA B 90 -8.52 26.55 9.10
CA ALA B 90 -9.15 25.63 8.15
C ALA B 90 -10.56 26.08 7.79
N GLU B 91 -11.15 26.89 8.66
CA GLU B 91 -12.51 27.38 8.45
C GLU B 91 -12.52 28.47 7.36
N ALA B 92 -11.79 29.56 7.63
CA ALA B 92 -11.71 30.66 6.69
C ALA B 92 -11.06 30.23 5.38
N ALA B 93 -10.24 29.18 5.45
CA ALA B 93 -9.55 28.67 4.28
C ALA B 93 -10.42 27.65 3.53
N LYS B 94 -11.34 27.02 4.26
CA LYS B 94 -12.23 26.04 3.66
C LYS B 94 -12.94 26.61 2.43
N TRP B 95 -13.50 27.81 2.58
CA TRP B 95 -14.21 28.46 1.48
C TRP B 95 -13.43 29.67 0.99
N GLY B 96 -13.94 30.31 -0.06
CA GLY B 96 -13.28 31.48 -0.61
C GLY B 96 -12.30 31.13 -1.73
N GLY B 97 -12.83 30.54 -2.80
CA GLY B 97 -11.98 30.17 -3.91
C GLY B 97 -12.15 31.10 -5.11
N MET A 1 4.09 5.87 -41.04
CA MET A 1 3.18 5.74 -39.91
C MET A 1 3.22 4.32 -39.35
N SER A 2 3.84 4.17 -38.17
CA SER A 2 3.95 2.88 -37.53
C SER A 2 4.20 3.03 -36.03
N LEU A 3 4.04 1.94 -35.30
CA LEU A 3 4.24 1.95 -33.85
C LEU A 3 4.50 0.55 -33.33
N LEU A 4 3.69 -0.41 -33.77
CA LEU A 4 3.84 -1.80 -33.35
C LEU A 4 5.24 -2.32 -33.64
N ASP A 5 5.98 -2.62 -32.57
CA ASP A 5 7.35 -3.13 -32.72
C ASP A 5 8.21 -2.13 -33.47
N ALA A 6 8.28 -0.90 -32.96
CA ALA A 6 9.09 0.14 -33.58
C ALA A 6 10.47 0.20 -32.97
N HIS A 7 10.55 -0.03 -31.66
CA HIS A 7 11.83 0.00 -30.97
C HIS A 7 11.69 -0.59 -29.56
N ILE A 8 11.58 -1.91 -29.48
CA ILE A 8 11.44 -2.60 -28.21
C ILE A 8 12.56 -3.60 -28.00
N PRO A 9 12.90 -3.86 -26.73
CA PRO A 9 13.96 -4.81 -26.36
C PRO A 9 13.56 -6.25 -26.65
N GLN A 10 14.32 -7.19 -26.09
CA GLN A 10 14.05 -8.61 -26.29
C GLN A 10 15.05 -9.47 -25.53
N LEU A 11 14.55 -10.29 -24.63
CA LEU A 11 15.41 -11.17 -23.83
C LEU A 11 16.45 -10.35 -23.06
N VAL A 12 16.13 -9.09 -22.80
CA VAL A 12 17.05 -8.22 -22.07
C VAL A 12 16.82 -8.32 -20.56
N ALA A 13 15.59 -8.66 -20.18
CA ALA A 13 15.25 -8.79 -18.76
C ALA A 13 15.06 -10.25 -18.38
N SER A 14 15.90 -11.12 -18.94
CA SER A 14 15.82 -12.54 -18.65
C SER A 14 15.92 -12.81 -17.16
N GLN A 15 16.63 -11.93 -16.45
CA GLN A 15 16.80 -12.07 -15.01
C GLN A 15 15.49 -11.81 -14.28
N SER A 16 14.62 -11.03 -14.90
CA SER A 16 13.33 -10.69 -14.30
C SER A 16 13.52 -9.90 -13.01
N ALA A 17 13.45 -8.58 -13.12
CA ALA A 17 13.62 -7.71 -11.96
C ALA A 17 12.28 -7.49 -11.24
N PHE A 18 11.19 -7.64 -11.98
CA PHE A 18 9.86 -7.45 -11.42
C PHE A 18 9.68 -8.32 -10.17
N ALA A 19 10.00 -9.59 -10.29
CA ALA A 19 9.88 -10.52 -9.17
C ALA A 19 10.59 -10.00 -7.94
N ALA A 20 11.82 -9.51 -8.12
CA ALA A 20 12.60 -8.96 -7.02
C ALA A 20 11.89 -7.79 -6.36
N LYS A 21 11.28 -6.94 -7.18
CA LYS A 21 10.57 -5.78 -6.67
C LYS A 21 9.31 -6.19 -5.93
N ALA A 22 8.57 -7.16 -6.49
CA ALA A 22 7.35 -7.65 -5.88
C ALA A 22 7.61 -8.14 -4.45
N GLY A 23 8.62 -8.99 -4.31
CA GLY A 23 8.95 -9.53 -3.00
C GLY A 23 9.43 -8.45 -2.04
N LEU A 24 10.11 -7.44 -2.58
CA LEU A 24 10.62 -6.35 -1.77
C LEU A 24 9.50 -5.41 -1.34
N MET A 25 8.44 -5.36 -2.14
CA MET A 25 7.30 -4.50 -1.83
C MET A 25 6.66 -4.89 -0.50
N ARG A 26 6.22 -6.14 -0.40
CA ARG A 26 5.59 -6.64 0.81
C ARG A 26 6.51 -6.44 2.01
N HIS A 27 7.82 -6.39 1.76
CA HIS A 27 8.79 -6.21 2.83
C HIS A 27 8.70 -4.81 3.41
N THR A 28 8.32 -3.84 2.58
CA THR A 28 8.19 -2.46 3.02
C THR A 28 7.00 -2.30 3.95
N ILE A 29 5.89 -2.94 3.62
CA ILE A 29 4.68 -2.87 4.43
C ILE A 29 4.83 -3.67 5.72
N GLY A 30 5.25 -4.92 5.58
CA GLY A 30 5.43 -5.77 6.74
C GLY A 30 6.34 -5.14 7.79
N GLN A 31 7.46 -4.58 7.34
CA GLN A 31 8.40 -3.94 8.26
C GLN A 31 7.85 -2.61 8.77
N ALA A 32 7.10 -1.92 7.92
CA ALA A 32 6.51 -0.64 8.29
C ALA A 32 5.43 -0.82 9.35
N GLU A 33 4.77 -1.98 9.33
CA GLU A 33 3.71 -2.26 10.29
C GLU A 33 4.27 -2.38 11.70
N GLN A 34 5.50 -2.87 11.80
CA GLN A 34 6.15 -3.04 13.10
C GLN A 34 6.09 -1.74 13.90
N ALA A 35 6.18 -0.62 13.21
CA ALA A 35 6.14 0.69 13.86
C ALA A 35 4.74 1.00 14.37
N ALA A 36 3.73 0.53 13.65
CA ALA A 36 2.34 0.76 14.04
C ALA A 36 1.94 -0.14 15.21
N MET A 37 2.67 -1.24 15.38
CA MET A 37 2.39 -2.18 16.46
C MET A 37 2.33 -1.46 17.80
N SER A 38 3.08 -0.37 17.91
CA SER A 38 3.11 0.41 19.15
C SER A 38 1.70 0.76 19.60
N ALA A 39 0.85 1.15 18.65
CA ALA A 39 -0.52 1.51 18.96
C ALA A 39 -1.37 0.28 19.23
N GLN A 40 -0.96 -0.85 18.67
CA GLN A 40 -1.68 -2.11 18.85
C GLN A 40 -1.60 -2.58 20.29
N ALA A 41 -0.68 -1.99 21.05
CA ALA A 41 -0.51 -2.35 22.46
C ALA A 41 -1.81 -2.19 23.24
N PHE A 42 -2.37 -0.99 23.20
CA PHE A 42 -3.61 -0.70 23.90
C PHE A 42 -3.46 -0.89 25.40
N HIS A 43 -3.58 -2.14 25.85
CA HIS A 43 -3.44 -2.45 27.27
C HIS A 43 -2.02 -2.92 27.59
N GLN A 44 -1.07 -2.51 26.76
CA GLN A 44 0.33 -2.89 26.95
C GLN A 44 1.25 -1.70 26.74
N GLY A 45 0.71 -0.50 26.94
CA GLY A 45 1.51 0.70 26.76
C GLY A 45 0.66 1.93 26.52
N GLU A 46 0.13 2.05 25.31
CA GLU A 46 -0.71 3.20 24.96
C GLU A 46 -1.95 2.74 24.20
N SER A 47 -3.02 3.52 24.31
CA SER A 47 -4.27 3.20 23.64
C SER A 47 -4.61 4.25 22.58
N SER A 48 -5.49 3.89 21.66
CA SER A 48 -5.90 4.80 20.60
C SER A 48 -6.94 4.15 19.69
N ALA A 49 -8.17 4.66 19.73
CA ALA A 49 -9.24 4.14 18.91
C ALA A 49 -9.06 4.51 17.44
N ALA A 50 -8.67 5.76 17.21
CA ALA A 50 -8.46 6.24 15.84
C ALA A 50 -7.46 5.35 15.11
N PHE A 51 -6.57 4.71 15.85
CA PHE A 51 -5.57 3.82 15.26
C PHE A 51 -6.22 2.72 14.45
N GLN A 52 -7.38 2.26 14.91
CA GLN A 52 -8.10 1.20 14.23
C GLN A 52 -8.46 1.61 12.80
N ALA A 53 -9.13 2.76 12.67
CA ALA A 53 -9.53 3.27 11.37
C ALA A 53 -8.34 3.31 10.41
N ALA A 54 -7.20 3.77 10.90
CA ALA A 54 -6.00 3.86 10.09
C ALA A 54 -5.49 2.47 9.72
N HIS A 55 -5.51 1.55 10.68
CA HIS A 55 -5.06 0.18 10.45
C HIS A 55 -5.89 -0.48 9.36
N ALA A 56 -7.20 -0.29 9.42
CA ALA A 56 -8.11 -0.88 8.44
C ALA A 56 -7.97 -0.20 7.08
N ARG A 57 -7.63 1.08 7.10
CA ARG A 57 -7.46 1.84 5.87
C ARG A 57 -6.26 1.33 5.07
N PHE A 58 -5.23 0.88 5.78
CA PHE A 58 -4.02 0.36 5.14
C PHE A 58 -4.29 -0.98 4.47
N VAL A 59 -4.81 -1.92 5.24
CA VAL A 59 -5.12 -3.25 4.71
C VAL A 59 -6.04 -3.17 3.51
N ALA A 60 -6.94 -2.19 3.53
CA ALA A 60 -7.88 -2.00 2.43
C ALA A 60 -7.15 -1.68 1.13
N ALA A 61 -6.14 -0.82 1.22
CA ALA A 61 -5.37 -0.43 0.04
C ALA A 61 -4.33 -1.49 -0.30
N ALA A 62 -3.74 -2.10 0.73
CA ALA A 62 -2.74 -3.14 0.53
C ALA A 62 -3.27 -4.25 -0.38
N ALA A 63 -4.55 -4.57 -0.22
CA ALA A 63 -5.18 -5.61 -1.02
C ALA A 63 -5.18 -5.24 -2.50
N LYS A 64 -5.53 -4.00 -2.79
CA LYS A 64 -5.57 -3.52 -4.17
C LYS A 64 -4.19 -3.59 -4.81
N VAL A 65 -3.20 -3.00 -4.14
CA VAL A 65 -1.83 -3.00 -4.66
C VAL A 65 -1.26 -4.42 -4.71
N ASN A 66 -1.71 -5.26 -3.78
CA ASN A 66 -1.24 -6.64 -3.71
C ASN A 66 -1.80 -7.45 -4.87
N THR A 67 -3.12 -7.43 -5.03
CA THR A 67 -3.78 -8.17 -6.11
C THR A 67 -3.19 -7.80 -7.46
N LEU A 68 -3.03 -6.51 -7.70
CA LEU A 68 -2.47 -6.03 -8.97
C LEU A 68 -1.05 -6.53 -9.16
N LEU A 69 -0.28 -6.55 -8.07
CA LEU A 69 1.11 -7.01 -8.13
C LEU A 69 1.18 -8.43 -8.67
N ASP A 70 0.31 -9.30 -8.19
CA ASP A 70 0.28 -10.69 -8.62
C ASP A 70 -0.21 -10.78 -10.07
N VAL A 71 -1.31 -10.12 -10.36
CA VAL A 71 -1.87 -10.13 -11.71
C VAL A 71 -0.84 -9.71 -12.74
N ALA A 72 0.05 -8.80 -12.34
CA ALA A 72 1.10 -8.31 -13.23
C ALA A 72 1.99 -9.45 -13.72
N GLN A 73 2.46 -10.26 -12.79
CA GLN A 73 3.32 -11.39 -13.12
C GLN A 73 2.56 -12.45 -13.91
N ALA A 74 1.28 -12.62 -13.57
CA ALA A 74 0.44 -13.60 -14.24
C ALA A 74 0.19 -13.20 -15.70
N ASN A 75 -0.13 -11.93 -15.90
CA ASN A 75 -0.40 -11.42 -17.25
C ASN A 75 0.88 -11.39 -18.08
N LEU A 76 1.98 -11.05 -17.43
CA LEU A 76 3.28 -10.97 -18.10
C LEU A 76 3.83 -12.37 -18.39
N GLY A 77 3.48 -13.32 -17.51
CA GLY A 77 3.95 -14.68 -17.68
C GLY A 77 5.42 -14.83 -17.34
N GLU A 78 6.28 -14.40 -18.26
CA GLU A 78 7.73 -14.50 -18.04
C GLU A 78 8.12 -13.90 -16.70
N ALA A 79 7.37 -12.89 -16.27
CA ALA A 79 7.64 -12.22 -15.00
C ALA A 79 7.67 -13.22 -13.85
N ALA A 80 6.86 -14.27 -13.96
CA ALA A 80 6.82 -15.30 -12.93
C ALA A 80 7.21 -16.66 -13.49
N GLY A 81 6.33 -17.25 -14.28
CA GLY A 81 6.60 -18.55 -14.87
C GLY A 81 5.34 -19.27 -15.30
N THR A 82 5.51 -20.35 -16.06
CA THR A 82 4.38 -21.13 -16.53
C THR A 82 4.17 -22.38 -15.68
N TYR A 83 3.04 -23.06 -15.90
CA TYR A 83 2.72 -24.26 -15.14
C TYR A 83 2.29 -25.39 -16.08
N VAL A 84 2.10 -26.58 -15.51
CA VAL A 84 1.69 -27.73 -16.30
C VAL A 84 0.18 -27.69 -16.59
N ALA A 85 -0.19 -26.98 -17.64
CA ALA A 85 -1.59 -26.87 -18.03
C ALA A 85 -2.00 -28.00 -18.97
N ALA A 86 -1.75 -29.23 -18.53
CA ALA A 86 -2.10 -30.40 -19.32
C ALA A 86 -3.60 -30.67 -19.28
N ASP A 87 -4.18 -30.56 -18.09
CA ASP A 87 -5.60 -30.81 -17.91
C ASP A 87 -5.98 -32.20 -18.38
N ALA A 88 -7.28 -32.49 -18.36
CA ALA A 88 -7.78 -33.79 -18.78
C ALA A 88 -9.29 -33.85 -18.71
N ALA A 89 -9.87 -33.18 -17.72
CA ALA A 89 -11.31 -33.15 -17.53
C ALA A 89 -11.99 -32.39 -18.67
N ALA A 90 -11.32 -31.37 -19.17
CA ALA A 90 -11.85 -30.55 -20.24
C ALA A 90 -12.18 -31.41 -21.46
N ALA A 91 -11.35 -32.41 -21.72
CA ALA A 91 -11.56 -33.30 -22.86
C ALA A 91 -12.84 -34.12 -22.68
N SER A 92 -12.94 -34.80 -21.53
CA SER A 92 -14.10 -35.63 -21.24
C SER A 92 -15.40 -34.81 -21.35
N THR A 93 -16.44 -35.45 -21.86
CA THR A 93 -17.73 -34.79 -22.02
C THR A 93 -18.88 -35.80 -21.97
N TYR A 94 -20.08 -35.30 -21.70
CA TYR A 94 -21.26 -36.15 -21.61
C TYR A 94 -21.44 -36.95 -22.90
N THR A 95 -22.22 -38.03 -22.81
CA THR A 95 -22.48 -38.88 -23.97
C THR A 95 -23.93 -39.34 -24.00
N GLY A 96 -24.38 -39.81 -25.16
CA GLY A 96 -25.75 -40.27 -25.30
C GLY A 96 -25.86 -41.78 -25.15
N PHE A 97 -26.80 -42.22 -24.32
CA PHE A 97 -27.01 -43.64 -24.09
C PHE A 97 -28.38 -43.91 -23.49
N SER B 1 -18.42 12.98 12.50
CA SER B 1 -18.43 13.21 13.94
C SER B 1 -17.00 13.37 14.47
N MET B 2 -16.64 14.61 14.79
CA MET B 2 -15.30 14.90 15.32
C MET B 2 -15.35 16.08 16.29
N SER B 3 -14.18 16.51 16.73
CA SER B 3 -14.08 17.62 17.68
C SER B 3 -14.51 17.18 19.07
N GLN B 4 -15.76 16.75 19.19
CA GLN B 4 -16.29 16.32 20.48
C GLN B 4 -15.59 15.05 20.96
N ILE B 5 -14.81 14.45 20.07
CA ILE B 5 -14.08 13.23 20.40
C ILE B 5 -13.28 13.39 21.69
N MET B 6 -12.20 14.18 21.62
CA MET B 6 -11.36 14.43 22.78
C MET B 6 -10.20 15.34 22.42
N TYR B 7 -10.49 16.43 21.71
CA TYR B 7 -9.47 17.38 21.30
C TYR B 7 -9.77 18.77 21.87
N ASN B 8 -9.63 18.91 23.17
CA ASN B 8 -9.88 20.19 23.83
C ASN B 8 -8.69 21.13 23.67
N TYR B 9 -7.52 20.67 24.07
CA TYR B 9 -6.30 21.48 23.97
C TYR B 9 -5.20 20.71 23.25
N PRO B 10 -4.20 21.44 22.74
CA PRO B 10 -3.07 20.85 22.01
C PRO B 10 -2.14 20.07 22.94
N ALA B 11 -2.15 20.42 24.23
CA ALA B 11 -1.32 19.75 25.21
C ALA B 11 -1.65 18.26 25.27
N MET B 12 -2.91 17.93 25.09
CA MET B 12 -3.36 16.53 25.13
C MET B 12 -3.35 15.92 23.74
N LEU B 13 -2.66 16.57 22.81
CA LEU B 13 -2.57 16.09 21.44
C LEU B 13 -1.12 16.12 20.95
N GLY B 14 -0.72 15.07 20.24
CA GLY B 14 0.63 15.00 19.72
C GLY B 14 1.12 13.57 19.59
N HIS B 15 2.28 13.29 20.17
CA HIS B 15 2.86 11.94 20.11
C HIS B 15 3.09 11.52 18.66
N ALA B 16 4.30 11.77 18.16
CA ALA B 16 4.65 11.41 16.79
C ALA B 16 6.16 11.46 16.58
N GLY B 17 6.60 11.15 15.36
CA GLY B 17 8.01 11.18 15.05
C GLY B 17 8.28 11.27 13.56
N ASP B 18 9.04 10.31 13.03
CA ASP B 18 9.37 10.30 11.62
C ASP B 18 8.64 9.16 10.91
N MET B 19 7.31 9.21 10.92
CA MET B 19 6.50 8.19 10.28
C MET B 19 6.39 8.45 8.78
N ALA B 20 6.37 9.72 8.40
CA ALA B 20 6.27 10.10 6.99
C ALA B 20 7.34 9.41 6.15
N GLY B 21 8.53 9.25 6.72
CA GLY B 21 9.62 8.60 6.01
C GLY B 21 9.24 7.22 5.53
N TYR B 22 8.43 6.52 6.32
CA TYR B 22 8.00 5.17 5.96
C TYR B 22 7.04 5.19 4.77
N ALA B 23 5.96 5.95 4.91
CA ALA B 23 4.96 6.05 3.86
C ALA B 23 5.61 6.43 2.53
N GLY B 24 6.56 7.37 2.58
CA GLY B 24 7.24 7.80 1.38
C GLY B 24 7.93 6.65 0.66
N THR B 25 8.26 5.60 1.41
CA THR B 25 8.93 4.44 0.84
C THR B 25 8.02 3.71 -0.15
N LEU B 26 6.77 3.50 0.24
CA LEU B 26 5.81 2.83 -0.61
C LEU B 26 5.46 3.68 -1.83
N GLN B 27 5.39 4.98 -1.63
CA GLN B 27 5.07 5.91 -2.72
C GLN B 27 6.11 5.82 -3.83
N SER B 28 7.38 5.80 -3.45
CA SER B 28 8.47 5.72 -4.41
C SER B 28 8.57 4.31 -5.01
N LEU B 29 8.65 3.32 -4.14
CA LEU B 29 8.74 1.93 -4.58
C LEU B 29 7.57 1.56 -5.49
N GLY B 30 6.41 2.16 -5.21
CA GLY B 30 5.23 1.89 -6.01
C GLY B 30 5.45 2.16 -7.49
N ALA B 31 5.99 3.34 -7.80
CA ALA B 31 6.25 3.72 -9.17
C ALA B 31 7.28 2.80 -9.82
N GLU B 32 8.23 2.31 -9.01
CA GLU B 32 9.28 1.43 -9.50
C GLU B 32 8.66 0.20 -10.18
N ILE B 33 7.61 -0.34 -9.58
CA ILE B 33 6.94 -1.51 -10.12
C ILE B 33 6.14 -1.15 -11.37
N ALA B 34 5.53 0.03 -11.37
CA ALA B 34 4.74 0.49 -12.49
C ALA B 34 5.62 0.75 -13.71
N VAL B 35 6.87 1.12 -13.46
CA VAL B 35 7.81 1.40 -14.54
C VAL B 35 8.30 0.12 -15.19
N GLU B 36 8.41 -0.94 -14.40
CA GLU B 36 8.87 -2.23 -14.90
C GLU B 36 7.84 -2.84 -15.86
N GLN B 37 6.59 -2.91 -15.41
CA GLN B 37 5.52 -3.47 -16.23
C GLN B 37 5.28 -2.61 -17.47
N ALA B 38 5.55 -1.31 -17.35
CA ALA B 38 5.36 -0.38 -18.46
C ALA B 38 6.33 -0.71 -19.60
N ALA B 39 7.45 -1.32 -19.27
CA ALA B 39 8.45 -1.68 -20.27
C ALA B 39 8.10 -3.00 -20.95
N LEU B 40 7.34 -3.83 -20.25
CA LEU B 40 6.93 -5.13 -20.79
C LEU B 40 5.48 -5.09 -21.25
N GLN B 41 5.00 -3.90 -21.59
CA GLN B 41 3.62 -3.73 -22.05
C GLN B 41 3.31 -4.71 -23.18
N SER B 42 4.19 -4.76 -24.17
CA SER B 42 4.01 -5.65 -25.32
C SER B 42 3.87 -7.10 -24.87
N ALA B 43 4.46 -7.41 -23.72
CA ALA B 43 4.39 -8.77 -23.18
C ALA B 43 3.04 -9.05 -22.56
N TRP B 44 2.42 -8.02 -21.99
CA TRP B 44 1.10 -8.16 -21.37
C TRP B 44 0.11 -8.82 -22.33
N GLN B 45 -0.85 -9.55 -21.77
CA GLN B 45 -1.85 -10.23 -22.57
C GLN B 45 -3.10 -9.37 -22.74
N GLY B 46 -3.80 -9.12 -21.63
CA GLY B 46 -5.01 -8.31 -21.68
C GLY B 46 -6.26 -9.14 -21.65
N ASP B 47 -6.18 -10.36 -22.18
CA ASP B 47 -7.33 -11.25 -22.22
C ASP B 47 -7.28 -12.25 -21.06
N THR B 48 -6.60 -11.86 -19.98
CA THR B 48 -6.47 -12.72 -18.82
C THR B 48 -6.90 -12.00 -17.55
N GLY B 49 -7.75 -10.99 -17.71
CA GLY B 49 -8.23 -10.23 -16.57
C GLY B 49 -7.98 -8.74 -16.73
N ILE B 50 -7.00 -8.23 -15.98
CA ILE B 50 -6.65 -6.81 -16.03
C ILE B 50 -5.80 -6.50 -17.26
N THR B 51 -6.02 -5.33 -17.84
CA THR B 51 -5.27 -4.90 -19.01
C THR B 51 -4.14 -3.96 -18.63
N TYR B 52 -3.31 -3.61 -19.61
CA TYR B 52 -2.19 -2.71 -19.38
C TYR B 52 -2.68 -1.31 -19.00
N GLN B 53 -3.75 -0.88 -19.65
CA GLN B 53 -4.32 0.44 -19.38
C GLN B 53 -5.04 0.45 -18.04
N ALA B 54 -5.80 -0.61 -17.77
CA ALA B 54 -6.55 -0.71 -16.52
C ALA B 54 -5.60 -0.87 -15.34
N TRP B 55 -4.61 -1.73 -15.49
CA TRP B 55 -3.63 -1.99 -14.43
C TRP B 55 -2.90 -0.71 -14.05
N GLN B 56 -2.52 0.07 -15.06
CA GLN B 56 -1.81 1.32 -14.83
C GLN B 56 -2.60 2.25 -13.93
N ALA B 57 -3.84 2.54 -14.32
CA ALA B 57 -4.70 3.41 -13.55
C ALA B 57 -5.05 2.79 -12.20
N GLN B 58 -5.38 1.51 -12.21
CA GLN B 58 -5.74 0.80 -10.99
C GLN B 58 -4.60 0.89 -9.97
N TRP B 59 -3.40 0.52 -10.40
CA TRP B 59 -2.23 0.55 -9.51
C TRP B 59 -2.08 1.93 -8.89
N ASN B 60 -1.99 2.96 -9.73
CA ASN B 60 -1.84 4.33 -9.26
C ASN B 60 -2.89 4.66 -8.21
N GLN B 61 -4.14 4.28 -8.48
CA GLN B 61 -5.23 4.54 -7.57
C GLN B 61 -5.04 3.78 -6.26
N ALA B 62 -4.44 2.60 -6.35
CA ALA B 62 -4.19 1.77 -5.17
C ALA B 62 -3.07 2.35 -4.32
N MET B 63 -1.91 2.55 -4.94
CA MET B 63 -0.75 3.10 -4.24
C MET B 63 -1.08 4.45 -3.61
N GLU B 64 -1.83 5.28 -4.35
CA GLU B 64 -2.22 6.60 -3.87
C GLU B 64 -2.91 6.49 -2.51
N ASP B 65 -3.98 5.70 -2.45
CA ASP B 65 -4.73 5.52 -1.22
C ASP B 65 -3.91 4.75 -0.20
N LEU B 66 -3.03 3.90 -0.68
CA LEU B 66 -2.18 3.09 0.20
C LEU B 66 -1.17 3.96 0.93
N VAL B 67 -0.68 4.99 0.25
CA VAL B 67 0.29 5.91 0.84
C VAL B 67 -0.32 6.70 1.99
N ARG B 68 -1.46 7.32 1.73
CA ARG B 68 -2.15 8.11 2.74
C ARG B 68 -2.71 7.22 3.84
N ALA B 69 -3.07 5.99 3.47
CA ALA B 69 -3.62 5.04 4.43
C ALA B 69 -2.67 4.83 5.60
N TYR B 70 -1.39 5.06 5.36
CA TYR B 70 -0.38 4.90 6.41
C TYR B 70 -0.25 6.17 7.25
N HIS B 71 0.06 7.28 6.58
CA HIS B 71 0.22 8.56 7.27
C HIS B 71 -1.07 8.94 8.00
N ALA B 72 -2.19 8.36 7.56
CA ALA B 72 -3.47 8.64 8.18
C ALA B 72 -3.42 8.43 9.69
N MET B 73 -2.57 7.50 10.12
CA MET B 73 -2.42 7.20 11.54
C MET B 73 -1.78 8.37 12.28
N SER B 74 -0.67 8.87 11.73
CA SER B 74 0.04 9.98 12.34
C SER B 74 -0.60 11.32 11.95
N SER B 75 -1.67 11.25 11.18
CA SER B 75 -2.37 12.44 10.73
C SER B 75 -2.80 13.29 11.92
N THR B 76 -2.98 12.64 13.07
CA THR B 76 -3.39 13.34 14.28
C THR B 76 -2.46 14.52 14.59
N HIS B 77 -1.22 14.40 14.15
CA HIS B 77 -0.23 15.45 14.37
C HIS B 77 -0.74 16.79 13.84
N GLU B 78 -1.62 16.74 12.85
CA GLU B 78 -2.17 17.95 12.26
C GLU B 78 -2.87 18.80 13.32
N ALA B 79 -3.29 18.16 14.41
CA ALA B 79 -3.97 18.85 15.49
C ALA B 79 -3.17 20.06 15.95
N ASN B 80 -1.85 19.97 15.82
CA ASN B 80 -0.97 21.07 16.23
C ASN B 80 -1.29 22.34 15.44
N THR B 81 -1.24 22.25 14.12
CA THR B 81 -1.52 23.39 13.26
C THR B 81 -3.01 23.69 13.23
N MET B 82 -3.82 22.68 13.51
CA MET B 82 -5.27 22.85 13.51
C MET B 82 -5.69 24.02 14.38
N ALA B 83 -4.89 24.30 15.41
CA ALA B 83 -5.18 25.40 16.32
C ALA B 83 -5.41 26.70 15.56
N MET B 84 -4.34 27.22 14.95
CA MET B 84 -4.42 28.45 14.18
C MET B 84 -5.06 29.56 15.01
N MET B 85 -4.64 29.67 16.26
CA MET B 85 -5.17 30.69 17.16
C MET B 85 -4.53 32.04 16.88
N ALA B 86 -3.21 32.03 16.65
CA ALA B 86 -2.48 33.27 16.37
C ALA B 86 -2.95 33.89 15.07
N ARG B 87 -3.04 33.09 14.02
CA ARG B 87 -3.48 33.57 12.71
C ARG B 87 -4.95 33.99 12.74
N ASP B 88 -5.70 33.38 13.66
CA ASP B 88 -7.12 33.68 13.79
C ASP B 88 -7.33 35.06 14.42
N THR B 89 -7.55 36.07 13.58
CA THR B 89 -7.76 37.43 14.06
C THR B 89 -9.04 38.03 13.48
N ALA B 90 -9.00 38.37 12.20
CA ALA B 90 -10.15 38.95 11.52
C ALA B 90 -11.33 37.96 11.50
N GLU B 91 -11.01 36.67 11.59
CA GLU B 91 -12.04 35.63 11.59
C GLU B 91 -12.77 35.58 12.92
N ALA B 92 -12.03 35.31 13.98
CA ALA B 92 -12.60 35.23 15.32
C ALA B 92 -13.18 36.58 15.75
N ALA B 93 -12.66 37.65 15.17
CA ALA B 93 -13.11 38.99 15.49
C ALA B 93 -14.34 39.37 14.66
N LYS B 94 -14.47 38.73 13.50
CA LYS B 94 -15.59 39.01 12.61
C LYS B 94 -16.92 38.64 13.27
N TRP B 95 -18.02 38.82 12.54
CA TRP B 95 -19.34 38.50 13.07
C TRP B 95 -20.40 38.69 11.99
N GLY B 96 -20.77 37.59 11.33
CA GLY B 96 -21.77 37.65 10.28
C GLY B 96 -21.33 36.94 9.02
N GLY B 97 -21.74 37.48 7.87
CA GLY B 97 -21.38 36.87 6.60
C GLY B 97 -20.11 37.45 6.02
N MET A 1 0.15 -13.25 6.87
CA MET A 1 0.24 -14.11 8.04
C MET A 1 0.62 -15.53 7.64
N SER A 2 1.64 -16.08 8.31
CA SER A 2 2.10 -17.44 8.02
C SER A 2 2.96 -17.97 9.16
N LEU A 3 3.90 -17.15 9.61
CA LEU A 3 4.79 -17.54 10.70
C LEU A 3 5.65 -18.74 10.31
N LEU A 4 6.70 -18.98 11.07
CA LEU A 4 7.60 -20.10 10.80
C LEU A 4 8.29 -19.93 9.46
N ASP A 5 9.57 -19.56 9.50
CA ASP A 5 10.34 -19.37 8.29
C ASP A 5 11.54 -20.32 8.24
N ALA A 6 11.26 -21.60 7.96
CA ALA A 6 12.30 -22.61 7.89
C ALA A 6 12.44 -23.15 6.47
N HIS A 7 11.38 -23.75 5.96
CA HIS A 7 11.38 -24.32 4.62
C HIS A 7 10.24 -23.75 3.78
N ILE A 8 10.22 -22.43 3.64
CA ILE A 8 9.17 -21.76 2.87
C ILE A 8 9.75 -21.11 1.61
N PRO A 9 8.91 -20.98 0.58
CA PRO A 9 9.30 -20.37 -0.70
C PRO A 9 9.55 -18.87 -0.58
N GLN A 10 10.77 -18.50 -0.20
CA GLN A 10 11.12 -17.09 -0.05
C GLN A 10 12.32 -16.74 -0.92
N LEU A 11 12.40 -15.47 -1.32
CA LEU A 11 13.49 -15.00 -2.16
C LEU A 11 13.56 -15.80 -3.46
N VAL A 12 12.43 -16.37 -3.86
CA VAL A 12 12.36 -17.16 -5.08
C VAL A 12 12.00 -16.29 -6.28
N ALA A 13 12.16 -16.85 -7.48
CA ALA A 13 11.85 -16.11 -8.69
C ALA A 13 12.55 -14.75 -8.73
N SER A 14 13.70 -14.67 -8.07
CA SER A 14 14.46 -13.43 -8.02
C SER A 14 15.15 -13.16 -9.35
N GLN A 15 15.41 -14.21 -10.10
CA GLN A 15 16.06 -14.09 -11.40
C GLN A 15 15.34 -13.07 -12.27
N SER A 16 14.03 -12.95 -12.07
CA SER A 16 13.22 -12.01 -12.84
C SER A 16 13.32 -10.60 -12.26
N ALA A 17 13.69 -9.65 -13.11
CA ALA A 17 13.82 -8.26 -12.68
C ALA A 17 12.49 -7.73 -12.14
N PHE A 18 11.39 -8.27 -12.64
CA PHE A 18 10.06 -7.85 -12.20
C PHE A 18 9.75 -8.40 -10.81
N ALA A 19 9.93 -9.70 -10.65
CA ALA A 19 9.66 -10.35 -9.36
C ALA A 19 10.51 -9.74 -8.25
N ALA A 20 11.73 -9.34 -8.60
CA ALA A 20 12.65 -8.75 -7.65
C ALA A 20 12.01 -7.54 -6.95
N LYS A 21 11.22 -6.78 -7.70
CA LYS A 21 10.56 -5.60 -7.16
C LYS A 21 9.35 -6.00 -6.32
N ALA A 22 8.67 -7.06 -6.75
CA ALA A 22 7.49 -7.55 -6.04
C ALA A 22 7.80 -7.82 -4.57
N GLY A 23 8.89 -8.54 -4.32
CA GLY A 23 9.29 -8.85 -2.96
C GLY A 23 9.61 -7.60 -2.15
N LEU A 24 10.23 -6.63 -2.79
CA LEU A 24 10.58 -5.38 -2.13
C LEU A 24 9.35 -4.67 -1.60
N MET A 25 8.26 -4.74 -2.36
CA MET A 25 7.01 -4.11 -1.97
C MET A 25 6.51 -4.66 -0.64
N ARG A 26 6.29 -5.97 -0.59
CA ARG A 26 5.82 -6.62 0.62
C ARG A 26 6.72 -6.30 1.80
N HIS A 27 7.99 -6.02 1.52
CA HIS A 27 8.95 -5.70 2.56
C HIS A 27 8.64 -4.34 3.18
N THR A 28 8.31 -3.36 2.34
CA THR A 28 8.00 -2.02 2.81
C THR A 28 6.79 -2.03 3.73
N ILE A 29 5.72 -2.71 3.30
CA ILE A 29 4.50 -2.79 4.08
C ILE A 29 4.70 -3.70 5.30
N GLY A 30 5.29 -4.86 5.08
CA GLY A 30 5.53 -5.79 6.17
C GLY A 30 6.30 -5.16 7.31
N GLN A 31 7.38 -4.45 6.97
CA GLN A 31 8.20 -3.80 7.98
C GLN A 31 7.50 -2.58 8.56
N ALA A 32 6.88 -1.79 7.69
CA ALA A 32 6.16 -0.59 8.12
C ALA A 32 5.04 -0.95 9.08
N GLU A 33 4.40 -2.09 8.87
CA GLU A 33 3.31 -2.55 9.72
C GLU A 33 3.82 -2.90 11.11
N GLN A 34 4.85 -3.73 11.17
CA GLN A 34 5.43 -4.14 12.44
C GLN A 34 5.79 -2.93 13.30
N ALA A 35 6.21 -1.86 12.64
CA ALA A 35 6.59 -0.64 13.34
C ALA A 35 5.44 -0.10 14.17
N ALA A 36 4.27 0.02 13.55
CA ALA A 36 3.08 0.52 14.24
C ALA A 36 2.72 -0.37 15.42
N MET A 37 2.75 -1.68 15.20
CA MET A 37 2.41 -2.63 16.25
C MET A 37 3.35 -2.46 17.45
N SER A 38 4.65 -2.47 17.18
CA SER A 38 5.65 -2.32 18.24
C SER A 38 5.37 -1.08 19.08
N ALA A 39 5.33 0.08 18.41
CA ALA A 39 5.07 1.34 19.10
C ALA A 39 3.70 1.33 19.75
N GLN A 40 2.79 0.54 19.20
CA GLN A 40 1.44 0.45 19.73
C GLN A 40 1.36 -0.56 20.88
N ALA A 41 2.46 -1.28 21.10
CA ALA A 41 2.53 -2.26 22.17
C ALA A 41 2.30 -1.63 23.53
N PHE A 42 2.67 -0.36 23.65
CA PHE A 42 2.51 0.37 24.91
C PHE A 42 1.08 0.26 25.42
N HIS A 43 0.94 0.04 26.72
CA HIS A 43 -0.38 -0.09 27.33
C HIS A 43 -1.23 -1.12 26.60
N GLN A 44 -0.59 -2.18 26.11
CA GLN A 44 -1.29 -3.23 25.37
C GLN A 44 -2.49 -3.74 26.16
N GLY A 45 -3.68 -3.38 25.70
CA GLY A 45 -4.90 -3.80 26.37
C GLY A 45 -5.95 -2.71 26.40
N GLU A 46 -6.16 -2.04 25.27
CA GLU A 46 -7.14 -0.97 25.18
C GLU A 46 -7.33 -0.52 23.74
N SER A 47 -6.23 -0.04 23.14
CA SER A 47 -6.27 0.44 21.76
C SER A 47 -7.22 1.63 21.62
N SER A 48 -7.20 2.25 20.45
CA SER A 48 -8.06 3.41 20.18
C SER A 48 -8.85 3.21 18.89
N ALA A 49 -9.85 4.06 18.68
CA ALA A 49 -10.68 3.99 17.49
C ALA A 49 -10.01 4.70 16.30
N ALA A 50 -9.44 5.87 16.56
CA ALA A 50 -8.76 6.64 15.53
C ALA A 50 -7.71 5.80 14.82
N PHE A 51 -6.96 5.01 15.59
CA PHE A 51 -5.92 4.16 15.05
C PHE A 51 -6.52 3.02 14.23
N GLN A 52 -7.66 2.53 14.68
CA GLN A 52 -8.33 1.43 13.99
C GLN A 52 -8.71 1.82 12.57
N ALA A 53 -9.42 2.94 12.43
CA ALA A 53 -9.85 3.42 11.12
C ALA A 53 -8.66 3.52 10.17
N ALA A 54 -7.57 4.13 10.64
CA ALA A 54 -6.38 4.29 9.83
C ALA A 54 -5.77 2.94 9.47
N HIS A 55 -5.83 2.01 10.41
CA HIS A 55 -5.28 0.67 10.20
C HIS A 55 -6.11 -0.09 9.17
N ALA A 56 -7.43 0.03 9.27
CA ALA A 56 -8.33 -0.65 8.35
C ALA A 56 -8.27 -0.03 6.96
N ARG A 57 -7.99 1.27 6.92
CA ARG A 57 -7.91 1.99 5.65
C ARG A 57 -6.70 1.51 4.84
N PHE A 58 -5.63 1.16 5.54
CA PHE A 58 -4.42 0.68 4.88
C PHE A 58 -4.62 -0.69 4.28
N VAL A 59 -5.06 -1.64 5.10
CA VAL A 59 -5.30 -3.00 4.66
C VAL A 59 -6.26 -3.02 3.46
N ALA A 60 -7.20 -2.09 3.45
CA ALA A 60 -8.18 -2.01 2.37
C ALA A 60 -7.49 -1.72 1.03
N ALA A 61 -6.54 -0.80 1.04
CA ALA A 61 -5.81 -0.44 -0.17
C ALA A 61 -4.72 -1.47 -0.47
N ALA A 62 -4.10 -1.99 0.58
CA ALA A 62 -3.04 -2.99 0.42
C ALA A 62 -3.51 -4.14 -0.46
N ALA A 63 -4.78 -4.51 -0.33
CA ALA A 63 -5.34 -5.60 -1.11
C ALA A 63 -5.33 -5.28 -2.61
N LYS A 64 -5.42 -3.99 -2.92
CA LYS A 64 -5.42 -3.53 -4.31
C LYS A 64 -4.03 -3.65 -4.92
N VAL A 65 -3.05 -3.08 -4.24
CA VAL A 65 -1.66 -3.12 -4.71
C VAL A 65 -1.15 -4.55 -4.77
N ASN A 66 -1.63 -5.40 -3.87
CA ASN A 66 -1.23 -6.79 -3.82
C ASN A 66 -1.81 -7.57 -4.99
N THR A 67 -3.13 -7.49 -5.15
CA THR A 67 -3.81 -8.19 -6.24
C THR A 67 -3.22 -7.81 -7.59
N LEU A 68 -2.92 -6.52 -7.75
CA LEU A 68 -2.36 -6.02 -9.01
C LEU A 68 -0.95 -6.56 -9.22
N LEU A 69 -0.27 -6.89 -8.13
CA LEU A 69 1.08 -7.42 -8.20
C LEU A 69 1.09 -8.84 -8.76
N ASP A 70 0.00 -9.56 -8.51
CA ASP A 70 -0.13 -10.94 -8.98
C ASP A 70 -0.47 -10.96 -10.48
N VAL A 71 -1.51 -10.22 -10.85
CA VAL A 71 -1.95 -10.16 -12.24
C VAL A 71 -0.83 -9.66 -13.14
N ALA A 72 0.02 -8.77 -12.60
CA ALA A 72 1.13 -8.23 -13.37
C ALA A 72 2.09 -9.34 -13.80
N GLN A 73 2.49 -10.18 -12.87
CA GLN A 73 3.41 -11.27 -13.15
C GLN A 73 2.71 -12.36 -13.96
N ALA A 74 1.43 -12.56 -13.70
CA ALA A 74 0.65 -13.57 -14.40
C ALA A 74 0.41 -13.16 -15.86
N ASN A 75 0.32 -11.87 -16.09
CA ASN A 75 0.10 -11.34 -17.44
C ASN A 75 1.40 -11.32 -18.23
N LEU A 76 2.47 -10.87 -17.59
CA LEU A 76 3.79 -10.79 -18.24
C LEU A 76 4.41 -12.17 -18.36
N GLY A 77 4.02 -13.07 -17.47
CA GLY A 77 4.56 -14.42 -17.50
C GLY A 77 5.96 -14.50 -16.93
N GLU A 78 6.93 -13.96 -17.68
CA GLU A 78 8.32 -13.97 -17.25
C GLU A 78 8.46 -13.41 -15.84
N ALA A 79 7.69 -12.36 -15.56
CA ALA A 79 7.72 -11.72 -14.24
C ALA A 79 7.39 -12.71 -13.14
N ALA A 80 6.55 -13.70 -13.47
CA ALA A 80 6.16 -14.71 -12.50
C ALA A 80 7.05 -15.94 -12.59
N GLY A 81 7.02 -16.77 -11.55
CA GLY A 81 7.84 -17.97 -11.54
C GLY A 81 7.01 -19.23 -11.64
N THR A 82 5.78 -19.18 -11.14
CA THR A 82 4.89 -20.33 -11.16
C THR A 82 4.51 -20.69 -12.60
N TYR A 83 4.47 -21.98 -12.89
CA TYR A 83 4.11 -22.46 -14.22
C TYR A 83 2.69 -23.02 -14.24
N VAL A 84 2.16 -23.21 -15.44
CA VAL A 84 0.81 -23.74 -15.60
C VAL A 84 0.72 -24.66 -16.81
N ALA A 85 1.19 -25.88 -16.66
CA ALA A 85 1.17 -26.87 -17.73
C ALA A 85 -0.24 -27.41 -17.95
N ALA A 86 -1.13 -26.55 -18.43
CA ALA A 86 -2.51 -26.95 -18.68
C ALA A 86 -2.76 -27.19 -20.16
N ASP A 87 -1.96 -26.53 -21.00
CA ASP A 87 -2.09 -26.67 -22.44
C ASP A 87 -0.82 -27.23 -23.06
N ALA A 88 -0.71 -28.56 -23.09
CA ALA A 88 0.46 -29.21 -23.65
C ALA A 88 0.08 -30.14 -24.80
N ALA A 89 1.07 -30.86 -25.32
CA ALA A 89 0.83 -31.78 -26.43
C ALA A 89 0.34 -33.13 -25.91
N ALA A 90 0.69 -33.45 -24.67
CA ALA A 90 0.30 -34.71 -24.07
C ALA A 90 -1.02 -34.56 -23.31
N ALA A 91 -1.73 -33.47 -23.58
CA ALA A 91 -3.01 -33.20 -22.92
C ALA A 91 -4.08 -34.18 -23.40
N SER A 92 -4.25 -34.26 -24.72
CA SER A 92 -5.25 -35.15 -25.31
C SER A 92 -4.57 -36.33 -26.00
N THR A 93 -3.67 -36.04 -26.93
CA THR A 93 -2.96 -37.07 -27.67
C THR A 93 -3.93 -37.93 -28.48
N TYR A 94 -3.38 -38.77 -29.36
CA TYR A 94 -4.19 -39.64 -30.19
C TYR A 94 -5.10 -38.83 -31.10
N THR A 95 -5.82 -39.52 -31.98
CA THR A 95 -6.74 -38.87 -32.91
C THR A 95 -8.18 -39.26 -32.64
N GLY A 96 -9.11 -38.46 -33.14
CA GLY A 96 -10.52 -38.75 -32.95
C GLY A 96 -11.10 -39.61 -34.05
N PHE A 97 -10.44 -40.73 -34.35
CA PHE A 97 -10.90 -41.62 -35.40
C PHE A 97 -11.30 -42.98 -34.82
N SER B 1 12.16 16.82 11.66
CA SER B 1 12.28 16.05 12.89
C SER B 1 12.02 16.93 14.11
N MET B 2 10.81 16.86 14.64
CA MET B 2 10.44 17.65 15.81
C MET B 2 9.87 16.77 16.91
N SER B 3 10.70 15.85 17.41
CA SER B 3 10.28 14.93 18.46
C SER B 3 11.16 15.08 19.70
N GLN B 4 12.33 15.68 19.50
CA GLN B 4 13.27 15.89 20.61
C GLN B 4 13.07 17.25 21.25
N ILE B 5 11.98 17.92 20.87
CA ILE B 5 11.66 19.24 21.41
C ILE B 5 11.13 19.14 22.84
N MET B 6 9.91 18.63 22.97
CA MET B 6 9.29 18.47 24.28
C MET B 6 8.01 17.65 24.19
N TYR B 7 6.91 18.30 23.84
CA TYR B 7 5.63 17.62 23.71
C TYR B 7 5.32 16.80 24.97
N ASN B 8 4.28 15.98 24.88
CA ASN B 8 3.88 15.14 26.01
C ASN B 8 3.56 13.72 25.53
N TYR B 9 3.12 12.88 26.47
CA TYR B 9 2.78 11.50 26.15
C TYR B 9 1.72 11.43 25.06
N PRO B 10 1.61 10.27 24.40
CA PRO B 10 0.64 10.04 23.33
C PRO B 10 -0.79 9.98 23.86
N ALA B 11 -0.93 9.74 25.16
CA ALA B 11 -2.25 9.64 25.78
C ALA B 11 -3.02 10.95 25.60
N MET B 12 -2.30 12.06 25.59
CA MET B 12 -2.92 13.37 25.43
C MET B 12 -2.97 13.78 23.95
N LEU B 13 -1.81 13.77 23.31
CA LEU B 13 -1.72 14.13 21.90
C LEU B 13 -2.40 13.08 21.03
N GLY B 14 -1.82 11.88 20.98
CA GLY B 14 -2.39 10.82 20.17
C GLY B 14 -1.34 10.05 19.40
N HIS B 15 -0.65 9.14 20.08
CA HIS B 15 0.39 8.35 19.44
C HIS B 15 1.63 9.20 19.14
N ALA B 16 1.49 10.10 18.17
CA ALA B 16 2.59 10.97 17.78
C ALA B 16 3.75 10.17 17.21
N GLY B 17 4.60 10.84 16.44
CA GLY B 17 5.74 10.17 15.84
C GLY B 17 5.89 10.49 14.36
N ASP B 18 7.13 10.55 13.90
CA ASP B 18 7.41 10.85 12.50
C ASP B 18 7.45 9.57 11.67
N MET B 19 6.36 8.81 11.71
CA MET B 19 6.27 7.56 10.97
C MET B 19 5.89 7.82 9.52
N ALA B 20 5.23 8.95 9.27
CA ALA B 20 4.81 9.32 7.93
C ALA B 20 5.97 9.25 6.94
N GLY B 21 7.18 9.52 7.44
CA GLY B 21 8.35 9.48 6.60
C GLY B 21 8.51 8.16 5.88
N TYR B 22 8.08 7.08 6.54
CA TYR B 22 8.19 5.74 5.96
C TYR B 22 7.18 5.57 4.81
N ALA B 23 6.03 6.21 4.94
CA ALA B 23 4.99 6.12 3.92
C ALA B 23 5.56 6.44 2.54
N GLY B 24 6.45 7.42 2.48
CA GLY B 24 7.05 7.81 1.22
C GLY B 24 7.70 6.63 0.51
N THR B 25 8.09 5.61 1.26
CA THR B 25 8.73 4.44 0.70
C THR B 25 7.79 3.71 -0.26
N LEU B 26 6.52 3.63 0.11
CA LEU B 26 5.52 2.97 -0.74
C LEU B 26 5.28 3.76 -2.01
N GLN B 27 5.29 5.08 -1.90
CA GLN B 27 5.08 5.95 -3.06
C GLN B 27 6.21 5.81 -4.07
N SER B 28 7.43 5.71 -3.55
CA SER B 28 8.61 5.58 -4.40
C SER B 28 8.72 4.17 -4.98
N LEU B 29 8.67 3.17 -4.10
CA LEU B 29 8.76 1.79 -4.54
C LEU B 29 7.60 1.43 -5.47
N GLY B 30 6.41 1.91 -5.14
CA GLY B 30 5.24 1.63 -5.96
C GLY B 30 5.48 1.97 -7.42
N ALA B 31 6.16 3.08 -7.67
CA ALA B 31 6.44 3.51 -9.04
C ALA B 31 7.37 2.52 -9.74
N GLU B 32 8.30 1.94 -8.97
CA GLU B 32 9.25 0.99 -9.53
C GLU B 32 8.52 -0.16 -10.22
N ILE B 33 7.43 -0.61 -9.61
CA ILE B 33 6.65 -1.70 -10.17
C ILE B 33 5.86 -1.25 -11.39
N ALA B 34 5.43 0.00 -11.38
CA ALA B 34 4.66 0.56 -12.48
C ALA B 34 5.52 0.66 -13.74
N VAL B 35 6.67 1.31 -13.62
CA VAL B 35 7.58 1.48 -14.75
C VAL B 35 7.95 0.13 -15.35
N GLU B 36 8.19 -0.85 -14.49
CA GLU B 36 8.57 -2.18 -14.94
C GLU B 36 7.46 -2.80 -15.79
N GLN B 37 6.21 -2.58 -15.39
CA GLN B 37 5.07 -3.11 -16.12
C GLN B 37 4.85 -2.34 -17.42
N ALA B 38 5.18 -1.05 -17.40
CA ALA B 38 5.02 -0.21 -18.58
C ALA B 38 6.08 -0.52 -19.63
N ALA B 39 7.21 -1.07 -19.18
CA ALA B 39 8.30 -1.41 -20.09
C ALA B 39 8.06 -2.76 -20.76
N LEU B 40 7.25 -3.59 -20.12
CA LEU B 40 6.92 -4.91 -20.65
C LEU B 40 5.48 -4.97 -21.14
N GLN B 41 4.95 -3.81 -21.55
CA GLN B 41 3.57 -3.74 -22.04
C GLN B 41 3.34 -4.72 -23.18
N SER B 42 4.26 -4.73 -24.14
CA SER B 42 4.15 -5.62 -25.29
C SER B 42 4.02 -7.07 -24.84
N ALA B 43 4.54 -7.37 -23.65
CA ALA B 43 4.49 -8.72 -23.11
C ALA B 43 3.10 -9.02 -22.52
N TRP B 44 2.45 -7.98 -22.02
CA TRP B 44 1.12 -8.13 -21.43
C TRP B 44 0.17 -8.82 -22.41
N GLN B 45 -0.72 -9.64 -21.86
CA GLN B 45 -1.69 -10.36 -22.68
C GLN B 45 -2.98 -9.57 -22.82
N GLY B 46 -3.68 -9.38 -21.71
CA GLY B 46 -4.93 -8.64 -21.73
C GLY B 46 -6.14 -9.55 -21.77
N ASP B 47 -5.93 -10.79 -22.18
CA ASP B 47 -7.02 -11.77 -22.27
C ASP B 47 -7.05 -12.66 -21.03
N THR B 48 -6.55 -12.14 -19.91
CA THR B 48 -6.52 -12.89 -18.67
C THR B 48 -7.33 -12.19 -17.59
N GLY B 49 -7.39 -10.86 -17.66
CA GLY B 49 -8.14 -10.10 -16.67
C GLY B 49 -7.93 -8.61 -16.81
N ILE B 50 -6.99 -8.07 -16.03
CA ILE B 50 -6.69 -6.64 -16.07
C ILE B 50 -5.88 -6.28 -17.32
N THR B 51 -6.17 -5.12 -17.89
CA THR B 51 -5.48 -4.67 -19.09
C THR B 51 -4.34 -3.73 -18.72
N TYR B 52 -3.52 -3.38 -19.72
CA TYR B 52 -2.39 -2.49 -19.51
C TYR B 52 -2.87 -1.10 -19.10
N GLN B 53 -3.96 -0.65 -19.70
CA GLN B 53 -4.51 0.67 -19.40
C GLN B 53 -5.20 0.67 -18.04
N ALA B 54 -5.94 -0.40 -17.76
CA ALA B 54 -6.64 -0.53 -16.49
C ALA B 54 -5.67 -0.70 -15.33
N TRP B 55 -4.67 -1.55 -15.52
CA TRP B 55 -3.66 -1.80 -14.49
C TRP B 55 -2.93 -0.51 -14.12
N GLN B 56 -2.58 0.27 -15.14
CA GLN B 56 -1.88 1.53 -14.91
C GLN B 56 -2.64 2.43 -13.95
N ALA B 57 -3.90 2.72 -14.29
CA ALA B 57 -4.74 3.56 -13.47
C ALA B 57 -5.03 2.90 -12.12
N GLN B 58 -5.35 1.61 -12.16
CA GLN B 58 -5.65 0.86 -10.94
C GLN B 58 -4.50 0.96 -9.95
N TRP B 59 -3.29 0.65 -10.41
CA TRP B 59 -2.11 0.69 -9.55
C TRP B 59 -2.01 2.05 -8.85
N ASN B 60 -1.98 3.11 -9.65
CA ASN B 60 -1.88 4.47 -9.10
C ASN B 60 -2.93 4.69 -8.03
N GLN B 61 -4.17 4.35 -8.33
CA GLN B 61 -5.27 4.52 -7.39
C GLN B 61 -5.02 3.72 -6.11
N ALA B 62 -4.37 2.57 -6.25
CA ALA B 62 -4.06 1.71 -5.11
C ALA B 62 -3.04 2.37 -4.19
N MET B 63 -1.90 2.77 -4.76
CA MET B 63 -0.85 3.41 -3.99
C MET B 63 -1.34 4.71 -3.37
N GLU B 64 -2.23 5.38 -4.08
CA GLU B 64 -2.79 6.65 -3.60
C GLU B 64 -3.48 6.47 -2.25
N ASP B 65 -4.44 5.56 -2.20
CA ASP B 65 -5.18 5.29 -0.97
C ASP B 65 -4.33 4.48 0.00
N LEU B 66 -3.41 3.68 -0.55
CA LEU B 66 -2.54 2.85 0.27
C LEU B 66 -1.58 3.70 1.09
N VAL B 67 -0.92 4.65 0.43
CA VAL B 67 0.02 5.53 1.10
C VAL B 67 -0.71 6.56 1.96
N ARG B 68 -1.91 6.93 1.53
CA ARG B 68 -2.70 7.90 2.27
C ARG B 68 -3.22 7.32 3.58
N ALA B 69 -3.64 6.05 3.53
CA ALA B 69 -4.15 5.37 4.71
C ALA B 69 -3.13 5.39 5.85
N TYR B 70 -1.91 4.96 5.55
CA TYR B 70 -0.83 4.93 6.54
C TYR B 70 -0.55 6.32 7.09
N HIS B 71 -0.75 7.33 6.24
CA HIS B 71 -0.52 8.72 6.65
C HIS B 71 -1.53 9.15 7.70
N ALA B 72 -2.69 8.51 7.69
CA ALA B 72 -3.74 8.82 8.65
C ALA B 72 -3.23 8.78 10.08
N MET B 73 -2.55 7.69 10.43
CA MET B 73 -2.00 7.53 11.76
C MET B 73 -0.84 8.49 12.00
N SER B 74 -0.12 8.81 10.94
CA SER B 74 1.02 9.72 11.03
C SER B 74 0.55 11.17 10.97
N SER B 75 -0.76 11.36 10.85
CA SER B 75 -1.34 12.70 10.79
C SER B 75 -1.09 13.47 12.08
N THR B 76 -0.71 12.74 13.12
CA THR B 76 -0.43 13.35 14.43
C THR B 76 0.63 14.44 14.30
N HIS B 77 1.44 14.36 13.26
CA HIS B 77 2.50 15.34 13.03
C HIS B 77 1.93 16.76 13.03
N GLU B 78 0.65 16.88 12.66
CA GLU B 78 0.00 18.18 12.61
C GLU B 78 0.03 18.85 13.98
N ALA B 79 0.19 18.05 15.03
CA ALA B 79 0.24 18.56 16.39
C ALA B 79 1.24 19.71 16.52
N ASN B 80 2.29 19.67 15.69
CA ASN B 80 3.31 20.71 15.71
C ASN B 80 2.68 22.09 15.56
N THR B 81 1.90 22.27 14.50
CA THR B 81 1.24 23.54 14.24
C THR B 81 0.07 23.77 15.20
N MET B 82 -0.55 22.67 15.63
CA MET B 82 -1.68 22.74 16.55
C MET B 82 -1.33 23.57 17.78
N ALA B 83 -0.05 23.58 18.14
CA ALA B 83 0.41 24.34 19.30
C ALA B 83 -0.06 25.78 19.22
N MET B 84 -0.09 26.33 18.01
CA MET B 84 -0.52 27.70 17.81
C MET B 84 -1.78 27.77 16.96
N MET B 85 -2.75 26.91 17.28
CA MET B 85 -4.01 26.87 16.55
C MET B 85 -5.02 27.84 17.15
N ALA B 86 -4.88 28.12 18.44
CA ALA B 86 -5.77 29.04 19.12
C ALA B 86 -5.88 30.37 18.38
N ARG B 87 -4.78 30.79 17.77
CA ARG B 87 -4.76 32.04 17.03
C ARG B 87 -5.45 31.89 15.68
N ASP B 88 -5.42 30.69 15.13
CA ASP B 88 -6.04 30.40 13.84
C ASP B 88 -7.42 29.76 14.04
N THR B 89 -8.45 30.60 14.13
CA THR B 89 -9.81 30.13 14.32
C THR B 89 -10.63 30.29 13.05
N ALA B 90 -10.42 31.40 12.36
CA ALA B 90 -11.15 31.68 11.12
C ALA B 90 -10.38 31.16 9.91
N GLU B 91 -9.07 31.00 10.07
CA GLU B 91 -8.22 30.51 9.00
C GLU B 91 -8.43 29.01 8.77
N ALA B 92 -8.15 28.22 9.80
CA ALA B 92 -8.31 26.77 9.71
C ALA B 92 -9.77 26.40 9.49
N ALA B 93 -10.68 27.27 9.90
CA ALA B 93 -12.10 27.04 9.74
C ALA B 93 -12.59 27.49 8.37
N LYS B 94 -11.88 28.43 7.78
CA LYS B 94 -12.24 28.96 6.46
C LYS B 94 -12.33 27.83 5.44
N TRP B 95 -11.36 26.92 5.48
CA TRP B 95 -11.34 25.79 4.56
C TRP B 95 -11.88 24.52 5.22
N GLY B 96 -12.18 23.51 4.41
CA GLY B 96 -12.70 22.27 4.94
C GLY B 96 -13.36 21.42 3.87
N GLY B 97 -13.76 20.21 4.24
CA GLY B 97 -14.39 19.31 3.30
C GLY B 97 -13.48 18.94 2.14
N MET A 1 13.39 4.55 -39.61
CA MET A 1 14.79 4.78 -39.91
C MET A 1 15.69 4.19 -38.83
N SER A 2 15.90 2.87 -38.89
CA SER A 2 16.73 2.19 -37.92
C SER A 2 16.88 0.71 -38.28
N LEU A 3 18.02 0.13 -37.91
CA LEU A 3 18.29 -1.28 -38.19
C LEU A 3 17.27 -2.18 -37.50
N LEU A 4 17.44 -3.48 -37.66
CA LEU A 4 16.54 -4.45 -37.04
C LEU A 4 17.31 -5.50 -36.25
N ASP A 5 18.49 -5.12 -35.78
CA ASP A 5 19.34 -6.02 -35.01
C ASP A 5 20.35 -5.25 -34.17
N ALA A 6 20.00 -4.01 -33.84
CA ALA A 6 20.89 -3.16 -33.04
C ALA A 6 20.29 -2.88 -31.66
N HIS A 7 18.96 -2.71 -31.62
CA HIS A 7 18.27 -2.44 -30.37
C HIS A 7 16.95 -3.22 -30.30
N ILE A 8 16.95 -4.42 -30.88
CA ILE A 8 15.75 -5.26 -30.88
C ILE A 8 15.41 -5.72 -29.47
N PRO A 9 14.11 -5.99 -29.24
CA PRO A 9 13.62 -6.45 -27.94
C PRO A 9 14.07 -7.87 -27.62
N GLN A 10 15.32 -8.00 -27.18
CA GLN A 10 15.86 -9.31 -26.85
C GLN A 10 15.85 -9.53 -25.34
N LEU A 11 16.22 -8.50 -24.59
CA LEU A 11 16.25 -8.57 -23.14
C LEU A 11 14.93 -8.10 -22.54
N VAL A 12 13.85 -8.78 -22.86
CA VAL A 12 12.53 -8.42 -22.35
C VAL A 12 12.33 -8.97 -20.94
N ALA A 13 12.23 -10.29 -20.83
CA ALA A 13 12.02 -10.92 -19.53
C ALA A 13 12.95 -12.13 -19.38
N SER A 14 14.23 -11.94 -19.71
CA SER A 14 15.20 -13.02 -19.61
C SER A 14 15.71 -13.16 -18.17
N GLN A 15 16.15 -12.05 -17.59
CA GLN A 15 16.66 -12.05 -16.23
C GLN A 15 15.51 -11.95 -15.22
N SER A 16 14.40 -11.36 -15.66
CA SER A 16 13.23 -11.19 -14.80
C SER A 16 13.56 -10.29 -13.61
N ALA A 17 13.15 -9.04 -13.68
CA ALA A 17 13.39 -8.08 -12.61
C ALA A 17 12.12 -7.78 -11.85
N PHE A 18 10.97 -7.94 -12.51
CA PHE A 18 9.68 -7.69 -11.89
C PHE A 18 9.55 -8.43 -10.56
N ALA A 19 9.82 -9.73 -10.60
CA ALA A 19 9.74 -10.55 -9.40
C ALA A 19 10.58 -9.97 -8.26
N ALA A 20 11.78 -9.53 -8.60
CA ALA A 20 12.70 -8.95 -7.62
C ALA A 20 12.03 -7.79 -6.89
N LYS A 21 11.19 -7.05 -7.60
CA LYS A 21 10.49 -5.91 -7.02
C LYS A 21 9.33 -6.37 -6.14
N ALA A 22 8.61 -7.39 -6.61
CA ALA A 22 7.48 -7.92 -5.85
C ALA A 22 7.91 -8.39 -4.47
N GLY A 23 9.10 -8.95 -4.38
CA GLY A 23 9.60 -9.43 -3.11
C GLY A 23 9.96 -8.30 -2.16
N LEU A 24 10.70 -7.32 -2.67
CA LEU A 24 11.11 -6.17 -1.87
C LEU A 24 9.89 -5.40 -1.36
N MET A 25 8.79 -5.49 -2.11
CA MET A 25 7.56 -4.80 -1.74
C MET A 25 7.08 -5.26 -0.37
N ARG A 26 6.83 -6.55 -0.23
CA ARG A 26 6.36 -7.11 1.03
C ARG A 26 7.28 -6.71 2.18
N HIS A 27 8.56 -6.49 1.87
CA HIS A 27 9.54 -6.10 2.88
C HIS A 27 9.34 -4.65 3.30
N THR A 28 8.91 -3.82 2.35
CA THR A 28 8.68 -2.40 2.62
C THR A 28 7.50 -2.21 3.57
N ILE A 29 6.40 -2.90 3.29
CA ILE A 29 5.21 -2.81 4.11
C ILE A 29 5.40 -3.53 5.44
N GLY A 30 5.95 -4.75 5.39
CA GLY A 30 6.17 -5.52 6.58
C GLY A 30 6.98 -4.76 7.62
N GLN A 31 8.00 -4.04 7.17
CA GLN A 31 8.86 -3.28 8.06
C GLN A 31 8.12 -2.03 8.57
N ALA A 32 7.33 -1.42 7.69
CA ALA A 32 6.58 -0.23 8.05
C ALA A 32 5.46 -0.56 9.03
N GLU A 33 4.97 -1.79 8.96
CA GLU A 33 3.88 -2.23 9.84
C GLU A 33 4.39 -2.38 11.28
N GLN A 34 5.65 -2.76 11.42
CA GLN A 34 6.25 -2.94 12.74
C GLN A 34 6.03 -1.71 13.61
N ALA A 35 6.04 -0.54 12.97
CA ALA A 35 5.85 0.72 13.69
C ALA A 35 4.42 0.83 14.21
N ALA A 36 3.46 0.43 13.39
CA ALA A 36 2.05 0.49 13.77
C ALA A 36 1.79 -0.29 15.05
N MET A 37 2.66 -1.26 15.34
CA MET A 37 2.53 -2.09 16.53
C MET A 37 2.39 -1.21 17.77
N SER A 38 2.98 -0.03 17.74
CA SER A 38 2.93 0.89 18.87
C SER A 38 1.48 1.12 19.30
N ALA A 39 0.62 1.47 18.35
CA ALA A 39 -0.78 1.71 18.63
C ALA A 39 -1.49 0.43 19.03
N GLN A 40 -0.99 -0.70 18.52
CA GLN A 40 -1.59 -2.00 18.82
C GLN A 40 -1.39 -2.36 20.29
N ALA A 41 -0.53 -1.62 20.97
CA ALA A 41 -0.27 -1.86 22.38
C ALA A 41 -1.55 -1.82 23.20
N PHE A 42 -2.41 -0.87 22.90
CA PHE A 42 -3.68 -0.72 23.61
C PHE A 42 -3.44 -0.39 25.08
N HIS A 43 -3.19 -1.44 25.88
CA HIS A 43 -2.95 -1.27 27.30
C HIS A 43 -1.46 -1.13 27.59
N GLN A 44 -0.63 -1.68 26.70
CA GLN A 44 0.82 -1.63 26.86
C GLN A 44 1.31 -0.19 26.75
N GLY A 45 0.57 0.64 26.02
CA GLY A 45 0.96 2.03 25.86
C GLY A 45 -0.22 2.92 25.51
N GLU A 46 -0.72 2.79 24.29
CA GLU A 46 -1.85 3.59 23.83
C GLU A 46 -2.79 2.77 22.96
N SER A 47 -4.07 3.13 22.98
CA SER A 47 -5.07 2.41 22.19
C SER A 47 -5.55 3.27 21.02
N SER A 48 -6.37 4.27 21.33
CA SER A 48 -6.90 5.16 20.30
C SER A 48 -7.74 4.38 19.28
N ALA A 49 -9.06 4.41 19.47
CA ALA A 49 -9.96 3.72 18.57
C ALA A 49 -9.72 4.11 17.12
N ALA A 50 -9.35 5.37 16.92
CA ALA A 50 -9.10 5.88 15.58
C ALA A 50 -8.05 5.03 14.86
N PHE A 51 -7.18 4.39 15.64
CA PHE A 51 -6.13 3.54 15.09
C PHE A 51 -6.73 2.40 14.26
N GLN A 52 -7.88 1.91 14.70
CA GLN A 52 -8.56 0.83 14.00
C GLN A 52 -8.88 1.21 12.56
N ALA A 53 -9.58 2.34 12.40
CA ALA A 53 -9.95 2.83 11.09
C ALA A 53 -8.75 2.90 10.16
N ALA A 54 -7.68 3.54 10.63
CA ALA A 54 -6.45 3.66 9.84
C ALA A 54 -5.83 2.30 9.56
N HIS A 55 -5.87 1.42 10.57
CA HIS A 55 -5.30 0.09 10.43
C HIS A 55 -6.05 -0.70 9.36
N ALA A 56 -7.37 -0.60 9.39
CA ALA A 56 -8.21 -1.31 8.42
C ALA A 56 -8.03 -0.75 7.01
N ARG A 57 -7.76 0.55 6.94
CA ARG A 57 -7.56 1.22 5.66
C ARG A 57 -6.35 0.66 4.93
N PHE A 58 -5.29 0.42 5.67
CA PHE A 58 -4.05 -0.12 5.10
C PHE A 58 -4.28 -1.51 4.52
N VAL A 59 -4.80 -2.41 5.35
CA VAL A 59 -5.07 -3.78 4.92
C VAL A 59 -6.06 -3.81 3.76
N ALA A 60 -6.98 -2.85 3.75
CA ALA A 60 -7.98 -2.77 2.70
C ALA A 60 -7.35 -2.37 1.37
N ALA A 61 -6.33 -1.50 1.44
CA ALA A 61 -5.63 -1.05 0.24
C ALA A 61 -4.64 -2.09 -0.25
N ALA A 62 -4.02 -2.80 0.69
CA ALA A 62 -3.04 -3.82 0.36
C ALA A 62 -3.61 -4.81 -0.66
N ALA A 63 -4.90 -5.12 -0.52
CA ALA A 63 -5.56 -6.05 -1.42
C ALA A 63 -5.44 -5.59 -2.88
N LYS A 64 -5.34 -4.28 -3.07
CA LYS A 64 -5.21 -3.71 -4.40
C LYS A 64 -3.81 -3.93 -4.96
N VAL A 65 -2.81 -3.69 -4.12
CA VAL A 65 -1.42 -3.88 -4.53
C VAL A 65 -1.08 -5.35 -4.73
N ASN A 66 -1.58 -6.19 -3.82
CA ASN A 66 -1.33 -7.62 -3.88
C ASN A 66 -2.01 -8.23 -5.11
N THR A 67 -3.29 -7.89 -5.31
CA THR A 67 -4.05 -8.41 -6.44
C THR A 67 -3.46 -7.93 -7.76
N LEU A 68 -2.90 -6.71 -7.75
CA LEU A 68 -2.31 -6.15 -8.96
C LEU A 68 -0.94 -6.78 -9.24
N LEU A 69 -0.28 -7.23 -8.18
CA LEU A 69 1.03 -7.86 -8.31
C LEU A 69 0.91 -9.24 -8.95
N ASP A 70 -0.21 -9.90 -8.71
CA ASP A 70 -0.46 -11.23 -9.26
C ASP A 70 -0.83 -11.14 -10.74
N VAL A 71 -1.78 -10.27 -11.05
CA VAL A 71 -2.22 -10.10 -12.43
C VAL A 71 -1.08 -9.64 -13.32
N ALA A 72 -0.17 -8.85 -12.76
CA ALA A 72 0.97 -8.34 -13.51
C ALA A 72 1.87 -9.48 -13.96
N GLN A 73 2.22 -10.37 -13.04
CA GLN A 73 3.08 -11.51 -13.36
C GLN A 73 2.33 -12.53 -14.21
N ALA A 74 1.04 -12.66 -13.97
CA ALA A 74 0.22 -13.61 -14.73
C ALA A 74 0.05 -13.15 -16.17
N ASN A 75 -0.38 -11.92 -16.36
CA ASN A 75 -0.59 -11.37 -17.69
C ASN A 75 0.70 -11.42 -18.50
N LEU A 76 1.83 -11.24 -17.84
CA LEU A 76 3.13 -11.27 -18.50
C LEU A 76 3.62 -12.70 -18.65
N GLY A 77 3.14 -13.59 -17.78
CA GLY A 77 3.54 -14.98 -17.83
C GLY A 77 4.95 -15.20 -17.32
N GLU A 78 5.94 -14.76 -18.09
CA GLU A 78 7.34 -14.91 -17.70
C GLU A 78 7.58 -14.38 -16.29
N ALA A 79 7.05 -13.19 -16.03
CA ALA A 79 7.21 -12.56 -14.71
C ALA A 79 6.74 -13.49 -13.60
N ALA A 80 5.79 -14.37 -13.94
CA ALA A 80 5.26 -15.32 -12.97
C ALA A 80 6.06 -16.61 -12.96
N GLY A 81 6.03 -17.33 -14.07
CA GLY A 81 6.75 -18.59 -14.18
C GLY A 81 5.89 -19.79 -13.84
N THR A 82 6.51 -20.96 -13.81
CA THR A 82 5.79 -22.19 -13.49
C THR A 82 4.75 -22.51 -14.56
N TYR A 83 4.42 -23.79 -14.71
CA TYR A 83 3.45 -24.23 -15.70
C TYR A 83 2.17 -24.72 -15.03
N VAL A 84 1.11 -24.87 -15.81
CA VAL A 84 -0.16 -25.35 -15.29
C VAL A 84 -0.87 -26.24 -16.30
N ALA A 85 -0.42 -27.49 -16.39
CA ALA A 85 -1.02 -28.45 -17.31
C ALA A 85 -2.38 -28.94 -16.81
N ALA A 86 -3.35 -28.04 -16.80
CA ALA A 86 -4.69 -28.38 -16.33
C ALA A 86 -5.62 -28.66 -17.51
N ASP A 87 -5.33 -28.04 -18.65
CA ASP A 87 -6.15 -28.22 -19.85
C ASP A 87 -7.60 -27.88 -19.57
N ALA A 88 -7.97 -26.63 -19.78
CA ALA A 88 -9.34 -26.18 -19.56
C ALA A 88 -10.01 -25.80 -20.88
N ALA A 89 -9.22 -25.26 -21.81
CA ALA A 89 -9.74 -24.85 -23.11
C ALA A 89 -10.44 -26.01 -23.81
N ALA A 90 -10.03 -27.23 -23.47
CA ALA A 90 -10.63 -28.42 -24.07
C ALA A 90 -12.13 -28.45 -23.84
N ALA A 91 -12.56 -28.11 -22.63
CA ALA A 91 -13.97 -28.10 -22.29
C ALA A 91 -14.72 -27.00 -23.06
N SER A 92 -13.99 -25.95 -23.41
CA SER A 92 -14.59 -24.84 -24.14
C SER A 92 -14.69 -25.15 -25.63
N THR A 93 -15.58 -24.44 -26.31
CA THR A 93 -15.78 -24.65 -27.74
C THR A 93 -14.47 -24.55 -28.51
N TYR A 94 -14.40 -25.22 -29.65
CA TYR A 94 -13.21 -25.21 -30.48
C TYR A 94 -12.02 -25.81 -29.72
N THR A 95 -10.91 -26.00 -30.42
CA THR A 95 -9.71 -26.56 -29.82
C THR A 95 -8.47 -26.19 -30.62
N GLY A 96 -7.74 -25.18 -30.15
CA GLY A 96 -6.53 -24.74 -30.84
C GLY A 96 -5.27 -25.08 -30.07
N PHE A 97 -4.28 -25.60 -30.77
CA PHE A 97 -3.01 -25.98 -30.15
C PHE A 97 -1.93 -26.23 -31.20
N SER B 1 11.35 20.95 20.16
CA SER B 1 10.14 20.58 20.88
C SER B 1 9.02 21.57 20.61
N MET B 2 8.13 21.22 19.70
CA MET B 2 7.01 22.08 19.34
C MET B 2 5.81 21.81 20.25
N SER B 3 5.91 22.22 21.50
CA SER B 3 4.84 22.02 22.47
C SER B 3 4.27 23.35 22.94
N GLN B 4 5.09 24.40 22.85
CA GLN B 4 4.66 25.72 23.27
C GLN B 4 4.02 26.49 22.12
N ILE B 5 3.75 25.77 21.03
CA ILE B 5 3.13 26.37 19.86
C ILE B 5 1.63 26.56 20.05
N MET B 6 0.90 25.45 20.08
CA MET B 6 -0.54 25.48 20.27
C MET B 6 -1.07 24.12 20.70
N TYR B 7 -0.47 23.54 21.72
CA TYR B 7 -0.87 22.23 22.23
C TYR B 7 -1.24 22.31 23.71
N ASN B 8 -2.48 22.69 23.98
CA ASN B 8 -2.95 22.80 25.36
C ASN B 8 -3.09 21.42 26.00
N TYR B 9 -3.87 20.56 25.36
CA TYR B 9 -4.08 19.21 25.86
C TYR B 9 -3.86 18.17 24.76
N PRO B 10 -2.62 17.64 24.70
CA PRO B 10 -2.25 16.64 23.71
C PRO B 10 -2.91 15.29 23.96
N ALA B 11 -3.45 15.11 25.17
CA ALA B 11 -4.12 13.88 25.53
C ALA B 11 -5.18 13.49 24.50
N MET B 12 -5.77 14.51 23.87
CA MET B 12 -6.79 14.28 22.85
C MET B 12 -6.18 14.16 21.47
N LEU B 13 -5.08 14.89 21.25
CA LEU B 13 -4.40 14.86 19.96
C LEU B 13 -3.73 13.52 19.73
N GLY B 14 -2.62 13.29 20.42
CA GLY B 14 -1.89 12.04 20.28
C GLY B 14 -0.39 12.23 20.19
N HIS B 15 0.15 12.10 18.99
CA HIS B 15 1.58 12.27 18.78
C HIS B 15 1.93 12.21 17.29
N ALA B 16 3.15 12.60 16.95
CA ALA B 16 3.61 12.59 15.57
C ALA B 16 5.09 12.92 15.47
N GLY B 17 5.60 13.00 14.25
CA GLY B 17 7.00 13.30 14.04
C GLY B 17 7.39 13.32 12.57
N ASP B 18 8.64 13.65 12.30
CA ASP B 18 9.13 13.71 10.92
C ASP B 18 9.43 12.30 10.40
N MET B 19 9.73 11.39 11.31
CA MET B 19 10.04 10.01 10.95
C MET B 19 8.93 9.41 10.09
N ALA B 20 7.71 9.91 10.29
CA ALA B 20 6.56 9.42 9.54
C ALA B 20 6.82 9.46 8.03
N GLY B 21 7.67 10.40 7.61
CA GLY B 21 7.99 10.53 6.20
C GLY B 21 8.45 9.22 5.59
N TYR B 22 9.06 8.37 6.41
CA TYR B 22 9.55 7.08 5.94
C TYR B 22 8.46 6.33 5.18
N ALA B 23 7.21 6.54 5.58
CA ALA B 23 6.08 5.88 4.94
C ALA B 23 6.13 6.06 3.43
N GLY B 24 6.65 7.20 2.99
CA GLY B 24 6.74 7.48 1.57
C GLY B 24 7.47 6.40 0.82
N THR B 25 8.33 5.66 1.52
CA THR B 25 9.10 4.59 0.91
C THR B 25 8.19 3.58 0.21
N LEU B 26 6.99 3.40 0.76
CA LEU B 26 6.03 2.46 0.19
C LEU B 26 5.51 2.97 -1.15
N GLN B 27 5.20 4.26 -1.20
CA GLN B 27 4.70 4.87 -2.44
C GLN B 27 5.80 4.94 -3.50
N SER B 28 6.96 5.44 -3.10
CA SER B 28 8.08 5.57 -4.02
C SER B 28 8.43 4.22 -4.65
N LEU B 29 8.61 3.22 -3.80
CA LEU B 29 8.94 1.87 -4.26
C LEU B 29 7.93 1.39 -5.29
N GLY B 30 6.67 1.75 -5.08
CA GLY B 30 5.62 1.34 -6.00
C GLY B 30 5.91 1.73 -7.43
N ALA B 31 6.41 2.96 -7.62
CA ALA B 31 6.73 3.45 -8.95
C ALA B 31 7.66 2.49 -9.70
N GLU B 32 8.63 1.93 -8.97
CA GLU B 32 9.56 0.99 -9.56
C GLU B 32 8.84 -0.18 -10.22
N ILE B 33 7.78 -0.64 -9.57
CA ILE B 33 6.99 -1.76 -10.10
C ILE B 33 6.15 -1.32 -11.30
N ALA B 34 5.71 -0.07 -11.27
CA ALA B 34 4.89 0.47 -12.36
C ALA B 34 5.72 0.65 -13.62
N VAL B 35 6.96 1.09 -13.45
CA VAL B 35 7.87 1.30 -14.58
C VAL B 35 8.41 -0.02 -15.12
N GLU B 36 8.54 -1.00 -14.23
CA GLU B 36 9.05 -2.31 -14.62
C GLU B 36 8.11 -2.98 -15.62
N GLN B 37 6.84 -3.05 -15.27
CA GLN B 37 5.84 -3.67 -16.14
C GLN B 37 5.66 -2.85 -17.41
N ALA B 38 5.88 -1.55 -17.31
CA ALA B 38 5.74 -0.65 -18.46
C ALA B 38 6.66 -1.07 -19.59
N ALA B 39 7.74 -1.76 -19.24
CA ALA B 39 8.72 -2.21 -20.22
C ALA B 39 8.26 -3.51 -20.88
N LEU B 40 7.42 -4.26 -20.18
CA LEU B 40 6.91 -5.53 -20.69
C LEU B 40 5.45 -5.40 -21.11
N GLN B 41 5.05 -4.19 -21.49
CA GLN B 41 3.67 -3.94 -21.91
C GLN B 41 3.32 -4.79 -23.13
N SER B 42 4.21 -4.81 -24.12
CA SER B 42 3.98 -5.58 -25.34
C SER B 42 3.71 -7.04 -25.02
N ALA B 43 4.21 -7.50 -23.88
CA ALA B 43 4.01 -8.88 -23.46
C ALA B 43 2.64 -9.06 -22.82
N TRP B 44 2.11 -7.98 -22.25
CA TRP B 44 0.80 -8.03 -21.60
C TRP B 44 -0.25 -8.60 -22.54
N GLN B 45 -1.24 -9.29 -21.97
CA GLN B 45 -2.31 -9.89 -22.76
C GLN B 45 -3.52 -8.98 -22.82
N GLY B 46 -4.22 -8.86 -21.69
CA GLY B 46 -5.40 -8.01 -21.63
C GLY B 46 -6.70 -8.81 -21.67
N ASP B 47 -6.61 -10.05 -22.14
CA ASP B 47 -7.78 -10.91 -22.23
C ASP B 47 -7.85 -11.84 -21.02
N THR B 48 -7.27 -11.41 -19.91
CA THR B 48 -7.28 -12.20 -18.68
C THR B 48 -7.99 -11.46 -17.55
N GLY B 49 -7.93 -10.13 -17.59
CA GLY B 49 -8.58 -9.34 -16.57
C GLY B 49 -8.21 -7.87 -16.65
N ILE B 50 -7.13 -7.50 -15.99
CA ILE B 50 -6.68 -6.11 -16.01
C ILE B 50 -5.83 -5.82 -17.24
N THR B 51 -5.97 -4.61 -17.78
CA THR B 51 -5.22 -4.20 -18.96
C THR B 51 -4.01 -3.35 -18.57
N TYR B 52 -3.18 -3.03 -19.56
CA TYR B 52 -1.98 -2.22 -19.32
C TYR B 52 -2.36 -0.81 -18.88
N GLN B 53 -3.42 -0.27 -19.48
CA GLN B 53 -3.88 1.07 -19.14
C GLN B 53 -4.57 1.07 -17.77
N ALA B 54 -5.39 0.06 -17.53
CA ALA B 54 -6.12 -0.05 -16.27
C ALA B 54 -5.17 -0.33 -15.11
N TRP B 55 -4.22 -1.22 -15.35
CA TRP B 55 -3.24 -1.58 -14.33
C TRP B 55 -2.40 -0.38 -13.92
N GLN B 56 -2.02 0.43 -14.89
CA GLN B 56 -1.22 1.62 -14.63
C GLN B 56 -1.96 2.59 -13.72
N ALA B 57 -3.16 2.98 -14.13
CA ALA B 57 -3.97 3.90 -13.35
C ALA B 57 -4.35 3.29 -12.01
N GLN B 58 -4.87 2.07 -12.03
CA GLN B 58 -5.27 1.38 -10.81
C GLN B 58 -4.10 1.29 -9.83
N TRP B 59 -2.94 0.86 -10.33
CA TRP B 59 -1.76 0.72 -9.50
C TRP B 59 -1.48 2.01 -8.74
N ASN B 60 -1.27 3.09 -9.49
CA ASN B 60 -0.99 4.39 -8.89
C ASN B 60 -2.04 4.75 -7.84
N GLN B 61 -3.31 4.71 -8.24
CA GLN B 61 -4.41 5.03 -7.34
C GLN B 61 -4.38 4.13 -6.11
N ALA B 62 -3.83 2.93 -6.27
CA ALA B 62 -3.73 1.97 -5.18
C ALA B 62 -2.65 2.38 -4.18
N MET B 63 -1.44 2.58 -4.69
CA MET B 63 -0.32 2.98 -3.84
C MET B 63 -0.62 4.27 -3.10
N GLU B 64 -1.34 5.17 -3.77
CA GLU B 64 -1.69 6.46 -3.17
C GLU B 64 -2.49 6.26 -1.89
N ASP B 65 -3.59 5.53 -1.98
CA ASP B 65 -4.44 5.27 -0.83
C ASP B 65 -3.77 4.29 0.12
N LEU B 66 -2.91 3.43 -0.41
CA LEU B 66 -2.19 2.45 0.39
C LEU B 66 -1.26 3.13 1.39
N VAL B 67 -0.49 4.09 0.91
CA VAL B 67 0.43 4.82 1.77
C VAL B 67 -0.31 5.81 2.67
N ARG B 68 -1.43 6.33 2.17
CA ARG B 68 -2.23 7.27 2.93
C ARG B 68 -2.85 6.61 4.16
N ALA B 69 -3.14 5.32 4.04
CA ALA B 69 -3.74 4.57 5.13
C ALA B 69 -2.87 4.64 6.39
N TYR B 70 -1.59 4.33 6.24
CA TYR B 70 -0.66 4.37 7.36
C TYR B 70 -0.54 5.77 7.93
N HIS B 71 -0.52 6.76 7.04
CA HIS B 71 -0.40 8.15 7.45
C HIS B 71 -1.69 8.63 8.11
N ALA B 72 -2.79 7.93 7.84
CA ALA B 72 -4.09 8.27 8.40
C ALA B 72 -4.01 8.38 9.93
N MET B 73 -3.23 7.48 10.54
CA MET B 73 -3.08 7.48 11.98
C MET B 73 -2.35 8.74 12.46
N SER B 74 -1.37 9.18 11.68
CA SER B 74 -0.59 10.36 12.02
C SER B 74 -1.33 11.63 11.58
N SER B 75 -2.51 11.45 11.00
CA SER B 75 -3.31 12.58 10.52
C SER B 75 -3.61 13.55 11.67
N THR B 76 -3.57 13.03 12.90
CA THR B 76 -3.83 13.84 14.07
C THR B 76 -2.78 14.93 14.25
N HIS B 77 -1.67 14.79 13.53
CA HIS B 77 -0.58 15.76 13.62
C HIS B 77 -1.03 17.12 13.11
N GLU B 78 -1.70 17.13 11.96
CA GLU B 78 -2.19 18.38 11.37
C GLU B 78 -3.51 18.80 12.00
N ALA B 79 -4.17 17.85 12.67
CA ALA B 79 -5.44 18.12 13.32
C ALA B 79 -5.32 19.28 14.31
N ASN B 80 -4.11 19.51 14.79
CA ASN B 80 -3.85 20.59 15.74
C ASN B 80 -4.42 21.91 15.23
N THR B 81 -4.24 22.16 13.94
CA THR B 81 -4.73 23.39 13.32
C THR B 81 -6.23 23.56 13.56
N MET B 82 -6.94 22.44 13.66
CA MET B 82 -8.38 22.48 13.90
C MET B 82 -8.71 23.33 15.11
N ALA B 83 -7.80 23.37 16.07
CA ALA B 83 -8.00 24.16 17.28
C ALA B 83 -8.39 25.60 16.95
N MET B 84 -7.91 26.09 15.81
CA MET B 84 -8.20 27.44 15.38
C MET B 84 -9.55 27.50 14.66
N MET B 85 -10.57 28.00 15.36
CA MET B 85 -11.91 28.12 14.78
C MET B 85 -11.87 28.90 13.48
N ALA B 86 -10.89 29.79 13.35
CA ALA B 86 -10.75 30.60 12.15
C ALA B 86 -10.73 29.73 10.89
N ARG B 87 -9.69 28.92 10.75
CA ARG B 87 -9.56 28.04 9.60
C ARG B 87 -10.72 27.06 9.52
N ASP B 88 -11.25 26.68 10.69
CA ASP B 88 -12.37 25.75 10.76
C ASP B 88 -13.67 26.43 10.33
N THR B 89 -13.94 26.41 9.03
CA THR B 89 -15.14 27.02 8.48
C THR B 89 -15.80 26.12 7.45
N ALA B 90 -14.99 25.51 6.60
CA ALA B 90 -15.48 24.62 5.56
C ALA B 90 -15.54 23.17 6.05
N GLU B 91 -14.74 22.87 7.07
CA GLU B 91 -14.70 21.52 7.63
C GLU B 91 -15.94 21.25 8.47
N ALA B 92 -16.13 22.04 9.53
CA ALA B 92 -17.28 21.89 10.41
C ALA B 92 -18.59 22.12 9.65
N ALA B 93 -18.51 22.89 8.57
CA ALA B 93 -19.68 23.19 7.76
C ALA B 93 -19.95 22.09 6.75
N LYS B 94 -18.90 21.37 6.37
CA LYS B 94 -19.01 20.29 5.41
C LYS B 94 -20.05 19.27 5.85
N TRP B 95 -20.13 19.04 7.15
CA TRP B 95 -21.08 18.09 7.72
C TRP B 95 -20.97 16.73 7.03
N GLY B 96 -20.03 15.92 7.51
CA GLY B 96 -19.83 14.60 6.93
C GLY B 96 -18.36 14.33 6.63
N GLY B 97 -18.06 13.06 6.35
CA GLY B 97 -16.68 12.69 6.04
C GLY B 97 -16.59 11.37 5.30
N MET A 1 21.93 -15.81 -37.61
CA MET A 1 23.33 -15.95 -37.95
C MET A 1 24.09 -14.65 -37.70
N SER A 2 23.78 -14.01 -36.58
CA SER A 2 24.43 -12.75 -36.21
C SER A 2 24.31 -12.49 -34.72
N LEU A 3 25.44 -12.46 -34.03
CA LEU A 3 25.46 -12.22 -32.59
C LEU A 3 25.88 -10.79 -32.29
N LEU A 4 24.92 -9.97 -31.88
CA LEU A 4 25.20 -8.57 -31.55
C LEU A 4 25.28 -8.37 -30.04
N ASP A 5 26.36 -8.85 -29.45
CA ASP A 5 26.56 -8.71 -28.00
C ASP A 5 28.00 -9.06 -27.62
N ALA A 6 28.94 -8.28 -28.14
CA ALA A 6 30.36 -8.50 -27.84
C ALA A 6 30.62 -8.48 -26.34
N HIS A 7 30.27 -7.38 -25.70
CA HIS A 7 30.47 -7.23 -24.26
C HIS A 7 29.59 -6.11 -23.70
N ILE A 8 28.47 -5.85 -24.36
CA ILE A 8 27.55 -4.81 -23.93
C ILE A 8 26.43 -5.40 -23.08
N PRO A 9 25.88 -4.56 -22.18
CA PRO A 9 24.79 -4.97 -21.28
C PRO A 9 23.49 -5.20 -22.02
N GLN A 10 23.32 -6.40 -22.56
CA GLN A 10 22.10 -6.75 -23.30
C GLN A 10 21.37 -7.91 -22.64
N LEU A 11 20.05 -7.94 -22.79
CA LEU A 11 19.24 -8.99 -22.20
C LEU A 11 19.44 -9.07 -20.69
N VAL A 12 19.82 -7.94 -20.10
CA VAL A 12 20.05 -7.88 -18.66
C VAL A 12 18.73 -7.91 -17.89
N ALA A 13 18.82 -8.11 -16.58
CA ALA A 13 17.64 -8.16 -15.73
C ALA A 13 16.63 -9.19 -16.25
N SER A 14 17.13 -10.21 -16.93
CA SER A 14 16.29 -11.26 -17.49
C SER A 14 15.96 -12.31 -16.44
N GLN A 15 16.90 -12.53 -15.52
CA GLN A 15 16.72 -13.51 -14.46
C GLN A 15 15.40 -13.28 -13.72
N SER A 16 15.30 -12.13 -13.07
CA SER A 16 14.09 -11.78 -12.32
C SER A 16 14.22 -10.38 -11.71
N ALA A 17 13.58 -9.41 -12.35
CA ALA A 17 13.61 -8.03 -11.86
C ALA A 17 12.24 -7.60 -11.36
N PHE A 18 11.18 -8.11 -11.99
CA PHE A 18 9.82 -7.77 -11.59
C PHE A 18 9.41 -8.53 -10.35
N ALA A 19 9.88 -9.77 -10.23
CA ALA A 19 9.56 -10.61 -9.09
C ALA A 19 10.24 -10.10 -7.82
N ALA A 20 11.43 -9.52 -7.99
CA ALA A 20 12.19 -8.99 -6.87
C ALA A 20 11.37 -7.94 -6.11
N LYS A 21 10.85 -6.96 -6.84
CA LYS A 21 10.06 -5.89 -6.23
C LYS A 21 8.76 -6.45 -5.65
N ALA A 22 8.17 -7.41 -6.34
CA ALA A 22 6.93 -8.03 -5.89
C ALA A 22 7.10 -8.65 -4.50
N GLY A 23 8.18 -9.40 -4.32
CA GLY A 23 8.44 -10.04 -3.05
C GLY A 23 8.72 -9.04 -1.95
N LEU A 24 9.63 -8.11 -2.21
CA LEU A 24 9.99 -7.09 -1.22
C LEU A 24 8.79 -6.22 -0.89
N MET A 25 7.91 -6.02 -1.87
CA MET A 25 6.72 -5.20 -1.67
C MET A 25 5.92 -5.68 -0.47
N ARG A 26 5.51 -6.95 -0.50
CA ARG A 26 4.74 -7.52 0.59
C ARG A 26 5.47 -7.35 1.92
N HIS A 27 6.80 -7.34 1.87
CA HIS A 27 7.60 -7.18 3.08
C HIS A 27 7.60 -5.72 3.54
N THR A 28 7.58 -4.80 2.59
CA THR A 28 7.57 -3.38 2.90
C THR A 28 6.41 -3.02 3.82
N ILE A 29 5.23 -3.53 3.48
CA ILE A 29 4.03 -3.27 4.27
C ILE A 29 4.06 -4.05 5.58
N GLY A 30 4.27 -5.36 5.48
CA GLY A 30 4.31 -6.20 6.67
C GLY A 30 5.30 -5.69 7.70
N GLN A 31 6.49 -5.31 7.24
CA GLN A 31 7.54 -4.80 8.13
C GLN A 31 7.19 -3.39 8.61
N ALA A 32 6.59 -2.61 7.73
CA ALA A 32 6.22 -1.23 8.06
C ALA A 32 5.32 -1.20 9.29
N GLU A 33 4.31 -2.07 9.30
CA GLU A 33 3.37 -2.13 10.41
C GLU A 33 4.09 -2.26 11.74
N GLN A 34 5.19 -3.01 11.73
CA GLN A 34 5.98 -3.22 12.94
C GLN A 34 6.34 -1.89 13.59
N ALA A 35 6.55 -0.88 12.76
CA ALA A 35 6.90 0.45 13.26
C ALA A 35 5.86 0.96 14.24
N ALA A 36 4.59 0.85 13.87
CA ALA A 36 3.50 1.30 14.73
C ALA A 36 3.61 0.70 16.13
N MET A 37 3.93 -0.59 16.19
CA MET A 37 4.08 -1.27 17.47
C MET A 37 5.21 -0.66 18.29
N SER A 38 6.41 -0.66 17.72
CA SER A 38 7.58 -0.11 18.40
C SER A 38 7.32 1.33 18.85
N ALA A 39 6.63 2.08 18.01
CA ALA A 39 6.30 3.47 18.32
C ALA A 39 5.25 3.56 19.42
N GLN A 40 4.40 2.56 19.49
CA GLN A 40 3.35 2.52 20.51
C GLN A 40 3.86 1.93 21.82
N ALA A 41 5.09 1.43 21.79
CA ALA A 41 5.71 0.85 22.98
C ALA A 41 5.76 1.85 24.12
N PHE A 42 5.70 3.14 23.77
CA PHE A 42 5.74 4.20 24.78
C PHE A 42 4.70 3.96 25.87
N HIS A 43 3.59 3.35 25.48
CA HIS A 43 2.51 3.06 26.42
C HIS A 43 1.40 2.25 25.75
N GLN A 44 1.47 0.93 25.91
CA GLN A 44 0.48 0.04 25.31
C GLN A 44 -0.73 -0.11 26.23
N GLY A 45 -1.79 0.64 25.94
CA GLY A 45 -2.99 0.56 26.76
C GLY A 45 -4.01 -0.41 26.20
N GLU A 46 -5.28 -0.03 26.24
CA GLU A 46 -6.35 -0.88 25.74
C GLU A 46 -7.36 -0.06 24.94
N SER A 47 -6.90 1.05 24.37
CA SER A 47 -7.77 1.93 23.59
C SER A 47 -7.20 2.13 22.18
N SER A 48 -7.96 1.70 21.18
CA SER A 48 -7.53 1.85 19.79
C SER A 48 -8.73 2.05 18.86
N ALA A 49 -9.51 3.09 19.16
CA ALA A 49 -10.69 3.40 18.36
C ALA A 49 -10.29 3.98 17.01
N ALA A 50 -9.53 5.08 17.04
CA ALA A 50 -9.09 5.73 15.81
C ALA A 50 -7.92 4.98 15.19
N PHE A 51 -7.16 4.28 16.02
CA PHE A 51 -6.01 3.52 15.54
C PHE A 51 -6.46 2.34 14.67
N GLN A 52 -7.61 1.76 15.02
CA GLN A 52 -8.15 0.63 14.28
C GLN A 52 -8.63 1.06 12.90
N ALA A 53 -9.50 2.06 12.88
CA ALA A 53 -10.04 2.57 11.62
C ALA A 53 -8.93 2.90 10.64
N ALA A 54 -7.78 3.31 11.16
CA ALA A 54 -6.63 3.66 10.33
C ALA A 54 -5.92 2.41 9.84
N HIS A 55 -5.90 1.37 10.68
CA HIS A 55 -5.25 0.11 10.34
C HIS A 55 -6.04 -0.64 9.26
N ALA A 56 -7.37 -0.52 9.33
CA ALA A 56 -8.24 -1.18 8.36
C ALA A 56 -8.17 -0.51 7.00
N ARG A 57 -7.92 0.79 7.00
CA ARG A 57 -7.82 1.56 5.76
C ARG A 57 -6.62 1.09 4.93
N PHE A 58 -5.52 0.79 5.61
CA PHE A 58 -4.31 0.35 4.95
C PHE A 58 -4.52 -1.01 4.28
N VAL A 59 -4.96 -1.99 5.07
CA VAL A 59 -5.21 -3.33 4.56
C VAL A 59 -6.23 -3.31 3.42
N ALA A 60 -7.18 -2.39 3.51
CA ALA A 60 -8.20 -2.26 2.49
C ALA A 60 -7.60 -1.93 1.13
N ALA A 61 -6.59 -1.08 1.13
CA ALA A 61 -5.91 -0.68 -0.10
C ALA A 61 -4.92 -1.76 -0.56
N ALA A 62 -4.31 -2.44 0.42
CA ALA A 62 -3.34 -3.49 0.12
C ALA A 62 -3.92 -4.50 -0.87
N ALA A 63 -5.21 -4.78 -0.74
CA ALA A 63 -5.88 -5.73 -1.61
C ALA A 63 -5.73 -5.33 -3.08
N LYS A 64 -5.64 -4.03 -3.32
CA LYS A 64 -5.49 -3.50 -4.67
C LYS A 64 -4.07 -3.73 -5.19
N VAL A 65 -3.09 -3.41 -4.37
CA VAL A 65 -1.69 -3.57 -4.73
C VAL A 65 -1.34 -5.05 -4.89
N ASN A 66 -1.87 -5.88 -4.00
CA ASN A 66 -1.62 -7.31 -4.03
C ASN A 66 -2.22 -7.94 -5.29
N THR A 67 -3.47 -7.60 -5.57
CA THR A 67 -4.16 -8.13 -6.74
C THR A 67 -3.49 -7.68 -8.03
N LEU A 68 -2.96 -6.46 -8.01
CA LEU A 68 -2.28 -5.90 -9.18
C LEU A 68 -0.89 -6.51 -9.35
N LEU A 69 -0.31 -6.94 -8.24
CA LEU A 69 1.02 -7.55 -8.26
C LEU A 69 0.98 -8.94 -8.88
N ASP A 70 -0.16 -9.62 -8.71
CA ASP A 70 -0.33 -10.96 -9.25
C ASP A 70 -0.65 -10.91 -10.74
N VAL A 71 -1.67 -10.13 -11.09
CA VAL A 71 -2.07 -9.99 -12.49
C VAL A 71 -0.92 -9.48 -13.35
N ALA A 72 -0.08 -8.64 -12.76
CA ALA A 72 1.07 -8.08 -13.48
C ALA A 72 2.02 -9.18 -13.94
N GLN A 73 2.39 -10.06 -13.01
CA GLN A 73 3.29 -11.16 -13.32
C GLN A 73 2.60 -12.21 -14.19
N ALA A 74 1.30 -12.40 -13.97
CA ALA A 74 0.53 -13.36 -14.73
C ALA A 74 0.36 -12.91 -16.18
N ASN A 75 0.19 -11.61 -16.36
CA ASN A 75 0.01 -11.05 -17.71
C ASN A 75 1.35 -10.89 -18.41
N LEU A 76 2.36 -10.45 -17.66
CA LEU A 76 3.70 -10.26 -18.22
C LEU A 76 4.38 -11.59 -18.47
N GLY A 77 4.04 -12.60 -17.67
CA GLY A 77 4.63 -13.91 -17.83
C GLY A 77 6.06 -13.97 -17.32
N GLU A 78 6.97 -13.36 -18.08
CA GLU A 78 8.38 -13.35 -17.71
C GLU A 78 8.56 -12.87 -16.28
N ALA A 79 7.74 -11.91 -15.87
CA ALA A 79 7.81 -11.36 -14.52
C ALA A 79 7.76 -12.47 -13.47
N ALA A 80 6.70 -13.26 -13.51
CA ALA A 80 6.53 -14.37 -12.57
C ALA A 80 5.27 -15.16 -12.86
N GLY A 81 5.26 -16.43 -12.45
CA GLY A 81 4.10 -17.27 -12.68
C GLY A 81 3.03 -17.09 -11.62
N THR A 82 2.21 -18.11 -11.43
CA THR A 82 1.14 -18.06 -10.45
C THR A 82 0.55 -19.45 -10.21
N TYR A 83 -0.30 -19.56 -9.18
CA TYR A 83 -0.92 -20.82 -8.84
C TYR A 83 -2.19 -21.04 -9.68
N VAL A 84 -2.95 -22.08 -9.32
CA VAL A 84 -4.19 -22.39 -10.03
C VAL A 84 -5.34 -21.54 -9.51
N ALA A 85 -5.46 -20.32 -10.03
CA ALA A 85 -6.53 -19.42 -9.63
C ALA A 85 -7.68 -19.44 -10.62
N ALA A 86 -8.23 -20.62 -10.86
CA ALA A 86 -9.34 -20.78 -11.79
C ALA A 86 -10.65 -20.25 -11.19
N ASP A 87 -10.75 -20.31 -9.88
CA ASP A 87 -11.93 -19.83 -9.18
C ASP A 87 -11.59 -18.74 -8.18
N ALA A 88 -11.61 -17.49 -8.65
CA ALA A 88 -11.30 -16.35 -7.80
C ALA A 88 -12.49 -15.40 -7.69
N ALA A 89 -13.25 -15.30 -8.77
CA ALA A 89 -14.42 -14.42 -8.80
C ALA A 89 -15.52 -14.95 -7.88
N ALA A 90 -15.53 -16.27 -7.67
CA ALA A 90 -16.53 -16.90 -6.82
C ALA A 90 -16.24 -16.63 -5.35
N ALA A 91 -15.01 -16.88 -4.93
CA ALA A 91 -14.61 -16.66 -3.55
C ALA A 91 -14.71 -15.19 -3.17
N SER A 92 -14.56 -14.32 -4.16
CA SER A 92 -14.63 -12.88 -3.93
C SER A 92 -14.79 -12.13 -5.25
N THR A 93 -15.39 -10.94 -5.18
CA THR A 93 -15.61 -10.12 -6.37
C THR A 93 -15.95 -8.69 -5.99
N TYR A 94 -16.11 -7.83 -7.00
CA TYR A 94 -16.44 -6.43 -6.77
C TYR A 94 -17.74 -6.31 -5.97
N THR A 95 -18.08 -5.08 -5.61
CA THR A 95 -19.29 -4.81 -4.85
C THR A 95 -20.03 -3.59 -5.39
N GLY A 96 -21.35 -3.71 -5.51
CA GLY A 96 -22.15 -2.60 -6.01
C GLY A 96 -22.96 -1.94 -4.93
N PHE A 97 -22.34 -0.98 -4.23
CA PHE A 97 -23.02 -0.26 -3.16
C PHE A 97 -23.51 1.10 -3.65
N SER B 1 -21.79 6.60 21.10
CA SER B 1 -21.28 7.68 21.94
C SER B 1 -19.94 7.30 22.55
N MET B 2 -19.00 8.25 22.50
CA MET B 2 -17.66 8.02 23.04
C MET B 2 -17.14 9.26 23.76
N SER B 3 -17.96 9.80 24.67
CA SER B 3 -17.59 10.99 25.41
C SER B 3 -17.40 10.66 26.89
N GLN B 4 -17.83 9.48 27.29
CA GLN B 4 -17.71 9.05 28.67
C GLN B 4 -16.38 8.34 28.90
N ILE B 5 -15.48 8.42 27.93
CA ILE B 5 -14.17 7.78 28.04
C ILE B 5 -13.08 8.82 28.22
N MET B 6 -11.83 8.37 28.14
CA MET B 6 -10.68 9.26 28.29
C MET B 6 -10.64 10.29 27.18
N TYR B 7 -10.91 11.55 27.51
CA TYR B 7 -10.91 12.63 26.54
C TYR B 7 -10.63 13.97 27.21
N ASN B 8 -9.46 14.07 27.85
CA ASN B 8 -9.07 15.31 28.53
C ASN B 8 -7.73 15.81 28.00
N TYR B 9 -6.82 14.89 27.72
CA TYR B 9 -5.51 15.25 27.21
C TYR B 9 -5.34 14.80 25.76
N PRO B 10 -4.37 15.41 25.07
CA PRO B 10 -4.08 15.10 23.66
C PRO B 10 -3.47 13.70 23.49
N ALA B 11 -2.70 13.28 24.48
CA ALA B 11 -2.06 11.97 24.44
C ALA B 11 -3.09 10.86 24.34
N MET B 12 -4.31 11.14 24.82
CA MET B 12 -5.38 10.16 24.79
C MET B 12 -6.07 10.15 23.42
N LEU B 13 -6.20 11.34 22.82
CA LEU B 13 -6.84 11.46 21.52
C LEU B 13 -6.01 10.76 20.44
N GLY B 14 -4.77 11.20 20.27
CA GLY B 14 -3.90 10.61 19.27
C GLY B 14 -2.56 11.31 19.18
N HIS B 15 -1.49 10.57 19.44
CA HIS B 15 -0.14 11.13 19.39
C HIS B 15 0.37 11.17 17.96
N ALA B 16 1.60 11.65 17.78
CA ALA B 16 2.21 11.74 16.46
C ALA B 16 3.69 11.42 16.51
N GLY B 17 4.37 11.56 15.38
CA GLY B 17 5.79 11.28 15.32
C GLY B 17 6.34 11.35 13.91
N ASP B 18 7.31 10.50 13.61
CA ASP B 18 7.93 10.47 12.29
C ASP B 18 7.65 9.14 11.59
N MET B 19 6.43 8.64 11.72
CA MET B 19 6.04 7.38 11.11
C MET B 19 5.70 7.58 9.64
N ALA B 20 5.27 8.79 9.28
CA ALA B 20 4.92 9.10 7.91
C ALA B 20 6.06 8.77 6.96
N GLY B 21 7.29 8.90 7.45
CA GLY B 21 8.45 8.62 6.62
C GLY B 21 8.39 7.24 6.00
N TYR B 22 7.96 6.25 6.78
CA TYR B 22 7.87 4.88 6.29
C TYR B 22 6.83 4.78 5.17
N ALA B 23 5.75 5.52 5.31
CA ALA B 23 4.68 5.52 4.32
C ALA B 23 5.20 5.94 2.95
N GLY B 24 6.18 6.84 2.95
CA GLY B 24 6.75 7.32 1.70
C GLY B 24 7.57 6.24 1.00
N THR B 25 8.13 5.32 1.78
CA THR B 25 8.95 4.25 1.23
C THR B 25 8.18 3.47 0.16
N LEU B 26 6.89 3.29 0.40
CA LEU B 26 6.03 2.55 -0.53
C LEU B 26 5.86 3.32 -1.83
N GLN B 27 5.78 4.64 -1.72
CA GLN B 27 5.62 5.49 -2.90
C GLN B 27 6.68 5.19 -3.95
N SER B 28 7.93 5.09 -3.52
CA SER B 28 9.04 4.80 -4.42
C SER B 28 9.05 3.33 -4.80
N LEU B 29 8.58 2.48 -3.90
CA LEU B 29 8.55 1.04 -4.14
C LEU B 29 7.55 0.70 -5.24
N GLY B 30 6.42 1.41 -5.25
CA GLY B 30 5.40 1.18 -6.25
C GLY B 30 5.86 1.55 -7.65
N ALA B 31 6.46 2.72 -7.78
CA ALA B 31 6.95 3.19 -9.08
C ALA B 31 7.87 2.15 -9.72
N GLU B 32 8.68 1.50 -8.89
CA GLU B 32 9.61 0.49 -9.39
C GLU B 32 8.88 -0.60 -10.15
N ILE B 33 7.75 -1.05 -9.61
CA ILE B 33 6.94 -2.08 -10.24
C ILE B 33 6.21 -1.55 -11.46
N ALA B 34 5.74 -0.30 -11.36
CA ALA B 34 5.03 0.34 -12.45
C ALA B 34 5.91 0.45 -13.69
N VAL B 35 7.11 0.97 -13.51
CA VAL B 35 8.05 1.14 -14.61
C VAL B 35 8.32 -0.20 -15.32
N GLU B 36 8.66 -1.21 -14.53
CA GLU B 36 8.94 -2.54 -15.07
C GLU B 36 7.78 -3.03 -15.94
N GLN B 37 6.56 -2.71 -15.51
CA GLN B 37 5.37 -3.12 -16.24
C GLN B 37 5.19 -2.30 -17.51
N ALA B 38 5.63 -1.04 -17.45
CA ALA B 38 5.53 -0.15 -18.60
C ALA B 38 6.56 -0.50 -19.67
N ALA B 39 7.65 -1.14 -19.25
CA ALA B 39 8.71 -1.53 -20.16
C ALA B 39 8.37 -2.84 -20.86
N LEU B 40 7.53 -3.65 -20.22
CA LEU B 40 7.13 -4.93 -20.77
C LEU B 40 5.68 -4.90 -21.24
N GLN B 41 5.23 -3.73 -21.69
CA GLN B 41 3.87 -3.56 -22.17
C GLN B 41 3.58 -4.51 -23.33
N SER B 42 4.48 -4.52 -24.31
CA SER B 42 4.31 -5.38 -25.48
C SER B 42 4.14 -6.84 -25.06
N ALA B 43 4.67 -7.19 -23.89
CA ALA B 43 4.57 -8.55 -23.39
C ALA B 43 3.19 -8.82 -22.81
N TRP B 44 2.56 -7.78 -22.27
CA TRP B 44 1.24 -7.91 -21.69
C TRP B 44 0.27 -8.55 -22.67
N GLN B 45 -0.68 -9.32 -22.14
CA GLN B 45 -1.66 -10.00 -22.97
C GLN B 45 -2.93 -9.17 -23.10
N GLY B 46 -3.70 -9.09 -22.01
CA GLY B 46 -4.93 -8.33 -22.03
C GLY B 46 -6.16 -9.21 -22.07
N ASP B 47 -5.98 -10.46 -22.51
CA ASP B 47 -7.09 -11.40 -22.60
C ASP B 47 -7.13 -12.30 -21.37
N THR B 48 -6.61 -11.79 -20.26
CA THR B 48 -6.60 -12.56 -19.01
C THR B 48 -7.38 -11.83 -17.91
N GLY B 49 -7.37 -10.51 -17.98
CA GLY B 49 -8.08 -9.71 -16.98
C GLY B 49 -7.79 -8.23 -17.11
N ILE B 50 -6.87 -7.74 -16.30
CA ILE B 50 -6.51 -6.32 -16.32
C ILE B 50 -5.66 -5.99 -17.55
N THR B 51 -5.87 -4.81 -18.10
CA THR B 51 -5.13 -4.38 -19.28
C THR B 51 -3.96 -3.48 -18.89
N TYR B 52 -3.11 -3.16 -19.87
CA TYR B 52 -1.95 -2.31 -19.62
C TYR B 52 -2.38 -0.90 -19.21
N GLN B 53 -3.44 -0.40 -19.84
CA GLN B 53 -3.95 0.93 -19.54
C GLN B 53 -4.67 0.94 -18.19
N ALA B 54 -5.45 -0.10 -17.94
CA ALA B 54 -6.19 -0.22 -16.68
C ALA B 54 -5.25 -0.44 -15.50
N TRP B 55 -4.28 -1.32 -15.68
CA TRP B 55 -3.31 -1.61 -14.63
C TRP B 55 -2.52 -0.37 -14.25
N GLN B 56 -2.10 0.39 -15.26
CA GLN B 56 -1.32 1.61 -15.02
C GLN B 56 -2.04 2.52 -14.04
N ALA B 57 -3.28 2.87 -14.37
CA ALA B 57 -4.08 3.75 -13.52
C ALA B 57 -4.44 3.06 -12.21
N GLN B 58 -4.81 1.78 -12.30
CA GLN B 58 -5.18 1.01 -11.12
C GLN B 58 -4.06 1.02 -10.09
N TRP B 59 -2.83 0.83 -10.55
CA TRP B 59 -1.67 0.82 -9.66
C TRP B 59 -1.48 2.18 -9.01
N ASN B 60 -1.35 3.22 -9.84
CA ASN B 60 -1.16 4.57 -9.34
C ASN B 60 -2.25 4.96 -8.35
N GLN B 61 -3.50 4.76 -8.78
CA GLN B 61 -4.65 5.09 -7.94
C GLN B 61 -4.61 4.30 -6.64
N ALA B 62 -4.35 3.00 -6.75
CA ALA B 62 -4.29 2.13 -5.57
C ALA B 62 -3.21 2.60 -4.60
N MET B 63 -1.99 2.74 -5.11
CA MET B 63 -0.87 3.18 -4.28
C MET B 63 -1.20 4.50 -3.59
N GLU B 64 -1.81 5.42 -4.33
CA GLU B 64 -2.17 6.72 -3.78
C GLU B 64 -2.97 6.57 -2.49
N ASP B 65 -4.07 5.83 -2.56
CA ASP B 65 -4.92 5.60 -1.40
C ASP B 65 -4.23 4.70 -0.39
N LEU B 66 -3.35 3.83 -0.88
CA LEU B 66 -2.61 2.91 -0.01
C LEU B 66 -1.66 3.67 0.90
N VAL B 67 -1.06 4.72 0.38
CA VAL B 67 -0.12 5.54 1.15
C VAL B 67 -0.86 6.39 2.18
N ARG B 68 -1.88 7.12 1.73
CA ARG B 68 -2.66 7.97 2.61
C ARG B 68 -3.28 7.16 3.74
N ALA B 69 -3.58 5.90 3.47
CA ALA B 69 -4.18 5.02 4.46
C ALA B 69 -3.31 4.93 5.71
N TYR B 70 -2.01 5.15 5.54
CA TYR B 70 -1.08 5.10 6.66
C TYR B 70 -1.02 6.45 7.38
N HIS B 71 -0.75 7.51 6.62
CA HIS B 71 -0.66 8.85 7.19
C HIS B 71 -1.95 9.21 7.93
N ALA B 72 -3.05 8.58 7.52
CA ALA B 72 -4.35 8.84 8.15
C ALA B 72 -4.27 8.68 9.66
N MET B 73 -3.55 7.66 10.11
CA MET B 73 -3.40 7.40 11.52
C MET B 73 -2.73 8.57 12.23
N SER B 74 -1.77 9.20 11.55
CA SER B 74 -1.06 10.33 12.11
C SER B 74 -1.85 11.63 11.92
N SER B 75 -2.74 11.63 10.94
CA SER B 75 -3.56 12.80 10.64
C SER B 75 -4.33 13.24 11.88
N THR B 76 -4.58 12.29 12.78
CA THR B 76 -5.32 12.58 14.00
C THR B 76 -4.53 13.51 14.91
N HIS B 77 -3.25 13.67 14.61
CA HIS B 77 -2.39 14.55 15.40
C HIS B 77 -3.00 15.93 15.56
N GLU B 78 -3.55 16.45 14.47
CA GLU B 78 -4.17 17.77 14.49
C GLU B 78 -5.60 17.70 15.04
N ALA B 79 -6.15 16.48 15.06
CA ALA B 79 -7.50 16.27 15.56
C ALA B 79 -7.65 16.78 16.99
N ASN B 80 -6.53 16.89 17.69
CA ASN B 80 -6.53 17.36 19.07
C ASN B 80 -7.18 18.75 19.17
N THR B 81 -6.48 19.75 18.65
CA THR B 81 -6.98 21.13 18.67
C THR B 81 -8.37 21.21 18.04
N MET B 82 -8.59 20.41 17.01
CA MET B 82 -9.87 20.40 16.30
C MET B 82 -11.03 20.21 17.29
N ALA B 83 -10.75 19.52 18.39
CA ALA B 83 -11.76 19.27 19.40
C ALA B 83 -12.39 20.58 19.89
N MET B 84 -11.62 21.67 19.79
CA MET B 84 -12.09 22.98 20.22
C MET B 84 -13.43 23.30 19.58
N MET B 85 -14.24 24.10 20.28
CA MET B 85 -15.56 24.49 19.77
C MET B 85 -15.45 25.73 18.89
N ALA B 86 -14.42 26.54 19.14
CA ALA B 86 -14.21 27.76 18.37
C ALA B 86 -14.24 27.48 16.87
N ARG B 87 -13.55 26.42 16.47
CA ARG B 87 -13.49 26.03 15.06
C ARG B 87 -14.79 25.35 14.63
N ASP B 88 -15.13 24.26 15.31
CA ASP B 88 -16.33 23.51 14.99
C ASP B 88 -16.33 23.05 13.54
N THR B 89 -15.75 21.88 13.30
CA THR B 89 -15.67 21.32 11.96
C THR B 89 -16.43 20.01 11.86
N ALA B 90 -16.00 19.01 12.63
CA ALA B 90 -16.64 17.71 12.63
C ALA B 90 -17.98 17.76 13.36
N GLU B 91 -18.08 18.65 14.34
CA GLU B 91 -19.30 18.79 15.12
C GLU B 91 -20.35 19.58 14.34
N ALA B 92 -19.90 20.58 13.60
CA ALA B 92 -20.79 21.42 12.81
C ALA B 92 -21.75 20.56 11.98
N ALA B 93 -21.17 19.70 11.14
CA ALA B 93 -21.96 18.82 10.29
C ALA B 93 -22.11 17.43 10.91
N LYS B 94 -20.97 16.80 11.18
CA LYS B 94 -20.97 15.46 11.78
C LYS B 94 -21.92 14.53 11.02
N TRP B 95 -22.19 13.38 11.61
CA TRP B 95 -23.08 12.40 10.99
C TRP B 95 -24.38 12.25 11.79
N GLY B 96 -25.50 12.21 11.07
CA GLY B 96 -26.79 12.09 11.73
C GLY B 96 -27.24 10.64 11.84
N GLY B 97 -27.74 10.27 13.02
CA GLY B 97 -28.19 8.91 13.24
C GLY B 97 -29.55 8.85 13.90
N MET A 1 18.09 17.59 -11.98
CA MET A 1 19.21 16.70 -12.21
C MET A 1 19.02 15.37 -11.48
N SER A 2 19.00 14.28 -12.24
CA SER A 2 18.81 12.94 -11.68
C SER A 2 19.58 11.90 -12.47
N LEU A 3 20.11 10.90 -11.78
CA LEU A 3 20.87 9.83 -12.41
C LEU A 3 20.55 8.48 -11.78
N LEU A 4 20.14 7.53 -12.61
CA LEU A 4 19.80 6.20 -12.13
C LEU A 4 20.45 5.12 -13.01
N ASP A 5 21.57 5.48 -13.64
CA ASP A 5 22.28 4.55 -14.50
C ASP A 5 23.78 4.59 -14.21
N ALA A 6 24.14 4.85 -12.96
CA ALA A 6 25.54 4.92 -12.56
C ALA A 6 25.99 3.59 -11.95
N HIS A 7 25.36 3.20 -10.85
CA HIS A 7 25.70 1.95 -10.18
C HIS A 7 24.52 0.97 -10.22
N ILE A 8 24.19 0.50 -11.40
CA ILE A 8 23.08 -0.44 -11.57
C ILE A 8 23.60 -1.83 -11.94
N PRO A 9 22.82 -2.86 -11.58
CA PRO A 9 23.17 -4.25 -11.87
C PRO A 9 23.07 -4.58 -13.34
N GLN A 10 23.08 -5.87 -13.66
CA GLN A 10 22.99 -6.33 -15.05
C GLN A 10 23.02 -7.84 -15.13
N LEU A 11 21.97 -8.42 -15.72
CA LEU A 11 21.87 -9.87 -15.86
C LEU A 11 21.97 -10.55 -14.51
N VAL A 12 21.59 -9.84 -13.46
CA VAL A 12 21.63 -10.38 -12.10
C VAL A 12 20.30 -11.05 -11.74
N ALA A 13 19.22 -10.57 -12.34
CA ALA A 13 17.90 -11.12 -12.09
C ALA A 13 17.11 -11.29 -13.38
N SER A 14 17.78 -11.77 -14.41
CA SER A 14 17.15 -11.98 -15.71
C SER A 14 15.98 -12.95 -15.59
N GLN A 15 16.10 -13.90 -14.66
CA GLN A 15 15.05 -14.88 -14.45
C GLN A 15 13.72 -14.22 -14.10
N SER A 16 13.79 -13.20 -13.24
CA SER A 16 12.60 -12.48 -12.82
C SER A 16 12.97 -11.21 -12.06
N ALA A 17 12.95 -10.07 -12.76
CA ALA A 17 13.28 -8.80 -12.16
C ALA A 17 12.04 -8.14 -11.54
N PHE A 18 10.88 -8.42 -12.11
CA PHE A 18 9.63 -7.87 -11.61
C PHE A 18 9.21 -8.53 -10.31
N ALA A 19 9.37 -9.84 -10.24
CA ALA A 19 9.01 -10.61 -9.05
C ALA A 19 9.97 -10.32 -7.91
N ALA A 20 11.23 -10.03 -8.25
CA ALA A 20 12.25 -9.74 -7.26
C ALA A 20 11.81 -8.61 -6.34
N LYS A 21 11.40 -7.50 -6.93
CA LYS A 21 10.94 -6.34 -6.17
C LYS A 21 9.54 -6.56 -5.62
N ALA A 22 8.77 -7.39 -6.31
CA ALA A 22 7.41 -7.69 -5.89
C ALA A 22 7.38 -8.19 -4.45
N GLY A 23 8.29 -9.11 -4.13
CA GLY A 23 8.34 -9.65 -2.79
C GLY A 23 8.75 -8.62 -1.75
N LEU A 24 9.49 -7.62 -2.18
CA LEU A 24 9.95 -6.56 -1.29
C LEU A 24 8.79 -5.61 -0.93
N MET A 25 7.82 -5.51 -1.84
CA MET A 25 6.66 -4.65 -1.61
C MET A 25 6.00 -4.97 -0.27
N ARG A 26 5.57 -6.21 -0.12
CA ARG A 26 4.92 -6.65 1.11
C ARG A 26 5.82 -6.42 2.32
N HIS A 27 7.13 -6.41 2.07
CA HIS A 27 8.10 -6.21 3.15
C HIS A 27 8.09 -4.76 3.62
N THR A 28 7.98 -3.83 2.67
CA THR A 28 7.98 -2.41 2.99
C THR A 28 6.79 -2.06 3.90
N ILE A 29 5.61 -2.53 3.52
CA ILE A 29 4.40 -2.27 4.30
C ILE A 29 4.39 -3.10 5.58
N GLY A 30 4.70 -4.39 5.44
CA GLY A 30 4.72 -5.27 6.59
C GLY A 30 5.59 -4.75 7.72
N GLN A 31 6.80 -4.30 7.36
CA GLN A 31 7.73 -3.77 8.35
C GLN A 31 7.27 -2.39 8.85
N ALA A 32 6.66 -1.62 7.96
CA ALA A 32 6.18 -0.29 8.32
C ALA A 32 5.05 -0.37 9.35
N GLU A 33 4.08 -1.24 9.08
CA GLU A 33 2.95 -1.42 9.99
C GLU A 33 3.40 -2.02 11.31
N GLN A 34 4.39 -2.90 11.25
CA GLN A 34 4.90 -3.56 12.45
C GLN A 34 5.46 -2.53 13.43
N ALA A 35 6.03 -1.46 12.89
CA ALA A 35 6.60 -0.41 13.72
C ALA A 35 5.51 0.43 14.37
N ALA A 36 4.40 0.61 13.66
CA ALA A 36 3.28 1.39 14.17
C ALA A 36 2.75 0.81 15.47
N MET A 37 2.91 -0.50 15.64
CA MET A 37 2.45 -1.18 16.84
C MET A 37 3.46 -1.03 17.97
N SER A 38 4.74 -1.13 17.62
CA SER A 38 5.82 -1.02 18.60
C SER A 38 5.93 0.41 19.13
N ALA A 39 5.79 1.38 18.23
CA ALA A 39 5.87 2.78 18.60
C ALA A 39 4.62 3.21 19.36
N GLN A 40 3.47 2.69 18.95
CA GLN A 40 2.20 3.02 19.60
C GLN A 40 1.97 2.15 20.83
N ALA A 41 2.82 1.14 21.00
CA ALA A 41 2.71 0.24 22.14
C ALA A 41 2.98 0.97 23.46
N PHE A 42 3.71 2.08 23.37
CA PHE A 42 4.05 2.86 24.56
C PHE A 42 2.80 3.18 25.37
N HIS A 43 2.91 3.04 26.68
CA HIS A 43 1.79 3.32 27.58
C HIS A 43 0.55 2.56 27.13
N GLN A 44 0.74 1.40 26.54
CA GLN A 44 -0.36 0.58 26.06
C GLN A 44 -0.06 -0.90 26.22
N GLY A 45 0.81 -1.43 25.36
CA GLY A 45 1.17 -2.83 25.42
C GLY A 45 0.33 -3.68 24.50
N GLU A 46 -0.82 -3.17 24.09
CA GLU A 46 -1.71 -3.90 23.20
C GLU A 46 -2.36 -2.95 22.19
N SER A 47 -3.12 -3.53 21.26
CA SER A 47 -3.79 -2.74 20.23
C SER A 47 -4.81 -1.80 20.85
N SER A 48 -5.16 -0.74 20.12
CA SER A 48 -6.12 0.25 20.61
C SER A 48 -7.43 0.13 19.84
N ALA A 49 -8.42 0.91 20.27
CA ALA A 49 -9.73 0.90 19.62
C ALA A 49 -9.74 1.80 18.39
N ALA A 50 -9.42 3.08 18.58
CA ALA A 50 -9.38 4.03 17.48
C ALA A 50 -8.34 3.64 16.45
N PHE A 51 -7.22 3.12 16.91
CA PHE A 51 -6.14 2.70 16.02
C PHE A 51 -6.60 1.60 15.08
N GLN A 52 -7.48 0.73 15.58
CA GLN A 52 -8.01 -0.37 14.79
C GLN A 52 -8.65 0.13 13.51
N ALA A 53 -9.59 1.06 13.64
CA ALA A 53 -10.28 1.63 12.49
C ALA A 53 -9.28 2.13 11.45
N ALA A 54 -8.15 2.63 11.91
CA ALA A 54 -7.11 3.14 11.01
C ALA A 54 -6.31 1.99 10.40
N HIS A 55 -6.08 0.95 11.20
CA HIS A 55 -5.32 -0.21 10.73
C HIS A 55 -6.08 -0.94 9.62
N ALA A 56 -7.40 -0.96 9.72
CA ALA A 56 -8.23 -1.63 8.73
C ALA A 56 -8.25 -0.85 7.42
N ARG A 57 -8.13 0.48 7.53
CA ARG A 57 -8.13 1.34 6.35
C ARG A 57 -6.91 1.08 5.47
N PHE A 58 -5.78 0.82 6.12
CA PHE A 58 -4.54 0.55 5.41
C PHE A 58 -4.62 -0.77 4.63
N VAL A 59 -4.95 -1.85 5.34
CA VAL A 59 -5.07 -3.16 4.73
C VAL A 59 -6.08 -3.15 3.59
N ALA A 60 -7.12 -2.34 3.74
CA ALA A 60 -8.16 -2.23 2.73
C ALA A 60 -7.57 -1.82 1.38
N ALA A 61 -6.64 -0.87 1.41
CA ALA A 61 -5.99 -0.39 0.19
C ALA A 61 -4.90 -1.35 -0.27
N ALA A 62 -4.19 -1.95 0.68
CA ALA A 62 -3.13 -2.88 0.38
C ALA A 62 -3.62 -3.99 -0.56
N ALA A 63 -4.88 -4.39 -0.39
CA ALA A 63 -5.48 -5.42 -1.21
C ALA A 63 -5.39 -5.07 -2.69
N LYS A 64 -5.38 -3.78 -2.99
CA LYS A 64 -5.30 -3.30 -4.37
C LYS A 64 -3.88 -3.49 -4.92
N VAL A 65 -2.89 -3.06 -4.15
CA VAL A 65 -1.49 -3.19 -4.57
C VAL A 65 -1.06 -4.64 -4.58
N ASN A 66 -1.56 -5.42 -3.62
CA ASN A 66 -1.22 -6.83 -3.52
C ASN A 66 -1.75 -7.60 -4.73
N THR A 67 -3.01 -7.35 -5.08
CA THR A 67 -3.64 -8.03 -6.22
C THR A 67 -2.96 -7.64 -7.53
N LEU A 68 -2.82 -6.34 -7.76
CA LEU A 68 -2.20 -5.84 -8.97
C LEU A 68 -0.81 -6.45 -9.16
N LEU A 69 -0.07 -6.59 -8.06
CA LEU A 69 1.26 -7.16 -8.10
C LEU A 69 1.23 -8.56 -8.71
N ASP A 70 0.22 -9.34 -8.36
CA ASP A 70 0.09 -10.69 -8.87
C ASP A 70 -0.51 -10.68 -10.28
N VAL A 71 -1.40 -9.73 -10.53
CA VAL A 71 -2.06 -9.61 -11.83
C VAL A 71 -1.03 -9.33 -12.93
N ALA A 72 -0.09 -8.44 -12.64
CA ALA A 72 0.95 -8.09 -13.60
C ALA A 72 1.65 -9.34 -14.13
N GLN A 73 1.96 -10.27 -13.24
CA GLN A 73 2.63 -11.50 -13.61
C GLN A 73 1.73 -12.36 -14.51
N ALA A 74 0.43 -12.30 -14.26
CA ALA A 74 -0.54 -13.06 -15.04
C ALA A 74 -0.51 -12.64 -16.50
N ASN A 75 -0.62 -11.34 -16.75
CA ASN A 75 -0.61 -10.80 -18.11
C ASN A 75 0.79 -10.87 -18.70
N LEU A 76 1.79 -10.67 -17.85
CA LEU A 76 3.18 -10.69 -18.30
C LEU A 76 3.62 -12.11 -18.64
N GLY A 77 2.95 -13.09 -18.04
CA GLY A 77 3.28 -14.49 -18.30
C GLY A 77 4.59 -14.90 -17.67
N GLU A 78 5.70 -14.52 -18.30
CA GLU A 78 7.02 -14.86 -17.79
C GLU A 78 7.16 -14.46 -16.33
N ALA A 79 6.71 -13.25 -16.01
CA ALA A 79 6.79 -12.75 -14.64
C ALA A 79 6.17 -13.74 -13.66
N ALA A 80 5.20 -14.51 -14.13
CA ALA A 80 4.53 -15.50 -13.28
C ALA A 80 5.24 -16.85 -13.36
N GLY A 81 5.21 -17.58 -12.25
CA GLY A 81 5.86 -18.88 -12.20
C GLY A 81 4.88 -20.02 -12.43
N THR A 82 3.62 -19.80 -12.07
CA THR A 82 2.59 -20.82 -12.23
C THR A 82 2.91 -22.06 -11.42
N TYR A 83 2.28 -22.21 -10.27
CA TYR A 83 2.52 -23.36 -9.40
C TYR A 83 1.20 -23.97 -8.96
N VAL A 84 1.27 -25.20 -8.45
CA VAL A 84 0.08 -25.91 -8.00
C VAL A 84 0.38 -26.74 -6.74
N ALA A 85 0.43 -26.07 -5.60
CA ALA A 85 0.70 -26.74 -4.33
C ALA A 85 -0.51 -27.53 -3.85
N ALA A 86 -0.86 -28.58 -4.58
CA ALA A 86 -2.01 -29.41 -4.22
C ALA A 86 -1.59 -30.57 -3.33
N ASP A 87 -0.38 -31.09 -3.55
CA ASP A 87 0.14 -32.20 -2.78
C ASP A 87 -0.71 -33.45 -2.98
N ALA A 88 -0.25 -34.56 -2.43
CA ALA A 88 -0.97 -35.82 -2.54
C ALA A 88 -1.72 -36.15 -1.25
N ALA A 89 -1.14 -35.77 -0.13
CA ALA A 89 -1.76 -36.02 1.18
C ALA A 89 -2.91 -35.05 1.44
N ALA A 90 -2.76 -33.82 0.96
CA ALA A 90 -3.79 -32.80 1.15
C ALA A 90 -5.11 -33.24 0.51
N ALA A 91 -5.02 -34.07 -0.51
CA ALA A 91 -6.21 -34.57 -1.20
C ALA A 91 -7.00 -35.53 -0.31
N SER A 92 -6.35 -36.63 0.09
CA SER A 92 -6.99 -37.62 0.93
C SER A 92 -6.32 -37.69 2.29
N THR A 93 -7.12 -37.63 3.35
CA THR A 93 -6.61 -37.69 4.72
C THR A 93 -7.69 -38.12 5.69
N TYR A 94 -7.73 -39.42 5.98
CA TYR A 94 -8.71 -39.98 6.90
C TYR A 94 -8.10 -41.07 7.77
N THR A 95 -8.95 -41.80 8.48
CA THR A 95 -8.49 -42.87 9.36
C THR A 95 -9.67 -43.56 10.04
N GLY A 96 -9.61 -44.89 10.10
CA GLY A 96 -10.67 -45.66 10.73
C GLY A 96 -10.43 -45.88 12.21
N PHE A 97 -9.64 -46.89 12.52
CA PHE A 97 -9.32 -47.22 13.91
C PHE A 97 -10.59 -47.55 14.69
N SER B 1 -8.45 19.36 23.01
CA SER B 1 -7.31 20.11 23.54
C SER B 1 -6.33 20.48 22.44
N MET B 2 -6.25 19.63 21.42
CA MET B 2 -5.36 19.85 20.30
C MET B 2 -6.06 20.62 19.19
N SER B 3 -6.64 21.77 19.53
CA SER B 3 -7.36 22.59 18.57
C SER B 3 -6.63 23.92 18.36
N GLN B 4 -5.69 24.22 19.22
CA GLN B 4 -4.92 25.46 19.14
C GLN B 4 -3.68 25.27 18.27
N ILE B 5 -3.62 24.14 17.57
CA ILE B 5 -2.48 23.83 16.71
C ILE B 5 -2.87 23.93 15.24
N MET B 6 -1.97 23.50 14.36
CA MET B 6 -2.23 23.53 12.93
C MET B 6 -3.38 22.61 12.55
N TYR B 7 -4.51 23.20 12.18
CA TYR B 7 -5.69 22.44 11.80
C TYR B 7 -6.57 23.23 10.84
N ASN B 8 -6.48 22.91 9.55
CA ASN B 8 -7.28 23.59 8.54
C ASN B 8 -8.27 22.62 7.88
N TYR B 9 -7.74 21.69 7.11
CA TYR B 9 -8.58 20.71 6.42
C TYR B 9 -8.39 19.32 7.02
N PRO B 10 -9.38 18.44 6.77
CA PRO B 10 -9.34 17.07 7.26
C PRO B 10 -8.27 16.22 6.59
N ALA B 11 -7.82 16.68 5.42
CA ALA B 11 -6.79 15.96 4.68
C ALA B 11 -5.57 15.69 5.54
N MET B 12 -5.14 16.69 6.29
CA MET B 12 -3.98 16.56 7.17
C MET B 12 -4.40 16.07 8.55
N LEU B 13 -5.11 16.92 9.30
CA LEU B 13 -5.56 16.58 10.63
C LEU B 13 -4.40 16.13 11.51
N GLY B 14 -3.44 17.03 11.71
CA GLY B 14 -2.29 16.71 12.53
C GLY B 14 -0.99 17.13 11.89
N HIS B 15 -0.70 16.58 10.71
CA HIS B 15 0.52 16.90 9.99
C HIS B 15 1.75 16.49 10.80
N ALA B 16 2.20 15.25 10.59
CA ALA B 16 3.37 14.73 11.30
C ALA B 16 4.65 14.96 10.49
N GLY B 17 5.78 14.55 11.05
CA GLY B 17 7.04 14.72 10.37
C GLY B 17 8.11 13.77 10.89
N ASP B 18 7.81 12.47 10.86
CA ASP B 18 8.75 11.46 11.32
C ASP B 18 8.40 10.09 10.76
N MET B 19 7.25 9.56 11.17
CA MET B 19 6.80 8.26 10.69
C MET B 19 6.49 8.29 9.20
N ALA B 20 6.15 9.47 8.70
CA ALA B 20 5.83 9.64 7.29
C ALA B 20 6.96 9.12 6.40
N GLY B 21 8.18 9.21 6.91
CA GLY B 21 9.33 8.74 6.16
C GLY B 21 9.17 7.31 5.68
N TYR B 22 8.82 6.42 6.60
CA TYR B 22 8.62 5.01 6.26
C TYR B 22 7.60 4.85 5.15
N ALA B 23 6.46 5.50 5.31
CA ALA B 23 5.39 5.43 4.30
C ALA B 23 5.89 5.90 2.94
N GLY B 24 6.78 6.88 2.95
CA GLY B 24 7.32 7.41 1.71
C GLY B 24 7.96 6.33 0.85
N THR B 25 8.46 5.29 1.50
CA THR B 25 9.10 4.19 0.79
C THR B 25 8.12 3.50 -0.16
N LEU B 26 6.85 3.52 0.20
CA LEU B 26 5.81 2.91 -0.63
C LEU B 26 5.64 3.66 -1.95
N GLN B 27 5.66 4.98 -1.87
CA GLN B 27 5.52 5.81 -3.07
C GLN B 27 6.73 5.70 -3.97
N SER B 28 7.91 5.56 -3.35
CA SER B 28 9.15 5.44 -4.10
C SER B 28 9.30 4.05 -4.70
N LEU B 29 9.17 3.03 -3.86
CA LEU B 29 9.28 1.64 -4.31
C LEU B 29 8.15 1.29 -5.28
N GLY B 30 6.93 1.71 -4.93
CA GLY B 30 5.79 1.43 -5.79
C GLY B 30 6.02 1.86 -7.22
N ALA B 31 6.60 3.03 -7.40
CA ALA B 31 6.87 3.57 -8.73
C ALA B 31 7.80 2.63 -9.51
N GLU B 32 8.76 2.05 -8.81
CA GLU B 32 9.72 1.14 -9.44
C GLU B 32 8.99 -0.01 -10.14
N ILE B 33 7.92 -0.48 -9.52
CA ILE B 33 7.13 -1.58 -10.09
C ILE B 33 6.31 -1.10 -11.28
N ALA B 34 5.87 0.15 -11.23
CA ALA B 34 5.08 0.72 -12.31
C ALA B 34 5.91 0.89 -13.58
N VAL B 35 7.18 1.29 -13.40
CA VAL B 35 8.07 1.49 -14.52
C VAL B 35 8.60 0.17 -15.05
N GLU B 36 8.74 -0.81 -14.16
CA GLU B 36 9.23 -2.12 -14.54
C GLU B 36 8.32 -2.77 -15.58
N GLN B 37 7.04 -2.82 -15.28
CA GLN B 37 6.06 -3.42 -16.18
C GLN B 37 5.94 -2.59 -17.48
N ALA B 38 6.18 -1.29 -17.36
CA ALA B 38 6.10 -0.40 -18.50
C ALA B 38 7.07 -0.83 -19.59
N ALA B 39 8.13 -1.54 -19.21
CA ALA B 39 9.12 -2.02 -20.17
C ALA B 39 8.66 -3.30 -20.85
N LEU B 40 7.81 -4.06 -20.16
CA LEU B 40 7.30 -5.31 -20.71
C LEU B 40 5.89 -5.12 -21.26
N GLN B 41 5.58 -3.89 -21.66
CA GLN B 41 4.26 -3.57 -22.21
C GLN B 41 3.93 -4.51 -23.37
N SER B 42 4.83 -4.60 -24.34
CA SER B 42 4.62 -5.45 -25.50
C SER B 42 4.40 -6.91 -25.08
N ALA B 43 4.94 -7.26 -23.92
CA ALA B 43 4.80 -8.62 -23.40
C ALA B 43 3.49 -8.78 -22.63
N TRP B 44 2.97 -7.67 -22.13
CA TRP B 44 1.72 -7.69 -21.37
C TRP B 44 0.60 -8.33 -22.19
N GLN B 45 -0.17 -9.20 -21.54
CA GLN B 45 -1.27 -9.88 -22.20
C GLN B 45 -2.61 -9.37 -21.69
N GLY B 46 -3.34 -8.68 -22.56
CA GLY B 46 -4.64 -8.14 -22.18
C GLY B 46 -5.75 -9.17 -22.30
N ASP B 47 -5.38 -10.41 -22.63
CA ASP B 47 -6.35 -11.48 -22.77
C ASP B 47 -6.38 -12.36 -21.52
N THR B 48 -5.88 -11.81 -20.41
CA THR B 48 -5.85 -12.54 -19.15
C THR B 48 -6.62 -11.79 -18.07
N GLY B 49 -6.63 -10.47 -18.16
CA GLY B 49 -7.34 -9.66 -17.18
C GLY B 49 -7.07 -8.18 -17.35
N ILE B 50 -6.51 -7.55 -16.32
CA ILE B 50 -6.21 -6.13 -16.36
C ILE B 50 -5.37 -5.78 -17.59
N THR B 51 -5.63 -4.62 -18.18
CA THR B 51 -4.90 -4.17 -19.35
C THR B 51 -3.76 -3.25 -18.97
N TYR B 52 -2.89 -2.94 -19.93
CA TYR B 52 -1.76 -2.07 -19.69
C TYR B 52 -2.22 -0.67 -19.28
N GLN B 53 -3.27 -0.18 -19.94
CA GLN B 53 -3.81 1.14 -19.65
C GLN B 53 -4.56 1.14 -18.33
N ALA B 54 -5.36 0.09 -18.10
CA ALA B 54 -6.13 -0.02 -16.87
C ALA B 54 -5.22 -0.19 -15.67
N TRP B 55 -4.18 -1.00 -15.82
CA TRP B 55 -3.24 -1.25 -14.74
C TRP B 55 -2.48 0.03 -14.37
N GLN B 56 -1.92 0.69 -15.38
CA GLN B 56 -1.17 1.92 -15.16
C GLN B 56 -1.99 2.92 -14.36
N ALA B 57 -3.31 2.85 -14.52
CA ALA B 57 -4.21 3.75 -13.79
C ALA B 57 -4.66 3.14 -12.47
N GLN B 58 -4.63 1.81 -12.40
CA GLN B 58 -5.04 1.11 -11.19
C GLN B 58 -3.95 1.18 -10.12
N TRP B 59 -2.73 0.82 -10.49
CA TRP B 59 -1.60 0.85 -9.57
C TRP B 59 -1.43 2.24 -8.96
N ASN B 60 -1.35 3.25 -9.82
CA ASN B 60 -1.19 4.62 -9.37
C ASN B 60 -2.34 5.03 -8.44
N GLN B 61 -3.56 4.93 -8.94
CA GLN B 61 -4.73 5.28 -8.17
C GLN B 61 -4.73 4.57 -6.82
N ALA B 62 -4.47 3.27 -6.84
CA ALA B 62 -4.43 2.48 -5.62
C ALA B 62 -3.35 2.98 -4.66
N MET B 63 -2.12 3.08 -5.16
CA MET B 63 -1.00 3.55 -4.36
C MET B 63 -1.33 4.88 -3.69
N GLU B 64 -2.04 5.74 -4.41
CA GLU B 64 -2.42 7.05 -3.89
C GLU B 64 -3.19 6.90 -2.58
N ASP B 65 -4.27 6.13 -2.62
CA ASP B 65 -5.10 5.92 -1.44
C ASP B 65 -4.37 5.04 -0.42
N LEU B 66 -3.48 4.18 -0.93
CA LEU B 66 -2.72 3.28 -0.06
C LEU B 66 -1.79 4.07 0.86
N VAL B 67 -1.22 5.16 0.33
CA VAL B 67 -0.31 6.00 1.10
C VAL B 67 -1.07 6.82 2.13
N ARG B 68 -2.14 7.47 1.69
CA ARG B 68 -2.96 8.29 2.58
C ARG B 68 -3.36 7.51 3.82
N ALA B 69 -3.51 6.20 3.68
CA ALA B 69 -3.90 5.34 4.78
C ALA B 69 -2.92 5.47 5.95
N TYR B 70 -1.67 5.77 5.62
CA TYR B 70 -0.63 5.93 6.64
C TYR B 70 -0.70 7.31 7.27
N HIS B 71 -0.57 8.35 6.45
CA HIS B 71 -0.61 9.72 6.93
C HIS B 71 -1.89 9.99 7.70
N ALA B 72 -2.99 9.37 7.26
CA ALA B 72 -4.28 9.55 7.92
C ALA B 72 -4.32 8.80 9.24
N MET B 73 -3.91 7.54 9.22
CA MET B 73 -3.90 6.71 10.42
C MET B 73 -3.17 7.41 11.56
N SER B 74 -1.95 7.86 11.29
CA SER B 74 -1.14 8.56 12.29
C SER B 74 -1.75 9.92 12.63
N SER B 75 -2.50 10.47 11.69
CA SER B 75 -3.13 11.78 11.88
C SER B 75 -4.28 11.67 12.87
N THR B 76 -5.25 10.81 12.55
CA THR B 76 -6.41 10.62 13.42
C THR B 76 -6.01 9.95 14.74
N HIS B 77 -4.78 9.44 14.79
CA HIS B 77 -4.28 8.78 16.00
C HIS B 77 -4.48 9.68 17.22
N GLU B 78 -4.15 10.95 17.08
CA GLU B 78 -4.28 11.91 18.17
C GLU B 78 -5.72 12.41 18.28
N ALA B 79 -6.49 12.20 17.22
CA ALA B 79 -7.89 12.63 17.20
C ALA B 79 -8.67 12.02 18.35
N ASN B 80 -8.16 10.90 18.87
CA ASN B 80 -8.82 10.21 19.98
C ASN B 80 -9.00 11.14 21.17
N THR B 81 -7.89 11.48 21.83
CA THR B 81 -7.92 12.37 22.98
C THR B 81 -8.61 13.68 22.65
N MET B 82 -8.43 14.15 21.42
CA MET B 82 -9.03 15.39 20.98
C MET B 82 -10.54 15.40 21.24
N ALA B 83 -11.24 14.42 20.68
CA ALA B 83 -12.67 14.30 20.87
C ALA B 83 -13.02 13.99 22.32
N MET B 84 -12.36 12.98 22.87
CA MET B 84 -12.60 12.58 24.25
C MET B 84 -14.04 12.09 24.44
N MET B 85 -14.47 11.19 23.58
CA MET B 85 -15.83 10.65 23.65
C MET B 85 -16.11 10.07 25.03
N ALA B 86 -15.06 9.60 25.70
CA ALA B 86 -15.19 9.02 27.03
C ALA B 86 -15.95 9.95 27.96
N ARG B 87 -15.62 11.24 27.90
CA ARG B 87 -16.27 12.23 28.75
C ARG B 87 -17.62 12.64 28.15
N ASP B 88 -17.67 12.75 26.83
CA ASP B 88 -18.89 13.15 26.14
C ASP B 88 -19.63 11.92 25.61
N THR B 89 -20.65 11.48 26.34
CA THR B 89 -21.43 10.32 25.94
C THR B 89 -22.86 10.71 25.56
N ALA B 90 -23.66 11.04 26.57
CA ALA B 90 -25.04 11.45 26.34
C ALA B 90 -25.12 12.66 25.43
N GLU B 91 -24.05 13.46 25.43
CA GLU B 91 -23.99 14.66 24.60
C GLU B 91 -23.77 14.30 23.14
N ALA B 92 -22.64 13.65 22.85
CA ALA B 92 -22.31 13.25 21.50
C ALA B 92 -23.32 12.24 20.95
N ALA B 93 -23.97 11.52 21.86
CA ALA B 93 -24.95 10.53 21.48
C ALA B 93 -26.33 11.16 21.28
N LYS B 94 -26.55 12.29 21.95
CA LYS B 94 -27.83 13.00 21.85
C LYS B 94 -28.08 13.47 20.43
N TRP B 95 -29.14 12.99 19.82
CA TRP B 95 -29.50 13.37 18.46
C TRP B 95 -31.00 13.21 18.21
N GLY B 96 -31.47 11.97 18.28
CA GLY B 96 -32.88 11.70 18.07
C GLY B 96 -33.12 10.38 17.37
N GLY B 97 -32.53 10.22 16.19
CA GLY B 97 -32.70 8.99 15.43
C GLY B 97 -32.43 9.18 13.95
N MET A 1 5.07 -17.13 3.27
CA MET A 1 5.64 -17.68 4.50
C MET A 1 4.55 -18.22 5.42
N SER A 2 4.78 -19.40 5.97
CA SER A 2 3.81 -20.03 6.87
C SER A 2 4.51 -20.89 7.91
N LEU A 3 5.08 -22.01 7.47
CA LEU A 3 5.79 -22.92 8.36
C LEU A 3 7.28 -22.67 8.32
N LEU A 4 7.88 -22.84 7.15
CA LEU A 4 9.32 -22.63 6.98
C LEU A 4 9.72 -22.77 5.52
N ASP A 5 9.47 -23.94 4.95
CA ASP A 5 9.80 -24.21 3.56
C ASP A 5 8.55 -24.49 2.74
N ALA A 6 7.53 -23.66 2.94
CA ALA A 6 6.26 -23.82 2.22
C ALA A 6 6.18 -22.86 1.04
N HIS A 7 6.68 -21.64 1.24
CA HIS A 7 6.65 -20.62 0.20
C HIS A 7 7.94 -19.80 0.21
N ILE A 8 9.07 -20.46 -0.02
CA ILE A 8 10.36 -19.79 -0.02
C ILE A 8 10.90 -19.65 -1.44
N PRO A 9 11.72 -18.61 -1.67
CA PRO A 9 12.33 -18.35 -2.98
C PRO A 9 13.38 -19.40 -3.36
N GLN A 10 14.19 -19.07 -4.36
CA GLN A 10 15.23 -19.98 -4.82
C GLN A 10 16.02 -19.37 -5.98
N LEU A 11 15.29 -18.82 -6.94
CA LEU A 11 15.92 -18.20 -8.11
C LEU A 11 15.36 -16.81 -8.36
N VAL A 12 14.80 -16.20 -7.31
CA VAL A 12 14.23 -14.87 -7.42
C VAL A 12 15.28 -13.85 -7.86
N ALA A 13 14.81 -12.71 -8.35
CA ALA A 13 15.71 -11.65 -8.80
C ALA A 13 16.39 -12.04 -10.11
N SER A 14 17.31 -13.00 -10.03
CA SER A 14 18.03 -13.46 -11.21
C SER A 14 17.08 -13.83 -12.34
N GLN A 15 16.09 -14.66 -12.02
CA GLN A 15 15.10 -15.09 -13.00
C GLN A 15 14.32 -13.90 -13.54
N SER A 16 14.06 -12.92 -12.68
CA SER A 16 13.32 -11.73 -13.07
C SER A 16 13.38 -10.67 -11.97
N ALA A 17 13.70 -9.44 -12.37
CA ALA A 17 13.80 -8.34 -11.42
C ALA A 17 12.41 -7.91 -10.94
N PHE A 18 11.41 -8.08 -11.80
CA PHE A 18 10.04 -7.72 -11.47
C PHE A 18 9.57 -8.46 -10.22
N ALA A 19 9.86 -9.76 -10.17
CA ALA A 19 9.46 -10.58 -9.03
C ALA A 19 10.15 -10.13 -7.76
N ALA A 20 11.40 -9.71 -7.88
CA ALA A 20 12.17 -9.25 -6.74
C ALA A 20 11.46 -8.12 -6.00
N LYS A 21 10.88 -7.20 -6.77
CA LYS A 21 10.16 -6.07 -6.20
C LYS A 21 8.82 -6.50 -5.64
N ALA A 22 8.28 -7.59 -6.19
CA ALA A 22 6.99 -8.11 -5.75
C ALA A 22 7.10 -8.75 -4.37
N GLY A 23 8.08 -9.63 -4.20
CA GLY A 23 8.28 -10.28 -2.92
C GLY A 23 8.66 -9.32 -1.83
N LEU A 24 9.32 -8.23 -2.20
CA LEU A 24 9.74 -7.21 -1.23
C LEU A 24 8.61 -6.24 -0.94
N MET A 25 7.70 -6.08 -1.90
CA MET A 25 6.57 -5.18 -1.74
C MET A 25 5.77 -5.53 -0.49
N ARG A 26 5.27 -6.75 -0.44
CA ARG A 26 4.48 -7.21 0.71
C ARG A 26 5.28 -7.08 2.00
N HIS A 27 6.60 -7.10 1.88
CA HIS A 27 7.48 -6.98 3.05
C HIS A 27 7.49 -5.55 3.57
N THR A 28 7.22 -4.60 2.68
CA THR A 28 7.20 -3.19 3.05
C THR A 28 5.97 -2.86 3.88
N ILE A 29 4.81 -3.32 3.44
CA ILE A 29 3.56 -3.08 4.15
C ILE A 29 3.48 -3.90 5.43
N GLY A 30 3.79 -5.19 5.32
CA GLY A 30 3.75 -6.07 6.46
C GLY A 30 4.57 -5.55 7.63
N GLN A 31 5.81 -5.13 7.33
CA GLN A 31 6.70 -4.61 8.36
C GLN A 31 6.26 -3.22 8.81
N ALA A 32 5.83 -2.40 7.86
CA ALA A 32 5.38 -1.05 8.16
C ALA A 32 4.14 -1.07 9.05
N GLU A 33 3.36 -2.14 8.94
CA GLU A 33 2.14 -2.29 9.74
C GLU A 33 2.47 -2.55 11.20
N GLN A 34 3.36 -3.52 11.43
CA GLN A 34 3.77 -3.87 12.78
C GLN A 34 4.57 -2.74 13.43
N ALA A 35 5.44 -2.11 12.66
CA ALA A 35 6.26 -1.02 13.16
C ALA A 35 5.38 0.09 13.74
N ALA A 36 4.17 0.23 13.20
CA ALA A 36 3.24 1.25 13.67
C ALA A 36 2.76 0.95 15.09
N MET A 37 1.99 -0.12 15.23
CA MET A 37 1.47 -0.52 16.53
C MET A 37 2.60 -0.79 17.51
N SER A 38 3.78 -1.12 16.98
CA SER A 38 4.94 -1.41 17.82
C SER A 38 5.37 -0.17 18.59
N ALA A 39 5.77 0.87 17.85
CA ALA A 39 6.21 2.12 18.45
C ALA A 39 5.03 2.89 19.04
N GLN A 40 3.85 2.64 18.49
CA GLN A 40 2.64 3.32 18.96
C GLN A 40 2.04 2.59 20.16
N ALA A 41 2.59 1.43 20.47
CA ALA A 41 2.11 0.64 21.60
C ALA A 41 2.14 1.45 22.89
N PHE A 42 3.00 2.47 22.93
CA PHE A 42 3.12 3.31 24.11
C PHE A 42 1.76 3.84 24.55
N HIS A 43 1.51 3.80 25.86
CA HIS A 43 0.25 4.27 26.40
C HIS A 43 -0.94 3.63 25.69
N GLN A 44 -0.95 2.30 25.66
CA GLN A 44 -2.02 1.56 25.00
C GLN A 44 -2.83 0.75 26.00
N GLY A 45 -2.24 -0.35 26.47
CA GLY A 45 -2.92 -1.19 27.44
C GLY A 45 -3.94 -2.11 26.79
N GLU A 46 -3.68 -2.51 25.56
CA GLU A 46 -4.58 -3.39 24.82
C GLU A 46 -5.93 -2.73 24.60
N SER A 47 -5.93 -1.63 23.84
CA SER A 47 -7.15 -0.90 23.55
C SER A 47 -6.86 0.29 22.64
N SER A 48 -7.53 0.32 21.49
CA SER A 48 -7.36 1.41 20.54
C SER A 48 -8.26 1.22 19.33
N ALA A 49 -9.41 1.90 19.33
CA ALA A 49 -10.36 1.81 18.23
C ALA A 49 -9.97 2.75 17.09
N ALA A 50 -9.57 3.96 17.44
CA ALA A 50 -9.17 4.95 16.45
C ALA A 50 -8.02 4.43 15.59
N PHE A 51 -6.96 3.97 16.25
CA PHE A 51 -5.79 3.46 15.55
C PHE A 51 -6.16 2.23 14.72
N GLN A 52 -7.09 1.43 15.23
CA GLN A 52 -7.53 0.22 14.54
C GLN A 52 -8.08 0.56 13.15
N ALA A 53 -9.04 1.47 13.12
CA ALA A 53 -9.66 1.88 11.86
C ALA A 53 -8.61 2.28 10.84
N ALA A 54 -7.69 3.15 11.26
CA ALA A 54 -6.62 3.62 10.38
C ALA A 54 -5.71 2.47 9.97
N HIS A 55 -5.44 1.57 10.92
CA HIS A 55 -4.58 0.43 10.65
C HIS A 55 -5.21 -0.52 9.64
N ALA A 56 -6.53 -0.66 9.71
CA ALA A 56 -7.26 -1.53 8.81
C ALA A 56 -7.32 -0.93 7.40
N ARG A 57 -7.33 0.40 7.33
CA ARG A 57 -7.39 1.09 6.05
C ARG A 57 -6.15 0.81 5.22
N PHE A 58 -5.00 0.81 5.87
CA PHE A 58 -3.73 0.54 5.19
C PHE A 58 -3.71 -0.87 4.60
N VAL A 59 -3.97 -1.86 5.45
CA VAL A 59 -3.97 -3.25 5.02
C VAL A 59 -5.04 -3.49 3.95
N ALA A 60 -6.14 -2.74 4.05
CA ALA A 60 -7.22 -2.87 3.08
C ALA A 60 -6.78 -2.45 1.68
N ALA A 61 -5.92 -1.44 1.62
CA ALA A 61 -5.41 -0.94 0.35
C ALA A 61 -4.29 -1.83 -0.19
N ALA A 62 -3.49 -2.37 0.73
CA ALA A 62 -2.38 -3.25 0.35
C ALA A 62 -2.87 -4.39 -0.54
N ALA A 63 -4.11 -4.82 -0.32
CA ALA A 63 -4.69 -5.90 -1.11
C ALA A 63 -4.78 -5.53 -2.58
N LYS A 64 -4.93 -4.23 -2.85
CA LYS A 64 -5.02 -3.74 -4.22
C LYS A 64 -3.66 -3.77 -4.90
N VAL A 65 -2.66 -3.16 -4.26
CA VAL A 65 -1.31 -3.11 -4.80
C VAL A 65 -0.69 -4.51 -4.85
N ASN A 66 -1.08 -5.35 -3.89
CA ASN A 66 -0.55 -6.71 -3.82
C ASN A 66 -1.11 -7.56 -4.97
N THR A 67 -2.42 -7.59 -5.10
CA THR A 67 -3.08 -8.36 -6.15
C THR A 67 -2.54 -7.97 -7.52
N LEU A 68 -2.50 -6.67 -7.80
CA LEU A 68 -2.01 -6.17 -9.08
C LEU A 68 -0.65 -6.76 -9.40
N LEU A 69 0.21 -6.85 -8.38
CA LEU A 69 1.55 -7.39 -8.57
C LEU A 69 1.49 -8.83 -9.09
N ASP A 70 0.51 -9.58 -8.63
CA ASP A 70 0.34 -10.96 -9.05
C ASP A 70 -0.23 -11.03 -10.46
N VAL A 71 -1.07 -10.06 -10.81
CA VAL A 71 -1.68 -10.00 -12.13
C VAL A 71 -0.67 -9.56 -13.19
N ALA A 72 0.24 -8.68 -12.78
CA ALA A 72 1.25 -8.16 -13.69
C ALA A 72 2.17 -9.28 -14.18
N GLN A 73 2.61 -10.13 -13.25
CA GLN A 73 3.49 -11.24 -13.59
C GLN A 73 2.75 -12.29 -14.42
N ALA A 74 1.46 -12.46 -14.12
CA ALA A 74 0.64 -13.44 -14.83
C ALA A 74 0.34 -12.96 -16.24
N ASN A 75 0.16 -11.65 -16.41
CA ASN A 75 -0.15 -11.07 -17.70
C ASN A 75 1.10 -11.00 -18.57
N LEU A 76 2.24 -10.71 -17.94
CA LEU A 76 3.51 -10.61 -18.65
C LEU A 76 4.09 -11.98 -18.92
N GLY A 77 3.81 -12.92 -18.03
CA GLY A 77 4.33 -14.28 -18.19
C GLY A 77 5.78 -14.41 -17.77
N GLU A 78 6.66 -13.72 -18.47
CA GLU A 78 8.08 -13.76 -18.17
C GLU A 78 8.33 -13.44 -16.70
N ALA A 79 7.67 -12.41 -16.21
CA ALA A 79 7.81 -12.00 -14.81
C ALA A 79 7.46 -13.14 -13.86
N ALA A 80 6.34 -13.79 -14.11
CA ALA A 80 5.90 -14.90 -13.28
C ALA A 80 6.72 -16.16 -13.55
N GLY A 81 6.45 -17.22 -12.80
CA GLY A 81 7.18 -18.46 -12.98
C GLY A 81 7.04 -19.39 -11.78
N THR A 82 7.50 -20.62 -11.95
CA THR A 82 7.42 -21.61 -10.88
C THR A 82 5.97 -21.92 -10.52
N TYR A 83 5.52 -23.10 -10.92
CA TYR A 83 4.14 -23.52 -10.65
C TYR A 83 4.09 -25.00 -10.31
N VAL A 84 2.97 -25.43 -9.73
CA VAL A 84 2.79 -26.83 -9.35
C VAL A 84 1.34 -27.27 -9.58
N ALA A 85 1.00 -27.56 -10.84
CA ALA A 85 -0.35 -27.99 -11.18
C ALA A 85 -0.57 -29.44 -10.77
N ALA A 86 -0.62 -29.67 -9.46
CA ALA A 86 -0.84 -31.01 -8.94
C ALA A 86 -2.21 -31.14 -8.28
N ASP A 87 -2.67 -30.05 -7.68
CA ASP A 87 -3.97 -30.04 -7.02
C ASP A 87 -4.03 -31.07 -5.90
N ALA A 88 -5.19 -31.19 -5.27
CA ALA A 88 -5.38 -32.15 -4.19
C ALA A 88 -5.82 -33.50 -4.72
N ALA A 89 -5.65 -34.53 -3.91
CA ALA A 89 -6.03 -35.89 -4.30
C ALA A 89 -7.54 -36.09 -4.14
N ALA A 90 -8.11 -35.53 -3.08
CA ALA A 90 -9.53 -35.66 -2.82
C ALA A 90 -10.31 -34.49 -3.45
N ALA A 91 -9.66 -33.78 -4.34
CA ALA A 91 -10.28 -32.65 -5.02
C ALA A 91 -11.53 -33.08 -5.79
N SER A 92 -11.34 -34.01 -6.73
CA SER A 92 -12.44 -34.52 -7.53
C SER A 92 -12.60 -36.01 -7.36
N THR A 93 -13.85 -36.46 -7.26
CA THR A 93 -14.14 -37.89 -7.09
C THR A 93 -15.56 -38.22 -7.55
N TYR A 94 -16.54 -37.65 -6.86
CA TYR A 94 -17.94 -37.89 -7.18
C TYR A 94 -18.65 -36.58 -7.53
N THR A 95 -18.26 -35.51 -6.84
CA THR A 95 -18.86 -34.20 -7.07
C THR A 95 -20.38 -34.25 -6.89
N GLY A 96 -21.02 -33.11 -7.09
CA GLY A 96 -22.48 -33.04 -6.94
C GLY A 96 -23.19 -34.02 -7.86
N PHE A 97 -23.61 -35.14 -7.31
CA PHE A 97 -24.32 -36.16 -8.08
C PHE A 97 -25.62 -35.61 -8.64
N SER B 1 -18.24 8.25 2.84
CA SER B 1 -18.77 9.42 3.53
C SER B 1 -17.79 9.90 4.60
N MET B 2 -17.46 11.19 4.55
CA MET B 2 -16.54 11.78 5.52
C MET B 2 -16.96 13.19 5.87
N SER B 3 -16.14 13.88 6.66
CA SER B 3 -16.42 15.24 7.08
C SER B 3 -17.49 15.27 8.15
N GLN B 4 -18.64 14.63 7.87
CA GLN B 4 -19.74 14.58 8.81
C GLN B 4 -19.38 13.73 10.02
N ILE B 5 -18.26 13.02 9.94
CA ILE B 5 -17.79 12.17 11.03
C ILE B 5 -17.73 12.95 12.34
N MET B 6 -16.75 13.84 12.45
CA MET B 6 -16.58 14.64 13.65
C MET B 6 -15.35 15.55 13.53
N TYR B 7 -15.25 16.24 12.40
CA TYR B 7 -14.12 17.13 12.16
C TYR B 7 -14.60 18.56 11.95
N ASN B 8 -13.82 19.52 12.43
CA ASN B 8 -14.16 20.93 12.30
C ASN B 8 -13.07 21.70 11.56
N TYR B 9 -11.82 21.32 11.81
CA TYR B 9 -10.68 21.97 11.17
C TYR B 9 -9.78 20.94 10.48
N PRO B 10 -10.02 20.71 9.18
CA PRO B 10 -9.24 19.76 8.40
C PRO B 10 -7.82 20.23 8.15
N ALA B 11 -7.59 21.52 8.35
CA ALA B 11 -6.26 22.11 8.15
C ALA B 11 -5.32 21.74 9.29
N MET B 12 -5.89 21.47 10.46
CA MET B 12 -5.11 21.10 11.63
C MET B 12 -4.76 19.62 11.61
N LEU B 13 -5.70 18.80 11.16
CA LEU B 13 -5.49 17.35 11.08
C LEU B 13 -4.22 17.03 10.31
N GLY B 14 -3.17 16.68 11.04
CA GLY B 14 -1.91 16.35 10.40
C GLY B 14 -0.97 17.54 10.30
N HIS B 15 0.29 17.34 10.66
CA HIS B 15 1.27 18.41 10.61
C HIS B 15 2.65 17.90 11.05
N ALA B 16 3.64 18.06 10.17
CA ALA B 16 5.00 17.62 10.46
C ALA B 16 5.04 16.12 10.75
N GLY B 17 6.21 15.64 11.12
CA GLY B 17 6.36 14.22 11.42
C GLY B 17 7.61 13.63 10.79
N ASP B 18 8.04 12.48 11.32
CA ASP B 18 9.23 11.81 10.80
C ASP B 18 8.90 10.38 10.38
N MET B 19 8.01 9.73 11.13
CA MET B 19 7.62 8.36 10.82
C MET B 19 7.03 8.26 9.41
N ALA B 20 6.48 9.37 8.93
CA ALA B 20 5.89 9.41 7.60
C ALA B 20 6.90 8.95 6.55
N GLY B 21 8.18 9.21 6.79
CA GLY B 21 9.22 8.83 5.85
C GLY B 21 9.15 7.37 5.49
N TYR B 22 8.74 6.54 6.44
CA TYR B 22 8.62 5.10 6.21
C TYR B 22 7.60 4.80 5.12
N ALA B 23 6.42 5.40 5.25
CA ALA B 23 5.34 5.20 4.28
C ALA B 23 5.82 5.51 2.87
N GLY B 24 6.69 6.52 2.76
CA GLY B 24 7.20 6.91 1.46
C GLY B 24 7.84 5.75 0.70
N THR B 25 8.29 4.75 1.44
CA THR B 25 8.91 3.58 0.85
C THR B 25 7.97 2.89 -0.13
N LEU B 26 6.67 2.90 0.19
CA LEU B 26 5.67 2.27 -0.66
C LEU B 26 5.52 3.03 -1.97
N GLN B 27 5.62 4.36 -1.90
CA GLN B 27 5.50 5.20 -3.09
C GLN B 27 6.70 5.02 -4.01
N SER B 28 7.88 4.89 -3.42
CA SER B 28 9.11 4.71 -4.19
C SER B 28 9.22 3.28 -4.71
N LEU B 29 9.10 2.31 -3.82
CA LEU B 29 9.18 0.91 -4.19
C LEU B 29 8.08 0.54 -5.18
N GLY B 30 6.83 0.85 -4.81
CA GLY B 30 5.71 0.55 -5.67
C GLY B 30 5.82 1.20 -7.03
N ALA B 31 6.35 2.43 -7.06
CA ALA B 31 6.52 3.15 -8.30
C ALA B 31 7.38 2.37 -9.30
N GLU B 32 8.44 1.75 -8.78
CA GLU B 32 9.34 0.98 -9.62
C GLU B 32 8.57 -0.11 -10.38
N ILE B 33 7.52 -0.62 -9.77
CA ILE B 33 6.70 -1.65 -10.40
C ILE B 33 5.85 -1.07 -11.53
N ALA B 34 5.40 0.16 -11.36
CA ALA B 34 4.59 0.83 -12.36
C ALA B 34 5.41 1.15 -13.61
N VAL B 35 6.65 1.57 -13.39
CA VAL B 35 7.54 1.91 -14.49
C VAL B 35 8.10 0.66 -15.16
N GLU B 36 8.30 -0.40 -14.37
CA GLU B 36 8.82 -1.65 -14.89
C GLU B 36 7.86 -2.28 -15.89
N GLN B 37 6.59 -2.40 -15.49
CA GLN B 37 5.58 -2.98 -16.36
C GLN B 37 5.32 -2.10 -17.56
N ALA B 38 5.50 -0.79 -17.39
CA ALA B 38 5.28 0.16 -18.46
C ALA B 38 6.22 -0.10 -19.64
N ALA B 39 7.35 -0.73 -19.33
CA ALA B 39 8.34 -1.04 -20.36
C ALA B 39 7.98 -2.33 -21.10
N LEU B 40 7.23 -3.20 -20.42
CA LEU B 40 6.81 -4.46 -21.01
C LEU B 40 5.35 -4.40 -21.46
N GLN B 41 4.89 -3.20 -21.78
CA GLN B 41 3.51 -3.01 -22.22
C GLN B 41 3.19 -3.89 -23.42
N SER B 42 4.12 -3.95 -24.37
CA SER B 42 3.94 -4.75 -25.57
C SER B 42 3.82 -6.24 -25.22
N ALA B 43 4.42 -6.62 -24.09
CA ALA B 43 4.38 -8.00 -23.63
C ALA B 43 3.03 -8.34 -23.01
N TRP B 44 2.40 -7.33 -22.38
CA TRP B 44 1.11 -7.52 -21.74
C TRP B 44 0.10 -8.14 -22.70
N GLN B 45 -0.82 -8.92 -22.17
CA GLN B 45 -1.84 -9.58 -22.98
C GLN B 45 -3.10 -8.72 -23.07
N GLY B 46 -3.75 -8.52 -21.94
CA GLY B 46 -4.96 -7.71 -21.91
C GLY B 46 -6.22 -8.57 -21.87
N ASP B 47 -6.14 -9.77 -22.44
CA ASP B 47 -7.28 -10.68 -22.47
C ASP B 47 -7.16 -11.73 -21.38
N THR B 48 -6.43 -11.39 -20.32
CA THR B 48 -6.24 -12.32 -19.20
C THR B 48 -6.63 -11.67 -17.88
N GLY B 49 -7.51 -10.67 -17.95
CA GLY B 49 -7.96 -9.98 -16.74
C GLY B 49 -7.74 -8.49 -16.83
N ILE B 50 -6.76 -7.99 -16.09
CA ILE B 50 -6.46 -6.56 -16.07
C ILE B 50 -5.69 -6.15 -17.31
N THR B 51 -5.97 -4.95 -17.82
CA THR B 51 -5.29 -4.44 -19.00
C THR B 51 -4.19 -3.45 -18.63
N TYR B 52 -3.45 -3.00 -19.63
CA TYR B 52 -2.37 -2.04 -19.41
C TYR B 52 -2.92 -0.70 -18.94
N GLN B 53 -4.06 -0.30 -19.50
CA GLN B 53 -4.69 0.97 -19.15
C GLN B 53 -5.33 0.88 -17.77
N ALA B 54 -5.98 -0.24 -17.49
CA ALA B 54 -6.65 -0.45 -16.22
C ALA B 54 -5.64 -0.63 -15.10
N TRP B 55 -4.60 -1.42 -15.36
CA TRP B 55 -3.56 -1.67 -14.38
C TRP B 55 -2.85 -0.38 -13.98
N GLN B 56 -2.55 0.44 -14.97
CA GLN B 56 -1.87 1.72 -14.71
C GLN B 56 -2.69 2.58 -13.76
N ALA B 57 -3.94 2.84 -14.10
CA ALA B 57 -4.82 3.65 -13.28
C ALA B 57 -5.06 2.99 -11.92
N GLN B 58 -5.35 1.69 -11.95
CA GLN B 58 -5.60 0.94 -10.72
C GLN B 58 -4.43 1.06 -9.76
N TRP B 59 -3.22 0.75 -10.26
CA TRP B 59 -2.02 0.81 -9.44
C TRP B 59 -1.90 2.17 -8.76
N ASN B 60 -2.00 3.23 -9.56
CA ASN B 60 -1.91 4.60 -9.04
C ASN B 60 -2.86 4.80 -7.85
N GLN B 61 -4.13 4.48 -8.08
CA GLN B 61 -5.14 4.62 -7.03
C GLN B 61 -4.72 3.89 -5.75
N ALA B 62 -4.26 2.65 -5.92
CA ALA B 62 -3.82 1.85 -4.78
C ALA B 62 -2.64 2.50 -4.06
N MET B 63 -1.64 2.91 -4.83
CA MET B 63 -0.46 3.55 -4.27
C MET B 63 -0.85 4.73 -3.38
N GLU B 64 -1.57 5.69 -3.97
CA GLU B 64 -2.00 6.86 -3.22
C GLU B 64 -2.73 6.47 -1.94
N ASP B 65 -3.47 5.38 -2.01
CA ASP B 65 -4.21 4.89 -0.85
C ASP B 65 -3.26 4.45 0.26
N LEU B 66 -2.27 3.65 -0.10
CA LEU B 66 -1.29 3.16 0.87
C LEU B 66 -0.55 4.32 1.52
N VAL B 67 -0.17 5.31 0.72
CA VAL B 67 0.54 6.47 1.22
C VAL B 67 -0.29 7.25 2.22
N ARG B 68 -1.53 7.56 1.84
CA ARG B 68 -2.44 8.30 2.71
C ARG B 68 -2.81 7.47 3.93
N ALA B 69 -2.84 6.15 3.77
CA ALA B 69 -3.18 5.25 4.86
C ALA B 69 -2.26 5.46 6.05
N TYR B 70 -1.04 5.94 5.79
CA TYR B 70 -0.06 6.18 6.84
C TYR B 70 -0.26 7.56 7.45
N HIS B 71 -0.18 8.59 6.61
CA HIS B 71 -0.35 9.96 7.06
C HIS B 71 -1.69 10.14 7.76
N ALA B 72 -2.65 9.32 7.40
CA ALA B 72 -3.98 9.39 7.99
C ALA B 72 -3.97 8.90 9.43
N MET B 73 -3.39 7.71 9.63
CA MET B 73 -3.31 7.13 10.97
C MET B 73 -2.65 8.10 11.94
N SER B 74 -1.62 8.79 11.49
CA SER B 74 -0.90 9.75 12.32
C SER B 74 -1.63 11.09 12.36
N SER B 75 -2.38 11.38 11.30
CA SER B 75 -3.12 12.63 11.20
C SER B 75 -4.14 12.75 12.32
N THR B 76 -5.06 11.79 12.38
CA THR B 76 -6.10 11.79 13.40
C THR B 76 -5.50 11.51 14.79
N HIS B 77 -4.24 11.07 14.80
CA HIS B 77 -3.56 10.78 16.06
C HIS B 77 -3.64 11.96 17.01
N GLU B 78 -3.41 13.16 16.49
CA GLU B 78 -3.45 14.37 17.30
C GLU B 78 -4.88 14.87 17.47
N ALA B 79 -5.77 14.37 16.62
CA ALA B 79 -7.18 14.75 16.68
C ALA B 79 -7.74 14.58 18.09
N ASN B 80 -7.17 13.64 18.83
CA ASN B 80 -7.61 13.39 20.20
C ASN B 80 -7.26 14.55 21.11
N THR B 81 -6.08 15.12 20.91
CA THR B 81 -5.62 16.24 21.72
C THR B 81 -6.58 17.43 21.61
N MET B 82 -7.32 17.47 20.50
CA MET B 82 -8.28 18.55 20.27
C MET B 82 -9.19 18.73 21.49
N ALA B 83 -9.92 17.68 21.84
CA ALA B 83 -10.83 17.73 22.97
C ALA B 83 -10.06 17.79 24.29
N MET B 84 -8.85 17.23 24.28
CA MET B 84 -8.02 17.22 25.49
C MET B 84 -8.77 16.62 26.67
N MET B 85 -8.18 16.74 27.85
CA MET B 85 -8.80 16.22 29.07
C MET B 85 -9.90 17.17 29.57
N ALA B 86 -9.76 18.44 29.23
CA ALA B 86 -10.74 19.45 29.66
C ALA B 86 -12.14 19.06 29.20
N ARG B 87 -12.30 18.90 27.89
CA ARG B 87 -13.60 18.53 27.32
C ARG B 87 -13.88 17.05 27.52
N ASP B 88 -13.00 16.21 26.98
CA ASP B 88 -13.15 14.77 27.10
C ASP B 88 -12.52 14.24 28.38
N THR B 89 -13.33 14.11 29.42
CA THR B 89 -12.85 13.63 30.71
C THR B 89 -13.43 12.25 31.04
N ALA B 90 -14.71 12.06 30.72
CA ALA B 90 -15.38 10.79 30.98
C ALA B 90 -15.26 9.85 29.78
N GLU B 91 -15.03 10.44 28.60
CA GLU B 91 -14.91 9.66 27.38
C GLU B 91 -13.57 8.93 27.33
N ALA B 92 -12.48 9.69 27.36
CA ALA B 92 -11.14 9.13 27.32
C ALA B 92 -10.88 8.27 28.55
N ALA B 93 -11.59 8.56 29.64
CA ALA B 93 -11.44 7.82 30.88
C ALA B 93 -12.32 6.58 30.89
N LYS B 94 -13.41 6.62 30.12
CA LYS B 94 -14.33 5.50 30.05
C LYS B 94 -13.63 4.24 29.59
N TRP B 95 -14.32 3.10 29.69
CA TRP B 95 -13.76 1.83 29.27
C TRP B 95 -13.32 1.86 27.82
N GLY B 96 -12.55 0.86 27.40
CA GLY B 96 -12.08 0.79 26.04
C GLY B 96 -12.30 -0.56 25.40
N GLY B 97 -11.96 -0.68 24.13
CA GLY B 97 -12.14 -1.95 23.42
C GLY B 97 -10.91 -2.83 23.51
N MET A 1 25.19 -37.37 -26.40
CA MET A 1 23.85 -37.92 -26.22
C MET A 1 22.78 -36.88 -26.56
N SER A 2 22.92 -35.69 -25.98
CA SER A 2 21.97 -34.61 -26.21
C SER A 2 22.46 -33.67 -27.31
N LEU A 3 23.77 -33.43 -27.32
CA LEU A 3 24.38 -32.55 -28.32
C LEU A 3 23.83 -31.13 -28.19
N LEU A 4 24.48 -30.19 -28.86
CA LEU A 4 24.06 -28.79 -28.83
C LEU A 4 24.13 -28.24 -27.41
N ASP A 5 25.27 -27.65 -27.06
CA ASP A 5 25.47 -27.07 -25.74
C ASP A 5 26.79 -26.32 -25.67
N ALA A 6 27.03 -25.46 -26.66
CA ALA A 6 28.25 -24.67 -26.70
C ALA A 6 28.06 -23.31 -26.04
N HIS A 7 26.96 -22.64 -26.39
CA HIS A 7 26.65 -21.33 -25.82
C HIS A 7 25.20 -20.95 -26.08
N ILE A 8 24.34 -21.96 -26.19
CA ILE A 8 22.92 -21.73 -26.43
C ILE A 8 22.32 -20.86 -25.35
N PRO A 9 21.25 -20.12 -25.71
CA PRO A 9 20.54 -19.24 -24.78
C PRO A 9 19.77 -20.01 -23.71
N GLN A 10 20.47 -20.43 -22.67
CA GLN A 10 19.85 -21.18 -21.58
C GLN A 10 19.77 -20.33 -20.31
N LEU A 11 18.80 -20.65 -19.47
CA LEU A 11 18.61 -19.91 -18.22
C LEU A 11 18.52 -18.42 -18.47
N VAL A 12 17.65 -18.02 -19.39
CA VAL A 12 17.48 -16.61 -19.73
C VAL A 12 16.33 -16.00 -18.94
N ALA A 13 16.59 -14.84 -18.34
CA ALA A 13 15.58 -14.15 -17.55
C ALA A 13 15.05 -15.05 -16.43
N SER A 14 15.94 -15.82 -15.83
CA SER A 14 15.56 -16.72 -14.75
C SER A 14 15.43 -15.96 -13.43
N GLN A 15 16.25 -14.92 -13.27
CA GLN A 15 16.22 -14.12 -12.05
C GLN A 15 14.95 -13.28 -11.99
N SER A 16 14.61 -12.65 -13.11
CA SER A 16 13.41 -11.81 -13.18
C SER A 16 13.50 -10.66 -12.19
N ALA A 17 14.07 -9.55 -12.64
CA ALA A 17 14.22 -8.37 -11.79
C ALA A 17 12.86 -7.91 -11.25
N PHE A 18 11.84 -8.03 -12.07
CA PHE A 18 10.49 -7.63 -11.68
C PHE A 18 10.06 -8.36 -10.41
N ALA A 19 10.24 -9.67 -10.40
CA ALA A 19 9.86 -10.48 -9.25
C ALA A 19 10.71 -10.13 -8.03
N ALA A 20 11.94 -9.70 -8.27
CA ALA A 20 12.84 -9.32 -7.19
C ALA A 20 12.24 -8.22 -6.33
N LYS A 21 11.80 -7.16 -6.97
CA LYS A 21 11.20 -6.03 -6.26
C LYS A 21 9.77 -6.35 -5.85
N ALA A 22 9.06 -7.09 -6.70
CA ALA A 22 7.68 -7.46 -6.41
C ALA A 22 7.56 -8.14 -5.05
N GLY A 23 8.40 -9.14 -4.82
CA GLY A 23 8.38 -9.84 -3.55
C GLY A 23 8.75 -8.97 -2.38
N LEU A 24 9.53 -7.92 -2.66
CA LEU A 24 9.96 -6.99 -1.61
C LEU A 24 8.85 -6.00 -1.28
N MET A 25 8.02 -5.69 -2.26
CA MET A 25 6.91 -4.75 -2.06
C MET A 25 6.05 -5.18 -0.87
N ARG A 26 5.51 -6.38 -0.96
CA ARG A 26 4.65 -6.90 0.12
C ARG A 26 5.41 -6.92 1.44
N HIS A 27 6.74 -6.99 1.37
CA HIS A 27 7.58 -7.03 2.56
C HIS A 27 7.69 -5.64 3.18
N THR A 28 7.80 -4.62 2.33
CA THR A 28 7.92 -3.25 2.80
C THR A 28 6.80 -2.90 3.78
N ILE A 29 5.59 -3.35 3.47
CA ILE A 29 4.44 -3.08 4.33
C ILE A 29 4.49 -3.93 5.59
N GLY A 30 4.75 -5.22 5.42
CA GLY A 30 4.83 -6.12 6.56
C GLY A 30 5.80 -5.64 7.61
N GLN A 31 6.99 -5.22 7.17
CA GLN A 31 8.01 -4.74 8.08
C GLN A 31 7.65 -3.36 8.63
N ALA A 32 7.05 -2.54 7.78
CA ALA A 32 6.66 -1.19 8.18
C ALA A 32 5.61 -1.24 9.30
N GLU A 33 4.75 -2.25 9.26
CA GLU A 33 3.71 -2.40 10.27
C GLU A 33 4.31 -2.44 11.67
N GLN A 34 5.51 -2.99 11.78
CA GLN A 34 6.19 -3.09 13.07
C GLN A 34 6.23 -1.73 13.76
N ALA A 35 6.45 -0.67 12.99
CA ALA A 35 6.51 0.68 13.52
C ALA A 35 5.16 1.11 14.08
N ALA A 36 4.09 0.63 13.44
CA ALA A 36 2.74 0.97 13.87
C ALA A 36 2.36 0.23 15.15
N MET A 37 3.10 -0.84 15.44
CA MET A 37 2.84 -1.64 16.63
C MET A 37 2.80 -0.77 17.87
N SER A 38 3.55 0.33 17.84
CA SER A 38 3.61 1.26 18.97
C SER A 38 2.21 1.67 19.40
N ALA A 39 1.36 1.98 18.43
CA ALA A 39 -0.01 2.39 18.71
C ALA A 39 -0.86 1.20 19.14
N GLN A 40 -0.45 0.01 18.73
CA GLN A 40 -1.17 -1.21 19.06
C GLN A 40 -1.02 -1.54 20.55
N ALA A 41 -0.11 -0.83 21.22
CA ALA A 41 0.14 -1.06 22.63
C ALA A 41 -1.14 -0.91 23.44
N PHE A 42 -1.79 0.25 23.33
CA PHE A 42 -3.02 0.51 24.06
C PHE A 42 -2.78 0.49 25.56
N HIS A 43 -2.79 -0.72 26.13
CA HIS A 43 -2.59 -0.90 27.56
C HIS A 43 -1.12 -1.22 27.86
N GLN A 44 -0.23 -0.78 26.97
CA GLN A 44 1.19 -1.02 27.14
C GLN A 44 2.00 0.27 26.95
N GLY A 45 1.34 1.41 27.19
CA GLY A 45 2.00 2.68 27.04
C GLY A 45 1.08 3.75 26.49
N GLU A 46 0.93 3.80 25.17
CA GLU A 46 0.08 4.78 24.52
C GLU A 46 -1.27 4.16 24.16
N SER A 47 -2.21 5.01 23.75
CA SER A 47 -3.54 4.56 23.38
C SER A 47 -4.16 5.47 22.32
N SER A 48 -5.01 4.90 21.48
CA SER A 48 -5.66 5.65 20.41
C SER A 48 -6.60 4.75 19.61
N ALA A 49 -7.90 5.01 19.74
CA ALA A 49 -8.91 4.23 19.03
C ALA A 49 -8.89 4.55 17.54
N ALA A 50 -8.70 5.83 17.21
CA ALA A 50 -8.66 6.27 15.82
C ALA A 50 -7.59 5.51 15.04
N PHE A 51 -6.58 5.01 15.75
CA PHE A 51 -5.50 4.28 15.13
C PHE A 51 -6.03 3.10 14.33
N GLN A 52 -6.97 2.37 14.91
CA GLN A 52 -7.56 1.21 14.25
C GLN A 52 -8.11 1.58 12.88
N ALA A 53 -8.97 2.60 12.85
CA ALA A 53 -9.56 3.06 11.59
C ALA A 53 -8.48 3.32 10.54
N ALA A 54 -7.32 3.80 10.99
CA ALA A 54 -6.22 4.09 10.08
C ALA A 54 -5.49 2.81 9.68
N HIS A 55 -5.48 1.83 10.58
CA HIS A 55 -4.81 0.56 10.32
C HIS A 55 -5.64 -0.29 9.35
N ALA A 56 -6.95 -0.26 9.52
CA ALA A 56 -7.85 -1.03 8.66
C ALA A 56 -7.86 -0.47 7.24
N ARG A 57 -7.65 0.84 7.13
CA ARG A 57 -7.64 1.50 5.82
C ARG A 57 -6.45 1.02 4.99
N PHE A 58 -5.32 0.80 5.65
CA PHE A 58 -4.11 0.34 4.96
C PHE A 58 -4.30 -1.07 4.42
N VAL A 59 -4.66 -1.99 5.31
CA VAL A 59 -4.87 -3.39 4.93
C VAL A 59 -5.91 -3.50 3.83
N ALA A 60 -6.90 -2.61 3.85
CA ALA A 60 -7.95 -2.62 2.84
C ALA A 60 -7.38 -2.35 1.45
N ALA A 61 -6.43 -1.42 1.38
CA ALA A 61 -5.81 -1.07 0.11
C ALA A 61 -4.75 -2.10 -0.28
N ALA A 62 -4.08 -2.67 0.71
CA ALA A 62 -3.04 -3.66 0.48
C ALA A 62 -3.56 -4.78 -0.43
N ALA A 63 -4.85 -5.06 -0.34
CA ALA A 63 -5.46 -6.11 -1.15
C ALA A 63 -5.39 -5.76 -2.64
N LYS A 64 -5.71 -4.51 -2.96
CA LYS A 64 -5.68 -4.05 -4.35
C LYS A 64 -4.27 -4.19 -4.93
N VAL A 65 -3.29 -3.64 -4.23
CA VAL A 65 -1.90 -3.70 -4.69
C VAL A 65 -1.40 -5.13 -4.70
N ASN A 66 -1.83 -5.92 -3.72
CA ASN A 66 -1.42 -7.31 -3.61
C ASN A 66 -1.92 -8.12 -4.81
N THR A 67 -3.18 -7.90 -5.17
CA THR A 67 -3.78 -8.62 -6.29
C THR A 67 -3.12 -8.22 -7.61
N LEU A 68 -3.01 -6.91 -7.83
CA LEU A 68 -2.41 -6.40 -9.06
C LEU A 68 -1.03 -7.03 -9.29
N LEU A 69 -0.33 -7.30 -8.21
CA LEU A 69 1.00 -7.91 -8.30
C LEU A 69 0.95 -9.21 -9.07
N ASP A 70 0.08 -10.13 -8.65
CA ASP A 70 -0.06 -11.41 -9.31
C ASP A 70 -0.44 -11.23 -10.78
N VAL A 71 -1.31 -10.26 -11.04
CA VAL A 71 -1.75 -9.99 -12.41
C VAL A 71 -0.62 -9.42 -13.25
N ALA A 72 0.28 -8.67 -12.61
CA ALA A 72 1.41 -8.07 -13.29
C ALA A 72 2.35 -9.14 -13.84
N GLN A 73 2.72 -10.09 -12.98
CA GLN A 73 3.62 -11.17 -13.37
C GLN A 73 2.90 -12.16 -14.29
N ALA A 74 1.61 -12.36 -14.05
CA ALA A 74 0.82 -13.27 -14.85
C ALA A 74 0.63 -12.73 -16.27
N ASN A 75 0.15 -11.50 -16.38
CA ASN A 75 -0.07 -10.87 -17.67
C ASN A 75 1.24 -10.71 -18.43
N LEU A 76 2.32 -10.46 -17.70
CA LEU A 76 3.63 -10.29 -18.30
C LEU A 76 4.26 -11.63 -18.64
N GLY A 77 3.85 -12.67 -17.93
CA GLY A 77 4.38 -14.00 -18.16
C GLY A 77 5.80 -14.16 -17.66
N GLU A 78 6.76 -13.57 -18.36
CA GLU A 78 8.16 -13.66 -17.99
C GLU A 78 8.35 -13.24 -16.53
N ALA A 79 7.71 -12.14 -16.15
CA ALA A 79 7.80 -11.63 -14.78
C ALA A 79 7.43 -12.71 -13.77
N ALA A 80 6.59 -13.64 -14.20
CA ALA A 80 6.14 -14.73 -13.33
C ALA A 80 6.99 -15.98 -13.53
N GLY A 81 6.82 -16.63 -14.67
CA GLY A 81 7.58 -17.82 -14.97
C GLY A 81 6.83 -19.09 -14.60
N THR A 82 6.96 -19.52 -13.36
CA THR A 82 6.29 -20.73 -12.89
C THR A 82 5.10 -20.39 -12.00
N TYR A 83 3.97 -21.03 -12.25
CA TYR A 83 2.76 -20.78 -11.47
C TYR A 83 2.22 -22.09 -10.88
N VAL A 84 1.18 -21.98 -10.06
CA VAL A 84 0.57 -23.15 -9.44
C VAL A 84 -0.03 -24.08 -10.49
N ALA A 85 0.76 -25.04 -10.93
CA ALA A 85 0.30 -26.01 -11.93
C ALA A 85 0.05 -27.37 -11.30
N ALA A 86 -0.54 -27.38 -10.12
CA ALA A 86 -0.84 -28.61 -9.42
C ALA A 86 -2.30 -29.02 -9.60
N ASP A 87 -3.15 -28.03 -9.86
CA ASP A 87 -4.57 -28.27 -10.06
C ASP A 87 -4.85 -28.87 -11.44
N ALA A 88 -5.94 -29.60 -11.56
CA ALA A 88 -6.30 -30.22 -12.83
C ALA A 88 -7.81 -30.08 -13.09
N ALA A 89 -8.26 -30.65 -14.20
CA ALA A 89 -9.67 -30.60 -14.57
C ALA A 89 -10.48 -31.64 -13.80
N ALA A 90 -9.83 -32.75 -13.46
CA ALA A 90 -10.49 -33.82 -12.73
C ALA A 90 -10.32 -33.64 -11.22
N ALA A 91 -9.91 -32.44 -10.81
CA ALA A 91 -9.72 -32.14 -9.40
C ALA A 91 -11.00 -32.37 -8.61
N SER A 92 -12.14 -32.24 -9.28
CA SER A 92 -13.43 -32.44 -8.63
C SER A 92 -13.99 -33.82 -8.94
N THR A 93 -14.24 -34.60 -7.89
CA THR A 93 -14.78 -35.94 -8.05
C THR A 93 -16.22 -36.03 -7.53
N TYR A 94 -16.80 -37.21 -7.62
CA TYR A 94 -18.17 -37.43 -7.18
C TYR A 94 -18.50 -38.92 -7.11
N THR A 95 -19.45 -39.27 -6.25
CA THR A 95 -19.85 -40.66 -6.09
C THR A 95 -21.29 -40.87 -6.54
N GLY A 96 -21.76 -42.11 -6.47
CA GLY A 96 -23.12 -42.42 -6.87
C GLY A 96 -23.61 -43.73 -6.30
N PHE A 97 -23.12 -44.84 -6.85
CA PHE A 97 -23.51 -46.16 -6.39
C PHE A 97 -22.53 -46.70 -5.35
N SER B 1 6.65 25.75 20.88
CA SER B 1 6.62 25.45 22.30
C SER B 1 5.21 25.65 22.87
N MET B 2 4.24 24.96 22.29
CA MET B 2 2.86 25.05 22.74
C MET B 2 2.42 23.78 23.45
N SER B 3 2.95 23.57 24.66
CA SER B 3 2.62 22.38 25.43
C SER B 3 1.89 22.76 26.72
N GLN B 4 2.10 23.99 27.17
CA GLN B 4 1.47 24.49 28.39
C GLN B 4 0.12 25.13 28.07
N ILE B 5 -0.34 24.96 26.84
CA ILE B 5 -1.62 25.53 26.42
C ILE B 5 -2.79 24.68 26.92
N MET B 6 -2.93 23.49 26.37
CA MET B 6 -4.01 22.59 26.76
C MET B 6 -3.71 21.16 26.33
N TYR B 7 -2.51 20.68 26.66
CA TYR B 7 -2.10 19.33 26.30
C TYR B 7 -1.71 18.53 27.52
N ASN B 8 -2.68 17.86 28.13
CA ASN B 8 -2.44 17.06 29.33
C ASN B 8 -1.50 15.89 29.01
N TYR B 9 -1.99 14.95 28.22
CA TYR B 9 -1.19 13.79 27.85
C TYR B 9 -1.22 13.57 26.33
N PRO B 10 -0.22 14.11 25.64
CA PRO B 10 -0.10 14.00 24.19
C PRO B 10 0.25 12.58 23.75
N ALA B 11 0.60 11.74 24.71
CA ALA B 11 0.96 10.36 24.42
C ALA B 11 -0.12 9.68 23.59
N MET B 12 -1.38 9.93 23.93
CA MET B 12 -2.50 9.33 23.20
C MET B 12 -2.94 10.24 22.07
N LEU B 13 -2.68 11.53 22.20
CA LEU B 13 -3.04 12.50 21.17
C LEU B 13 -1.81 13.06 20.48
N GLY B 14 -1.45 12.46 19.34
CA GLY B 14 -0.28 12.91 18.60
C GLY B 14 0.56 11.77 18.10
N HIS B 15 1.78 12.09 17.65
CA HIS B 15 2.70 11.07 17.16
C HIS B 15 4.14 11.58 17.15
N ALA B 16 4.33 12.77 16.59
CA ALA B 16 5.66 13.38 16.53
C ALA B 16 6.62 12.50 15.76
N GLY B 17 7.82 13.02 15.51
CA GLY B 17 8.82 12.27 14.77
C GLY B 17 8.58 12.29 13.28
N ASP B 18 9.53 11.74 12.52
CA ASP B 18 9.41 11.69 11.07
C ASP B 18 8.93 10.32 10.60
N MET B 19 7.70 9.98 10.97
CA MET B 19 7.12 8.69 10.59
C MET B 19 6.76 8.68 9.11
N ALA B 20 6.51 9.86 8.54
CA ALA B 20 6.16 9.97 7.14
C ALA B 20 7.19 9.27 6.26
N GLY B 21 8.43 9.25 6.71
CA GLY B 21 9.49 8.60 5.96
C GLY B 21 9.15 7.17 5.58
N TYR B 22 8.52 6.45 6.51
CA TYR B 22 8.14 5.06 6.26
C TYR B 22 7.23 4.95 5.05
N ALA B 23 6.12 5.67 5.07
CA ALA B 23 5.16 5.66 3.98
C ALA B 23 5.83 6.05 2.66
N GLY B 24 6.72 7.04 2.73
CA GLY B 24 7.41 7.50 1.54
C GLY B 24 8.10 6.36 0.80
N THR B 25 8.46 5.31 1.54
CA THR B 25 9.13 4.15 0.96
C THR B 25 8.19 3.38 0.04
N LEU B 26 6.94 3.21 0.47
CA LEU B 26 5.95 2.49 -0.30
C LEU B 26 5.63 3.23 -1.60
N GLN B 27 5.43 4.55 -1.49
CA GLN B 27 5.12 5.37 -2.65
C GLN B 27 6.17 5.20 -3.74
N SER B 28 7.45 5.21 -3.34
CA SER B 28 8.55 5.06 -4.28
C SER B 28 8.53 3.67 -4.92
N LEU B 29 8.48 2.64 -4.09
CA LEU B 29 8.46 1.27 -4.57
C LEU B 29 7.30 1.05 -5.55
N GLY B 30 6.14 1.62 -5.21
CA GLY B 30 4.98 1.49 -6.07
C GLY B 30 5.26 1.86 -7.50
N ALA B 31 5.88 3.01 -7.70
CA ALA B 31 6.22 3.49 -9.04
C ALA B 31 7.21 2.55 -9.71
N GLU B 32 8.12 2.01 -8.93
CA GLU B 32 9.14 1.09 -9.46
C GLU B 32 8.49 -0.08 -10.20
N ILE B 33 7.44 -0.62 -9.61
CA ILE B 33 6.72 -1.75 -10.20
C ILE B 33 5.90 -1.30 -11.40
N ALA B 34 5.40 -0.07 -11.34
CA ALA B 34 4.59 0.48 -12.42
C ALA B 34 5.42 0.68 -13.69
N VAL B 35 6.57 1.33 -13.53
CA VAL B 35 7.46 1.59 -14.65
C VAL B 35 7.86 0.29 -15.35
N GLU B 36 8.33 -0.68 -14.57
CA GLU B 36 8.75 -1.97 -15.11
C GLU B 36 7.62 -2.59 -15.94
N GLN B 37 6.39 -2.41 -15.49
CA GLN B 37 5.23 -2.95 -16.19
C GLN B 37 4.96 -2.16 -17.47
N ALA B 38 5.25 -0.87 -17.43
CA ALA B 38 5.03 -0.01 -18.59
C ALA B 38 6.07 -0.27 -19.68
N ALA B 39 7.23 -0.79 -19.27
CA ALA B 39 8.30 -1.08 -20.22
C ALA B 39 8.05 -2.41 -20.93
N LEU B 40 7.27 -3.28 -20.30
CA LEU B 40 6.95 -4.58 -20.88
C LEU B 40 5.51 -4.62 -21.39
N GLN B 41 4.99 -3.45 -21.72
CA GLN B 41 3.61 -3.34 -22.22
C GLN B 41 3.39 -4.30 -23.38
N SER B 42 4.30 -4.30 -24.34
CA SER B 42 4.19 -5.16 -25.50
C SER B 42 4.07 -6.62 -25.09
N ALA B 43 4.60 -6.95 -23.91
CA ALA B 43 4.54 -8.30 -23.39
C ALA B 43 3.20 -8.59 -22.73
N TRP B 44 2.59 -7.56 -22.15
CA TRP B 44 1.30 -7.70 -21.50
C TRP B 44 0.29 -8.36 -22.42
N GLN B 45 -0.65 -9.10 -21.83
CA GLN B 45 -1.68 -9.79 -22.62
C GLN B 45 -2.94 -8.93 -22.73
N GLY B 46 -3.60 -8.72 -21.59
CA GLY B 46 -4.81 -7.92 -21.58
C GLY B 46 -6.06 -8.77 -21.72
N ASP B 47 -5.92 -9.95 -22.32
CA ASP B 47 -7.04 -10.85 -22.51
C ASP B 47 -7.11 -11.88 -21.40
N THR B 48 -6.58 -11.52 -20.24
CA THR B 48 -6.58 -12.42 -19.08
C THR B 48 -7.42 -11.86 -17.94
N GLY B 49 -7.52 -10.53 -17.90
CA GLY B 49 -8.29 -9.88 -16.84
C GLY B 49 -8.09 -8.38 -16.82
N ILE B 50 -6.92 -7.95 -16.35
CA ILE B 50 -6.61 -6.53 -16.27
C ILE B 50 -5.83 -6.07 -17.50
N THR B 51 -6.32 -5.01 -18.15
CA THR B 51 -5.66 -4.49 -19.34
C THR B 51 -4.52 -3.55 -18.96
N TYR B 52 -3.61 -3.32 -19.91
CA TYR B 52 -2.47 -2.44 -19.67
C TYR B 52 -2.91 -1.10 -19.11
N GLN B 53 -4.00 -0.56 -19.67
CA GLN B 53 -4.53 0.72 -19.25
C GLN B 53 -5.23 0.60 -17.90
N ALA B 54 -6.00 -0.48 -17.73
CA ALA B 54 -6.73 -0.71 -16.49
C ALA B 54 -5.78 -0.84 -15.32
N TRP B 55 -4.69 -1.57 -15.52
CA TRP B 55 -3.69 -1.77 -14.47
C TRP B 55 -3.01 -0.45 -14.10
N GLN B 56 -2.51 0.25 -15.11
CA GLN B 56 -1.84 1.53 -14.90
C GLN B 56 -2.71 2.47 -14.06
N ALA B 57 -4.03 2.32 -14.20
CA ALA B 57 -4.98 3.15 -13.46
C ALA B 57 -5.24 2.57 -12.08
N GLN B 58 -5.52 1.27 -12.02
CA GLN B 58 -5.80 0.60 -10.76
C GLN B 58 -4.63 0.73 -9.80
N TRP B 59 -3.44 0.37 -10.26
CA TRP B 59 -2.24 0.44 -9.45
C TRP B 59 -2.08 1.84 -8.83
N ASN B 60 -2.32 2.86 -9.66
CA ASN B 60 -2.21 4.24 -9.20
C ASN B 60 -3.12 4.49 -8.00
N GLN B 61 -4.39 4.13 -8.15
CA GLN B 61 -5.36 4.32 -7.09
C GLN B 61 -4.97 3.53 -5.84
N ALA B 62 -4.61 2.27 -6.03
CA ALA B 62 -4.21 1.41 -4.92
C ALA B 62 -3.01 2.00 -4.18
N MET B 63 -1.95 2.28 -4.92
CA MET B 63 -0.74 2.85 -4.33
C MET B 63 -1.07 4.10 -3.52
N GLU B 64 -1.79 5.03 -4.14
CA GLU B 64 -2.17 6.28 -3.47
C GLU B 64 -2.87 5.99 -2.15
N ASP B 65 -3.62 4.89 -2.11
CA ASP B 65 -4.36 4.50 -0.91
C ASP B 65 -3.40 3.99 0.16
N LEU B 66 -2.43 3.18 -0.25
CA LEU B 66 -1.46 2.61 0.68
C LEU B 66 -0.66 3.71 1.36
N VAL B 67 -0.05 4.58 0.56
CA VAL B 67 0.75 5.67 1.10
C VAL B 67 -0.10 6.60 1.96
N ARG B 68 -1.34 6.81 1.54
CA ARG B 68 -2.26 7.68 2.27
C ARG B 68 -2.67 7.03 3.59
N ALA B 69 -2.79 5.71 3.58
CA ALA B 69 -3.18 4.96 4.78
C ALA B 69 -2.25 5.27 5.94
N TYR B 70 -0.95 5.14 5.70
CA TYR B 70 0.06 5.40 6.73
C TYR B 70 -0.14 6.79 7.34
N HIS B 71 -0.29 7.79 6.48
CA HIS B 71 -0.49 9.16 6.94
C HIS B 71 -1.74 9.27 7.81
N ALA B 72 -2.73 8.44 7.52
CA ALA B 72 -3.98 8.45 8.28
C ALA B 72 -3.71 8.30 9.78
N MET B 73 -2.62 7.60 10.11
CA MET B 73 -2.25 7.39 11.51
C MET B 73 -1.87 8.70 12.17
N SER B 74 -1.30 9.61 11.40
CA SER B 74 -0.87 10.90 11.91
C SER B 74 -2.05 11.87 11.98
N SER B 75 -3.22 11.40 11.56
CA SER B 75 -4.42 12.22 11.59
C SER B 75 -4.74 12.70 13.01
N THR B 76 -4.20 11.99 13.99
CA THR B 76 -4.42 12.34 15.39
C THR B 76 -3.86 13.72 15.70
N HIS B 77 -2.98 14.21 14.83
CA HIS B 77 -2.38 15.53 15.01
C HIS B 77 -3.43 16.63 14.96
N GLU B 78 -4.22 16.63 13.90
CA GLU B 78 -5.27 17.63 13.73
C GLU B 78 -6.44 17.37 14.67
N ALA B 79 -6.51 16.14 15.19
CA ALA B 79 -7.58 15.76 16.11
C ALA B 79 -7.60 16.66 17.33
N ASN B 80 -6.47 17.29 17.61
CA ASN B 80 -6.36 18.19 18.76
C ASN B 80 -7.47 19.25 18.73
N THR B 81 -7.82 19.70 17.53
CA THR B 81 -8.86 20.70 17.37
C THR B 81 -10.19 20.19 17.87
N MET B 82 -10.38 18.88 17.82
CA MET B 82 -11.62 18.26 18.28
C MET B 82 -11.99 18.73 19.68
N ALA B 83 -10.96 19.03 20.47
CA ALA B 83 -11.17 19.50 21.84
C ALA B 83 -12.15 20.66 21.89
N MET B 84 -12.15 21.47 20.83
CA MET B 84 -13.04 22.62 20.74
C MET B 84 -14.51 22.18 20.77
N MET B 85 -15.35 22.99 21.39
CA MET B 85 -16.78 22.68 21.49
C MET B 85 -17.41 22.61 20.10
N ALA B 86 -17.00 23.52 19.22
CA ALA B 86 -17.53 23.55 17.86
C ALA B 86 -17.42 22.19 17.19
N ARG B 87 -16.31 21.51 17.43
CA ARG B 87 -16.07 20.19 16.85
C ARG B 87 -16.84 19.11 17.62
N ASP B 88 -16.72 19.13 18.95
CA ASP B 88 -17.40 18.16 19.79
C ASP B 88 -18.90 18.18 19.52
N THR B 89 -19.39 17.19 18.79
CA THR B 89 -20.80 17.09 18.47
C THR B 89 -21.30 15.64 18.60
N ALA B 90 -20.62 14.73 17.91
CA ALA B 90 -20.99 13.32 17.95
C ALA B 90 -20.24 12.59 19.06
N GLU B 91 -19.09 13.15 19.46
CA GLU B 91 -18.28 12.53 20.51
C GLU B 91 -18.92 12.76 21.88
N ALA B 92 -19.06 14.02 22.26
CA ALA B 92 -19.65 14.37 23.55
C ALA B 92 -21.10 13.89 23.64
N ALA B 93 -21.74 13.73 22.48
CA ALA B 93 -23.12 13.26 22.44
C ALA B 93 -23.19 11.74 22.49
N LYS B 94 -22.12 11.08 22.07
CA LYS B 94 -22.06 9.63 22.08
C LYS B 94 -22.14 9.09 23.50
N TRP B 95 -21.43 9.74 24.41
CA TRP B 95 -21.43 9.32 25.81
C TRP B 95 -22.84 9.31 26.38
N GLY B 96 -23.49 10.48 26.37
CA GLY B 96 -24.84 10.58 26.88
C GLY B 96 -25.40 11.99 26.77
N GLY B 97 -25.67 12.61 27.90
CA GLY B 97 -26.22 13.96 27.90
C GLY B 97 -25.15 15.01 27.62
N MET A 1 17.48 14.53 -14.15
CA MET A 1 17.90 15.88 -14.52
C MET A 1 19.42 15.98 -14.54
N SER A 2 20.08 14.87 -14.84
CA SER A 2 21.53 14.84 -14.89
C SER A 2 22.02 13.59 -15.61
N LEU A 3 21.66 12.42 -15.09
CA LEU A 3 22.06 11.16 -15.68
C LEU A 3 20.95 10.59 -16.55
N LEU A 4 21.34 9.86 -17.61
CA LEU A 4 20.38 9.28 -18.53
C LEU A 4 20.82 7.88 -18.95
N ASP A 5 22.03 7.78 -19.48
CA ASP A 5 22.57 6.50 -19.93
C ASP A 5 24.09 6.58 -20.08
N ALA A 6 24.76 7.01 -19.02
CA ALA A 6 26.22 7.12 -19.05
C ALA A 6 26.88 5.89 -18.46
N HIS A 7 26.20 5.26 -17.51
CA HIS A 7 26.72 4.05 -16.86
C HIS A 7 25.70 3.46 -15.90
N ILE A 8 24.42 3.61 -16.24
CA ILE A 8 23.35 3.08 -15.41
C ILE A 8 23.34 1.57 -15.41
N PRO A 9 22.84 0.98 -14.32
CA PRO A 9 22.75 -0.48 -14.16
C PRO A 9 21.73 -1.11 -15.09
N GLN A 10 22.14 -1.39 -16.32
CA GLN A 10 21.25 -1.99 -17.31
C GLN A 10 21.49 -3.50 -17.41
N LEU A 11 20.56 -4.20 -18.06
CA LEU A 11 20.66 -5.64 -18.22
C LEU A 11 20.88 -6.33 -16.88
N VAL A 12 20.34 -5.74 -15.81
CA VAL A 12 20.47 -6.30 -14.48
C VAL A 12 19.29 -7.21 -14.14
N ALA A 13 19.59 -8.41 -13.66
CA ALA A 13 18.55 -9.36 -13.30
C ALA A 13 17.61 -9.63 -14.46
N SER A 14 18.17 -9.75 -15.67
CA SER A 14 17.39 -10.00 -16.86
C SER A 14 16.46 -11.20 -16.66
N GLN A 15 16.93 -12.18 -15.90
CA GLN A 15 16.16 -13.38 -15.64
C GLN A 15 14.79 -13.03 -15.07
N SER A 16 14.77 -12.17 -14.06
CA SER A 16 13.53 -11.76 -13.43
C SER A 16 13.76 -10.58 -12.48
N ALA A 17 13.44 -9.38 -12.95
CA ALA A 17 13.61 -8.17 -12.14
C ALA A 17 12.29 -7.73 -11.52
N PHE A 18 11.19 -8.04 -12.21
CA PHE A 18 9.87 -7.67 -11.73
C PHE A 18 9.50 -8.47 -10.49
N ALA A 19 9.64 -9.79 -10.57
CA ALA A 19 9.31 -10.66 -9.45
C ALA A 19 10.03 -10.20 -8.18
N ALA A 20 11.30 -9.84 -8.31
CA ALA A 20 12.08 -9.38 -7.18
C ALA A 20 11.40 -8.21 -6.47
N LYS A 21 10.89 -7.26 -7.26
CA LYS A 21 10.22 -6.09 -6.71
C LYS A 21 8.86 -6.47 -6.12
N ALA A 22 8.18 -7.38 -6.80
CA ALA A 22 6.86 -7.84 -6.34
C ALA A 22 6.95 -8.46 -4.95
N GLY A 23 7.90 -9.38 -4.78
CA GLY A 23 8.06 -10.04 -3.50
C GLY A 23 8.63 -9.12 -2.44
N LEU A 24 9.45 -8.17 -2.86
CA LEU A 24 10.05 -7.22 -1.94
C LEU A 24 9.04 -6.17 -1.49
N MET A 25 8.02 -5.94 -2.32
CA MET A 25 6.99 -4.97 -2.01
C MET A 25 6.27 -5.34 -0.71
N ARG A 26 5.68 -6.53 -0.68
CA ARG A 26 4.96 -7.00 0.49
C ARG A 26 5.84 -6.90 1.74
N HIS A 27 7.12 -7.21 1.59
CA HIS A 27 8.06 -7.15 2.70
C HIS A 27 8.08 -5.75 3.32
N THR A 28 8.06 -4.73 2.47
CA THR A 28 8.07 -3.34 2.93
C THR A 28 6.74 -2.98 3.58
N ILE A 29 5.65 -3.41 2.98
CA ILE A 29 4.32 -3.12 3.51
C ILE A 29 4.21 -3.53 4.97
N GLY A 30 4.70 -4.72 5.29
CA GLY A 30 4.65 -5.22 6.65
C GLY A 30 5.64 -4.51 7.55
N GLN A 31 6.81 -4.19 7.02
CA GLN A 31 7.85 -3.52 7.79
C GLN A 31 7.34 -2.20 8.35
N ALA A 32 6.47 -1.53 7.59
CA ALA A 32 5.90 -0.26 8.02
C ALA A 32 4.94 -0.46 9.18
N GLU A 33 4.32 -1.63 9.26
CA GLU A 33 3.38 -1.94 10.32
C GLU A 33 4.07 -1.94 11.68
N GLN A 34 5.34 -2.33 11.69
CA GLN A 34 6.12 -2.38 12.93
C GLN A 34 6.04 -1.04 13.66
N ALA A 35 6.00 0.05 12.91
CA ALA A 35 5.92 1.38 13.49
C ALA A 35 4.55 1.63 14.13
N ALA A 36 3.52 1.04 13.53
CA ALA A 36 2.16 1.19 14.04
C ALA A 36 1.93 0.33 15.27
N MET A 37 2.76 -0.69 15.44
CA MET A 37 2.66 -1.59 16.58
C MET A 37 2.62 -0.81 17.89
N SER A 38 3.28 0.35 17.90
CA SER A 38 3.33 1.20 19.09
C SER A 38 1.93 1.45 19.62
N ALA A 39 1.00 1.74 18.72
CA ALA A 39 -0.39 2.00 19.10
C ALA A 39 -1.11 0.71 19.45
N GLN A 40 -0.65 -0.40 18.90
CA GLN A 40 -1.26 -1.69 19.16
C GLN A 40 -1.05 -2.11 20.61
N ALA A 41 -0.16 -1.42 21.30
CA ALA A 41 0.14 -1.72 22.69
C ALA A 41 -1.12 -1.68 23.54
N PHE A 42 -1.97 -0.69 23.30
CA PHE A 42 -3.21 -0.53 24.04
C PHE A 42 -2.93 -0.28 25.51
N HIS A 43 -2.69 -1.36 26.26
CA HIS A 43 -2.42 -1.24 27.69
C HIS A 43 -0.91 -1.17 27.95
N GLN A 44 -0.13 -1.72 27.02
CA GLN A 44 1.32 -1.73 27.14
C GLN A 44 1.88 -0.32 27.05
N GLY A 45 1.20 0.54 26.29
CA GLY A 45 1.64 1.91 26.12
C GLY A 45 0.49 2.87 25.93
N GLU A 46 -0.16 2.78 24.78
CA GLU A 46 -1.29 3.66 24.48
C GLU A 46 -1.96 3.25 23.16
N SER A 47 -3.16 3.79 22.93
CA SER A 47 -3.90 3.48 21.71
C SER A 47 -5.16 4.33 21.61
N SER A 48 -5.88 4.20 20.50
CA SER A 48 -7.10 4.96 20.28
C SER A 48 -8.09 4.17 19.43
N ALA A 49 -9.30 4.71 19.29
CA ALA A 49 -10.33 4.05 18.50
C ALA A 49 -10.14 4.30 17.01
N ALA A 50 -9.93 5.56 16.65
CA ALA A 50 -9.73 5.94 15.26
C ALA A 50 -8.57 5.17 14.65
N PHE A 51 -7.64 4.73 15.50
CA PHE A 51 -6.48 3.97 15.04
C PHE A 51 -6.90 2.75 14.24
N GLN A 52 -8.02 2.15 14.64
CA GLN A 52 -8.53 0.97 13.97
C GLN A 52 -9.00 1.30 12.55
N ALA A 53 -9.87 2.29 12.44
CA ALA A 53 -10.39 2.71 11.14
C ALA A 53 -9.26 2.97 10.16
N ALA A 54 -8.26 3.74 10.60
CA ALA A 54 -7.12 4.06 9.76
C ALA A 54 -6.26 2.84 9.51
N HIS A 55 -6.09 2.01 10.53
CA HIS A 55 -5.29 0.80 10.42
C HIS A 55 -5.89 -0.17 9.39
N ALA A 56 -7.22 -0.20 9.35
CA ALA A 56 -7.93 -1.07 8.42
C ALA A 56 -7.80 -0.56 6.98
N ARG A 57 -7.70 0.76 6.83
CA ARG A 57 -7.57 1.37 5.51
C ARG A 57 -6.28 0.94 4.83
N PHE A 58 -5.20 0.89 5.61
CA PHE A 58 -3.90 0.49 5.08
C PHE A 58 -3.93 -0.94 4.58
N VAL A 59 -4.33 -1.86 5.45
CA VAL A 59 -4.41 -3.27 5.11
C VAL A 59 -5.36 -3.50 3.94
N ALA A 60 -6.42 -2.68 3.87
CA ALA A 60 -7.39 -2.79 2.80
C ALA A 60 -6.77 -2.51 1.44
N ALA A 61 -5.85 -1.55 1.41
CA ALA A 61 -5.17 -1.18 0.17
C ALA A 61 -4.06 -2.18 -0.16
N ALA A 62 -3.31 -2.59 0.85
CA ALA A 62 -2.22 -3.54 0.68
C ALA A 62 -2.69 -4.78 -0.08
N ALA A 63 -3.95 -5.14 0.11
CA ALA A 63 -4.53 -6.30 -0.55
C ALA A 63 -4.66 -6.07 -2.05
N LYS A 64 -4.98 -4.83 -2.43
CA LYS A 64 -5.13 -4.47 -3.84
C LYS A 64 -3.79 -4.50 -4.56
N VAL A 65 -2.81 -3.79 -4.01
CA VAL A 65 -1.48 -3.74 -4.60
C VAL A 65 -0.88 -5.14 -4.73
N ASN A 66 -1.00 -5.92 -3.66
CA ASN A 66 -0.47 -7.28 -3.65
C ASN A 66 -1.12 -8.13 -4.73
N THR A 67 -2.44 -7.96 -4.90
CA THR A 67 -3.18 -8.72 -5.90
C THR A 67 -2.77 -8.30 -7.31
N LEU A 68 -2.31 -7.07 -7.44
CA LEU A 68 -1.89 -6.56 -8.75
C LEU A 68 -0.60 -7.24 -9.21
N LEU A 69 0.36 -7.36 -8.30
CA LEU A 69 1.63 -8.01 -8.62
C LEU A 69 1.41 -9.41 -9.18
N ASP A 70 0.47 -10.13 -8.60
CA ASP A 70 0.15 -11.48 -9.06
C ASP A 70 -0.46 -11.47 -10.45
N VAL A 71 -1.21 -10.40 -10.75
CA VAL A 71 -1.85 -10.26 -12.04
C VAL A 71 -0.84 -9.87 -13.12
N ALA A 72 -0.03 -8.86 -12.81
CA ALA A 72 0.99 -8.40 -13.74
C ALA A 72 1.89 -9.53 -14.20
N GLN A 73 2.34 -10.34 -13.25
CA GLN A 73 3.21 -11.47 -13.55
C GLN A 73 2.49 -12.51 -14.38
N ALA A 74 1.19 -12.68 -14.13
CA ALA A 74 0.39 -13.65 -14.86
C ALA A 74 0.09 -13.16 -16.27
N ASN A 75 0.01 -11.84 -16.43
CA ASN A 75 -0.27 -11.24 -17.73
C ASN A 75 0.98 -11.17 -18.58
N LEU A 76 2.11 -10.85 -17.94
CA LEU A 76 3.39 -10.75 -18.64
C LEU A 76 3.96 -12.14 -18.91
N GLY A 77 3.60 -13.10 -18.08
CA GLY A 77 4.09 -14.47 -18.25
C GLY A 77 5.51 -14.63 -17.75
N GLU A 78 6.47 -14.08 -18.48
CA GLU A 78 7.87 -14.17 -18.09
C GLU A 78 8.07 -13.72 -16.65
N ALA A 79 7.38 -12.66 -16.26
CA ALA A 79 7.48 -12.13 -14.91
C ALA A 79 7.13 -13.19 -13.88
N ALA A 80 6.12 -14.02 -14.19
CA ALA A 80 5.69 -15.07 -13.29
C ALA A 80 6.55 -16.31 -13.45
N GLY A 81 6.41 -16.99 -14.59
CA GLY A 81 7.19 -18.20 -14.83
C GLY A 81 6.58 -19.42 -14.19
N THR A 82 6.18 -20.38 -15.00
CA THR A 82 5.58 -21.61 -14.51
C THR A 82 5.67 -22.73 -15.54
N TYR A 83 5.91 -23.95 -15.07
CA TYR A 83 6.03 -25.10 -15.95
C TYR A 83 5.06 -26.20 -15.54
N VAL A 84 4.98 -27.25 -16.35
CA VAL A 84 4.09 -28.37 -16.08
C VAL A 84 4.63 -29.24 -14.95
N ALA A 85 4.30 -28.87 -13.72
CA ALA A 85 4.76 -29.62 -12.55
C ALA A 85 3.69 -30.59 -12.08
N ALA A 86 3.41 -31.60 -12.90
CA ALA A 86 2.40 -32.61 -12.57
C ALA A 86 3.02 -33.74 -11.75
N ASP A 87 4.28 -34.04 -12.02
CA ASP A 87 4.98 -35.10 -11.32
C ASP A 87 5.11 -34.78 -9.83
N ALA A 88 5.18 -35.82 -9.01
CA ALA A 88 5.32 -35.64 -7.58
C ALA A 88 5.96 -36.87 -6.92
N ALA A 89 6.48 -36.68 -5.71
CA ALA A 89 7.12 -37.77 -4.99
C ALA A 89 6.11 -38.83 -4.57
N ALA A 90 4.90 -38.38 -4.26
CA ALA A 90 3.83 -39.29 -3.84
C ALA A 90 3.58 -40.36 -4.90
N ALA A 91 3.90 -40.04 -6.15
CA ALA A 91 3.71 -40.97 -7.25
C ALA A 91 4.54 -42.23 -7.06
N SER A 92 5.75 -42.06 -6.54
CA SER A 92 6.64 -43.19 -6.30
C SER A 92 6.12 -44.08 -5.19
N THR A 93 6.45 -45.36 -5.25
CA THR A 93 6.02 -46.32 -4.25
C THR A 93 7.15 -47.26 -3.86
N TYR A 94 7.10 -47.78 -2.64
CA TYR A 94 8.11 -48.70 -2.15
C TYR A 94 7.96 -50.08 -2.78
N THR A 95 9.06 -50.82 -2.85
CA THR A 95 9.04 -52.16 -3.43
C THR A 95 9.01 -53.23 -2.35
N GLY A 96 8.03 -54.12 -2.43
CA GLY A 96 7.90 -55.18 -1.45
C GLY A 96 8.33 -56.53 -2.00
N PHE A 97 7.36 -57.29 -2.50
CA PHE A 97 7.64 -58.61 -3.06
C PHE A 97 6.42 -59.16 -3.78
N SER B 1 -13.36 12.54 3.69
CA SER B 1 -13.86 13.90 3.83
C SER B 1 -14.70 14.05 5.10
N MET B 2 -14.33 13.31 6.13
CA MET B 2 -15.05 13.35 7.40
C MET B 2 -14.60 14.53 8.24
N SER B 3 -14.98 15.73 7.83
CA SER B 3 -14.62 16.95 8.54
C SER B 3 -15.85 17.65 9.11
N GLN B 4 -17.00 17.39 8.50
CA GLN B 4 -18.26 17.99 8.94
C GLN B 4 -18.95 17.11 9.98
N ILE B 5 -18.23 16.11 10.46
CA ILE B 5 -18.77 15.20 11.46
C ILE B 5 -18.74 15.82 12.85
N MET B 6 -17.55 16.00 13.40
CA MET B 6 -17.38 16.59 14.72
C MET B 6 -15.96 17.08 14.93
N TYR B 7 -15.45 17.84 13.95
CA TYR B 7 -14.10 18.38 14.03
C TYR B 7 -14.10 19.90 13.93
N ASN B 8 -12.98 20.51 14.28
CA ASN B 8 -12.85 21.96 14.23
C ASN B 8 -11.81 22.39 13.19
N TYR B 9 -10.57 21.95 13.40
CA TYR B 9 -9.48 22.28 12.49
C TYR B 9 -8.79 21.02 11.98
N PRO B 10 -9.25 20.53 10.82
CA PRO B 10 -8.69 19.32 10.19
C PRO B 10 -7.27 19.55 9.67
N ALA B 11 -7.03 20.74 9.14
CA ALA B 11 -5.71 21.08 8.61
C ALA B 11 -4.64 20.98 9.69
N MET B 12 -5.04 21.19 10.93
CA MET B 12 -4.11 21.13 12.06
C MET B 12 -3.72 19.68 12.36
N LEU B 13 -4.69 18.78 12.26
CA LEU B 13 -4.45 17.37 12.51
C LEU B 13 -3.39 16.82 11.57
N GLY B 14 -2.23 16.47 12.14
CA GLY B 14 -1.15 15.94 11.34
C GLY B 14 -0.56 16.96 10.39
N HIS B 15 0.66 16.71 9.93
CA HIS B 15 1.33 17.62 9.01
C HIS B 15 2.62 17.00 8.48
N ALA B 16 3.47 16.54 9.39
CA ALA B 16 4.74 15.93 9.01
C ALA B 16 5.46 15.36 10.22
N GLY B 17 6.69 14.91 10.02
CA GLY B 17 7.47 14.35 11.11
C GLY B 17 8.54 13.39 10.63
N ASP B 18 9.20 12.72 11.57
CA ASP B 18 10.26 11.78 11.23
C ASP B 18 9.67 10.47 10.72
N MET B 19 8.55 10.06 11.30
CA MET B 19 7.88 8.83 10.91
C MET B 19 7.41 8.90 9.46
N ALA B 20 7.12 10.13 9.01
CA ALA B 20 6.65 10.34 7.64
C ALA B 20 7.59 9.69 6.63
N GLY B 21 8.88 9.63 6.98
CA GLY B 21 9.86 9.04 6.10
C GLY B 21 9.48 7.64 5.66
N TYR B 22 8.84 6.90 6.55
CA TYR B 22 8.42 5.54 6.25
C TYR B 22 7.60 5.48 4.96
N ALA B 23 6.55 6.30 4.89
CA ALA B 23 5.69 6.36 3.72
C ALA B 23 6.52 6.57 2.45
N GLY B 24 7.61 7.31 2.58
CA GLY B 24 8.46 7.58 1.43
C GLY B 24 9.04 6.31 0.83
N THR B 25 9.12 5.26 1.64
CA THR B 25 9.66 3.98 1.18
C THR B 25 8.65 3.24 0.32
N LEU B 26 7.38 3.28 0.72
CA LEU B 26 6.31 2.62 -0.02
C LEU B 26 6.11 3.26 -1.38
N GLN B 27 5.90 4.57 -1.39
CA GLN B 27 5.70 5.30 -2.63
C GLN B 27 6.88 5.10 -3.58
N SER B 28 8.06 4.93 -3.02
CA SER B 28 9.26 4.73 -3.82
C SER B 28 9.28 3.34 -4.44
N LEU B 29 8.78 2.36 -3.70
CA LEU B 29 8.73 0.99 -4.17
C LEU B 29 7.63 0.81 -5.21
N GLY B 30 6.42 1.25 -4.87
CA GLY B 30 5.31 1.13 -5.79
C GLY B 30 5.62 1.72 -7.16
N ALA B 31 6.22 2.89 -7.17
CA ALA B 31 6.57 3.57 -8.42
C ALA B 31 7.57 2.74 -9.22
N GLU B 32 8.54 2.15 -8.53
CA GLU B 32 9.56 1.34 -9.18
C GLU B 32 8.92 0.22 -10.00
N ILE B 33 7.87 -0.38 -9.44
CA ILE B 33 7.17 -1.47 -10.12
C ILE B 33 6.33 -0.94 -11.28
N ALA B 34 5.58 0.13 -11.03
CA ALA B 34 4.74 0.73 -12.05
C ALA B 34 5.56 1.10 -13.28
N VAL B 35 6.81 1.50 -13.06
CA VAL B 35 7.69 1.88 -14.16
C VAL B 35 8.23 0.66 -14.88
N GLU B 36 8.40 -0.43 -14.14
CA GLU B 36 8.92 -1.68 -14.71
C GLU B 36 7.91 -2.28 -15.68
N GLN B 37 6.69 -2.46 -15.21
CA GLN B 37 5.62 -3.04 -16.04
C GLN B 37 5.35 -2.16 -17.26
N ALA B 38 5.57 -0.86 -17.10
CA ALA B 38 5.34 0.09 -18.19
C ALA B 38 6.22 -0.25 -19.39
N ALA B 39 7.34 -0.92 -19.13
CA ALA B 39 8.27 -1.29 -20.19
C ALA B 39 7.82 -2.57 -20.88
N LEU B 40 7.12 -3.42 -20.14
CA LEU B 40 6.64 -4.68 -20.69
C LEU B 40 5.17 -4.58 -21.09
N GLN B 41 4.74 -3.37 -21.42
CA GLN B 41 3.36 -3.14 -21.82
C GLN B 41 3.01 -3.94 -23.07
N SER B 42 3.91 -3.91 -24.05
CA SER B 42 3.70 -4.64 -25.30
C SER B 42 3.56 -6.13 -25.04
N ALA B 43 4.15 -6.60 -23.96
CA ALA B 43 4.10 -8.01 -23.60
C ALA B 43 2.74 -8.37 -23.00
N TRP B 44 2.09 -7.38 -22.38
CA TRP B 44 0.79 -7.59 -21.76
C TRP B 44 -0.18 -8.22 -22.75
N GLN B 45 -1.12 -9.02 -22.24
CA GLN B 45 -2.11 -9.67 -23.08
C GLN B 45 -3.39 -8.84 -23.16
N GLY B 46 -4.06 -8.68 -22.02
CA GLY B 46 -5.29 -7.91 -21.99
C GLY B 46 -6.52 -8.79 -21.89
N ASP B 47 -6.37 -10.06 -22.24
CA ASP B 47 -7.48 -11.01 -22.19
C ASP B 47 -7.27 -12.03 -21.08
N THR B 48 -6.50 -11.65 -20.06
CA THR B 48 -6.23 -12.53 -18.94
C THR B 48 -6.58 -11.87 -17.61
N GLY B 49 -7.48 -10.89 -17.67
CA GLY B 49 -7.89 -10.20 -16.46
C GLY B 49 -7.72 -8.69 -16.57
N ILE B 50 -6.83 -8.13 -15.76
CA ILE B 50 -6.57 -6.70 -15.77
C ILE B 50 -5.86 -6.29 -17.05
N THR B 51 -6.20 -5.10 -17.56
CA THR B 51 -5.60 -4.58 -18.78
C THR B 51 -4.46 -3.61 -18.46
N TYR B 52 -3.73 -3.22 -19.49
CA TYR B 52 -2.61 -2.30 -19.33
C TYR B 52 -3.10 -0.95 -18.82
N GLN B 53 -4.23 -0.49 -19.34
CA GLN B 53 -4.81 0.79 -18.95
C GLN B 53 -5.42 0.70 -17.56
N ALA B 54 -6.14 -0.39 -17.29
CA ALA B 54 -6.77 -0.59 -16.00
C ALA B 54 -5.73 -0.79 -14.90
N TRP B 55 -4.68 -1.52 -15.22
CA TRP B 55 -3.62 -1.79 -14.25
C TRP B 55 -2.88 -0.51 -13.88
N GLN B 56 -2.52 0.28 -14.89
CA GLN B 56 -1.81 1.54 -14.68
C GLN B 56 -2.56 2.41 -13.67
N ALA B 57 -3.85 2.62 -13.91
CA ALA B 57 -4.68 3.43 -13.03
C ALA B 57 -4.92 2.72 -11.70
N GLN B 58 -5.17 1.42 -11.77
CA GLN B 58 -5.42 0.62 -10.57
C GLN B 58 -4.27 0.75 -9.59
N TRP B 59 -3.05 0.50 -10.06
CA TRP B 59 -1.86 0.58 -9.22
C TRP B 59 -1.80 1.92 -8.50
N ASN B 60 -1.82 3.01 -9.28
CA ASN B 60 -1.76 4.35 -8.72
C ASN B 60 -2.82 4.53 -7.63
N GLN B 61 -4.01 3.99 -7.87
CA GLN B 61 -5.10 4.09 -6.91
C GLN B 61 -4.76 3.36 -5.62
N ALA B 62 -4.10 2.21 -5.75
CA ALA B 62 -3.72 1.42 -4.58
C ALA B 62 -2.56 2.07 -3.84
N MET B 63 -1.48 2.33 -4.56
CA MET B 63 -0.29 2.96 -3.97
C MET B 63 -0.67 4.25 -3.24
N GLU B 64 -1.44 5.09 -3.92
CA GLU B 64 -1.86 6.37 -3.34
C GLU B 64 -2.67 6.14 -2.06
N ASP B 65 -3.42 5.05 -2.02
CA ASP B 65 -4.23 4.73 -0.85
C ASP B 65 -3.35 4.24 0.29
N LEU B 66 -2.26 3.56 -0.05
CA LEU B 66 -1.34 3.05 0.96
C LEU B 66 -0.57 4.18 1.63
N VAL B 67 0.09 5.01 0.81
CA VAL B 67 0.85 6.13 1.33
C VAL B 67 0.03 6.99 2.27
N ARG B 68 -1.21 7.26 1.88
CA ARG B 68 -2.11 8.06 2.70
C ARG B 68 -2.55 7.30 3.95
N ALA B 69 -2.63 5.98 3.83
CA ALA B 69 -3.03 5.13 4.95
C ALA B 69 -2.06 5.27 6.12
N TYR B 70 -0.83 5.66 5.81
CA TYR B 70 0.20 5.82 6.83
C TYR B 70 0.07 7.18 7.51
N HIS B 71 0.13 8.24 6.70
CA HIS B 71 0.02 9.60 7.22
C HIS B 71 -1.32 9.82 7.91
N ALA B 72 -2.35 9.13 7.42
CA ALA B 72 -3.68 9.25 7.99
C ALA B 72 -3.73 8.68 9.40
N MET B 73 -3.22 7.48 9.56
CA MET B 73 -3.20 6.82 10.87
C MET B 73 -2.32 7.59 11.85
N SER B 74 -1.27 8.21 11.34
CA SER B 74 -0.36 8.97 12.17
C SER B 74 -0.93 10.36 12.48
N SER B 75 -1.75 10.86 11.57
CA SER B 75 -2.36 12.18 11.74
C SER B 75 -3.36 12.17 12.90
N THR B 76 -4.36 11.31 12.80
CA THR B 76 -5.38 11.20 13.84
C THR B 76 -4.78 10.70 15.14
N HIS B 77 -3.62 10.06 15.05
CA HIS B 77 -2.95 9.52 16.23
C HIS B 77 -2.80 10.60 17.30
N GLU B 78 -2.68 11.85 16.86
CA GLU B 78 -2.53 12.96 17.78
C GLU B 78 -3.66 12.98 18.80
N ALA B 79 -4.81 12.43 18.42
CA ALA B 79 -5.97 12.39 19.31
C ALA B 79 -5.63 11.70 20.63
N ASN B 80 -4.61 10.84 20.59
CA ASN B 80 -4.19 10.12 21.79
C ASN B 80 -3.91 11.09 22.94
N THR B 81 -3.05 12.07 22.69
CA THR B 81 -2.70 13.06 23.70
C THR B 81 -3.84 14.05 23.92
N MET B 82 -4.61 14.30 22.86
CA MET B 82 -5.73 15.22 22.93
C MET B 82 -6.65 14.87 24.10
N ALA B 83 -7.20 13.66 24.07
CA ALA B 83 -8.09 13.20 25.13
C ALA B 83 -7.31 12.67 26.31
N MET B 84 -6.10 12.17 26.05
CA MET B 84 -5.25 11.63 27.10
C MET B 84 -5.90 10.41 27.75
N MET B 85 -5.23 9.85 28.75
CA MET B 85 -5.75 8.68 29.46
C MET B 85 -6.64 9.10 30.63
N ALA B 86 -6.33 10.25 31.21
CA ALA B 86 -7.10 10.76 32.34
C ALA B 86 -8.59 10.81 32.01
N ARG B 87 -8.93 11.54 30.95
CA ARG B 87 -10.31 11.68 30.53
C ARG B 87 -10.85 10.37 29.95
N ASP B 88 -10.02 9.72 29.13
CA ASP B 88 -10.40 8.45 28.52
C ASP B 88 -9.79 7.27 29.27
N THR B 89 -10.42 6.89 30.38
CA THR B 89 -9.94 5.78 31.19
C THR B 89 -10.92 4.61 31.16
N ALA B 90 -12.21 4.93 31.02
CA ALA B 90 -13.24 3.90 30.98
C ALA B 90 -13.53 3.48 29.54
N GLU B 91 -13.21 4.34 28.60
CA GLU B 91 -13.43 4.05 27.19
C GLU B 91 -12.40 3.06 26.66
N ALA B 92 -11.13 3.45 26.73
CA ALA B 92 -10.04 2.60 26.26
C ALA B 92 -9.97 1.31 27.08
N ALA B 93 -10.49 1.36 28.30
CA ALA B 93 -10.48 0.18 29.17
C ALA B 93 -11.69 -0.71 28.89
N LYS B 94 -12.74 -0.12 28.34
CA LYS B 94 -13.96 -0.88 28.03
C LYS B 94 -13.64 -2.04 27.09
N TRP B 95 -14.47 -3.07 27.14
CA TRP B 95 -14.28 -4.25 26.30
C TRP B 95 -15.20 -4.21 25.09
N GLY B 96 -14.62 -3.92 23.92
CA GLY B 96 -15.41 -3.86 22.70
C GLY B 96 -14.93 -2.77 21.76
N GLY B 97 -15.74 -1.73 21.58
CA GLY B 97 -15.37 -0.64 20.70
C GLY B 97 -16.51 0.32 20.45
N MET A 1 12.01 7.68 -15.14
CA MET A 1 12.19 9.08 -15.50
C MET A 1 13.66 9.44 -15.61
N SER A 2 13.97 10.48 -16.38
CA SER A 2 15.34 10.92 -16.57
C SER A 2 16.19 9.80 -17.16
N LEU A 3 15.56 8.89 -17.88
CA LEU A 3 16.24 7.76 -18.49
C LEU A 3 16.73 8.13 -19.90
N LEU A 4 17.84 7.52 -20.31
CA LEU A 4 18.41 7.77 -21.63
C LEU A 4 18.34 6.53 -22.51
N ASP A 5 18.78 6.65 -23.75
CA ASP A 5 18.77 5.54 -24.68
C ASP A 5 20.12 5.39 -25.37
N ALA A 6 21.19 5.64 -24.63
CA ALA A 6 22.54 5.53 -25.17
C ALA A 6 23.28 4.33 -24.58
N HIS A 7 23.40 4.30 -23.26
CA HIS A 7 24.08 3.21 -22.58
C HIS A 7 23.31 2.79 -21.33
N ILE A 8 22.21 2.09 -21.53
CA ILE A 8 21.38 1.62 -20.43
C ILE A 8 21.28 0.10 -20.42
N PRO A 9 21.07 -0.48 -19.23
CA PRO A 9 20.95 -1.93 -19.06
C PRO A 9 19.65 -2.47 -19.65
N GLN A 10 19.65 -2.65 -20.98
CA GLN A 10 18.48 -3.17 -21.67
C GLN A 10 18.33 -4.67 -21.45
N LEU A 11 19.46 -5.37 -21.43
CA LEU A 11 19.46 -6.82 -21.23
C LEU A 11 20.50 -7.23 -20.20
N VAL A 12 20.18 -7.04 -18.92
CA VAL A 12 21.08 -7.38 -17.84
C VAL A 12 20.39 -8.26 -16.81
N ALA A 13 19.14 -7.94 -16.51
CA ALA A 13 18.36 -8.71 -15.55
C ALA A 13 17.19 -9.42 -16.21
N SER A 14 17.41 -9.87 -17.45
CA SER A 14 16.37 -10.56 -18.20
C SER A 14 15.84 -11.77 -17.43
N GLN A 15 16.70 -12.35 -16.59
CA GLN A 15 16.33 -13.51 -15.79
C GLN A 15 15.09 -13.21 -14.96
N SER A 16 15.14 -12.14 -14.17
CA SER A 16 14.01 -11.76 -13.33
C SER A 16 14.30 -10.45 -12.60
N ALA A 17 13.68 -9.37 -13.08
CA ALA A 17 13.87 -8.06 -12.49
C ALA A 17 12.59 -7.57 -11.81
N PHE A 18 11.45 -8.00 -12.35
CA PHE A 18 10.16 -7.61 -11.80
C PHE A 18 9.90 -8.28 -10.45
N ALA A 19 10.08 -9.60 -10.42
CA ALA A 19 9.87 -10.36 -9.19
C ALA A 19 10.74 -9.82 -8.06
N ALA A 20 11.93 -9.33 -8.41
CA ALA A 20 12.86 -8.79 -7.42
C ALA A 20 12.22 -7.63 -6.66
N LYS A 21 11.56 -6.74 -7.39
CA LYS A 21 10.90 -5.59 -6.78
C LYS A 21 9.63 -6.00 -6.07
N ALA A 22 8.94 -7.01 -6.60
CA ALA A 22 7.71 -7.50 -6.01
C ALA A 22 7.93 -7.94 -4.57
N GLY A 23 9.07 -8.58 -4.31
CA GLY A 23 9.37 -9.03 -2.97
C GLY A 23 9.60 -7.89 -2.00
N LEU A 24 10.27 -6.84 -2.47
CA LEU A 24 10.56 -5.67 -1.64
C LEU A 24 9.27 -4.95 -1.26
N MET A 25 8.25 -5.11 -2.10
CA MET A 25 6.96 -4.47 -1.84
C MET A 25 6.38 -4.92 -0.51
N ARG A 26 6.18 -6.22 -0.36
CA ARG A 26 5.63 -6.78 0.87
C ARG A 26 6.48 -6.39 2.07
N HIS A 27 7.76 -6.11 1.82
CA HIS A 27 8.68 -5.71 2.88
C HIS A 27 8.30 -4.34 3.44
N THR A 28 8.10 -3.37 2.54
CA THR A 28 7.76 -2.02 2.94
C THR A 28 6.52 -2.01 3.84
N ILE A 29 5.44 -2.63 3.36
CA ILE A 29 4.20 -2.69 4.13
C ILE A 29 4.37 -3.55 5.38
N GLY A 30 4.95 -4.73 5.21
CA GLY A 30 5.16 -5.63 6.34
C GLY A 30 5.92 -4.96 7.46
N GLN A 31 7.01 -4.27 7.13
CA GLN A 31 7.82 -3.60 8.13
C GLN A 31 7.12 -2.34 8.64
N ALA A 32 6.62 -1.52 7.72
CA ALA A 32 5.92 -0.30 8.08
C ALA A 32 4.75 -0.59 9.01
N GLU A 33 4.19 -1.79 8.90
CA GLU A 33 3.06 -2.20 9.73
C GLU A 33 3.51 -2.49 11.15
N GLN A 34 4.73 -3.00 11.28
CA GLN A 34 5.28 -3.33 12.60
C GLN A 34 5.28 -2.12 13.52
N ALA A 35 5.74 -0.99 12.99
CA ALA A 35 5.78 0.26 13.75
C ALA A 35 4.42 0.60 14.31
N ALA A 36 3.36 0.21 13.60
CA ALA A 36 2.00 0.48 14.03
C ALA A 36 1.60 -0.42 15.20
N MET A 37 2.28 -1.56 15.32
CA MET A 37 2.00 -2.51 16.38
C MET A 37 2.01 -1.82 17.74
N SER A 38 2.82 -0.77 17.86
CA SER A 38 2.93 -0.02 19.11
C SER A 38 1.55 0.41 19.61
N ALA A 39 0.75 0.96 18.70
CA ALA A 39 -0.60 1.40 19.06
C ALA A 39 -1.46 0.24 19.53
N GLN A 40 -1.09 -0.97 19.11
CA GLN A 40 -1.84 -2.17 19.48
C GLN A 40 -1.56 -2.55 20.94
N ALA A 41 -0.62 -1.85 21.55
CA ALA A 41 -0.27 -2.12 22.94
C ALA A 41 -1.48 -2.02 23.85
N PHE A 42 -2.14 -0.87 23.82
CA PHE A 42 -3.33 -0.65 24.65
C PHE A 42 -3.04 -0.98 26.12
N HIS A 43 -1.77 -0.90 26.49
CA HIS A 43 -1.36 -1.19 27.86
C HIS A 43 0.16 -1.08 28.01
N GLN A 44 0.88 -1.57 27.01
CA GLN A 44 2.34 -1.53 27.04
C GLN A 44 2.84 -0.11 27.32
N GLY A 45 2.07 0.88 26.90
CA GLY A 45 2.44 2.26 27.13
C GLY A 45 1.28 3.22 26.97
N GLU A 46 0.65 3.20 25.81
CA GLU A 46 -0.48 4.08 25.53
C GLU A 46 -1.56 3.33 24.75
N SER A 47 -2.56 4.08 24.27
CA SER A 47 -3.65 3.50 23.51
C SER A 47 -4.13 4.46 22.42
N SER A 48 -5.14 4.02 21.66
CA SER A 48 -5.67 4.84 20.59
C SER A 48 -6.83 4.12 19.89
N ALA A 49 -8.00 4.75 19.93
CA ALA A 49 -9.19 4.18 19.30
C ALA A 49 -9.22 4.48 17.81
N ALA A 50 -9.10 5.76 17.46
CA ALA A 50 -9.11 6.18 16.07
C ALA A 50 -8.04 5.46 15.27
N PHE A 51 -6.99 5.01 15.95
CA PHE A 51 -5.90 4.31 15.30
C PHE A 51 -6.42 3.09 14.54
N GLN A 52 -7.41 2.41 15.10
CA GLN A 52 -7.99 1.23 14.48
C GLN A 52 -8.66 1.59 13.16
N ALA A 53 -9.57 2.56 13.21
CA ALA A 53 -10.29 3.00 12.02
C ALA A 53 -9.33 3.32 10.89
N ALA A 54 -8.19 3.92 11.24
CA ALA A 54 -7.19 4.29 10.24
C ALA A 54 -6.37 3.06 9.82
N HIS A 55 -6.11 2.17 10.77
CA HIS A 55 -5.34 0.97 10.49
C HIS A 55 -6.07 0.07 9.49
N ALA A 56 -7.40 0.08 9.56
CA ALA A 56 -8.21 -0.73 8.66
C ALA A 56 -8.14 -0.19 7.23
N ARG A 57 -7.97 1.12 7.10
CA ARG A 57 -7.89 1.75 5.79
C ARG A 57 -6.64 1.30 5.04
N PHE A 58 -5.54 1.14 5.78
CA PHE A 58 -4.27 0.71 5.18
C PHE A 58 -4.38 -0.72 4.66
N VAL A 59 -4.77 -1.63 5.55
CA VAL A 59 -4.91 -3.03 5.18
C VAL A 59 -5.86 -3.21 4.01
N ALA A 60 -6.86 -2.34 3.93
CA ALA A 60 -7.84 -2.40 2.85
C ALA A 60 -7.21 -2.00 1.52
N ALA A 61 -6.31 -1.02 1.56
CA ALA A 61 -5.64 -0.56 0.36
C ALA A 61 -4.50 -1.49 -0.03
N ALA A 62 -3.79 -2.00 0.97
CA ALA A 62 -2.68 -2.92 0.73
C ALA A 62 -3.09 -4.07 -0.18
N ALA A 63 -4.30 -4.58 0.05
CA ALA A 63 -4.82 -5.69 -0.74
C ALA A 63 -4.86 -5.33 -2.22
N LYS A 64 -5.06 -4.05 -2.52
CA LYS A 64 -5.10 -3.57 -3.90
C LYS A 64 -3.75 -3.72 -4.58
N VAL A 65 -2.71 -3.19 -3.94
CA VAL A 65 -1.36 -3.26 -4.49
C VAL A 65 -0.88 -4.72 -4.56
N ASN A 66 -1.20 -5.49 -3.52
CA ASN A 66 -0.80 -6.89 -3.46
C ASN A 66 -1.44 -7.69 -4.61
N THR A 67 -2.75 -7.53 -4.77
CA THR A 67 -3.49 -8.22 -5.80
C THR A 67 -2.92 -7.90 -7.19
N LEU A 68 -2.78 -6.62 -7.48
CA LEU A 68 -2.25 -6.18 -8.77
C LEU A 68 -0.86 -6.75 -9.00
N LEU A 69 -0.08 -6.85 -7.93
CA LEU A 69 1.28 -7.37 -8.01
C LEU A 69 1.28 -8.78 -8.61
N ASP A 70 0.32 -9.59 -8.21
CA ASP A 70 0.20 -10.96 -8.70
C ASP A 70 -0.34 -10.97 -10.13
N VAL A 71 -1.20 -10.01 -10.44
CA VAL A 71 -1.80 -9.92 -11.76
C VAL A 71 -0.77 -9.47 -12.80
N ALA A 72 0.13 -8.58 -12.38
CA ALA A 72 1.17 -8.08 -13.27
C ALA A 72 2.07 -9.21 -13.76
N GLN A 73 2.55 -10.03 -12.83
CA GLN A 73 3.43 -11.14 -13.17
C GLN A 73 2.65 -12.22 -13.91
N ALA A 74 1.40 -12.43 -13.51
CA ALA A 74 0.55 -13.45 -14.13
C ALA A 74 0.21 -13.06 -15.57
N ASN A 75 0.08 -11.76 -15.81
CA ASN A 75 -0.25 -11.26 -17.14
C ASN A 75 0.97 -11.25 -18.04
N LEU A 76 2.12 -10.87 -17.47
CA LEU A 76 3.36 -10.83 -18.23
C LEU A 76 3.87 -12.24 -18.55
N GLY A 77 3.56 -13.18 -17.66
CA GLY A 77 3.99 -14.55 -17.87
C GLY A 77 5.46 -14.76 -17.55
N GLU A 78 6.33 -14.07 -18.30
CA GLU A 78 7.76 -14.19 -18.09
C GLU A 78 8.13 -13.95 -16.63
N ALA A 79 7.45 -12.99 -16.01
CA ALA A 79 7.71 -12.67 -14.61
C ALA A 79 7.45 -13.88 -13.71
N ALA A 80 6.19 -14.32 -13.67
CA ALA A 80 5.81 -15.47 -12.87
C ALA A 80 5.62 -16.71 -13.72
N GLY A 81 4.53 -16.75 -14.48
CA GLY A 81 4.25 -17.89 -15.33
C GLY A 81 3.10 -18.73 -14.82
N THR A 82 2.26 -18.13 -13.97
CA THR A 82 1.12 -18.84 -13.40
C THR A 82 0.07 -19.11 -14.45
N TYR A 83 -0.95 -19.89 -14.09
CA TYR A 83 -2.02 -20.23 -15.01
C TYR A 83 -3.22 -19.30 -14.83
N VAL A 84 -4.28 -19.55 -15.59
CA VAL A 84 -5.49 -18.73 -15.51
C VAL A 84 -6.13 -18.85 -14.13
N ALA A 85 -5.78 -17.93 -13.24
CA ALA A 85 -6.32 -17.93 -11.89
C ALA A 85 -7.23 -16.72 -11.66
N ALA A 86 -7.98 -16.35 -12.69
CA ALA A 86 -8.88 -15.21 -12.61
C ALA A 86 -10.26 -15.64 -12.11
N ASP A 87 -10.60 -16.91 -12.36
CA ASP A 87 -11.88 -17.44 -11.94
C ASP A 87 -13.04 -16.70 -12.62
N ALA A 88 -14.26 -17.01 -12.20
CA ALA A 88 -15.44 -16.36 -12.76
C ALA A 88 -16.08 -15.41 -11.76
N ALA A 89 -15.99 -15.77 -10.48
CA ALA A 89 -16.56 -14.93 -9.42
C ALA A 89 -15.59 -13.83 -9.01
N ALA A 90 -14.33 -14.21 -8.78
CA ALA A 90 -13.31 -13.26 -8.37
C ALA A 90 -13.26 -12.07 -9.33
N ALA A 91 -13.06 -12.35 -10.61
CA ALA A 91 -12.99 -11.31 -11.62
C ALA A 91 -14.35 -10.67 -11.84
N SER A 92 -15.36 -11.50 -12.07
CA SER A 92 -16.72 -11.02 -12.30
C SER A 92 -16.78 -10.13 -13.53
N THR A 93 -17.97 -9.61 -13.83
CA THR A 93 -18.16 -8.75 -14.99
C THR A 93 -17.57 -7.36 -14.74
N TYR A 94 -17.51 -6.55 -15.78
CA TYR A 94 -16.96 -5.20 -15.68
C TYR A 94 -17.68 -4.41 -14.59
N THR A 95 -18.96 -4.71 -14.39
CA THR A 95 -19.75 -4.03 -13.38
C THR A 95 -19.79 -2.53 -13.63
N GLY A 96 -20.78 -2.07 -14.37
CA GLY A 96 -20.91 -0.65 -14.67
C GLY A 96 -22.09 -0.34 -15.57
N PHE A 97 -21.96 0.69 -16.39
CA PHE A 97 -23.03 1.10 -17.29
C PHE A 97 -22.80 0.51 -18.68
N SER B 1 -0.90 18.49 23.74
CA SER B 1 -1.14 19.86 24.18
C SER B 1 -1.16 20.81 22.99
N MET B 2 -1.77 20.37 21.89
CA MET B 2 -1.85 21.18 20.69
C MET B 2 -3.24 21.06 20.04
N SER B 3 -4.27 21.24 20.84
CA SER B 3 -5.65 21.14 20.35
C SER B 3 -6.34 22.50 20.40
N GLN B 4 -5.71 23.46 21.07
CA GLN B 4 -6.27 24.79 21.19
C GLN B 4 -5.78 25.68 20.04
N ILE B 5 -5.17 25.06 19.04
CA ILE B 5 -4.68 25.80 17.88
C ILE B 5 -5.51 25.50 16.64
N MET B 6 -5.04 25.97 15.49
CA MET B 6 -5.74 25.76 14.23
C MET B 6 -5.79 24.28 13.88
N TYR B 7 -6.98 23.69 13.97
CA TYR B 7 -7.16 22.28 13.66
C TYR B 7 -8.61 21.99 13.23
N ASN B 8 -9.08 22.78 12.27
CA ASN B 8 -10.44 22.62 11.76
C ASN B 8 -10.47 21.64 10.59
N TYR B 9 -9.35 21.55 9.88
CA TYR B 9 -9.24 20.65 8.73
C TYR B 9 -8.22 19.55 8.99
N PRO B 10 -8.32 18.46 8.22
CA PRO B 10 -7.42 17.31 8.34
C PRO B 10 -6.00 17.64 7.88
N ALA B 11 -5.89 18.65 7.02
CA ALA B 11 -4.59 19.06 6.49
C ALA B 11 -3.62 19.38 7.63
N MET B 12 -4.16 19.80 8.77
CA MET B 12 -3.34 20.13 9.93
C MET B 12 -2.98 18.88 10.72
N LEU B 13 -3.82 17.86 10.64
CA LEU B 13 -3.60 16.61 11.34
C LEU B 13 -2.25 16.01 10.95
N GLY B 14 -1.51 15.52 11.94
CA GLY B 14 -0.21 14.93 11.68
C GLY B 14 0.93 15.77 12.22
N HIS B 15 1.64 16.43 11.30
CA HIS B 15 2.77 17.28 11.69
C HIS B 15 3.85 16.46 12.37
N ALA B 16 4.81 15.97 11.58
CA ALA B 16 5.91 15.17 12.11
C ALA B 16 6.95 14.90 11.04
N GLY B 17 8.00 14.16 11.40
CA GLY B 17 9.06 13.84 10.46
C GLY B 17 9.74 12.53 10.79
N ASP B 18 8.98 11.45 10.82
CA ASP B 18 9.52 10.14 11.13
C ASP B 18 8.66 9.03 10.51
N MET B 19 7.39 8.99 10.92
CA MET B 19 6.47 7.98 10.42
C MET B 19 6.19 8.21 8.93
N ALA B 20 6.27 9.46 8.49
CA ALA B 20 6.03 9.81 7.10
C ALA B 20 7.02 9.10 6.18
N GLY B 21 8.26 8.98 6.64
CA GLY B 21 9.29 8.33 5.84
C GLY B 21 8.91 6.91 5.47
N TYR B 22 8.37 6.17 6.43
CA TYR B 22 7.97 4.79 6.21
C TYR B 22 7.05 4.68 4.99
N ALA B 23 6.02 5.51 4.97
CA ALA B 23 5.06 5.51 3.87
C ALA B 23 5.70 6.03 2.58
N GLY B 24 6.63 6.97 2.73
CA GLY B 24 7.30 7.52 1.57
C GLY B 24 7.97 6.46 0.72
N THR B 25 8.32 5.34 1.35
CA THR B 25 8.98 4.24 0.65
C THR B 25 8.03 3.56 -0.32
N LEU B 26 6.74 3.58 0.00
CA LEU B 26 5.72 2.96 -0.85
C LEU B 26 5.58 3.72 -2.16
N GLN B 27 5.64 5.04 -2.08
CA GLN B 27 5.52 5.88 -3.26
C GLN B 27 6.74 5.72 -4.17
N SER B 28 7.91 5.57 -3.56
CA SER B 28 9.15 5.42 -4.31
C SER B 28 9.26 4.01 -4.89
N LEU B 29 9.13 3.02 -4.01
CA LEU B 29 9.22 1.63 -4.43
C LEU B 29 8.08 1.27 -5.39
N GLY B 30 6.85 1.56 -4.98
CA GLY B 30 5.70 1.27 -5.82
C GLY B 30 5.85 1.81 -7.23
N ALA B 31 6.27 3.07 -7.32
CA ALA B 31 6.44 3.72 -8.61
C ALA B 31 7.45 2.96 -9.47
N GLU B 32 8.48 2.41 -8.84
CA GLU B 32 9.50 1.65 -9.55
C GLU B 32 8.88 0.45 -10.26
N ILE B 33 7.88 -0.15 -9.65
CA ILE B 33 7.21 -1.31 -10.23
C ILE B 33 6.33 -0.91 -11.41
N ALA B 34 5.57 0.18 -11.23
CA ALA B 34 4.69 0.68 -12.27
C ALA B 34 5.48 1.06 -13.52
N VAL B 35 6.71 1.53 -13.31
CA VAL B 35 7.57 1.94 -14.41
C VAL B 35 8.17 0.73 -15.11
N GLU B 36 8.41 -0.33 -14.34
CA GLU B 36 8.99 -1.56 -14.88
C GLU B 36 8.04 -2.22 -15.87
N GLN B 37 6.81 -2.45 -15.43
CA GLN B 37 5.80 -3.08 -16.29
C GLN B 37 5.52 -2.23 -17.52
N ALA B 38 5.68 -0.91 -17.38
CA ALA B 38 5.45 0.00 -18.48
C ALA B 38 6.36 -0.31 -19.66
N ALA B 39 7.48 -0.95 -19.38
CA ALA B 39 8.45 -1.31 -20.42
C ALA B 39 8.08 -2.66 -21.05
N LEU B 40 7.37 -3.48 -20.30
CA LEU B 40 6.96 -4.80 -20.79
C LEU B 40 5.50 -4.77 -21.24
N GLN B 41 5.03 -3.61 -21.67
CA GLN B 41 3.66 -3.46 -22.13
C GLN B 41 3.36 -4.41 -23.28
N SER B 42 4.33 -4.55 -24.18
CA SER B 42 4.17 -5.43 -25.34
C SER B 42 4.06 -6.90 -24.89
N ALA B 43 4.64 -7.20 -23.75
CA ALA B 43 4.62 -8.56 -23.21
C ALA B 43 3.25 -8.88 -22.60
N TRP B 44 2.59 -7.86 -22.08
CA TRP B 44 1.27 -8.03 -21.46
C TRP B 44 0.33 -8.75 -22.42
N GLN B 45 -0.56 -9.56 -21.85
CA GLN B 45 -1.54 -10.31 -22.64
C GLN B 45 -2.83 -9.52 -22.80
N GLY B 46 -3.51 -9.30 -21.69
CA GLY B 46 -4.77 -8.56 -21.73
C GLY B 46 -5.96 -9.46 -21.91
N ASP B 47 -5.79 -10.75 -21.61
CA ASP B 47 -6.88 -11.72 -21.74
C ASP B 47 -6.94 -12.62 -20.53
N THR B 48 -6.47 -12.12 -19.39
CA THR B 48 -6.49 -12.88 -18.15
C THR B 48 -7.33 -12.19 -17.08
N GLY B 49 -7.36 -10.86 -17.13
CA GLY B 49 -8.13 -10.10 -16.16
C GLY B 49 -7.92 -8.61 -16.30
N ILE B 50 -6.74 -8.13 -15.93
CA ILE B 50 -6.43 -6.71 -16.01
C ILE B 50 -5.59 -6.41 -17.25
N THR B 51 -5.83 -5.25 -17.85
CA THR B 51 -5.10 -4.85 -19.04
C THR B 51 -3.97 -3.88 -18.69
N TYR B 52 -3.15 -3.56 -19.69
CA TYR B 52 -2.03 -2.65 -19.49
C TYR B 52 -2.52 -1.24 -19.15
N GLN B 53 -3.60 -0.83 -19.79
CA GLN B 53 -4.17 0.49 -19.56
C GLN B 53 -4.88 0.54 -18.22
N ALA B 54 -5.61 -0.52 -17.89
CA ALA B 54 -6.34 -0.60 -16.63
C ALA B 54 -5.39 -0.72 -15.46
N TRP B 55 -4.43 -1.64 -15.56
CA TRP B 55 -3.47 -1.86 -14.50
C TRP B 55 -2.75 -0.56 -14.13
N GLN B 56 -2.30 0.17 -15.15
CA GLN B 56 -1.60 1.44 -14.94
C GLN B 56 -2.45 2.38 -14.10
N ALA B 57 -3.76 2.21 -14.15
CA ALA B 57 -4.68 3.05 -13.39
C ALA B 57 -4.95 2.45 -12.01
N GLN B 58 -5.20 1.14 -11.98
CA GLN B 58 -5.47 0.46 -10.72
C GLN B 58 -4.33 0.63 -9.74
N TRP B 59 -3.11 0.34 -10.19
CA TRP B 59 -1.93 0.46 -9.35
C TRP B 59 -1.86 1.84 -8.71
N ASN B 60 -1.82 2.87 -9.55
CA ASN B 60 -1.74 4.25 -9.06
C ASN B 60 -2.92 4.57 -8.15
N GLN B 61 -4.14 4.29 -8.62
CA GLN B 61 -5.34 4.53 -7.85
C GLN B 61 -5.25 3.89 -6.48
N ALA B 62 -4.55 2.76 -6.40
CA ALA B 62 -4.37 2.04 -5.15
C ALA B 62 -3.34 2.73 -4.26
N MET B 63 -2.14 2.94 -4.80
CA MET B 63 -1.07 3.58 -4.05
C MET B 63 -1.52 4.92 -3.48
N GLU B 64 -2.44 5.57 -4.19
CA GLU B 64 -2.96 6.86 -3.76
C GLU B 64 -3.59 6.76 -2.37
N ASP B 65 -4.55 5.86 -2.23
CA ASP B 65 -5.23 5.67 -0.94
C ASP B 65 -4.35 4.88 0.02
N LEU B 66 -3.55 3.98 -0.53
CA LEU B 66 -2.65 3.16 0.29
C LEU B 66 -1.59 4.02 0.98
N VAL B 67 -1.16 5.08 0.28
CA VAL B 67 -0.15 5.97 0.81
C VAL B 67 -0.71 6.81 1.97
N ARG B 68 -1.84 7.46 1.71
CA ARG B 68 -2.48 8.30 2.73
C ARG B 68 -3.03 7.44 3.86
N ALA B 69 -3.42 6.21 3.53
CA ALA B 69 -3.97 5.30 4.53
C ALA B 69 -3.00 5.09 5.68
N TYR B 70 -1.71 5.09 5.37
CA TYR B 70 -0.67 4.89 6.37
C TYR B 70 -0.30 6.22 7.04
N HIS B 71 0.03 7.22 6.23
CA HIS B 71 0.39 8.54 6.72
C HIS B 71 -0.67 9.07 7.69
N ALA B 72 -1.93 8.93 7.30
CA ALA B 72 -3.05 9.39 8.12
C ALA B 72 -3.10 8.63 9.44
N MET B 73 -2.99 7.31 9.37
CA MET B 73 -3.03 6.47 10.56
C MET B 73 -1.94 6.88 11.54
N SER B 74 -0.78 7.28 11.01
CA SER B 74 0.33 7.70 11.86
C SER B 74 0.15 9.14 12.33
N SER B 75 -0.53 9.94 11.52
CA SER B 75 -0.78 11.34 11.86
C SER B 75 -1.59 11.46 13.14
N THR B 76 -2.73 10.76 13.17
CA THR B 76 -3.60 10.78 14.34
C THR B 76 -3.02 9.96 15.48
N HIS B 77 -1.97 9.22 15.19
CA HIS B 77 -1.32 8.38 16.19
C HIS B 77 -0.95 9.19 17.42
N GLU B 78 -0.20 10.28 17.21
CA GLU B 78 0.21 11.15 18.30
C GLU B 78 -0.89 12.14 18.68
N ALA B 79 -1.77 12.42 17.72
CA ALA B 79 -2.86 13.35 17.93
C ALA B 79 -3.95 12.72 18.81
N ASN B 80 -3.89 11.40 18.94
CA ASN B 80 -4.87 10.67 19.75
C ASN B 80 -4.99 11.29 21.13
N THR B 81 -3.85 11.50 21.79
CA THR B 81 -3.82 12.09 23.12
C THR B 81 -4.11 13.58 23.07
N MET B 82 -3.69 14.23 21.99
CA MET B 82 -3.90 15.66 21.82
C MET B 82 -5.38 16.02 22.04
N ALA B 83 -6.26 15.29 21.36
CA ALA B 83 -7.69 15.52 21.49
C ALA B 83 -8.17 15.30 22.93
N MET B 84 -7.46 14.43 23.65
CA MET B 84 -7.81 14.13 25.03
C MET B 84 -9.19 13.47 25.11
N MET B 85 -9.52 12.95 26.29
CA MET B 85 -10.80 12.29 26.50
C MET B 85 -11.83 13.27 27.06
N ALA B 86 -11.37 14.20 27.87
CA ALA B 86 -12.25 15.21 28.47
C ALA B 86 -13.05 15.94 27.40
N ARG B 87 -12.37 16.37 26.34
CA ARG B 87 -13.02 17.08 25.25
C ARG B 87 -14.12 16.23 24.62
N ASP B 88 -13.77 14.99 24.30
CA ASP B 88 -14.72 14.07 23.68
C ASP B 88 -15.18 14.58 22.32
N THR B 89 -14.51 14.14 21.27
CA THR B 89 -14.84 14.56 19.91
C THR B 89 -15.13 13.36 19.02
N ALA B 90 -14.10 12.57 18.75
CA ALA B 90 -14.24 11.38 17.91
C ALA B 90 -15.27 10.42 18.49
N GLU B 91 -15.45 10.49 19.81
CA GLU B 91 -16.40 9.62 20.50
C GLU B 91 -17.84 10.05 20.23
N ALA B 92 -18.17 11.28 20.63
CA ALA B 92 -19.51 11.81 20.43
C ALA B 92 -19.82 11.97 18.95
N ALA B 93 -18.78 12.11 18.14
CA ALA B 93 -18.94 12.27 16.70
C ALA B 93 -19.01 10.91 16.00
N LYS B 94 -18.41 9.90 16.64
CA LYS B 94 -18.40 8.55 16.07
C LYS B 94 -19.82 8.10 15.70
N TRP B 95 -19.96 7.57 14.50
CA TRP B 95 -21.26 7.10 14.02
C TRP B 95 -21.39 5.59 14.18
N GLY B 96 -21.84 5.17 15.36
CA GLY B 96 -22.00 3.74 15.62
C GLY B 96 -22.42 3.47 17.05
N GLY B 97 -21.91 4.26 17.98
CA GLY B 97 -22.24 4.08 19.38
C GLY B 97 -21.94 2.68 19.87
N MET A 1 19.23 -30.58 6.50
CA MET A 1 20.00 -29.48 7.08
C MET A 1 20.39 -28.47 6.00
N SER A 2 20.12 -27.19 6.28
CA SER A 2 20.43 -26.13 5.33
C SER A 2 21.30 -25.07 5.98
N LEU A 3 22.14 -24.41 5.17
CA LEU A 3 23.02 -23.37 5.67
C LEU A 3 22.24 -22.19 6.22
N LEU A 4 22.94 -21.23 6.82
CA LEU A 4 22.31 -20.05 7.39
C LEU A 4 21.61 -19.23 6.30
N ASP A 5 20.37 -18.85 6.56
CA ASP A 5 19.60 -18.05 5.60
C ASP A 5 19.58 -18.72 4.23
N ALA A 6 19.58 -20.06 4.24
CA ALA A 6 19.56 -20.82 2.99
C ALA A 6 18.20 -21.49 2.79
N HIS A 7 17.64 -22.03 3.87
CA HIS A 7 16.35 -22.69 3.81
C HIS A 7 15.26 -21.75 3.32
N ILE A 8 15.47 -20.46 3.57
CA ILE A 8 14.50 -19.44 3.15
C ILE A 8 14.57 -19.19 1.66
N PRO A 9 13.44 -18.76 1.08
CA PRO A 9 13.35 -18.48 -0.36
C PRO A 9 14.14 -17.24 -0.76
N GLN A 10 15.44 -17.42 -0.98
CA GLN A 10 16.32 -16.32 -1.37
C GLN A 10 16.81 -16.50 -2.80
N LEU A 11 16.98 -15.38 -3.50
CA LEU A 11 17.45 -15.41 -4.88
C LEU A 11 16.45 -16.13 -5.78
N VAL A 12 15.21 -16.21 -5.32
CA VAL A 12 14.15 -16.87 -6.09
C VAL A 12 13.78 -16.06 -7.33
N ALA A 13 13.70 -16.74 -8.47
CA ALA A 13 13.35 -16.09 -9.72
C ALA A 13 14.25 -14.89 -9.99
N SER A 14 15.55 -15.07 -9.76
CA SER A 14 16.53 -14.00 -9.96
C SER A 14 16.47 -13.50 -11.41
N GLN A 15 16.15 -14.39 -12.33
CA GLN A 15 16.07 -14.03 -13.75
C GLN A 15 15.04 -12.93 -13.96
N SER A 16 13.95 -12.99 -13.22
CA SER A 16 12.88 -11.99 -13.34
C SER A 16 12.94 -10.99 -12.19
N ALA A 17 13.56 -9.85 -12.43
CA ALA A 17 13.68 -8.82 -11.42
C ALA A 17 12.31 -8.37 -10.92
N PHE A 18 11.30 -8.54 -11.77
CA PHE A 18 9.94 -8.15 -11.42
C PHE A 18 9.52 -8.78 -10.09
N ALA A 19 9.69 -10.09 -9.98
CA ALA A 19 9.32 -10.81 -8.77
C ALA A 19 10.12 -10.29 -7.57
N ALA A 20 11.40 -9.99 -7.80
CA ALA A 20 12.26 -9.50 -6.74
C ALA A 20 11.66 -8.26 -6.07
N LYS A 21 11.00 -7.43 -6.87
CA LYS A 21 10.37 -6.22 -6.36
C LYS A 21 9.08 -6.54 -5.62
N ALA A 22 8.35 -7.52 -6.12
CA ALA A 22 7.09 -7.93 -5.50
C ALA A 22 7.30 -8.36 -4.05
N GLY A 23 8.40 -9.07 -3.80
CA GLY A 23 8.70 -9.52 -2.46
C GLY A 23 9.13 -8.39 -1.55
N LEU A 24 9.93 -7.48 -2.08
CA LEU A 24 10.41 -6.34 -1.30
C LEU A 24 9.26 -5.43 -0.89
N MET A 25 8.18 -5.46 -1.68
CA MET A 25 7.01 -4.63 -1.39
C MET A 25 6.37 -5.04 -0.07
N ARG A 26 5.98 -6.30 0.04
CA ARG A 26 5.35 -6.81 1.26
C ARG A 26 6.25 -6.58 2.46
N HIS A 27 7.56 -6.48 2.22
CA HIS A 27 8.52 -6.25 3.29
C HIS A 27 8.39 -4.83 3.85
N THR A 28 8.02 -3.89 2.98
CA THR A 28 7.86 -2.50 3.38
C THR A 28 6.65 -2.33 4.28
N ILE A 29 5.55 -2.99 3.93
CA ILE A 29 4.32 -2.91 4.71
C ILE A 29 4.45 -3.67 6.02
N GLY A 30 4.97 -4.89 5.95
CA GLY A 30 5.15 -5.70 7.13
C GLY A 30 5.98 -5.01 8.20
N GLN A 31 7.09 -4.42 7.79
CA GLN A 31 7.96 -3.71 8.72
C GLN A 31 7.35 -2.40 9.16
N ALA A 32 6.75 -1.68 8.22
CA ALA A 32 6.12 -0.41 8.52
C ALA A 32 4.94 -0.58 9.48
N GLU A 33 4.32 -1.75 9.43
CA GLU A 33 3.19 -2.05 10.30
C GLU A 33 3.63 -2.23 11.74
N GLN A 34 4.69 -3.02 11.94
CA GLN A 34 5.22 -3.27 13.27
C GLN A 34 5.48 -1.97 14.01
N ALA A 35 5.88 -0.94 13.28
CA ALA A 35 6.16 0.37 13.86
C ALA A 35 4.98 0.85 14.70
N ALA A 36 3.78 0.77 14.13
CA ALA A 36 2.57 1.20 14.83
C ALA A 36 2.46 0.54 16.19
N MET A 37 3.02 -0.66 16.31
CA MET A 37 2.98 -1.41 17.57
C MET A 37 4.08 -0.93 18.51
N SER A 38 5.29 -0.77 17.98
CA SER A 38 6.42 -0.33 18.78
C SER A 38 6.09 0.95 19.53
N ALA A 39 5.61 1.95 18.80
CA ALA A 39 5.25 3.24 19.40
C ALA A 39 4.12 3.07 20.41
N GLN A 40 3.30 2.03 20.21
CA GLN A 40 2.18 1.77 21.11
C GLN A 40 2.63 0.95 22.32
N ALA A 41 3.89 0.50 22.28
CA ALA A 41 4.43 -0.30 23.37
C ALA A 41 4.36 0.45 24.69
N PHE A 42 4.28 1.77 24.61
CA PHE A 42 4.20 2.60 25.81
C PHE A 42 3.10 2.12 26.74
N HIS A 43 2.05 1.54 26.16
CA HIS A 43 0.92 1.04 26.94
C HIS A 43 0.03 0.16 26.08
N GLN A 44 0.45 -1.09 25.86
CA GLN A 44 -0.31 -2.03 25.05
C GLN A 44 -1.54 -2.53 25.81
N GLY A 45 -2.70 -2.45 25.16
CA GLY A 45 -3.93 -2.89 25.78
C GLY A 45 -5.13 -2.08 25.33
N GLU A 46 -4.88 -0.86 24.87
CA GLU A 46 -5.96 0.02 24.41
C GLU A 46 -5.68 0.51 22.99
N SER A 47 -6.74 0.56 22.18
CA SER A 47 -6.61 1.00 20.79
C SER A 47 -7.74 1.97 20.43
N SER A 48 -7.36 3.18 20.05
CA SER A 48 -8.33 4.21 19.68
C SER A 48 -9.13 3.78 18.46
N ALA A 49 -10.43 4.03 18.49
CA ALA A 49 -11.31 3.69 17.38
C ALA A 49 -10.80 4.27 16.06
N ALA A 50 -10.31 5.51 16.12
CA ALA A 50 -9.79 6.18 14.94
C ALA A 50 -8.58 5.44 14.38
N PHE A 51 -7.65 5.07 15.26
CA PHE A 51 -6.45 4.38 14.85
C PHE A 51 -6.79 3.09 14.09
N GLN A 52 -7.89 2.45 14.50
CA GLN A 52 -8.33 1.22 13.86
C GLN A 52 -8.84 1.49 12.45
N ALA A 53 -9.79 2.41 12.32
CA ALA A 53 -10.35 2.77 11.03
C ALA A 53 -9.26 3.08 10.03
N ALA A 54 -8.18 3.70 10.49
CA ALA A 54 -7.06 4.06 9.63
C ALA A 54 -6.19 2.85 9.33
N HIS A 55 -6.10 1.94 10.30
CA HIS A 55 -5.28 0.74 10.15
C HIS A 55 -5.94 -0.23 9.16
N ALA A 56 -7.27 -0.25 9.15
CA ALA A 56 -8.02 -1.12 8.26
C ALA A 56 -7.91 -0.65 6.81
N ARG A 57 -7.77 0.66 6.63
CA ARG A 57 -7.67 1.24 5.29
C ARG A 57 -6.40 0.75 4.59
N PHE A 58 -5.30 0.71 5.32
CA PHE A 58 -4.03 0.26 4.77
C PHE A 58 -4.12 -1.19 4.32
N VAL A 59 -4.53 -2.06 5.22
CA VAL A 59 -4.67 -3.48 4.90
C VAL A 59 -5.68 -3.71 3.79
N ALA A 60 -6.70 -2.86 3.74
CA ALA A 60 -7.73 -2.96 2.73
C ALA A 60 -7.20 -2.54 1.36
N ALA A 61 -6.27 -1.59 1.35
CA ALA A 61 -5.69 -1.11 0.10
C ALA A 61 -4.61 -2.07 -0.40
N ALA A 62 -3.82 -2.61 0.52
CA ALA A 62 -2.76 -3.54 0.18
C ALA A 62 -3.28 -4.66 -0.71
N ALA A 63 -4.55 -5.03 -0.50
CA ALA A 63 -5.17 -6.09 -1.28
C ALA A 63 -5.08 -5.81 -2.77
N LYS A 64 -5.05 -4.53 -3.12
CA LYS A 64 -4.97 -4.11 -4.52
C LYS A 64 -3.57 -4.36 -5.08
N VAL A 65 -2.57 -3.84 -4.38
CA VAL A 65 -1.18 -4.01 -4.81
C VAL A 65 -0.84 -5.47 -5.02
N ASN A 66 -1.40 -6.33 -4.16
CA ASN A 66 -1.15 -7.76 -4.25
C ASN A 66 -1.85 -8.37 -5.46
N THR A 67 -3.11 -7.98 -5.66
CA THR A 67 -3.90 -8.48 -6.78
C THR A 67 -3.24 -8.12 -8.11
N LEU A 68 -2.67 -6.93 -8.19
CA LEU A 68 -2.01 -6.46 -9.40
C LEU A 68 -0.64 -7.12 -9.56
N LEU A 69 -0.03 -7.48 -8.44
CA LEU A 69 1.28 -8.13 -8.45
C LEU A 69 1.22 -9.48 -9.16
N ASP A 70 0.11 -10.20 -8.94
CA ASP A 70 -0.08 -11.50 -9.55
C ASP A 70 -0.53 -11.37 -11.00
N VAL A 71 -1.38 -10.37 -11.26
CA VAL A 71 -1.88 -10.14 -12.61
C VAL A 71 -0.79 -9.61 -13.52
N ALA A 72 0.12 -8.82 -12.96
CA ALA A 72 1.22 -8.25 -13.73
C ALA A 72 2.14 -9.35 -14.26
N GLN A 73 2.56 -10.25 -13.38
CA GLN A 73 3.44 -11.34 -13.75
C GLN A 73 2.70 -12.37 -14.60
N ALA A 74 1.41 -12.55 -14.30
CA ALA A 74 0.60 -13.51 -15.04
C ALA A 74 0.32 -13.02 -16.45
N ASN A 75 0.13 -11.72 -16.60
CA ASN A 75 -0.14 -11.13 -17.90
C ASN A 75 1.12 -11.08 -18.75
N LEU A 76 2.23 -10.75 -18.12
CA LEU A 76 3.51 -10.67 -18.82
C LEU A 76 4.07 -12.05 -19.10
N GLY A 77 3.80 -12.99 -18.19
CA GLY A 77 4.27 -14.35 -18.37
C GLY A 77 5.75 -14.49 -18.03
N GLU A 78 6.59 -13.83 -18.81
CA GLU A 78 8.04 -13.88 -18.59
C GLU A 78 8.38 -13.56 -17.13
N ALA A 79 7.62 -12.65 -16.54
CA ALA A 79 7.84 -12.25 -15.16
C ALA A 79 7.79 -13.45 -14.22
N ALA A 80 6.71 -14.21 -14.30
CA ALA A 80 6.55 -15.40 -13.46
C ALA A 80 6.44 -16.67 -14.31
N GLY A 81 5.29 -16.86 -14.92
CA GLY A 81 5.08 -18.03 -15.76
C GLY A 81 3.84 -18.81 -15.36
N THR A 82 2.76 -18.10 -15.07
CA THR A 82 1.51 -18.73 -14.67
C THR A 82 0.32 -17.83 -14.97
N TYR A 83 -0.88 -18.37 -14.81
CA TYR A 83 -2.10 -17.61 -15.07
C TYR A 83 -3.27 -18.16 -14.25
N VAL A 84 -4.30 -17.34 -14.08
CA VAL A 84 -5.47 -17.74 -13.32
C VAL A 84 -6.76 -17.43 -14.09
N ALA A 85 -7.10 -18.31 -15.02
CA ALA A 85 -8.31 -18.14 -15.83
C ALA A 85 -9.55 -18.51 -15.02
N ALA A 86 -9.77 -17.81 -13.92
CA ALA A 86 -10.93 -18.06 -13.07
C ALA A 86 -11.94 -16.92 -13.16
N ASP A 87 -11.44 -15.72 -13.43
CA ASP A 87 -12.29 -14.54 -13.54
C ASP A 87 -13.01 -14.25 -12.22
N ALA A 88 -13.59 -13.07 -12.12
CA ALA A 88 -14.32 -12.68 -10.91
C ALA A 88 -15.05 -11.36 -11.12
N ALA A 89 -15.73 -10.90 -10.08
CA ALA A 89 -16.48 -9.65 -10.14
C ALA A 89 -15.55 -8.46 -10.38
N ALA A 90 -14.30 -8.60 -9.92
CA ALA A 90 -13.31 -7.53 -10.09
C ALA A 90 -13.06 -7.24 -11.56
N ALA A 91 -13.03 -8.30 -12.36
CA ALA A 91 -12.78 -8.16 -13.80
C ALA A 91 -13.94 -7.43 -14.48
N SER A 92 -15.15 -7.95 -14.31
CA SER A 92 -16.34 -7.34 -14.90
C SER A 92 -16.88 -6.23 -14.02
N THR A 93 -16.64 -4.98 -14.43
CA THR A 93 -17.10 -3.83 -13.69
C THR A 93 -18.60 -3.89 -13.43
N TYR A 94 -19.06 -3.26 -12.36
CA TYR A 94 -20.47 -3.24 -12.01
C TYR A 94 -21.03 -1.83 -12.01
N THR A 95 -22.33 -1.71 -12.17
CA THR A 95 -23.00 -0.41 -12.18
C THR A 95 -23.90 -0.23 -10.97
N GLY A 96 -23.92 0.98 -10.43
CA GLY A 96 -24.74 1.26 -9.27
C GLY A 96 -26.12 1.77 -9.65
N PHE A 97 -26.63 2.72 -8.87
CA PHE A 97 -27.95 3.29 -9.13
C PHE A 97 -27.94 4.80 -8.94
N SER B 1 -16.12 6.70 15.33
CA SER B 1 -17.45 7.22 15.07
C SER B 1 -17.63 8.62 15.65
N MET B 2 -16.74 9.52 15.28
CA MET B 2 -16.80 10.90 15.77
C MET B 2 -16.14 11.85 14.77
N SER B 3 -16.81 12.08 13.65
CA SER B 3 -16.30 12.98 12.61
C SER B 3 -17.20 14.19 12.44
N GLN B 4 -18.47 14.03 12.81
CA GLN B 4 -19.44 15.11 12.69
C GLN B 4 -19.48 15.95 13.96
N ILE B 5 -18.50 15.73 14.83
CA ILE B 5 -18.42 16.46 16.09
C ILE B 5 -17.83 17.86 15.87
N MET B 6 -16.55 17.91 15.54
CA MET B 6 -15.87 19.17 15.31
C MET B 6 -14.56 18.95 14.53
N TYR B 7 -14.65 18.21 13.44
CA TYR B 7 -13.48 17.92 12.61
C TYR B 7 -13.71 18.37 11.18
N ASN B 8 -13.84 19.68 10.99
CA ASN B 8 -14.06 20.25 9.66
C ASN B 8 -12.74 20.42 8.91
N TYR B 9 -11.86 21.25 9.46
CA TYR B 9 -10.57 21.51 8.85
C TYR B 9 -9.43 21.13 9.79
N PRO B 10 -8.93 19.90 9.67
CA PRO B 10 -7.84 19.39 10.50
C PRO B 10 -6.51 20.07 10.20
N ALA B 11 -6.30 21.25 10.76
CA ALA B 11 -5.07 21.99 10.55
C ALA B 11 -3.93 21.42 11.38
N MET B 12 -4.19 21.18 12.66
CA MET B 12 -3.20 20.63 13.57
C MET B 12 -3.03 19.13 13.35
N LEU B 13 -4.16 18.42 13.30
CA LEU B 13 -4.14 16.98 13.10
C LEU B 13 -3.35 16.61 11.85
N GLY B 14 -2.15 16.05 12.06
CA GLY B 14 -1.31 15.67 10.94
C GLY B 14 0.16 15.92 11.20
N HIS B 15 0.82 16.58 10.26
CA HIS B 15 2.24 16.89 10.40
C HIS B 15 3.08 15.62 10.30
N ALA B 16 3.08 14.83 11.37
CA ALA B 16 3.85 13.59 11.42
C ALA B 16 5.35 13.87 11.43
N GLY B 17 5.90 14.21 10.27
CA GLY B 17 7.31 14.49 10.17
C GLY B 17 8.10 13.33 9.59
N ASP B 18 8.92 12.70 10.42
CA ASP B 18 9.73 11.57 10.00
C ASP B 18 8.86 10.35 9.73
N MET B 19 7.73 10.28 10.43
CA MET B 19 6.81 9.16 10.28
C MET B 19 6.23 9.11 8.86
N ALA B 20 5.90 10.29 8.34
CA ALA B 20 5.34 10.39 6.99
C ALA B 20 6.22 9.67 5.97
N GLY B 21 7.52 9.65 6.23
CA GLY B 21 8.45 9.01 5.33
C GLY B 21 8.12 7.54 5.12
N TYR B 22 7.80 6.84 6.20
CA TYR B 22 7.47 5.42 6.14
C TYR B 22 6.38 5.18 5.09
N ALA B 23 5.35 5.99 5.11
CA ALA B 23 4.25 5.86 4.16
C ALA B 23 4.71 6.14 2.74
N GLY B 24 5.32 7.31 2.53
CA GLY B 24 5.80 7.68 1.22
C GLY B 24 6.73 6.63 0.63
N THR B 25 7.37 5.87 1.50
CA THR B 25 8.30 4.83 1.06
C THR B 25 7.58 3.77 0.22
N LEU B 26 6.32 3.51 0.56
CA LEU B 26 5.53 2.52 -0.17
C LEU B 26 5.31 2.95 -1.61
N GLN B 27 4.90 4.20 -1.80
CA GLN B 27 4.66 4.73 -3.14
C GLN B 27 5.93 4.72 -3.96
N SER B 28 7.04 5.14 -3.35
CA SER B 28 8.32 5.18 -4.03
C SER B 28 8.73 3.79 -4.51
N LEU B 29 8.63 2.81 -3.62
CA LEU B 29 8.99 1.43 -3.95
C LEU B 29 8.03 0.85 -4.98
N GLY B 30 6.74 0.97 -4.70
CA GLY B 30 5.74 0.44 -5.62
C GLY B 30 5.92 0.95 -7.03
N ALA B 31 6.43 2.17 -7.16
CA ALA B 31 6.67 2.77 -8.46
C ALA B 31 7.58 1.90 -9.31
N GLU B 32 8.54 1.24 -8.67
CA GLU B 32 9.48 0.39 -9.37
C GLU B 32 8.75 -0.68 -10.18
N ILE B 33 7.65 -1.19 -9.61
CA ILE B 33 6.87 -2.23 -10.29
C ILE B 33 6.07 -1.63 -11.44
N ALA B 34 5.63 -0.39 -11.27
CA ALA B 34 4.85 0.30 -12.30
C ALA B 34 5.68 0.53 -13.55
N VAL B 35 6.84 1.15 -13.38
CA VAL B 35 7.73 1.42 -14.50
C VAL B 35 8.10 0.15 -15.24
N GLU B 36 8.35 -0.92 -14.49
CA GLU B 36 8.71 -2.20 -15.08
C GLU B 36 7.57 -2.74 -15.95
N GLN B 37 6.33 -2.52 -15.51
CA GLN B 37 5.16 -2.99 -16.23
C GLN B 37 4.93 -2.13 -17.48
N ALA B 38 5.29 -0.85 -17.39
CA ALA B 38 5.12 0.07 -18.50
C ALA B 38 6.15 -0.19 -19.60
N ALA B 39 7.28 -0.78 -19.20
CA ALA B 39 8.35 -1.07 -20.14
C ALA B 39 8.08 -2.38 -20.89
N LEU B 40 7.29 -3.24 -20.26
CA LEU B 40 6.96 -4.54 -20.86
C LEU B 40 5.51 -4.54 -21.36
N GLN B 41 5.08 -3.43 -21.94
CA GLN B 41 3.73 -3.31 -22.46
C GLN B 41 3.51 -4.24 -23.65
N SER B 42 4.48 -4.26 -24.56
CA SER B 42 4.39 -5.11 -25.74
C SER B 42 4.18 -6.57 -25.35
N ALA B 43 4.62 -6.93 -24.16
CA ALA B 43 4.47 -8.29 -23.67
C ALA B 43 3.08 -8.52 -23.10
N TRP B 44 2.51 -7.48 -22.50
CA TRP B 44 1.18 -7.57 -21.93
C TRP B 44 0.17 -8.11 -22.93
N GLN B 45 -0.72 -8.99 -22.47
CA GLN B 45 -1.72 -9.58 -23.34
C GLN B 45 -2.97 -8.70 -23.40
N GLY B 46 -3.58 -8.46 -22.24
CA GLY B 46 -4.77 -7.64 -22.18
C GLY B 46 -6.05 -8.46 -22.26
N ASP B 47 -5.94 -9.66 -22.80
CA ASP B 47 -7.09 -10.55 -22.93
C ASP B 47 -7.11 -11.58 -21.81
N THR B 48 -6.52 -11.22 -20.67
CA THR B 48 -6.48 -12.12 -19.52
C THR B 48 -7.32 -11.56 -18.37
N GLY B 49 -7.41 -10.24 -18.29
CA GLY B 49 -8.19 -9.61 -17.24
C GLY B 49 -7.94 -8.12 -17.15
N ILE B 50 -6.84 -7.74 -16.50
CA ILE B 50 -6.49 -6.33 -16.35
C ILE B 50 -5.73 -5.82 -17.56
N THR B 51 -5.99 -4.57 -17.93
CA THR B 51 -5.33 -3.95 -19.08
C THR B 51 -4.19 -3.04 -18.63
N TYR B 52 -3.45 -2.52 -19.60
CA TYR B 52 -2.32 -1.63 -19.30
C TYR B 52 -2.81 -0.34 -18.68
N GLN B 53 -3.94 0.17 -19.16
CA GLN B 53 -4.50 1.41 -18.65
C GLN B 53 -5.13 1.20 -17.27
N ALA B 54 -5.83 0.08 -17.12
CA ALA B 54 -6.48 -0.25 -15.85
C ALA B 54 -5.45 -0.57 -14.78
N TRP B 55 -4.46 -1.38 -15.14
CA TRP B 55 -3.41 -1.76 -14.21
C TRP B 55 -2.66 -0.54 -13.69
N GLN B 56 -2.26 0.34 -14.60
CA GLN B 56 -1.54 1.56 -14.23
C GLN B 56 -2.38 2.42 -13.30
N ALA B 57 -3.58 2.77 -13.74
CA ALA B 57 -4.49 3.59 -12.96
C ALA B 57 -4.77 2.95 -11.59
N GLN B 58 -5.22 1.70 -11.61
CA GLN B 58 -5.52 0.99 -10.38
C GLN B 58 -4.30 0.96 -9.45
N TRP B 59 -3.18 0.51 -9.98
CA TRP B 59 -1.94 0.44 -9.21
C TRP B 59 -1.64 1.76 -8.52
N ASN B 60 -1.56 2.82 -9.33
CA ASN B 60 -1.27 4.15 -8.79
C ASN B 60 -2.22 4.50 -7.64
N GLN B 61 -3.51 4.45 -7.92
CA GLN B 61 -4.52 4.76 -6.91
C GLN B 61 -4.37 3.84 -5.70
N ALA B 62 -3.83 2.65 -5.93
CA ALA B 62 -3.62 1.68 -4.85
C ALA B 62 -2.50 2.13 -3.92
N MET B 63 -1.33 2.40 -4.49
CA MET B 63 -0.18 2.83 -3.70
C MET B 63 -0.50 4.12 -2.94
N GLU B 64 -1.14 5.06 -3.62
CA GLU B 64 -1.51 6.33 -3.01
C GLU B 64 -2.58 6.14 -1.94
N ASP B 65 -3.44 5.16 -2.15
CA ASP B 65 -4.52 4.87 -1.21
C ASP B 65 -3.95 4.36 0.11
N LEU B 66 -3.13 3.32 0.03
CA LEU B 66 -2.52 2.73 1.23
C LEU B 66 -1.54 3.71 1.87
N VAL B 67 -0.85 4.49 1.04
CA VAL B 67 0.12 5.47 1.52
C VAL B 67 -0.52 6.43 2.52
N ARG B 68 -1.69 6.95 2.15
CA ARG B 68 -2.40 7.89 3.02
C ARG B 68 -2.96 7.18 4.25
N ALA B 69 -3.31 5.92 4.08
CA ALA B 69 -3.86 5.12 5.18
C ALA B 69 -2.91 5.12 6.37
N TYR B 70 -1.61 5.20 6.08
CA TYR B 70 -0.60 5.19 7.14
C TYR B 70 -0.50 6.55 7.81
N HIS B 71 -0.28 7.59 7.00
CA HIS B 71 -0.16 8.94 7.51
C HIS B 71 -1.35 9.30 8.40
N ALA B 72 -2.50 8.70 8.09
CA ALA B 72 -3.72 8.95 8.85
C ALA B 72 -3.60 8.40 10.27
N MET B 73 -3.17 7.15 10.38
CA MET B 73 -3.02 6.50 11.68
C MET B 73 -2.15 7.35 12.60
N SER B 74 -1.15 8.00 12.03
CA SER B 74 -0.25 8.84 12.80
C SER B 74 -0.84 10.23 13.04
N SER B 75 -1.56 10.73 12.03
CA SER B 75 -2.19 12.04 12.11
C SER B 75 -3.18 12.09 13.27
N THR B 76 -4.07 11.10 13.33
CA THR B 76 -5.08 11.03 14.38
C THR B 76 -4.46 10.56 15.69
N HIS B 77 -3.23 10.08 15.62
CA HIS B 77 -2.53 9.60 16.82
C HIS B 77 -2.54 10.66 17.92
N GLU B 78 -2.59 11.93 17.51
CA GLU B 78 -2.60 13.03 18.47
C GLU B 78 -3.77 12.90 19.43
N ALA B 79 -4.81 12.20 19.00
CA ALA B 79 -6.00 12.00 19.83
C ALA B 79 -5.62 11.47 21.21
N ASN B 80 -4.52 10.74 21.27
CA ASN B 80 -4.05 10.18 22.54
C ASN B 80 -3.96 11.25 23.62
N THR B 81 -3.08 12.22 23.40
CA THR B 81 -2.90 13.32 24.35
C THR B 81 -4.06 14.30 24.29
N MET B 82 -4.74 14.35 23.14
CA MET B 82 -5.87 15.24 22.95
C MET B 82 -6.99 14.90 23.93
N ALA B 83 -7.20 13.62 24.17
CA ALA B 83 -8.24 13.15 25.07
C ALA B 83 -8.03 13.72 26.47
N MET B 84 -6.78 13.99 26.82
CA MET B 84 -6.45 14.54 28.13
C MET B 84 -7.29 15.79 28.43
N MET B 85 -7.46 16.09 29.70
CA MET B 85 -8.24 17.25 30.12
C MET B 85 -7.48 18.54 29.82
N ALA B 86 -6.16 18.46 29.84
CA ALA B 86 -5.32 19.62 29.59
C ALA B 86 -5.70 20.30 28.28
N ARG B 87 -5.95 19.49 27.25
CA ARG B 87 -6.33 20.01 25.94
C ARG B 87 -7.81 20.38 25.91
N ASP B 88 -8.63 19.62 26.63
CA ASP B 88 -10.06 19.87 26.70
C ASP B 88 -10.52 20.08 28.14
N THR B 89 -10.28 21.28 28.65
CA THR B 89 -10.67 21.61 30.02
C THR B 89 -11.92 22.48 30.05
N ALA B 90 -12.08 23.31 29.02
CA ALA B 90 -13.24 24.20 28.93
C ALA B 90 -14.37 23.54 28.15
N GLU B 91 -14.02 22.56 27.32
CA GLU B 91 -15.02 21.84 26.52
C GLU B 91 -15.81 20.88 27.38
N ALA B 92 -15.11 19.92 27.98
CA ALA B 92 -15.75 18.92 28.83
C ALA B 92 -16.40 19.57 30.04
N ALA B 93 -15.90 20.75 30.41
CA ALA B 93 -16.44 21.48 31.56
C ALA B 93 -17.65 22.32 31.16
N LYS B 94 -17.71 22.68 29.88
CA LYS B 94 -18.82 23.48 29.36
C LYS B 94 -20.16 22.84 29.69
N TRP B 95 -20.23 21.52 29.54
CA TRP B 95 -21.45 20.78 29.82
C TRP B 95 -21.92 21.01 31.25
N GLY B 96 -20.98 20.95 32.19
CA GLY B 96 -21.31 21.15 33.59
C GLY B 96 -21.35 19.86 34.38
N GLY B 97 -22.38 19.04 34.11
CA GLY B 97 -22.50 17.78 34.82
C GLY B 97 -21.34 16.85 34.56
N MET A 1 15.56 13.41 -13.30
CA MET A 1 16.60 13.43 -14.32
C MET A 1 17.95 13.82 -13.73
N SER A 2 18.39 13.07 -12.73
CA SER A 2 19.67 13.35 -12.07
C SER A 2 20.56 12.11 -12.07
N LEU A 3 21.80 12.28 -12.50
CA LEU A 3 22.76 11.18 -12.54
C LEU A 3 22.21 10.02 -13.37
N LEU A 4 22.52 10.02 -14.67
CA LEU A 4 22.06 8.97 -15.56
C LEU A 4 23.18 7.99 -15.87
N ASP A 5 22.91 6.71 -15.68
CA ASP A 5 23.90 5.67 -15.94
C ASP A 5 25.14 5.87 -15.07
N ALA A 6 24.96 5.69 -13.77
CA ALA A 6 26.06 5.85 -12.82
C ALA A 6 26.60 4.49 -12.38
N HIS A 7 25.73 3.69 -11.77
CA HIS A 7 26.13 2.36 -11.29
C HIS A 7 25.02 1.34 -11.57
N ILE A 8 24.26 1.57 -12.63
CA ILE A 8 23.17 0.67 -13.00
C ILE A 8 23.68 -0.74 -13.22
N PRO A 9 22.80 -1.73 -12.99
CA PRO A 9 23.14 -3.15 -13.16
C PRO A 9 23.34 -3.53 -14.62
N GLN A 10 23.34 -4.83 -14.90
CA GLN A 10 23.53 -5.32 -16.26
C GLN A 10 23.51 -6.85 -16.30
N LEU A 11 22.46 -7.41 -16.90
CA LEU A 11 22.32 -8.86 -17.00
C LEU A 11 22.32 -9.50 -15.62
N VAL A 12 21.97 -8.72 -14.60
CA VAL A 12 21.93 -9.21 -13.24
C VAL A 12 20.63 -9.96 -12.96
N ALA A 13 19.53 -9.42 -13.48
CA ALA A 13 18.22 -10.05 -13.29
C ALA A 13 17.36 -9.91 -14.55
N SER A 14 17.98 -10.10 -15.71
CA SER A 14 17.28 -9.98 -16.98
C SER A 14 16.22 -11.07 -17.12
N GLN A 15 16.54 -12.26 -16.62
CA GLN A 15 15.63 -13.40 -16.68
C GLN A 15 14.37 -13.13 -15.86
N SER A 16 14.52 -12.29 -14.84
CA SER A 16 13.40 -11.95 -13.96
C SER A 16 13.78 -10.83 -12.99
N ALA A 17 13.30 -9.62 -13.28
CA ALA A 17 13.59 -8.47 -12.43
C ALA A 17 12.33 -7.97 -11.74
N PHE A 18 11.19 -8.20 -12.37
CA PHE A 18 9.90 -7.77 -11.80
C PHE A 18 9.61 -8.51 -10.51
N ALA A 19 9.75 -9.83 -10.53
CA ALA A 19 9.50 -10.65 -9.35
C ALA A 19 10.26 -10.12 -8.14
N ALA A 20 11.55 -9.85 -8.33
CA ALA A 20 12.38 -9.33 -7.25
C ALA A 20 11.84 -8.01 -6.72
N LYS A 21 11.22 -7.24 -7.59
CA LYS A 21 10.64 -5.94 -7.21
C LYS A 21 9.34 -6.13 -6.43
N ALA A 22 8.44 -6.94 -6.99
CA ALA A 22 7.16 -7.21 -6.35
C ALA A 22 7.35 -7.71 -4.92
N GLY A 23 8.32 -8.59 -4.73
CA GLY A 23 8.59 -9.12 -3.41
C GLY A 23 9.11 -8.08 -2.45
N LEU A 24 9.73 -7.04 -2.99
CA LEU A 24 10.28 -5.96 -2.18
C LEU A 24 9.17 -5.03 -1.68
N MET A 25 8.06 -4.99 -2.43
CA MET A 25 6.93 -4.15 -2.06
C MET A 25 6.32 -4.61 -0.74
N ARG A 26 5.90 -5.87 -0.71
CA ARG A 26 5.29 -6.44 0.49
C ARG A 26 6.22 -6.29 1.69
N HIS A 27 7.51 -6.21 1.43
CA HIS A 27 8.51 -6.07 2.49
C HIS A 27 8.37 -4.72 3.18
N THR A 28 8.07 -3.68 2.40
CA THR A 28 7.91 -2.33 2.93
C THR A 28 6.72 -2.25 3.88
N ILE A 29 5.57 -2.75 3.42
CA ILE A 29 4.37 -2.73 4.23
C ILE A 29 4.49 -3.65 5.44
N GLY A 30 4.94 -4.88 5.18
CA GLY A 30 5.12 -5.85 6.26
C GLY A 30 5.95 -5.31 7.40
N GLN A 31 7.10 -4.71 7.05
CA GLN A 31 8.00 -4.16 8.05
C GLN A 31 7.42 -2.88 8.66
N ALA A 32 6.88 -2.01 7.79
CA ALA A 32 6.29 -0.76 8.24
C ALA A 32 5.13 -1.01 9.20
N GLU A 33 4.47 -2.16 9.06
CA GLU A 33 3.35 -2.51 9.91
C GLU A 33 3.83 -2.86 11.32
N GLN A 34 5.01 -3.46 11.40
CA GLN A 34 5.57 -3.86 12.69
C GLN A 34 5.83 -2.64 13.57
N ALA A 35 6.21 -1.53 12.93
CA ALA A 35 6.48 -0.30 13.65
C ALA A 35 5.28 0.15 14.48
N ALA A 36 4.09 -0.04 13.92
CA ALA A 36 2.86 0.33 14.61
C ALA A 36 2.69 -0.46 15.91
N MET A 37 3.23 -1.67 15.93
CA MET A 37 3.15 -2.53 17.11
C MET A 37 3.90 -1.91 18.28
N SER A 38 4.98 -1.19 17.98
CA SER A 38 5.78 -0.56 19.01
C SER A 38 4.93 0.40 19.86
N ALA A 39 3.97 1.05 19.22
CA ALA A 39 3.09 1.99 19.91
C ALA A 39 2.06 1.24 20.74
N GLN A 40 1.66 0.06 20.28
CA GLN A 40 0.67 -0.75 20.98
C GLN A 40 1.33 -1.60 22.06
N ALA A 41 2.66 -1.59 22.09
CA ALA A 41 3.41 -2.35 23.07
C ALA A 41 3.03 -1.95 24.49
N PHE A 42 2.48 -0.74 24.63
CA PHE A 42 2.08 -0.24 25.94
C PHE A 42 1.18 -1.24 26.66
N HIS A 43 0.42 -2.01 25.88
CA HIS A 43 -0.48 -3.01 26.44
C HIS A 43 -0.34 -4.35 25.72
N GLN A 44 -0.35 -4.29 24.39
CA GLN A 44 -0.21 -5.50 23.58
C GLN A 44 -1.34 -6.50 23.89
N GLY A 45 -2.56 -6.12 23.52
CA GLY A 45 -3.70 -6.99 23.76
C GLY A 45 -4.93 -6.56 22.97
N GLU A 46 -5.29 -5.30 23.07
CA GLU A 46 -6.45 -4.78 22.36
C GLU A 46 -6.09 -3.51 21.58
N SER A 47 -7.00 -3.08 20.71
CA SER A 47 -6.77 -1.88 19.90
C SER A 47 -7.84 -0.84 20.18
N SER A 48 -7.54 0.42 19.84
CA SER A 48 -8.47 1.51 20.05
C SER A 48 -9.39 1.69 18.85
N ALA A 49 -10.23 2.71 18.89
CA ALA A 49 -11.16 2.99 17.80
C ALA A 49 -10.47 3.75 16.67
N ALA A 50 -9.91 4.91 17.01
CA ALA A 50 -9.23 5.74 16.02
C ALA A 50 -8.15 4.94 15.30
N PHE A 51 -7.34 4.22 16.06
CA PHE A 51 -6.26 3.42 15.48
C PHE A 51 -6.82 2.33 14.59
N GLN A 52 -7.99 1.80 14.95
CA GLN A 52 -8.63 0.74 14.17
C GLN A 52 -9.08 1.27 12.81
N ALA A 53 -9.87 2.35 12.83
CA ALA A 53 -10.37 2.95 11.61
C ALA A 53 -9.23 3.22 10.63
N ALA A 54 -8.19 3.89 11.10
CA ALA A 54 -7.03 4.21 10.26
C ALA A 54 -6.32 2.94 9.82
N HIS A 55 -6.22 1.97 10.72
CA HIS A 55 -5.55 0.71 10.42
C HIS A 55 -6.30 -0.06 9.34
N ALA A 56 -7.62 0.04 9.35
CA ALA A 56 -8.45 -0.65 8.37
C ALA A 56 -8.34 0.03 7.01
N ARG A 57 -8.12 1.34 7.01
CA ARG A 57 -7.99 2.09 5.78
C ARG A 57 -6.74 1.69 5.00
N PHE A 58 -5.68 1.38 5.74
CA PHE A 58 -4.42 0.97 5.13
C PHE A 58 -4.56 -0.39 4.46
N VAL A 59 -4.99 -1.38 5.23
CA VAL A 59 -5.17 -2.74 4.72
C VAL A 59 -6.09 -2.75 3.51
N ALA A 60 -7.05 -1.84 3.50
CA ALA A 60 -7.99 -1.75 2.39
C ALA A 60 -7.28 -1.42 1.08
N ALA A 61 -6.36 -0.46 1.13
CA ALA A 61 -5.61 -0.05 -0.04
C ALA A 61 -4.47 -1.02 -0.32
N ALA A 62 -3.85 -1.53 0.73
CA ALA A 62 -2.75 -2.48 0.59
C ALA A 62 -3.13 -3.64 -0.32
N ALA A 63 -4.38 -4.07 -0.22
CA ALA A 63 -4.88 -5.18 -1.04
C ALA A 63 -4.77 -4.84 -2.53
N LYS A 64 -5.03 -3.58 -2.86
CA LYS A 64 -4.97 -3.13 -4.24
C LYS A 64 -3.56 -3.31 -4.81
N VAL A 65 -2.55 -2.99 -4.00
CA VAL A 65 -1.16 -3.10 -4.42
C VAL A 65 -0.74 -4.57 -4.52
N ASN A 66 -1.10 -5.35 -3.50
CA ASN A 66 -0.76 -6.77 -3.48
C ASN A 66 -1.43 -7.50 -4.63
N THR A 67 -2.75 -7.31 -4.76
CA THR A 67 -3.51 -7.97 -5.81
C THR A 67 -2.92 -7.67 -7.19
N LEU A 68 -2.71 -6.39 -7.46
CA LEU A 68 -2.15 -5.98 -8.75
C LEU A 68 -0.87 -6.73 -9.05
N LEU A 69 -0.02 -6.87 -8.04
CA LEU A 69 1.25 -7.57 -8.19
C LEU A 69 1.02 -9.01 -8.65
N ASP A 70 -0.07 -9.61 -8.18
CA ASP A 70 -0.40 -10.98 -8.53
C ASP A 70 -0.94 -11.07 -9.95
N VAL A 71 -1.62 -10.00 -10.37
CA VAL A 71 -2.19 -9.95 -11.73
C VAL A 71 -1.10 -9.70 -12.77
N ALA A 72 -0.30 -8.66 -12.54
CA ALA A 72 0.78 -8.31 -13.45
C ALA A 72 1.65 -9.53 -13.76
N GLN A 73 2.10 -10.20 -12.71
CA GLN A 73 2.95 -11.37 -12.86
C GLN A 73 2.26 -12.44 -13.71
N ALA A 74 0.93 -12.52 -13.59
CA ALA A 74 0.16 -13.49 -14.34
C ALA A 74 0.04 -13.09 -15.80
N ASN A 75 -0.31 -11.81 -16.03
CA ASN A 75 -0.46 -11.30 -17.39
C ASN A 75 0.90 -11.17 -18.07
N LEU A 76 1.96 -11.22 -17.28
CA LEU A 76 3.32 -11.10 -17.81
C LEU A 76 3.93 -12.48 -18.05
N GLY A 77 3.43 -13.48 -17.34
CA GLY A 77 3.93 -14.83 -17.48
C GLY A 77 5.31 -15.01 -16.86
N GLU A 78 6.35 -14.73 -17.64
CA GLU A 78 7.72 -14.87 -17.15
C GLU A 78 7.91 -14.13 -15.84
N ALA A 79 7.17 -13.04 -15.67
CA ALA A 79 7.25 -12.22 -14.46
C ALA A 79 7.09 -13.08 -13.21
N ALA A 80 6.30 -14.15 -13.33
CA ALA A 80 6.06 -15.06 -12.22
C ALA A 80 6.89 -16.32 -12.36
N GLY A 81 6.59 -17.10 -13.40
CA GLY A 81 7.32 -18.34 -13.62
C GLY A 81 6.42 -19.45 -14.14
N THR A 82 5.15 -19.43 -13.74
CA THR A 82 4.19 -20.43 -14.16
C THR A 82 2.92 -19.80 -14.70
N TYR A 83 2.47 -20.27 -15.87
CA TYR A 83 1.27 -19.74 -16.49
C TYR A 83 0.02 -20.11 -15.67
N VAL A 84 -1.07 -19.42 -15.94
CA VAL A 84 -2.32 -19.67 -15.24
C VAL A 84 -3.50 -19.70 -16.21
N ALA A 85 -3.66 -20.81 -16.92
CA ALA A 85 -4.75 -20.96 -17.88
C ALA A 85 -5.85 -21.86 -17.32
N ALA A 86 -6.17 -21.66 -16.05
CA ALA A 86 -7.21 -22.46 -15.39
C ALA A 86 -8.53 -22.33 -16.13
N ASP A 87 -8.87 -21.11 -16.54
CA ASP A 87 -10.12 -20.85 -17.25
C ASP A 87 -9.84 -20.39 -18.67
N ALA A 88 -10.91 -20.18 -19.44
CA ALA A 88 -10.77 -19.74 -20.83
C ALA A 88 -12.07 -19.10 -21.33
N ALA A 89 -12.13 -18.82 -22.62
CA ALA A 89 -13.31 -18.21 -23.22
C ALA A 89 -14.44 -19.22 -23.31
N ALA A 90 -14.14 -20.42 -23.79
CA ALA A 90 -15.14 -21.47 -23.94
C ALA A 90 -15.62 -21.95 -22.57
N ALA A 91 -14.71 -21.95 -21.59
CA ALA A 91 -15.04 -22.38 -20.25
C ALA A 91 -15.97 -21.37 -19.55
N SER A 92 -15.53 -20.12 -19.52
CA SER A 92 -16.32 -19.06 -18.89
C SER A 92 -17.73 -19.02 -19.46
N THR A 93 -18.70 -19.44 -18.65
CA THR A 93 -20.10 -19.46 -19.08
C THR A 93 -20.77 -18.11 -18.80
N TYR A 94 -21.88 -17.85 -19.48
CA TYR A 94 -22.60 -16.61 -19.31
C TYR A 94 -21.74 -15.41 -19.71
N THR A 95 -22.33 -14.22 -19.65
CA THR A 95 -21.61 -13.00 -20.00
C THR A 95 -21.11 -13.05 -21.45
N GLY A 96 -21.85 -12.41 -22.34
CA GLY A 96 -21.47 -12.40 -23.74
C GLY A 96 -21.60 -11.01 -24.36
N PHE A 97 -22.78 -10.72 -24.91
CA PHE A 97 -23.02 -9.42 -25.53
C PHE A 97 -24.49 -9.28 -25.91
N SER B 1 -19.30 9.02 14.35
CA SER B 1 -18.33 9.65 13.45
C SER B 1 -18.27 11.16 13.69
N MET B 2 -17.09 11.65 14.03
CA MET B 2 -16.90 13.07 14.29
C MET B 2 -16.14 13.74 13.14
N SER B 3 -16.80 13.89 12.00
CA SER B 3 -16.19 14.50 10.83
C SER B 3 -16.88 15.81 10.47
N GLN B 4 -18.14 15.93 10.87
CA GLN B 4 -18.92 17.14 10.59
C GLN B 4 -18.76 18.17 11.71
N ILE B 5 -17.80 17.92 12.60
CA ILE B 5 -17.54 18.81 13.71
C ILE B 5 -16.74 20.04 13.26
N MET B 6 -15.48 19.81 12.92
CA MET B 6 -14.61 20.88 12.47
C MET B 6 -13.41 20.32 11.71
N TYR B 7 -13.66 19.43 10.77
CA TYR B 7 -12.61 18.82 9.97
C TYR B 7 -12.82 19.06 8.49
N ASN B 8 -14.08 19.05 8.07
CA ASN B 8 -14.43 19.27 6.67
C ASN B 8 -13.99 18.10 5.81
N TYR B 9 -12.69 18.03 5.54
CA TYR B 9 -12.13 16.95 4.73
C TYR B 9 -11.01 16.23 5.47
N PRO B 10 -10.70 15.00 5.02
CA PRO B 10 -9.64 14.19 5.62
C PRO B 10 -8.25 14.75 5.34
N ALA B 11 -8.15 15.60 4.34
CA ALA B 11 -6.87 16.21 3.97
C ALA B 11 -6.47 17.27 5.00
N MET B 12 -7.43 18.07 5.42
CA MET B 12 -7.17 19.13 6.40
C MET B 12 -6.60 18.56 7.69
N LEU B 13 -7.01 17.34 8.03
CA LEU B 13 -6.54 16.68 9.23
C LEU B 13 -5.08 16.24 9.08
N GLY B 14 -4.27 16.53 10.09
CA GLY B 14 -2.87 16.16 10.06
C GLY B 14 -1.96 17.36 9.96
N HIS B 15 -0.88 17.35 10.74
CA HIS B 15 0.08 18.45 10.74
C HIS B 15 1.35 18.07 11.48
N ALA B 16 2.22 17.33 10.80
CA ALA B 16 3.48 16.89 11.40
C ALA B 16 4.34 16.14 10.38
N GLY B 17 5.48 15.64 10.83
CA GLY B 17 6.38 14.92 9.95
C GLY B 17 7.05 13.75 10.64
N ASP B 18 8.30 13.48 10.26
CA ASP B 18 9.05 12.37 10.85
C ASP B 18 8.52 11.03 10.35
N MET B 19 7.31 10.68 10.79
CA MET B 19 6.70 9.43 10.39
C MET B 19 6.47 9.38 8.89
N ALA B 20 6.27 10.55 8.29
CA ALA B 20 6.05 10.64 6.84
C ALA B 20 7.14 9.92 6.07
N GLY B 21 8.35 9.90 6.64
CA GLY B 21 9.46 9.24 5.98
C GLY B 21 9.15 7.81 5.61
N TYR B 22 8.64 7.05 6.58
CA TYR B 22 8.31 5.65 6.34
C TYR B 22 7.34 5.51 5.18
N ALA B 23 6.20 6.18 5.28
CA ALA B 23 5.19 6.13 4.23
C ALA B 23 5.79 6.48 2.87
N GLY B 24 6.63 7.51 2.85
CA GLY B 24 7.26 7.93 1.61
C GLY B 24 7.97 6.79 0.90
N THR B 25 8.40 5.80 1.68
CA THR B 25 9.10 4.65 1.12
C THR B 25 8.23 3.92 0.10
N LEU B 26 6.98 3.65 0.48
CA LEU B 26 6.06 2.95 -0.40
C LEU B 26 5.88 3.70 -1.71
N GLN B 27 5.74 5.02 -1.61
CA GLN B 27 5.56 5.87 -2.79
C GLN B 27 6.66 5.60 -3.82
N SER B 28 7.90 5.58 -3.35
CA SER B 28 9.04 5.34 -4.23
C SER B 28 9.14 3.87 -4.60
N LEU B 29 8.71 3.00 -3.70
CA LEU B 29 8.75 1.56 -3.93
C LEU B 29 7.83 1.17 -5.09
N GLY B 30 6.58 1.61 -5.02
CA GLY B 30 5.62 1.31 -6.07
C GLY B 30 6.09 1.78 -7.43
N ALA B 31 6.62 2.99 -7.49
CA ALA B 31 7.11 3.56 -8.73
C ALA B 31 8.09 2.62 -9.43
N GLU B 32 8.98 2.02 -8.64
CA GLU B 32 9.97 1.10 -9.18
C GLU B 32 9.30 -0.06 -9.90
N ILE B 33 8.19 -0.54 -9.35
CA ILE B 33 7.45 -1.65 -9.95
C ILE B 33 6.70 -1.20 -11.19
N ALA B 34 6.04 -0.05 -11.10
CA ALA B 34 5.29 0.49 -12.23
C ALA B 34 6.19 0.69 -13.45
N VAL B 35 7.41 1.14 -13.21
CA VAL B 35 8.37 1.37 -14.28
C VAL B 35 8.87 0.05 -14.86
N GLU B 36 8.94 -0.98 -14.01
CA GLU B 36 9.40 -2.29 -14.45
C GLU B 36 8.40 -2.93 -15.41
N GLN B 37 7.14 -2.99 -15.00
CA GLN B 37 6.10 -3.57 -15.82
C GLN B 37 5.82 -2.71 -17.04
N ALA B 38 6.01 -1.40 -16.90
CA ALA B 38 5.79 -0.47 -17.99
C ALA B 38 6.60 -0.85 -19.22
N ALA B 39 7.73 -1.52 -18.99
CA ALA B 39 8.59 -1.95 -20.08
C ALA B 39 8.05 -3.21 -20.74
N LEU B 40 7.28 -3.99 -20.00
CA LEU B 40 6.71 -5.23 -20.51
C LEU B 40 5.24 -5.04 -20.87
N GLN B 41 4.86 -3.79 -21.13
CA GLN B 41 3.48 -3.47 -21.50
C GLN B 41 3.02 -4.30 -22.69
N SER B 42 3.92 -4.48 -23.65
CA SER B 42 3.61 -5.24 -24.85
C SER B 42 3.49 -6.72 -24.53
N ALA B 43 4.04 -7.12 -23.40
CA ALA B 43 3.99 -8.52 -22.97
C ALA B 43 2.64 -8.86 -22.34
N TRP B 44 1.87 -7.82 -22.03
CA TRP B 44 0.55 -8.00 -21.43
C TRP B 44 -0.29 -9.00 -22.23
N GLN B 45 -1.19 -9.70 -21.55
CA GLN B 45 -2.05 -10.68 -22.20
C GLN B 45 -3.47 -10.14 -22.34
N GLY B 46 -3.90 -9.36 -21.36
CA GLY B 46 -5.24 -8.79 -21.40
C GLY B 46 -6.30 -9.84 -21.62
N ASP B 47 -6.02 -11.08 -21.19
CA ASP B 47 -6.96 -12.18 -21.35
C ASP B 47 -7.24 -12.84 -20.00
N THR B 48 -6.91 -12.14 -18.92
CA THR B 48 -7.12 -12.67 -17.57
C THR B 48 -8.03 -11.75 -16.76
N GLY B 49 -7.96 -10.45 -17.05
CA GLY B 49 -8.78 -9.49 -16.34
C GLY B 49 -8.30 -8.07 -16.52
N ILE B 50 -7.33 -7.66 -15.71
CA ILE B 50 -6.78 -6.31 -15.79
C ILE B 50 -6.07 -6.09 -17.13
N THR B 51 -6.26 -4.89 -17.69
CA THR B 51 -5.65 -4.54 -18.96
C THR B 51 -4.34 -3.79 -18.76
N TYR B 52 -3.50 -3.76 -19.79
CA TYR B 52 -2.22 -3.08 -19.72
C TYR B 52 -2.40 -1.64 -19.22
N GLN B 53 -3.41 -0.96 -19.77
CA GLN B 53 -3.68 0.43 -19.38
C GLN B 53 -4.36 0.48 -18.01
N ALA B 54 -5.30 -0.43 -17.79
CA ALA B 54 -6.01 -0.49 -16.52
C ALA B 54 -5.05 -0.65 -15.34
N TRP B 55 -4.15 -1.62 -15.45
CA TRP B 55 -3.17 -1.87 -14.40
C TRP B 55 -2.39 -0.61 -14.06
N GLN B 56 -2.03 0.16 -15.09
CA GLN B 56 -1.28 1.39 -14.90
C GLN B 56 -2.05 2.36 -14.03
N ALA B 57 -3.28 2.69 -14.45
CA ALA B 57 -4.13 3.61 -13.70
C ALA B 57 -4.52 3.02 -12.35
N GLN B 58 -4.47 1.69 -12.25
CA GLN B 58 -4.83 1.01 -11.02
C GLN B 58 -3.71 1.14 -9.98
N TRP B 59 -2.50 0.77 -10.38
CA TRP B 59 -1.35 0.85 -9.49
C TRP B 59 -1.18 2.26 -8.92
N ASN B 60 -1.16 3.25 -9.82
CA ASN B 60 -1.00 4.64 -9.41
C ASN B 60 -2.12 5.06 -8.47
N GLN B 61 -3.36 4.94 -8.93
CA GLN B 61 -4.52 5.30 -8.13
C GLN B 61 -4.47 4.63 -6.76
N ALA B 62 -4.15 3.34 -6.76
CA ALA B 62 -4.07 2.57 -5.53
C ALA B 62 -2.99 3.12 -4.61
N MET B 63 -1.77 3.22 -5.15
CA MET B 63 -0.64 3.73 -4.38
C MET B 63 -0.98 5.06 -3.73
N GLU B 64 -1.74 5.89 -4.45
CA GLU B 64 -2.13 7.20 -3.95
C GLU B 64 -2.88 7.07 -2.62
N ASP B 65 -3.96 6.29 -2.64
CA ASP B 65 -4.76 6.08 -1.44
C ASP B 65 -4.01 5.25 -0.42
N LEU B 66 -3.12 4.40 -0.90
CA LEU B 66 -2.32 3.53 -0.03
C LEU B 66 -1.39 4.36 0.85
N VAL B 67 -0.82 5.41 0.26
CA VAL B 67 0.10 6.29 0.98
C VAL B 67 -0.62 7.04 2.10
N ARG B 68 -1.73 7.67 1.76
CA ARG B 68 -2.51 8.43 2.74
C ARG B 68 -3.11 7.50 3.78
N ALA B 69 -3.57 6.33 3.34
CA ALA B 69 -4.16 5.36 4.24
C ALA B 69 -3.20 4.99 5.37
N TYR B 70 -1.91 5.15 5.11
CA TYR B 70 -0.89 4.83 6.11
C TYR B 70 -0.67 6.01 7.05
N HIS B 71 -0.37 7.18 6.48
CA HIS B 71 -0.13 8.38 7.26
C HIS B 71 -1.37 8.76 8.07
N ALA B 72 -2.53 8.32 7.60
CA ALA B 72 -3.79 8.60 8.28
C ALA B 72 -3.72 8.20 9.75
N MET B 73 -3.03 7.10 10.02
CA MET B 73 -2.89 6.60 11.38
C MET B 73 -2.40 7.70 12.32
N SER B 74 -1.31 8.37 11.92
CA SER B 74 -0.74 9.44 12.72
C SER B 74 -1.47 10.75 12.48
N SER B 75 -2.06 10.89 11.29
CA SER B 75 -2.79 12.09 10.93
C SER B 75 -3.91 12.37 11.93
N THR B 76 -4.47 11.30 12.49
CA THR B 76 -5.55 11.43 13.46
C THR B 76 -5.02 11.50 14.88
N HIS B 77 -3.71 11.26 15.03
CA HIS B 77 -3.07 11.30 16.33
C HIS B 77 -3.29 12.64 17.01
N GLU B 78 -3.53 13.68 16.21
CA GLU B 78 -3.76 15.02 16.74
C GLU B 78 -5.12 15.10 17.43
N ALA B 79 -6.01 14.18 17.08
CA ALA B 79 -7.34 14.15 17.66
C ALA B 79 -7.27 14.16 19.18
N ASN B 80 -6.19 13.62 19.73
CA ASN B 80 -6.00 13.56 21.18
C ASN B 80 -6.20 14.95 21.80
N THR B 81 -5.33 15.88 21.44
CA THR B 81 -5.41 17.24 21.97
C THR B 81 -6.55 18.00 21.34
N MET B 82 -6.92 17.62 20.12
CA MET B 82 -8.01 18.28 19.41
C MET B 82 -9.31 18.20 20.21
N ALA B 83 -9.48 17.11 20.95
CA ALA B 83 -10.67 16.91 21.76
C ALA B 83 -10.80 18.01 22.82
N MET B 84 -9.89 17.98 23.80
CA MET B 84 -9.90 18.97 24.87
C MET B 84 -11.19 18.88 25.68
N MET B 85 -11.21 19.55 26.83
CA MET B 85 -12.39 19.54 27.68
C MET B 85 -13.29 20.74 27.39
N ALA B 86 -12.68 21.92 27.28
CA ALA B 86 -13.42 23.14 27.00
C ALA B 86 -14.27 22.99 25.74
N ARG B 87 -13.76 22.23 24.77
CA ARG B 87 -14.47 22.00 23.53
C ARG B 87 -15.56 20.94 23.69
N ASP B 88 -15.35 20.04 24.64
CA ASP B 88 -16.31 18.97 24.92
C ASP B 88 -17.27 19.38 26.02
N THR B 89 -18.11 20.36 25.74
CA THR B 89 -19.08 20.85 26.71
C THR B 89 -20.52 20.63 26.22
N ALA B 90 -20.70 20.70 24.91
CA ALA B 90 -22.01 20.52 24.31
C ALA B 90 -22.25 19.05 23.95
N GLU B 91 -21.16 18.32 23.75
CA GLU B 91 -21.25 16.91 23.39
C GLU B 91 -21.63 16.06 24.60
N ALA B 92 -20.78 16.10 25.63
CA ALA B 92 -21.04 15.33 26.84
C ALA B 92 -22.33 15.79 27.51
N ALA B 93 -22.73 17.03 27.25
CA ALA B 93 -23.95 17.58 27.83
C ALA B 93 -25.17 17.18 27.01
N LYS B 94 -24.95 16.90 25.73
CA LYS B 94 -26.04 16.51 24.84
C LYS B 94 -26.76 15.27 25.36
N TRP B 95 -27.82 14.87 24.67
CA TRP B 95 -28.58 13.69 25.07
C TRP B 95 -28.51 12.60 24.01
N GLY B 96 -28.10 11.41 24.42
CA GLY B 96 -27.99 10.30 23.49
C GLY B 96 -29.21 9.41 23.49
N GLY B 97 -29.56 8.88 24.66
CA GLY B 97 -30.72 8.02 24.78
C GLY B 97 -30.58 6.75 23.95
N MET A 1 28.55 9.19 -36.77
CA MET A 1 29.57 9.45 -35.75
C MET A 1 29.21 8.79 -34.44
N SER A 2 29.14 7.46 -34.45
CA SER A 2 28.79 6.70 -33.25
C SER A 2 27.44 7.13 -32.70
N LEU A 3 26.44 7.21 -33.58
CA LEU A 3 25.11 7.60 -33.19
C LEU A 3 24.50 6.60 -32.21
N LEU A 4 24.17 7.07 -31.02
CA LEU A 4 23.59 6.21 -29.99
C LEU A 4 24.55 5.08 -29.61
N ASP A 5 24.07 4.17 -28.78
CA ASP A 5 24.88 3.03 -28.34
C ASP A 5 26.19 3.51 -27.72
N ALA A 6 26.10 4.13 -26.56
CA ALA A 6 27.28 4.63 -25.87
C ALA A 6 27.64 3.74 -24.68
N HIS A 7 26.72 3.63 -23.73
CA HIS A 7 26.93 2.81 -22.54
C HIS A 7 25.63 2.15 -22.09
N ILE A 8 24.83 1.70 -23.06
CA ILE A 8 23.57 1.05 -22.76
C ILE A 8 23.78 -0.42 -22.41
N PRO A 9 22.85 -0.96 -21.60
CA PRO A 9 22.92 -2.37 -21.19
C PRO A 9 22.63 -3.34 -22.32
N GLN A 10 22.35 -4.59 -21.98
CA GLN A 10 22.06 -5.61 -22.98
C GLN A 10 21.80 -6.96 -22.33
N LEU A 11 20.59 -7.47 -22.49
CA LEU A 11 20.21 -8.76 -21.91
C LEU A 11 20.40 -8.75 -20.41
N VAL A 12 20.37 -7.56 -19.81
CA VAL A 12 20.54 -7.41 -18.37
C VAL A 12 19.20 -7.54 -17.65
N ALA A 13 19.22 -8.22 -16.50
CA ALA A 13 18.00 -8.42 -15.72
C ALA A 13 16.88 -9.01 -16.56
N SER A 14 17.26 -9.84 -17.52
CA SER A 14 16.29 -10.48 -18.40
C SER A 14 15.68 -11.72 -17.75
N GLN A 15 16.47 -12.38 -16.91
CA GLN A 15 16.02 -13.58 -16.21
C GLN A 15 14.70 -13.32 -15.48
N SER A 16 14.74 -12.41 -14.51
CA SER A 16 13.56 -12.07 -13.74
C SER A 16 13.85 -10.94 -12.76
N ALA A 17 13.37 -9.74 -13.11
CA ALA A 17 13.57 -8.57 -12.27
C ALA A 17 12.26 -8.09 -11.65
N PHE A 18 11.15 -8.41 -12.32
CA PHE A 18 9.84 -8.00 -11.84
C PHE A 18 9.52 -8.68 -10.51
N ALA A 19 9.90 -9.95 -10.39
CA ALA A 19 9.65 -10.70 -9.17
C ALA A 19 10.48 -10.15 -8.00
N ALA A 20 11.70 -9.74 -8.30
CA ALA A 20 12.59 -9.20 -7.28
C ALA A 20 11.95 -7.98 -6.60
N LYS A 21 11.20 -7.21 -7.37
CA LYS A 21 10.54 -6.02 -6.85
C LYS A 21 9.31 -6.40 -6.02
N ALA A 22 8.58 -7.39 -6.48
CA ALA A 22 7.38 -7.84 -5.78
C ALA A 22 7.70 -8.19 -4.33
N GLY A 23 8.78 -8.93 -4.12
CA GLY A 23 9.18 -9.31 -2.78
C GLY A 23 9.60 -8.13 -1.94
N LEU A 24 10.07 -7.08 -2.59
CA LEU A 24 10.51 -5.87 -1.89
C LEU A 24 9.31 -5.07 -1.39
N MET A 25 8.20 -5.14 -2.12
CA MET A 25 7.00 -4.43 -1.75
C MET A 25 6.44 -4.94 -0.43
N ARG A 26 6.13 -6.24 -0.38
CA ARG A 26 5.59 -6.86 0.82
C ARG A 26 6.48 -6.55 2.03
N HIS A 27 7.78 -6.37 1.78
CA HIS A 27 8.74 -6.07 2.84
C HIS A 27 8.47 -4.70 3.45
N THR A 28 8.13 -3.75 2.59
CA THR A 28 7.86 -2.38 3.03
C THR A 28 6.62 -2.33 3.92
N ILE A 29 5.55 -2.96 3.45
CA ILE A 29 4.30 -3.00 4.20
C ILE A 29 4.44 -3.81 5.49
N GLY A 30 5.05 -4.98 5.36
CA GLY A 30 5.24 -5.83 6.52
C GLY A 30 6.02 -5.15 7.62
N GLN A 31 7.11 -4.49 7.25
CA GLN A 31 7.95 -3.80 8.21
C GLN A 31 7.27 -2.53 8.71
N ALA A 32 6.78 -1.71 7.77
CA ALA A 32 6.11 -0.47 8.12
C ALA A 32 4.89 -0.74 9.00
N GLU A 33 4.30 -1.92 8.86
CA GLU A 33 3.13 -2.29 9.63
C GLU A 33 3.52 -2.63 11.07
N GLN A 34 4.54 -3.47 11.21
CA GLN A 34 5.01 -3.88 12.54
C GLN A 34 5.41 -2.67 13.38
N ALA A 35 5.93 -1.64 12.71
CA ALA A 35 6.35 -0.42 13.40
C ALA A 35 5.20 0.15 14.23
N ALA A 36 3.99 0.09 13.69
CA ALA A 36 2.81 0.60 14.38
C ALA A 36 2.59 -0.14 15.70
N MET A 37 2.85 -1.44 15.69
CA MET A 37 2.68 -2.26 16.89
C MET A 37 3.46 -1.68 18.07
N SER A 38 4.78 -1.57 17.90
CA SER A 38 5.62 -1.03 18.96
C SER A 38 5.11 0.32 19.44
N ALA A 39 4.81 1.21 18.50
CA ALA A 39 4.30 2.53 18.82
C ALA A 39 3.00 2.44 19.60
N GLN A 40 2.28 1.33 19.44
CA GLN A 40 1.01 1.13 20.13
C GLN A 40 1.25 0.69 21.57
N ALA A 41 2.51 0.43 21.91
CA ALA A 41 2.85 0.00 23.26
C ALA A 41 2.49 1.06 24.29
N PHE A 42 2.30 2.30 23.82
CA PHE A 42 1.95 3.41 24.70
C PHE A 42 0.75 3.05 25.57
N HIS A 43 -0.14 2.21 25.04
CA HIS A 43 -1.33 1.79 25.76
C HIS A 43 -2.00 0.61 25.07
N GLN A 44 -2.01 -0.54 25.74
CA GLN A 44 -2.62 -1.74 25.18
C GLN A 44 -3.83 -2.17 26.00
N GLY A 45 -5.00 -2.15 25.38
CA GLY A 45 -6.22 -2.54 26.07
C GLY A 45 -7.45 -2.35 25.21
N GLU A 46 -8.34 -1.45 25.64
CA GLU A 46 -9.57 -1.19 24.91
C GLU A 46 -9.79 0.32 24.75
N SER A 47 -8.90 0.97 24.02
CA SER A 47 -9.01 2.41 23.80
C SER A 47 -8.23 2.82 22.55
N SER A 48 -8.49 2.13 21.45
CA SER A 48 -7.81 2.42 20.19
C SER A 48 -8.81 2.44 19.03
N ALA A 49 -9.64 3.48 19.01
CA ALA A 49 -10.64 3.64 17.95
C ALA A 49 -10.03 4.27 16.70
N ALA A 50 -9.46 5.45 16.87
CA ALA A 50 -8.85 6.16 15.75
C ALA A 50 -7.66 5.37 15.20
N PHE A 51 -6.97 4.66 16.07
CA PHE A 51 -5.82 3.87 15.66
C PHE A 51 -6.26 2.62 14.89
N GLN A 52 -7.40 2.06 15.29
CA GLN A 52 -7.93 0.87 14.64
C GLN A 52 -8.39 1.17 13.22
N ALA A 53 -9.25 2.17 13.09
CA ALA A 53 -9.77 2.58 11.78
C ALA A 53 -8.64 2.81 10.79
N ALA A 54 -7.62 3.56 11.23
CA ALA A 54 -6.48 3.86 10.38
C ALA A 54 -5.71 2.59 10.01
N HIS A 55 -5.61 1.67 10.97
CA HIS A 55 -4.91 0.41 10.74
C HIS A 55 -5.67 -0.46 9.75
N ALA A 56 -6.99 -0.48 9.88
CA ALA A 56 -7.84 -1.29 9.00
C ALA A 56 -7.90 -0.67 7.60
N ARG A 57 -7.79 0.65 7.54
CA ARG A 57 -7.84 1.35 6.26
C ARG A 57 -6.63 1.01 5.40
N PHE A 58 -5.49 0.81 6.06
CA PHE A 58 -4.25 0.48 5.36
C PHE A 58 -4.32 -0.92 4.76
N VAL A 59 -4.61 -1.90 5.61
CA VAL A 59 -4.71 -3.29 5.18
C VAL A 59 -5.72 -3.44 4.04
N ALA A 60 -6.76 -2.60 4.08
CA ALA A 60 -7.80 -2.65 3.05
C ALA A 60 -7.24 -2.21 1.69
N ALA A 61 -6.39 -1.19 1.71
CA ALA A 61 -5.79 -0.69 0.48
C ALA A 61 -4.63 -1.58 0.02
N ALA A 62 -3.83 -2.03 0.97
CA ALA A 62 -2.70 -2.89 0.67
C ALA A 62 -3.12 -4.07 -0.19
N ALA A 63 -4.35 -4.53 0.00
CA ALA A 63 -4.89 -5.65 -0.76
C ALA A 63 -4.85 -5.37 -2.26
N LYS A 64 -5.05 -4.10 -2.62
CA LYS A 64 -5.04 -3.71 -4.01
C LYS A 64 -3.66 -3.89 -4.63
N VAL A 65 -2.65 -3.33 -3.98
CA VAL A 65 -1.28 -3.44 -4.47
C VAL A 65 -0.85 -4.89 -4.62
N ASN A 66 -1.20 -5.70 -3.61
CA ASN A 66 -0.86 -7.12 -3.63
C ASN A 66 -1.51 -7.82 -4.80
N THR A 67 -2.79 -7.55 -5.02
CA THR A 67 -3.55 -8.16 -6.11
C THR A 67 -2.96 -7.75 -7.46
N LEU A 68 -2.80 -6.46 -7.67
CA LEU A 68 -2.25 -5.94 -8.92
C LEU A 68 -0.82 -6.41 -9.12
N LEU A 69 -0.08 -6.54 -8.03
CA LEU A 69 1.30 -7.00 -8.08
C LEU A 69 1.40 -8.40 -8.64
N ASP A 70 0.47 -9.26 -8.24
CA ASP A 70 0.44 -10.64 -8.70
C ASP A 70 -0.19 -10.73 -10.09
N VAL A 71 -1.26 -9.99 -10.30
CA VAL A 71 -1.96 -9.99 -11.58
C VAL A 71 -0.99 -9.67 -12.72
N ALA A 72 -0.16 -8.66 -12.51
CA ALA A 72 0.81 -8.25 -13.53
C ALA A 72 1.64 -9.44 -14.01
N GLN A 73 2.22 -10.17 -13.07
CA GLN A 73 3.04 -11.33 -13.40
C GLN A 73 2.22 -12.37 -14.16
N ALA A 74 0.99 -12.59 -13.71
CA ALA A 74 0.10 -13.55 -14.35
C ALA A 74 -0.30 -13.09 -15.75
N ASN A 75 -0.31 -11.78 -15.95
CA ASN A 75 -0.68 -11.20 -17.24
C ASN A 75 0.50 -11.25 -18.21
N LEU A 76 1.66 -10.79 -17.74
CA LEU A 76 2.86 -10.77 -18.56
C LEU A 76 3.39 -12.18 -18.79
N GLY A 77 3.19 -13.05 -17.81
CA GLY A 77 3.65 -14.43 -17.92
C GLY A 77 5.13 -14.56 -17.67
N GLU A 78 5.93 -13.86 -18.48
CA GLU A 78 7.39 -13.91 -18.35
C GLU A 78 7.81 -13.63 -16.91
N ALA A 79 7.07 -12.76 -16.24
CA ALA A 79 7.37 -12.41 -14.85
C ALA A 79 7.31 -13.63 -13.95
N ALA A 80 6.18 -14.33 -13.99
CA ALA A 80 5.99 -15.53 -13.17
C ALA A 80 5.82 -16.77 -14.05
N GLY A 81 4.64 -16.90 -14.65
CA GLY A 81 4.37 -18.04 -15.50
C GLY A 81 3.02 -17.95 -16.18
N THR A 82 2.61 -19.04 -16.83
CA THR A 82 1.33 -19.07 -17.53
C THR A 82 0.32 -19.91 -16.76
N TYR A 83 -0.94 -19.83 -17.16
CA TYR A 83 -2.02 -20.58 -16.51
C TYR A 83 -3.25 -20.67 -17.42
N VAL A 84 -4.15 -21.57 -17.07
CA VAL A 84 -5.37 -21.77 -17.84
C VAL A 84 -6.32 -20.60 -17.65
N ALA A 85 -6.13 -19.55 -18.45
CA ALA A 85 -6.99 -18.37 -18.38
C ALA A 85 -8.12 -18.44 -19.39
N ALA A 86 -9.14 -19.23 -19.07
CA ALA A 86 -10.29 -19.39 -19.94
C ALA A 86 -11.35 -18.32 -19.67
N ASP A 87 -11.59 -18.06 -18.39
CA ASP A 87 -12.58 -17.06 -17.99
C ASP A 87 -13.94 -17.36 -18.59
N ALA A 88 -14.87 -16.43 -18.45
CA ALA A 88 -16.21 -16.60 -18.99
C ALA A 88 -16.65 -15.37 -19.78
N ALA A 89 -17.85 -15.44 -20.36
CA ALA A 89 -18.39 -14.33 -21.13
C ALA A 89 -19.19 -13.38 -20.26
N ALA A 90 -19.92 -13.94 -19.29
CA ALA A 90 -20.72 -13.14 -18.38
C ALA A 90 -19.90 -12.02 -17.75
N ALA A 91 -18.60 -12.27 -17.58
CA ALA A 91 -17.71 -11.29 -17.00
C ALA A 91 -17.59 -10.05 -17.88
N SER A 92 -17.58 -10.27 -19.20
CA SER A 92 -17.47 -9.17 -20.14
C SER A 92 -18.84 -8.58 -20.46
N THR A 93 -19.11 -7.40 -19.91
CA THR A 93 -20.38 -6.73 -20.13
C THR A 93 -20.21 -5.48 -20.99
N TYR A 94 -19.00 -4.93 -20.98
CA TYR A 94 -18.71 -3.74 -21.76
C TYR A 94 -17.95 -4.10 -23.05
N THR A 95 -18.14 -3.27 -24.08
CA THR A 95 -17.48 -3.51 -25.36
C THR A 95 -17.83 -2.41 -26.35
N GLY A 96 -16.80 -1.86 -27.01
CA GLY A 96 -17.02 -0.81 -27.98
C GLY A 96 -15.78 0.05 -28.18
N PHE A 97 -15.50 0.38 -29.43
CA PHE A 97 -14.33 1.21 -29.76
C PHE A 97 -13.13 0.82 -28.90
N SER B 1 -8.40 20.61 14.32
CA SER B 1 -9.53 20.08 13.56
C SER B 1 -10.25 18.99 14.37
N MET B 2 -9.47 18.15 15.04
CA MET B 2 -10.05 17.07 15.84
C MET B 2 -10.08 17.45 17.31
N SER B 3 -10.05 18.75 17.59
CA SER B 3 -10.08 19.25 18.96
C SER B 3 -11.51 19.50 19.42
N GLN B 4 -12.45 19.42 18.48
CA GLN B 4 -13.86 19.63 18.79
C GLN B 4 -14.54 18.33 19.19
N ILE B 5 -13.73 17.29 19.41
CA ILE B 5 -14.26 15.99 19.80
C ILE B 5 -13.93 15.67 21.25
N MET B 6 -14.21 14.44 21.66
CA MET B 6 -13.93 14.01 23.02
C MET B 6 -12.44 14.02 23.31
N TYR B 7 -11.94 15.12 23.85
CA TYR B 7 -10.53 15.26 24.17
C TYR B 7 -10.34 15.90 25.54
N ASN B 8 -10.02 15.07 26.53
CA ASN B 8 -9.81 15.55 27.89
C ASN B 8 -8.49 16.31 28.00
N TYR B 9 -7.39 15.57 27.97
CA TYR B 9 -6.06 16.17 28.07
C TYR B 9 -5.25 15.92 26.81
N PRO B 10 -4.21 16.73 26.60
CA PRO B 10 -3.32 16.62 25.42
C PRO B 10 -2.46 15.36 25.48
N ALA B 11 -2.38 14.75 26.65
CA ALA B 11 -1.58 13.54 26.83
C ALA B 11 -1.95 12.48 25.79
N MET B 12 -3.21 12.50 25.36
CA MET B 12 -3.70 11.54 24.37
C MET B 12 -3.40 12.03 22.96
N LEU B 13 -3.38 13.36 22.78
CA LEU B 13 -3.11 13.95 21.49
C LEU B 13 -1.72 13.59 20.99
N GLY B 14 -1.57 13.48 19.68
CA GLY B 14 -0.28 13.13 19.10
C GLY B 14 0.82 14.09 19.53
N HIS B 15 2.06 13.66 19.37
CA HIS B 15 3.21 14.48 19.75
C HIS B 15 3.92 15.02 18.50
N ALA B 16 4.60 14.13 17.79
CA ALA B 16 5.33 14.51 16.58
C ALA B 16 5.75 13.29 15.78
N GLY B 17 6.73 12.55 16.32
CA GLY B 17 7.21 11.36 15.64
C GLY B 17 7.74 11.66 14.24
N ASP B 18 7.74 10.64 13.39
CA ASP B 18 8.22 10.81 12.02
C ASP B 18 7.88 9.58 11.18
N MET B 19 6.67 9.07 11.37
CA MET B 19 6.21 7.90 10.63
C MET B 19 5.96 8.25 9.16
N ALA B 20 5.62 9.51 8.92
CA ALA B 20 5.35 9.97 7.56
C ALA B 20 6.50 9.62 6.63
N GLY B 21 7.71 9.60 7.16
CA GLY B 21 8.88 9.27 6.36
C GLY B 21 8.78 7.90 5.72
N TYR B 22 8.28 6.93 6.48
CA TYR B 22 8.14 5.57 5.98
C TYR B 22 7.19 5.52 4.80
N ALA B 23 6.13 6.31 4.86
CA ALA B 23 5.14 6.36 3.79
C ALA B 23 5.82 6.59 2.44
N GLY B 24 6.66 7.61 2.36
CA GLY B 24 7.36 7.91 1.12
C GLY B 24 8.07 6.71 0.55
N THR B 25 8.60 5.86 1.43
CA THR B 25 9.32 4.67 1.01
C THR B 25 8.45 3.79 0.09
N LEU B 26 7.20 3.61 0.48
CA LEU B 26 6.27 2.80 -0.30
C LEU B 26 5.93 3.48 -1.62
N GLN B 27 5.61 4.78 -1.55
CA GLN B 27 5.27 5.55 -2.74
C GLN B 27 6.36 5.43 -3.80
N SER B 28 7.61 5.38 -3.35
CA SER B 28 8.74 5.27 -4.26
C SER B 28 8.88 3.85 -4.79
N LEU B 29 8.92 2.88 -3.87
CA LEU B 29 9.05 1.47 -4.25
C LEU B 29 7.95 1.08 -5.23
N GLY B 30 6.71 1.42 -4.90
CA GLY B 30 5.59 1.09 -5.77
C GLY B 30 5.83 1.53 -7.20
N ALA B 31 6.29 2.75 -7.38
CA ALA B 31 6.56 3.29 -8.71
C ALA B 31 7.47 2.36 -9.50
N GLU B 32 8.39 1.69 -8.80
CA GLU B 32 9.31 0.77 -9.45
C GLU B 32 8.56 -0.29 -10.25
N ILE B 33 7.49 -0.81 -9.66
CA ILE B 33 6.68 -1.84 -10.31
C ILE B 33 5.85 -1.25 -11.45
N ALA B 34 5.41 0.00 -11.27
CA ALA B 34 4.62 0.68 -12.28
C ALA B 34 5.46 1.02 -13.52
N VAL B 35 6.69 1.42 -13.27
CA VAL B 35 7.60 1.77 -14.37
C VAL B 35 8.17 0.52 -15.03
N GLU B 36 8.32 -0.54 -14.26
CA GLU B 36 8.86 -1.80 -14.77
C GLU B 36 7.95 -2.36 -15.85
N GLN B 37 6.67 -2.50 -15.53
CA GLN B 37 5.69 -3.04 -16.48
C GLN B 37 5.63 -2.17 -17.74
N ALA B 38 5.90 -0.88 -17.57
CA ALA B 38 5.88 0.04 -18.70
C ALA B 38 6.87 -0.36 -19.78
N ALA B 39 7.95 -1.03 -19.36
CA ALA B 39 8.97 -1.47 -20.29
C ALA B 39 8.56 -2.78 -20.98
N LEU B 40 7.63 -3.49 -20.36
CA LEU B 40 7.16 -4.76 -20.91
C LEU B 40 5.76 -4.60 -21.50
N GLN B 41 5.46 -3.40 -21.97
CA GLN B 41 4.15 -3.12 -22.57
C GLN B 41 3.87 -4.06 -23.73
N SER B 42 4.93 -4.56 -24.35
CA SER B 42 4.80 -5.46 -25.48
C SER B 42 4.83 -6.92 -25.01
N ALA B 43 4.54 -7.13 -23.74
CA ALA B 43 4.54 -8.47 -23.17
C ALA B 43 3.16 -8.82 -22.61
N TRP B 44 2.45 -7.81 -22.12
CA TRP B 44 1.13 -8.01 -21.55
C TRP B 44 0.23 -8.78 -22.52
N GLN B 45 -0.62 -9.64 -21.97
CA GLN B 45 -1.54 -10.43 -22.79
C GLN B 45 -2.89 -9.74 -22.93
N GLY B 46 -3.51 -9.42 -21.79
CA GLY B 46 -4.80 -8.77 -21.82
C GLY B 46 -5.95 -9.76 -21.76
N ASP B 47 -5.68 -11.01 -22.11
CA ASP B 47 -6.70 -12.04 -22.11
C ASP B 47 -6.66 -12.84 -20.81
N THR B 48 -6.17 -12.21 -19.75
CA THR B 48 -6.07 -12.86 -18.45
C THR B 48 -6.94 -12.16 -17.40
N GLY B 49 -7.11 -10.85 -17.58
CA GLY B 49 -7.91 -10.08 -16.65
C GLY B 49 -7.72 -8.58 -16.82
N ILE B 50 -6.85 -8.01 -16.00
CA ILE B 50 -6.58 -6.57 -16.06
C ILE B 50 -5.80 -6.21 -17.32
N THR B 51 -6.13 -5.07 -17.90
CA THR B 51 -5.46 -4.60 -19.12
C THR B 51 -4.26 -3.75 -18.79
N TYR B 52 -3.40 -3.52 -19.77
CA TYR B 52 -2.20 -2.72 -19.58
C TYR B 52 -2.56 -1.30 -19.15
N GLN B 53 -3.60 -0.76 -19.77
CA GLN B 53 -4.05 0.60 -19.45
C GLN B 53 -4.77 0.62 -18.10
N ALA B 54 -5.63 -0.36 -17.87
CA ALA B 54 -6.37 -0.46 -16.63
C ALA B 54 -5.44 -0.65 -15.44
N TRP B 55 -4.42 -1.48 -15.62
CA TRP B 55 -3.45 -1.74 -14.56
C TRP B 55 -2.65 -0.49 -14.22
N GLN B 56 -2.09 0.13 -15.24
CA GLN B 56 -1.29 1.35 -15.05
C GLN B 56 -2.06 2.39 -14.26
N ALA B 57 -3.39 2.36 -14.39
CA ALA B 57 -4.24 3.30 -13.67
C ALA B 57 -4.71 2.72 -12.35
N GLN B 58 -4.71 1.39 -12.26
CA GLN B 58 -5.13 0.71 -11.04
C GLN B 58 -4.06 0.80 -9.95
N TRP B 59 -2.84 0.40 -10.30
CA TRP B 59 -1.73 0.43 -9.37
C TRP B 59 -1.52 1.83 -8.80
N ASN B 60 -1.54 2.82 -9.69
CA ASN B 60 -1.35 4.21 -9.28
C ASN B 60 -2.46 4.64 -8.32
N GLN B 61 -3.71 4.53 -8.77
CA GLN B 61 -4.85 4.91 -7.95
C GLN B 61 -4.83 4.18 -6.61
N ALA B 62 -4.42 2.92 -6.64
CA ALA B 62 -4.36 2.11 -5.42
C ALA B 62 -3.26 2.62 -4.49
N MET B 63 -2.05 2.73 -5.01
CA MET B 63 -0.92 3.20 -4.23
C MET B 63 -1.25 4.52 -3.55
N GLU B 64 -1.95 5.40 -4.27
CA GLU B 64 -2.32 6.70 -3.72
C GLU B 64 -3.08 6.55 -2.41
N ASP B 65 -4.16 5.78 -2.44
CA ASP B 65 -4.98 5.55 -1.25
C ASP B 65 -4.24 4.67 -0.24
N LEU B 66 -3.35 3.82 -0.75
CA LEU B 66 -2.57 2.92 0.10
C LEU B 66 -1.66 3.72 1.02
N VAL B 67 -1.07 4.79 0.50
CA VAL B 67 -0.17 5.63 1.28
C VAL B 67 -0.95 6.48 2.28
N ARG B 68 -1.97 7.18 1.79
CA ARG B 68 -2.79 8.03 2.65
C ARG B 68 -3.42 7.22 3.78
N ALA B 69 -3.70 5.95 3.51
CA ALA B 69 -4.30 5.07 4.50
C ALA B 69 -3.44 5.01 5.76
N TYR B 70 -2.14 4.82 5.57
CA TYR B 70 -1.22 4.73 6.70
C TYR B 70 -0.97 6.11 7.31
N HIS B 71 -1.02 7.14 6.47
CA HIS B 71 -0.80 8.51 6.93
C HIS B 71 -1.97 8.98 7.79
N ALA B 72 -3.12 8.34 7.63
CA ALA B 72 -4.31 8.69 8.39
C ALA B 72 -4.01 8.69 9.90
N MET B 73 -3.24 7.71 10.34
CA MET B 73 -2.88 7.59 11.75
C MET B 73 -2.03 8.77 12.19
N SER B 74 -1.07 9.16 11.35
CA SER B 74 -0.18 10.26 11.65
C SER B 74 -0.84 11.59 11.29
N SER B 75 -2.07 11.53 10.79
CA SER B 75 -2.80 12.73 10.41
C SER B 75 -2.95 13.68 11.60
N THR B 76 -2.87 13.13 12.81
CA THR B 76 -2.99 13.92 14.03
C THR B 76 -1.72 14.72 14.29
N HIS B 77 -0.70 14.48 13.47
CA HIS B 77 0.58 15.18 13.63
C HIS B 77 0.37 16.69 13.63
N GLU B 78 -0.69 17.15 12.97
CA GLU B 78 -1.00 18.57 12.89
C GLU B 78 -1.10 19.18 14.29
N ALA B 79 -1.43 18.34 15.27
CA ALA B 79 -1.57 18.79 16.65
C ALA B 79 -0.33 19.56 17.10
N ASN B 80 0.82 19.20 16.53
CA ASN B 80 2.07 19.86 16.86
C ASN B 80 2.04 21.33 16.46
N THR B 81 1.65 21.59 15.22
CA THR B 81 1.58 22.95 14.70
C THR B 81 0.38 23.69 15.28
N MET B 82 -0.62 22.95 15.72
CA MET B 82 -1.82 23.54 16.30
C MET B 82 -1.46 24.52 17.41
N ALA B 83 -0.35 24.25 18.08
CA ALA B 83 0.11 25.10 19.18
C ALA B 83 0.23 26.55 18.72
N MET B 84 0.48 26.74 17.42
CA MET B 84 0.62 28.08 16.86
C MET B 84 1.71 28.87 17.58
N MET B 85 2.69 28.15 18.12
CA MET B 85 3.79 28.77 18.84
C MET B 85 4.98 29.01 17.92
N ALA B 86 5.36 27.98 17.18
CA ALA B 86 6.49 28.08 16.25
C ALA B 86 6.26 29.19 15.24
N ARG B 87 5.06 29.22 14.65
CA ARG B 87 4.73 30.23 13.66
C ARG B 87 4.67 31.62 14.30
N ASP B 88 4.34 31.67 15.58
CA ASP B 88 4.25 32.93 16.30
C ASP B 88 5.64 33.45 16.64
N THR B 89 6.35 33.93 15.63
CA THR B 89 7.70 34.46 15.83
C THR B 89 7.78 35.91 15.37
N ALA B 90 7.03 36.26 14.34
CA ALA B 90 7.02 37.61 13.81
C ALA B 90 5.92 38.45 14.48
N GLU B 91 4.91 37.78 15.00
CA GLU B 91 3.81 38.46 15.67
C GLU B 91 4.22 38.97 17.04
N ALA B 92 4.62 38.04 17.92
CA ALA B 92 5.05 38.40 19.26
C ALA B 92 6.28 39.30 19.23
N ALA B 93 7.05 39.20 18.15
CA ALA B 93 8.25 40.00 17.99
C ALA B 93 7.93 41.37 17.43
N LYS B 94 6.82 41.47 16.71
CA LYS B 94 6.40 42.74 16.11
C LYS B 94 6.09 43.77 17.19
N TRP B 95 5.16 43.44 18.07
CA TRP B 95 4.76 44.33 19.15
C TRP B 95 4.36 45.70 18.60
N GLY B 96 3.08 45.84 18.28
CA GLY B 96 2.58 47.10 17.75
C GLY B 96 3.09 47.39 16.35
N GLY B 97 2.27 48.05 15.54
CA GLY B 97 2.66 48.37 14.19
C GLY B 97 3.71 49.45 14.12
N MET A 1 17.63 4.69 -42.01
CA MET A 1 18.40 4.23 -40.86
C MET A 1 17.55 4.26 -39.60
N SER A 2 17.72 3.25 -38.76
CA SER A 2 16.96 3.15 -37.52
C SER A 2 17.84 2.61 -36.39
N LEU A 3 18.15 3.48 -35.42
CA LEU A 3 18.99 3.09 -34.28
C LEU A 3 18.12 2.71 -33.09
N LEU A 4 16.89 2.26 -33.36
CA LEU A 4 15.97 1.88 -32.30
C LEU A 4 16.16 0.40 -31.95
N ASP A 5 15.97 0.08 -30.67
CA ASP A 5 16.11 -1.29 -30.20
C ASP A 5 17.51 -1.83 -30.50
N ALA A 6 18.53 -1.13 -30.01
CA ALA A 6 19.90 -1.53 -30.23
C ALA A 6 20.56 -1.96 -28.92
N HIS A 7 20.36 -1.16 -27.88
CA HIS A 7 20.93 -1.46 -26.56
C HIS A 7 19.85 -1.53 -25.50
N ILE A 8 18.80 -2.31 -25.79
CA ILE A 8 17.69 -2.46 -24.85
C ILE A 8 17.81 -3.78 -24.08
N PRO A 9 17.25 -3.80 -22.86
CA PRO A 9 17.27 -4.99 -22.00
C PRO A 9 16.38 -6.11 -22.54
N GLN A 10 16.92 -6.89 -23.46
CA GLN A 10 16.18 -8.00 -24.05
C GLN A 10 16.36 -9.27 -23.23
N LEU A 11 17.55 -9.46 -22.69
CA LEU A 11 17.86 -10.63 -21.88
C LEU A 11 18.84 -10.30 -20.76
N VAL A 12 18.37 -9.52 -19.79
CA VAL A 12 19.21 -9.13 -18.66
C VAL A 12 18.69 -9.73 -17.36
N ALA A 13 17.40 -10.03 -17.32
CA ALA A 13 16.78 -10.61 -16.14
C ALA A 13 15.57 -11.46 -16.51
N SER A 14 15.75 -12.35 -17.48
CA SER A 14 14.67 -13.23 -17.93
C SER A 14 14.18 -14.13 -16.79
N GLN A 15 15.11 -14.48 -15.90
CA GLN A 15 14.77 -15.33 -14.76
C GLN A 15 13.61 -14.75 -13.96
N SER A 16 13.78 -13.51 -13.51
CA SER A 16 12.75 -12.83 -12.73
C SER A 16 13.18 -11.41 -12.37
N ALA A 17 12.67 -10.44 -13.11
CA ALA A 17 13.00 -9.04 -12.87
C ALA A 17 11.87 -8.32 -12.14
N PHE A 18 10.64 -8.71 -12.44
CA PHE A 18 9.47 -8.11 -11.82
C PHE A 18 9.26 -8.66 -10.41
N ALA A 19 9.34 -9.98 -10.27
CA ALA A 19 9.16 -10.63 -8.98
C ALA A 19 10.06 -10.00 -7.92
N ALA A 20 11.28 -9.66 -8.32
CA ALA A 20 12.24 -9.05 -7.41
C ALA A 20 11.68 -7.77 -6.80
N LYS A 21 10.90 -7.04 -7.59
CA LYS A 21 10.30 -5.78 -7.13
C LYS A 21 9.10 -6.05 -6.23
N ALA A 22 8.23 -6.96 -6.66
CA ALA A 22 7.05 -7.32 -5.89
C ALA A 22 7.43 -7.78 -4.49
N GLY A 23 8.42 -8.67 -4.42
CA GLY A 23 8.85 -9.19 -3.14
C GLY A 23 9.19 -8.08 -2.15
N LEU A 24 9.59 -6.93 -2.68
CA LEU A 24 9.94 -5.79 -1.84
C LEU A 24 8.70 -5.02 -1.40
N MET A 25 7.67 -5.05 -2.23
CA MET A 25 6.42 -4.36 -1.93
C MET A 25 5.78 -4.93 -0.67
N ARG A 26 5.49 -6.22 -0.68
CA ARG A 26 4.88 -6.88 0.47
C ARG A 26 5.75 -6.73 1.71
N HIS A 27 7.04 -6.51 1.50
CA HIS A 27 7.98 -6.35 2.60
C HIS A 27 7.78 -4.99 3.28
N THR A 28 7.75 -3.93 2.48
CA THR A 28 7.57 -2.59 3.01
C THR A 28 6.31 -2.49 3.86
N ILE A 29 5.19 -2.93 3.31
CA ILE A 29 3.92 -2.91 4.02
C ILE A 29 3.94 -3.83 5.23
N GLY A 30 4.41 -5.05 5.03
CA GLY A 30 4.48 -6.02 6.10
C GLY A 30 5.30 -5.51 7.28
N GLN A 31 6.46 -4.94 6.98
CA GLN A 31 7.34 -4.42 8.03
C GLN A 31 6.78 -3.12 8.61
N ALA A 32 6.48 -2.17 7.73
CA ALA A 32 5.94 -0.88 8.17
C ALA A 32 4.66 -1.07 8.99
N GLU A 33 3.96 -2.17 8.73
CA GLU A 33 2.72 -2.46 9.44
C GLU A 33 3.01 -2.84 10.89
N GLN A 34 4.02 -3.69 11.10
CA GLN A 34 4.39 -4.13 12.44
C GLN A 34 4.98 -2.98 13.24
N ALA A 35 5.92 -2.25 12.62
CA ALA A 35 6.56 -1.12 13.29
C ALA A 35 5.52 -0.13 13.81
N ALA A 36 4.43 0.03 13.07
CA ALA A 36 3.37 0.95 13.45
C ALA A 36 2.82 0.59 14.83
N MET A 37 2.94 -0.68 15.20
CA MET A 37 2.45 -1.14 16.49
C MET A 37 3.42 -0.78 17.61
N SER A 38 4.66 -1.26 17.50
CA SER A 38 5.67 -0.98 18.51
C SER A 38 5.85 0.53 18.69
N ALA A 39 5.68 1.28 17.62
CA ALA A 39 5.81 2.73 17.67
C ALA A 39 4.59 3.38 18.32
N GLN A 40 3.42 2.83 18.04
CA GLN A 40 2.17 3.35 18.59
C GLN A 40 2.01 2.90 20.04
N ALA A 41 2.86 1.99 20.47
CA ALA A 41 2.80 1.48 21.85
C ALA A 41 2.89 2.61 22.85
N PHE A 42 3.96 3.39 22.77
CA PHE A 42 4.16 4.51 23.69
C PHE A 42 3.96 4.07 25.14
N HIS A 43 4.64 3.00 25.52
CA HIS A 43 4.54 2.48 26.88
C HIS A 43 3.13 1.97 27.16
N GLN A 44 2.58 1.20 26.22
CA GLN A 44 1.24 0.66 26.37
C GLN A 44 1.16 -0.76 25.79
N GLY A 45 1.27 -0.85 24.47
CA GLY A 45 1.22 -2.15 23.83
C GLY A 45 -0.21 -2.57 23.49
N GLU A 46 -1.09 -2.52 24.49
CA GLU A 46 -2.48 -2.90 24.31
C GLU A 46 -3.40 -1.70 24.51
N SER A 47 -4.71 -1.94 24.37
CA SER A 47 -5.70 -0.88 24.55
C SER A 47 -5.49 0.22 23.50
N SER A 48 -6.32 0.19 22.45
CA SER A 48 -6.23 1.18 21.39
C SER A 48 -7.29 0.91 20.32
N ALA A 49 -8.38 1.67 20.38
CA ALA A 49 -9.47 1.51 19.42
C ALA A 49 -9.18 2.30 18.14
N ALA A 50 -8.81 3.57 18.30
CA ALA A 50 -8.51 4.42 17.16
C ALA A 50 -7.48 3.77 16.24
N PHE A 51 -6.54 3.04 16.83
CA PHE A 51 -5.50 2.36 16.07
C PHE A 51 -6.11 1.33 15.12
N GLN A 52 -7.19 0.69 15.58
CA GLN A 52 -7.86 -0.32 14.78
C GLN A 52 -8.59 0.30 13.59
N ALA A 53 -9.43 1.28 13.87
CA ALA A 53 -10.19 1.96 12.83
C ALA A 53 -9.26 2.45 11.71
N ALA A 54 -8.10 2.96 12.10
CA ALA A 54 -7.13 3.45 11.14
C ALA A 54 -6.38 2.30 10.46
N HIS A 55 -6.15 1.23 11.22
CA HIS A 55 -5.44 0.06 10.69
C HIS A 55 -6.28 -0.63 9.61
N ALA A 56 -7.60 -0.59 9.77
CA ALA A 56 -8.50 -1.20 8.80
C ALA A 56 -8.51 -0.43 7.49
N ARG A 57 -8.29 0.87 7.57
CA ARG A 57 -8.27 1.72 6.38
C ARG A 57 -7.08 1.39 5.49
N PHE A 58 -5.95 1.05 6.13
CA PHE A 58 -4.74 0.72 5.39
C PHE A 58 -4.90 -0.61 4.65
N VAL A 59 -5.26 -1.65 5.39
CA VAL A 59 -5.45 -2.98 4.82
C VAL A 59 -6.44 -2.94 3.65
N ALA A 60 -7.44 -2.07 3.77
CA ALA A 60 -8.45 -1.93 2.73
C ALA A 60 -7.81 -1.60 1.39
N ALA A 61 -6.88 -0.65 1.40
CA ALA A 61 -6.19 -0.24 0.18
C ALA A 61 -5.09 -1.23 -0.19
N ALA A 62 -4.41 -1.75 0.83
CA ALA A 62 -3.34 -2.71 0.60
C ALA A 62 -3.79 -3.85 -0.30
N ALA A 63 -5.08 -4.19 -0.22
CA ALA A 63 -5.64 -5.26 -1.04
C ALA A 63 -5.46 -4.97 -2.52
N LYS A 64 -5.66 -3.71 -2.90
CA LYS A 64 -5.53 -3.30 -4.30
C LYS A 64 -4.16 -3.68 -4.84
N VAL A 65 -3.11 -3.27 -4.13
CA VAL A 65 -1.74 -3.58 -4.53
C VAL A 65 -1.48 -5.07 -4.54
N ASN A 66 -1.79 -5.72 -3.42
CA ASN A 66 -1.58 -7.17 -3.30
C ASN A 66 -2.24 -7.91 -4.46
N THR A 67 -3.34 -7.35 -4.96
CA THR A 67 -4.05 -7.97 -6.07
C THR A 67 -3.45 -7.55 -7.41
N LEU A 68 -2.84 -6.38 -7.44
CA LEU A 68 -2.22 -5.87 -8.66
C LEU A 68 -0.92 -6.62 -8.97
N LEU A 69 -0.18 -6.96 -7.91
CA LEU A 69 1.07 -7.68 -8.07
C LEU A 69 0.88 -8.96 -8.85
N ASP A 70 -0.04 -9.81 -8.39
CA ASP A 70 -0.33 -11.07 -9.05
C ASP A 70 -0.71 -10.85 -10.51
N VAL A 71 -1.55 -9.84 -10.74
CA VAL A 71 -1.99 -9.51 -12.09
C VAL A 71 -0.83 -9.04 -12.96
N ALA A 72 0.12 -8.35 -12.32
CA ALA A 72 1.29 -7.84 -13.04
C ALA A 72 2.17 -8.97 -13.53
N GLN A 73 2.50 -9.89 -12.63
CA GLN A 73 3.35 -11.03 -12.97
C GLN A 73 2.60 -12.03 -13.85
N ALA A 74 1.33 -12.24 -13.54
CA ALA A 74 0.49 -13.16 -14.30
C ALA A 74 0.35 -12.71 -15.75
N ASN A 75 -0.04 -11.46 -15.94
CA ASN A 75 -0.21 -10.91 -17.28
C ASN A 75 1.12 -10.89 -18.03
N LEU A 76 2.18 -10.55 -17.32
CA LEU A 76 3.52 -10.49 -17.92
C LEU A 76 4.03 -11.89 -18.24
N GLY A 77 3.53 -12.88 -17.50
CA GLY A 77 3.96 -14.26 -17.71
C GLY A 77 5.35 -14.52 -17.18
N GLU A 78 6.36 -14.03 -17.90
CA GLU A 78 7.75 -14.22 -17.50
C GLU A 78 7.96 -13.80 -16.05
N ALA A 79 7.41 -12.64 -15.69
CA ALA A 79 7.54 -12.13 -14.33
C ALA A 79 7.11 -13.17 -13.30
N ALA A 80 6.16 -14.01 -13.68
CA ALA A 80 5.66 -15.06 -12.79
C ALA A 80 6.20 -16.42 -13.21
N GLY A 81 5.65 -17.47 -12.60
CA GLY A 81 6.08 -18.82 -12.91
C GLY A 81 5.15 -19.53 -13.88
N THR A 82 4.38 -20.48 -13.36
CA THR A 82 3.44 -21.23 -14.19
C THR A 82 2.38 -21.92 -13.32
N TYR A 83 1.40 -22.53 -13.98
CA TYR A 83 0.33 -23.23 -13.27
C TYR A 83 -0.13 -24.45 -14.06
N VAL A 84 -0.85 -25.34 -13.38
CA VAL A 84 -1.35 -26.55 -14.01
C VAL A 84 -2.80 -26.82 -13.61
N ALA A 85 -3.73 -26.09 -14.22
CA ALA A 85 -5.15 -26.25 -13.94
C ALA A 85 -5.84 -27.03 -15.05
N ALA A 86 -5.19 -28.09 -15.53
CA ALA A 86 -5.75 -28.91 -16.58
C ALA A 86 -7.12 -29.46 -16.18
N ASP A 87 -7.32 -29.66 -14.89
CA ASP A 87 -8.58 -30.18 -14.37
C ASP A 87 -8.85 -31.58 -14.93
N ALA A 88 -9.98 -32.16 -14.52
CA ALA A 88 -10.36 -33.49 -14.98
C ALA A 88 -11.82 -33.78 -14.64
N ALA A 89 -12.28 -34.97 -15.03
CA ALA A 89 -13.65 -35.38 -14.77
C ALA A 89 -13.84 -35.78 -13.31
N ALA A 90 -12.80 -36.38 -12.73
CA ALA A 90 -12.85 -36.81 -11.34
C ALA A 90 -13.26 -35.67 -10.42
N ALA A 91 -12.95 -34.45 -10.83
CA ALA A 91 -13.28 -33.27 -10.05
C ALA A 91 -14.79 -33.03 -10.01
N SER A 92 -15.39 -32.87 -11.19
CA SER A 92 -16.82 -32.64 -11.29
C SER A 92 -17.58 -33.96 -11.26
N THR A 93 -18.44 -34.13 -10.25
CA THR A 93 -19.24 -35.34 -10.12
C THR A 93 -20.46 -35.31 -11.04
N TYR A 94 -21.17 -36.43 -11.10
CA TYR A 94 -22.36 -36.53 -11.94
C TYR A 94 -23.30 -37.62 -11.43
N THR A 95 -24.34 -37.90 -12.20
CA THR A 95 -25.31 -38.93 -11.82
C THR A 95 -25.69 -39.79 -13.03
N GLY A 96 -26.33 -40.92 -12.76
CA GLY A 96 -26.74 -41.81 -13.82
C GLY A 96 -28.19 -42.25 -13.70
N PHE A 97 -28.49 -43.44 -14.19
CA PHE A 97 -29.85 -43.97 -14.14
C PHE A 97 -29.83 -45.48 -14.01
N SER B 1 -17.23 5.03 5.32
CA SER B 1 -17.95 6.06 4.58
C SER B 1 -18.40 7.18 5.51
N MET B 2 -17.45 7.73 6.26
CA MET B 2 -17.74 8.81 7.19
C MET B 2 -16.98 10.08 6.82
N SER B 3 -17.39 10.71 5.73
CA SER B 3 -16.74 11.93 5.26
C SER B 3 -17.70 13.12 5.32
N GLN B 4 -18.99 12.82 5.27
CA GLN B 4 -20.02 13.87 5.31
C GLN B 4 -20.43 14.16 6.74
N ILE B 5 -19.67 13.63 7.69
CA ILE B 5 -19.95 13.84 9.11
C ILE B 5 -19.47 15.22 9.56
N MET B 6 -18.15 15.38 9.62
CA MET B 6 -17.55 16.64 10.04
C MET B 6 -16.09 16.73 9.59
N TYR B 7 -15.85 16.44 8.32
CA TYR B 7 -14.50 16.49 7.77
C TYR B 7 -14.42 17.44 6.59
N ASN B 8 -13.76 18.58 6.79
CA ASN B 8 -13.61 19.57 5.74
C ASN B 8 -12.36 19.31 4.91
N TYR B 9 -11.19 19.56 5.50
CA TYR B 9 -9.93 19.36 4.82
C TYR B 9 -8.97 18.54 5.68
N PRO B 10 -7.96 17.94 5.03
CA PRO B 10 -6.95 17.13 5.72
C PRO B 10 -6.03 17.96 6.60
N ALA B 11 -5.93 19.24 6.30
CA ALA B 11 -5.09 20.15 7.07
C ALA B 11 -5.66 20.39 8.45
N MET B 12 -6.98 20.31 8.57
CA MET B 12 -7.66 20.52 9.84
C MET B 12 -7.38 19.38 10.80
N LEU B 13 -7.23 18.17 10.27
CA LEU B 13 -6.96 16.99 11.07
C LEU B 13 -5.52 17.01 11.60
N GLY B 14 -5.18 16.01 12.39
CA GLY B 14 -3.85 15.93 12.94
C GLY B 14 -2.76 16.00 11.87
N HIS B 15 -1.51 16.01 12.30
CA HIS B 15 -0.39 16.07 11.36
C HIS B 15 0.94 15.96 12.11
N ALA B 16 1.92 15.31 11.48
CA ALA B 16 3.23 15.14 12.08
C ALA B 16 4.18 14.43 11.12
N GLY B 17 5.45 14.32 11.52
CA GLY B 17 6.43 13.66 10.68
C GLY B 17 6.88 12.33 11.25
N ASP B 18 8.17 12.04 11.12
CA ASP B 18 8.72 10.78 11.63
C ASP B 18 8.22 9.60 10.82
N MET B 19 6.97 9.21 11.06
CA MET B 19 6.37 8.09 10.36
C MET B 19 6.38 8.32 8.86
N ALA B 20 6.38 9.59 8.45
CA ALA B 20 6.38 9.95 7.05
C ALA B 20 7.53 9.26 6.31
N GLY B 21 8.64 9.04 7.02
CA GLY B 21 9.79 8.40 6.42
C GLY B 21 9.45 7.06 5.79
N TYR B 22 8.76 6.22 6.55
CA TYR B 22 8.36 4.90 6.06
C TYR B 22 7.28 5.01 4.99
N ALA B 23 6.26 5.81 5.27
CA ALA B 23 5.17 6.01 4.34
C ALA B 23 5.68 6.42 2.96
N GLY B 24 6.78 7.15 2.95
CA GLY B 24 7.36 7.60 1.69
C GLY B 24 7.93 6.45 0.88
N THR B 25 8.37 5.40 1.57
CA THR B 25 8.94 4.23 0.91
C THR B 25 7.89 3.50 0.08
N LEU B 26 6.63 3.59 0.51
CA LEU B 26 5.54 2.93 -0.20
C LEU B 26 5.42 3.45 -1.63
N GLN B 27 5.27 4.76 -1.77
CA GLN B 27 5.14 5.38 -3.09
C GLN B 27 6.46 5.28 -3.86
N SER B 28 7.57 5.51 -3.15
CA SER B 28 8.89 5.47 -3.77
C SER B 28 9.17 4.08 -4.36
N LEU B 29 8.86 3.05 -3.58
CA LEU B 29 9.07 1.68 -4.03
C LEU B 29 8.01 1.28 -5.05
N GLY B 30 6.76 1.62 -4.78
CA GLY B 30 5.68 1.29 -5.68
C GLY B 30 5.96 1.73 -7.11
N ALA B 31 6.45 2.95 -7.27
CA ALA B 31 6.77 3.49 -8.59
C ALA B 31 7.71 2.56 -9.34
N GLU B 32 8.66 1.96 -8.62
CA GLU B 32 9.62 1.04 -9.23
C GLU B 32 8.90 -0.09 -9.96
N ILE B 33 7.77 -0.53 -9.41
CA ILE B 33 7.01 -1.61 -10.01
C ILE B 33 6.27 -1.13 -11.25
N ALA B 34 5.80 0.12 -11.21
CA ALA B 34 5.08 0.70 -12.34
C ALA B 34 5.98 0.82 -13.57
N VAL B 35 7.13 1.46 -13.38
CA VAL B 35 8.09 1.65 -14.47
C VAL B 35 8.48 0.31 -15.09
N GLU B 36 8.68 -0.69 -14.25
CA GLU B 36 9.06 -2.02 -14.71
C GLU B 36 7.96 -2.63 -15.58
N GLN B 37 6.71 -2.36 -15.23
CA GLN B 37 5.57 -2.88 -15.99
C GLN B 37 5.41 -2.13 -17.30
N ALA B 38 5.79 -0.86 -17.31
CA ALA B 38 5.69 -0.04 -18.51
C ALA B 38 6.74 -0.44 -19.54
N ALA B 39 7.83 -1.04 -19.07
CA ALA B 39 8.91 -1.48 -19.95
C ALA B 39 8.61 -2.84 -20.54
N LEU B 40 7.77 -3.61 -19.86
CA LEU B 40 7.40 -4.95 -20.32
C LEU B 40 5.95 -4.96 -20.83
N GLN B 41 5.53 -3.86 -21.43
CA GLN B 41 4.18 -3.76 -21.96
C GLN B 41 3.96 -4.73 -23.11
N SER B 42 4.93 -4.78 -24.02
CA SER B 42 4.85 -5.66 -25.17
C SER B 42 4.64 -7.11 -24.74
N ALA B 43 5.08 -7.42 -23.52
CA ALA B 43 4.93 -8.77 -22.99
C ALA B 43 3.55 -8.98 -22.39
N TRP B 44 2.97 -7.90 -21.88
CA TRP B 44 1.63 -7.96 -21.28
C TRP B 44 0.64 -8.62 -22.23
N GLN B 45 -0.36 -9.29 -21.66
CA GLN B 45 -1.38 -9.96 -22.47
C GLN B 45 -2.64 -9.11 -22.58
N GLY B 46 -3.28 -8.86 -21.43
CA GLY B 46 -4.49 -8.06 -21.42
C GLY B 46 -5.74 -8.90 -21.46
N ASP B 47 -5.60 -10.15 -21.91
CA ASP B 47 -6.73 -11.06 -21.99
C ASP B 47 -6.96 -11.78 -20.66
N THR B 48 -5.89 -11.91 -19.88
CA THR B 48 -5.97 -12.58 -18.59
C THR B 48 -6.80 -11.77 -17.60
N GLY B 49 -6.76 -10.45 -17.76
CA GLY B 49 -7.51 -9.58 -16.87
C GLY B 49 -7.20 -8.11 -17.09
N ILE B 50 -6.61 -7.47 -16.09
CA ILE B 50 -6.25 -6.06 -16.18
C ILE B 50 -5.41 -5.79 -17.42
N THR B 51 -5.64 -4.63 -18.05
CA THR B 51 -4.90 -4.25 -19.24
C THR B 51 -3.67 -3.43 -18.89
N TYR B 52 -2.79 -3.24 -19.86
CA TYR B 52 -1.57 -2.46 -19.64
C TYR B 52 -1.90 -1.03 -19.26
N GLN B 53 -2.89 -0.45 -19.93
CA GLN B 53 -3.32 0.92 -19.67
C GLN B 53 -4.08 1.01 -18.35
N ALA B 54 -4.98 0.05 -18.13
CA ALA B 54 -5.78 0.02 -16.92
C ALA B 54 -4.90 -0.18 -15.69
N TRP B 55 -3.94 -1.08 -15.80
CA TRP B 55 -3.02 -1.37 -14.70
C TRP B 55 -2.22 -0.14 -14.32
N GLN B 56 -1.75 0.61 -15.32
CA GLN B 56 -0.97 1.81 -15.09
C GLN B 56 -1.70 2.76 -14.16
N ALA B 57 -2.93 3.13 -14.53
CA ALA B 57 -3.74 4.04 -13.73
C ALA B 57 -4.20 3.36 -12.43
N GLN B 58 -4.56 2.09 -12.54
CA GLN B 58 -5.03 1.33 -11.39
C GLN B 58 -3.99 1.36 -10.27
N TRP B 59 -2.76 0.98 -10.60
CA TRP B 59 -1.68 0.95 -9.63
C TRP B 59 -1.42 2.35 -9.06
N ASN B 60 -1.33 3.33 -9.94
CA ASN B 60 -1.09 4.72 -9.53
C ASN B 60 -2.12 5.15 -8.49
N GLN B 61 -3.40 5.11 -8.87
CA GLN B 61 -4.47 5.50 -7.96
C GLN B 61 -4.44 4.67 -6.69
N ALA B 62 -4.39 3.35 -6.84
CA ALA B 62 -4.36 2.44 -5.70
C ALA B 62 -3.26 2.84 -4.72
N MET B 63 -2.04 2.95 -5.22
CA MET B 63 -0.90 3.32 -4.38
C MET B 63 -1.14 4.66 -3.70
N GLU B 64 -1.70 5.61 -4.44
CA GLU B 64 -1.99 6.93 -3.89
C GLU B 64 -2.79 6.83 -2.60
N ASP B 65 -3.94 6.15 -2.67
CA ASP B 65 -4.80 5.97 -1.51
C ASP B 65 -4.16 5.02 -0.50
N LEU B 66 -3.37 4.08 -1.01
CA LEU B 66 -2.70 3.10 -0.15
C LEU B 66 -1.73 3.79 0.79
N VAL B 67 -0.98 4.76 0.27
CA VAL B 67 -0.01 5.49 1.07
C VAL B 67 -0.70 6.33 2.15
N ARG B 68 -1.68 7.12 1.73
CA ARG B 68 -2.42 7.97 2.65
C ARG B 68 -3.15 7.14 3.70
N ALA B 69 -3.62 5.96 3.29
CA ALA B 69 -4.34 5.07 4.19
C ALA B 69 -3.49 4.73 5.41
N TYR B 70 -2.17 4.82 5.26
CA TYR B 70 -1.25 4.52 6.35
C TYR B 70 -1.03 5.75 7.22
N HIS B 71 -0.58 6.84 6.62
CA HIS B 71 -0.33 8.07 7.35
C HIS B 71 -1.60 8.57 8.02
N ALA B 72 -2.75 8.16 7.48
CA ALA B 72 -4.03 8.57 8.03
C ALA B 72 -4.12 8.28 9.52
N MET B 73 -3.58 7.13 9.92
CA MET B 73 -3.60 6.73 11.32
C MET B 73 -3.02 7.83 12.21
N SER B 74 -2.03 8.54 11.69
CA SER B 74 -1.38 9.62 12.42
C SER B 74 -2.19 10.92 12.31
N SER B 75 -2.93 11.04 11.23
CA SER B 75 -3.75 12.22 10.99
C SER B 75 -4.99 12.22 11.88
N THR B 76 -5.71 11.10 11.87
CA THR B 76 -6.91 10.95 12.68
C THR B 76 -6.57 10.77 14.15
N HIS B 77 -5.29 10.61 14.44
CA HIS B 77 -4.83 10.42 15.82
C HIS B 77 -5.40 11.50 16.73
N GLU B 78 -5.27 12.75 16.32
CA GLU B 78 -5.77 13.88 17.10
C GLU B 78 -7.27 14.07 16.89
N ALA B 79 -7.78 13.48 15.81
CA ALA B 79 -9.20 13.59 15.48
C ALA B 79 -10.06 13.07 16.63
N ASN B 80 -9.48 12.23 17.48
CA ASN B 80 -10.19 11.67 18.61
C ASN B 80 -10.75 12.77 19.51
N THR B 81 -9.86 13.46 20.22
CA THR B 81 -10.25 14.53 21.10
C THR B 81 -11.09 15.58 20.37
N MET B 82 -10.76 15.80 19.11
CA MET B 82 -11.48 16.78 18.29
C MET B 82 -12.98 16.52 18.35
N ALA B 83 -13.37 15.27 18.53
CA ALA B 83 -14.78 14.89 18.60
C ALA B 83 -15.50 15.70 19.68
N MET B 84 -14.75 16.14 20.68
CA MET B 84 -15.32 16.93 21.77
C MET B 84 -16.13 18.10 21.23
N MET B 85 -17.14 18.53 21.99
CA MET B 85 -17.97 19.64 21.59
C MET B 85 -17.20 20.95 21.63
N ALA B 86 -16.22 21.03 22.52
CA ALA B 86 -15.40 22.22 22.66
C ALA B 86 -14.84 22.67 21.32
N ARG B 87 -14.61 21.70 20.43
CA ARG B 87 -14.07 21.99 19.10
C ARG B 87 -15.08 22.78 18.27
N ASP B 88 -16.28 22.23 18.13
CA ASP B 88 -17.33 22.88 17.36
C ASP B 88 -16.77 23.47 16.07
N THR B 89 -15.87 22.73 15.44
CA THR B 89 -15.24 23.19 14.19
C THR B 89 -16.24 23.13 13.04
N ALA B 90 -16.90 21.99 12.89
CA ALA B 90 -17.89 21.81 11.82
C ALA B 90 -19.10 22.73 12.03
N GLU B 91 -19.37 23.06 13.28
CA GLU B 91 -20.50 23.93 13.61
C GLU B 91 -20.18 25.39 13.29
N ALA B 92 -19.15 25.92 13.94
CA ALA B 92 -18.74 27.30 13.72
C ALA B 92 -18.39 27.54 12.26
N ALA B 93 -18.03 26.48 11.56
CA ALA B 93 -17.68 26.58 10.14
C ALA B 93 -18.91 26.49 9.26
N LYS B 94 -19.95 25.84 9.77
CA LYS B 94 -21.20 25.67 9.04
C LYS B 94 -21.83 27.04 8.72
N TRP B 95 -22.12 27.26 7.45
CA TRP B 95 -22.73 28.52 7.01
C TRP B 95 -24.10 28.28 6.41
N GLY B 96 -25.09 29.03 6.88
CA GLY B 96 -26.44 28.89 6.38
C GLY B 96 -27.36 28.20 7.36
N GLY B 97 -28.46 27.63 6.86
CA GLY B 97 -29.40 26.95 7.73
C GLY B 97 -29.33 25.44 7.58
#